data_6S6Z
#
_entry.id   6S6Z
#
_cell.length_a   1.00
_cell.length_b   1.00
_cell.length_c   1.00
_cell.angle_alpha   90.00
_cell.angle_beta   90.00
_cell.angle_gamma   90.00
#
_symmetry.space_group_name_H-M   'P 1'
#
loop_
_entity.id
_entity.type
_entity.pdbx_description
1 polymer Beta-galactosidase
2 non-polymer 'MAGNESIUM ION'
3 water water
#
_entity_poly.entity_id   1
_entity_poly.type   'polypeptide(L)'
_entity_poly.pdbx_seq_one_letter_code
;PYEWENPQLVSEGTEKSHASFIPYLDPFSGEWEYPEEFISLNGNWRFLFAKNPFEVPEDFFSEKFDDSNWDEIEVPSNWE
MKGYGKPIYTNVVYPFEPNPPFVPKDDNPTGVYRRWIEIPEDWFKKEIFLHFEGVRSFFYLWVNGKKIGFSKDSCTPAEF
RLTDVLRPGKNLITVEVLKWSDGSYLEDQDMWWFAGIYRDVYLYALPKFHIRDVFVRTDLDENYRNGKIFLDVEMRNLGE
EEEKDLEVTLITPDGDEKTLVKETVKPEDRVLSFAFDVKDPKKWSAETPHLYVLKLKLGEDEKKVNFGFRKIEIKDGTLL
FNGKPLYIKGVNRHEFDPDRGHAVTVERMIQDIKLMKQHNINTVRTSHYPNQTKWYDLCDYFGLYVIDEANIESHGIDWD
PEVTLANRWEWEKAHFDRIKRMVERDKNHPSIIFWSLGNEAGDGVNFEKAALWIKKRDNTRLIHYEGTTRRGESYYVDVF
SLMYPKMDILLEYASKKREKPFIMCEYAHAMGNSVGNLKDYWDVIEKYPYLHGGCIWDWVDQGIRKKDENGREFWAYGGD
FGDTPNDGNFCINGVVLPDRTPEPELYEVKKVYQNVKIRQVSKDTYEVENRYLFTNLEMFDGAWKIRKDGEVIEEKTFKI
FAEPGEKRLLKIPLPEMDDSEYFLEISFSLSEDTPWAEKGHVVAWEQFLLKAPAFEKKSISDGVSLREDGKHLTVEAKDT
VYVFSKLTGLLEQILHRRKKILKSPVVPNFWRVPTDNDIGNRMPQRLAIWKRASKERKLFKMHWKKEENRVSVHSVFQLP
GNSWVYTTYTVFGNGDVLVDLSLIPAEDVPEIPRIGFQFTVPEEFGTVEWYGRGPHETYWDRKESGLFARYRKAVGEMMH
RYVRPQETGNRSDVRWFALSDGETKLFVSGMPQIDFSVWPFSMEDLERVQHISELPERDFVTVNVDFRQMGLGGDDSWGA
MPHLEYRLLPKPYRFSFRMRISEEIPSWRVLAAIPETLHVEMSSEDVIREGDTLRVKFSLLNDTPLSKEKQVVLFVDGNE
YSVRRVVIPPFKKEELVFKVEGLKKGEHLIHTNLNTRKTIYVR
;
_entity_poly.pdbx_strand_id   A,D,B,H,F,G,E,C
#
# COMPACT_ATOMS: atom_id res chain seq x y z
N PRO A 1 17.07 66.76 44.90
CA PRO A 1 17.40 65.32 44.93
C PRO A 1 18.55 64.97 45.89
N TYR A 2 18.37 63.92 46.70
CA TYR A 2 19.40 63.40 47.65
C TYR A 2 20.44 62.59 46.87
N GLU A 3 21.72 62.77 47.19
CA GLU A 3 22.87 62.08 46.54
C GLU A 3 22.76 60.56 46.70
N TRP A 4 22.08 60.09 47.75
CA TRP A 4 21.84 58.65 48.04
C TRP A 4 20.55 58.16 47.38
N GLU A 5 19.97 58.92 46.45
CA GLU A 5 18.84 58.46 45.58
C GLU A 5 19.14 58.76 44.11
N ASN A 6 20.41 59.02 43.74
CA ASN A 6 20.77 59.47 42.38
C ASN A 6 21.76 58.48 41.75
N PRO A 7 21.32 57.53 40.89
CA PRO A 7 22.22 56.54 40.31
C PRO A 7 23.34 57.11 39.42
N GLN A 8 23.22 58.35 38.94
CA GLN A 8 24.21 58.97 38.01
C GLN A 8 25.39 59.58 38.77
N LEU A 9 25.30 59.73 40.09
CA LEU A 9 26.40 60.20 40.97
C LEU A 9 26.96 59.00 41.74
N VAL A 10 28.13 58.51 41.33
CA VAL A 10 28.76 57.26 41.85
C VAL A 10 29.67 57.59 43.05
N SER A 11 30.25 58.79 43.09
CA SER A 11 31.09 59.29 44.21
C SER A 11 31.39 60.78 44.04
N GLU A 12 32.07 61.39 45.01
CA GLU A 12 32.55 62.79 44.95
C GLU A 12 33.74 62.96 45.90
N GLY A 13 34.80 63.62 45.42
CA GLY A 13 36.00 63.96 46.22
C GLY A 13 36.98 62.82 46.38
N THR A 14 36.80 61.68 45.68
CA THR A 14 37.67 60.48 45.81
C THR A 14 38.79 60.50 44.76
N GLU A 15 39.92 59.87 45.08
CA GLU A 15 41.05 59.64 44.15
C GLU A 15 40.67 58.57 43.11
N LYS A 16 41.42 58.48 42.02
CA LYS A 16 41.27 57.43 40.97
C LYS A 16 41.75 56.08 41.53
N SER A 17 41.11 54.99 41.11
CA SER A 17 41.47 53.58 41.45
C SER A 17 42.94 53.32 41.12
N HIS A 18 43.60 52.50 41.92
CA HIS A 18 44.96 51.95 41.62
C HIS A 18 45.10 50.57 42.26
N ALA A 19 46.20 49.89 41.96
CA ALA A 19 46.53 48.55 42.49
C ALA A 19 46.84 48.64 43.99
N SER A 20 46.52 47.60 44.75
CA SER A 20 46.80 47.49 46.21
C SER A 20 48.32 47.49 46.43
N PHE A 21 48.83 48.32 47.34
CA PHE A 21 50.22 48.24 47.86
C PHE A 21 50.26 48.04 49.39
N ILE A 22 49.16 48.29 50.10
CA ILE A 22 49.08 48.23 51.59
C ILE A 22 47.87 47.37 51.97
N PRO A 23 48.01 46.34 52.83
CA PRO A 23 49.29 45.85 53.32
C PRO A 23 50.01 45.02 52.23
N TYR A 24 51.29 44.70 52.45
CA TYR A 24 52.14 43.89 51.55
C TYR A 24 52.48 42.56 52.23
N LEU A 25 52.26 41.42 51.57
CA LEU A 25 52.67 40.07 52.07
C LEU A 25 54.05 39.74 51.52
N ASP A 26 55.01 39.54 52.40
CA ASP A 26 56.39 39.10 52.06
C ASP A 26 56.37 37.60 51.80
N PRO A 27 56.64 37.12 50.56
CA PRO A 27 56.57 35.69 50.27
C PRO A 27 57.73 34.84 50.84
N PHE A 28 58.78 35.45 51.37
CA PHE A 28 59.95 34.74 51.96
C PHE A 28 59.69 34.41 53.44
N SER A 29 59.05 35.33 54.17
CA SER A 29 58.77 35.21 55.63
C SER A 29 57.28 34.88 55.90
N GLY A 30 56.37 35.28 55.01
CA GLY A 30 54.91 35.15 55.20
C GLY A 30 54.36 36.19 56.17
N GLU A 31 55.05 37.31 56.35
CA GLU A 31 54.68 38.39 57.30
C GLU A 31 54.12 39.59 56.55
N TRP A 32 53.10 40.25 57.13
CA TRP A 32 52.48 41.49 56.61
C TRP A 32 53.39 42.68 56.93
N GLU A 33 53.50 43.64 56.00
CA GLU A 33 54.41 44.83 56.09
C GLU A 33 53.63 46.09 55.75
N TYR A 34 53.89 47.18 56.47
CA TYR A 34 53.20 48.49 56.35
C TYR A 34 54.24 49.56 56.04
N PRO A 35 53.84 50.72 55.46
CA PRO A 35 54.76 51.83 55.24
C PRO A 35 55.23 52.46 56.55
N GLU A 36 56.32 53.23 56.52
CA GLU A 36 56.90 53.95 57.68
C GLU A 36 55.93 55.04 58.15
N GLU A 37 55.40 55.85 57.22
CA GLU A 37 54.42 56.93 57.50
C GLU A 37 53.01 56.35 57.39
N PHE A 38 52.55 55.69 58.46
CA PHE A 38 51.25 54.94 58.53
C PHE A 38 50.62 55.11 59.91
N ILE A 39 49.34 55.50 59.97
CA ILE A 39 48.52 55.59 61.21
C ILE A 39 47.24 54.77 61.02
N SER A 40 47.08 53.68 61.78
CA SER A 40 45.85 52.87 61.87
C SER A 40 44.75 53.67 62.58
N LEU A 41 43.54 53.65 62.03
CA LEU A 41 42.32 54.24 62.64
C LEU A 41 41.39 53.11 63.10
N ASN A 42 41.87 51.87 63.18
CA ASN A 42 41.12 50.74 63.80
C ASN A 42 41.10 50.98 65.32
N GLY A 43 40.03 50.53 66.00
CA GLY A 43 39.84 50.68 67.45
C GLY A 43 38.50 51.31 67.77
N ASN A 44 38.42 52.07 68.88
CA ASN A 44 37.15 52.66 69.39
C ASN A 44 36.90 54.02 68.72
N TRP A 45 35.67 54.20 68.25
CA TRP A 45 35.08 55.49 67.78
C TRP A 45 33.83 55.75 68.61
N ARG A 46 33.49 57.02 68.86
CA ARG A 46 32.18 57.42 69.42
C ARG A 46 31.12 57.18 68.35
N PHE A 47 29.99 56.58 68.73
CA PHE A 47 28.95 56.08 67.79
C PHE A 47 27.55 56.52 68.25
N LEU A 48 26.68 56.83 67.30
CA LEU A 48 25.27 57.23 67.50
C LEU A 48 24.40 56.52 66.46
N PHE A 49 23.41 55.75 66.90
CA PHE A 49 22.46 54.99 66.05
C PHE A 49 21.12 55.72 65.98
N ALA A 50 20.59 55.90 64.76
CA ALA A 50 19.30 56.55 64.46
C ALA A 50 18.49 55.69 63.49
N LYS A 51 17.16 55.79 63.55
CA LYS A 51 16.19 54.96 62.79
C LYS A 51 16.15 55.40 61.32
N ASN A 52 16.54 56.65 61.04
CA ASN A 52 16.62 57.20 59.65
C ASN A 52 17.54 58.41 59.67
N PRO A 53 17.92 58.98 58.51
CA PRO A 53 18.87 60.10 58.47
C PRO A 53 18.34 61.41 59.08
N PHE A 54 17.01 61.57 59.19
CA PHE A 54 16.33 62.82 59.64
C PHE A 54 16.18 62.87 61.18
N GLU A 55 16.43 61.75 61.87
CA GLU A 55 16.38 61.66 63.36
C GLU A 55 17.79 61.79 63.95
N VAL A 56 18.73 62.36 63.19
CA VAL A 56 20.12 62.63 63.65
C VAL A 56 20.14 64.03 64.28
N PRO A 57 20.87 64.25 65.41
CA PRO A 57 20.98 65.59 65.99
C PRO A 57 21.72 66.56 65.04
N GLU A 58 21.24 67.81 64.95
CA GLU A 58 21.75 68.83 63.99
C GLU A 58 23.15 69.28 64.45
N ASP A 59 24.05 69.52 63.48
CA ASP A 59 25.43 70.03 63.69
C ASP A 59 26.33 68.93 64.28
N PHE A 60 26.02 67.64 64.04
CA PHE A 60 26.74 66.47 64.60
C PHE A 60 28.20 66.43 64.12
N PHE A 61 28.51 67.11 63.00
CA PHE A 61 29.81 67.03 62.27
C PHE A 61 30.78 68.15 62.68
N SER A 62 30.35 69.11 63.51
CA SER A 62 31.16 70.28 63.95
C SER A 62 32.10 69.90 65.10
N GLU A 63 33.20 70.64 65.26
CA GLU A 63 34.23 70.41 66.30
C GLU A 63 33.65 70.75 67.69
N LYS A 64 32.82 71.81 67.75
CA LYS A 64 32.20 72.33 69.00
C LYS A 64 31.20 71.32 69.60
N PHE A 65 30.52 70.53 68.77
CA PHE A 65 29.48 69.55 69.17
C PHE A 65 30.02 68.64 70.29
N ASP A 66 29.17 68.31 71.27
CA ASP A 66 29.51 67.48 72.45
C ASP A 66 28.96 66.05 72.24
N ASP A 67 29.85 65.06 72.26
CA ASP A 67 29.55 63.62 72.00
C ASP A 67 29.97 62.77 73.20
N SER A 68 30.17 63.38 74.38
CA SER A 68 30.72 62.71 75.60
C SER A 68 29.71 61.73 76.20
N ASN A 69 28.43 61.77 75.78
CA ASN A 69 27.36 60.84 76.22
C ASN A 69 27.08 59.77 75.14
N TRP A 70 27.79 59.77 74.01
CA TRP A 70 27.66 58.76 72.93
C TRP A 70 28.25 57.42 73.38
N ASP A 71 27.70 56.30 72.87
CA ASP A 71 28.26 54.93 73.03
C ASP A 71 29.55 54.83 72.22
N GLU A 72 30.43 53.88 72.57
CA GLU A 72 31.70 53.55 71.85
C GLU A 72 31.51 52.24 71.07
N ILE A 73 31.84 52.24 69.77
CA ILE A 73 31.83 51.03 68.89
C ILE A 73 33.26 50.76 68.39
N GLU A 74 33.62 49.48 68.25
CA GLU A 74 34.93 49.03 67.71
C GLU A 74 34.85 48.97 66.18
N VAL A 75 35.86 49.52 65.50
CA VAL A 75 36.04 49.47 64.02
C VAL A 75 37.19 48.52 63.75
N PRO A 76 37.10 47.58 62.77
CA PRO A 76 35.92 47.39 61.92
C PRO A 76 34.82 46.46 62.50
N SER A 77 33.57 46.68 62.11
CA SER A 77 32.44 45.81 62.51
C SER A 77 31.19 46.10 61.67
N ASN A 78 30.24 45.16 61.69
CA ASN A 78 28.83 45.37 61.29
C ASN A 78 28.07 45.64 62.59
N TRP A 79 27.21 46.67 62.63
CA TRP A 79 26.59 47.13 63.90
C TRP A 79 25.41 46.23 64.29
N GLU A 80 24.84 45.47 63.35
CA GLU A 80 23.82 44.41 63.64
C GLU A 80 24.43 43.32 64.53
N MET A 81 25.75 43.09 64.44
CA MET A 81 26.48 42.09 65.26
C MET A 81 27.01 42.72 66.57
N LYS A 82 26.75 44.01 66.82
CA LYS A 82 27.14 44.73 68.07
C LYS A 82 25.92 45.13 68.92
N GLY A 83 24.68 44.92 68.44
CA GLY A 83 23.45 45.13 69.22
C GLY A 83 22.44 46.07 68.57
N TYR A 84 22.83 46.87 67.59
CA TYR A 84 21.99 47.94 67.00
C TYR A 84 21.22 47.39 65.80
N GLY A 85 19.94 47.72 65.67
CA GLY A 85 19.06 47.23 64.59
C GLY A 85 19.00 45.71 64.58
N LYS A 86 18.51 45.12 63.49
CA LYS A 86 18.34 43.65 63.35
C LYS A 86 18.84 43.19 61.98
N PRO A 87 19.48 42.00 61.88
CA PRO A 87 19.87 41.46 60.58
C PRO A 87 18.63 40.96 59.83
N ILE A 88 18.59 41.20 58.51
CA ILE A 88 17.48 40.80 57.62
C ILE A 88 18.04 39.85 56.56
N TYR A 89 17.39 38.70 56.34
CA TYR A 89 17.73 37.76 55.24
C TYR A 89 16.56 37.71 54.25
N THR A 90 16.84 38.06 53.00
CA THR A 90 15.91 37.91 51.84
C THR A 90 16.72 37.30 50.68
N ASN A 91 16.10 36.42 49.90
CA ASN A 91 16.73 35.75 48.75
C ASN A 91 16.76 36.72 47.57
N VAL A 92 15.60 36.98 46.96
CA VAL A 92 15.45 37.80 45.72
C VAL A 92 14.74 39.12 46.04
N VAL A 93 13.69 39.11 46.88
CA VAL A 93 12.87 40.31 47.20
C VAL A 93 13.74 41.31 47.95
N TYR A 94 13.59 42.60 47.65
CA TYR A 94 14.24 43.72 48.39
C TYR A 94 13.55 43.85 49.75
N PRO A 95 14.29 44.23 50.82
CA PRO A 95 13.69 44.39 52.15
C PRO A 95 12.91 45.70 52.36
N PHE A 96 12.80 46.52 51.30
CA PHE A 96 11.93 47.72 51.18
C PHE A 96 11.11 47.57 49.90
N GLU A 97 10.22 48.52 49.60
CA GLU A 97 9.31 48.45 48.42
C GLU A 97 10.11 48.80 47.16
N PRO A 98 10.13 47.91 46.13
CA PRO A 98 10.95 48.12 44.95
C PRO A 98 10.39 49.21 44.01
N ASN A 99 11.16 50.29 43.84
CA ASN A 99 10.78 51.47 43.02
C ASN A 99 12.05 52.27 42.75
N PRO A 100 12.94 51.79 41.84
CA PRO A 100 14.25 52.42 41.68
C PRO A 100 14.12 53.85 41.12
N PRO A 101 14.97 54.81 41.53
CA PRO A 101 16.04 54.62 42.51
C PRO A 101 15.72 54.98 43.98
N PHE A 102 14.46 54.86 44.42
CA PHE A 102 13.95 55.46 45.69
C PHE A 102 14.09 54.45 46.84
N VAL A 103 14.59 54.93 47.99
CA VAL A 103 14.71 54.15 49.25
C VAL A 103 13.85 54.83 50.32
N PRO A 104 13.36 54.07 51.33
CA PRO A 104 12.50 54.65 52.37
C PRO A 104 13.18 55.75 53.20
N LYS A 105 12.38 56.73 53.63
CA LYS A 105 12.81 57.87 54.50
C LYS A 105 12.44 57.59 55.96
N ASP A 106 11.44 56.73 56.20
CA ASP A 106 10.92 56.40 57.55
C ASP A 106 11.84 55.38 58.24
N ASP A 107 12.11 54.23 57.58
CA ASP A 107 12.96 53.13 58.10
C ASP A 107 14.19 53.00 57.20
N ASN A 108 15.31 53.62 57.60
CA ASN A 108 16.61 53.54 56.91
C ASN A 108 17.71 53.67 57.96
N PRO A 109 18.06 52.56 58.62
CA PRO A 109 19.06 52.57 59.68
C PRO A 109 20.31 53.40 59.35
N THR A 110 20.73 54.24 60.28
CA THR A 110 21.78 55.27 60.09
C THR A 110 22.74 55.19 61.27
N GLY A 111 24.03 55.40 60.99
CA GLY A 111 25.11 55.39 61.99
C GLY A 111 26.00 56.59 61.79
N VAL A 112 26.40 57.25 62.88
CA VAL A 112 27.36 58.39 62.87
C VAL A 112 28.55 58.01 63.75
N TYR A 113 29.75 58.05 63.19
CA TYR A 113 31.04 57.73 63.88
C TYR A 113 31.84 59.03 64.02
N ARG A 114 32.47 59.26 65.18
CA ARG A 114 33.36 60.44 65.44
C ARG A 114 34.66 59.96 66.10
N ARG A 115 35.79 60.55 65.71
CA ARG A 115 37.12 60.22 66.29
C ARG A 115 38.08 61.40 66.10
N TRP A 116 38.97 61.62 67.08
CA TRP A 116 40.04 62.64 67.08
C TRP A 116 41.39 61.94 66.85
N ILE A 117 42.24 62.48 65.98
CA ILE A 117 43.54 61.87 65.56
C ILE A 117 44.64 62.93 65.57
N GLU A 118 45.89 62.50 65.88
CA GLU A 118 47.09 63.35 66.06
C GLU A 118 48.05 63.17 64.87
N ILE A 119 48.08 64.14 63.94
CA ILE A 119 49.00 64.14 62.76
C ILE A 119 50.32 64.77 63.20
N PRO A 120 51.49 64.08 63.09
CA PRO A 120 52.79 64.70 63.29
C PRO A 120 53.10 65.85 62.32
N GLU A 121 54.04 66.73 62.69
CA GLU A 121 54.36 67.99 61.97
C GLU A 121 55.08 67.65 60.65
N ASP A 122 55.99 66.68 60.66
CA ASP A 122 56.88 66.32 59.50
C ASP A 122 56.06 65.72 58.35
N TRP A 123 54.79 65.36 58.54
CA TRP A 123 53.88 64.84 57.49
C TRP A 123 53.49 65.93 56.49
N PHE A 124 53.62 67.22 56.83
CA PHE A 124 53.04 68.34 56.03
C PHE A 124 54.01 68.82 54.95
N LYS A 125 55.22 68.25 54.85
CA LYS A 125 56.12 68.38 53.68
C LYS A 125 55.87 67.23 52.69
N LYS A 126 54.71 66.58 52.76
CA LYS A 126 54.32 65.39 51.95
C LYS A 126 52.84 65.50 51.59
N GLU A 127 52.28 64.50 50.91
CA GLU A 127 50.83 64.43 50.56
C GLU A 127 50.17 63.35 51.44
N ILE A 128 49.00 63.65 52.03
CA ILE A 128 48.32 62.83 53.07
C ILE A 128 47.00 62.30 52.52
N PHE A 129 46.75 60.98 52.65
CA PHE A 129 45.52 60.29 52.15
C PHE A 129 44.82 59.55 53.29
N LEU A 130 43.49 59.57 53.30
CA LEU A 130 42.61 58.76 54.18
C LEU A 130 41.99 57.62 53.35
N HIS A 131 42.22 56.35 53.74
CA HIS A 131 41.80 55.13 52.99
C HIS A 131 40.74 54.32 53.75
N PHE A 132 39.54 54.16 53.18
CA PHE A 132 38.47 53.24 53.65
C PHE A 132 38.46 51.97 52.78
N GLU A 133 38.82 50.82 53.35
CA GLU A 133 38.85 49.53 52.61
C GLU A 133 37.43 49.05 52.25
N GLY A 134 36.39 49.41 53.02
CA GLY A 134 34.99 49.06 52.68
C GLY A 134 33.96 49.56 53.71
N VAL A 135 32.82 50.06 53.22
CA VAL A 135 31.70 50.66 54.00
C VAL A 135 30.39 50.30 53.31
N ARG A 136 29.39 49.81 54.04
CA ARG A 136 28.10 49.37 53.46
C ARG A 136 26.98 50.26 54.01
N SER A 137 26.09 50.85 53.18
CA SER A 137 26.15 50.86 51.73
C SER A 137 26.57 52.23 51.15
N PHE A 138 26.50 53.31 51.94
CA PHE A 138 26.73 54.71 51.48
C PHE A 138 27.25 55.52 52.67
N PHE A 139 28.17 56.47 52.46
CA PHE A 139 28.65 57.35 53.54
C PHE A 139 29.03 58.75 53.04
N TYR A 140 28.88 59.74 53.94
CA TYR A 140 29.40 61.14 53.87
C TYR A 140 30.62 61.27 54.78
N LEU A 141 31.65 62.02 54.36
CA LEU A 141 32.86 62.30 55.16
C LEU A 141 32.93 63.81 55.49
N TRP A 142 33.24 64.14 56.75
CA TRP A 142 33.57 65.51 57.23
C TRP A 142 34.95 65.45 57.91
N VAL A 143 35.84 66.40 57.59
CA VAL A 143 37.16 66.57 58.28
C VAL A 143 37.21 68.00 58.85
N ASN A 144 37.50 68.12 60.15
CA ASN A 144 37.57 69.40 60.92
C ASN A 144 36.39 70.30 60.54
N GLY A 145 35.17 69.75 60.54
CA GLY A 145 33.91 70.49 60.31
C GLY A 145 33.52 70.61 58.84
N LYS A 146 34.44 70.42 57.89
CA LYS A 146 34.21 70.66 56.43
C LYS A 146 33.84 69.35 55.73
N LYS A 147 32.90 69.43 54.77
CA LYS A 147 32.47 68.32 53.86
C LYS A 147 33.54 68.08 52.78
N ILE A 148 34.03 66.84 52.64
CA ILE A 148 35.02 66.42 51.60
C ILE A 148 34.29 65.74 50.44
N GLY A 149 33.37 64.80 50.73
CA GLY A 149 32.55 64.13 49.71
C GLY A 149 31.93 62.84 50.22
N PHE A 150 31.59 61.92 49.29
CA PHE A 150 30.82 60.67 49.57
C PHE A 150 31.26 59.53 48.63
N SER A 151 30.77 58.30 48.87
CA SER A 151 31.08 57.07 48.09
C SER A 151 29.97 56.02 48.22
N LYS A 152 29.85 55.09 47.26
CA LYS A 152 28.63 54.26 47.05
C LYS A 152 28.82 52.73 46.92
N ASP A 153 29.97 52.17 46.50
CA ASP A 153 30.11 50.69 46.28
C ASP A 153 30.71 50.03 47.53
N SER A 154 30.00 49.07 48.12
CA SER A 154 30.28 48.54 49.48
C SER A 154 31.59 47.75 49.56
N CYS A 155 32.11 47.21 48.45
CA CYS A 155 33.13 46.13 48.49
C CYS A 155 34.47 46.56 47.90
N THR A 156 34.61 47.82 47.43
CA THR A 156 35.88 48.37 46.87
C THR A 156 36.24 49.64 47.64
N PRO A 157 37.53 50.03 47.69
CA PRO A 157 37.97 51.09 48.59
C PRO A 157 37.58 52.51 48.15
N ALA A 158 37.72 53.46 49.07
CA ALA A 158 37.49 54.92 48.87
C ALA A 158 38.64 55.67 49.55
N GLU A 159 39.37 56.46 48.77
CA GLU A 159 40.58 57.20 49.19
C GLU A 159 40.35 58.69 48.94
N PHE A 160 40.80 59.55 49.86
CA PHE A 160 40.59 61.03 49.83
C PHE A 160 41.91 61.73 50.15
N ARG A 161 42.34 62.66 49.29
CA ARG A 161 43.53 63.52 49.56
C ARG A 161 43.12 64.65 50.52
N LEU A 162 43.79 64.77 51.67
CA LEU A 162 43.37 65.65 52.80
C LEU A 162 44.47 66.67 53.16
N THR A 163 45.54 66.80 52.38
CA THR A 163 46.75 67.60 52.75
C THR A 163 46.39 69.06 53.09
N ASP A 164 45.37 69.62 52.43
CA ASP A 164 44.94 71.05 52.59
C ASP A 164 44.11 71.23 53.87
N VAL A 165 43.06 70.43 54.08
CA VAL A 165 42.01 70.64 55.13
C VAL A 165 42.50 70.14 56.50
N LEU A 166 43.66 69.51 56.59
CA LEU A 166 44.22 68.91 57.84
C LEU A 166 45.26 69.90 58.40
N ARG A 167 45.53 69.82 59.71
CA ARG A 167 46.48 70.72 60.43
C ARG A 167 47.35 69.88 61.38
N PRO A 168 48.56 70.34 61.75
CA PRO A 168 49.38 69.63 62.75
C PRO A 168 48.66 69.55 64.10
N GLY A 169 48.95 68.51 64.88
CA GLY A 169 48.29 68.22 66.17
C GLY A 169 46.99 67.48 65.98
N LYS A 170 45.93 67.91 66.67
CA LYS A 170 44.65 67.16 66.84
C LYS A 170 43.66 67.55 65.75
N ASN A 171 43.09 66.57 65.04
CA ASN A 171 42.07 66.75 63.97
C ASN A 171 40.86 65.86 64.24
N LEU A 172 39.69 66.25 63.75
CA LEU A 172 38.42 65.48 63.87
C LEU A 172 38.09 64.82 62.52
N ILE A 173 37.72 63.53 62.55
CA ILE A 173 37.11 62.77 61.41
C ILE A 173 35.67 62.43 61.83
N THR A 174 34.69 62.68 60.95
CA THR A 174 33.27 62.32 61.16
C THR A 174 32.72 61.66 59.88
N VAL A 175 32.03 60.53 60.05
CA VAL A 175 31.45 59.69 58.96
C VAL A 175 29.98 59.44 59.29
N GLU A 176 29.07 59.66 58.35
CA GLU A 176 27.64 59.24 58.46
C GLU A 176 27.36 58.11 57.46
N VAL A 177 26.97 56.93 57.94
CA VAL A 177 26.74 55.70 57.11
C VAL A 177 25.23 55.43 57.02
N LEU A 178 24.71 55.24 55.81
CA LEU A 178 23.31 54.84 55.53
C LEU A 178 23.26 53.36 55.09
N LYS A 179 22.29 52.57 55.58
CA LYS A 179 22.18 51.13 55.26
C LYS A 179 21.73 50.97 53.81
N TRP A 180 20.63 51.64 53.43
CA TRP A 180 20.03 51.56 52.08
C TRP A 180 20.28 52.86 51.29
N SER A 181 20.56 52.70 49.99
CA SER A 181 20.80 53.77 48.99
C SER A 181 20.34 53.25 47.63
N ASP A 182 20.49 54.05 46.57
CA ASP A 182 20.27 53.61 45.17
C ASP A 182 21.26 52.47 44.84
N GLY A 183 22.48 52.53 45.38
CA GLY A 183 23.49 51.44 45.32
C GLY A 183 22.91 50.07 45.69
N SER A 184 21.99 50.01 46.66
CA SER A 184 21.36 48.77 47.19
C SER A 184 20.62 47.99 46.08
N TYR A 185 20.18 48.65 45.01
CA TYR A 185 19.47 47.99 43.88
C TYR A 185 20.43 47.06 43.09
N LEU A 186 21.75 47.27 43.16
CA LEU A 186 22.80 46.39 42.55
C LEU A 186 23.51 45.52 43.61
N GLU A 187 22.95 45.38 44.81
CA GLU A 187 23.57 44.57 45.92
C GLU A 187 22.50 43.63 46.50
N ASP A 188 21.69 43.04 45.62
CA ASP A 188 20.59 42.10 45.97
C ASP A 188 21.09 40.65 45.93
N GLN A 189 22.23 40.35 46.56
CA GLN A 189 22.77 38.97 46.63
C GLN A 189 21.93 38.17 47.63
N ASP A 190 21.80 36.86 47.43
CA ASP A 190 21.11 35.93 48.36
C ASP A 190 21.98 35.80 49.62
N MET A 191 21.82 36.74 50.55
CA MET A 191 22.67 36.84 51.77
C MET A 191 22.03 37.80 52.79
N TRP A 192 22.61 37.87 53.98
CA TRP A 192 22.18 38.78 55.09
C TRP A 192 22.45 40.24 54.72
N TRP A 193 21.46 41.13 54.88
CA TRP A 193 21.64 42.61 54.77
C TRP A 193 22.23 43.16 56.08
N PHE A 194 23.50 43.58 56.07
CA PHE A 194 24.23 44.21 57.20
C PHE A 194 24.58 45.67 56.84
N ALA A 195 25.30 46.39 57.70
CA ALA A 195 25.72 47.80 57.49
C ALA A 195 26.87 48.17 58.44
N GLY A 196 27.68 49.18 58.06
CA GLY A 196 28.70 49.80 58.91
C GLY A 196 30.08 49.87 58.27
N ILE A 197 31.07 50.40 58.99
CA ILE A 197 32.50 50.41 58.57
C ILE A 197 33.11 49.03 58.94
N TYR A 198 33.04 48.06 58.02
CA TYR A 198 33.26 46.61 58.29
C TYR A 198 34.66 46.15 57.84
N ARG A 199 35.47 47.04 57.26
CA ARG A 199 36.89 46.78 56.88
C ARG A 199 37.75 47.97 57.37
N ASP A 200 39.06 47.76 57.42
CA ASP A 200 40.07 48.67 58.04
C ASP A 200 40.00 50.10 57.50
N VAL A 201 40.46 51.05 58.31
CA VAL A 201 40.62 52.51 57.98
C VAL A 201 42.03 52.92 58.39
N TYR A 202 42.72 53.72 57.58
CA TYR A 202 44.10 54.19 57.90
C TYR A 202 44.44 55.49 57.16
N LEU A 203 45.47 56.18 57.66
CA LEU A 203 46.13 57.38 57.07
C LEU A 203 47.55 57.00 56.67
N TYR A 204 48.02 57.44 55.51
CA TYR A 204 49.44 57.29 55.09
C TYR A 204 49.86 58.57 54.35
N ALA A 205 51.17 58.72 54.11
CA ALA A 205 51.77 59.93 53.49
C ALA A 205 52.78 59.52 52.41
N LEU A 206 52.72 60.16 51.24
CA LEU A 206 53.66 59.93 50.11
C LEU A 206 54.39 61.23 49.80
N PRO A 207 55.62 61.17 49.24
CA PRO A 207 56.28 62.36 48.70
C PRO A 207 55.44 63.12 47.67
N LYS A 208 55.79 64.38 47.41
CA LYS A 208 55.06 65.27 46.47
C LYS A 208 55.09 64.66 45.06
N PHE A 209 56.22 64.07 44.67
CA PHE A 209 56.43 63.31 43.41
C PHE A 209 56.53 61.81 43.75
N HIS A 210 55.53 61.02 43.35
CA HIS A 210 55.36 59.60 43.77
C HIS A 210 54.86 58.73 42.61
N ILE A 211 55.02 57.41 42.75
CA ILE A 211 54.41 56.36 41.88
C ILE A 211 52.95 56.22 42.30
N ARG A 212 52.00 56.56 41.42
CA ARG A 212 50.55 56.41 41.69
C ARG A 212 50.12 54.95 41.44
N ASP A 213 50.60 54.29 40.37
CA ASP A 213 50.09 52.96 39.92
C ASP A 213 51.19 52.14 39.22
N VAL A 214 51.05 50.80 39.26
CA VAL A 214 51.97 49.82 38.60
C VAL A 214 51.10 48.72 37.97
N PHE A 215 51.33 48.39 36.68
CA PHE A 215 50.75 47.22 35.99
C PHE A 215 51.89 46.32 35.51
N VAL A 216 52.06 45.14 36.13
CA VAL A 216 53.07 44.12 35.72
C VAL A 216 52.32 42.94 35.07
N ARG A 217 52.67 42.64 33.82
CA ARG A 217 52.14 41.49 33.01
C ARG A 217 53.31 40.63 32.54
N THR A 218 53.09 39.33 32.33
CA THR A 218 54.12 38.40 31.79
C THR A 218 53.60 37.77 30.50
N ASP A 219 54.54 37.39 29.61
CA ASP A 219 54.30 36.48 28.46
C ASP A 219 55.30 35.32 28.54
N LEU A 220 54.95 34.17 27.96
CA LEU A 220 55.83 32.98 27.81
C LEU A 220 55.89 32.62 26.32
N ASP A 221 57.01 32.07 25.85
CA ASP A 221 57.24 31.65 24.43
C ASP A 221 56.37 30.43 24.09
N GLU A 222 56.45 29.94 22.85
CA GLU A 222 55.61 28.83 22.33
C GLU A 222 56.00 27.48 22.95
N ASN A 223 57.15 27.38 23.63
CA ASN A 223 57.58 26.17 24.37
C ASN A 223 57.31 26.33 25.87
N TYR A 224 56.69 27.44 26.31
CA TYR A 224 56.45 27.78 27.74
C TYR A 224 57.78 27.68 28.50
N ARG A 225 58.88 28.16 27.89
CA ARG A 225 60.26 28.05 28.43
C ARG A 225 60.74 29.44 28.90
N ASN A 226 61.02 30.35 27.98
CA ASN A 226 61.52 31.72 28.30
C ASN A 226 60.35 32.68 28.47
N GLY A 227 60.58 33.75 29.22
CA GLY A 227 59.54 34.72 29.62
C GLY A 227 59.89 36.14 29.19
N LYS A 228 58.88 37.02 29.20
CA LYS A 228 59.01 38.48 29.03
C LYS A 228 58.24 39.16 30.15
N ILE A 229 58.75 40.28 30.65
CA ILE A 229 58.02 41.14 31.63
C ILE A 229 57.65 42.42 30.88
N PHE A 230 56.38 42.83 30.98
CA PHE A 230 55.87 44.12 30.45
C PHE A 230 55.39 44.97 31.63
N LEU A 231 56.09 46.08 31.90
CA LEU A 231 55.92 46.93 33.11
C LEU A 231 55.46 48.33 32.68
N ASP A 232 54.29 48.78 33.17
CA ASP A 232 53.79 50.18 33.09
C ASP A 232 53.88 50.84 34.47
N VAL A 233 54.60 51.97 34.58
CA VAL A 233 54.77 52.74 35.84
C VAL A 233 54.18 54.14 35.64
N GLU A 234 53.08 54.47 36.34
CA GLU A 234 52.42 55.80 36.31
C GLU A 234 52.96 56.67 37.46
N MET A 235 53.48 57.86 37.13
CA MET A 235 54.04 58.84 38.11
C MET A 235 53.12 60.05 38.19
N ARG A 236 53.07 60.69 39.35
CA ARG A 236 52.20 61.85 39.65
C ARG A 236 53.01 62.91 40.40
N ASN A 237 52.92 64.16 39.96
CA ASN A 237 53.65 65.32 40.55
C ASN A 237 52.64 66.29 41.18
N LEU A 238 52.83 66.61 42.46
CA LEU A 238 52.03 67.60 43.23
C LEU A 238 52.96 68.67 43.82
N GLY A 239 53.66 69.42 42.97
CA GLY A 239 54.41 70.64 43.33
C GLY A 239 55.90 70.42 43.53
N GLU A 240 56.46 69.27 43.14
CA GLU A 240 57.93 69.03 43.17
C GLU A 240 58.56 69.69 41.94
N GLU A 241 59.84 70.09 42.05
CA GLU A 241 60.61 70.83 41.00
C GLU A 241 61.93 70.11 40.67
N GLU A 242 62.65 69.61 41.68
CA GLU A 242 63.94 68.88 41.55
C GLU A 242 63.72 67.50 40.89
N GLU A 243 64.75 66.96 40.23
CA GLU A 243 64.75 65.62 39.56
C GLU A 243 65.10 64.53 40.59
N LYS A 244 64.42 63.38 40.51
CA LYS A 244 64.59 62.21 41.43
C LYS A 244 65.11 61.01 40.64
N ASP A 245 65.66 60.02 41.34
CA ASP A 245 66.22 58.76 40.77
C ASP A 245 65.18 57.64 40.89
N LEU A 246 64.91 56.93 39.78
CA LEU A 246 64.00 55.75 39.69
C LEU A 246 64.87 54.49 39.60
N GLU A 247 64.68 53.53 40.53
CA GLU A 247 65.33 52.20 40.50
C GLU A 247 64.25 51.11 40.54
N VAL A 248 64.39 50.09 39.70
CA VAL A 248 63.51 48.88 39.67
C VAL A 248 64.41 47.64 39.79
N THR A 249 64.17 46.82 40.81
CA THR A 249 64.94 45.59 41.15
C THR A 249 64.01 44.37 41.08
N LEU A 250 64.47 43.27 40.47
CA LEU A 250 63.77 41.97 40.40
C LEU A 250 64.41 41.01 41.41
N ILE A 251 63.63 40.44 42.34
CA ILE A 251 64.09 39.41 43.31
C ILE A 251 63.46 38.06 42.91
N THR A 252 64.28 37.03 42.75
CA THR A 252 63.86 35.67 42.29
C THR A 252 63.30 34.88 43.48
N PRO A 253 62.54 33.79 43.23
CA PRO A 253 62.09 32.91 44.31
C PRO A 253 63.22 32.34 45.18
N ASP A 254 64.41 32.13 44.60
CA ASP A 254 65.64 31.69 45.31
C ASP A 254 66.11 32.80 46.25
N GLY A 255 66.08 34.06 45.80
CA GLY A 255 66.48 35.24 46.60
C GLY A 255 67.53 36.13 45.93
N ASP A 256 68.01 35.75 44.74
CA ASP A 256 68.97 36.54 43.92
C ASP A 256 68.29 37.84 43.45
N GLU A 257 69.08 38.93 43.34
CA GLU A 257 68.60 40.27 42.92
C GLU A 257 69.25 40.68 41.60
N LYS A 258 68.55 41.50 40.81
CA LYS A 258 69.02 42.09 39.53
C LYS A 258 68.36 43.47 39.34
N THR A 259 69.16 44.48 38.98
CA THR A 259 68.67 45.84 38.61
C THR A 259 68.18 45.78 37.17
N LEU A 260 66.92 46.12 36.92
CA LEU A 260 66.29 46.15 35.57
C LEU A 260 66.37 47.57 35.03
N VAL A 261 66.11 48.56 35.87
CA VAL A 261 66.06 50.02 35.54
C VAL A 261 66.81 50.80 36.62
N LYS A 262 67.62 51.78 36.19
CA LYS A 262 68.22 52.83 37.07
C LYS A 262 68.46 54.09 36.23
N GLU A 263 67.59 55.09 36.40
CA GLU A 263 67.60 56.34 35.58
C GLU A 263 67.13 57.52 36.43
N THR A 264 67.35 58.74 35.94
CA THR A 264 66.90 60.02 36.54
C THR A 264 65.70 60.53 35.73
N VAL A 265 64.66 61.00 36.41
CA VAL A 265 63.35 61.41 35.82
C VAL A 265 63.01 62.80 36.35
N LYS A 266 62.68 63.73 35.43
CA LYS A 266 62.20 65.10 35.78
C LYS A 266 60.76 64.99 36.29
N PRO A 267 60.37 65.79 37.31
CA PRO A 267 59.05 65.66 37.92
C PRO A 267 57.93 66.12 36.98
N GLU A 268 57.03 65.18 36.63
CA GLU A 268 55.90 65.39 35.68
C GLU A 268 54.93 64.20 35.80
N ASP A 269 53.70 64.39 35.32
CA ASP A 269 52.66 63.33 35.20
C ASP A 269 52.86 62.57 33.88
N ARG A 270 53.35 61.32 33.96
CA ARG A 270 53.71 60.49 32.79
C ARG A 270 53.59 58.99 33.12
N VAL A 271 53.30 58.16 32.11
CA VAL A 271 53.37 56.66 32.18
C VAL A 271 54.63 56.20 31.45
N LEU A 272 55.58 55.60 32.18
CA LEU A 272 56.79 54.95 31.62
C LEU A 272 56.50 53.47 31.37
N SER A 273 56.91 52.94 30.23
CA SER A 273 56.71 51.53 29.83
C SER A 273 58.06 50.88 29.51
N PHE A 274 58.25 49.65 30.00
CA PHE A 274 59.49 48.84 29.83
C PHE A 274 59.11 47.40 29.42
N ALA A 275 60.00 46.73 28.69
CA ALA A 275 59.90 45.29 28.34
C ALA A 275 61.28 44.64 28.57
N PHE A 276 61.32 43.56 29.36
CA PHE A 276 62.55 42.80 29.72
C PHE A 276 62.35 41.32 29.34
N ASP A 277 63.45 40.64 29.06
CA ASP A 277 63.51 39.18 28.80
C ASP A 277 64.07 38.50 30.06
N VAL A 278 63.55 37.31 30.39
CA VAL A 278 64.02 36.43 31.51
C VAL A 278 64.14 34.99 30.96
N LYS A 279 65.26 34.32 31.26
CA LYS A 279 65.54 32.94 30.79
C LYS A 279 65.05 31.92 31.82
N ASP A 280 64.30 30.90 31.37
CA ASP A 280 63.82 29.74 32.17
C ASP A 280 63.34 30.20 33.54
N PRO A 281 62.34 31.09 33.63
CA PRO A 281 61.77 31.45 34.93
C PRO A 281 60.97 30.28 35.52
N LYS A 282 60.89 30.23 36.85
CA LYS A 282 60.00 29.31 37.60
C LYS A 282 58.55 29.80 37.43
N LYS A 283 57.67 28.93 36.93
CA LYS A 283 56.28 29.26 36.57
C LYS A 283 55.36 29.12 37.80
N TRP A 284 54.37 29.99 37.93
CA TRP A 284 53.39 29.95 39.05
C TRP A 284 52.28 28.98 38.63
N SER A 285 51.87 28.06 39.52
CA SER A 285 50.59 27.30 39.42
C SER A 285 50.02 27.10 40.82
N ALA A 286 48.78 26.59 40.92
CA ALA A 286 48.15 26.21 42.21
C ALA A 286 48.96 25.08 42.87
N GLU A 287 49.52 24.16 42.10
CA GLU A 287 50.40 23.05 42.59
C GLU A 287 51.76 23.58 43.06
N THR A 288 52.31 24.65 42.44
CA THR A 288 53.69 25.16 42.64
C THR A 288 53.70 26.68 42.61
N PRO A 289 53.26 27.39 43.67
CA PRO A 289 53.12 28.85 43.63
C PRO A 289 54.40 29.69 43.81
N HIS A 290 55.33 29.63 42.85
CA HIS A 290 56.59 30.42 42.81
C HIS A 290 56.30 31.90 42.50
N LEU A 291 56.66 32.83 43.40
CA LEU A 291 56.42 34.29 43.26
C LEU A 291 57.75 35.01 43.10
N TYR A 292 57.85 35.90 42.11
CA TYR A 292 58.93 36.91 41.94
C TYR A 292 58.49 38.21 42.64
N VAL A 293 59.42 39.08 43.01
CA VAL A 293 59.14 40.41 43.62
C VAL A 293 59.75 41.53 42.74
N LEU A 294 58.94 42.54 42.37
CA LEU A 294 59.44 43.85 41.85
C LEU A 294 59.50 44.85 43.00
N LYS A 295 60.69 45.41 43.26
CA LYS A 295 60.96 46.53 44.20
C LYS A 295 61.10 47.83 43.39
N LEU A 296 60.22 48.82 43.60
CA LEU A 296 60.22 50.12 42.89
C LEU A 296 60.50 51.26 43.88
N LYS A 297 61.45 52.16 43.56
CA LYS A 297 61.87 53.28 44.43
C LYS A 297 62.06 54.57 43.60
N LEU A 298 61.27 55.60 43.87
CA LEU A 298 61.36 56.96 43.24
C LEU A 298 61.61 58.00 44.34
N GLY A 299 62.85 58.48 44.46
CA GLY A 299 63.27 59.33 45.59
C GLY A 299 63.22 58.54 46.90
N GLU A 300 62.31 58.92 47.81
CA GLU A 300 62.09 58.25 49.13
C GLU A 300 60.80 57.41 49.11
N ASP A 301 60.08 57.39 47.98
CA ASP A 301 58.86 56.56 47.79
C ASP A 301 59.28 55.13 47.44
N GLU A 302 58.86 54.13 48.23
CA GLU A 302 59.19 52.69 48.03
C GLU A 302 57.90 51.87 48.01
N LYS A 303 57.77 50.97 47.03
CA LYS A 303 56.63 50.01 46.87
C LYS A 303 57.17 48.64 46.42
N LYS A 304 56.40 47.58 46.66
CA LYS A 304 56.73 46.20 46.23
C LYS A 304 55.49 45.53 45.64
N VAL A 305 55.66 44.72 44.60
CA VAL A 305 54.57 43.91 43.97
C VAL A 305 55.07 42.48 43.75
N ASN A 306 54.28 41.50 44.21
CA ASN A 306 54.47 40.05 43.91
C ASN A 306 53.80 39.74 42.57
N PHE A 307 54.45 38.94 41.73
CA PHE A 307 53.89 38.50 40.43
C PHE A 307 54.45 37.10 40.12
N GLY A 308 53.80 36.41 39.19
CA GLY A 308 54.23 35.08 38.71
C GLY A 308 54.19 35.00 37.21
N PHE A 309 55.00 34.12 36.63
CA PHE A 309 54.95 33.78 35.19
C PHE A 309 53.90 32.68 35.01
N ARG A 310 52.80 33.01 34.33
CA ARG A 310 51.73 32.04 34.00
C ARG A 310 50.90 32.59 32.84
N LYS A 311 50.33 31.70 32.02
CA LYS A 311 49.57 32.05 30.79
C LYS A 311 48.29 31.22 30.72
N ILE A 312 47.14 31.88 30.60
CA ILE A 312 45.79 31.25 30.40
C ILE A 312 45.42 31.49 28.94
N GLU A 313 44.92 30.48 28.23
CA GLU A 313 44.53 30.62 26.79
C GLU A 313 43.49 29.56 26.41
N ILE A 314 42.75 29.82 25.33
CA ILE A 314 41.80 28.89 24.67
C ILE A 314 42.41 28.43 23.33
N LYS A 315 42.65 27.13 23.16
CA LYS A 315 43.09 26.54 21.86
C LYS A 315 42.06 25.51 21.39
N ASP A 316 41.32 25.81 20.31
CA ASP A 316 40.28 24.92 19.71
C ASP A 316 39.23 24.51 20.75
N GLY A 317 38.73 25.48 21.55
CA GLY A 317 37.69 25.24 22.58
C GLY A 317 38.21 24.63 23.87
N THR A 318 39.51 24.32 23.98
CA THR A 318 40.13 23.72 25.20
C THR A 318 40.81 24.82 26.02
N LEU A 319 40.63 24.82 27.34
CA LEU A 319 41.22 25.76 28.32
C LEU A 319 42.63 25.27 28.68
N LEU A 320 43.68 26.08 28.50
CA LEU A 320 45.10 25.69 28.77
C LEU A 320 45.71 26.62 29.80
N PHE A 321 46.51 26.05 30.72
CA PHE A 321 47.23 26.78 31.79
C PHE A 321 48.70 26.34 31.70
N ASN A 322 49.59 27.28 31.41
CA ASN A 322 51.02 27.04 31.06
C ASN A 322 51.17 25.91 30.03
N GLY A 323 50.29 25.85 29.03
CA GLY A 323 50.30 24.82 27.97
C GLY A 323 49.59 23.48 28.29
N LYS A 324 48.96 23.27 29.46
CA LYS A 324 48.29 21.98 29.85
C LYS A 324 46.78 22.15 30.01
N PRO A 325 45.94 21.16 29.66
CA PRO A 325 44.50 21.24 29.89
C PRO A 325 44.16 21.37 31.38
N LEU A 326 43.36 22.37 31.72
CA LEU A 326 43.05 22.75 33.11
C LEU A 326 41.63 22.29 33.43
N TYR A 327 41.44 21.53 34.51
CA TYR A 327 40.11 21.22 35.09
C TYR A 327 39.89 22.07 36.35
N ILE A 328 38.81 22.84 36.35
CA ILE A 328 38.38 23.69 37.51
C ILE A 328 37.66 22.78 38.52
N LYS A 329 38.29 22.50 39.65
CA LYS A 329 37.69 21.72 40.79
C LYS A 329 37.38 22.71 41.90
N GLY A 330 36.25 23.43 41.79
CA GLY A 330 36.03 24.69 42.54
C GLY A 330 34.95 24.62 43.59
N VAL A 331 34.86 25.71 44.36
CA VAL A 331 33.72 26.03 45.26
C VAL A 331 33.42 27.55 45.25
N ASN A 332 32.15 27.94 45.42
CA ASN A 332 31.72 29.33 45.70
C ASN A 332 31.89 29.59 47.20
N ARG A 333 32.52 30.70 47.60
CA ARG A 333 32.70 31.08 49.02
C ARG A 333 32.19 32.52 49.30
N HIS A 334 31.26 32.67 50.26
CA HIS A 334 30.87 33.98 50.86
C HIS A 334 31.84 34.37 51.98
N GLU A 335 32.25 35.64 52.05
CA GLU A 335 33.15 36.19 53.11
C GLU A 335 32.32 36.40 54.38
N PHE A 336 32.10 35.34 55.19
CA PHE A 336 31.09 35.31 56.29
C PHE A 336 31.66 34.65 57.55
N ASP A 337 31.32 35.19 58.71
CA ASP A 337 31.71 34.65 60.05
C ASP A 337 30.50 34.68 60.98
N PRO A 338 30.21 33.60 61.75
CA PRO A 338 29.00 33.52 62.56
C PRO A 338 28.94 34.50 63.74
N ASP A 339 30.07 35.07 64.16
CA ASP A 339 30.17 36.06 65.27
C ASP A 339 30.34 37.49 64.74
N ARG A 340 31.07 37.71 63.64
CA ARG A 340 31.49 39.05 63.16
C ARG A 340 30.81 39.46 61.84
N GLY A 341 29.97 38.62 61.24
CA GLY A 341 29.33 38.89 59.92
C GLY A 341 30.38 39.03 58.83
N HIS A 342 30.33 40.11 58.03
CA HIS A 342 31.26 40.34 56.88
C HIS A 342 32.65 40.76 57.34
N ALA A 343 32.85 41.07 58.62
CA ALA A 343 34.15 41.58 59.14
C ALA A 343 35.08 40.41 59.51
N VAL A 344 35.53 39.66 58.51
CA VAL A 344 36.31 38.40 58.67
C VAL A 344 37.78 38.74 58.88
N THR A 345 38.46 37.97 59.75
CA THR A 345 39.88 38.14 60.13
C THR A 345 40.80 37.27 59.26
N VAL A 346 42.09 37.56 59.29
CA VAL A 346 43.14 36.81 58.54
C VAL A 346 43.24 35.37 59.06
N GLU A 347 43.06 35.15 60.36
CA GLU A 347 43.20 33.82 61.01
C GLU A 347 42.14 32.87 60.43
N ARG A 348 40.92 33.36 60.28
CA ARG A 348 39.78 32.64 59.66
C ARG A 348 40.03 32.42 58.15
N MET A 349 40.63 33.39 57.46
CA MET A 349 40.93 33.27 56.01
C MET A 349 41.92 32.13 55.81
N ILE A 350 42.92 32.01 56.67
CA ILE A 350 43.97 30.96 56.56
C ILE A 350 43.38 29.58 56.82
N GLN A 351 42.46 29.47 57.79
CA GLN A 351 41.71 28.24 58.14
C GLN A 351 40.92 27.76 56.91
N ASP A 352 40.23 28.66 56.21
CA ASP A 352 39.41 28.35 55.02
C ASP A 352 40.31 27.74 53.93
N ILE A 353 41.44 28.36 53.63
CA ILE A 353 42.35 27.97 52.51
C ILE A 353 42.96 26.59 52.78
N LYS A 354 43.50 26.35 53.97
CA LYS A 354 44.12 25.03 54.34
C LYS A 354 43.09 23.91 54.27
N LEU A 355 41.88 24.14 54.76
CA LEU A 355 40.75 23.17 54.66
C LEU A 355 40.41 22.90 53.19
N MET A 356 40.37 23.94 52.35
CA MET A 356 40.06 23.77 50.90
C MET A 356 41.11 22.87 50.25
N LYS A 357 42.39 23.14 50.45
CA LYS A 357 43.51 22.37 49.84
C LYS A 357 43.56 20.94 50.37
N GLN A 358 43.25 20.73 51.65
CA GLN A 358 43.20 19.37 52.27
C GLN A 358 42.02 18.54 51.70
N HIS A 359 41.08 19.14 50.97
CA HIS A 359 39.94 18.42 50.36
C HIS A 359 40.01 18.49 48.84
N ASN A 360 41.20 18.69 48.26
CA ASN A 360 41.50 18.62 46.81
C ASN A 360 40.76 19.73 46.02
N ILE A 361 40.34 20.84 46.63
CA ILE A 361 39.79 22.01 45.89
C ILE A 361 40.97 22.85 45.32
N ASN A 362 40.93 23.23 44.03
CA ASN A 362 42.00 24.05 43.38
C ASN A 362 41.54 25.48 43.03
N THR A 363 40.25 25.83 43.15
CA THR A 363 39.70 27.13 42.64
C THR A 363 38.60 27.65 43.58
N VAL A 364 38.54 28.97 43.74
CA VAL A 364 37.45 29.64 44.51
CA VAL A 364 37.45 29.64 44.51
C VAL A 364 36.85 30.78 43.67
N ARG A 365 35.52 30.86 43.62
CA ARG A 365 34.75 32.00 43.07
C ARG A 365 34.33 32.92 44.23
N THR A 366 34.67 34.22 44.17
CA THR A 366 34.31 35.23 45.22
C THR A 366 32.87 35.69 45.01
N SER A 367 31.90 34.85 45.39
CA SER A 367 30.44 35.05 45.18
C SER A 367 29.89 36.04 46.21
N HIS A 368 29.28 37.17 45.80
CA HIS A 368 29.33 37.74 44.46
C HIS A 368 29.83 39.18 44.53
N TYR A 369 31.03 39.40 45.07
CA TYR A 369 31.62 40.76 45.22
C TYR A 369 33.09 40.60 45.50
N PRO A 370 33.94 41.63 45.28
CA PRO A 370 35.34 41.57 45.65
C PRO A 370 35.53 41.40 47.16
N ASN A 371 36.47 40.56 47.57
CA ASN A 371 36.84 40.25 48.97
C ASN A 371 37.91 41.25 49.44
N GLN A 372 38.35 41.18 50.70
CA GLN A 372 39.49 42.00 51.20
C GLN A 372 40.73 41.69 50.37
N THR A 373 41.69 42.61 50.30
CA THR A 373 42.90 42.49 49.43
C THR A 373 43.78 41.33 49.90
N LYS A 374 43.77 41.05 51.21
CA LYS A 374 44.60 40.00 51.84
C LYS A 374 44.17 38.58 51.39
N TRP A 375 42.91 38.39 51.00
CA TRP A 375 42.41 37.11 50.45
C TRP A 375 43.19 36.73 49.18
N TYR A 376 43.42 37.68 48.28
CA TYR A 376 44.05 37.42 46.96
C TYR A 376 45.54 37.18 47.14
N ASP A 377 46.16 37.90 48.10
CA ASP A 377 47.58 37.70 48.49
C ASP A 377 47.80 36.27 49.02
N LEU A 378 46.88 35.75 49.85
CA LEU A 378 47.01 34.37 50.42
C LEU A 378 46.79 33.30 49.33
N CYS A 379 45.88 33.53 48.37
CA CYS A 379 45.68 32.64 47.18
C CYS A 379 46.94 32.62 46.29
N ASP A 380 47.68 33.73 46.20
CA ASP A 380 48.99 33.79 45.47
C ASP A 380 50.06 32.96 46.21
N TYR A 381 50.05 33.00 47.54
CA TYR A 381 51.11 32.40 48.41
C TYR A 381 50.86 30.90 48.61
N PHE A 382 49.63 30.47 48.92
CA PHE A 382 49.30 29.05 49.19
C PHE A 382 49.06 28.27 47.87
N GLY A 383 48.49 28.92 46.85
CA GLY A 383 48.21 28.31 45.53
C GLY A 383 46.76 27.87 45.37
N LEU A 384 45.87 28.82 45.07
CA LEU A 384 44.50 28.57 44.55
C LEU A 384 44.29 29.46 43.32
N TYR A 385 43.61 28.96 42.29
CA TYR A 385 43.01 29.74 41.17
C TYR A 385 41.80 30.55 41.67
N VAL A 386 41.62 31.79 41.19
CA VAL A 386 40.51 32.69 41.63
C VAL A 386 39.71 33.18 40.43
N ILE A 387 38.38 33.17 40.55
CA ILE A 387 37.39 33.90 39.70
C ILE A 387 36.91 35.12 40.51
N ASP A 388 37.43 36.32 40.22
CA ASP A 388 37.11 37.63 40.88
C ASP A 388 35.87 38.25 40.24
N GLU A 389 34.83 38.54 41.03
CA GLU A 389 33.48 38.94 40.54
C GLU A 389 33.14 40.35 41.04
N ALA A 390 32.59 41.22 40.18
CA ALA A 390 32.21 42.62 40.50
C ALA A 390 30.93 42.62 41.33
N ASN A 391 30.74 43.64 42.18
CA ASN A 391 29.57 43.76 43.10
C ASN A 391 28.37 44.29 42.30
N ILE A 392 27.72 43.46 41.49
CA ILE A 392 26.54 43.83 40.65
C ILE A 392 25.58 42.63 40.63
N GLU A 393 24.44 42.75 41.29
CA GLU A 393 23.31 41.79 41.26
C GLU A 393 22.00 42.53 41.48
N SER A 394 21.06 42.44 40.55
CA SER A 394 19.72 43.10 40.60
C SER A 394 18.64 42.08 40.26
N HIS A 395 18.65 40.95 40.98
CA HIS A 395 17.71 39.79 40.83
C HIS A 395 16.26 40.28 41.00
N GLY A 396 16.00 41.07 42.05
CA GLY A 396 14.67 41.61 42.41
C GLY A 396 14.03 42.47 41.32
N ILE A 397 14.81 43.01 40.38
CA ILE A 397 14.27 43.77 39.20
C ILE A 397 14.17 42.79 38.03
N ASP A 398 13.03 42.79 37.31
CA ASP A 398 12.72 41.84 36.22
C ASP A 398 13.76 41.95 35.10
N TRP A 399 14.17 40.82 34.51
CA TRP A 399 15.24 40.73 33.48
C TRP A 399 14.68 40.96 32.06
N ASP A 400 13.42 41.36 31.91
CA ASP A 400 12.83 41.81 30.62
C ASP A 400 13.67 42.97 30.07
N PRO A 401 13.96 43.03 28.75
CA PRO A 401 14.88 44.02 28.19
C PRO A 401 14.55 45.49 28.47
N GLU A 402 13.27 45.82 28.66
CA GLU A 402 12.76 47.20 28.92
C GLU A 402 12.89 47.55 30.41
N VAL A 403 12.75 46.55 31.29
CA VAL A 403 12.70 46.73 32.77
C VAL A 403 14.13 46.70 33.33
N THR A 404 14.95 45.72 32.93
CA THR A 404 16.25 45.40 33.59
C THR A 404 17.13 46.65 33.67
N LEU A 405 17.81 46.85 34.79
CA LEU A 405 18.75 47.99 35.01
C LEU A 405 19.98 47.84 34.10
N ALA A 406 20.20 46.66 33.50
CA ALA A 406 21.32 46.40 32.57
C ALA A 406 21.09 47.09 31.20
N ASN A 407 19.88 47.58 30.89
CA ASN A 407 19.56 48.29 29.62
C ASN A 407 19.11 49.74 29.83
N ARG A 408 19.18 50.30 31.05
CA ARG A 408 18.68 51.67 31.37
C ARG A 408 19.84 52.66 31.38
N TRP A 409 19.73 53.76 30.63
CA TRP A 409 20.82 54.74 30.40
C TRP A 409 21.26 55.42 31.71
N GLU A 410 20.36 55.57 32.68
CA GLU A 410 20.68 56.28 33.95
C GLU A 410 21.48 55.37 34.90
N TRP A 411 21.55 54.05 34.65
CA TRP A 411 22.35 53.10 35.48
C TRP A 411 23.69 52.75 34.83
N GLU A 412 24.04 53.35 33.68
CA GLU A 412 25.22 53.00 32.85
C GLU A 412 26.51 53.24 33.64
N LYS A 413 26.67 54.41 34.26
CA LYS A 413 27.94 54.75 34.95
C LYS A 413 28.09 53.98 36.26
N ALA A 414 27.00 53.53 36.90
CA ALA A 414 27.06 52.72 38.13
C ALA A 414 27.65 51.33 37.81
N HIS A 415 27.22 50.70 36.71
CA HIS A 415 27.73 49.39 36.23
C HIS A 415 29.21 49.52 35.88
N PHE A 416 29.60 50.59 35.22
CA PHE A 416 30.99 50.80 34.74
C PHE A 416 31.94 50.99 35.92
N ASP A 417 31.57 51.78 36.92
CA ASP A 417 32.41 52.12 38.10
C ASP A 417 32.72 50.86 38.93
N ARG A 418 31.71 50.03 39.19
CA ARG A 418 31.83 48.77 39.98
C ARG A 418 32.80 47.80 39.31
N ILE A 419 32.71 47.65 37.98
CA ILE A 419 33.61 46.73 37.22
C ILE A 419 35.02 47.31 37.20
N LYS A 420 35.18 48.61 36.91
CA LYS A 420 36.51 49.26 36.79
C LYS A 420 37.26 49.31 38.13
N ARG A 421 36.57 49.58 39.24
CA ARG A 421 37.23 49.64 40.57
C ARG A 421 37.79 48.26 40.97
N MET A 422 37.10 47.16 40.65
CA MET A 422 37.61 45.78 40.89
C MET A 422 38.90 45.54 40.08
N VAL A 423 38.84 45.77 38.76
CA VAL A 423 39.96 45.44 37.81
C VAL A 423 41.18 46.24 38.21
N GLU A 424 41.05 47.56 38.47
CA GLU A 424 42.24 48.41 38.77
C GLU A 424 42.89 47.99 40.10
N ARG A 425 42.09 47.61 41.11
CA ARG A 425 42.62 47.16 42.42
C ARG A 425 43.40 45.83 42.28
N ASP A 426 42.88 44.86 41.51
CA ASP A 426 43.29 43.43 41.61
C ASP A 426 44.13 42.93 40.42
N LYS A 427 44.50 43.79 39.46
CA LYS A 427 45.10 43.40 38.16
C LYS A 427 46.48 42.75 38.27
N ASN A 428 47.23 42.87 39.37
CA ASN A 428 48.60 42.29 39.45
C ASN A 428 48.66 40.86 40.07
N HIS A 429 47.56 40.26 40.57
CA HIS A 429 47.63 38.96 41.29
C HIS A 429 47.71 37.79 40.32
N PRO A 430 48.76 36.93 40.32
CA PRO A 430 48.77 35.78 39.43
C PRO A 430 47.66 34.73 39.66
N SER A 431 47.08 34.66 40.88
CA SER A 431 45.99 33.71 41.24
C SER A 431 44.72 33.97 40.41
N ILE A 432 44.46 35.21 40.00
CA ILE A 432 43.22 35.59 39.26
C ILE A 432 43.37 35.17 37.80
N ILE A 433 42.51 34.24 37.35
CA ILE A 433 42.50 33.68 35.96
C ILE A 433 41.29 34.18 35.17
N PHE A 434 40.16 34.50 35.82
CA PHE A 434 38.94 35.01 35.14
C PHE A 434 38.45 36.29 35.85
N TRP A 435 37.95 37.26 35.06
CA TRP A 435 37.12 38.40 35.53
C TRP A 435 35.67 38.03 35.33
N SER A 436 34.81 38.07 36.36
CA SER A 436 33.33 37.89 36.24
C SER A 436 32.63 39.26 36.37
N LEU A 437 31.67 39.58 35.50
CA LEU A 437 31.00 40.92 35.41
C LEU A 437 29.97 41.10 36.55
N GLY A 438 29.48 40.01 37.14
CA GLY A 438 28.42 40.06 38.15
C GLY A 438 27.63 38.77 38.19
N ASN A 439 26.41 38.81 38.70
CA ASN A 439 25.57 37.61 38.91
C ASN A 439 24.09 37.97 38.86
N GLU A 440 23.33 37.32 37.98
CA GLU A 440 21.83 37.34 37.93
C GLU A 440 21.31 38.78 37.87
N ALA A 441 21.86 39.59 36.95
CA ALA A 441 21.61 41.05 36.85
C ALA A 441 21.07 41.42 35.46
N GLY A 442 20.55 40.46 34.71
CA GLY A 442 20.01 40.68 33.35
C GLY A 442 21.12 40.90 32.32
N ASP A 443 20.74 41.18 31.08
CA ASP A 443 21.68 41.38 29.95
C ASP A 443 21.33 42.70 29.25
N GLY A 444 22.34 43.41 28.77
CA GLY A 444 22.13 44.67 28.04
C GLY A 444 23.43 45.39 27.79
N VAL A 445 23.30 46.62 27.30
CA VAL A 445 24.41 47.46 26.79
C VAL A 445 25.32 47.87 27.95
N ASN A 446 24.78 48.01 29.17
CA ASN A 446 25.57 48.42 30.35
C ASN A 446 26.68 47.37 30.62
N PHE A 447 26.42 46.08 30.40
CA PHE A 447 27.46 45.02 30.58
C PHE A 447 28.36 44.94 29.34
N GLU A 448 27.76 44.93 28.14
CA GLU A 448 28.51 44.84 26.86
C GLU A 448 29.63 45.88 26.81
N LYS A 449 29.37 47.13 27.17
CA LYS A 449 30.37 48.22 27.11
C LYS A 449 31.47 48.04 28.15
N ALA A 450 31.14 47.64 29.39
CA ALA A 450 32.15 47.41 30.45
C ALA A 450 33.07 46.24 30.07
N ALA A 451 32.52 45.20 29.42
CA ALA A 451 33.28 43.98 29.03
C ALA A 451 34.27 44.31 27.90
N LEU A 452 33.91 45.16 26.95
CA LEU A 452 34.86 45.61 25.87
C LEU A 452 35.96 46.51 26.45
N TRP A 453 35.70 47.30 27.49
CA TRP A 453 36.73 48.10 28.21
C TRP A 453 37.76 47.17 28.89
N ILE A 454 37.33 46.09 29.56
CA ILE A 454 38.28 45.18 30.28
C ILE A 454 39.27 44.62 29.27
N LYS A 455 38.78 44.11 28.13
CA LYS A 455 39.60 43.34 27.16
C LYS A 455 40.68 44.24 26.54
N LYS A 456 40.38 45.53 26.30
CA LYS A 456 41.37 46.50 25.77
C LYS A 456 42.35 46.95 26.85
N ARG A 457 42.02 46.80 28.14
CA ARG A 457 42.89 47.18 29.29
C ARG A 457 43.83 46.02 29.65
N ASP A 458 43.29 44.79 29.72
CA ASP A 458 43.99 43.56 30.18
C ASP A 458 43.68 42.42 29.19
N ASN A 459 44.66 41.99 28.40
CA ASN A 459 44.51 40.85 27.46
C ASN A 459 45.02 39.53 28.06
N THR A 460 45.29 39.43 29.38
CA THR A 460 45.91 38.24 30.02
C THR A 460 44.90 37.36 30.79
N ARG A 461 43.61 37.73 30.87
CA ARG A 461 42.59 36.93 31.61
C ARG A 461 41.34 36.77 30.74
N LEU A 462 40.51 35.75 31.06
CA LEU A 462 39.25 35.47 30.34
C LEU A 462 38.07 36.16 31.05
N ILE A 463 37.03 36.50 30.30
CA ILE A 463 35.81 37.15 30.84
C ILE A 463 34.67 36.11 30.92
N HIS A 464 33.95 36.15 32.02
CA HIS A 464 32.83 35.24 32.36
C HIS A 464 31.61 36.10 32.75
N TYR A 465 30.41 35.77 32.29
CA TYR A 465 29.14 36.32 32.81
C TYR A 465 28.00 35.36 32.45
N GLU A 466 27.44 34.66 33.42
CA GLU A 466 26.33 33.69 33.20
C GLU A 466 25.02 34.40 32.82
N GLY A 467 24.83 35.66 33.22
CA GLY A 467 23.62 36.42 32.82
C GLY A 467 23.44 36.56 31.30
N THR A 468 24.51 36.51 30.50
CA THR A 468 24.41 36.59 29.01
C THR A 468 24.37 35.18 28.41
N THR A 469 25.19 34.21 28.86
CA THR A 469 25.25 32.86 28.21
C THR A 469 23.99 32.01 28.52
N ARG A 470 23.20 32.33 29.54
CA ARG A 470 21.91 31.64 29.78
C ARG A 470 20.91 31.91 28.65
N ARG A 471 21.09 32.97 27.85
CA ARG A 471 20.21 33.33 26.72
C ARG A 471 20.77 32.81 25.39
N GLY A 472 21.94 32.16 25.42
CA GLY A 472 22.67 31.65 24.23
C GLY A 472 24.07 32.24 24.11
N GLU A 473 24.72 32.04 22.97
CA GLU A 473 26.07 32.57 22.63
C GLU A 473 26.09 34.10 22.80
N SER A 474 27.20 34.64 23.29
CA SER A 474 27.42 36.09 23.47
C SER A 474 28.84 36.47 23.03
N TYR A 475 28.99 37.53 22.24
CA TYR A 475 30.29 37.88 21.62
C TYR A 475 31.26 38.46 22.66
N TYR A 476 30.80 38.98 23.81
CA TYR A 476 31.66 39.75 24.74
C TYR A 476 32.20 38.90 25.91
N VAL A 477 31.96 37.59 25.96
CA VAL A 477 32.58 36.69 26.97
C VAL A 477 33.45 35.65 26.25
N ASP A 478 34.44 35.09 26.95
CA ASP A 478 35.39 34.05 26.45
C ASP A 478 34.96 32.63 26.86
N VAL A 479 34.11 32.46 27.87
CA VAL A 479 33.74 31.16 28.49
C VAL A 479 32.22 31.02 28.42
N PHE A 480 31.72 29.84 28.07
CA PHE A 480 30.29 29.49 28.11
C PHE A 480 29.97 28.95 29.52
N SER A 481 29.11 29.64 30.27
CA SER A 481 28.81 29.34 31.69
C SER A 481 27.30 29.18 31.89
N LEU A 482 26.88 28.15 32.64
CA LEU A 482 25.47 27.90 33.05
C LEU A 482 25.44 27.53 34.53
N MET A 483 24.29 27.69 35.16
CA MET A 483 24.04 27.42 36.60
C MET A 483 23.14 26.17 36.69
N TYR A 484 23.53 25.19 37.49
CA TYR A 484 22.76 23.94 37.75
C TYR A 484 22.28 23.26 36.48
N PRO A 485 23.08 23.10 35.40
CA PRO A 485 22.60 22.37 34.22
C PRO A 485 22.45 20.85 34.45
N LYS A 486 21.45 20.21 33.86
CA LYS A 486 21.30 18.73 33.88
C LYS A 486 22.30 18.08 32.89
N MET A 487 22.50 16.77 33.05
CA MET A 487 23.52 15.98 32.30
C MET A 487 23.30 16.08 30.78
N ASP A 488 22.07 16.05 30.31
CA ASP A 488 21.77 16.10 28.86
C ASP A 488 22.30 17.41 28.24
N ILE A 489 22.33 18.53 28.99
CA ILE A 489 22.87 19.85 28.52
C ILE A 489 24.36 19.72 28.25
N LEU A 490 25.13 19.10 29.16
CA LEU A 490 26.59 18.89 28.99
C LEU A 490 26.85 18.00 27.78
N LEU A 491 26.07 16.91 27.61
CA LEU A 491 26.31 15.93 26.52
C LEU A 491 25.95 16.59 25.17
N GLU A 492 24.94 17.46 25.15
CA GLU A 492 24.60 18.23 23.91
C GLU A 492 25.74 19.21 23.54
N TYR A 493 26.29 20.01 24.48
CA TYR A 493 27.39 20.98 24.19
C TYR A 493 28.60 20.25 23.58
N ALA A 494 28.95 19.09 24.15
CA ALA A 494 30.11 18.26 23.72
C ALA A 494 29.88 17.56 22.36
N SER A 495 28.66 17.52 21.82
CA SER A 495 28.29 16.76 20.60
C SER A 495 28.60 17.47 19.27
N LYS A 496 29.08 18.72 19.29
CA LYS A 496 29.46 19.49 18.07
C LYS A 496 30.76 20.26 18.33
N LYS A 497 31.39 20.81 17.29
CA LYS A 497 32.61 21.63 17.42
C LYS A 497 32.24 22.96 18.12
N ARG A 498 33.06 23.40 19.06
CA ARG A 498 32.82 24.64 19.84
C ARG A 498 34.11 25.44 19.86
N GLU A 499 34.02 26.77 19.91
CA GLU A 499 35.19 27.67 20.05
C GLU A 499 35.48 27.99 21.53
N LYS A 500 34.51 27.77 22.43
CA LYS A 500 34.64 28.20 23.85
C LYS A 500 34.46 27.01 24.78
N PRO A 501 35.23 26.94 25.89
CA PRO A 501 35.03 25.91 26.91
C PRO A 501 33.78 26.14 27.78
N PHE A 502 33.18 25.05 28.26
CA PHE A 502 31.95 25.03 29.10
C PHE A 502 32.37 24.95 30.57
N ILE A 503 31.92 25.89 31.42
CA ILE A 503 32.22 25.92 32.89
C ILE A 503 30.88 26.03 33.65
N MET A 504 30.71 25.30 34.75
CA MET A 504 29.49 25.44 35.60
C MET A 504 29.84 26.39 36.75
N CYS A 505 29.43 27.65 36.68
CA CYS A 505 29.72 28.66 37.74
C CYS A 505 29.03 28.27 39.07
N GLU A 506 27.92 27.54 39.03
CA GLU A 506 27.31 26.92 40.25
C GLU A 506 26.74 25.55 39.88
N TYR A 507 27.02 24.50 40.66
CA TYR A 507 26.38 23.17 40.45
C TYR A 507 26.33 22.44 41.79
N ALA A 508 25.65 21.29 41.86
CA ALA A 508 25.57 20.41 43.06
C ALA A 508 25.21 21.23 44.32
N HIS A 509 24.02 21.81 44.36
CA HIS A 509 23.51 22.68 45.46
C HIS A 509 23.61 21.91 46.79
N ALA A 510 24.41 22.37 47.76
CA ALA A 510 24.71 21.61 49.00
C ALA A 510 23.82 22.01 50.19
N MET A 511 22.60 22.48 49.95
CA MET A 511 21.60 22.84 51.02
C MET A 511 21.16 21.59 51.81
N GLY A 512 21.42 21.56 53.13
CA GLY A 512 21.04 20.41 53.99
C GLY A 512 21.91 19.18 53.72
N ASN A 513 21.31 17.99 53.73
CA ASN A 513 21.93 16.67 53.46
C ASN A 513 21.86 16.43 51.94
N SER A 514 22.95 16.62 51.18
CA SER A 514 22.88 16.82 49.71
C SER A 514 24.18 16.38 48.99
N VAL A 515 24.42 16.86 47.77
CA VAL A 515 25.63 16.56 46.93
C VAL A 515 25.56 15.08 46.50
N GLY A 516 24.40 14.67 45.98
CA GLY A 516 24.20 13.39 45.27
C GLY A 516 24.72 13.44 43.84
N ASN A 517 25.03 12.26 43.28
CA ASN A 517 25.48 12.05 41.88
C ASN A 517 26.66 12.98 41.50
N LEU A 518 27.59 13.30 42.42
CA LEU A 518 28.81 14.13 42.08
C LEU A 518 29.72 13.37 41.12
N LYS A 519 29.95 12.07 41.35
CA LYS A 519 30.83 11.24 40.49
C LYS A 519 30.25 11.14 39.07
N ASP A 520 28.94 11.17 38.88
CA ASP A 520 28.31 11.05 37.54
C ASP A 520 28.64 12.31 36.68
N TYR A 521 28.65 13.53 37.25
CA TYR A 521 29.08 14.77 36.55
C TYR A 521 30.55 14.62 36.10
N TRP A 522 31.43 14.17 37.00
CA TRP A 522 32.88 14.09 36.71
C TRP A 522 33.23 12.90 35.79
N ASP A 523 32.41 11.84 35.70
CA ASP A 523 32.61 10.80 34.67
C ASP A 523 32.31 11.40 33.27
N VAL A 524 31.34 12.30 33.14
CA VAL A 524 31.10 12.99 31.84
C VAL A 524 32.18 14.05 31.53
N ILE A 525 32.57 14.89 32.47
CA ILE A 525 33.56 16.00 32.26
C ILE A 525 34.91 15.45 31.77
N GLU A 526 35.37 14.31 32.29
CA GLU A 526 36.70 13.71 32.01
C GLU A 526 36.69 12.86 30.73
N LYS A 527 35.54 12.58 30.13
CA LYS A 527 35.40 11.70 28.92
C LYS A 527 35.14 12.51 27.63
N TYR A 528 34.45 13.66 27.69
CA TYR A 528 33.94 14.41 26.51
C TYR A 528 34.70 15.72 26.34
N PRO A 529 34.89 16.21 25.08
CA PRO A 529 35.63 17.46 24.83
C PRO A 529 34.86 18.74 25.22
N TYR A 530 35.59 19.83 25.48
CA TYR A 530 35.09 21.21 25.74
C TYR A 530 34.53 21.38 27.17
N LEU A 531 34.52 20.35 28.03
CA LEU A 531 33.95 20.42 29.40
C LEU A 531 35.13 20.57 30.36
N HIS A 532 35.19 21.69 31.11
CA HIS A 532 36.40 22.02 31.92
C HIS A 532 36.10 22.21 33.41
N GLY A 533 34.94 21.78 33.93
CA GLY A 533 34.70 21.68 35.38
C GLY A 533 33.72 22.72 35.89
N GLY A 534 33.88 23.19 37.12
CA GLY A 534 32.84 24.03 37.78
C GLY A 534 33.08 24.28 39.26
N CYS A 535 32.22 25.09 39.87
CA CYS A 535 32.26 25.51 41.28
C CYS A 535 30.99 25.04 42.03
N ILE A 536 31.15 24.24 43.07
CA ILE A 536 30.05 23.76 43.97
C ILE A 536 29.46 24.97 44.71
N TRP A 537 28.13 25.02 44.83
CA TRP A 537 27.39 26.04 45.64
C TRP A 537 26.96 25.40 46.95
N ASP A 538 27.58 25.70 48.12
CA ASP A 538 28.71 26.61 48.32
C ASP A 538 29.53 26.15 49.53
N TRP A 539 30.48 26.96 50.00
CA TRP A 539 31.48 26.57 51.01
C TRP A 539 30.87 26.52 52.43
N VAL A 540 30.39 27.65 52.96
CA VAL A 540 30.03 27.80 54.40
C VAL A 540 28.55 28.20 54.58
N ASP A 541 27.83 27.48 55.44
CA ASP A 541 26.46 27.84 55.94
C ASP A 541 26.49 29.23 56.60
N GLN A 542 25.66 30.19 56.14
CA GLN A 542 25.51 31.54 56.74
C GLN A 542 24.53 31.47 57.94
N GLY A 543 24.91 30.78 59.00
CA GLY A 543 24.17 30.70 60.27
C GLY A 543 24.81 31.60 61.31
N ILE A 544 24.00 32.38 62.02
CA ILE A 544 24.48 33.36 63.05
C ILE A 544 24.37 32.67 64.42
N ARG A 545 25.45 32.67 65.20
CA ARG A 545 25.47 32.11 66.56
C ARG A 545 24.53 32.91 67.45
N LYS A 546 23.56 32.25 68.09
CA LYS A 546 22.54 32.85 69.00
C LYS A 546 22.30 31.92 70.19
N LYS A 547 21.72 32.45 71.28
CA LYS A 547 21.33 31.69 72.50
C LYS A 547 19.81 31.71 72.65
N ASP A 548 19.23 30.57 73.04
CA ASP A 548 17.77 30.41 73.29
C ASP A 548 17.45 30.81 74.74
N GLU A 549 16.24 30.50 75.21
CA GLU A 549 15.70 30.93 76.54
C GLU A 549 16.50 30.25 77.66
N ASN A 550 16.79 28.95 77.50
CA ASN A 550 17.52 28.11 78.49
C ASN A 550 19.02 28.42 78.42
N GLY A 551 19.49 29.05 77.34
CA GLY A 551 20.88 29.51 77.16
C GLY A 551 21.76 28.46 76.51
N ARG A 552 21.18 27.60 75.67
CA ARG A 552 21.92 26.61 74.84
C ARG A 552 22.05 27.18 73.43
N GLU A 553 23.27 27.12 72.87
CA GLU A 553 23.64 27.74 71.57
C GLU A 553 22.92 27.02 70.42
N PHE A 554 22.47 27.78 69.43
CA PHE A 554 22.03 27.25 68.12
C PHE A 554 22.48 28.19 66.99
N TRP A 555 22.42 27.68 65.77
CA TRP A 555 22.69 28.44 64.51
C TRP A 555 21.37 29.00 64.01
N ALA A 556 21.26 30.33 63.91
CA ALA A 556 20.03 31.07 63.56
C ALA A 556 19.98 31.31 62.06
N TYR A 557 18.79 31.33 61.48
CA TYR A 557 18.55 31.63 60.05
C TYR A 557 17.31 32.53 59.92
N GLY A 558 16.91 32.85 58.69
CA GLY A 558 15.78 33.75 58.39
C GLY A 558 14.59 33.52 59.31
N GLY A 559 14.08 34.58 59.93
CA GLY A 559 12.87 34.55 60.79
C GLY A 559 13.18 34.24 62.25
N ASP A 560 14.47 34.25 62.64
CA ASP A 560 14.92 34.06 64.05
C ASP A 560 15.35 35.40 64.67
N PHE A 561 14.98 36.53 64.05
CA PHE A 561 15.24 37.91 64.54
C PHE A 561 13.98 38.78 64.37
N GLY A 562 12.80 38.16 64.32
CA GLY A 562 11.51 38.83 64.03
C GLY A 562 11.51 39.54 62.68
N ASP A 563 12.41 39.17 61.77
CA ASP A 563 12.62 39.85 60.45
C ASP A 563 11.58 39.30 59.47
N THR A 564 10.79 40.18 58.86
CA THR A 564 9.65 39.84 57.94
C THR A 564 9.58 40.89 56.83
N PRO A 565 9.52 40.50 55.53
CA PRO A 565 9.54 39.11 55.09
C PRO A 565 10.94 38.48 55.16
N ASN A 566 11.00 37.14 55.19
CA ASN A 566 12.27 36.36 55.23
C ASN A 566 12.14 35.12 54.34
N ASP A 567 13.27 34.50 54.00
CA ASP A 567 13.33 33.27 53.16
C ASP A 567 13.90 32.09 53.97
N GLY A 568 13.70 32.08 55.30
CA GLY A 568 13.90 30.90 56.18
C GLY A 568 15.33 30.37 56.12
N ASN A 569 15.53 29.09 55.77
CA ASN A 569 16.87 28.43 55.80
C ASN A 569 17.50 28.36 54.40
N PHE A 570 17.07 29.19 53.44
CA PHE A 570 17.64 29.20 52.07
CA PHE A 570 17.64 29.20 52.07
C PHE A 570 19.01 29.89 52.03
N CYS A 571 19.50 30.39 53.18
CA CYS A 571 20.89 30.92 53.32
C CYS A 571 21.83 29.83 53.86
N ILE A 572 21.33 28.62 54.15
CA ILE A 572 22.11 27.48 54.73
C ILE A 572 22.38 26.47 53.60
N ASN A 573 23.47 26.66 52.85
CA ASN A 573 23.77 25.94 51.57
C ASN A 573 25.19 25.33 51.55
N GLY A 574 25.84 25.18 52.71
CA GLY A 574 27.26 24.83 52.81
C GLY A 574 27.60 23.34 52.81
N VAL A 575 28.89 23.07 52.56
CA VAL A 575 29.62 21.79 52.75
C VAL A 575 30.39 21.82 54.06
N VAL A 576 30.51 22.97 54.73
CA VAL A 576 30.98 23.06 56.16
C VAL A 576 29.98 23.89 56.97
N LEU A 577 29.84 23.59 58.27
CA LEU A 577 28.97 24.34 59.24
C LEU A 577 29.58 25.70 59.52
N PRO A 578 28.84 26.67 60.11
CA PRO A 578 29.33 28.04 60.24
C PRO A 578 30.70 28.19 60.92
N ASP A 579 31.06 27.30 61.85
CA ASP A 579 32.37 27.32 62.58
C ASP A 579 33.45 26.50 61.84
N ARG A 580 33.20 26.05 60.61
CA ARG A 580 34.18 25.37 59.70
C ARG A 580 34.35 23.88 60.08
N THR A 581 33.40 23.29 60.82
CA THR A 581 33.26 21.82 61.02
C THR A 581 32.74 21.19 59.72
N PRO A 582 33.45 20.20 59.12
CA PRO A 582 32.98 19.57 57.88
C PRO A 582 31.65 18.81 57.96
N GLU A 583 30.79 18.95 56.97
CA GLU A 583 29.60 18.08 56.79
C GLU A 583 30.11 16.79 56.11
N PRO A 584 29.45 15.62 56.27
CA PRO A 584 29.86 14.38 55.60
C PRO A 584 30.04 14.46 54.08
N GLU A 585 29.28 15.31 53.40
CA GLU A 585 29.39 15.52 51.93
C GLU A 585 30.75 16.13 51.52
N LEU A 586 31.52 16.75 52.41
CA LEU A 586 32.90 17.24 52.08
C LEU A 586 33.86 16.05 51.85
N TYR A 587 33.62 14.87 52.45
CA TYR A 587 34.43 13.65 52.21
C TYR A 587 34.15 13.11 50.80
N GLU A 588 32.92 13.22 50.27
CA GLU A 588 32.64 12.85 48.85
C GLU A 588 33.38 13.81 47.89
N VAL A 589 33.37 15.12 48.14
CA VAL A 589 34.10 16.14 47.30
C VAL A 589 35.60 15.77 47.24
N LYS A 590 36.21 15.49 48.38
CA LYS A 590 37.65 15.13 48.40
C LYS A 590 37.94 13.90 47.50
N LYS A 591 37.09 12.85 47.55
CA LYS A 591 37.25 11.61 46.76
C LYS A 591 37.08 11.93 45.27
N VAL A 592 36.03 12.62 44.87
CA VAL A 592 35.77 12.92 43.44
C VAL A 592 36.84 13.88 42.86
N TYR A 593 37.39 14.81 43.65
CA TYR A 593 38.37 15.82 43.15
C TYR A 593 39.84 15.32 43.15
N GLN A 594 40.16 14.13 43.68
CA GLN A 594 41.56 13.58 43.76
C GLN A 594 42.22 13.51 42.36
N ASN A 595 43.54 13.66 42.29
CA ASN A 595 44.32 13.80 41.02
C ASN A 595 45.12 12.53 40.70
N VAL A 596 44.83 11.41 41.35
CA VAL A 596 45.37 10.06 40.97
C VAL A 596 44.18 9.15 40.66
N LYS A 597 44.20 8.45 39.53
CA LYS A 597 43.22 7.40 39.16
C LYS A 597 43.92 6.04 39.19
N ILE A 598 43.27 5.03 39.76
CA ILE A 598 43.82 3.64 39.92
C ILE A 598 42.80 2.66 39.36
N ARG A 599 43.22 1.81 38.40
CA ARG A 599 42.38 0.79 37.71
C ARG A 599 42.91 -0.62 38.04
N GLN A 600 42.01 -1.60 38.19
CA GLN A 600 42.35 -3.05 38.39
C GLN A 600 42.50 -3.69 37.02
N VAL A 601 43.71 -4.18 36.69
CA VAL A 601 43.97 -4.95 35.44
C VAL A 601 43.69 -6.42 35.74
N SER A 602 44.37 -6.96 36.76
CA SER A 602 44.14 -8.30 37.39
C SER A 602 44.17 -8.13 38.90
N LYS A 603 43.96 -9.21 39.66
CA LYS A 603 43.86 -9.16 41.15
C LYS A 603 45.19 -8.70 41.77
N ASP A 604 46.33 -8.95 41.10
CA ASP A 604 47.67 -8.56 41.62
C ASP A 604 48.28 -7.40 40.81
N THR A 605 47.62 -6.87 39.77
CA THR A 605 48.20 -5.84 38.86
C THR A 605 47.28 -4.61 38.73
N TYR A 606 47.79 -3.42 39.04
CA TYR A 606 47.03 -2.14 39.12
C TYR A 606 47.75 -1.08 38.26
N GLU A 607 46.99 -0.38 37.41
CA GLU A 607 47.48 0.75 36.59
C GLU A 607 47.20 2.08 37.33
N VAL A 608 48.24 2.86 37.60
CA VAL A 608 48.19 4.19 38.28
C VAL A 608 48.34 5.30 37.22
N GLU A 609 47.35 6.20 37.11
CA GLU A 609 47.35 7.39 36.19
C GLU A 609 47.52 8.69 36.98
N ASN A 610 48.59 9.45 36.68
CA ASN A 610 48.88 10.80 37.24
C ASN A 610 48.08 11.85 36.49
N ARG A 611 47.16 12.55 37.16
CA ARG A 611 46.31 13.62 36.56
C ARG A 611 46.70 15.00 37.11
N TYR A 612 47.77 15.14 37.88
CA TYR A 612 48.38 16.46 38.18
C TYR A 612 48.95 17.04 36.88
N LEU A 613 48.99 18.38 36.76
CA LEU A 613 49.50 19.10 35.56
C LEU A 613 51.04 19.23 35.63
N PHE A 614 51.61 19.51 36.79
CA PHE A 614 53.03 19.92 36.99
C PHE A 614 53.74 19.18 38.15
N THR A 615 53.22 18.04 38.64
CA THR A 615 53.77 17.28 39.79
C THR A 615 54.09 15.84 39.38
N ASN A 616 55.25 15.32 39.76
CA ASN A 616 55.65 13.89 39.58
C ASN A 616 55.13 13.09 40.79
N LEU A 617 54.57 11.89 40.59
CA LEU A 617 54.04 11.04 41.71
C LEU A 617 55.18 10.61 42.66
N GLU A 618 56.45 10.74 42.26
CA GLU A 618 57.63 10.45 43.13
C GLU A 618 57.65 11.36 44.37
N MET A 619 56.90 12.46 44.40
CA MET A 619 56.77 13.36 45.59
C MET A 619 55.95 12.71 46.73
N PHE A 620 55.18 11.65 46.45
CA PHE A 620 54.23 11.07 47.43
C PHE A 620 54.77 9.73 47.94
N ASP A 621 54.43 9.40 49.19
CA ASP A 621 54.59 8.04 49.78
C ASP A 621 53.39 7.16 49.42
N GLY A 622 53.62 6.09 48.68
CA GLY A 622 52.63 5.03 48.41
C GLY A 622 52.50 4.06 49.57
N ALA A 623 51.30 3.56 49.82
CA ALA A 623 51.08 2.40 50.74
C ALA A 623 49.95 1.52 50.21
N TRP A 624 50.01 0.21 50.43
CA TRP A 624 48.86 -0.70 50.20
C TRP A 624 48.59 -1.49 51.48
N LYS A 625 47.32 -1.89 51.69
CA LYS A 625 46.85 -2.64 52.88
C LYS A 625 45.84 -3.71 52.44
N ILE A 626 45.90 -4.90 53.02
CA ILE A 626 44.88 -5.96 52.81
C ILE A 626 44.11 -6.15 54.11
N ARG A 627 42.77 -6.12 54.03
CA ARG A 627 41.85 -6.33 55.18
C ARG A 627 41.11 -7.67 55.00
N LYS A 628 40.99 -8.42 56.09
CA LYS A 628 40.33 -9.76 56.19
C LYS A 628 39.15 -9.60 57.16
N ASP A 629 37.92 -9.75 56.67
CA ASP A 629 36.67 -9.42 57.41
C ASP A 629 36.82 -8.06 58.14
N GLY A 630 37.40 -7.07 57.46
CA GLY A 630 37.47 -5.68 57.92
C GLY A 630 38.68 -5.33 58.79
N GLU A 631 39.62 -6.25 59.05
CA GLU A 631 40.83 -5.99 59.91
C GLU A 631 42.13 -6.10 59.10
N VAL A 632 43.11 -5.21 59.36
CA VAL A 632 44.40 -5.15 58.59
C VAL A 632 45.24 -6.38 58.95
N ILE A 633 45.67 -7.15 57.94
CA ILE A 633 46.57 -8.34 58.09
C ILE A 633 47.92 -8.14 57.40
N GLU A 634 48.06 -7.18 56.48
CA GLU A 634 49.31 -6.91 55.73
C GLU A 634 49.33 -5.44 55.28
N GLU A 635 50.45 -4.75 55.48
CA GLU A 635 50.72 -3.35 55.05
C GLU A 635 52.10 -3.30 54.38
N LYS A 636 52.27 -2.48 53.35
CA LYS A 636 53.57 -2.30 52.64
C LYS A 636 53.65 -0.90 52.00
N THR A 637 54.79 -0.23 52.15
CA THR A 637 55.13 1.06 51.50
C THR A 637 55.77 0.81 50.14
N PHE A 638 55.64 1.77 49.21
CA PHE A 638 56.26 1.76 47.87
C PHE A 638 56.41 3.20 47.38
N LYS A 639 57.16 3.37 46.28
CA LYS A 639 57.32 4.65 45.55
C LYS A 639 57.21 4.33 44.06
N ILE A 640 56.53 5.19 43.31
CA ILE A 640 56.27 5.02 41.86
C ILE A 640 56.63 6.34 41.16
N PHE A 641 57.34 6.26 40.04
CA PHE A 641 57.79 7.41 39.20
C PHE A 641 56.82 7.52 38.03
N ALA A 642 56.05 8.61 37.97
CA ALA A 642 55.10 8.90 36.88
C ALA A 642 55.03 10.41 36.67
N GLU A 643 55.28 10.87 35.44
CA GLU A 643 55.20 12.29 35.04
C GLU A 643 53.74 12.64 34.78
N PRO A 644 53.37 13.94 34.76
CA PRO A 644 52.00 14.34 34.42
C PRO A 644 51.50 13.63 33.15
N GLY A 645 50.36 12.94 33.27
CA GLY A 645 49.70 12.23 32.17
C GLY A 645 50.09 10.75 32.05
N GLU A 646 51.18 10.31 32.68
CA GLU A 646 51.70 8.93 32.51
C GLU A 646 50.85 7.91 33.29
N LYS A 647 50.71 6.71 32.72
CA LYS A 647 50.16 5.48 33.34
C LYS A 647 51.32 4.53 33.67
N ARG A 648 51.40 4.02 34.91
CA ARG A 648 52.45 3.07 35.38
C ARG A 648 51.79 1.86 36.07
N LEU A 649 52.37 0.66 35.90
CA LEU A 649 51.84 -0.62 36.48
C LEU A 649 52.44 -0.83 37.87
N LEU A 650 51.61 -1.34 38.78
CA LEU A 650 51.98 -1.67 40.18
C LEU A 650 51.59 -3.13 40.45
N LYS A 651 52.56 -3.94 40.85
CA LYS A 651 52.43 -5.40 41.07
C LYS A 651 52.40 -5.64 42.57
N ILE A 652 51.35 -6.29 43.08
CA ILE A 652 51.14 -6.56 44.52
C ILE A 652 51.11 -8.08 44.72
N PRO A 653 52.10 -8.68 45.40
CA PRO A 653 52.05 -10.12 45.71
C PRO A 653 51.00 -10.46 46.78
N LEU A 654 50.03 -11.31 46.44
CA LEU A 654 48.89 -11.68 47.30
C LEU A 654 49.21 -12.90 48.15
N PRO A 655 48.70 -12.96 49.41
CA PRO A 655 48.82 -14.18 50.22
C PRO A 655 47.83 -15.27 49.78
N GLU A 656 48.02 -16.50 50.27
CA GLU A 656 46.97 -17.57 50.21
C GLU A 656 45.80 -17.12 51.10
N MET A 657 44.58 -17.37 50.64
CA MET A 657 43.35 -16.81 51.27
C MET A 657 42.48 -17.97 51.74
N ASP A 658 41.79 -17.77 52.87
CA ASP A 658 40.80 -18.71 53.46
C ASP A 658 39.39 -18.26 53.02
N ASP A 659 38.32 -18.67 53.73
CA ASP A 659 36.90 -18.43 53.35
C ASP A 659 36.38 -17.02 53.73
N SER A 660 37.19 -16.16 54.36
CA SER A 660 36.90 -14.74 54.66
C SER A 660 36.76 -13.88 53.38
N GLU A 661 36.21 -12.67 53.53
CA GLU A 661 36.18 -11.60 52.50
C GLU A 661 37.47 -10.76 52.55
N TYR A 662 38.13 -10.54 51.41
CA TYR A 662 39.42 -9.77 51.35
C TYR A 662 39.24 -8.49 50.50
N PHE A 663 39.61 -7.32 51.04
CA PHE A 663 39.63 -6.00 50.34
C PHE A 663 41.07 -5.45 50.30
N LEU A 664 41.50 -4.89 49.15
CA LEU A 664 42.78 -4.13 48.97
C LEU A 664 42.51 -2.62 48.98
N GLU A 665 43.27 -1.84 49.74
CA GLU A 665 43.28 -0.34 49.67
C GLU A 665 44.67 0.14 49.18
N ILE A 666 44.75 1.00 48.16
CA ILE A 666 45.99 1.69 47.69
C ILE A 666 45.85 3.19 47.94
N SER A 667 46.79 3.81 48.66
CA SER A 667 46.77 5.26 49.01
C SER A 667 48.10 5.95 48.68
N PHE A 668 48.04 7.28 48.53
CA PHE A 668 49.19 8.20 48.35
C PHE A 668 49.09 9.33 49.36
N SER A 669 50.17 9.61 50.06
CA SER A 669 50.26 10.65 51.14
C SER A 669 51.46 11.59 50.96
N LEU A 670 51.45 12.73 51.64
CA LEU A 670 52.56 13.72 51.63
C LEU A 670 53.81 13.11 52.29
N SER A 671 54.94 13.05 51.56
CA SER A 671 56.27 12.56 52.03
C SER A 671 56.79 13.44 53.17
N GLU A 672 56.58 14.76 53.08
CA GLU A 672 57.03 15.74 54.12
C GLU A 672 56.05 16.92 54.19
N ASP A 673 56.16 17.70 55.28
CA ASP A 673 55.27 18.86 55.59
C ASP A 673 55.22 19.82 54.40
N THR A 674 54.06 20.44 54.20
CA THR A 674 53.81 21.56 53.26
C THR A 674 53.30 22.76 54.06
N PRO A 675 53.18 23.96 53.47
CA PRO A 675 52.55 25.09 54.14
C PRO A 675 51.07 24.86 54.51
N TRP A 676 50.38 23.95 53.81
CA TRP A 676 48.93 23.74 53.99
C TRP A 676 48.61 22.44 54.75
N ALA A 677 49.56 21.53 54.96
CA ALA A 677 49.28 20.23 55.64
C ALA A 677 50.57 19.53 56.09
N GLU A 678 50.42 18.55 56.98
CA GLU A 678 51.52 17.81 57.65
C GLU A 678 51.83 16.51 56.89
N LYS A 679 53.05 16.00 57.09
CA LYS A 679 53.52 14.68 56.60
C LYS A 679 52.48 13.60 56.94
N GLY A 680 52.13 12.74 55.99
CA GLY A 680 51.16 11.65 56.18
C GLY A 680 49.72 11.98 55.77
N HIS A 681 49.40 13.23 55.45
CA HIS A 681 48.08 13.63 54.89
C HIS A 681 47.83 12.81 53.63
N VAL A 682 46.68 12.15 53.51
CA VAL A 682 46.32 11.36 52.30
C VAL A 682 45.74 12.31 51.24
N VAL A 683 46.22 12.24 49.99
CA VAL A 683 45.76 13.08 48.86
C VAL A 683 44.89 12.22 47.93
N ALA A 684 45.04 10.89 47.94
CA ALA A 684 44.30 10.01 47.01
C ALA A 684 44.31 8.57 47.54
N TRP A 685 43.21 7.84 47.35
CA TRP A 685 43.07 6.40 47.69
C TRP A 685 42.05 5.74 46.78
N GLU A 686 42.14 4.42 46.59
CA GLU A 686 41.11 3.57 45.93
C GLU A 686 41.09 2.17 46.59
N GLN A 687 39.93 1.50 46.57
CA GLN A 687 39.72 0.15 47.20
C GLN A 687 39.17 -0.81 46.16
N PHE A 688 39.47 -2.10 46.29
CA PHE A 688 39.07 -3.18 45.35
C PHE A 688 38.80 -4.47 46.16
N LEU A 689 37.73 -5.19 45.79
CA LEU A 689 37.46 -6.56 46.30
C LEU A 689 38.48 -7.54 45.71
N LEU A 690 39.22 -8.28 46.55
CA LEU A 690 40.15 -9.35 46.09
C LEU A 690 39.38 -10.69 46.02
N LYS A 691 38.63 -11.05 47.06
CA LYS A 691 37.91 -12.35 47.11
C LYS A 691 36.64 -12.23 47.94
N ALA A 692 35.53 -12.67 47.37
CA ALA A 692 34.21 -12.83 48.05
C ALA A 692 34.31 -13.95 49.08
N PRO A 693 33.53 -13.90 50.16
CA PRO A 693 33.60 -14.96 51.18
C PRO A 693 32.85 -16.24 50.73
N ALA A 694 33.10 -17.35 51.41
CA ALA A 694 32.34 -18.62 51.27
C ALA A 694 31.38 -18.72 52.46
N PHE A 695 30.08 -18.60 52.21
CA PHE A 695 29.04 -18.67 53.27
C PHE A 695 28.85 -20.11 53.74
N GLU A 696 28.66 -20.30 55.05
CA GLU A 696 28.41 -21.60 55.69
C GLU A 696 26.92 -21.69 56.06
N LYS A 697 26.31 -22.85 55.82
CA LYS A 697 24.89 -23.19 56.17
C LYS A 697 24.93 -24.38 57.12
N LYS A 698 24.50 -24.20 58.36
CA LYS A 698 24.56 -25.24 59.42
C LYS A 698 23.15 -25.80 59.69
N SER A 699 23.02 -27.13 59.78
CA SER A 699 21.79 -27.84 60.19
C SER A 699 21.58 -27.71 61.69
N ILE A 700 20.48 -27.09 62.12
CA ILE A 700 20.10 -26.97 63.55
C ILE A 700 19.26 -28.20 63.91
N SER A 701 19.60 -28.87 65.02
CA SER A 701 18.93 -30.10 65.52
C SER A 701 18.08 -29.82 66.77
N ASP A 702 18.37 -28.75 67.52
CA ASP A 702 17.67 -28.40 68.79
C ASP A 702 16.23 -27.94 68.50
N GLY A 703 15.36 -28.00 69.51
CA GLY A 703 13.91 -27.82 69.38
C GLY A 703 13.44 -26.44 69.80
N VAL A 704 12.20 -26.10 69.43
CA VAL A 704 11.52 -24.80 69.70
C VAL A 704 10.12 -25.12 70.23
N SER A 705 9.64 -24.40 71.25
CA SER A 705 8.30 -24.61 71.85
C SER A 705 7.39 -23.44 71.46
N LEU A 706 6.08 -23.68 71.53
CA LEU A 706 5.02 -22.74 71.07
C LEU A 706 3.83 -22.87 72.01
N ARG A 707 3.36 -21.75 72.59
CA ARG A 707 2.16 -21.65 73.47
C ARG A 707 1.23 -20.56 72.91
N GLU A 708 -0.03 -20.90 72.65
CA GLU A 708 -1.08 -19.98 72.18
C GLU A 708 -2.02 -19.66 73.36
N ASP A 709 -2.52 -18.43 73.42
CA ASP A 709 -3.67 -18.02 74.27
C ASP A 709 -4.57 -17.13 73.40
N GLY A 710 -5.42 -16.31 74.01
CA GLY A 710 -6.45 -15.51 73.30
C GLY A 710 -5.88 -14.31 72.56
N LYS A 711 -4.74 -13.77 73.01
CA LYS A 711 -4.15 -12.51 72.45
C LYS A 711 -2.71 -12.73 71.96
N HIS A 712 -1.97 -13.69 72.49
CA HIS A 712 -0.51 -13.86 72.25
C HIS A 712 -0.19 -15.26 71.73
N LEU A 713 0.80 -15.31 70.83
CA LEU A 713 1.61 -16.51 70.50
C LEU A 713 2.99 -16.30 71.12
N THR A 714 3.52 -17.27 71.88
CA THR A 714 4.83 -17.21 72.58
C THR A 714 5.73 -18.34 72.06
N VAL A 715 6.95 -18.02 71.60
CA VAL A 715 7.91 -19.01 71.01
C VAL A 715 9.18 -18.98 71.84
N GLU A 716 9.60 -20.13 72.39
CA GLU A 716 10.80 -20.23 73.26
C GLU A 716 11.87 -21.05 72.53
N ALA A 717 13.12 -20.57 72.58
CA ALA A 717 14.33 -21.23 72.03
C ALA A 717 15.53 -20.83 72.86
N LYS A 718 16.33 -21.81 73.32
CA LYS A 718 17.45 -21.59 74.27
C LYS A 718 16.93 -20.74 75.44
N ASP A 719 17.41 -19.50 75.60
CA ASP A 719 17.03 -18.62 76.73
C ASP A 719 16.45 -17.31 76.21
N THR A 720 15.81 -17.34 75.02
CA THR A 720 15.11 -16.18 74.42
C THR A 720 13.63 -16.57 74.22
N VAL A 721 12.73 -15.64 74.52
CA VAL A 721 11.26 -15.80 74.32
C VAL A 721 10.79 -14.68 73.39
N TYR A 722 10.14 -15.04 72.29
CA TYR A 722 9.59 -14.10 71.28
C TYR A 722 8.08 -14.04 71.46
N VAL A 723 7.51 -12.84 71.65
CA VAL A 723 6.04 -12.67 71.87
C VAL A 723 5.41 -11.96 70.67
N PHE A 724 4.45 -12.62 70.02
CA PHE A 724 3.69 -12.14 68.85
C PHE A 724 2.25 -11.85 69.27
N SER A 725 1.67 -10.78 68.76
CA SER A 725 0.26 -10.38 69.03
C SER A 725 -0.66 -10.89 67.91
N LYS A 726 -1.76 -11.58 68.26
CA LYS A 726 -2.76 -12.09 67.29
C LYS A 726 -3.71 -10.96 66.84
N LEU A 727 -3.76 -9.82 67.53
CA LEU A 727 -4.62 -8.67 67.17
C LEU A 727 -3.86 -7.69 66.27
N THR A 728 -2.56 -7.44 66.50
CA THR A 728 -1.74 -6.52 65.66
C THR A 728 -0.97 -7.28 64.57
N GLY A 729 -0.71 -8.57 64.75
CA GLY A 729 0.16 -9.35 63.86
C GLY A 729 1.65 -8.99 63.94
N LEU A 730 2.10 -8.24 64.96
CA LEU A 730 3.52 -7.75 65.08
C LEU A 730 4.29 -8.60 66.10
N LEU A 731 5.61 -8.65 65.98
CA LEU A 731 6.56 -9.04 67.08
C LEU A 731 6.63 -7.90 68.09
N GLU A 732 6.13 -8.13 69.32
CA GLU A 732 5.88 -7.07 70.33
C GLU A 732 6.95 -7.08 71.41
N GLN A 733 7.52 -8.23 71.77
CA GLN A 733 8.54 -8.28 72.86
C GLN A 733 9.51 -9.42 72.60
N ILE A 734 10.75 -9.22 73.04
CA ILE A 734 11.84 -10.24 73.09
C ILE A 734 12.36 -10.24 74.53
N LEU A 735 12.26 -11.38 75.22
CA LEU A 735 12.79 -11.56 76.60
C LEU A 735 14.02 -12.45 76.50
N HIS A 736 15.17 -11.94 76.89
CA HIS A 736 16.45 -12.69 76.95
C HIS A 736 16.84 -12.78 78.42
N ARG A 737 16.94 -13.99 78.98
CA ARG A 737 17.14 -14.25 80.44
C ARG A 737 16.24 -13.31 81.26
N ARG A 738 14.93 -13.28 80.94
CA ARG A 738 13.87 -12.51 81.65
C ARG A 738 14.09 -10.99 81.58
N LYS A 739 14.86 -10.49 80.59
CA LYS A 739 15.15 -9.04 80.40
C LYS A 739 14.51 -8.55 79.10
N LYS A 740 13.70 -7.48 79.15
CA LYS A 740 13.04 -6.88 77.97
C LYS A 740 14.07 -6.17 77.08
N ILE A 741 14.08 -6.51 75.78
CA ILE A 741 14.98 -5.94 74.74
C ILE A 741 14.24 -4.86 73.94
N LEU A 742 12.92 -4.99 73.71
CA LEU A 742 12.13 -4.04 72.89
C LEU A 742 11.39 -3.06 73.80
N LYS A 743 11.38 -1.77 73.43
CA LYS A 743 10.53 -0.71 74.05
C LYS A 743 9.31 -0.41 73.17
N SER A 744 9.31 -0.86 71.91
CA SER A 744 8.13 -0.79 71.00
C SER A 744 8.22 -1.91 69.97
N PRO A 745 7.10 -2.32 69.34
CA PRO A 745 7.10 -3.43 68.37
C PRO A 745 7.92 -3.21 67.09
N VAL A 746 8.32 -4.29 66.45
CA VAL A 746 8.96 -4.27 65.10
C VAL A 746 7.87 -4.00 64.05
N VAL A 747 7.94 -2.87 63.34
CA VAL A 747 6.94 -2.47 62.30
C VAL A 747 7.61 -2.27 60.96
N PRO A 748 6.96 -2.65 59.84
CA PRO A 748 7.39 -2.24 58.50
C PRO A 748 7.40 -0.70 58.34
N ASN A 749 8.39 -0.13 57.65
CA ASN A 749 8.56 1.36 57.55
C ASN A 749 8.94 1.75 56.12
N PHE A 750 8.27 2.77 55.57
CA PHE A 750 8.38 3.23 54.17
C PHE A 750 8.76 4.72 54.10
N TRP A 751 9.08 5.37 55.23
CA TRP A 751 9.23 6.84 55.28
C TRP A 751 10.66 7.25 55.66
N ARG A 752 11.11 8.40 55.15
CA ARG A 752 12.31 9.09 55.68
C ARG A 752 11.94 10.55 55.94
N VAL A 753 12.58 11.18 56.92
CA VAL A 753 12.33 12.60 57.33
C VAL A 753 12.79 13.51 56.20
N PRO A 754 11.91 14.33 55.57
CA PRO A 754 12.30 15.05 54.35
C PRO A 754 13.53 15.97 54.50
N THR A 755 14.45 15.86 53.53
CA THR A 755 15.61 16.77 53.34
C THR A 755 15.16 18.08 52.69
N ASP A 756 16.05 19.08 52.63
CA ASP A 756 15.77 20.37 51.92
C ASP A 756 15.51 20.08 50.43
N ASN A 757 16.20 19.13 49.79
CA ASN A 757 15.92 18.75 48.37
C ASN A 757 14.52 18.12 48.28
N ASP A 758 14.14 17.25 49.20
CA ASP A 758 12.78 16.60 49.21
C ASP A 758 11.70 17.70 49.29
N ILE A 759 11.84 18.68 50.18
CA ILE A 759 10.86 19.80 50.32
C ILE A 759 10.77 20.56 49.00
N GLY A 760 11.91 20.88 48.37
CA GLY A 760 11.93 21.63 47.11
C GLY A 760 11.25 20.91 45.95
N ASN A 761 11.21 19.57 45.93
CA ASN A 761 10.50 18.86 44.82
C ASN A 761 9.13 18.33 45.30
N ARG A 762 8.61 18.80 46.44
CA ARG A 762 7.25 18.48 46.97
C ARG A 762 7.08 16.99 47.29
N MET A 763 8.14 16.31 47.71
CA MET A 763 8.09 14.88 48.11
C MET A 763 7.08 14.69 49.24
N PRO A 764 6.96 15.55 50.26
CA PRO A 764 5.99 15.33 51.34
C PRO A 764 4.52 15.31 50.90
N GLN A 765 4.18 16.01 49.81
CA GLN A 765 2.80 16.01 49.24
C GLN A 765 2.64 14.80 48.30
N ARG A 766 3.48 14.70 47.26
CA ARG A 766 3.47 13.59 46.26
C ARG A 766 3.45 12.20 46.93
N LEU A 767 4.27 11.98 47.96
CA LEU A 767 4.56 10.63 48.52
C LEU A 767 3.88 10.49 49.90
N ALA A 768 2.89 11.34 50.22
CA ALA A 768 2.20 11.36 51.55
C ALA A 768 1.57 10.00 51.89
N ILE A 769 1.12 9.20 50.92
CA ILE A 769 0.49 7.88 51.18
C ILE A 769 1.49 6.93 51.87
N TRP A 770 2.80 7.03 51.59
CA TRP A 770 3.83 6.14 52.19
C TRP A 770 4.11 6.55 53.65
N LYS A 771 3.90 7.79 54.01
CA LYS A 771 3.97 8.20 55.44
C LYS A 771 2.81 7.58 56.23
N ARG A 772 1.60 7.57 55.67
CA ARG A 772 0.39 6.94 56.28
C ARG A 772 0.59 5.42 56.41
N ALA A 773 1.08 4.77 55.35
CA ALA A 773 1.34 3.32 55.31
C ALA A 773 2.40 2.92 56.35
N SER A 774 3.23 3.86 56.84
CA SER A 774 4.24 3.59 57.90
C SER A 774 3.62 3.57 59.30
N LYS A 775 2.44 4.18 59.49
CA LYS A 775 1.78 4.30 60.83
C LYS A 775 0.47 3.48 60.92
N GLU A 776 -0.25 3.22 59.84
CA GLU A 776 -1.53 2.47 59.85
C GLU A 776 -1.45 1.26 58.92
N ARG A 777 -2.09 0.17 59.32
CA ARG A 777 -2.15 -1.09 58.55
C ARG A 777 -3.34 -1.92 59.06
N LYS A 778 -3.84 -2.81 58.21
CA LYS A 778 -4.97 -3.73 58.50
C LYS A 778 -4.45 -5.17 58.42
N LEU A 779 -4.49 -5.91 59.52
CA LEU A 779 -4.13 -7.34 59.52
C LEU A 779 -5.26 -8.13 58.83
N PHE A 780 -4.97 -8.69 57.65
CA PHE A 780 -5.92 -9.49 56.83
C PHE A 780 -5.92 -10.94 57.30
N LYS A 781 -4.75 -11.50 57.65
CA LYS A 781 -4.59 -12.95 57.93
C LYS A 781 -3.31 -13.21 58.73
N MET A 782 -3.33 -14.19 59.63
CA MET A 782 -2.15 -14.58 60.42
C MET A 782 -2.16 -16.08 60.70
N HIS A 783 -1.08 -16.79 60.42
CA HIS A 783 -0.95 -18.24 60.74
C HIS A 783 0.49 -18.62 61.11
N TRP A 784 0.64 -19.78 61.75
CA TRP A 784 1.95 -20.35 62.18
C TRP A 784 2.04 -21.83 61.82
N LYS A 785 3.26 -22.33 61.70
CA LYS A 785 3.61 -23.72 61.28
C LYS A 785 4.87 -24.18 62.04
N LYS A 786 4.77 -25.26 62.79
CA LYS A 786 5.88 -25.85 63.58
C LYS A 786 6.48 -27.04 62.84
N GLU A 787 7.82 -27.12 62.78
CA GLU A 787 8.61 -28.31 62.39
C GLU A 787 9.44 -28.72 63.62
N GLU A 788 10.25 -29.76 63.49
CA GLU A 788 11.10 -30.32 64.58
C GLU A 788 12.09 -29.25 65.08
N ASN A 789 12.69 -28.44 64.19
CA ASN A 789 13.82 -27.54 64.54
C ASN A 789 13.45 -26.05 64.38
N ARG A 790 12.20 -25.68 64.05
CA ARG A 790 11.85 -24.27 63.80
C ARG A 790 10.34 -24.06 63.81
N VAL A 791 9.91 -22.82 64.07
CA VAL A 791 8.53 -22.29 63.94
C VAL A 791 8.56 -21.06 63.04
N SER A 792 7.63 -20.95 62.08
CA SER A 792 7.39 -19.76 61.25
C SER A 792 6.07 -19.09 61.65
N VAL A 793 6.06 -17.75 61.79
CA VAL A 793 4.86 -16.89 62.03
C VAL A 793 4.71 -15.94 60.84
N HIS A 794 3.61 -16.06 60.10
CA HIS A 794 3.30 -15.33 58.84
C HIS A 794 2.15 -14.35 59.07
N SER A 795 2.35 -13.06 58.79
CA SER A 795 1.31 -12.00 58.81
C SER A 795 1.13 -11.37 57.43
N VAL A 796 -0.11 -11.12 57.01
CA VAL A 796 -0.49 -10.47 55.72
C VAL A 796 -1.21 -9.17 56.07
N PHE A 797 -0.73 -8.04 55.57
CA PHE A 797 -1.35 -6.71 55.82
C PHE A 797 -1.77 -6.06 54.50
N GLN A 798 -2.82 -5.28 54.53
CA GLN A 798 -3.11 -4.32 53.44
C GLN A 798 -2.86 -2.93 54.02
N LEU A 799 -2.39 -2.01 53.19
CA LEU A 799 -1.91 -0.67 53.60
C LEU A 799 -2.74 0.43 52.95
N PRO A 800 -2.73 1.67 53.51
CA PRO A 800 -3.14 2.86 52.77
C PRO A 800 -2.50 2.94 51.38
N GLY A 801 -3.28 3.32 50.36
CA GLY A 801 -2.91 3.14 48.94
C GLY A 801 -3.25 1.77 48.37
N ASN A 802 -3.65 0.79 49.18
CA ASN A 802 -4.13 -0.56 48.75
C ASN A 802 -2.98 -1.50 48.36
N SER A 803 -1.74 -1.24 48.74
CA SER A 803 -0.59 -2.17 48.60
C SER A 803 -0.66 -3.30 49.62
N TRP A 804 0.00 -4.42 49.35
CA TRP A 804 0.07 -5.60 50.26
C TRP A 804 1.50 -5.75 50.81
N VAL A 805 1.64 -6.12 52.08
CA VAL A 805 2.96 -6.46 52.69
C VAL A 805 2.81 -7.76 53.49
N TYR A 806 3.73 -8.70 53.24
CA TYR A 806 3.85 -10.04 53.88
C TYR A 806 5.08 -10.03 54.79
N THR A 807 4.92 -10.33 56.10
CA THR A 807 6.05 -10.53 57.04
C THR A 807 6.09 -11.98 57.48
N THR A 808 7.28 -12.54 57.57
CA THR A 808 7.54 -13.93 58.05
C THR A 808 8.72 -13.91 59.00
N TYR A 809 8.53 -14.41 60.22
CA TYR A 809 9.55 -14.64 61.26
C TYR A 809 9.78 -16.15 61.43
N THR A 810 10.99 -16.65 61.24
CA THR A 810 11.30 -18.08 61.50
C THR A 810 12.29 -18.15 62.67
N VAL A 811 11.87 -18.74 63.79
CA VAL A 811 12.71 -18.93 65.01
C VAL A 811 13.30 -20.33 64.96
N PHE A 812 14.62 -20.45 65.05
CA PHE A 812 15.36 -21.73 65.10
C PHE A 812 15.75 -22.07 66.53
N GLY A 813 16.06 -23.36 66.75
CA GLY A 813 16.39 -23.97 68.06
C GLY A 813 17.68 -23.43 68.68
N ASN A 814 18.57 -22.82 67.89
CA ASN A 814 19.81 -22.13 68.34
C ASN A 814 19.55 -20.67 68.77
N GLY A 815 18.31 -20.16 68.70
CA GLY A 815 17.96 -18.78 69.07
C GLY A 815 18.02 -17.75 67.93
N ASP A 816 18.62 -18.05 66.77
CA ASP A 816 18.53 -17.20 65.55
C ASP A 816 17.05 -16.97 65.15
N VAL A 817 16.72 -15.77 64.65
CA VAL A 817 15.42 -15.46 63.98
C VAL A 817 15.73 -14.93 62.57
N LEU A 818 15.16 -15.53 61.53
CA LEU A 818 15.13 -14.98 60.16
C LEU A 818 13.90 -14.08 60.01
N VAL A 819 14.09 -12.87 59.47
CA VAL A 819 13.03 -11.85 59.30
C VAL A 819 12.91 -11.57 57.80
N ASP A 820 11.72 -11.77 57.19
CA ASP A 820 11.50 -11.61 55.73
C ASP A 820 10.33 -10.65 55.50
N LEU A 821 10.43 -9.83 54.46
CA LEU A 821 9.41 -8.86 54.00
C LEU A 821 9.26 -9.01 52.48
N SER A 822 8.03 -9.04 51.97
CA SER A 822 7.70 -8.84 50.53
C SER A 822 6.70 -7.69 50.46
N LEU A 823 6.92 -6.75 49.55
CA LEU A 823 6.01 -5.62 49.33
C LEU A 823 5.48 -5.76 47.90
N ILE A 824 4.16 -5.76 47.71
CA ILE A 824 3.47 -5.81 46.39
C ILE A 824 2.69 -4.51 46.21
N PRO A 825 3.25 -3.45 45.59
CA PRO A 825 2.55 -2.17 45.44
C PRO A 825 1.29 -2.28 44.55
N ALA A 826 0.27 -1.49 44.85
CA ALA A 826 -0.96 -1.33 44.04
C ALA A 826 -0.62 -0.59 42.74
N GLU A 827 -1.52 -0.63 41.76
CA GLU A 827 -1.25 -0.22 40.35
C GLU A 827 -1.09 1.30 40.20
N ASP A 828 -1.58 2.13 41.13
CA ASP A 828 -1.61 3.61 40.96
C ASP A 828 -0.90 4.34 42.11
N VAL A 829 0.02 3.68 42.84
CA VAL A 829 0.81 4.33 43.93
C VAL A 829 2.08 4.93 43.36
N PRO A 830 2.61 6.03 43.95
CA PRO A 830 3.89 6.60 43.50
C PRO A 830 5.14 5.90 44.07
N GLU A 831 6.33 6.34 43.69
CA GLU A 831 7.63 5.76 44.11
C GLU A 831 7.73 5.73 45.66
N ILE A 832 8.62 4.91 46.19
CA ILE A 832 8.69 4.60 47.64
C ILE A 832 9.95 5.27 48.23
N PRO A 833 9.84 6.03 49.35
CA PRO A 833 11.03 6.64 49.95
C PRO A 833 12.05 5.66 50.55
N ARG A 834 11.59 4.56 51.16
CA ARG A 834 12.45 3.59 51.89
C ARG A 834 11.72 2.24 51.96
N ILE A 835 12.44 1.13 52.07
CA ILE A 835 11.83 -0.19 52.41
C ILE A 835 12.59 -0.83 53.56
N GLY A 836 11.96 -1.02 54.73
CA GLY A 836 12.65 -1.64 55.88
C GLY A 836 11.75 -1.86 57.09
N PHE A 837 12.38 -2.06 58.23
CA PHE A 837 11.77 -2.28 59.55
C PHE A 837 12.33 -1.26 60.54
N GLN A 838 11.51 -0.84 61.50
CA GLN A 838 11.88 0.12 62.57
C GLN A 838 11.44 -0.47 63.92
N PHE A 839 12.30 -0.38 64.95
CA PHE A 839 11.94 -0.70 66.36
C PHE A 839 12.72 0.20 67.33
N THR A 840 12.45 0.07 68.64
CA THR A 840 13.13 0.81 69.73
C THR A 840 13.61 -0.14 70.84
N VAL A 841 14.82 0.13 71.36
CA VAL A 841 15.47 -0.61 72.48
C VAL A 841 15.78 0.40 73.58
N PRO A 842 16.04 -0.03 74.84
CA PRO A 842 16.40 0.88 75.94
C PRO A 842 17.77 1.58 75.74
N GLU A 843 17.93 2.79 76.28
CA GLU A 843 19.12 3.68 76.07
C GLU A 843 20.39 3.07 76.67
N GLU A 844 20.29 1.98 77.45
CA GLU A 844 21.45 1.19 77.94
C GLU A 844 22.23 0.57 76.78
N PHE A 845 21.62 0.36 75.61
CA PHE A 845 22.32 -0.01 74.36
C PHE A 845 22.98 1.23 73.77
N GLY A 846 24.21 1.54 74.22
CA GLY A 846 24.88 2.83 73.98
C GLY A 846 26.09 2.78 73.05
N THR A 847 26.51 1.59 72.62
CA THR A 847 27.70 1.38 71.75
C THR A 847 27.29 0.58 70.51
N VAL A 848 27.87 0.90 69.34
CA VAL A 848 27.58 0.20 68.05
C VAL A 848 28.90 -0.19 67.40
N GLU A 849 28.94 -1.39 66.81
CA GLU A 849 30.06 -1.91 66.00
C GLU A 849 29.48 -2.36 64.65
N TRP A 850 30.19 -2.19 63.54
CA TRP A 850 29.73 -2.65 62.21
C TRP A 850 30.89 -2.98 61.30
N TYR A 851 30.63 -3.86 60.31
CA TYR A 851 31.54 -4.18 59.17
C TYR A 851 30.82 -3.72 57.92
N GLY A 852 31.34 -2.67 57.25
CA GLY A 852 30.67 -2.01 56.12
C GLY A 852 31.37 -0.71 55.70
N ARG A 853 30.71 0.15 54.93
CA ARG A 853 31.28 1.47 54.52
C ARG A 853 31.28 2.40 55.73
N GLY A 854 32.35 3.18 55.90
CA GLY A 854 32.46 4.15 56.99
C GLY A 854 33.70 5.04 56.86
N PRO A 855 34.09 5.78 57.92
CA PRO A 855 33.36 5.82 59.19
C PRO A 855 32.12 6.72 59.25
N HIS A 856 31.92 7.57 58.25
CA HIS A 856 30.87 8.62 58.17
C HIS A 856 29.62 8.03 57.51
N GLU A 857 28.51 8.78 57.53
CA GLU A 857 27.24 8.38 56.86
C GLU A 857 27.43 8.34 55.33
N THR A 858 26.78 7.41 54.64
CA THR A 858 26.75 7.25 53.16
C THR A 858 25.33 6.92 52.69
N TYR A 859 24.98 7.31 51.45
CA TYR A 859 23.66 7.11 50.81
C TYR A 859 23.88 6.53 49.41
N TRP A 860 22.82 6.08 48.75
CA TRP A 860 22.85 5.32 47.47
C TRP A 860 23.60 6.11 46.39
N ASP A 861 23.40 7.43 46.29
CA ASP A 861 24.08 8.33 45.30
C ASP A 861 25.20 9.16 45.96
N ARG A 862 25.70 8.77 47.12
CA ARG A 862 26.84 9.47 47.78
C ARG A 862 27.54 8.49 48.72
N LYS A 863 28.32 7.57 48.17
CA LYS A 863 29.03 6.55 48.98
C LYS A 863 30.43 6.17 48.50
N GLU A 864 31.00 6.78 47.44
CA GLU A 864 32.39 6.43 46.97
C GLU A 864 33.42 6.68 48.07
N SER A 865 33.23 7.70 48.91
CA SER A 865 34.15 8.05 50.02
C SER A 865 34.08 7.04 51.18
N GLY A 866 33.15 6.08 51.18
CA GLY A 866 33.06 5.09 52.28
C GLY A 866 33.99 3.90 52.09
N LEU A 867 35.03 3.80 52.92
CA LEU A 867 36.02 2.69 52.95
C LEU A 867 35.42 1.46 53.71
N PHE A 868 35.50 0.27 53.13
CA PHE A 868 35.02 -1.00 53.78
C PHE A 868 35.97 -1.40 54.90
N ALA A 869 35.51 -1.44 56.16
CA ALA A 869 36.36 -1.87 57.30
C ALA A 869 35.48 -2.15 58.54
N ARG A 870 36.12 -2.49 59.66
CA ARG A 870 35.41 -2.66 60.96
C ARG A 870 35.50 -1.38 61.79
N TYR A 871 34.37 -0.83 62.25
CA TYR A 871 34.25 0.46 62.97
C TYR A 871 33.49 0.30 64.30
N ARG A 872 33.68 1.26 65.21
CA ARG A 872 33.09 1.28 66.57
C ARG A 872 32.80 2.73 67.00
N LYS A 873 31.58 3.04 67.44
CA LYS A 873 31.18 4.40 67.92
C LYS A 873 30.11 4.31 69.00
N ALA A 874 30.00 5.38 69.79
CA ALA A 874 28.88 5.64 70.72
C ALA A 874 27.67 6.11 69.89
N VAL A 875 26.46 5.78 70.33
CA VAL A 875 25.20 6.06 69.58
C VAL A 875 25.05 7.57 69.30
N GLY A 876 25.40 8.43 70.26
CA GLY A 876 25.30 9.89 70.13
C GLY A 876 26.15 10.48 69.01
N GLU A 877 27.19 9.79 68.54
CA GLU A 877 28.06 10.28 67.45
C GLU A 877 27.75 9.57 66.12
N MET A 878 26.62 8.86 66.02
CA MET A 878 26.16 8.15 64.81
C MET A 878 25.14 9.01 64.04
N MET A 879 25.09 10.33 64.29
CA MET A 879 24.22 11.27 63.54
C MET A 879 25.01 12.59 63.36
N HIS A 880 24.69 13.35 62.30
CA HIS A 880 25.26 14.69 62.06
C HIS A 880 24.22 15.74 62.43
N ARG A 881 24.64 16.83 63.07
CA ARG A 881 23.76 17.95 63.50
C ARG A 881 23.66 19.00 62.37
N TYR A 882 22.85 18.73 61.35
CA TYR A 882 22.45 19.70 60.30
C TYR A 882 21.77 20.90 60.99
N VAL A 883 22.03 22.14 60.51
CA VAL A 883 21.44 23.41 61.06
C VAL A 883 19.91 23.29 61.12
N ARG A 884 19.24 22.81 60.06
CA ARG A 884 17.83 22.34 60.13
C ARG A 884 17.79 20.81 60.17
N PRO A 885 17.39 20.18 61.29
CA PRO A 885 17.38 18.72 61.41
C PRO A 885 16.58 18.02 60.30
N GLN A 886 17.10 16.86 59.88
CA GLN A 886 16.76 16.15 58.61
C GLN A 886 17.19 14.69 58.73
N GLU A 887 16.81 13.86 57.76
CA GLU A 887 17.36 12.48 57.57
C GLU A 887 18.90 12.53 57.70
N THR A 888 19.47 11.65 58.50
CA THR A 888 20.91 11.58 58.82
C THR A 888 21.26 10.20 59.35
N GLY A 889 22.53 9.81 59.27
CA GLY A 889 23.09 8.68 60.05
C GLY A 889 23.11 7.32 59.32
N ASN A 890 22.63 7.24 58.07
CA ASN A 890 22.62 5.98 57.27
C ASN A 890 24.05 5.43 57.11
N ARG A 891 24.24 4.11 57.30
CA ARG A 891 25.46 3.35 56.91
C ARG A 891 25.07 2.37 55.80
N SER A 892 25.79 2.38 54.67
CA SER A 892 25.50 1.57 53.45
C SER A 892 26.39 0.32 53.34
N ASP A 893 25.89 -0.69 52.62
CA ASP A 893 26.58 -1.95 52.20
C ASP A 893 27.14 -2.67 53.43
N VAL A 894 26.35 -2.75 54.50
CA VAL A 894 26.75 -3.36 55.80
C VAL A 894 26.54 -4.89 55.78
N ARG A 895 27.59 -5.64 56.17
CA ARG A 895 27.56 -7.12 56.31
C ARG A 895 26.91 -7.48 57.66
N TRP A 896 27.27 -6.77 58.74
CA TRP A 896 26.72 -7.01 60.10
C TRP A 896 26.90 -5.76 60.95
N PHE A 897 26.04 -5.58 61.95
CA PHE A 897 26.17 -4.58 63.04
C PHE A 897 25.74 -5.23 64.36
N ALA A 898 26.21 -4.69 65.48
CA ALA A 898 25.88 -5.12 66.87
C ALA A 898 25.75 -3.92 67.81
N LEU A 899 24.66 -3.86 68.55
CA LEU A 899 24.42 -2.90 69.66
C LEU A 899 24.74 -3.63 70.97
N SER A 900 25.46 -2.98 71.89
CA SER A 900 25.93 -3.58 73.16
C SER A 900 25.47 -2.73 74.35
N ASP A 901 25.03 -3.36 75.44
CA ASP A 901 24.74 -2.71 76.74
C ASP A 901 25.80 -3.11 77.78
N GLY A 902 26.98 -3.58 77.33
CA GLY A 902 28.06 -4.07 78.20
C GLY A 902 28.06 -5.58 78.30
N GLU A 903 26.90 -6.20 78.58
CA GLU A 903 26.72 -7.65 78.78
C GLU A 903 26.07 -8.29 77.53
N THR A 904 24.88 -7.81 77.16
CA THR A 904 24.02 -8.36 76.07
C THR A 904 24.31 -7.63 74.75
N LYS A 905 24.42 -8.38 73.64
CA LYS A 905 24.61 -7.86 72.26
C LYS A 905 23.37 -8.18 71.42
N LEU A 906 22.78 -7.18 70.76
CA LEU A 906 21.80 -7.37 69.67
C LEU A 906 22.57 -7.36 68.34
N PHE A 907 22.68 -8.52 67.69
CA PHE A 907 23.43 -8.76 66.42
C PHE A 907 22.46 -8.87 65.24
N VAL A 908 22.74 -8.17 64.14
CA VAL A 908 21.99 -8.24 62.85
C VAL A 908 23.00 -8.52 61.73
N SER A 909 22.73 -9.48 60.85
CA SER A 909 23.55 -9.80 59.65
C SER A 909 22.70 -9.83 58.39
N GLY A 910 23.27 -9.38 57.28
CA GLY A 910 22.58 -9.23 55.99
C GLY A 910 22.60 -10.54 55.21
N MET A 911 21.76 -10.64 54.20
CA MET A 911 21.65 -11.84 53.34
C MET A 911 21.68 -11.39 51.88
N PRO A 912 22.81 -10.88 51.35
CA PRO A 912 24.05 -10.67 52.09
C PRO A 912 24.34 -9.29 52.71
N GLN A 913 23.54 -8.26 52.44
CA GLN A 913 23.81 -6.92 53.02
C GLN A 913 22.53 -6.17 53.40
N ILE A 914 22.68 -5.20 54.29
CA ILE A 914 21.63 -4.25 54.75
C ILE A 914 22.20 -2.83 54.76
N ASP A 915 21.33 -1.84 54.87
CA ASP A 915 21.65 -0.48 55.39
C ASP A 915 21.03 -0.36 56.80
N PHE A 916 21.60 0.47 57.66
CA PHE A 916 21.09 0.71 59.04
C PHE A 916 21.37 2.14 59.51
N SER A 917 20.66 2.54 60.56
CA SER A 917 20.94 3.76 61.35
C SER A 917 20.42 3.61 62.78
N VAL A 918 21.00 4.35 63.73
CA VAL A 918 20.61 4.35 65.18
C VAL A 918 20.49 5.80 65.65
N TRP A 919 19.35 6.21 66.21
CA TRP A 919 19.05 7.61 66.69
C TRP A 919 18.64 7.61 68.15
N PRO A 920 19.06 8.61 68.96
CA PRO A 920 18.59 8.75 70.34
C PRO A 920 17.27 9.51 70.53
N PHE A 921 16.33 9.38 69.59
CA PHE A 921 15.00 10.03 69.58
C PHE A 921 14.10 9.30 68.56
N SER A 922 12.84 9.71 68.38
CA SER A 922 11.87 9.11 67.42
C SER A 922 11.92 9.80 66.05
N MET A 923 11.44 9.13 65.01
CA MET A 923 11.26 9.71 63.64
C MET A 923 10.36 10.95 63.74
N GLU A 924 9.34 10.90 64.60
CA GLU A 924 8.38 12.01 64.85
C GLU A 924 9.09 13.23 65.47
N ASP A 925 9.97 13.02 66.46
CA ASP A 925 10.82 14.10 67.04
C ASP A 925 11.66 14.76 65.94
N LEU A 926 12.35 13.97 65.10
CA LEU A 926 13.29 14.50 64.07
C LEU A 926 12.52 15.36 63.06
N GLU A 927 11.29 14.96 62.69
CA GLU A 927 10.46 15.66 61.68
C GLU A 927 9.87 16.96 62.24
N ARG A 928 9.71 17.06 63.57
CA ARG A 928 9.02 18.19 64.25
C ARG A 928 9.98 19.39 64.45
N VAL A 929 11.17 19.16 65.00
CA VAL A 929 12.08 20.24 65.49
C VAL A 929 12.78 20.92 64.30
N GLN A 930 12.95 22.24 64.35
CA GLN A 930 13.53 23.06 63.24
C GLN A 930 14.88 23.68 63.65
N HIS A 931 15.38 23.39 64.86
CA HIS A 931 16.70 23.83 65.36
C HIS A 931 17.37 22.70 66.16
N ILE A 932 18.70 22.70 66.15
CA ILE A 932 19.58 21.66 66.79
C ILE A 932 19.33 21.63 68.30
N SER A 933 19.09 22.80 68.92
CA SER A 933 18.90 22.99 70.39
C SER A 933 17.62 22.30 70.90
N GLU A 934 16.60 22.15 70.05
CA GLU A 934 15.25 21.66 70.44
C GLU A 934 15.20 20.12 70.46
N LEU A 935 16.24 19.41 69.99
CA LEU A 935 16.27 17.92 69.93
C LEU A 935 16.17 17.36 71.35
N PRO A 936 15.04 16.68 71.72
CA PRO A 936 14.78 16.34 73.11
C PRO A 936 15.58 15.13 73.63
N GLU A 937 15.58 14.94 74.96
CA GLU A 937 16.20 13.80 75.67
C GLU A 937 15.20 12.63 75.72
N ARG A 938 15.64 11.42 75.39
CA ARG A 938 14.79 10.20 75.36
C ARG A 938 15.48 9.03 76.06
N ASP A 939 14.70 8.09 76.58
CA ASP A 939 15.18 6.89 77.32
C ASP A 939 15.18 5.65 76.40
N PHE A 940 15.25 5.83 75.07
CA PHE A 940 15.29 4.73 74.08
C PHE A 940 16.16 5.12 72.88
N VAL A 941 16.52 4.11 72.08
CA VAL A 941 17.26 4.24 70.80
C VAL A 941 16.34 3.70 69.69
N THR A 942 16.12 4.47 68.62
CA THR A 942 15.41 4.01 67.39
C THR A 942 16.41 3.27 66.49
N VAL A 943 16.07 2.06 66.02
CA VAL A 943 16.93 1.24 65.11
C VAL A 943 16.17 1.09 63.79
N ASN A 944 16.80 1.45 62.67
CA ASN A 944 16.31 1.22 61.28
C ASN A 944 17.18 0.15 60.60
N VAL A 945 16.56 -0.90 60.03
CA VAL A 945 17.21 -1.98 59.23
C VAL A 945 16.52 -1.97 57.87
N ASP A 946 17.25 -1.64 56.79
CA ASP A 946 16.67 -1.28 55.47
C ASP A 946 17.27 -2.13 54.35
N PHE A 947 16.43 -2.43 53.37
CA PHE A 947 16.82 -2.87 52.01
C PHE A 947 17.50 -1.69 51.31
N ARG A 948 16.81 -0.58 51.18
CA ARG A 948 17.37 0.63 50.52
C ARG A 948 16.51 1.86 50.85
N GLN A 949 17.09 3.02 50.62
CA GLN A 949 16.43 4.34 50.70
C GLN A 949 16.72 5.04 49.37
N MET A 950 15.83 5.90 48.89
CA MET A 950 16.08 6.64 47.62
C MET A 950 17.24 7.64 47.82
N GLY A 951 17.90 8.02 46.71
CA GLY A 951 19.03 8.97 46.74
C GLY A 951 18.64 10.34 47.30
N LEU A 952 19.65 11.15 47.60
CA LEU A 952 19.52 12.53 48.12
C LEU A 952 19.26 13.53 46.99
N GLY A 953 19.80 13.28 45.78
CA GLY A 953 19.74 14.22 44.66
C GLY A 953 20.54 15.49 44.92
N GLY A 954 20.06 16.63 44.42
CA GLY A 954 20.65 17.96 44.66
C GLY A 954 21.24 18.61 43.41
N ASP A 955 20.83 18.22 42.20
CA ASP A 955 21.14 18.99 40.95
C ASP A 955 20.71 20.45 41.15
N ASP A 956 19.54 20.67 41.77
CA ASP A 956 19.16 21.90 42.49
C ASP A 956 18.24 21.52 43.65
N SER A 957 17.72 22.50 44.39
CA SER A 957 16.85 22.30 45.58
C SER A 957 15.51 23.03 45.43
N TRP A 958 15.03 23.24 44.19
CA TRP A 958 13.71 23.88 43.89
C TRP A 958 13.02 23.15 42.74
N GLY A 959 13.09 21.81 42.69
CA GLY A 959 12.34 21.01 41.69
C GLY A 959 13.06 19.74 41.26
N ALA A 960 14.40 19.73 41.20
CA ALA A 960 15.16 18.57 40.70
C ALA A 960 14.90 17.34 41.59
N MET A 961 14.89 16.16 40.98
CA MET A 961 14.71 14.84 41.64
C MET A 961 16.06 14.14 41.65
N PRO A 962 16.20 13.05 42.44
CA PRO A 962 17.32 12.13 42.28
C PRO A 962 17.27 11.51 40.88
N HIS A 963 18.39 11.08 40.32
CA HIS A 963 18.45 10.42 38.99
C HIS A 963 17.64 9.10 39.00
N LEU A 964 17.18 8.67 37.84
CA LEU A 964 16.31 7.47 37.66
C LEU A 964 16.93 6.23 38.34
N GLU A 965 18.24 6.07 38.26
CA GLU A 965 18.91 4.86 38.79
C GLU A 965 19.01 4.89 40.32
N TYR A 966 18.56 5.94 41.02
CA TYR A 966 18.59 5.96 42.52
C TYR A 966 17.17 6.14 43.09
N ARG A 967 16.14 5.64 42.39
CA ARG A 967 14.73 5.68 42.85
C ARG A 967 14.18 4.26 42.98
N LEU A 968 13.25 4.06 43.93
CA LEU A 968 12.51 2.79 44.15
C LEU A 968 11.16 2.93 43.44
N LEU A 969 11.11 2.59 42.16
CA LEU A 969 9.87 2.66 41.35
C LEU A 969 8.93 1.55 41.81
N PRO A 970 7.59 1.75 41.78
CA PRO A 970 6.65 0.79 42.36
C PRO A 970 6.53 -0.51 41.54
N LYS A 971 7.29 -1.52 41.95
CA LYS A 971 7.25 -2.93 41.48
C LYS A 971 7.38 -3.80 42.72
N PRO A 972 7.16 -5.13 42.65
CA PRO A 972 7.39 -6.01 43.79
C PRO A 972 8.86 -6.05 44.29
N TYR A 973 9.06 -6.03 45.60
CA TYR A 973 10.39 -6.09 46.29
C TYR A 973 10.36 -7.13 47.42
N ARG A 974 11.50 -7.75 47.71
CA ARG A 974 11.69 -8.62 48.89
C ARG A 974 13.03 -8.29 49.56
N PHE A 975 13.21 -8.76 50.78
CA PHE A 975 14.32 -8.36 51.68
C PHE A 975 14.31 -9.28 52.90
N SER A 976 15.45 -9.79 53.34
CA SER A 976 15.55 -10.59 54.61
C SER A 976 16.85 -10.27 55.37
N PHE A 977 16.85 -10.53 56.67
CA PHE A 977 18.05 -10.44 57.56
C PHE A 977 17.91 -11.43 58.72
N ARG A 978 19.03 -11.74 59.38
CA ARG A 978 19.10 -12.62 60.58
C ARG A 978 19.38 -11.77 61.82
N MET A 979 18.70 -12.06 62.92
CA MET A 979 18.92 -11.36 64.22
C MET A 979 19.19 -12.42 65.29
N ARG A 980 20.12 -12.15 66.20
CA ARG A 980 20.45 -13.00 67.36
C ARG A 980 20.69 -12.12 68.59
N ILE A 981 20.16 -12.52 69.74
CA ILE A 981 20.42 -11.85 71.04
C ILE A 981 21.21 -12.82 71.93
N SER A 982 22.45 -12.48 72.24
CA SER A 982 23.41 -13.34 72.99
C SER A 982 24.40 -12.49 73.77
N GLU A 983 25.43 -13.13 74.36
CA GLU A 983 26.50 -12.48 75.16
C GLU A 983 27.76 -12.23 74.31
N GLU A 984 27.91 -12.89 73.16
CA GLU A 984 29.08 -12.74 72.24
C GLU A 984 28.60 -12.53 70.80
N ILE A 985 29.41 -11.86 69.98
CA ILE A 985 29.19 -11.61 68.52
C ILE A 985 29.44 -12.94 67.78
N PRO A 986 28.43 -13.58 67.17
CA PRO A 986 28.67 -14.78 66.35
C PRO A 986 29.30 -14.45 65.00
N SER A 987 29.58 -15.47 64.19
CA SER A 987 30.16 -15.33 62.82
C SER A 987 29.07 -14.90 61.86
N TRP A 988 29.24 -13.76 61.20
CA TRP A 988 28.29 -13.26 60.18
C TRP A 988 28.17 -14.23 59.00
N ARG A 989 29.19 -15.05 58.77
CA ARG A 989 29.30 -15.94 57.58
C ARG A 989 28.57 -17.29 57.78
N VAL A 990 28.07 -17.58 58.99
CA VAL A 990 27.39 -18.86 59.34
C VAL A 990 25.89 -18.60 59.55
N LEU A 991 25.04 -19.27 58.76
CA LEU A 991 23.55 -19.19 58.86
C LEU A 991 22.96 -20.59 59.07
N ALA A 992 21.70 -20.65 59.52
CA ALA A 992 20.89 -21.89 59.62
C ALA A 992 20.49 -22.34 58.20
N ALA A 993 20.60 -23.63 57.89
CA ALA A 993 20.18 -24.23 56.59
C ALA A 993 18.64 -24.28 56.50
N ILE A 994 18.09 -24.01 55.30
CA ILE A 994 16.63 -24.11 54.95
C ILE A 994 16.49 -24.71 53.55
N PRO A 995 15.34 -25.34 53.19
CA PRO A 995 15.08 -25.73 51.80
C PRO A 995 14.96 -24.50 50.89
N GLU A 996 15.40 -24.58 49.64
CA GLU A 996 15.57 -23.39 48.75
C GLU A 996 14.85 -23.54 47.40
N THR A 997 13.97 -24.54 47.20
CA THR A 997 13.40 -24.92 45.88
C THR A 997 11.90 -24.63 45.80
N LEU A 998 11.43 -24.12 44.64
CA LEU A 998 9.99 -23.94 44.32
C LEU A 998 9.44 -25.23 43.70
N HIS A 999 8.14 -25.47 43.85
CA HIS A 999 7.36 -26.54 43.16
C HIS A 999 6.67 -25.93 41.94
N VAL A 1000 6.93 -26.45 40.74
CA VAL A 1000 6.45 -25.87 39.44
C VAL A 1000 5.61 -26.90 38.69
N GLU A 1001 4.57 -26.42 37.98
CA GLU A 1001 3.77 -27.19 36.99
C GLU A 1001 3.53 -26.33 35.76
N MET A 1002 3.83 -26.86 34.56
CA MET A 1002 3.58 -26.25 33.23
C MET A 1002 2.40 -27.00 32.60
N SER A 1003 1.54 -26.30 31.86
CA SER A 1003 0.38 -26.88 31.12
C SER A 1003 0.02 -26.04 29.90
N SER A 1004 -0.51 -26.67 28.87
CA SER A 1004 -1.01 -26.00 27.63
C SER A 1004 -1.91 -26.92 26.83
N GLU A 1005 -2.38 -26.44 25.67
CA GLU A 1005 -3.06 -27.25 24.62
C GLU A 1005 -2.03 -28.21 24.00
N ASP A 1006 -2.43 -29.46 23.72
CA ASP A 1006 -1.59 -30.45 23.00
C ASP A 1006 -1.52 -30.15 21.50
N VAL A 1007 -2.59 -29.63 20.91
CA VAL A 1007 -2.68 -29.40 19.43
C VAL A 1007 -3.40 -28.07 19.18
N ILE A 1008 -2.89 -27.26 18.24
CA ILE A 1008 -3.50 -25.98 17.77
C ILE A 1008 -3.48 -25.95 16.24
N ARG A 1009 -4.18 -24.96 15.66
CA ARG A 1009 -4.25 -24.70 14.21
C ARG A 1009 -3.26 -23.60 13.84
N GLU A 1010 -2.68 -23.66 12.64
CA GLU A 1010 -1.77 -22.61 12.11
C GLU A 1010 -2.54 -21.29 12.09
N GLY A 1011 -1.93 -20.22 12.63
CA GLY A 1011 -2.57 -18.90 12.80
C GLY A 1011 -3.09 -18.67 14.22
N ASP A 1012 -3.39 -19.74 14.99
CA ASP A 1012 -3.88 -19.64 16.39
C ASP A 1012 -2.71 -19.34 17.36
N THR A 1013 -3.05 -19.02 18.61
CA THR A 1013 -2.12 -18.65 19.71
C THR A 1013 -2.05 -19.78 20.73
N LEU A 1014 -0.85 -20.16 21.15
CA LEU A 1014 -0.65 -21.16 22.24
C LEU A 1014 -0.62 -20.39 23.57
N ARG A 1015 -1.41 -20.82 24.54
CA ARG A 1015 -1.40 -20.30 25.94
C ARG A 1015 -0.67 -21.29 26.85
N VAL A 1016 0.50 -20.90 27.38
CA VAL A 1016 1.27 -21.76 28.32
C VAL A 1016 1.05 -21.22 29.74
N LYS A 1017 0.48 -22.04 30.62
CA LYS A 1017 0.21 -21.68 32.04
C LYS A 1017 1.29 -22.29 32.94
N PHE A 1018 1.77 -21.52 33.91
CA PHE A 1018 2.76 -21.94 34.95
C PHE A 1018 2.24 -21.62 36.33
N SER A 1019 2.26 -22.60 37.23
CA SER A 1019 2.02 -22.42 38.70
C SER A 1019 3.37 -22.56 39.41
N LEU A 1020 3.67 -21.66 40.35
CA LEU A 1020 4.87 -21.72 41.22
C LEU A 1020 4.39 -21.67 42.67
N LEU A 1021 4.75 -22.67 43.47
CA LEU A 1021 4.38 -22.74 44.91
C LEU A 1021 5.64 -22.59 45.77
N ASN A 1022 5.65 -21.62 46.68
CA ASN A 1022 6.75 -21.40 47.67
C ASN A 1022 6.30 -21.95 49.03
N ASP A 1023 6.89 -23.05 49.48
CA ASP A 1023 6.62 -23.67 50.80
C ASP A 1023 7.81 -23.48 51.75
N THR A 1024 8.75 -22.59 51.41
CA THR A 1024 9.97 -22.27 52.21
C THR A 1024 9.63 -21.09 53.11
N PRO A 1025 10.46 -20.79 54.14
CA PRO A 1025 10.27 -19.58 54.93
C PRO A 1025 10.81 -18.23 54.39
N LEU A 1026 11.44 -18.18 53.21
CA LEU A 1026 11.90 -16.90 52.59
C LEU A 1026 11.14 -16.60 51.28
N SER A 1027 10.88 -15.32 51.01
CA SER A 1027 10.40 -14.81 49.69
C SER A 1027 11.44 -15.18 48.63
N LYS A 1028 10.98 -15.55 47.43
CA LYS A 1028 11.84 -15.87 46.27
C LYS A 1028 11.58 -14.87 45.14
N GLU A 1029 12.66 -14.33 44.57
CA GLU A 1029 12.68 -13.58 43.30
C GLU A 1029 13.19 -14.54 42.21
N LYS A 1030 12.45 -14.67 41.10
CA LYS A 1030 12.78 -15.65 40.02
C LYS A 1030 12.57 -15.00 38.63
N GLN A 1031 13.49 -15.22 37.69
CA GLN A 1031 13.28 -14.92 36.25
C GLN A 1031 12.74 -16.21 35.59
N VAL A 1032 11.48 -16.23 35.15
CA VAL A 1032 10.88 -17.39 34.43
C VAL A 1032 11.07 -17.17 32.92
N VAL A 1033 11.94 -17.96 32.28
CA VAL A 1033 12.26 -17.85 30.82
C VAL A 1033 11.55 -18.96 30.04
N LEU A 1034 10.83 -18.61 28.95
CA LEU A 1034 10.19 -19.59 28.04
C LEU A 1034 11.04 -19.75 26.77
N PHE A 1035 11.45 -20.99 26.44
CA PHE A 1035 12.18 -21.34 25.19
C PHE A 1035 11.23 -22.06 24.23
N VAL A 1036 11.34 -21.75 22.94
CA VAL A 1036 10.60 -22.37 21.81
C VAL A 1036 11.66 -22.84 20.82
N ASP A 1037 11.79 -24.17 20.65
CA ASP A 1037 12.77 -24.81 19.73
C ASP A 1037 14.20 -24.38 20.06
N GLY A 1038 14.53 -24.27 21.36
CA GLY A 1038 15.89 -23.97 21.84
C GLY A 1038 16.20 -22.48 21.94
N ASN A 1039 15.37 -21.59 21.36
CA ASN A 1039 15.63 -20.13 21.32
C ASN A 1039 14.80 -19.41 22.39
N GLU A 1040 15.40 -18.44 23.10
CA GLU A 1040 14.71 -17.62 24.14
C GLU A 1040 13.55 -16.92 23.47
N TYR A 1041 12.33 -17.01 24.01
CA TYR A 1041 11.12 -16.42 23.43
C TYR A 1041 10.55 -15.29 24.31
N SER A 1042 10.48 -15.49 25.62
CA SER A 1042 9.88 -14.51 26.57
C SER A 1042 10.43 -14.72 27.98
N VAL A 1043 10.31 -13.70 28.85
CA VAL A 1043 10.78 -13.76 30.26
C VAL A 1043 9.84 -12.93 31.15
N ARG A 1044 9.54 -13.43 32.35
CA ARG A 1044 8.77 -12.72 33.40
C ARG A 1044 9.55 -12.74 34.72
N ARG A 1045 9.67 -11.58 35.38
CA ARG A 1045 10.19 -11.47 36.77
C ARG A 1045 9.04 -11.74 37.76
N VAL A 1046 9.22 -12.61 38.74
CA VAL A 1046 8.17 -12.90 39.78
C VAL A 1046 8.79 -12.80 41.17
N VAL A 1047 8.05 -12.24 42.14
CA VAL A 1047 8.34 -12.29 43.60
C VAL A 1047 7.25 -13.13 44.26
N ILE A 1048 7.61 -14.25 44.91
CA ILE A 1048 6.64 -15.21 45.51
C ILE A 1048 6.86 -15.21 47.02
N PRO A 1049 5.94 -14.59 47.79
CA PRO A 1049 6.03 -14.61 49.25
C PRO A 1049 5.91 -16.04 49.79
N PRO A 1050 6.39 -16.30 51.03
CA PRO A 1050 6.24 -17.62 51.65
C PRO A 1050 4.78 -18.07 51.72
N PHE A 1051 4.55 -19.38 51.60
CA PHE A 1051 3.22 -20.03 51.73
C PHE A 1051 2.25 -19.45 50.69
N LYS A 1052 2.73 -19.18 49.47
CA LYS A 1052 1.87 -18.59 48.40
C LYS A 1052 2.12 -19.30 47.06
N LYS A 1053 1.09 -19.30 46.20
CA LYS A 1053 1.14 -19.81 44.81
C LYS A 1053 0.90 -18.64 43.85
N GLU A 1054 1.77 -18.49 42.84
CA GLU A 1054 1.61 -17.51 41.74
C GLU A 1054 1.30 -18.27 40.45
N GLU A 1055 0.45 -17.69 39.59
CA GLU A 1055 0.08 -18.24 38.26
C GLU A 1055 0.50 -17.24 37.18
N LEU A 1056 1.17 -17.72 36.14
CA LEU A 1056 1.57 -16.92 34.93
C LEU A 1056 0.92 -17.54 33.71
N VAL A 1057 0.65 -16.73 32.68
CA VAL A 1057 0.28 -17.18 31.32
C VAL A 1057 1.24 -16.50 30.35
N PHE A 1058 1.87 -17.27 29.46
CA PHE A 1058 2.60 -16.78 28.27
C PHE A 1058 1.75 -17.06 27.02
N LYS A 1059 1.68 -16.10 26.10
CA LYS A 1059 1.05 -16.23 24.76
C LYS A 1059 2.16 -16.42 23.73
N VAL A 1060 2.14 -17.53 22.99
CA VAL A 1060 3.14 -17.83 21.94
C VAL A 1060 2.45 -17.72 20.57
N GLU A 1061 2.98 -16.84 19.69
CA GLU A 1061 2.46 -16.51 18.34
C GLU A 1061 3.44 -17.02 17.27
N GLY A 1062 2.93 -17.29 16.07
CA GLY A 1062 3.74 -17.48 14.85
C GLY A 1062 4.27 -18.90 14.65
N LEU A 1063 3.71 -19.90 15.34
CA LEU A 1063 4.13 -21.32 15.21
C LEU A 1063 3.56 -21.89 13.89
N LYS A 1064 4.43 -22.36 13.00
CA LYS A 1064 4.08 -22.96 11.69
C LYS A 1064 3.82 -24.47 11.87
N LYS A 1065 3.26 -25.11 10.85
CA LYS A 1065 2.87 -26.55 10.85
C LYS A 1065 4.05 -27.42 11.31
N GLY A 1066 3.76 -28.46 12.08
CA GLY A 1066 4.75 -29.44 12.58
C GLY A 1066 4.70 -29.61 14.09
N GLU A 1067 5.79 -30.12 14.67
CA GLU A 1067 5.93 -30.34 16.13
C GLU A 1067 7.02 -29.40 16.66
N HIS A 1068 6.84 -28.90 17.88
CA HIS A 1068 7.69 -27.86 18.51
C HIS A 1068 7.95 -28.22 19.98
N LEU A 1069 9.18 -28.06 20.44
CA LEU A 1069 9.56 -28.20 21.87
C LEU A 1069 9.33 -26.86 22.58
N ILE A 1070 8.58 -26.88 23.68
CA ILE A 1070 8.40 -25.75 24.65
C ILE A 1070 9.11 -26.16 25.94
N HIS A 1071 10.04 -25.36 26.46
CA HIS A 1071 10.71 -25.67 27.74
C HIS A 1071 11.06 -24.39 28.50
N THR A 1072 11.36 -24.52 29.79
CA THR A 1072 11.78 -23.41 30.69
C THR A 1072 13.11 -23.68 31.37
N ASN A 1073 13.64 -22.65 32.03
CA ASN A 1073 14.81 -22.72 32.95
C ASN A 1073 14.45 -23.39 34.29
N LEU A 1074 13.22 -23.84 34.52
CA LEU A 1074 12.77 -24.51 35.78
C LEU A 1074 12.47 -26.01 35.55
N ASN A 1075 13.07 -26.65 34.54
CA ASN A 1075 13.02 -28.12 34.34
C ASN A 1075 11.60 -28.60 33.98
N THR A 1076 10.88 -27.89 33.12
CA THR A 1076 9.58 -28.33 32.52
C THR A 1076 9.74 -28.35 31.00
N ARG A 1077 9.19 -29.37 30.34
CA ARG A 1077 9.39 -29.62 28.88
C ARG A 1077 8.14 -30.28 28.30
N LYS A 1078 7.72 -29.89 27.09
CA LYS A 1078 6.51 -30.45 26.42
C LYS A 1078 6.69 -30.36 24.91
N THR A 1079 6.21 -31.37 24.16
CA THR A 1079 6.01 -31.30 22.69
C THR A 1079 4.60 -30.76 22.40
N ILE A 1080 4.47 -29.85 21.44
CA ILE A 1080 3.19 -29.25 20.95
C ILE A 1080 3.06 -29.53 19.45
N TYR A 1081 1.86 -29.87 18.94
CA TYR A 1081 1.62 -30.20 17.51
C TYR A 1081 0.79 -29.08 16.88
N VAL A 1082 1.26 -28.53 15.78
CA VAL A 1082 0.53 -27.47 15.01
C VAL A 1082 -0.08 -28.15 13.78
N ARG A 1083 -1.39 -28.41 13.82
CA ARG A 1083 -2.20 -28.93 12.67
C ARG A 1083 -2.18 -27.91 11.53
N PRO B 1 -7.47 -47.23 -66.92
CA PRO B 1 -8.31 -46.83 -65.76
C PRO B 1 -9.80 -47.16 -65.95
N TYR B 2 -10.44 -47.75 -64.92
CA TYR B 2 -11.88 -48.09 -64.90
C TYR B 2 -12.70 -46.82 -64.63
N GLU B 3 -13.81 -46.65 -65.36
CA GLU B 3 -14.71 -45.47 -65.26
C GLU B 3 -15.30 -45.35 -63.84
N TRP B 4 -15.39 -46.46 -63.11
CA TRP B 4 -15.89 -46.52 -61.71
C TRP B 4 -14.75 -46.33 -60.70
N GLU B 5 -13.57 -45.89 -61.14
CA GLU B 5 -12.45 -45.45 -60.25
C GLU B 5 -11.93 -44.07 -60.67
N ASN B 6 -12.69 -43.31 -61.45
CA ASN B 6 -12.20 -42.03 -62.04
C ASN B 6 -13.12 -40.88 -61.60
N PRO B 7 -12.75 -40.09 -60.55
CA PRO B 7 -13.60 -39.00 -60.07
C PRO B 7 -13.90 -37.88 -61.08
N GLN B 8 -13.11 -37.75 -62.15
CA GLN B 8 -13.24 -36.66 -63.15
C GLN B 8 -14.30 -37.00 -64.21
N LEU B 9 -14.75 -38.26 -64.28
CA LEU B 9 -15.85 -38.71 -65.19
C LEU B 9 -17.11 -38.94 -64.35
N VAL B 10 -18.07 -38.02 -64.44
CA VAL B 10 -19.30 -37.98 -63.58
C VAL B 10 -20.43 -38.77 -64.26
N SER B 11 -20.45 -38.82 -65.59
CA SER B 11 -21.42 -39.60 -66.40
C SER B 11 -20.99 -39.63 -67.87
N GLU B 12 -21.74 -40.36 -68.70
CA GLU B 12 -21.56 -40.40 -70.18
C GLU B 12 -22.87 -40.83 -70.85
N GLY B 13 -23.26 -40.12 -71.91
CA GLY B 13 -24.44 -40.44 -72.73
C GLY B 13 -25.76 -39.96 -72.14
N THR B 14 -25.75 -39.18 -71.05
CA THR B 14 -26.98 -38.71 -70.35
C THR B 14 -27.41 -37.33 -70.88
N GLU B 15 -28.71 -37.05 -70.80
CA GLU B 15 -29.31 -35.72 -71.10
C GLU B 15 -28.96 -34.72 -69.99
N LYS B 16 -29.12 -33.43 -70.25
CA LYS B 16 -28.95 -32.33 -69.26
C LYS B 16 -30.11 -32.38 -68.25
N SER B 17 -29.83 -32.03 -67.00
CA SER B 17 -30.82 -31.90 -65.89
C SER B 17 -31.97 -30.98 -66.30
N HIS B 18 -33.18 -31.27 -65.85
CA HIS B 18 -34.35 -30.36 -65.95
C HIS B 18 -35.29 -30.60 -64.78
N ALA B 19 -36.32 -29.76 -64.65
CA ALA B 19 -37.34 -29.84 -63.59
C ALA B 19 -38.21 -31.08 -63.79
N SER B 20 -38.70 -31.67 -62.70
CA SER B 20 -39.62 -32.85 -62.71
C SER B 20 -40.94 -32.45 -63.37
N PHE B 21 -41.42 -33.24 -64.34
CA PHE B 21 -42.81 -33.15 -64.87
C PHE B 21 -43.59 -34.46 -64.69
N ILE B 22 -42.91 -35.59 -64.42
CA ILE B 22 -43.53 -36.95 -64.31
C ILE B 22 -43.06 -37.58 -63.01
N PRO B 23 -43.95 -38.09 -62.13
CA PRO B 23 -45.40 -37.92 -62.25
C PRO B 23 -45.83 -36.50 -61.84
N TYR B 24 -47.07 -36.14 -62.12
CA TYR B 24 -47.69 -34.82 -61.76
C TYR B 24 -48.79 -35.04 -60.71
N LEU B 25 -48.75 -34.29 -59.60
CA LEU B 25 -49.83 -34.31 -58.58
C LEU B 25 -50.83 -33.20 -58.88
N ASP B 26 -52.09 -33.59 -59.12
CA ASP B 26 -53.21 -32.64 -59.34
C ASP B 26 -53.67 -32.11 -57.99
N PRO B 27 -53.54 -30.80 -57.69
CA PRO B 27 -53.91 -30.28 -56.38
C PRO B 27 -55.42 -30.16 -56.11
N PHE B 28 -56.27 -30.36 -57.12
CA PHE B 28 -57.76 -30.27 -56.99
C PHE B 28 -58.33 -31.64 -56.57
N SER B 29 -57.77 -32.73 -57.10
CA SER B 29 -58.22 -34.14 -56.86
C SER B 29 -57.28 -34.88 -55.90
N GLY B 30 -56.00 -34.52 -55.87
CA GLY B 30 -54.96 -35.23 -55.10
C GLY B 30 -54.52 -36.53 -55.78
N GLU B 31 -54.72 -36.65 -57.08
CA GLU B 31 -54.43 -37.88 -57.88
C GLU B 31 -53.17 -37.66 -58.73
N TRP B 32 -52.35 -38.71 -58.86
CA TRP B 32 -51.13 -38.74 -59.71
C TRP B 32 -51.54 -38.92 -61.17
N GLU B 33 -50.85 -38.24 -62.09
CA GLU B 33 -51.15 -38.20 -63.56
C GLU B 33 -49.88 -38.46 -64.35
N TYR B 34 -49.99 -39.24 -65.43
CA TYR B 34 -48.85 -39.66 -66.31
C TYR B 34 -49.14 -39.19 -67.73
N PRO B 35 -48.11 -39.06 -68.60
CA PRO B 35 -48.32 -38.73 -70.00
C PRO B 35 -49.04 -39.85 -70.76
N GLU B 36 -49.60 -39.55 -71.93
CA GLU B 36 -50.30 -40.51 -72.82
C GLU B 36 -49.29 -41.54 -73.36
N GLU B 37 -48.14 -41.07 -73.87
CA GLU B 37 -47.05 -41.92 -74.41
C GLU B 37 -46.09 -42.27 -73.27
N PHE B 38 -46.45 -43.28 -72.45
CA PHE B 38 -45.72 -43.68 -71.21
C PHE B 38 -45.76 -45.21 -71.08
N ILE B 39 -44.59 -45.84 -70.86
CA ILE B 39 -44.44 -47.29 -70.57
C ILE B 39 -43.64 -47.45 -69.26
N SER B 40 -44.28 -47.97 -68.21
CA SER B 40 -43.63 -48.37 -66.93
C SER B 40 -42.75 -49.60 -67.16
N LEU B 41 -41.54 -49.58 -66.62
CA LEU B 41 -40.59 -50.72 -66.60
C LEU B 41 -40.47 -51.27 -65.17
N ASN B 42 -41.39 -50.90 -64.27
CA ASN B 42 -41.50 -51.53 -62.92
C ASN B 42 -42.06 -52.95 -63.10
N GLY B 43 -41.67 -53.88 -62.23
CA GLY B 43 -42.10 -55.28 -62.26
C GLY B 43 -40.92 -56.23 -62.23
N ASN B 44 -41.04 -57.41 -62.86
CA ASN B 44 -40.01 -58.48 -62.83
C ASN B 44 -38.98 -58.26 -63.94
N TRP B 45 -37.70 -58.36 -63.57
CA TRP B 45 -36.52 -58.43 -64.47
C TRP B 45 -35.76 -59.71 -64.14
N ARG B 46 -35.12 -60.32 -65.13
CA ARG B 46 -34.15 -61.42 -64.91
C ARG B 46 -32.91 -60.83 -64.24
N PHE B 47 -32.39 -61.49 -63.20
CA PHE B 47 -31.34 -60.96 -62.30
C PHE B 47 -30.24 -62.00 -62.08
N LEU B 48 -29.00 -61.55 -61.98
CA LEU B 48 -27.79 -62.36 -61.71
C LEU B 48 -26.90 -61.62 -60.71
N PHE B 49 -26.59 -62.25 -59.57
CA PHE B 49 -25.75 -61.70 -58.48
C PHE B 49 -24.35 -62.31 -58.55
N ALA B 50 -23.32 -61.46 -58.50
CA ALA B 50 -21.88 -61.84 -58.52
C ALA B 50 -21.15 -61.10 -57.39
N LYS B 51 -20.06 -61.70 -56.90
CA LYS B 51 -19.27 -61.22 -55.73
C LYS B 51 -18.41 -60.01 -56.12
N ASN B 52 -18.10 -59.85 -57.42
CA ASN B 52 -17.34 -58.69 -57.96
C ASN B 52 -17.62 -58.59 -59.46
N PRO B 53 -17.19 -57.51 -60.16
CA PRO B 53 -17.51 -57.35 -61.57
C PRO B 53 -16.84 -58.37 -62.51
N PHE B 54 -15.76 -59.02 -62.07
CA PHE B 54 -14.92 -59.94 -62.89
C PHE B 54 -15.45 -61.37 -62.84
N GLU B 55 -16.39 -61.68 -61.94
CA GLU B 55 -17.04 -63.02 -61.82
C GLU B 55 -18.39 -63.03 -62.55
N VAL B 56 -18.60 -62.09 -63.48
CA VAL B 56 -19.82 -62.02 -64.34
C VAL B 56 -19.57 -62.87 -65.59
N PRO B 57 -20.56 -63.63 -66.11
CA PRO B 57 -20.38 -64.38 -67.35
C PRO B 57 -20.18 -63.44 -68.55
N GLU B 58 -19.28 -63.81 -69.46
CA GLU B 58 -18.86 -62.95 -70.62
C GLU B 58 -20.01 -62.91 -71.63
N ASP B 59 -20.22 -61.74 -72.25
CA ASP B 59 -21.23 -61.49 -73.32
C ASP B 59 -22.65 -61.44 -72.72
N PHE B 60 -22.79 -61.08 -71.43
CA PHE B 60 -24.09 -61.06 -70.69
C PHE B 60 -25.06 -60.05 -71.30
N PHE B 61 -24.56 -59.07 -72.06
CA PHE B 61 -25.32 -57.89 -72.58
C PHE B 61 -25.85 -58.11 -74.01
N SER B 62 -25.49 -59.22 -74.67
CA SER B 62 -25.88 -59.53 -76.07
C SER B 62 -27.29 -60.11 -76.13
N GLU B 63 -27.95 -59.98 -77.27
CA GLU B 63 -29.34 -60.48 -77.52
C GLU B 63 -29.35 -62.01 -77.54
N LYS B 64 -28.30 -62.61 -78.12
CA LYS B 64 -28.15 -64.08 -78.31
C LYS B 64 -28.00 -64.80 -76.96
N PHE B 65 -27.38 -64.16 -75.95
CA PHE B 65 -27.10 -64.72 -74.60
C PHE B 65 -28.39 -65.33 -74.02
N ASP B 66 -28.26 -66.48 -73.33
CA ASP B 66 -29.38 -67.23 -72.72
C ASP B 66 -29.41 -66.98 -71.21
N ASP B 67 -30.53 -66.43 -70.70
CA ASP B 67 -30.73 -66.04 -69.29
C ASP B 67 -31.93 -66.77 -68.69
N SER B 68 -32.38 -67.87 -69.31
CA SER B 68 -33.61 -68.61 -68.94
C SER B 68 -33.44 -69.35 -67.60
N ASN B 69 -32.21 -69.49 -67.09
CA ASN B 69 -31.91 -70.10 -65.78
C ASN B 69 -31.62 -69.03 -64.70
N TRP B 70 -31.70 -67.74 -65.03
CA TRP B 70 -31.51 -66.61 -64.08
C TRP B 70 -32.71 -66.51 -63.12
N ASP B 71 -32.47 -66.04 -61.89
CA ASP B 71 -33.53 -65.68 -60.90
C ASP B 71 -34.26 -64.43 -61.39
N GLU B 72 -35.49 -64.22 -60.92
CA GLU B 72 -36.33 -63.01 -61.19
C GLU B 72 -36.36 -62.11 -59.95
N ILE B 73 -36.05 -60.82 -60.10
CA ILE B 73 -36.13 -59.78 -59.03
C ILE B 73 -37.17 -58.72 -59.42
N GLU B 74 -37.89 -58.19 -58.43
CA GLU B 74 -38.89 -57.11 -58.61
C GLU B 74 -38.18 -55.75 -58.54
N VAL B 75 -38.48 -54.86 -59.49
CA VAL B 75 -37.99 -53.45 -59.54
C VAL B 75 -39.18 -52.56 -59.19
N PRO B 76 -39.03 -51.53 -58.32
CA PRO B 76 -37.78 -51.20 -57.65
C PRO B 76 -37.51 -51.94 -56.32
N SER B 77 -36.24 -52.13 -55.97
CA SER B 77 -35.84 -52.75 -54.68
C SER B 77 -34.36 -52.54 -54.40
N ASN B 78 -33.96 -52.74 -53.14
CA ASN B 78 -32.57 -52.98 -52.71
C ASN B 78 -32.41 -54.50 -52.60
N TRP B 79 -31.33 -55.08 -53.14
CA TRP B 79 -31.21 -56.56 -53.27
C TRP B 79 -30.79 -57.18 -51.94
N GLU B 80 -30.21 -56.41 -51.02
CA GLU B 80 -29.93 -56.86 -49.62
C GLU B 80 -31.24 -57.19 -48.90
N MET B 81 -32.36 -56.55 -49.27
CA MET B 81 -33.70 -56.80 -48.69
C MET B 81 -34.46 -57.89 -49.47
N LYS B 82 -33.86 -58.48 -50.51
CA LYS B 82 -34.44 -59.59 -51.31
C LYS B 82 -33.67 -60.91 -51.12
N GLY B 83 -32.54 -60.93 -50.40
CA GLY B 83 -31.81 -62.15 -50.03
C GLY B 83 -30.34 -62.16 -50.44
N TYR B 84 -29.90 -61.29 -51.34
CA TYR B 84 -28.55 -61.30 -51.93
C TYR B 84 -27.61 -60.42 -51.12
N GLY B 85 -26.38 -60.87 -50.85
CA GLY B 85 -25.40 -60.14 -50.04
C GLY B 85 -25.94 -59.84 -48.65
N LYS B 86 -25.29 -58.94 -47.91
CA LYS B 86 -25.67 -58.58 -46.52
C LYS B 86 -25.65 -57.06 -46.34
N PRO B 87 -26.59 -56.48 -45.56
CA PRO B 87 -26.55 -55.05 -45.26
C PRO B 87 -25.41 -54.76 -44.28
N ILE B 88 -24.70 -53.64 -44.49
CA ILE B 88 -23.55 -53.19 -43.65
C ILE B 88 -23.92 -51.83 -43.06
N TYR B 89 -23.74 -51.65 -41.74
CA TYR B 89 -23.90 -50.34 -41.06
C TYR B 89 -22.54 -49.90 -40.51
N THR B 90 -22.07 -48.73 -40.96
CA THR B 90 -20.88 -48.03 -40.43
C THR B 90 -21.26 -46.55 -40.25
N ASN B 91 -20.75 -45.92 -39.20
CA ASN B 91 -21.03 -44.49 -38.89
C ASN B 91 -20.15 -43.63 -39.79
N VAL B 92 -18.84 -43.58 -39.52
CA VAL B 92 -17.85 -42.69 -40.20
C VAL B 92 -16.90 -43.53 -41.07
N VAL B 93 -16.44 -44.68 -40.58
CA VAL B 93 -15.44 -45.55 -41.30
C VAL B 93 -16.08 -46.08 -42.58
N TYR B 94 -15.32 -46.13 -43.68
CA TYR B 94 -15.73 -46.77 -44.95
C TYR B 94 -15.73 -48.28 -44.74
N PRO B 95 -16.64 -49.04 -45.40
CA PRO B 95 -16.69 -50.50 -45.27
C PRO B 95 -15.64 -51.25 -46.10
N PHE B 96 -14.76 -50.52 -46.79
CA PHE B 96 -13.54 -50.99 -47.49
C PHE B 96 -12.36 -50.13 -47.02
N GLU B 97 -11.14 -50.40 -47.47
CA GLU B 97 -9.91 -49.69 -47.03
C GLU B 97 -9.87 -48.31 -47.69
N PRO B 98 -9.77 -47.20 -46.92
CA PRO B 98 -9.84 -45.86 -47.49
C PRO B 98 -8.55 -45.46 -48.24
N ASN B 99 -8.67 -45.23 -49.54
CA ASN B 99 -7.54 -44.88 -50.44
C ASN B 99 -8.14 -44.30 -51.72
N PRO B 100 -8.65 -43.04 -51.70
CA PRO B 100 -9.38 -42.51 -52.85
C PRO B 100 -8.47 -42.34 -54.07
N PRO B 101 -8.96 -42.58 -55.32
CA PRO B 101 -10.34 -43.01 -55.60
C PRO B 101 -10.59 -44.53 -55.76
N PHE B 102 -9.80 -45.38 -55.09
CA PHE B 102 -9.73 -46.84 -55.38
C PHE B 102 -10.73 -47.62 -54.54
N VAL B 103 -11.46 -48.55 -55.18
CA VAL B 103 -12.42 -49.48 -54.51
C VAL B 103 -11.93 -50.91 -54.73
N PRO B 104 -12.28 -51.86 -53.82
CA PRO B 104 -11.81 -53.25 -53.95
C PRO B 104 -12.29 -53.95 -55.23
N LYS B 105 -11.46 -54.85 -55.75
CA LYS B 105 -11.73 -55.69 -56.95
C LYS B 105 -12.20 -57.09 -56.52
N ASP B 106 -11.83 -57.52 -55.30
CA ASP B 106 -12.13 -58.88 -54.77
C ASP B 106 -13.57 -58.92 -54.25
N ASP B 107 -13.95 -57.99 -53.34
CA ASP B 107 -15.30 -57.90 -52.72
C ASP B 107 -15.95 -56.58 -53.16
N ASN B 108 -16.78 -56.64 -54.20
CA ASN B 108 -17.56 -55.49 -54.72
C ASN B 108 -18.85 -56.03 -55.31
N PRO B 109 -19.88 -56.26 -54.45
CA PRO B 109 -21.15 -56.83 -54.89
C PRO B 109 -21.68 -56.20 -56.18
N THR B 110 -22.11 -57.04 -57.12
CA THR B 110 -22.47 -56.68 -58.51
C THR B 110 -23.79 -57.34 -58.85
N GLY B 111 -24.63 -56.63 -59.61
CA GLY B 111 -25.94 -57.11 -60.06
C GLY B 111 -26.11 -56.82 -61.53
N VAL B 112 -26.66 -57.78 -62.28
CA VAL B 112 -26.98 -57.63 -63.74
C VAL B 112 -28.47 -57.87 -63.90
N TYR B 113 -29.20 -56.91 -64.47
CA TYR B 113 -30.65 -56.96 -64.74
C TYR B 113 -30.86 -57.04 -66.27
N ARG B 114 -31.79 -57.87 -66.74
CA ARG B 114 -32.16 -58.00 -68.18
C ARG B 114 -33.68 -57.99 -68.32
N ARG B 115 -34.20 -57.32 -69.35
CA ARG B 115 -35.66 -57.25 -69.63
C ARG B 115 -35.89 -56.94 -71.12
N TRP B 116 -36.94 -57.52 -71.69
CA TRP B 116 -37.43 -57.31 -73.09
C TRP B 116 -38.69 -56.43 -73.05
N ILE B 117 -38.78 -55.43 -73.92
CA ILE B 117 -39.87 -54.42 -73.95
C ILE B 117 -40.37 -54.22 -75.39
N GLU B 118 -41.66 -53.92 -75.55
CA GLU B 118 -42.39 -53.79 -76.84
C GLU B 118 -42.71 -52.31 -77.12
N ILE B 119 -41.95 -51.65 -78.00
CA ILE B 119 -42.17 -50.24 -78.43
C ILE B 119 -43.19 -50.25 -79.58
N PRO B 120 -44.35 -49.55 -79.46
CA PRO B 120 -45.25 -49.34 -80.60
C PRO B 120 -44.62 -48.59 -81.78
N GLU B 121 -45.20 -48.73 -82.97
CA GLU B 121 -44.64 -48.21 -84.25
C GLU B 121 -44.79 -46.68 -84.29
N ASP B 122 -45.90 -46.13 -83.81
CA ASP B 122 -46.24 -44.69 -83.90
C ASP B 122 -45.32 -43.84 -83.01
N TRP B 123 -44.51 -44.44 -82.13
CA TRP B 123 -43.52 -43.74 -81.27
C TRP B 123 -42.33 -43.22 -82.09
N PHE B 124 -42.08 -43.73 -83.30
CA PHE B 124 -40.83 -43.47 -84.06
C PHE B 124 -40.95 -42.22 -84.93
N LYS B 125 -42.10 -41.55 -84.96
CA LYS B 125 -42.26 -40.16 -85.48
C LYS B 125 -42.08 -39.14 -84.35
N LYS B 126 -41.42 -39.52 -83.25
CA LYS B 126 -41.22 -38.71 -82.02
C LYS B 126 -39.81 -38.99 -81.48
N GLU B 127 -39.45 -38.39 -80.33
CA GLU B 127 -38.16 -38.63 -79.64
C GLU B 127 -38.44 -39.47 -78.37
N ILE B 128 -37.64 -40.51 -78.12
CA ILE B 128 -37.87 -41.54 -77.07
C ILE B 128 -36.75 -41.45 -76.01
N PHE B 129 -37.12 -41.40 -74.72
CA PHE B 129 -36.19 -41.29 -73.57
C PHE B 129 -36.42 -42.44 -72.58
N LEU B 130 -35.33 -42.96 -72.01
CA LEU B 130 -35.33 -43.94 -70.88
C LEU B 130 -34.91 -43.21 -69.60
N HIS B 131 -35.76 -43.20 -68.56
CA HIS B 131 -35.57 -42.44 -67.28
C HIS B 131 -35.37 -43.38 -66.09
N PHE B 132 -34.21 -43.31 -65.42
CA PHE B 132 -33.91 -43.96 -64.11
C PHE B 132 -34.02 -42.92 -62.98
N GLU B 133 -35.01 -43.05 -62.09
CA GLU B 133 -35.21 -42.12 -60.96
C GLU B 133 -34.09 -42.25 -59.91
N GLY B 134 -33.45 -43.43 -59.76
CA GLY B 134 -32.31 -43.60 -58.84
C GLY B 134 -31.73 -45.02 -58.83
N VAL B 135 -30.40 -45.13 -58.78
CA VAL B 135 -29.60 -46.39 -58.81
C VAL B 135 -28.37 -46.21 -57.91
N ARG B 136 -28.08 -47.15 -57.02
CA ARG B 136 -26.95 -47.05 -56.07
C ARG B 136 -25.95 -48.16 -56.37
N SER B 137 -24.64 -47.88 -56.52
CA SER B 137 -24.03 -46.56 -56.57
C SER B 137 -23.59 -46.16 -57.99
N PHE B 138 -23.46 -47.11 -58.92
CA PHE B 138 -22.90 -46.90 -60.29
C PHE B 138 -23.52 -47.92 -61.23
N PHE B 139 -23.80 -47.56 -62.48
CA PHE B 139 -24.32 -48.54 -63.47
C PHE B 139 -23.86 -48.22 -64.90
N TYR B 140 -23.75 -49.29 -65.72
CA TYR B 140 -23.59 -49.31 -67.20
C TYR B 140 -24.92 -49.68 -67.85
N LEU B 141 -25.27 -49.05 -68.98
CA LEU B 141 -26.50 -49.36 -69.76
C LEU B 141 -26.11 -49.93 -71.13
N TRP B 142 -26.78 -51.00 -71.55
CA TRP B 142 -26.74 -51.59 -72.92
C TRP B 142 -28.17 -51.65 -73.48
N VAL B 143 -28.38 -51.20 -74.72
CA VAL B 143 -29.68 -51.34 -75.45
C VAL B 143 -29.41 -52.12 -76.74
N ASN B 144 -30.17 -53.20 -76.96
CA ASN B 144 -30.07 -54.12 -78.14
C ASN B 144 -28.59 -54.43 -78.43
N GLY B 145 -27.83 -54.80 -77.40
CA GLY B 145 -26.42 -55.23 -77.51
C GLY B 145 -25.40 -54.09 -77.46
N LYS B 146 -25.81 -52.84 -77.71
CA LYS B 146 -24.89 -51.66 -77.84
C LYS B 146 -24.78 -50.91 -76.50
N LYS B 147 -23.57 -50.44 -76.18
CA LYS B 147 -23.26 -49.56 -75.00
C LYS B 147 -23.74 -48.13 -75.27
N ILE B 148 -24.56 -47.56 -74.38
CA ILE B 148 -25.07 -46.15 -74.45
C ILE B 148 -24.23 -45.26 -73.53
N GLY B 149 -23.98 -45.69 -72.28
CA GLY B 149 -23.13 -44.95 -71.33
C GLY B 149 -23.35 -45.39 -69.88
N PHE B 150 -23.04 -44.50 -68.92
CA PHE B 150 -23.03 -44.80 -67.46
C PHE B 150 -23.42 -43.55 -66.64
N SER B 151 -23.61 -43.71 -65.32
CA SER B 151 -23.99 -42.63 -64.36
C SER B 151 -23.56 -42.97 -62.93
N LYS B 152 -23.40 -41.97 -62.05
CA LYS B 152 -22.65 -42.09 -60.76
C LYS B 152 -23.34 -41.58 -59.47
N ASP B 153 -24.30 -40.65 -59.49
CA ASP B 153 -24.91 -40.09 -58.22
C ASP B 153 -26.19 -40.84 -57.88
N SER B 154 -26.26 -41.46 -56.70
CA SER B 154 -27.29 -42.46 -56.34
C SER B 154 -28.70 -41.86 -56.20
N CYS B 155 -28.84 -40.55 -55.96
CA CYS B 155 -30.10 -39.97 -55.43
C CYS B 155 -30.76 -39.00 -56.42
N THR B 156 -30.17 -38.78 -57.61
CA THR B 156 -30.73 -37.90 -58.68
C THR B 156 -30.87 -38.70 -59.97
N PRO B 157 -31.78 -38.32 -60.89
CA PRO B 157 -32.12 -39.18 -62.02
C PRO B 157 -31.06 -39.22 -63.13
N ALA B 158 -31.20 -40.19 -64.04
CA ALA B 158 -30.35 -40.40 -65.25
C ALA B 158 -31.28 -40.71 -66.41
N GLU B 159 -31.22 -39.88 -67.46
CA GLU B 159 -32.11 -39.93 -68.65
C GLU B 159 -31.23 -40.10 -69.89
N PHE B 160 -31.65 -40.93 -70.85
CA PHE B 160 -30.90 -41.29 -72.08
C PHE B 160 -31.82 -41.21 -73.29
N ARG B 161 -31.44 -40.45 -74.33
CA ARG B 161 -32.18 -40.40 -75.62
C ARG B 161 -31.83 -41.65 -76.44
N LEU B 162 -32.82 -42.45 -76.83
CA LEU B 162 -32.65 -43.80 -77.42
C LEU B 162 -33.29 -43.91 -78.81
N THR B 163 -33.76 -42.81 -79.42
CA THR B 163 -34.59 -42.84 -80.66
C THR B 163 -33.87 -43.57 -81.80
N ASP B 164 -32.54 -43.50 -81.87
CA ASP B 164 -31.71 -44.11 -82.96
C ASP B 164 -31.54 -45.61 -82.75
N VAL B 165 -31.09 -46.05 -81.56
CA VAL B 165 -30.62 -47.45 -81.28
C VAL B 165 -31.81 -48.38 -81.02
N LEU B 166 -33.04 -47.88 -80.97
CA LEU B 166 -34.28 -48.66 -80.67
C LEU B 166 -34.98 -48.96 -82.00
N ARG B 167 -35.81 -50.01 -82.04
CA ARG B 167 -36.54 -50.47 -83.26
C ARG B 167 -37.98 -50.81 -82.87
N PRO B 168 -38.95 -50.76 -83.81
CA PRO B 168 -40.31 -51.19 -83.52
C PRO B 168 -40.37 -52.68 -83.12
N GLY B 169 -41.36 -53.05 -82.31
CA GLY B 169 -41.51 -54.40 -81.74
C GLY B 169 -40.65 -54.59 -80.50
N LYS B 170 -39.93 -55.71 -80.41
CA LYS B 170 -39.28 -56.21 -79.17
C LYS B 170 -37.84 -55.70 -79.10
N ASN B 171 -37.45 -55.08 -77.98
CA ASN B 171 -36.08 -54.56 -77.71
C ASN B 171 -35.58 -55.10 -76.37
N LEU B 172 -34.26 -55.20 -76.21
CA LEU B 172 -33.58 -55.64 -74.96
C LEU B 172 -32.98 -54.42 -74.23
N ILE B 173 -33.20 -54.33 -72.92
CA ILE B 173 -32.49 -53.40 -71.97
C ILE B 173 -31.66 -54.26 -71.03
N THR B 174 -30.39 -53.91 -70.84
CA THR B 174 -29.46 -54.58 -69.87
C THR B 174 -28.72 -53.52 -69.06
N VAL B 175 -28.67 -53.70 -67.74
CA VAL B 175 -28.06 -52.78 -66.74
C VAL B 175 -27.11 -53.60 -65.87
N GLU B 176 -25.87 -53.16 -65.67
CA GLU B 176 -24.93 -53.72 -64.67
C GLU B 176 -24.71 -52.71 -63.54
N VAL B 177 -25.06 -53.05 -62.30
CA VAL B 177 -25.00 -52.15 -61.11
C VAL B 177 -23.84 -52.61 -60.21
N LEU B 178 -22.96 -51.68 -59.82
CA LEU B 178 -21.85 -51.90 -58.84
C LEU B 178 -22.22 -51.22 -57.50
N LYS B 179 -21.95 -51.88 -56.36
CA LYS B 179 -22.28 -51.34 -55.02
C LYS B 179 -21.33 -50.18 -54.70
N TRP B 180 -20.03 -50.41 -54.82
CA TRP B 180 -18.98 -49.41 -54.50
C TRP B 180 -18.32 -48.87 -55.78
N SER B 181 -18.03 -47.57 -55.78
CA SER B 181 -17.36 -46.79 -56.85
C SER B 181 -16.60 -45.64 -56.21
N ASP B 182 -15.95 -44.80 -57.00
CA ASP B 182 -15.32 -43.53 -56.52
C ASP B 182 -16.42 -42.62 -55.94
N GLY B 183 -17.63 -42.64 -56.52
CA GLY B 183 -18.84 -41.97 -55.99
C GLY B 183 -19.07 -42.25 -54.51
N SER B 184 -18.77 -43.46 -54.04
CA SER B 184 -18.98 -43.93 -52.63
C SER B 184 -18.21 -43.07 -51.63
N TYR B 185 -17.12 -42.42 -52.04
CA TYR B 185 -16.31 -41.54 -51.14
C TYR B 185 -17.09 -40.27 -50.74
N LEU B 186 -18.11 -39.86 -51.51
CA LEU B 186 -19.04 -38.73 -51.19
C LEU B 186 -20.42 -39.23 -50.71
N GLU B 187 -20.55 -40.49 -50.32
CA GLU B 187 -21.84 -41.08 -49.85
C GLU B 187 -21.61 -41.82 -48.53
N ASP B 188 -20.80 -41.24 -47.66
CA ASP B 188 -20.43 -41.78 -46.32
C ASP B 188 -21.38 -41.26 -45.24
N GLN B 189 -22.70 -41.32 -45.46
CA GLN B 189 -23.71 -40.89 -44.47
C GLN B 189 -23.78 -41.96 -43.37
N ASP B 190 -24.10 -41.56 -42.14
CA ASP B 190 -24.32 -42.48 -40.98
C ASP B 190 -25.62 -43.24 -41.24
N MET B 191 -25.54 -44.33 -42.01
CA MET B 191 -26.72 -45.11 -42.45
C MET B 191 -26.29 -46.47 -43.02
N TRP B 192 -27.25 -47.34 -43.33
CA TRP B 192 -27.04 -48.67 -43.94
C TRP B 192 -26.51 -48.53 -45.37
N TRP B 193 -25.45 -49.25 -45.74
CA TRP B 193 -24.96 -49.38 -47.15
C TRP B 193 -25.80 -50.44 -47.87
N PHE B 194 -26.66 -50.01 -48.82
CA PHE B 194 -27.50 -50.87 -49.69
C PHE B 194 -27.06 -50.70 -51.16
N ALA B 195 -27.74 -51.35 -52.11
CA ALA B 195 -27.43 -51.28 -53.57
C ALA B 195 -28.62 -51.76 -54.39
N GLY B 196 -28.72 -51.30 -55.67
CA GLY B 196 -29.68 -51.80 -56.66
C GLY B 196 -30.48 -50.70 -57.33
N ILE B 197 -31.39 -51.07 -58.24
CA ILE B 197 -32.36 -50.13 -58.88
C ILE B 197 -33.55 -49.94 -57.91
N TYR B 198 -33.47 -48.95 -57.02
CA TYR B 198 -34.34 -48.81 -55.81
C TYR B 198 -35.45 -47.77 -56.02
N ARG B 199 -35.50 -47.10 -57.19
CA ARG B 199 -36.58 -46.16 -57.58
C ARG B 199 -37.02 -46.50 -59.01
N ASP B 200 -38.19 -46.00 -59.41
CA ASP B 200 -38.93 -46.34 -60.66
C ASP B 200 -38.07 -46.17 -61.92
N VAL B 201 -38.42 -46.92 -62.98
CA VAL B 201 -37.84 -46.86 -64.35
C VAL B 201 -39.00 -46.77 -65.34
N TYR B 202 -38.90 -45.92 -66.37
CA TYR B 202 -39.96 -45.78 -67.40
C TYR B 202 -39.40 -45.23 -68.72
N LEU B 203 -40.19 -45.42 -69.79
CA LEU B 203 -39.99 -44.87 -71.16
C LEU B 203 -41.11 -43.89 -71.45
N TYR B 204 -40.81 -42.75 -72.07
CA TYR B 204 -41.82 -41.79 -72.57
C TYR B 204 -41.34 -41.21 -73.91
N ALA B 205 -42.23 -40.53 -74.63
CA ALA B 205 -41.97 -39.98 -75.98
C ALA B 205 -42.47 -38.53 -76.07
N LEU B 206 -41.65 -37.63 -76.63
CA LEU B 206 -42.01 -36.20 -76.85
C LEU B 206 -41.95 -35.90 -78.35
N PRO B 207 -42.72 -34.91 -78.84
CA PRO B 207 -42.56 -34.41 -80.21
C PRO B 207 -41.13 -33.96 -80.53
N LYS B 208 -40.80 -33.85 -81.82
CA LYS B 208 -39.45 -33.47 -82.31
C LYS B 208 -39.08 -32.08 -81.79
N PHE B 209 -40.07 -31.16 -81.76
CA PHE B 209 -39.97 -29.79 -81.19
C PHE B 209 -40.79 -29.76 -79.88
N HIS B 210 -40.12 -29.62 -78.74
CA HIS B 210 -40.71 -29.78 -77.38
C HIS B 210 -40.14 -28.76 -76.39
N ILE B 211 -40.85 -28.55 -75.28
CA ILE B 211 -40.38 -27.79 -74.08
C ILE B 211 -39.44 -28.72 -73.30
N ARG B 212 -38.16 -28.37 -73.20
CA ARG B 212 -37.15 -29.14 -72.42
C ARG B 212 -37.28 -28.79 -70.92
N ASP B 213 -37.45 -27.51 -70.56
CA ASP B 213 -37.36 -27.04 -69.14
C ASP B 213 -38.25 -25.80 -68.90
N VAL B 214 -38.69 -25.62 -67.64
CA VAL B 214 -39.53 -24.48 -67.16
C VAL B 214 -38.97 -24.02 -65.81
N PHE B 215 -38.73 -22.72 -65.62
CA PHE B 215 -38.41 -22.08 -64.33
C PHE B 215 -39.47 -21.01 -64.03
N VAL B 216 -40.34 -21.27 -63.04
CA VAL B 216 -41.37 -20.30 -62.57
C VAL B 216 -40.94 -19.77 -61.19
N ARG B 217 -40.79 -18.44 -61.09
CA ARG B 217 -40.46 -17.70 -59.83
C ARG B 217 -41.53 -16.64 -59.58
N THR B 218 -41.77 -16.27 -58.32
CA THR B 218 -42.72 -15.19 -57.95
C THR B 218 -41.99 -14.11 -57.17
N ASP B 219 -42.50 -12.88 -57.24
CA ASP B 219 -42.15 -11.75 -56.34
C ASP B 219 -43.45 -11.19 -55.74
N LEU B 220 -43.37 -10.57 -54.56
CA LEU B 220 -44.48 -9.84 -53.88
C LEU B 220 -44.00 -8.41 -53.60
N ASP B 221 -44.92 -7.44 -53.60
CA ASP B 221 -44.64 -6.00 -53.35
C ASP B 221 -44.27 -5.78 -51.87
N GLU B 222 -43.97 -4.54 -51.49
CA GLU B 222 -43.50 -4.17 -50.12
C GLU B 222 -44.62 -4.31 -49.07
N ASN B 223 -45.89 -4.44 -49.49
CA ASN B 223 -47.03 -4.69 -48.58
C ASN B 223 -47.42 -6.18 -48.59
N TYR B 224 -46.67 -7.04 -49.31
CA TYR B 224 -46.98 -8.48 -49.49
C TYR B 224 -48.42 -8.63 -49.97
N ARG B 225 -48.86 -7.75 -50.89
CA ARG B 225 -50.26 -7.67 -51.39
C ARG B 225 -50.30 -8.19 -52.85
N ASN B 226 -49.76 -7.44 -53.81
CA ASN B 226 -49.78 -7.80 -55.25
C ASN B 226 -48.53 -8.61 -55.59
N GLY B 227 -48.62 -9.41 -56.64
CA GLY B 227 -47.59 -10.38 -57.06
C GLY B 227 -47.12 -10.14 -58.49
N LYS B 228 -45.97 -10.73 -58.83
CA LYS B 228 -45.43 -10.82 -60.21
C LYS B 228 -45.04 -12.27 -60.46
N ILE B 229 -45.23 -12.75 -61.69
CA ILE B 229 -44.73 -14.08 -62.13
C ILE B 229 -43.61 -13.83 -63.11
N PHE B 230 -42.46 -14.48 -62.92
CA PHE B 230 -41.31 -14.48 -63.86
C PHE B 230 -41.11 -15.90 -64.41
N LEU B 231 -41.36 -16.08 -65.71
CA LEU B 231 -41.42 -17.41 -66.38
C LEU B 231 -40.32 -17.50 -67.44
N ASP B 232 -39.42 -18.48 -67.32
CA ASP B 232 -38.43 -18.89 -68.35
C ASP B 232 -38.85 -20.23 -68.98
N VAL B 233 -39.03 -20.27 -70.31
CA VAL B 233 -39.43 -21.50 -71.06
C VAL B 233 -38.32 -21.83 -72.06
N GLU B 234 -37.61 -22.96 -71.86
CA GLU B 234 -36.54 -23.46 -72.77
C GLU B 234 -37.14 -24.47 -73.76
N MET B 235 -36.96 -24.20 -75.06
CA MET B 235 -37.45 -25.05 -76.18
C MET B 235 -36.27 -25.73 -76.86
N ARG B 236 -36.50 -26.93 -77.40
CA ARG B 236 -35.47 -27.77 -78.06
C ARG B 236 -36.04 -28.35 -79.35
N ASN B 237 -35.28 -28.25 -80.45
CA ASN B 237 -35.68 -28.72 -81.80
C ASN B 237 -34.76 -29.88 -82.21
N LEU B 238 -35.36 -31.02 -82.57
CA LEU B 238 -34.66 -32.23 -83.10
C LEU B 238 -35.25 -32.62 -84.46
N GLY B 239 -35.15 -31.72 -85.46
CA GLY B 239 -35.44 -32.01 -86.87
C GLY B 239 -36.82 -31.55 -87.34
N GLU B 240 -37.55 -30.76 -86.56
CA GLU B 240 -38.85 -30.16 -86.98
C GLU B 240 -38.55 -28.94 -87.87
N GLU B 241 -39.48 -28.62 -88.79
CA GLU B 241 -39.35 -27.53 -89.81
C GLU B 241 -40.55 -26.56 -89.74
N GLU B 242 -41.78 -27.09 -89.59
CA GLU B 242 -43.05 -26.32 -89.52
C GLU B 242 -43.12 -25.54 -88.19
N GLU B 243 -43.87 -24.44 -88.16
CA GLU B 243 -44.10 -23.57 -86.97
C GLU B 243 -45.26 -24.12 -86.13
N LYS B 244 -45.12 -24.08 -84.80
CA LYS B 244 -46.12 -24.60 -83.82
C LYS B 244 -46.66 -23.44 -82.98
N ASP B 245 -47.81 -23.66 -82.32
CA ASP B 245 -48.50 -22.67 -81.45
C ASP B 245 -48.15 -22.96 -79.98
N LEU B 246 -47.72 -21.92 -79.24
CA LEU B 246 -47.41 -21.96 -77.79
C LEU B 246 -48.57 -21.28 -77.03
N GLU B 247 -49.19 -21.99 -76.08
CA GLU B 247 -50.23 -21.44 -75.17
C GLU B 247 -49.80 -21.68 -73.71
N VAL B 248 -49.93 -20.66 -72.85
CA VAL B 248 -49.69 -20.73 -71.39
C VAL B 248 -50.94 -20.23 -70.68
N THR B 249 -51.52 -21.08 -69.82
CA THR B 249 -52.78 -20.83 -69.06
C THR B 249 -52.48 -20.88 -67.55
N LEU B 250 -53.01 -19.93 -66.78
CA LEU B 250 -52.92 -19.88 -65.30
C LEU B 250 -54.26 -20.33 -64.71
N ILE B 251 -54.26 -21.36 -63.85
CA ILE B 251 -55.46 -21.84 -63.11
C ILE B 251 -55.31 -21.45 -61.63
N THR B 252 -56.30 -20.78 -61.06
CA THR B 252 -56.29 -20.25 -59.67
C THR B 252 -56.67 -21.38 -58.70
N PRO B 253 -56.38 -21.23 -57.39
CA PRO B 253 -56.83 -22.20 -56.38
C PRO B 253 -58.35 -22.42 -56.36
N ASP B 254 -59.14 -21.40 -56.70
CA ASP B 254 -60.61 -21.46 -56.84
C ASP B 254 -60.98 -22.34 -58.04
N GLY B 255 -60.26 -22.21 -59.16
CA GLY B 255 -60.47 -23.02 -60.39
C GLY B 255 -60.68 -22.19 -61.64
N ASP B 256 -60.69 -20.85 -61.53
CA ASP B 256 -60.80 -19.90 -62.67
C ASP B 256 -59.54 -20.00 -63.55
N GLU B 257 -59.69 -19.82 -64.87
CA GLU B 257 -58.60 -19.90 -65.88
C GLU B 257 -58.38 -18.55 -66.55
N LYS B 258 -57.15 -18.28 -66.99
CA LYS B 258 -56.74 -17.07 -67.74
C LYS B 258 -55.58 -17.43 -68.69
N THR B 259 -55.67 -17.02 -69.95
CA THR B 259 -54.58 -17.15 -70.95
C THR B 259 -53.57 -16.02 -70.71
N LEU B 260 -52.31 -16.37 -70.45
CA LEU B 260 -51.19 -15.42 -70.23
C LEU B 260 -50.46 -15.18 -71.54
N VAL B 261 -50.24 -16.24 -72.30
CA VAL B 261 -49.48 -16.26 -73.59
C VAL B 261 -50.26 -17.09 -74.61
N LYS B 262 -50.35 -16.59 -75.85
CA LYS B 262 -50.80 -17.36 -77.04
C LYS B 262 -50.14 -16.77 -78.29
N GLU B 263 -49.12 -17.46 -78.81
CA GLU B 263 -48.28 -16.98 -79.95
C GLU B 263 -47.81 -18.17 -80.79
N THR B 264 -47.29 -17.89 -81.99
CA THR B 264 -46.69 -18.87 -82.93
C THR B 264 -45.17 -18.71 -82.87
N VAL B 265 -44.45 -19.82 -82.83
CA VAL B 265 -42.96 -19.89 -82.62
C VAL B 265 -42.37 -20.78 -83.71
N LYS B 266 -41.34 -20.28 -84.41
CA LYS B 266 -40.57 -21.06 -85.41
C LYS B 266 -39.68 -22.05 -84.68
N PRO B 267 -39.51 -23.28 -85.22
CA PRO B 267 -38.75 -24.32 -84.52
C PRO B 267 -37.25 -24.00 -84.44
N GLU B 268 -36.74 -23.85 -83.21
CA GLU B 268 -35.33 -23.49 -82.91
C GLU B 268 -35.05 -23.73 -81.41
N ASP B 269 -33.78 -23.82 -81.05
CA ASP B 269 -33.30 -23.91 -79.64
C ASP B 269 -33.18 -22.49 -79.06
N ARG B 270 -34.10 -22.11 -78.16
CA ARG B 270 -34.20 -20.75 -77.58
C ARG B 270 -34.83 -20.79 -76.18
N VAL B 271 -34.48 -19.82 -75.32
CA VAL B 271 -35.15 -19.57 -74.01
C VAL B 271 -36.03 -18.32 -74.15
N LEU B 272 -37.35 -18.48 -74.02
CA LEU B 272 -38.34 -17.37 -73.98
C LEU B 272 -38.57 -16.97 -72.53
N SER B 273 -38.61 -15.66 -72.25
CA SER B 273 -38.82 -15.09 -70.89
C SER B 273 -40.03 -14.15 -70.89
N PHE B 274 -40.88 -14.26 -69.89
CA PHE B 274 -42.12 -13.46 -69.70
C PHE B 274 -42.19 -12.95 -68.25
N ALA B 275 -42.85 -11.81 -68.05
CA ALA B 275 -43.19 -11.24 -66.72
C ALA B 275 -44.66 -10.78 -66.74
N PHE B 276 -45.46 -11.25 -65.78
CA PHE B 276 -46.91 -10.93 -65.64
C PHE B 276 -47.15 -10.38 -64.23
N ASP B 277 -48.19 -9.55 -64.10
CA ASP B 277 -48.70 -9.00 -62.82
C ASP B 277 -49.97 -9.77 -62.44
N VAL B 278 -50.16 -10.03 -61.13
CA VAL B 278 -51.37 -10.67 -60.54
C VAL B 278 -51.79 -9.84 -59.31
N LYS B 279 -53.09 -9.53 -59.19
CA LYS B 279 -53.65 -8.72 -58.09
C LYS B 279 -54.10 -9.63 -56.94
N ASP B 280 -53.70 -9.31 -55.70
CA ASP B 280 -54.12 -9.97 -54.44
C ASP B 280 -54.16 -11.49 -54.62
N PRO B 281 -53.04 -12.14 -54.98
CA PRO B 281 -53.01 -13.61 -55.04
C PRO B 281 -53.08 -14.22 -53.63
N LYS B 282 -53.62 -15.43 -53.54
CA LYS B 282 -53.58 -16.27 -52.31
C LYS B 282 -52.15 -16.78 -52.11
N LYS B 283 -51.57 -16.49 -50.95
CA LYS B 283 -50.15 -16.78 -50.64
C LYS B 283 -50.01 -18.21 -50.09
N TRP B 284 -48.92 -18.90 -50.44
CA TRP B 284 -48.63 -20.27 -49.96
C TRP B 284 -47.93 -20.14 -48.60
N SER B 285 -48.35 -20.91 -47.58
CA SER B 285 -47.58 -21.16 -46.33
C SER B 285 -47.81 -22.60 -45.89
N ALA B 286 -47.05 -23.08 -44.90
CA ALA B 286 -47.26 -24.40 -44.25
C ALA B 286 -48.65 -24.45 -43.58
N GLU B 287 -49.12 -23.35 -43.01
CA GLU B 287 -50.48 -23.22 -42.40
C GLU B 287 -51.58 -23.21 -43.47
N THR B 288 -51.33 -22.67 -44.68
CA THR B 288 -52.34 -22.42 -45.74
C THR B 288 -51.73 -22.68 -47.12
N PRO B 289 -51.57 -23.96 -47.54
CA PRO B 289 -50.86 -24.26 -48.79
C PRO B 289 -51.65 -24.10 -50.11
N HIS B 290 -52.01 -22.87 -50.47
CA HIS B 290 -52.70 -22.50 -51.74
C HIS B 290 -51.75 -22.63 -52.94
N LEU B 291 -52.07 -23.49 -53.92
CA LEU B 291 -51.24 -23.75 -55.13
C LEU B 291 -51.97 -23.24 -56.38
N TYR B 292 -51.26 -22.48 -57.22
CA TYR B 292 -51.67 -22.12 -58.61
C TYR B 292 -51.11 -23.18 -59.58
N VAL B 293 -51.69 -23.33 -60.76
CA VAL B 293 -51.21 -24.26 -61.83
C VAL B 293 -50.88 -23.46 -63.11
N LEU B 294 -49.67 -23.64 -63.66
CA LEU B 294 -49.33 -23.26 -65.07
C LEU B 294 -49.49 -24.47 -65.98
N LYS B 295 -50.35 -24.35 -67.00
CA LYS B 295 -50.54 -25.32 -68.11
C LYS B 295 -49.78 -24.80 -69.35
N LEU B 296 -48.78 -25.54 -69.85
CA LEU B 296 -47.96 -25.16 -71.02
C LEU B 296 -48.18 -26.17 -72.16
N LYS B 297 -48.46 -25.69 -73.39
CA LYS B 297 -48.74 -26.54 -74.57
C LYS B 297 -48.03 -25.98 -75.82
N LEU B 298 -47.09 -26.75 -76.40
CA LEU B 298 -46.36 -26.42 -77.66
C LEU B 298 -46.65 -27.52 -78.69
N GLY B 299 -47.51 -27.24 -79.66
CA GLY B 299 -48.02 -28.27 -80.60
C GLY B 299 -48.86 -29.30 -79.86
N GLU B 300 -48.38 -30.55 -79.79
CA GLU B 300 -49.05 -31.68 -79.07
C GLU B 300 -48.32 -32.00 -77.75
N ASP B 301 -47.25 -31.26 -77.42
CA ASP B 301 -46.51 -31.40 -76.14
C ASP B 301 -47.25 -30.63 -75.05
N GLU B 302 -47.66 -31.30 -73.96
CA GLU B 302 -48.39 -30.70 -72.82
C GLU B 302 -47.67 -31.02 -71.51
N LYS B 303 -47.48 -30.01 -70.66
CA LYS B 303 -46.86 -30.11 -69.30
C LYS B 303 -47.63 -29.22 -68.31
N LYS B 304 -47.54 -29.52 -67.02
CA LYS B 304 -48.14 -28.72 -65.93
C LYS B 304 -47.15 -28.55 -64.78
N VAL B 305 -47.15 -27.38 -64.14
CA VAL B 305 -46.30 -27.08 -62.95
C VAL B 305 -47.17 -26.39 -61.89
N ASN B 306 -47.12 -26.91 -60.65
CA ASN B 306 -47.71 -26.27 -59.44
C ASN B 306 -46.69 -25.27 -58.88
N PHE B 307 -47.16 -24.10 -58.46
CA PHE B 307 -46.31 -23.06 -57.83
C PHE B 307 -47.17 -22.28 -56.83
N GLY B 308 -46.51 -21.56 -55.93
CA GLY B 308 -47.16 -20.69 -54.93
C GLY B 308 -46.49 -19.34 -54.86
N PHE B 309 -47.24 -18.33 -54.43
CA PHE B 309 -46.71 -16.98 -54.12
C PHE B 309 -46.20 -17.00 -52.67
N ARG B 310 -44.88 -16.90 -52.50
CA ARG B 310 -44.26 -16.82 -51.16
C ARG B 310 -42.86 -16.21 -51.30
N LYS B 311 -42.39 -15.52 -50.26
CA LYS B 311 -41.09 -14.79 -50.25
C LYS B 311 -40.35 -15.05 -48.94
N ILE B 312 -39.11 -15.53 -49.03
CA ILE B 312 -38.18 -15.75 -47.87
C ILE B 312 -37.14 -14.63 -47.94
N GLU B 313 -36.82 -13.98 -46.82
CA GLU B 313 -35.82 -12.87 -46.79
C GLU B 313 -35.21 -12.72 -45.39
N ILE B 314 -34.05 -12.09 -45.31
CA ILE B 314 -33.35 -11.69 -44.06
C ILE B 314 -33.44 -10.15 -43.93
N LYS B 315 -34.06 -9.64 -42.87
CA LYS B 315 -34.08 -8.18 -42.56
C LYS B 315 -33.44 -7.95 -41.18
N ASP B 316 -32.25 -7.33 -41.14
CA ASP B 316 -31.49 -7.01 -39.89
C ASP B 316 -31.26 -8.28 -39.05
N GLY B 317 -30.83 -9.39 -39.68
CA GLY B 317 -30.54 -10.67 -39.00
C GLY B 317 -31.76 -11.50 -38.66
N THR B 318 -32.98 -11.03 -38.96
CA THR B 318 -34.26 -11.75 -38.68
C THR B 318 -34.74 -12.46 -39.96
N LEU B 319 -35.17 -13.71 -39.86
CA LEU B 319 -35.72 -14.55 -40.96
C LEU B 319 -37.20 -14.22 -41.13
N LEU B 320 -37.65 -13.82 -42.33
CA LEU B 320 -39.07 -13.42 -42.59
C LEU B 320 -39.67 -14.30 -43.69
N PHE B 321 -40.93 -14.69 -43.52
CA PHE B 321 -41.70 -15.52 -44.48
C PHE B 321 -43.02 -14.78 -44.73
N ASN B 322 -43.25 -14.36 -45.97
CA ASN B 322 -44.35 -13.44 -46.39
C ASN B 322 -44.45 -12.23 -45.45
N GLY B 323 -43.32 -11.66 -45.02
CA GLY B 323 -43.27 -10.49 -44.12
C GLY B 323 -43.35 -10.78 -42.60
N LYS B 324 -43.45 -12.04 -42.12
CA LYS B 324 -43.58 -12.39 -40.66
C LYS B 324 -42.37 -13.16 -40.15
N PRO B 325 -41.92 -12.97 -38.89
CA PRO B 325 -40.83 -13.75 -38.32
C PRO B 325 -41.16 -15.25 -38.28
N LEU B 326 -40.26 -16.07 -38.82
CA LEU B 326 -40.49 -17.52 -39.00
C LEU B 326 -39.65 -18.27 -37.96
N TYR B 327 -40.27 -19.16 -37.19
CA TYR B 327 -39.57 -20.13 -36.31
C TYR B 327 -39.62 -21.52 -36.96
N ILE B 328 -38.45 -22.11 -37.18
CA ILE B 328 -38.28 -23.49 -37.74
C ILE B 328 -38.50 -24.49 -36.59
N LYS B 329 -39.62 -25.20 -36.61
CA LYS B 329 -39.93 -26.30 -35.62
C LYS B 329 -39.79 -27.62 -36.37
N GLY B 330 -38.55 -28.11 -36.52
CA GLY B 330 -38.21 -29.12 -37.54
C GLY B 330 -37.81 -30.48 -36.99
N VAL B 331 -37.65 -31.42 -37.91
CA VAL B 331 -37.01 -32.75 -37.70
C VAL B 331 -36.17 -33.16 -38.93
N ASN B 332 -35.07 -33.88 -38.72
CA ASN B 332 -34.29 -34.59 -39.76
C ASN B 332 -35.00 -35.93 -40.06
N ARG B 333 -35.26 -36.26 -41.33
CA ARG B 333 -35.87 -37.55 -41.74
C ARG B 333 -35.02 -38.29 -42.80
N HIS B 334 -34.63 -39.54 -42.52
CA HIS B 334 -34.07 -40.51 -43.51
C HIS B 334 -35.20 -41.21 -44.27
N GLU B 335 -35.07 -41.37 -45.59
CA GLU B 335 -36.04 -42.07 -46.47
C GLU B 335 -35.85 -43.59 -46.28
N PHE B 336 -36.43 -44.19 -45.22
CA PHE B 336 -36.12 -45.56 -44.74
C PHE B 336 -37.40 -46.33 -44.38
N ASP B 337 -37.42 -47.62 -44.70
CA ASP B 337 -38.54 -48.56 -44.38
C ASP B 337 -37.95 -49.87 -43.85
N PRO B 338 -38.49 -50.46 -42.75
CA PRO B 338 -37.90 -51.64 -42.14
C PRO B 338 -37.98 -52.92 -42.97
N ASP B 339 -38.87 -52.97 -43.98
CA ASP B 339 -39.05 -54.14 -44.90
C ASP B 339 -38.39 -53.89 -46.27
N ARG B 340 -38.41 -52.65 -46.79
CA ARG B 340 -38.01 -52.33 -48.19
C ARG B 340 -36.72 -51.50 -48.27
N GLY B 341 -36.10 -51.11 -47.15
CA GLY B 341 -34.90 -50.24 -47.14
C GLY B 341 -35.22 -48.87 -47.74
N HIS B 342 -34.40 -48.40 -48.68
CA HIS B 342 -34.54 -47.05 -49.31
C HIS B 342 -35.72 -47.01 -50.30
N ALA B 343 -36.32 -48.14 -50.66
CA ALA B 343 -37.40 -48.20 -51.68
C ALA B 343 -38.76 -47.93 -51.03
N VAL B 344 -38.99 -46.70 -50.57
CA VAL B 344 -40.18 -46.29 -49.78
C VAL B 344 -41.33 -45.97 -50.73
N THR B 345 -42.55 -46.33 -50.33
CA THR B 345 -43.81 -46.14 -51.11
C THR B 345 -44.50 -44.83 -50.74
N VAL B 346 -45.45 -44.41 -51.57
CA VAL B 346 -46.26 -43.17 -51.37
C VAL B 346 -47.14 -43.31 -50.11
N GLU B 347 -47.65 -44.52 -49.82
CA GLU B 347 -48.56 -44.76 -48.67
C GLU B 347 -47.83 -44.46 -47.37
N ARG B 348 -46.58 -44.90 -47.28
CA ARG B 348 -45.67 -44.65 -46.14
C ARG B 348 -45.30 -43.15 -46.06
N MET B 349 -45.10 -42.49 -47.20
CA MET B 349 -44.74 -41.05 -47.25
C MET B 349 -45.90 -40.25 -46.66
N ILE B 350 -47.14 -40.61 -46.98
CA ILE B 350 -48.35 -39.88 -46.51
C ILE B 350 -48.53 -40.07 -44.99
N GLN B 351 -48.25 -41.28 -44.49
CA GLN B 351 -48.29 -41.63 -43.05
C GLN B 351 -47.29 -40.74 -42.29
N ASP B 352 -46.07 -40.57 -42.80
CA ASP B 352 -45.00 -39.75 -42.17
C ASP B 352 -45.49 -38.29 -42.04
N ILE B 353 -46.03 -37.71 -43.09
CA ILE B 353 -46.42 -36.27 -43.15
C ILE B 353 -47.57 -35.99 -42.18
N LYS B 354 -48.63 -36.81 -42.18
CA LYS B 354 -49.81 -36.62 -41.28
C LYS B 354 -49.37 -36.73 -39.81
N LEU B 355 -48.53 -37.70 -39.49
CA LEU B 355 -47.95 -37.85 -38.12
C LEU B 355 -47.14 -36.61 -37.75
N MET B 356 -46.32 -36.08 -38.66
CA MET B 356 -45.51 -34.87 -38.40
C MET B 356 -46.41 -33.69 -38.05
N LYS B 357 -47.44 -33.42 -38.86
CA LYS B 357 -48.37 -32.28 -38.67
C LYS B 357 -49.21 -32.45 -37.40
N GLN B 358 -49.60 -33.68 -37.06
CA GLN B 358 -50.37 -33.97 -35.81
C GLN B 358 -49.49 -33.75 -34.56
N HIS B 359 -48.17 -33.59 -34.69
CA HIS B 359 -47.26 -33.33 -33.54
C HIS B 359 -46.61 -31.97 -33.66
N ASN B 360 -47.26 -31.02 -34.37
CA ASN B 360 -46.88 -29.58 -34.45
C ASN B 360 -45.50 -29.38 -35.13
N ILE B 361 -45.00 -30.33 -35.94
CA ILE B 361 -43.77 -30.12 -36.76
C ILE B 361 -44.15 -29.31 -38.04
N ASN B 362 -43.39 -28.25 -38.37
CA ASN B 362 -43.66 -27.42 -39.59
C ASN B 362 -42.56 -27.57 -40.68
N THR B 363 -41.44 -28.25 -40.41
CA THR B 363 -40.27 -28.28 -41.34
C THR B 363 -39.58 -29.66 -41.32
N VAL B 364 -39.09 -30.11 -42.48
CA VAL B 364 -38.29 -31.35 -42.58
CA VAL B 364 -38.29 -31.35 -42.59
C VAL B 364 -36.99 -31.05 -43.35
N ARG B 365 -35.86 -31.55 -42.84
CA ARG B 365 -34.55 -31.58 -43.53
C ARG B 365 -34.36 -32.98 -44.16
N THR B 366 -34.10 -33.06 -45.48
CA THR B 366 -33.88 -34.35 -46.21
C THR B 366 -32.44 -34.82 -45.99
N SER B 367 -32.16 -35.37 -44.81
CA SER B 367 -30.81 -35.79 -44.35
C SER B 367 -30.43 -37.13 -44.98
N HIS B 368 -29.32 -37.23 -45.73
CA HIS B 368 -28.53 -36.12 -46.28
C HIS B 368 -28.41 -36.28 -47.80
N TYR B 369 -29.52 -36.34 -48.51
CA TYR B 369 -29.54 -36.53 -49.99
C TYR B 369 -30.92 -36.17 -50.49
N PRO B 370 -31.09 -35.85 -51.79
CA PRO B 370 -32.42 -35.63 -52.35
C PRO B 370 -33.31 -36.87 -52.27
N ASN B 371 -34.58 -36.69 -51.92
CA ASN B 371 -35.61 -37.75 -51.79
C ASN B 371 -36.28 -37.96 -53.15
N GLN B 372 -37.23 -38.90 -53.27
CA GLN B 372 -38.04 -39.07 -54.50
C GLN B 372 -38.80 -37.78 -54.78
N THR B 373 -39.20 -37.53 -56.03
CA THR B 373 -39.83 -36.25 -56.47
C THR B 373 -41.20 -36.09 -55.81
N LYS B 374 -41.88 -37.21 -55.54
CA LYS B 374 -43.24 -37.23 -54.95
C LYS B 374 -43.25 -36.72 -53.50
N TRP B 375 -42.13 -36.82 -52.77
CA TRP B 375 -41.99 -36.26 -51.40
C TRP B 375 -42.21 -34.74 -51.43
N TYR B 376 -41.62 -34.03 -52.38
CA TYR B 376 -41.66 -32.55 -52.45
C TYR B 376 -43.03 -32.09 -52.90
N ASP B 377 -43.68 -32.84 -53.80
CA ASP B 377 -45.08 -32.60 -54.24
C ASP B 377 -46.04 -32.71 -53.04
N LEU B 378 -45.87 -33.69 -52.16
CA LEU B 378 -46.75 -33.88 -50.97
C LEU B 378 -46.53 -32.77 -49.93
N CYS B 379 -45.28 -32.30 -49.75
CA CYS B 379 -44.94 -31.14 -48.87
C CYS B 379 -45.57 -29.84 -49.42
N ASP B 380 -45.70 -29.69 -50.75
CA ASP B 380 -46.41 -28.54 -51.39
C ASP B 380 -47.92 -28.62 -51.10
N TYR B 381 -48.49 -29.82 -51.13
CA TYR B 381 -49.96 -30.07 -51.04
C TYR B 381 -50.44 -30.04 -49.58
N PHE B 382 -49.75 -30.71 -48.65
CA PHE B 382 -50.16 -30.79 -47.22
C PHE B 382 -49.68 -29.55 -46.44
N GLY B 383 -48.52 -28.98 -46.78
CA GLY B 383 -47.95 -27.78 -46.13
C GLY B 383 -46.88 -28.11 -45.10
N LEU B 384 -45.65 -28.40 -45.56
CA LEU B 384 -44.42 -28.41 -44.73
C LEU B 384 -43.35 -27.57 -45.45
N TYR B 385 -42.55 -26.81 -44.72
CA TYR B 385 -41.27 -26.20 -45.17
C TYR B 385 -40.20 -27.29 -45.35
N VAL B 386 -39.36 -27.17 -46.40
CA VAL B 386 -38.30 -28.18 -46.71
C VAL B 386 -36.92 -27.52 -46.81
N ILE B 387 -35.91 -28.14 -46.21
CA ILE B 387 -34.46 -27.92 -46.44
C ILE B 387 -33.95 -29.08 -47.31
N ASP B 388 -33.76 -28.86 -48.62
CA ASP B 388 -33.29 -29.84 -49.65
C ASP B 388 -31.76 -29.88 -49.67
N GLU B 389 -31.15 -31.06 -49.46
CA GLU B 389 -29.69 -31.23 -49.23
C GLU B 389 -29.09 -32.10 -50.34
N ALA B 390 -27.93 -31.72 -50.89
CA ALA B 390 -27.21 -32.44 -51.98
C ALA B 390 -26.54 -33.68 -51.40
N ASN B 391 -26.36 -34.73 -52.22
CA ASN B 391 -25.77 -36.03 -51.80
C ASN B 391 -24.24 -35.90 -51.76
N ILE B 392 -23.69 -35.25 -50.74
CA ILE B 392 -22.22 -35.03 -50.56
C ILE B 392 -21.90 -35.15 -49.06
N GLU B 393 -21.22 -36.21 -48.66
CA GLU B 393 -20.68 -36.42 -47.29
C GLU B 393 -19.43 -37.30 -47.39
N SER B 394 -18.29 -36.80 -46.90
CA SER B 394 -16.98 -37.51 -46.90
C SER B 394 -16.34 -37.42 -45.51
N HIS B 395 -17.11 -37.83 -44.49
CA HIS B 395 -16.74 -37.83 -43.04
C HIS B 395 -15.46 -38.65 -42.84
N GLY B 396 -15.40 -39.85 -43.43
CA GLY B 396 -14.27 -40.79 -43.31
C GLY B 396 -12.94 -40.24 -43.81
N ILE B 397 -12.93 -39.21 -44.66
CA ILE B 397 -11.69 -38.52 -45.12
C ILE B 397 -11.48 -37.31 -44.21
N ASP B 398 -10.25 -37.11 -43.72
CA ASP B 398 -9.88 -36.06 -42.73
C ASP B 398 -10.18 -34.67 -43.31
N TRP B 399 -10.70 -33.75 -42.48
CA TRP B 399 -11.14 -32.39 -42.88
C TRP B 399 -9.98 -31.38 -42.86
N ASP B 400 -8.73 -31.82 -42.67
CA ASP B 400 -7.52 -30.97 -42.81
C ASP B 400 -7.50 -30.40 -44.24
N PRO B 401 -7.12 -29.11 -44.44
CA PRO B 401 -7.24 -28.45 -45.74
C PRO B 401 -6.52 -29.13 -46.92
N GLU B 402 -5.44 -29.87 -46.64
CA GLU B 402 -4.60 -30.58 -47.65
C GLU B 402 -5.23 -31.93 -48.00
N VAL B 403 -5.89 -32.58 -47.03
CA VAL B 403 -6.44 -33.96 -47.15
C VAL B 403 -7.84 -33.90 -47.75
N THR B 404 -8.72 -33.02 -47.24
CA THR B 404 -10.18 -33.04 -47.52
C THR B 404 -10.44 -33.02 -49.03
N LEU B 405 -11.41 -33.80 -49.50
CA LEU B 405 -11.82 -33.86 -50.93
C LEU B 405 -12.46 -32.53 -51.35
N ALA B 406 -12.84 -31.67 -50.39
CA ALA B 406 -13.43 -30.34 -50.65
C ALA B 406 -12.38 -29.35 -51.20
N ASN B 407 -11.08 -29.64 -51.11
CA ASN B 407 -9.97 -28.76 -51.61
C ASN B 407 -9.14 -29.43 -52.72
N ARG B 408 -9.51 -30.61 -53.24
CA ARG B 408 -8.72 -31.38 -54.24
C ARG B 408 -9.27 -31.13 -55.64
N TRP B 409 -8.42 -30.73 -56.59
CA TRP B 409 -8.82 -30.30 -57.96
C TRP B 409 -9.48 -31.44 -58.73
N GLU B 410 -9.12 -32.69 -58.48
CA GLU B 410 -9.67 -33.85 -59.23
C GLU B 410 -11.09 -34.21 -58.76
N TRP B 411 -11.55 -33.68 -57.61
CA TRP B 411 -12.93 -33.92 -57.10
C TRP B 411 -13.87 -32.74 -57.38
N GLU B 412 -13.39 -31.70 -58.08
CA GLU B 412 -14.13 -30.42 -58.30
C GLU B 412 -15.42 -30.67 -59.07
N LYS B 413 -15.37 -31.40 -60.18
CA LYS B 413 -16.57 -31.59 -61.05
C LYS B 413 -17.57 -32.56 -60.40
N ALA B 414 -17.14 -33.47 -59.52
CA ALA B 414 -18.06 -34.38 -58.80
C ALA B 414 -18.93 -33.58 -57.82
N HIS B 415 -18.35 -32.64 -57.07
CA HIS B 415 -19.06 -31.73 -56.13
C HIS B 415 -20.06 -30.86 -56.90
N PHE B 416 -19.65 -30.34 -58.04
CA PHE B 416 -20.49 -29.41 -58.85
C PHE B 416 -21.71 -30.14 -59.42
N ASP B 417 -21.53 -31.34 -59.96
CA ASP B 417 -22.60 -32.14 -60.62
C ASP B 417 -23.70 -32.51 -59.61
N ARG B 418 -23.33 -32.97 -58.42
CA ARG B 418 -24.27 -33.38 -57.34
C ARG B 418 -25.13 -32.19 -56.90
N ILE B 419 -24.54 -31.00 -56.74
CA ILE B 419 -25.28 -29.78 -56.32
C ILE B 419 -26.19 -29.33 -57.47
N LYS B 420 -25.69 -29.28 -58.71
CA LYS B 420 -26.45 -28.78 -59.88
C LYS B 420 -27.63 -29.70 -60.23
N ARG B 421 -27.46 -31.02 -60.16
CA ARG B 421 -28.55 -31.97 -60.49
C ARG B 421 -29.72 -31.83 -59.49
N MET B 422 -29.45 -31.59 -58.20
CA MET B 422 -30.51 -31.32 -57.19
C MET B 422 -31.29 -30.04 -57.55
N VAL B 423 -30.57 -28.92 -57.75
CA VAL B 423 -31.17 -27.57 -57.95
C VAL B 423 -32.03 -27.62 -59.21
N GLU B 424 -31.53 -28.16 -60.33
CA GLU B 424 -32.29 -28.14 -61.61
C GLU B 424 -33.55 -29.00 -61.50
N ARG B 425 -33.51 -30.14 -60.80
CA ARG B 425 -34.70 -31.02 -60.62
C ARG B 425 -35.78 -30.31 -59.77
N ASP B 426 -35.40 -29.63 -58.68
CA ASP B 426 -36.34 -29.27 -57.56
C ASP B 426 -36.69 -27.77 -57.51
N LYS B 427 -36.23 -26.95 -58.46
CA LYS B 427 -36.29 -25.45 -58.38
C LYS B 427 -37.71 -24.88 -58.41
N ASN B 428 -38.75 -25.60 -58.83
CA ASN B 428 -40.13 -25.02 -58.91
C ASN B 428 -41.00 -25.26 -57.65
N HIS B 429 -40.57 -26.02 -56.63
CA HIS B 429 -41.45 -26.38 -55.48
C HIS B 429 -41.54 -25.23 -54.47
N PRO B 430 -42.72 -24.65 -54.16
CA PRO B 430 -42.79 -23.61 -53.14
C PRO B 430 -42.41 -24.04 -51.70
N SER B 431 -42.49 -25.34 -51.37
CA SER B 431 -42.15 -25.90 -50.04
C SER B 431 -40.66 -25.71 -49.72
N ILE B 432 -39.79 -25.70 -50.73
CA ILE B 432 -38.31 -25.59 -50.53
C ILE B 432 -37.95 -24.14 -50.23
N ILE B 433 -37.42 -23.87 -49.02
CA ILE B 433 -37.03 -22.52 -48.54
C ILE B 433 -35.50 -22.40 -48.45
N PHE B 434 -34.75 -23.47 -48.25
CA PHE B 434 -33.26 -23.45 -48.17
C PHE B 434 -32.67 -24.53 -49.09
N TRP B 435 -31.55 -24.22 -49.76
CA TRP B 435 -30.64 -25.20 -50.41
C TRP B 435 -29.52 -25.51 -49.44
N SER B 436 -29.26 -26.78 -49.09
CA SER B 436 -28.08 -27.21 -48.27
C SER B 436 -27.04 -27.89 -49.19
N LEU B 437 -25.76 -27.55 -49.07
CA LEU B 437 -24.65 -28.00 -49.98
C LEU B 437 -24.25 -29.46 -49.68
N GLY B 438 -24.54 -29.96 -48.47
CA GLY B 438 -24.11 -31.29 -48.04
C GLY B 438 -24.00 -31.37 -46.53
N ASN B 439 -23.22 -32.32 -46.02
CA ASN B 439 -23.10 -32.58 -44.57
C ASN B 439 -21.74 -33.19 -44.24
N GLU B 440 -21.00 -32.57 -43.33
CA GLU B 440 -19.76 -33.11 -42.69
C GLU B 440 -18.75 -33.56 -43.76
N ALA B 441 -18.46 -32.68 -44.73
CA ALA B 441 -17.65 -32.98 -45.93
C ALA B 441 -16.46 -32.03 -46.05
N GLY B 442 -16.07 -31.36 -44.96
CA GLY B 442 -14.96 -30.40 -44.94
C GLY B 442 -15.32 -29.08 -45.63
N ASP B 443 -14.35 -28.17 -45.74
CA ASP B 443 -14.53 -26.83 -46.35
C ASP B 443 -13.43 -26.60 -47.38
N GLY B 444 -13.76 -25.93 -48.47
CA GLY B 444 -12.78 -25.61 -49.52
C GLY B 444 -13.43 -25.02 -50.74
N VAL B 445 -12.63 -24.89 -51.79
CA VAL B 445 -12.97 -24.16 -53.04
C VAL B 445 -14.06 -24.94 -53.80
N ASN B 446 -14.11 -26.27 -53.68
CA ASN B 446 -15.11 -27.10 -54.38
C ASN B 446 -16.53 -26.70 -53.92
N PHE B 447 -16.73 -26.34 -52.64
CA PHE B 447 -18.06 -25.88 -52.15
C PHE B 447 -18.27 -24.40 -52.48
N GLU B 448 -17.26 -23.56 -52.24
CA GLU B 448 -17.34 -22.09 -52.49
C GLU B 448 -17.82 -21.82 -53.92
N LYS B 449 -17.28 -22.51 -54.92
CA LYS B 449 -17.63 -22.28 -56.35
C LYS B 449 -19.05 -22.75 -56.66
N ALA B 450 -19.48 -23.90 -56.14
CA ALA B 450 -20.86 -24.42 -56.37
C ALA B 450 -21.89 -23.48 -55.73
N ALA B 451 -21.57 -22.90 -54.56
CA ALA B 451 -22.48 -22.00 -53.79
C ALA B 451 -22.66 -20.67 -54.55
N LEU B 452 -21.62 -20.13 -55.17
CA LEU B 452 -21.73 -18.88 -56.00
C LEU B 452 -22.53 -19.14 -57.28
N TRP B 453 -22.47 -20.35 -57.87
CA TRP B 453 -23.30 -20.75 -59.03
C TRP B 453 -24.80 -20.77 -58.64
N ILE B 454 -25.17 -21.32 -57.48
CA ILE B 454 -26.61 -21.42 -57.07
C ILE B 454 -27.19 -20.01 -57.01
N LYS B 455 -26.48 -19.07 -56.35
CA LYS B 455 -27.02 -17.73 -56.04
C LYS B 455 -27.27 -16.93 -57.33
N LYS B 456 -26.42 -17.09 -58.35
CA LYS B 456 -26.60 -16.43 -59.67
C LYS B 456 -27.70 -17.11 -60.50
N ARG B 457 -28.05 -18.36 -60.20
CA ARG B 457 -29.12 -19.13 -60.91
C ARG B 457 -30.49 -18.84 -60.27
N ASP B 458 -30.56 -18.87 -58.93
CA ASP B 458 -31.82 -18.76 -58.12
C ASP B 458 -31.57 -17.76 -56.99
N ASN B 459 -32.18 -16.58 -57.03
CA ASN B 459 -32.09 -15.56 -55.96
C ASN B 459 -33.29 -15.64 -54.99
N THR B 460 -34.13 -16.69 -55.01
CA THR B 460 -35.38 -16.78 -54.20
C THR B 460 -35.24 -17.69 -52.96
N ARG B 461 -34.09 -18.34 -52.73
CA ARG B 461 -33.90 -19.24 -51.55
C ARG B 461 -32.58 -18.92 -50.85
N LEU B 462 -32.44 -19.33 -49.58
CA LEU B 462 -31.21 -19.11 -48.78
C LEU B 462 -30.31 -20.34 -48.87
N ILE B 463 -29.00 -20.16 -48.73
CA ILE B 463 -28.00 -21.25 -48.77
C ILE B 463 -27.52 -21.55 -47.33
N HIS B 464 -27.41 -22.83 -47.03
CA HIS B 464 -27.01 -23.39 -45.72
C HIS B 464 -25.86 -24.39 -45.95
N TYR B 465 -24.82 -24.37 -45.13
CA TYR B 465 -23.80 -25.45 -45.05
C TYR B 465 -23.09 -25.38 -43.70
N GLU B 466 -23.35 -26.33 -42.81
CA GLU B 466 -22.73 -26.37 -41.45
C GLU B 466 -21.23 -26.68 -41.53
N GLY B 467 -20.76 -27.37 -42.56
CA GLY B 467 -19.31 -27.64 -42.72
C GLY B 467 -18.44 -26.38 -42.78
N THR B 468 -18.97 -25.23 -43.22
CA THR B 468 -18.20 -23.95 -43.26
C THR B 468 -18.46 -23.14 -41.98
N THR B 469 -19.70 -23.02 -41.46
CA THR B 469 -19.98 -22.14 -40.29
C THR B 469 -19.44 -22.73 -38.97
N ARG B 470 -19.12 -24.03 -38.90
CA ARG B 470 -18.46 -24.61 -37.70
C ARG B 470 -17.04 -24.04 -37.53
N ARG B 471 -16.42 -23.47 -38.56
CA ARG B 471 -15.06 -22.87 -38.51
C ARG B 471 -15.15 -21.35 -38.31
N GLY B 472 -16.36 -20.79 -38.24
CA GLY B 472 -16.62 -19.33 -38.11
C GLY B 472 -17.47 -18.80 -39.26
N GLU B 473 -17.57 -17.48 -39.38
CA GLU B 473 -18.31 -16.75 -40.46
C GLU B 473 -17.80 -17.21 -41.84
N SER B 474 -18.70 -17.32 -42.81
CA SER B 474 -18.39 -17.69 -44.21
C SER B 474 -19.19 -16.82 -45.17
N TYR B 475 -18.55 -16.27 -46.20
CA TYR B 475 -19.19 -15.28 -47.10
C TYR B 475 -20.21 -15.95 -48.03
N TYR B 476 -20.14 -17.27 -48.28
CA TYR B 476 -20.94 -17.92 -49.35
C TYR B 476 -22.23 -18.59 -48.81
N VAL B 477 -22.56 -18.46 -47.52
CA VAL B 477 -23.87 -18.94 -46.97
C VAL B 477 -24.66 -17.74 -46.43
N ASP B 478 -25.98 -17.88 -46.36
CA ASP B 478 -26.93 -16.84 -45.85
C ASP B 478 -27.33 -17.08 -44.38
N VAL B 479 -27.14 -18.29 -43.84
CA VAL B 479 -27.64 -18.72 -42.50
C VAL B 479 -26.42 -19.23 -41.70
N PHE B 480 -26.34 -18.86 -40.43
CA PHE B 480 -25.33 -19.39 -39.49
C PHE B 480 -25.91 -20.67 -38.85
N SER B 481 -25.28 -21.83 -39.08
CA SER B 481 -25.77 -23.16 -38.66
C SER B 481 -24.71 -23.90 -37.85
N LEU B 482 -25.10 -24.52 -36.73
CA LEU B 482 -24.24 -25.38 -35.88
C LEU B 482 -25.01 -26.66 -35.51
N MET B 483 -24.30 -27.71 -35.15
CA MET B 483 -24.83 -29.03 -34.77
C MET B 483 -24.64 -29.21 -33.26
N TYR B 484 -25.69 -29.58 -32.54
CA TYR B 484 -25.67 -29.86 -31.08
C TYR B 484 -24.98 -28.77 -30.27
N PRO B 485 -25.22 -27.45 -30.49
CA PRO B 485 -24.60 -26.43 -29.64
C PRO B 485 -25.17 -26.39 -28.21
N LYS B 486 -24.34 -26.12 -27.20
CA LYS B 486 -24.82 -25.89 -25.80
C LYS B 486 -25.44 -24.49 -25.67
N MET B 487 -26.19 -24.28 -24.58
CA MET B 487 -26.98 -23.05 -24.33
C MET B 487 -26.11 -21.79 -24.33
N ASP B 488 -24.91 -21.84 -23.77
CA ASP B 488 -24.01 -20.67 -23.71
C ASP B 488 -23.66 -20.18 -25.13
N ILE B 489 -23.57 -21.07 -26.13
CA ILE B 489 -23.27 -20.70 -27.56
C ILE B 489 -24.42 -19.85 -28.11
N LEU B 490 -25.69 -20.24 -27.88
CA LEU B 490 -26.87 -19.47 -28.34
C LEU B 490 -26.91 -18.09 -27.66
N LEU B 491 -26.63 -18.03 -26.34
CA LEU B 491 -26.71 -16.76 -25.58
C LEU B 491 -25.57 -15.83 -26.03
N GLU B 492 -24.41 -16.37 -26.36
CA GLU B 492 -23.29 -15.56 -26.93
C GLU B 492 -23.66 -14.98 -28.31
N TYR B 493 -24.20 -15.77 -29.25
CA TYR B 493 -24.59 -15.27 -30.62
C TYR B 493 -25.58 -14.11 -30.50
N ALA B 494 -26.57 -14.24 -29.61
CA ALA B 494 -27.64 -13.24 -29.38
C ALA B 494 -27.13 -11.97 -28.66
N SER B 495 -25.92 -11.95 -28.10
CA SER B 495 -25.39 -10.85 -27.26
C SER B 495 -24.78 -9.67 -28.07
N LYS B 496 -24.68 -9.76 -29.39
CA LYS B 496 -24.15 -8.67 -30.27
C LYS B 496 -25.01 -8.55 -31.53
N LYS B 497 -24.84 -7.48 -32.31
CA LYS B 497 -25.57 -7.29 -33.58
C LYS B 497 -25.06 -8.34 -34.59
N ARG B 498 -25.96 -8.95 -35.35
CA ARG B 498 -25.64 -10.00 -36.35
C ARG B 498 -26.37 -9.67 -37.64
N GLU B 499 -25.80 -10.03 -38.79
CA GLU B 499 -26.45 -9.88 -40.11
C GLU B 499 -27.22 -11.15 -40.50
N LYS B 500 -26.92 -12.30 -39.87
CA LYS B 500 -27.48 -13.61 -40.29
C LYS B 500 -28.21 -14.27 -39.13
N PRO B 501 -29.34 -14.95 -39.40
CA PRO B 501 -30.03 -15.75 -38.37
C PRO B 501 -29.32 -17.05 -38.03
N PHE B 502 -29.47 -17.50 -36.77
CA PHE B 502 -28.85 -18.72 -36.20
C PHE B 502 -29.88 -19.87 -36.31
N ILE B 503 -29.52 -20.99 -36.94
CA ILE B 503 -30.39 -22.21 -37.07
C ILE B 503 -29.60 -23.43 -36.58
N MET B 504 -30.24 -24.34 -35.83
CA MET B 504 -29.57 -25.60 -35.42
C MET B 504 -29.99 -26.69 -36.41
N CYS B 505 -29.13 -27.05 -37.36
CA CYS B 505 -29.44 -28.09 -38.38
C CYS B 505 -29.62 -29.46 -37.71
N GLU B 506 -28.99 -29.73 -36.57
CA GLU B 506 -29.28 -30.93 -35.73
C GLU B 506 -29.19 -30.54 -34.25
N TYR B 507 -30.17 -30.92 -33.42
CA TYR B 507 -30.09 -30.71 -31.95
C TYR B 507 -30.92 -31.79 -31.25
N ALA B 508 -30.85 -31.88 -29.92
CA ALA B 508 -31.66 -32.81 -29.08
C ALA B 508 -31.61 -34.25 -29.64
N HIS B 509 -30.42 -34.87 -29.64
CA HIS B 509 -30.16 -36.23 -30.19
C HIS B 509 -31.13 -37.23 -29.52
N ALA B 510 -32.03 -37.88 -30.28
CA ALA B 510 -33.11 -38.72 -29.71
C ALA B 510 -32.75 -40.22 -29.66
N MET B 511 -31.48 -40.59 -29.56
CA MET B 511 -31.00 -42.00 -29.42
C MET B 511 -31.49 -42.63 -28.10
N GLY B 512 -32.28 -43.70 -28.16
CA GLY B 512 -32.82 -44.39 -26.96
C GLY B 512 -33.88 -43.56 -26.24
N ASN B 513 -33.85 -43.56 -24.91
CA ASN B 513 -34.77 -42.80 -24.00
C ASN B 513 -34.11 -41.42 -23.77
N SER B 514 -34.60 -40.35 -24.43
CA SER B 514 -33.81 -39.10 -24.61
C SER B 514 -34.73 -37.86 -24.78
N VAL B 515 -34.19 -36.76 -25.34
CA VAL B 515 -34.92 -35.48 -25.61
C VAL B 515 -35.25 -34.82 -24.26
N GLY B 516 -34.24 -34.73 -23.38
CA GLY B 516 -34.26 -33.90 -22.15
C GLY B 516 -34.04 -32.42 -22.44
N ASN B 517 -34.49 -31.56 -21.53
CA ASN B 517 -34.33 -30.09 -21.56
C ASN B 517 -34.76 -29.47 -22.91
N LEU B 518 -35.79 -29.99 -23.60
CA LEU B 518 -36.30 -29.39 -24.89
C LEU B 518 -36.91 -28.01 -24.62
N LYS B 519 -37.70 -27.86 -23.55
CA LYS B 519 -38.36 -26.58 -23.20
C LYS B 519 -37.31 -25.51 -22.87
N ASP B 520 -36.15 -25.86 -22.32
CA ASP B 520 -35.09 -24.87 -21.96
C ASP B 520 -34.49 -24.24 -23.24
N TYR B 521 -34.28 -24.99 -24.34
CA TYR B 521 -33.83 -24.44 -25.65
C TYR B 521 -34.88 -23.44 -26.16
N TRP B 522 -36.15 -23.81 -26.13
CA TRP B 522 -37.24 -22.97 -26.70
C TRP B 522 -37.58 -21.76 -25.80
N ASP B 523 -37.30 -21.79 -24.49
CA ASP B 523 -37.41 -20.57 -23.65
C ASP B 523 -36.31 -19.56 -24.08
N VAL B 524 -35.12 -20.00 -24.47
CA VAL B 524 -34.07 -19.06 -24.99
C VAL B 524 -34.39 -18.58 -26.42
N ILE B 525 -34.80 -19.45 -27.34
CA ILE B 525 -35.08 -19.09 -28.78
C ILE B 525 -36.17 -18.01 -28.88
N GLU B 526 -37.21 -18.07 -28.05
CA GLU B 526 -38.40 -17.18 -28.12
C GLU B 526 -38.16 -15.85 -27.35
N LYS B 527 -37.08 -15.71 -26.60
CA LYS B 527 -36.77 -14.50 -25.76
C LYS B 527 -35.68 -13.61 -26.39
N TYR B 528 -34.70 -14.16 -27.12
CA TYR B 528 -33.48 -13.46 -27.58
C TYR B 528 -33.50 -13.27 -29.10
N PRO B 529 -32.91 -12.17 -29.63
CA PRO B 529 -32.90 -11.91 -31.08
C PRO B 529 -31.95 -12.82 -31.89
N TYR B 530 -32.23 -12.99 -33.19
CA TYR B 530 -31.40 -13.70 -34.20
C TYR B 530 -31.51 -15.24 -34.08
N LEU B 531 -32.29 -15.81 -33.15
CA LEU B 531 -32.41 -17.28 -32.94
C LEU B 531 -33.71 -17.71 -33.59
N HIS B 532 -33.67 -18.58 -34.61
CA HIS B 532 -34.87 -18.90 -35.43
C HIS B 532 -35.21 -20.40 -35.45
N GLY B 533 -34.66 -21.23 -34.55
CA GLY B 533 -35.16 -22.61 -34.34
C GLY B 533 -34.18 -23.65 -34.83
N GLY B 534 -34.67 -24.79 -35.31
CA GLY B 534 -33.79 -25.95 -35.60
C GLY B 534 -34.54 -27.25 -35.91
N CYS B 535 -33.78 -28.30 -36.25
CA CYS B 535 -34.29 -29.63 -36.63
C CYS B 535 -33.77 -30.71 -35.64
N ILE B 536 -34.68 -31.42 -34.98
CA ILE B 536 -34.37 -32.55 -34.05
C ILE B 536 -33.75 -33.70 -34.87
N TRP B 537 -32.70 -34.33 -34.33
CA TRP B 537 -32.07 -35.55 -34.91
C TRP B 537 -32.55 -36.77 -34.13
N ASP B 538 -33.44 -37.64 -34.66
CA ASP B 538 -34.08 -37.56 -35.97
C ASP B 538 -35.46 -38.24 -35.90
N TRP B 539 -36.12 -38.46 -37.04
CA TRP B 539 -37.53 -38.89 -37.13
C TRP B 539 -37.67 -40.39 -36.80
N VAL B 540 -37.08 -41.28 -37.59
CA VAL B 540 -37.37 -42.75 -37.55
C VAL B 540 -36.10 -43.57 -37.25
N ASP B 541 -36.16 -44.48 -36.28
CA ASP B 541 -35.15 -45.53 -35.99
C ASP B 541 -34.92 -46.40 -37.25
N GLN B 542 -33.67 -46.51 -37.75
CA GLN B 542 -33.29 -47.39 -38.90
C GLN B 542 -33.04 -48.82 -38.37
N GLY B 543 -34.10 -49.49 -37.92
CA GLY B 543 -34.09 -50.90 -37.50
C GLY B 543 -34.71 -51.77 -38.58
N ILE B 544 -34.06 -52.88 -38.92
CA ILE B 544 -34.52 -53.81 -39.99
C ILE B 544 -35.29 -54.95 -39.31
N ARG B 545 -36.52 -55.22 -39.78
CA ARG B 545 -37.36 -56.33 -39.27
C ARG B 545 -36.67 -57.67 -39.56
N LYS B 546 -36.44 -58.47 -38.53
CA LYS B 546 -35.78 -59.81 -38.61
C LYS B 546 -36.47 -60.79 -37.66
N LYS B 547 -36.27 -62.10 -37.86
CA LYS B 547 -36.79 -63.19 -37.00
C LYS B 547 -35.62 -63.92 -36.35
N ASP B 548 -35.77 -64.28 -35.07
CA ASP B 548 -34.76 -65.03 -34.26
C ASP B 548 -34.99 -66.53 -34.47
N GLU B 549 -34.33 -67.37 -33.65
CA GLU B 549 -34.32 -68.86 -33.78
C GLU B 549 -35.73 -69.41 -33.52
N ASN B 550 -36.40 -68.90 -32.49
CA ASN B 550 -37.75 -69.33 -32.04
C ASN B 550 -38.82 -68.74 -32.98
N GLY B 551 -38.47 -67.73 -33.76
CA GLY B 551 -39.34 -67.11 -34.79
C GLY B 551 -40.17 -65.97 -34.24
N ARG B 552 -39.67 -65.26 -33.22
CA ARG B 552 -40.29 -64.03 -32.67
C ARG B 552 -39.55 -62.82 -33.26
N GLU B 553 -40.31 -61.83 -33.75
CA GLU B 553 -39.79 -60.64 -34.48
C GLU B 553 -38.99 -59.75 -33.53
N PHE B 554 -37.89 -59.19 -34.02
CA PHE B 554 -37.16 -58.08 -33.36
C PHE B 554 -36.67 -57.08 -34.43
N TRP B 555 -36.27 -55.91 -33.96
CA TRP B 555 -35.65 -54.83 -34.77
C TRP B 555 -34.14 -55.01 -34.70
N ALA B 556 -33.48 -55.23 -35.85
CA ALA B 556 -32.05 -55.55 -35.97
C ALA B 556 -31.24 -54.27 -36.18
N TYR B 557 -30.02 -54.22 -35.68
CA TYR B 557 -29.08 -53.09 -35.87
C TYR B 557 -27.67 -53.64 -36.12
N GLY B 558 -26.68 -52.76 -36.25
CA GLY B 558 -25.29 -53.11 -36.57
C GLY B 558 -24.82 -54.35 -35.82
N GLY B 559 -24.26 -55.33 -36.54
CA GLY B 559 -23.68 -56.57 -35.97
C GLY B 559 -24.70 -57.69 -35.82
N ASP B 560 -25.90 -57.55 -36.38
CA ASP B 560 -26.96 -58.59 -36.40
C ASP B 560 -27.05 -59.25 -37.78
N PHE B 561 -26.04 -59.07 -38.64
CA PHE B 561 -25.92 -59.70 -39.99
C PHE B 561 -24.50 -60.21 -40.22
N GLY B 562 -23.77 -60.50 -39.14
CA GLY B 562 -22.33 -60.87 -39.17
C GLY B 562 -21.46 -59.81 -39.83
N ASP B 563 -21.93 -58.56 -39.90
CA ASP B 563 -21.26 -57.44 -40.62
C ASP B 563 -20.20 -56.85 -39.68
N THR B 564 -18.94 -56.79 -40.13
CA THR B 564 -17.76 -56.35 -39.34
C THR B 564 -16.79 -55.59 -40.26
N PRO B 565 -16.33 -54.37 -39.90
CA PRO B 565 -16.69 -53.69 -38.66
C PRO B 565 -18.10 -53.07 -38.71
N ASN B 566 -18.68 -52.80 -37.54
CA ASN B 566 -20.03 -52.18 -37.39
C ASN B 566 -20.02 -51.18 -36.23
N ASP B 567 -21.03 -50.31 -36.18
CA ASP B 567 -21.19 -49.28 -35.11
C ASP B 567 -22.47 -49.55 -34.30
N GLY B 568 -22.90 -50.81 -34.19
CA GLY B 568 -23.91 -51.28 -33.20
C GLY B 568 -25.24 -50.56 -33.36
N ASN B 569 -25.75 -49.91 -32.30
CA ASN B 569 -27.10 -49.28 -32.30
C ASN B 569 -27.01 -47.76 -32.53
N PHE B 570 -25.93 -47.24 -33.10
CA PHE B 570 -25.77 -45.79 -33.37
CA PHE B 570 -25.78 -45.79 -33.38
C PHE B 570 -26.61 -45.36 -34.60
N CYS B 571 -27.30 -46.30 -35.25
CA CYS B 571 -28.28 -45.99 -36.34
C CYS B 571 -29.71 -45.88 -35.76
N ILE B 572 -29.91 -46.10 -34.45
CA ILE B 572 -31.23 -46.08 -33.76
C ILE B 572 -31.36 -44.75 -32.99
N ASN B 573 -31.83 -43.68 -33.66
CA ASN B 573 -31.79 -42.28 -33.15
C ASN B 573 -33.17 -41.58 -33.23
N GLY B 574 -34.26 -42.33 -33.37
CA GLY B 574 -35.59 -41.80 -33.69
C GLY B 574 -36.45 -41.36 -32.50
N VAL B 575 -37.48 -40.57 -32.82
CA VAL B 575 -38.65 -40.20 -31.99
C VAL B 575 -39.85 -41.09 -32.34
N VAL B 576 -39.79 -41.88 -33.43
CA VAL B 576 -40.76 -43.00 -33.70
C VAL B 576 -39.98 -44.28 -34.00
N LEU B 577 -40.55 -45.44 -33.64
CA LEU B 577 -39.99 -46.80 -33.91
C LEU B 577 -40.09 -47.09 -35.41
N PRO B 578 -39.35 -48.11 -35.94
CA PRO B 578 -39.28 -48.32 -37.40
C PRO B 578 -40.63 -48.42 -38.12
N ASP B 579 -41.68 -48.93 -37.47
CA ASP B 579 -43.05 -49.08 -38.05
C ASP B 579 -43.92 -47.83 -37.80
N ARG B 580 -43.35 -46.73 -37.31
CA ARG B 580 -44.00 -45.39 -37.13
C ARG B 580 -44.89 -45.36 -35.87
N THR B 581 -44.69 -46.27 -34.92
CA THR B 581 -45.23 -46.22 -33.53
C THR B 581 -44.48 -45.12 -32.75
N PRO B 582 -45.17 -44.10 -32.18
CA PRO B 582 -44.50 -43.05 -31.42
C PRO B 582 -43.76 -43.50 -30.15
N GLU B 583 -42.57 -42.96 -29.92
CA GLU B 583 -41.87 -43.08 -28.60
C GLU B 583 -42.49 -42.02 -27.69
N PRO B 584 -42.48 -42.18 -26.34
CA PRO B 584 -43.01 -41.16 -25.41
C PRO B 584 -42.45 -39.74 -25.59
N GLU B 585 -41.21 -39.60 -26.02
CA GLU B 585 -40.55 -38.29 -26.27
C GLU B 585 -41.24 -37.51 -27.42
N LEU B 586 -42.02 -38.13 -28.31
CA LEU B 586 -42.79 -37.40 -29.37
C LEU B 586 -43.94 -36.57 -28.72
N TYR B 587 -44.46 -36.96 -27.55
CA TYR B 587 -45.49 -36.18 -26.82
C TYR B 587 -44.85 -34.92 -26.22
N GLU B 588 -43.59 -34.94 -25.79
CA GLU B 588 -42.88 -33.70 -25.35
C GLU B 588 -42.68 -32.74 -26.55
N VAL B 589 -42.27 -33.24 -27.71
CA VAL B 589 -42.08 -32.41 -28.96
C VAL B 589 -43.41 -31.69 -29.28
N LYS B 590 -44.53 -32.43 -29.29
CA LYS B 590 -45.84 -31.81 -29.60
C LYS B 590 -46.16 -30.64 -28.63
N LYS B 591 -45.90 -30.80 -27.33
CA LYS B 591 -46.17 -29.77 -26.29
C LYS B 591 -45.25 -28.56 -26.52
N VAL B 592 -43.95 -28.76 -26.68
CA VAL B 592 -43.00 -27.63 -26.85
C VAL B 592 -43.23 -26.90 -28.19
N TYR B 593 -43.66 -27.57 -29.26
CA TYR B 593 -43.83 -26.95 -30.60
C TYR B 593 -45.22 -26.27 -30.80
N GLN B 594 -46.17 -26.38 -29.87
CA GLN B 594 -47.55 -25.80 -30.00
C GLN B 594 -47.49 -24.26 -30.24
N ASN B 595 -48.48 -23.72 -30.96
CA ASN B 595 -48.49 -22.31 -31.44
C ASN B 595 -49.50 -21.44 -30.66
N VAL B 596 -49.99 -21.91 -29.51
CA VAL B 596 -50.78 -21.08 -28.55
C VAL B 596 -50.04 -21.09 -27.21
N LYS B 597 -49.84 -19.92 -26.60
CA LYS B 597 -49.29 -19.76 -25.23
C LYS B 597 -50.40 -19.23 -24.32
N ILE B 598 -50.53 -19.80 -23.11
CA ILE B 598 -51.57 -19.44 -22.11
C ILE B 598 -50.90 -19.14 -20.78
N ARG B 599 -51.13 -17.94 -20.23
CA ARG B 599 -50.56 -17.44 -18.95
C ARG B 599 -51.68 -17.25 -17.90
N GLN B 600 -51.40 -17.54 -16.62
CA GLN B 600 -52.33 -17.28 -15.48
C GLN B 600 -52.10 -15.86 -14.98
N VAL B 601 -53.12 -14.99 -15.08
CA VAL B 601 -53.08 -13.61 -14.52
C VAL B 601 -53.57 -13.70 -13.06
N SER B 602 -54.77 -14.24 -12.87
CA SER B 602 -55.39 -14.61 -11.57
C SER B 602 -56.02 -16.00 -11.71
N LYS B 603 -56.60 -16.54 -10.65
CA LYS B 603 -57.16 -17.92 -10.62
C LYS B 603 -58.32 -18.05 -11.61
N ASP B 604 -59.05 -16.96 -11.90
CA ASP B 604 -60.21 -16.98 -12.83
C ASP B 604 -59.89 -16.25 -14.16
N THR B 605 -58.69 -15.69 -14.34
CA THR B 605 -58.35 -14.85 -15.55
C THR B 605 -57.07 -15.34 -16.24
N TYR B 606 -57.16 -15.67 -17.53
CA TYR B 606 -56.08 -16.29 -18.35
C TYR B 606 -55.87 -15.46 -19.62
N GLU B 607 -54.61 -15.13 -19.92
CA GLU B 607 -54.20 -14.44 -21.17
C GLU B 607 -53.77 -15.48 -22.23
N VAL B 608 -54.43 -15.47 -23.39
CA VAL B 608 -54.17 -16.37 -24.55
C VAL B 608 -53.38 -15.60 -25.63
N GLU B 609 -52.19 -16.06 -26.00
CA GLU B 609 -51.32 -15.48 -27.07
C GLU B 609 -51.29 -16.39 -28.32
N ASN B 610 -51.73 -15.85 -29.47
CA ASN B 610 -51.69 -16.52 -30.80
C ASN B 610 -50.29 -16.37 -31.40
N ARG B 611 -49.57 -17.47 -31.61
CA ARG B 611 -48.20 -17.48 -32.20
C ARG B 611 -48.22 -18.10 -33.61
N TYR B 612 -49.38 -18.41 -34.20
CA TYR B 612 -49.49 -18.71 -35.65
C TYR B 612 -49.14 -17.44 -36.44
N LEU B 613 -48.60 -17.58 -37.65
CA LEU B 613 -48.20 -16.45 -38.55
C LEU B 613 -49.42 -15.94 -39.34
N PHE B 614 -50.30 -16.82 -39.83
CA PHE B 614 -51.37 -16.53 -40.82
C PHE B 614 -52.74 -17.14 -40.44
N THR B 615 -52.98 -17.54 -39.19
CA THR B 615 -54.22 -18.22 -38.75
C THR B 615 -54.87 -17.43 -37.59
N ASN B 616 -56.18 -17.20 -37.64
CA ASN B 616 -56.98 -16.61 -36.53
C ASN B 616 -57.40 -17.73 -35.56
N LEU B 617 -57.33 -17.52 -34.25
CA LEU B 617 -57.74 -18.56 -33.24
C LEU B 617 -59.24 -18.88 -33.34
N GLU B 618 -60.04 -18.05 -34.02
CA GLU B 618 -61.49 -18.32 -34.26
C GLU B 618 -61.70 -19.60 -35.09
N MET B 619 -60.67 -20.15 -35.73
CA MET B 619 -60.74 -21.45 -36.48
C MET B 619 -60.83 -22.65 -35.52
N PHE B 620 -60.50 -22.50 -34.24
CA PHE B 620 -60.40 -23.63 -33.27
C PHE B 620 -61.58 -23.61 -32.30
N ASP B 621 -61.98 -24.78 -31.85
CA ASP B 621 -62.91 -24.98 -30.70
C ASP B 621 -62.12 -24.95 -29.38
N GLY B 622 -62.40 -23.98 -28.52
CA GLY B 622 -61.89 -23.89 -27.14
C GLY B 622 -62.68 -24.79 -26.20
N ALA B 623 -62.02 -25.40 -25.21
CA ALA B 623 -62.70 -26.07 -24.08
C ALA B 623 -61.89 -25.84 -22.79
N TRP B 624 -62.55 -25.76 -21.64
CA TRP B 624 -61.88 -25.82 -20.32
C TRP B 624 -62.53 -26.91 -19.47
N LYS B 625 -61.75 -27.51 -18.56
CA LYS B 625 -62.19 -28.63 -17.66
C LYS B 625 -61.59 -28.41 -16.26
N ILE B 626 -62.37 -28.65 -15.21
CA ILE B 626 -61.87 -28.64 -13.81
C ILE B 626 -61.90 -30.08 -13.28
N ARG B 627 -60.77 -30.53 -12.72
CA ARG B 627 -60.61 -31.88 -12.11
C ARG B 627 -60.46 -31.74 -10.59
N LYS B 628 -61.14 -32.61 -9.85
CA LYS B 628 -61.16 -32.68 -8.36
C LYS B 628 -60.58 -34.04 -7.97
N ASP B 629 -59.43 -34.06 -7.29
CA ASP B 629 -58.61 -35.28 -7.03
C ASP B 629 -58.52 -36.15 -8.31
N GLY B 630 -58.30 -35.51 -9.46
CA GLY B 630 -58.03 -36.18 -10.74
C GLY B 630 -59.25 -36.57 -11.57
N GLU B 631 -60.49 -36.24 -11.16
CA GLU B 631 -61.74 -36.59 -11.92
C GLU B 631 -62.47 -35.34 -12.41
N VAL B 632 -63.02 -35.37 -13.63
CA VAL B 632 -63.71 -34.20 -14.25
C VAL B 632 -65.02 -33.93 -13.52
N ILE B 633 -65.23 -32.69 -13.03
CA ILE B 633 -66.49 -32.23 -12.36
C ILE B 633 -67.20 -31.12 -13.14
N GLU B 634 -66.53 -30.44 -14.08
CA GLU B 634 -67.10 -29.33 -14.87
C GLU B 634 -66.35 -29.22 -16.20
N GLU B 635 -67.07 -29.12 -17.31
CA GLU B 635 -66.55 -28.90 -18.69
C GLU B 635 -67.35 -27.77 -19.36
N LYS B 636 -66.71 -26.95 -20.19
CA LYS B 636 -67.37 -25.84 -20.93
C LYS B 636 -66.61 -25.52 -22.23
N THR B 637 -67.35 -25.33 -23.33
CA THR B 637 -66.82 -24.89 -24.65
C THR B 637 -66.84 -23.37 -24.72
N PHE B 638 -65.95 -22.80 -25.53
CA PHE B 638 -65.87 -21.33 -25.81
C PHE B 638 -65.21 -21.12 -27.18
N LYS B 639 -65.27 -19.89 -27.67
CA LYS B 639 -64.57 -19.42 -28.90
C LYS B 639 -63.95 -18.06 -28.58
N ILE B 640 -62.74 -17.83 -29.06
CA ILE B 640 -61.95 -16.60 -28.82
C ILE B 640 -61.42 -16.10 -30.17
N PHE B 641 -61.53 -14.80 -30.43
CA PHE B 641 -61.08 -14.11 -31.65
C PHE B 641 -59.73 -13.45 -31.35
N ALA B 642 -58.66 -13.92 -31.99
CA ALA B 642 -57.30 -13.37 -31.84
C ALA B 642 -56.56 -13.52 -33.17
N GLU B 643 -56.03 -12.42 -33.69
CA GLU B 643 -55.24 -12.37 -34.95
C GLU B 643 -53.81 -12.78 -34.62
N PRO B 644 -53.00 -13.18 -35.62
CA PRO B 644 -51.58 -13.48 -35.39
C PRO B 644 -50.89 -12.40 -34.54
N GLY B 645 -50.29 -12.81 -33.42
CA GLY B 645 -49.56 -11.94 -32.49
C GLY B 645 -50.40 -11.37 -31.36
N GLU B 646 -51.73 -11.43 -31.42
CA GLU B 646 -52.61 -10.78 -30.41
C GLU B 646 -52.67 -11.62 -29.12
N LYS B 647 -52.77 -10.91 -27.98
CA LYS B 647 -53.09 -11.44 -26.62
C LYS B 647 -54.54 -11.08 -26.28
N ARG B 648 -55.35 -12.06 -25.85
CA ARG B 648 -56.78 -11.88 -25.46
C ARG B 648 -57.02 -12.51 -24.07
N LEU B 649 -57.88 -11.89 -23.25
CA LEU B 649 -58.20 -12.35 -21.87
C LEU B 649 -59.39 -13.32 -21.92
N LEU B 650 -59.32 -14.36 -21.08
CA LEU B 650 -60.36 -15.40 -20.94
C LEU B 650 -60.74 -15.50 -19.45
N LYS B 651 -62.02 -15.32 -19.15
CA LYS B 651 -62.57 -15.26 -17.78
C LYS B 651 -63.31 -16.59 -17.53
N ILE B 652 -62.94 -17.31 -16.48
CA ILE B 652 -63.51 -18.63 -16.13
C ILE B 652 -64.16 -18.52 -14.75
N PRO B 653 -65.50 -18.61 -14.63
CA PRO B 653 -66.16 -18.61 -13.32
C PRO B 653 -65.91 -19.92 -12.54
N LEU B 654 -65.31 -19.82 -11.35
CA LEU B 654 -64.90 -20.97 -10.51
C LEU B 654 -66.02 -21.36 -9.55
N PRO B 655 -66.20 -22.67 -9.24
CA PRO B 655 -67.12 -23.10 -8.20
C PRO B 655 -66.56 -22.88 -6.78
N GLU B 656 -67.40 -22.99 -5.76
CA GLU B 656 -66.95 -23.13 -4.34
C GLU B 656 -66.23 -24.47 -4.22
N MET B 657 -65.13 -24.49 -3.46
CA MET B 657 -64.19 -25.64 -3.42
C MET B 657 -64.15 -26.18 -1.99
N ASP B 658 -64.02 -27.50 -1.84
CA ASP B 658 -63.84 -28.22 -0.56
C ASP B 658 -62.34 -28.48 -0.34
N ASP B 659 -61.94 -29.44 0.50
CA ASP B 659 -60.53 -29.71 0.90
C ASP B 659 -59.73 -30.54 -0.13
N SER B 660 -60.33 -30.96 -1.25
CA SER B 660 -59.67 -31.63 -2.40
C SER B 660 -58.66 -30.71 -3.12
N GLU B 661 -57.81 -31.31 -3.96
CA GLU B 661 -56.90 -30.61 -4.92
C GLU B 661 -57.64 -30.33 -6.24
N TYR B 662 -57.59 -29.09 -6.75
CA TYR B 662 -58.29 -28.70 -8.01
C TYR B 662 -57.28 -28.26 -9.08
N PHE B 663 -57.36 -28.84 -10.29
CA PHE B 663 -56.55 -28.47 -11.48
C PHE B 663 -57.48 -27.98 -12.62
N LEU B 664 -57.10 -26.90 -13.32
CA LEU B 664 -57.76 -26.40 -14.57
C LEU B 664 -56.96 -26.81 -15.81
N GLU B 665 -57.61 -27.35 -16.84
CA GLU B 665 -56.99 -27.59 -18.19
C GLU B 665 -57.71 -26.71 -19.24
N ILE B 666 -56.99 -25.94 -20.06
CA ILE B 666 -57.52 -25.16 -21.23
C ILE B 666 -56.92 -25.75 -22.51
N SER B 667 -57.76 -26.17 -23.48
CA SER B 667 -57.33 -26.78 -24.76
C SER B 667 -57.99 -26.10 -25.97
N PHE B 668 -57.36 -26.26 -27.14
CA PHE B 668 -57.84 -25.83 -28.47
C PHE B 668 -57.77 -27.01 -29.43
N SER B 669 -58.84 -27.28 -30.15
CA SER B 669 -58.99 -28.42 -31.10
C SER B 669 -59.50 -27.99 -32.49
N LEU B 670 -59.35 -28.84 -33.50
CA LEU B 670 -59.86 -28.59 -34.88
C LEU B 670 -61.40 -28.57 -34.87
N SER B 671 -62.01 -27.46 -35.32
CA SER B 671 -63.48 -27.27 -35.47
C SER B 671 -64.06 -28.26 -36.47
N GLU B 672 -63.34 -28.53 -37.57
CA GLU B 672 -63.78 -29.49 -38.63
C GLU B 672 -62.56 -30.17 -39.25
N ASP B 673 -62.81 -31.26 -39.98
CA ASP B 673 -61.79 -32.12 -40.64
C ASP B 673 -60.84 -31.28 -41.49
N THR B 674 -59.57 -31.68 -41.54
CA THR B 674 -58.52 -31.15 -42.45
C THR B 674 -57.99 -32.32 -43.28
N PRO B 675 -57.17 -32.08 -44.32
CA PRO B 675 -56.51 -33.16 -45.04
C PRO B 675 -55.57 -34.02 -44.18
N TRP B 676 -55.06 -33.48 -43.07
CA TRP B 676 -54.03 -34.17 -42.24
C TRP B 676 -54.63 -34.71 -40.92
N ALA B 677 -55.85 -34.34 -40.52
CA ALA B 677 -56.43 -34.80 -39.23
C ALA B 677 -57.94 -34.55 -39.16
N GLU B 678 -58.60 -35.21 -38.21
CA GLU B 678 -60.07 -35.23 -38.01
C GLU B 678 -60.50 -34.16 -37.00
N LYS B 679 -61.77 -33.76 -37.08
CA LYS B 679 -62.45 -32.87 -36.10
C LYS B 679 -62.18 -33.37 -34.67
N GLY B 680 -61.81 -32.47 -33.76
CA GLY B 680 -61.54 -32.80 -32.34
C GLY B 680 -60.07 -33.07 -32.01
N HIS B 681 -59.18 -33.15 -33.00
CA HIS B 681 -57.71 -33.24 -32.78
C HIS B 681 -57.27 -32.04 -31.95
N VAL B 682 -56.55 -32.26 -30.85
CA VAL B 682 -56.03 -31.15 -30.00
C VAL B 682 -54.72 -30.61 -30.61
N VAL B 683 -54.59 -29.29 -30.78
CA VAL B 683 -53.39 -28.63 -31.33
C VAL B 683 -52.62 -27.96 -30.19
N ALA B 684 -53.26 -27.64 -29.06
CA ALA B 684 -52.60 -26.92 -27.95
C ALA B 684 -53.40 -27.10 -26.66
N TRP B 685 -52.71 -27.21 -25.52
CA TRP B 685 -53.32 -27.28 -24.16
C TRP B 685 -52.35 -26.71 -23.14
N GLU B 686 -52.85 -26.25 -22.00
CA GLU B 686 -52.06 -25.88 -20.78
C GLU B 686 -52.88 -26.20 -19.51
N GLN B 687 -52.21 -26.50 -18.39
CA GLN B 687 -52.84 -26.87 -17.09
C GLN B 687 -52.31 -25.96 -16.00
N PHE B 688 -53.12 -25.69 -14.97
CA PHE B 688 -52.80 -24.78 -13.83
C PHE B 688 -53.44 -25.35 -12.55
N LEU B 689 -52.70 -25.29 -11.44
CA LEU B 689 -53.23 -25.58 -10.07
C LEU B 689 -54.19 -24.45 -9.65
N LEU B 690 -55.44 -24.76 -9.31
CA LEU B 690 -56.40 -23.77 -8.77
C LEU B 690 -56.28 -23.73 -7.23
N LYS B 691 -56.28 -24.89 -6.55
CA LYS B 691 -56.22 -24.94 -5.07
C LYS B 691 -55.51 -26.22 -4.61
N ALA B 692 -54.54 -26.05 -3.73
CA ALA B 692 -53.84 -27.14 -3.00
C ALA B 692 -54.81 -27.79 -2.02
N PRO B 693 -54.64 -29.09 -1.71
CA PRO B 693 -55.54 -29.76 -0.78
C PRO B 693 -55.25 -29.38 0.69
N ALA B 694 -56.19 -29.67 1.59
CA ALA B 694 -56.01 -29.59 3.06
C ALA B 694 -55.79 -31.01 3.59
N PHE B 695 -54.59 -31.31 4.05
CA PHE B 695 -54.24 -32.66 4.58
C PHE B 695 -54.86 -32.87 5.97
N GLU B 696 -55.35 -34.07 6.23
CA GLU B 696 -55.94 -34.48 7.52
C GLU B 696 -54.93 -35.38 8.26
N LYS B 697 -54.79 -35.17 9.56
CA LYS B 697 -53.94 -35.97 10.50
C LYS B 697 -54.85 -36.56 11.57
N LYS B 698 -54.97 -37.88 11.61
CA LYS B 698 -55.90 -38.59 12.53
C LYS B 698 -55.10 -39.27 13.65
N SER B 699 -55.55 -39.13 14.90
CA SER B 699 -55.01 -39.83 16.09
C SER B 699 -55.46 -41.30 16.09
N ILE B 700 -54.52 -42.24 16.01
CA ILE B 700 -54.79 -43.70 16.08
C ILE B 700 -54.75 -44.10 17.57
N SER B 701 -55.78 -44.82 18.04
CA SER B 701 -55.93 -45.28 19.44
C SER B 701 -55.69 -46.79 19.57
N ASP B 702 -55.83 -47.57 18.50
CA ASP B 702 -55.69 -49.06 18.51
C ASP B 702 -54.22 -49.45 18.72
N GLY B 703 -54.00 -50.69 19.18
CA GLY B 703 -52.68 -51.17 19.66
C GLY B 703 -51.95 -52.01 18.62
N VAL B 704 -50.66 -52.25 18.86
CA VAL B 704 -49.71 -53.00 18.00
C VAL B 704 -48.95 -53.98 18.92
N SER B 705 -48.73 -55.22 18.49
CA SER B 705 -47.99 -56.24 19.27
C SER B 705 -46.63 -56.48 18.62
N LEU B 706 -45.69 -57.00 19.41
CA LEU B 706 -44.27 -57.19 19.03
C LEU B 706 -43.76 -58.48 19.68
N ARG B 707 -43.21 -59.41 18.89
CA ARG B 707 -42.58 -60.69 19.34
C ARG B 707 -41.16 -60.78 18.77
N GLU B 708 -40.16 -60.96 19.63
CA GLU B 708 -38.74 -61.16 19.25
C GLU B 708 -38.37 -62.63 19.40
N ASP B 709 -37.53 -63.13 18.51
CA ASP B 709 -36.81 -64.43 18.66
C ASP B 709 -35.34 -64.18 18.25
N GLY B 710 -34.61 -65.24 17.89
CA GLY B 710 -33.15 -65.15 17.63
C GLY B 710 -32.82 -64.52 16.28
N LYS B 711 -33.72 -64.58 15.30
CA LYS B 711 -33.46 -64.11 13.91
C LYS B 711 -34.49 -63.06 13.46
N HIS B 712 -35.70 -63.05 14.01
CA HIS B 712 -36.83 -62.23 13.52
C HIS B 712 -37.42 -61.35 14.62
N LEU B 713 -37.84 -60.15 14.22
CA LEU B 713 -38.82 -59.29 14.93
C LEU B 713 -40.13 -59.35 14.14
N THR B 714 -41.26 -59.63 14.80
CA THR B 714 -42.61 -59.75 14.17
C THR B 714 -43.56 -58.71 14.78
N VAL B 715 -44.20 -57.88 13.96
CA VAL B 715 -45.11 -56.78 14.41
C VAL B 715 -46.50 -57.03 13.83
N GLU B 716 -47.52 -57.12 14.68
CA GLU B 716 -48.92 -57.41 14.25
C GLU B 716 -49.78 -56.18 14.51
N ALA B 717 -50.63 -55.83 13.53
CA ALA B 717 -51.62 -54.73 13.59
C ALA B 717 -52.80 -55.08 12.70
N LYS B 718 -54.02 -55.00 13.24
CA LYS B 718 -55.27 -55.45 12.55
C LYS B 718 -55.04 -56.87 12.04
N ASP B 719 -55.01 -57.08 10.72
CA ASP B 719 -54.86 -58.42 10.11
C ASP B 719 -53.63 -58.45 9.19
N THR B 720 -52.62 -57.62 9.47
CA THR B 720 -51.32 -57.60 8.74
C THR B 720 -50.20 -57.92 9.73
N VAL B 721 -49.23 -58.73 9.31
CA VAL B 721 -48.03 -59.08 10.09
C VAL B 721 -46.80 -58.66 9.29
N TYR B 722 -45.93 -57.86 9.88
CA TYR B 722 -44.67 -57.36 9.26
C TYR B 722 -43.50 -58.13 9.88
N VAL B 723 -42.65 -58.76 9.06
CA VAL B 723 -41.51 -59.57 9.55
C VAL B 723 -40.19 -58.88 9.17
N PHE B 724 -39.39 -58.54 10.19
CA PHE B 724 -38.07 -57.88 10.07
C PHE B 724 -36.98 -58.88 10.46
N SER B 725 -35.86 -58.88 9.74
CA SER B 725 -34.69 -59.75 10.01
C SER B 725 -33.65 -59.00 10.87
N LYS B 726 -33.19 -59.60 11.97
CA LYS B 726 -32.14 -59.01 12.86
C LYS B 726 -30.74 -59.21 12.25
N LEU B 727 -30.56 -60.08 11.26
CA LEU B 727 -29.26 -60.33 10.61
C LEU B 727 -29.08 -59.42 9.38
N THR B 728 -30.14 -59.18 8.59
CA THR B 728 -30.07 -58.29 7.39
C THR B 728 -30.52 -56.86 7.71
N GLY B 729 -31.31 -56.66 8.76
CA GLY B 729 -31.93 -55.35 9.08
C GLY B 729 -33.02 -54.92 8.09
N LEU B 730 -33.54 -55.80 7.23
CA LEU B 730 -34.55 -55.46 6.17
C LEU B 730 -35.95 -55.90 6.60
N LEU B 731 -36.99 -55.26 6.06
CA LEU B 731 -38.38 -55.81 6.01
C LEU B 731 -38.45 -56.92 4.96
N GLU B 732 -38.68 -58.16 5.40
CA GLU B 732 -38.51 -59.39 4.58
C GLU B 732 -39.85 -59.94 4.12
N GLN B 733 -40.92 -59.81 4.91
CA GLN B 733 -42.24 -60.37 4.52
C GLN B 733 -43.35 -59.53 5.11
N ILE B 734 -44.48 -59.48 4.39
CA ILE B 734 -45.77 -58.90 4.83
C ILE B 734 -46.83 -59.98 4.62
N LEU B 735 -47.50 -60.41 5.69
CA LEU B 735 -48.60 -61.40 5.64
C LEU B 735 -49.90 -60.65 5.89
N HIS B 736 -50.81 -60.65 4.93
CA HIS B 736 -52.16 -60.05 5.04
C HIS B 736 -53.16 -61.20 4.97
N ARG B 737 -53.96 -61.42 6.02
CA ARG B 737 -54.86 -62.60 6.18
C ARG B 737 -54.12 -63.87 5.75
N ARG B 738 -52.93 -64.11 6.28
CA ARG B 738 -52.08 -65.32 6.07
C ARG B 738 -51.63 -65.47 4.61
N LYS B 739 -51.62 -64.39 3.82
CA LYS B 739 -51.21 -64.41 2.38
C LYS B 739 -49.92 -63.58 2.21
N LYS B 740 -48.88 -64.16 1.60
CA LYS B 740 -47.59 -63.49 1.34
C LYS B 740 -47.75 -62.43 0.24
N ILE B 741 -47.31 -61.20 0.52
CA ILE B 741 -47.37 -60.02 -0.39
C ILE B 741 -45.99 -59.81 -1.05
N LEU B 742 -44.87 -60.09 -0.35
CA LEU B 742 -43.51 -59.85 -0.87
C LEU B 742 -42.92 -61.17 -1.41
N LYS B 743 -42.25 -61.10 -2.57
CA LYS B 743 -41.41 -62.20 -3.13
C LYS B 743 -39.92 -61.95 -2.88
N SER B 744 -39.54 -60.73 -2.49
CA SER B 744 -38.17 -60.40 -2.05
C SER B 744 -38.22 -59.20 -1.09
N PRO B 745 -37.19 -58.99 -0.23
CA PRO B 745 -37.20 -57.90 0.75
C PRO B 745 -37.21 -56.47 0.18
N VAL B 746 -37.68 -55.52 0.96
CA VAL B 746 -37.60 -54.06 0.64
C VAL B 746 -36.14 -53.61 0.87
N VAL B 747 -35.45 -53.16 -0.18
CA VAL B 747 -34.02 -52.71 -0.11
C VAL B 747 -33.90 -51.28 -0.61
N PRO B 748 -33.03 -50.45 0.02
CA PRO B 748 -32.62 -49.16 -0.56
C PRO B 748 -31.97 -49.32 -1.95
N ASN B 749 -32.23 -48.44 -2.92
CA ASN B 749 -31.74 -48.59 -4.33
C ASN B 749 -31.27 -47.24 -4.86
N PHE B 750 -30.07 -47.21 -5.48
CA PHE B 750 -29.37 -46.00 -5.96
C PHE B 750 -29.08 -46.10 -7.46
N TRP B 751 -29.57 -47.11 -8.17
CA TRP B 751 -29.15 -47.41 -9.57
C TRP B 751 -30.30 -47.27 -10.56
N ARG B 752 -30.00 -46.86 -11.79
CA ARG B 752 -30.93 -47.01 -12.93
C ARG B 752 -30.17 -47.69 -14.08
N VAL B 753 -30.88 -48.45 -14.92
CA VAL B 753 -30.29 -49.20 -16.07
C VAL B 753 -29.81 -48.19 -17.11
N PRO B 754 -28.51 -48.14 -17.46
CA PRO B 754 -28.00 -47.04 -18.29
C PRO B 754 -28.70 -46.88 -19.66
N THR B 755 -29.06 -45.63 -19.98
CA THR B 755 -29.56 -45.19 -21.31
C THR B 755 -28.40 -45.04 -22.29
N ASP B 756 -28.70 -44.85 -23.58
CA ASP B 756 -27.66 -44.58 -24.62
C ASP B 756 -26.89 -43.29 -24.27
N ASN B 757 -27.55 -42.25 -23.73
CA ASN B 757 -26.85 -41.01 -23.28
C ASN B 757 -25.92 -41.34 -22.10
N ASP B 758 -26.36 -42.14 -21.13
CA ASP B 758 -25.52 -42.55 -19.96
C ASP B 758 -24.25 -43.27 -20.46
N ILE B 759 -24.38 -44.22 -21.39
CA ILE B 759 -23.21 -44.96 -21.97
C ILE B 759 -22.26 -43.95 -22.62
N GLY B 760 -22.77 -43.01 -23.42
CA GLY B 760 -21.95 -42.01 -24.12
C GLY B 760 -21.16 -41.11 -23.19
N ASN B 761 -21.64 -40.83 -21.97
CA ASN B 761 -20.86 -39.96 -21.03
C ASN B 761 -20.17 -40.82 -19.95
N ARG B 762 -20.07 -42.15 -20.13
CA ARG B 762 -19.33 -43.09 -19.23
C ARG B 762 -19.91 -43.14 -17.81
N MET B 763 -21.23 -42.96 -17.67
CA MET B 763 -21.92 -43.05 -16.36
C MET B 763 -21.67 -44.42 -15.72
N PRO B 764 -21.69 -45.56 -16.43
CA PRO B 764 -21.47 -46.86 -15.80
C PRO B 764 -20.10 -47.03 -15.13
N GLN B 765 -19.06 -46.34 -15.63
CA GLN B 765 -17.70 -46.36 -15.03
C GLN B 765 -17.63 -45.33 -13.89
N ARG B 766 -17.89 -44.05 -14.18
CA ARG B 766 -17.88 -42.93 -13.19
C ARG B 766 -18.70 -43.26 -11.93
N LEU B 767 -19.90 -43.82 -12.07
CA LEU B 767 -20.91 -43.93 -10.98
C LEU B 767 -21.03 -45.41 -10.54
N ALA B 768 -20.04 -46.25 -10.86
CA ALA B 768 -20.05 -47.72 -10.57
C ALA B 768 -20.22 -48.00 -9.06
N ILE B 769 -19.75 -47.14 -8.16
CA ILE B 769 -19.87 -47.35 -6.69
C ILE B 769 -21.36 -47.39 -6.27
N TRP B 770 -22.25 -46.64 -6.94
CA TRP B 770 -23.70 -46.60 -6.59
C TRP B 770 -24.39 -47.88 -7.06
N LYS B 771 -23.90 -48.54 -8.08
CA LYS B 771 -24.44 -49.88 -8.46
C LYS B 771 -24.08 -50.92 -7.38
N ARG B 772 -22.86 -50.88 -6.85
CA ARG B 772 -22.41 -51.78 -5.74
C ARG B 772 -23.22 -51.51 -4.46
N ALA B 773 -23.39 -50.23 -4.11
CA ALA B 773 -24.16 -49.80 -2.92
C ALA B 773 -25.63 -50.24 -3.02
N SER B 774 -26.15 -50.55 -4.22
CA SER B 774 -27.54 -51.04 -4.41
C SER B 774 -27.66 -52.54 -4.11
N LYS B 775 -26.55 -53.30 -4.13
CA LYS B 775 -26.56 -54.78 -3.93
C LYS B 775 -25.87 -55.22 -2.62
N GLU B 776 -24.91 -54.46 -2.08
CA GLU B 776 -24.17 -54.82 -0.84
C GLU B 776 -24.30 -53.71 0.20
N ARG B 777 -24.39 -54.10 1.46
CA ARG B 777 -24.50 -53.17 2.61
C ARG B 777 -24.08 -53.92 3.89
N LYS B 778 -23.65 -53.17 4.89
CA LYS B 778 -23.23 -53.69 6.22
C LYS B 778 -24.17 -53.12 7.28
N LEU B 779 -24.91 -53.97 7.98
CA LEU B 779 -25.75 -53.55 9.11
C LEU B 779 -24.85 -53.21 10.30
N PHE B 780 -24.79 -51.92 10.67
CA PHE B 780 -23.97 -51.39 11.79
C PHE B 780 -24.74 -51.52 13.10
N LYS B 781 -26.06 -51.26 13.09
CA LYS B 781 -26.87 -51.15 14.33
C LYS B 781 -28.36 -51.33 14.00
N MET B 782 -29.13 -51.94 14.91
CA MET B 782 -30.59 -52.11 14.74
C MET B 782 -31.29 -52.06 16.09
N HIS B 783 -32.32 -51.23 16.25
CA HIS B 783 -33.12 -51.17 17.50
C HIS B 783 -34.60 -50.87 17.21
N TRP B 784 -35.46 -51.15 18.19
CA TRP B 784 -36.93 -50.91 18.13
C TRP B 784 -37.42 -50.24 19.42
N LYS B 785 -38.55 -49.55 19.33
CA LYS B 785 -39.19 -48.76 20.41
C LYS B 785 -40.72 -48.87 20.28
N LYS B 786 -41.40 -49.35 21.31
CA LYS B 786 -42.88 -49.51 21.35
C LYS B 786 -43.50 -48.36 22.15
N GLU B 787 -44.59 -47.77 21.63
CA GLU B 787 -45.52 -46.87 22.34
C GLU B 787 -46.89 -47.57 22.36
N GLU B 788 -47.90 -46.93 22.94
CA GLU B 788 -49.28 -47.45 23.07
C GLU B 788 -49.89 -47.73 21.69
N ASN B 789 -49.66 -46.87 20.69
CA ASN B 789 -50.37 -46.92 19.38
C ASN B 789 -49.42 -47.23 18.20
N ARG B 790 -48.13 -47.49 18.42
CA ARG B 790 -47.18 -47.69 17.31
C ARG B 790 -45.88 -48.33 17.79
N VAL B 791 -45.17 -48.99 16.86
CA VAL B 791 -43.78 -49.53 17.01
C VAL B 791 -42.93 -48.95 15.87
N SER B 792 -41.71 -48.48 16.17
CA SER B 792 -40.67 -48.06 15.20
C SER B 792 -39.53 -49.08 15.18
N VAL B 793 -39.06 -49.48 13.98
CA VAL B 793 -37.86 -50.34 13.74
C VAL B 793 -36.84 -49.52 12.94
N HIS B 794 -35.68 -49.27 13.52
CA HIS B 794 -34.59 -48.40 12.99
C HIS B 794 -33.38 -49.26 12.62
N SER B 795 -32.91 -49.19 11.37
CA SER B 795 -31.67 -49.84 10.89
C SER B 795 -30.67 -48.79 10.38
N VAL B 796 -29.38 -48.95 10.70
CA VAL B 796 -28.25 -48.08 10.27
C VAL B 796 -27.31 -48.93 9.42
N PHE B 797 -27.04 -48.53 8.19
CA PHE B 797 -26.13 -49.27 7.27
C PHE B 797 -24.96 -48.37 6.85
N GLN B 798 -23.81 -48.98 6.62
CA GLN B 798 -22.73 -48.31 5.87
C GLN B 798 -22.64 -49.01 4.52
N LEU B 799 -22.29 -48.27 3.48
CA LEU B 799 -22.34 -48.72 2.06
C LEU B 799 -20.95 -48.69 1.45
N PRO B 800 -20.72 -49.43 0.33
CA PRO B 800 -19.59 -49.18 -0.57
C PRO B 800 -19.47 -47.69 -0.93
N GLY B 801 -18.24 -47.16 -0.94
CA GLY B 801 -17.99 -45.71 -0.96
C GLY B 801 -17.99 -45.05 0.41
N ASN B 802 -18.41 -45.73 1.47
CA ASN B 802 -18.36 -45.26 2.89
C ASN B 802 -19.49 -44.27 3.23
N SER B 803 -20.56 -44.18 2.45
CA SER B 803 -21.79 -43.41 2.77
C SER B 803 -22.62 -44.13 3.83
N TRP B 804 -23.48 -43.39 4.55
CA TRP B 804 -24.40 -43.94 5.59
C TRP B 804 -25.85 -43.85 5.09
N VAL B 805 -26.67 -44.86 5.38
CA VAL B 805 -28.14 -44.83 5.11
C VAL B 805 -28.88 -45.33 6.35
N TYR B 806 -29.88 -44.56 6.79
CA TYR B 806 -30.77 -44.81 7.94
C TYR B 806 -32.17 -45.16 7.41
N THR B 807 -32.74 -46.32 7.76
CA THR B 807 -34.14 -46.70 7.45
C THR B 807 -34.93 -46.77 8.74
N THR B 808 -36.16 -46.27 8.72
CA THR B 808 -37.12 -46.32 9.86
C THR B 808 -38.49 -46.71 9.33
N TYR B 809 -39.06 -47.79 9.88
CA TYR B 809 -40.44 -48.27 9.64
C TYR B 809 -41.28 -48.03 10.90
N THR B 810 -42.38 -47.29 10.81
CA THR B 810 -43.30 -47.10 11.97
C THR B 810 -44.65 -47.75 11.61
N VAL B 811 -45.03 -48.80 12.33
CA VAL B 811 -46.32 -49.52 12.15
C VAL B 811 -47.31 -48.96 13.15
N PHE B 812 -48.46 -48.51 12.68
CA PHE B 812 -49.60 -48.00 13.49
C PHE B 812 -50.68 -49.07 13.65
N GLY B 813 -51.52 -48.88 14.67
CA GLY B 813 -52.61 -49.80 15.08
C GLY B 813 -53.71 -49.96 14.04
N ASN B 814 -53.84 -49.04 13.09
CA ASN B 814 -54.77 -49.09 11.93
C ASN B 814 -54.18 -49.88 10.74
N GLY B 815 -52.95 -50.40 10.83
CA GLY B 815 -52.28 -51.15 9.75
C GLY B 815 -51.44 -50.31 8.78
N ASP B 816 -51.53 -48.97 8.78
CA ASP B 816 -50.58 -48.08 8.04
C ASP B 816 -49.12 -48.36 8.47
N VAL B 817 -48.16 -48.28 7.54
CA VAL B 817 -46.70 -48.25 7.82
C VAL B 817 -46.12 -46.97 7.20
N LEU B 818 -45.43 -46.14 7.99
CA LEU B 818 -44.59 -45.03 7.48
C LEU B 818 -43.18 -45.56 7.22
N VAL B 819 -42.62 -45.25 6.04
CA VAL B 819 -41.29 -45.72 5.58
C VAL B 819 -40.42 -44.47 5.38
N ASP B 820 -39.28 -44.35 6.07
CA ASP B 820 -38.39 -43.16 6.01
C ASP B 820 -36.96 -43.61 5.66
N LEU B 821 -36.27 -42.80 4.86
CA LEU B 821 -34.86 -42.99 4.43
C LEU B 821 -34.13 -41.65 4.62
N SER B 822 -32.92 -41.67 5.19
CA SER B 822 -31.94 -40.55 5.13
C SER B 822 -30.66 -41.11 4.54
N LEU B 823 -30.07 -40.40 3.59
CA LEU B 823 -28.79 -40.79 2.97
C LEU B 823 -27.79 -39.68 3.31
N ILE B 824 -26.64 -40.02 3.90
CA ILE B 824 -25.52 -39.10 4.22
C ILE B 824 -24.30 -39.51 3.41
N PRO B 825 -24.07 -38.95 2.19
CA PRO B 825 -22.94 -39.35 1.36
C PRO B 825 -21.57 -39.02 1.99
N ALA B 826 -20.56 -39.85 1.75
CA ALA B 826 -19.15 -39.63 2.14
C ALA B 826 -18.55 -38.49 1.30
N GLU B 827 -17.42 -37.95 1.73
CA GLU B 827 -16.86 -36.66 1.22
C GLU B 827 -16.33 -36.78 -0.22
N ASP B 828 -16.02 -37.97 -0.73
CA ASP B 828 -15.34 -38.13 -2.05
C ASP B 828 -16.13 -39.03 -3.01
N VAL B 829 -17.45 -39.20 -2.81
CA VAL B 829 -18.32 -40.00 -3.73
C VAL B 829 -18.86 -39.11 -4.84
N PRO B 830 -19.12 -39.64 -6.05
CA PRO B 830 -19.73 -38.87 -7.13
C PRO B 830 -21.27 -38.75 -7.04
N GLU B 831 -21.89 -38.03 -7.97
CA GLU B 831 -23.36 -37.78 -8.01
C GLU B 831 -24.12 -39.12 -8.01
N ILE B 832 -25.40 -39.09 -7.67
CA ILE B 832 -26.23 -40.29 -7.40
C ILE B 832 -27.22 -40.47 -8.54
N PRO B 833 -27.34 -41.66 -9.17
CA PRO B 833 -28.32 -41.88 -10.23
C PRO B 833 -29.80 -41.82 -9.80
N ARG B 834 -30.13 -42.32 -8.60
CA ARG B 834 -31.53 -42.44 -8.10
C ARG B 834 -31.49 -42.51 -6.57
N ILE B 835 -32.56 -42.11 -5.89
CA ILE B 835 -32.72 -42.38 -4.42
C ILE B 835 -34.10 -42.99 -4.18
N GLY B 836 -34.18 -44.24 -3.72
CA GLY B 836 -35.49 -44.88 -3.45
C GLY B 836 -35.38 -46.27 -2.85
N PHE B 837 -36.47 -47.01 -2.93
CA PHE B 837 -36.64 -48.39 -2.44
C PHE B 837 -37.13 -49.26 -3.60
N GLN B 838 -36.72 -50.53 -3.60
CA GLN B 838 -37.13 -51.55 -4.61
C GLN B 838 -37.60 -52.80 -3.88
N PHE B 839 -38.70 -53.41 -4.32
CA PHE B 839 -39.16 -54.75 -3.85
C PHE B 839 -39.86 -55.50 -4.99
N THR B 840 -40.27 -56.76 -4.74
CA THR B 840 -41.02 -57.62 -5.69
C THR B 840 -42.27 -58.23 -5.05
N VAL B 841 -43.37 -58.28 -5.81
CA VAL B 841 -44.67 -58.88 -5.42
C VAL B 841 -45.02 -59.96 -6.46
N PRO B 842 -45.95 -60.90 -6.16
CA PRO B 842 -46.37 -61.93 -7.13
C PRO B 842 -47.11 -61.36 -8.35
N GLU B 843 -47.00 -62.03 -9.51
CA GLU B 843 -47.52 -61.55 -10.83
C GLU B 843 -49.06 -61.47 -10.84
N GLU B 844 -49.75 -61.99 -9.82
CA GLU B 844 -51.22 -61.82 -9.61
C GLU B 844 -51.58 -60.34 -9.42
N PHE B 845 -50.65 -59.50 -8.97
CA PHE B 845 -50.80 -58.01 -8.95
C PHE B 845 -50.59 -57.48 -10.37
N GLY B 846 -51.66 -57.47 -11.19
CA GLY B 846 -51.59 -57.25 -12.64
C GLY B 846 -52.19 -55.94 -13.13
N THR B 847 -52.80 -55.14 -12.26
CA THR B 847 -53.46 -53.85 -12.60
C THR B 847 -52.90 -52.74 -11.72
N VAL B 848 -52.72 -51.53 -12.27
CA VAL B 848 -52.19 -50.34 -11.54
C VAL B 848 -53.13 -49.16 -11.77
N GLU B 849 -53.37 -48.38 -10.73
CA GLU B 849 -54.12 -47.10 -10.77
C GLU B 849 -53.24 -46.02 -10.12
N TRP B 850 -53.25 -44.78 -10.60
CA TRP B 850 -52.46 -43.68 -9.99
C TRP B 850 -53.15 -42.34 -10.21
N TYR B 851 -52.84 -41.37 -9.33
CA TYR B 851 -53.20 -39.94 -9.46
C TYR B 851 -51.88 -39.18 -9.57
N GLY B 852 -51.60 -38.59 -10.75
CA GLY B 852 -50.29 -37.97 -11.06
C GLY B 852 -50.17 -37.59 -12.53
N ARG B 853 -48.96 -37.33 -13.02
CA ARG B 853 -48.72 -37.01 -14.45
C ARG B 853 -48.90 -38.28 -15.29
N GLY B 854 -49.52 -38.18 -16.45
CA GLY B 854 -49.72 -39.32 -17.37
C GLY B 854 -50.32 -38.89 -18.71
N PRO B 855 -50.80 -39.83 -19.53
CA PRO B 855 -50.76 -41.27 -19.23
C PRO B 855 -49.44 -42.00 -19.48
N HIS B 856 -48.50 -41.34 -20.18
CA HIS B 856 -47.21 -41.90 -20.66
C HIS B 856 -46.13 -41.69 -19.60
N GLU B 857 -44.96 -42.28 -19.77
CA GLU B 857 -43.79 -42.09 -18.86
C GLU B 857 -43.29 -40.64 -18.93
N THR B 858 -42.83 -40.09 -17.81
CA THR B 858 -42.21 -38.74 -17.67
C THR B 858 -40.98 -38.80 -16.76
N TYR B 859 -40.00 -37.90 -16.97
CA TYR B 859 -38.72 -37.80 -16.21
C TYR B 859 -38.52 -36.33 -15.81
N TRP B 860 -37.54 -36.08 -14.94
CA TRP B 860 -37.30 -34.76 -14.29
C TRP B 860 -37.13 -33.66 -15.34
N ASP B 861 -36.40 -33.91 -16.44
CA ASP B 861 -36.17 -32.95 -17.56
C ASP B 861 -37.03 -33.27 -18.79
N ARG B 862 -38.10 -34.04 -18.65
CA ARG B 862 -39.04 -34.32 -19.77
C ARG B 862 -40.41 -34.69 -19.19
N LYS B 863 -41.15 -33.71 -18.71
CA LYS B 863 -42.47 -33.94 -18.09
C LYS B 863 -43.55 -32.89 -18.39
N GLU B 864 -43.31 -31.84 -19.19
CA GLU B 864 -44.36 -30.81 -19.49
C GLU B 864 -45.58 -31.45 -20.17
N SER B 865 -45.38 -32.48 -20.99
CA SER B 865 -46.49 -33.18 -21.69
C SER B 865 -47.34 -34.04 -20.74
N GLY B 866 -46.96 -34.22 -19.46
CA GLY B 866 -47.76 -35.04 -18.53
C GLY B 866 -48.89 -34.26 -17.87
N LEU B 867 -50.14 -34.58 -18.23
CA LEU B 867 -51.39 -34.00 -17.66
C LEU B 867 -51.72 -34.65 -16.30
N PHE B 868 -52.00 -33.87 -15.26
CA PHE B 868 -52.39 -34.38 -13.91
C PHE B 868 -53.81 -34.93 -13.95
N ALA B 869 -54.00 -36.23 -13.70
CA ALA B 869 -55.36 -36.84 -13.68
C ALA B 869 -55.31 -38.23 -13.02
N ARG B 870 -56.45 -38.93 -12.99
CA ARG B 870 -56.51 -40.33 -12.51
C ARG B 870 -56.45 -41.31 -13.69
N TYR B 871 -55.53 -42.26 -13.67
CA TYR B 871 -55.24 -43.23 -14.77
C TYR B 871 -55.28 -44.69 -14.28
N ARG B 872 -55.46 -45.62 -15.21
CA ARG B 872 -55.57 -47.09 -14.95
C ARG B 872 -54.97 -47.87 -16.12
N LYS B 873 -54.04 -48.80 -15.86
CA LYS B 873 -53.40 -49.67 -16.89
C LYS B 873 -53.06 -51.04 -16.33
N ALA B 874 -52.89 -52.01 -17.23
CA ALA B 874 -52.29 -53.34 -16.96
C ALA B 874 -50.77 -53.16 -16.86
N VAL B 875 -50.11 -53.95 -16.03
CA VAL B 875 -48.65 -53.85 -15.74
C VAL B 875 -47.81 -53.95 -17.02
N GLY B 876 -48.19 -54.85 -17.94
CA GLY B 876 -47.48 -55.07 -19.21
C GLY B 876 -47.44 -53.85 -20.12
N GLU B 877 -48.35 -52.89 -19.97
CA GLU B 877 -48.38 -51.66 -20.81
C GLU B 877 -47.82 -50.45 -20.05
N MET B 878 -47.14 -50.66 -18.91
CA MET B 878 -46.51 -49.60 -18.08
C MET B 878 -45.01 -49.49 -18.42
N MET B 879 -44.56 -50.00 -19.57
CA MET B 879 -43.17 -49.85 -20.05
C MET B 879 -43.20 -49.65 -21.58
N HIS B 880 -42.19 -48.99 -22.13
CA HIS B 880 -42.01 -48.82 -23.59
C HIS B 880 -40.93 -49.77 -24.07
N ARG B 881 -41.12 -50.41 -25.22
CA ARG B 881 -40.16 -51.36 -25.84
C ARG B 881 -39.17 -50.61 -26.76
N TYR B 882 -38.16 -49.96 -26.16
CA TYR B 882 -37.01 -49.36 -26.87
C TYR B 882 -36.29 -50.48 -27.64
N VAL B 883 -35.80 -50.21 -28.87
CA VAL B 883 -35.08 -51.19 -29.75
C VAL B 883 -33.92 -51.82 -28.96
N ARG B 884 -33.10 -51.03 -28.25
CA ARG B 884 -32.16 -51.55 -27.21
C ARG B 884 -32.75 -51.29 -25.82
N PRO B 885 -33.17 -52.33 -25.06
CA PRO B 885 -33.78 -52.14 -23.74
C PRO B 885 -32.93 -51.31 -22.77
N GLN B 886 -33.61 -50.49 -21.97
CA GLN B 886 -33.06 -49.35 -21.20
C GLN B 886 -34.03 -48.99 -20.07
N GLU B 887 -33.62 -48.09 -19.17
CA GLU B 887 -34.52 -47.43 -18.18
C GLU B 887 -35.80 -46.95 -18.91
N THR B 888 -36.96 -47.27 -18.35
CA THR B 888 -38.29 -46.98 -18.92
C THR B 888 -39.34 -47.04 -17.83
N GLY B 889 -40.49 -46.39 -18.04
CA GLY B 889 -41.73 -46.64 -17.26
C GLY B 889 -41.94 -45.71 -16.07
N ASN B 890 -41.05 -44.75 -15.80
CA ASN B 890 -41.18 -43.78 -14.67
C ASN B 890 -42.48 -42.96 -14.80
N ARG B 891 -43.23 -42.79 -13.70
CA ARG B 891 -44.34 -41.81 -13.56
C ARG B 891 -43.92 -40.76 -12.53
N SER B 892 -43.99 -39.48 -12.86
CA SER B 892 -43.54 -38.32 -12.02
C SER B 892 -44.71 -37.63 -11.30
N ASP B 893 -44.38 -36.97 -10.17
CA ASP B 893 -45.24 -36.06 -9.35
C ASP B 893 -46.52 -36.81 -8.94
N VAL B 894 -46.39 -38.06 -8.50
CA VAL B 894 -47.51 -38.95 -8.12
C VAL B 894 -47.94 -38.70 -6.65
N ARG B 895 -49.25 -38.48 -6.44
CA ARG B 895 -49.86 -38.32 -5.10
C ARG B 895 -50.07 -39.71 -4.47
N TRP B 896 -50.57 -40.69 -5.25
CA TRP B 896 -50.81 -42.07 -4.78
C TRP B 896 -50.85 -43.02 -5.97
N PHE B 897 -50.52 -44.29 -5.75
CA PHE B 897 -50.72 -45.42 -6.68
C PHE B 897 -51.20 -46.64 -5.89
N ALA B 898 -51.86 -47.58 -6.58
CA ALA B 898 -52.38 -48.86 -6.03
C ALA B 898 -52.22 -49.99 -7.04
N LEU B 899 -51.64 -51.10 -6.60
CA LEU B 899 -51.57 -52.39 -7.34
C LEU B 899 -52.68 -53.29 -6.82
N SER B 900 -53.42 -53.96 -7.70
CA SER B 900 -54.59 -54.81 -7.36
C SER B 900 -54.41 -56.22 -7.91
N ASP B 901 -54.78 -57.24 -7.13
CA ASP B 901 -54.86 -58.66 -7.58
C ASP B 901 -56.34 -59.10 -7.67
N GLY B 902 -57.27 -58.14 -7.76
CA GLY B 902 -58.73 -58.39 -7.80
C GLY B 902 -59.37 -58.17 -6.44
N GLU B 903 -58.78 -58.75 -5.37
CA GLU B 903 -59.30 -58.70 -3.98
C GLU B 903 -58.48 -57.71 -3.14
N THR B 904 -57.15 -57.94 -3.05
CA THR B 904 -56.19 -57.19 -2.19
C THR B 904 -55.57 -56.05 -2.98
N LYS B 905 -55.46 -54.85 -2.38
CA LYS B 905 -54.79 -53.65 -2.95
C LYS B 905 -53.56 -53.31 -2.12
N LEU B 906 -52.40 -53.15 -2.77
CA LEU B 906 -51.19 -52.51 -2.17
C LEU B 906 -51.23 -51.02 -2.54
N PHE B 907 -51.48 -50.15 -1.56
CA PHE B 907 -51.63 -48.68 -1.69
C PHE B 907 -50.37 -47.97 -1.17
N VAL B 908 -49.84 -47.01 -1.93
CA VAL B 908 -48.69 -46.14 -1.56
C VAL B 908 -49.12 -44.68 -1.76
N SER B 909 -48.88 -43.80 -0.79
CA SER B 909 -49.15 -42.35 -0.90
C SER B 909 -47.91 -41.53 -0.50
N GLY B 910 -47.71 -40.41 -1.17
CA GLY B 910 -46.53 -39.55 -1.01
C GLY B 910 -46.71 -38.58 0.15
N MET B 911 -45.63 -37.97 0.59
CA MET B 911 -45.63 -37.00 1.71
C MET B 911 -44.83 -35.78 1.27
N PRO B 912 -45.31 -34.95 0.32
CA PRO B 912 -46.56 -35.18 -0.41
C PRO B 912 -46.53 -35.90 -1.77
N GLN B 913 -45.36 -36.18 -2.35
CA GLN B 913 -45.31 -36.88 -3.66
C GLN B 913 -44.15 -37.86 -3.77
N ILE B 914 -44.28 -38.81 -4.69
CA ILE B 914 -43.27 -39.82 -5.08
C ILE B 914 -43.18 -39.90 -6.60
N ASP B 915 -42.13 -40.54 -7.10
CA ASP B 915 -42.09 -41.15 -8.46
C ASP B 915 -42.17 -42.69 -8.28
N PHE B 916 -42.68 -43.41 -9.27
CA PHE B 916 -42.78 -44.89 -9.24
C PHE B 916 -42.65 -45.49 -10.64
N SER B 917 -42.39 -46.80 -10.67
CA SER B 917 -42.48 -47.65 -11.89
C SER B 917 -42.75 -49.10 -11.50
N VAL B 918 -43.35 -49.88 -12.41
CA VAL B 918 -43.68 -51.33 -12.22
C VAL B 918 -43.21 -52.09 -13.47
N TRP B 919 -42.39 -53.13 -13.33
CA TRP B 919 -41.81 -53.96 -14.44
C TRP B 919 -42.12 -55.43 -14.25
N PRO B 920 -42.43 -56.20 -15.32
CA PRO B 920 -42.60 -57.65 -15.22
C PRO B 920 -41.32 -58.49 -15.33
N PHE B 921 -40.20 -57.99 -14.80
CA PHE B 921 -38.85 -58.63 -14.80
C PHE B 921 -37.97 -57.92 -13.76
N SER B 922 -36.71 -58.34 -13.57
CA SER B 922 -35.74 -57.73 -12.62
C SER B 922 -34.91 -56.62 -13.28
N MET B 923 -34.32 -55.73 -12.47
CA MET B 923 -33.35 -54.70 -12.93
C MET B 923 -32.18 -55.39 -13.65
N GLU B 924 -31.74 -56.54 -13.14
CA GLU B 924 -30.64 -57.38 -13.71
C GLU B 924 -31.02 -57.90 -15.11
N ASP B 925 -32.24 -58.41 -15.30
CA ASP B 925 -32.76 -58.82 -16.64
C ASP B 925 -32.71 -57.63 -17.61
N LEU B 926 -33.21 -56.45 -17.22
CA LEU B 926 -33.30 -55.27 -18.13
C LEU B 926 -31.90 -54.83 -18.56
N GLU B 927 -30.90 -54.90 -17.67
CA GLU B 927 -29.51 -54.45 -17.94
C GLU B 927 -28.78 -55.46 -18.85
N ARG B 928 -29.18 -56.74 -18.84
CA ARG B 928 -28.49 -57.85 -19.56
C ARG B 928 -28.88 -57.89 -21.05
N VAL B 929 -30.18 -57.88 -21.36
CA VAL B 929 -30.71 -58.18 -22.73
C VAL B 929 -30.48 -56.98 -23.66
N GLN B 930 -30.11 -57.22 -24.91
CA GLN B 930 -29.78 -56.17 -25.92
C GLN B 930 -30.81 -56.13 -27.06
N HIS B 931 -31.86 -56.97 -27.01
CA HIS B 931 -32.99 -56.99 -27.98
C HIS B 931 -34.32 -57.22 -27.26
N ILE B 932 -35.39 -56.69 -27.84
CA ILE B 932 -36.78 -56.71 -27.30
C ILE B 932 -37.26 -58.16 -27.14
N SER B 933 -36.88 -59.04 -28.07
CA SER B 933 -37.31 -60.47 -28.14
C SER B 933 -36.76 -61.29 -26.96
N GLU B 934 -35.62 -60.90 -26.38
CA GLU B 934 -34.90 -61.68 -25.34
C GLU B 934 -35.46 -61.40 -23.93
N LEU B 935 -36.37 -60.43 -23.76
CA LEU B 935 -36.95 -60.06 -22.43
C LEU B 935 -37.72 -61.26 -21.87
N PRO B 936 -37.24 -61.89 -20.76
CA PRO B 936 -37.77 -63.17 -20.32
C PRO B 936 -39.12 -63.08 -19.59
N GLU B 937 -39.77 -64.23 -19.39
CA GLU B 937 -41.04 -64.39 -18.64
C GLU B 937 -40.70 -64.59 -17.15
N ARG B 938 -41.40 -63.88 -16.26
CA ARG B 938 -41.16 -63.94 -14.79
C ARG B 938 -42.49 -64.05 -14.04
N ASP B 939 -42.45 -64.64 -12.84
CA ASP B 939 -43.65 -64.86 -11.97
C ASP B 939 -43.72 -63.79 -10.87
N PHE B 940 -43.13 -62.61 -11.08
CA PHE B 940 -43.14 -61.49 -10.12
C PHE B 940 -43.17 -60.15 -10.87
N VAL B 941 -43.50 -59.08 -10.14
CA VAL B 941 -43.48 -57.66 -10.58
C VAL B 941 -42.47 -56.92 -9.71
N THR B 942 -41.52 -56.20 -10.31
CA THR B 942 -40.58 -55.28 -9.60
C THR B 942 -41.28 -53.93 -9.39
N VAL B 943 -41.28 -53.40 -8.16
CA VAL B 943 -41.88 -52.08 -7.81
C VAL B 943 -40.74 -51.16 -7.36
N ASN B 944 -40.62 -49.97 -7.97
CA ASN B 944 -39.71 -48.87 -7.57
C ASN B 944 -40.53 -47.70 -7.00
N VAL B 945 -40.18 -47.23 -5.79
CA VAL B 945 -40.78 -46.03 -5.12
C VAL B 945 -39.61 -45.08 -4.84
N ASP B 946 -39.60 -43.89 -5.46
CA ASP B 946 -38.42 -43.01 -5.55
C ASP B 946 -38.74 -41.60 -5.06
N PHE B 947 -37.74 -40.99 -4.44
CA PHE B 947 -37.62 -39.52 -4.22
C PHE B 947 -37.42 -38.87 -5.60
N ARG B 948 -36.36 -39.25 -6.29
CA ARG B 948 -36.05 -38.68 -7.63
C ARG B 948 -35.03 -39.57 -8.35
N GLN B 949 -34.93 -39.37 -9.65
CA GLN B 949 -33.91 -39.97 -10.54
C GLN B 949 -33.29 -38.81 -11.32
N MET B 950 -32.02 -38.89 -11.70
CA MET B 950 -31.39 -37.81 -12.49
C MET B 950 -32.02 -37.74 -13.90
N GLY B 951 -31.91 -36.57 -14.54
CA GLY B 951 -32.46 -36.34 -15.89
C GLY B 951 -31.86 -37.27 -16.94
N LEU B 952 -32.49 -37.31 -18.11
CA LEU B 952 -32.08 -38.11 -19.29
C LEU B 952 -30.98 -37.40 -20.09
N GLY B 953 -30.98 -36.06 -20.11
CA GLY B 953 -30.07 -35.26 -20.94
C GLY B 953 -30.33 -35.44 -22.43
N GLY B 954 -29.28 -35.42 -23.24
CA GLY B 954 -29.34 -35.67 -24.70
C GLY B 954 -29.02 -34.45 -25.56
N ASP B 955 -28.30 -33.44 -25.04
CA ASP B 955 -27.71 -32.35 -25.88
C ASP B 955 -26.87 -33.01 -27.00
N ASP B 956 -26.11 -34.06 -26.67
CA ASP B 956 -25.64 -35.11 -27.61
C ASP B 956 -25.56 -36.43 -26.85
N SER B 957 -25.08 -37.49 -27.49
CA SER B 957 -24.98 -38.86 -26.91
C SER B 957 -23.54 -39.40 -26.98
N TRP B 958 -22.53 -38.52 -26.97
CA TRP B 958 -21.08 -38.90 -26.97
C TRP B 958 -20.30 -37.98 -26.02
N GLY B 959 -20.86 -37.65 -24.84
CA GLY B 959 -20.13 -36.88 -23.81
C GLY B 959 -21.02 -35.95 -23.00
N ALA B 960 -22.07 -35.37 -23.58
CA ALA B 960 -22.93 -34.38 -22.87
C ALA B 960 -23.59 -35.04 -21.65
N MET B 961 -23.76 -34.26 -20.58
CA MET B 961 -24.43 -34.63 -19.31
C MET B 961 -25.80 -33.98 -19.27
N PRO B 962 -26.69 -34.41 -18.35
CA PRO B 962 -27.88 -33.65 -18.03
C PRO B 962 -27.46 -32.28 -17.46
N HIS B 963 -28.29 -31.26 -17.58
CA HIS B 963 -28.01 -29.90 -17.02
C HIS B 963 -27.89 -29.96 -15.49
N LEU B 964 -27.16 -29.01 -14.91
CA LEU B 964 -26.86 -28.95 -13.45
C LEU B 964 -28.14 -29.06 -12.61
N GLU B 965 -29.22 -28.45 -13.04
CA GLU B 965 -30.47 -28.41 -12.24
C GLU B 965 -31.22 -29.75 -12.30
N TYR B 966 -30.76 -30.77 -13.03
CA TYR B 966 -31.43 -32.11 -13.05
C TYR B 966 -30.46 -33.21 -12.58
N ARG B 967 -29.52 -32.89 -11.68
CA ARG B 967 -28.57 -33.86 -11.09
C ARG B 967 -28.73 -33.91 -9.57
N LEU B 968 -28.48 -35.08 -8.97
CA LEU B 968 -28.48 -35.31 -7.50
C LEU B 968 -27.02 -35.22 -7.04
N LEU B 969 -26.55 -34.02 -6.73
CA LEU B 969 -25.15 -33.80 -6.25
C LEU B 969 -25.04 -34.35 -4.84
N PRO B 970 -23.86 -34.89 -4.43
CA PRO B 970 -23.73 -35.58 -3.14
C PRO B 970 -23.78 -34.63 -1.94
N LYS B 971 -24.97 -34.50 -1.36
CA LYS B 971 -25.28 -33.80 -0.08
C LYS B 971 -26.28 -34.68 0.67
N PRO B 972 -26.58 -34.43 1.95
CA PRO B 972 -27.62 -35.20 2.65
C PRO B 972 -29.04 -35.06 2.04
N TYR B 973 -29.78 -36.16 1.95
CA TYR B 973 -31.17 -36.25 1.43
C TYR B 973 -32.05 -37.06 2.38
N ARG B 974 -33.34 -36.75 2.45
CA ARG B 974 -34.35 -37.56 3.16
C ARG B 974 -35.61 -37.70 2.28
N PHE B 975 -36.48 -38.63 2.63
CA PHE B 975 -37.61 -39.08 1.80
C PHE B 975 -38.50 -40.00 2.65
N SER B 976 -39.82 -39.84 2.60
CA SER B 976 -40.77 -40.78 3.29
C SER B 976 -42.02 -41.01 2.45
N PHE B 977 -42.71 -42.14 2.68
CA PHE B 977 -44.04 -42.49 2.09
C PHE B 977 -44.82 -43.38 3.06
N ARG B 978 -46.13 -43.47 2.85
CA ARG B 978 -47.06 -44.34 3.62
C ARG B 978 -47.50 -45.52 2.74
N MET B 979 -47.55 -46.72 3.31
CA MET B 979 -48.03 -47.94 2.61
C MET B 979 -49.13 -48.57 3.46
N ARG B 980 -50.18 -49.08 2.82
CA ARG B 980 -51.30 -49.82 3.45
C ARG B 980 -51.68 -51.00 2.56
N ILE B 981 -51.92 -52.17 3.17
CA ILE B 981 -52.44 -53.38 2.48
C ILE B 981 -53.84 -53.67 3.00
N SER B 982 -54.86 -53.52 2.15
CA SER B 982 -56.29 -53.64 2.52
C SER B 982 -57.11 -54.13 1.32
N GLU B 983 -58.45 -54.13 1.44
CA GLU B 983 -59.41 -54.56 0.40
C GLU B 983 -59.95 -53.36 -0.38
N GLU B 984 -59.83 -52.13 0.14
CA GLU B 984 -60.31 -50.88 -0.54
C GLU B 984 -59.20 -49.81 -0.53
N ILE B 985 -59.24 -48.90 -1.51
CA ILE B 985 -58.32 -47.73 -1.64
C ILE B 985 -58.71 -46.70 -0.57
N PRO B 986 -57.87 -46.41 0.46
CA PRO B 986 -58.19 -45.35 1.41
C PRO B 986 -57.97 -43.95 0.82
N SER B 987 -58.24 -42.90 1.60
CA SER B 987 -58.04 -41.48 1.20
C SER B 987 -56.56 -41.12 1.29
N TRP B 988 -55.97 -40.70 0.18
CA TRP B 988 -54.56 -40.25 0.14
C TRP B 988 -54.33 -39.04 1.04
N ARG B 989 -55.37 -38.27 1.33
CA ARG B 989 -55.28 -36.99 2.07
C ARG B 989 -55.31 -37.18 3.60
N VAL B 990 -55.55 -38.39 4.10
CA VAL B 990 -55.66 -38.71 5.55
C VAL B 990 -54.44 -39.54 5.98
N LEU B 991 -53.66 -39.03 6.95
CA LEU B 991 -52.48 -39.72 7.54
C LEU B 991 -52.63 -39.85 9.06
N ALA B 992 -51.84 -40.73 9.67
CA ALA B 992 -51.71 -40.89 11.14
C ALA B 992 -50.94 -39.68 11.70
N ALA B 993 -51.40 -39.09 12.81
CA ALA B 993 -50.72 -37.98 13.51
C ALA B 993 -49.45 -38.48 14.24
N ILE B 994 -48.38 -37.67 14.23
CA ILE B 994 -47.08 -37.91 14.95
C ILE B 994 -46.58 -36.60 15.53
N PRO B 995 -45.74 -36.59 16.60
CA PRO B 995 -45.07 -35.36 17.06
C PRO B 995 -44.09 -34.84 15.99
N GLU B 996 -43.93 -33.53 15.85
CA GLU B 996 -43.21 -32.91 14.70
C GLU B 996 -42.08 -31.94 15.14
N THR B 997 -41.69 -31.91 16.42
CA THR B 997 -40.79 -30.87 16.99
C THR B 997 -39.43 -31.44 17.40
N LEU B 998 -38.34 -30.69 17.13
CA LEU B 998 -36.96 -31.00 17.60
C LEU B 998 -36.75 -30.40 19.00
N HIS B 999 -35.86 -30.99 19.79
CA HIS B 999 -35.35 -30.45 21.08
C HIS B 999 -34.01 -29.75 20.82
N VAL B 1000 -33.89 -28.47 21.16
CA VAL B 1000 -32.71 -27.62 20.84
C VAL B 1000 -32.10 -27.06 22.13
N GLU B 1001 -30.76 -26.93 22.14
CA GLU B 1001 -29.98 -26.19 23.18
C GLU B 1001 -28.90 -25.35 22.49
N MET B 1002 -28.83 -24.06 22.82
CA MET B 1002 -27.80 -23.09 22.37
C MET B 1002 -26.86 -22.82 23.56
N SER B 1003 -25.56 -22.64 23.30
CA SER B 1003 -24.53 -22.31 24.33
C SER B 1003 -23.38 -21.53 23.71
N SER B 1004 -22.73 -20.68 24.50
CA SER B 1004 -21.53 -19.90 24.10
C SER B 1004 -20.81 -19.33 25.33
N GLU B 1005 -19.73 -18.59 25.08
CA GLU B 1005 -19.03 -17.74 26.09
C GLU B 1005 -19.96 -16.59 26.50
N ASP B 1006 -20.01 -16.24 27.79
CA ASP B 1006 -20.76 -15.07 28.30
C ASP B 1006 -20.04 -13.75 27.99
N VAL B 1007 -18.71 -13.75 27.98
CA VAL B 1007 -17.89 -12.50 27.79
C VAL B 1007 -16.68 -12.83 26.92
N ILE B 1008 -16.37 -11.95 25.96
CA ILE B 1008 -15.16 -12.03 25.07
C ILE B 1008 -14.49 -10.65 25.01
N ARG B 1009 -13.28 -10.60 24.43
CA ARG B 1009 -12.49 -9.38 24.22
C ARG B 1009 -12.70 -8.89 22.79
N GLU B 1010 -12.65 -7.57 22.57
CA GLU B 1010 -12.75 -6.96 21.22
C GLU B 1010 -11.60 -7.51 20.37
N GLY B 1011 -11.91 -7.97 19.15
CA GLY B 1011 -10.95 -8.65 18.25
C GLY B 1011 -11.07 -10.17 18.28
N ASP B 1012 -11.58 -10.76 19.38
CA ASP B 1012 -11.77 -12.22 19.53
C ASP B 1012 -13.02 -12.70 18.76
N THR B 1013 -13.17 -14.02 18.63
CA THR B 1013 -14.26 -14.72 17.90
C THR B 1013 -15.21 -15.38 18.90
N LEU B 1014 -16.51 -15.21 18.72
CA LEU B 1014 -17.55 -15.90 19.54
C LEU B 1014 -17.86 -17.24 18.85
N ARG B 1015 -17.81 -18.34 19.60
CA ARG B 1015 -18.24 -19.69 19.14
C ARG B 1015 -19.62 -20.03 19.72
N VAL B 1016 -20.64 -20.13 18.86
CA VAL B 1016 -22.01 -20.49 19.31
C VAL B 1016 -22.25 -21.96 18.94
N LYS B 1017 -22.49 -22.81 19.93
CA LYS B 1017 -22.76 -24.26 19.74
C LYS B 1017 -24.27 -24.52 19.82
N PHE B 1018 -24.79 -25.36 18.93
CA PHE B 1018 -26.21 -25.83 18.89
C PHE B 1018 -26.27 -27.34 18.84
N SER B 1019 -27.07 -27.93 19.72
CA SER B 1019 -27.45 -29.37 19.69
C SER B 1019 -28.91 -29.46 19.22
N LEU B 1020 -29.21 -30.37 18.30
CA LEU B 1020 -30.59 -30.67 17.83
C LEU B 1020 -30.82 -32.17 18.01
N LEU B 1021 -31.85 -32.55 18.76
CA LEU B 1021 -32.22 -33.97 19.00
C LEU B 1021 -33.56 -34.28 18.33
N ASN B 1022 -33.59 -35.29 17.46
CA ASN B 1022 -34.83 -35.79 16.79
C ASN B 1022 -35.28 -37.07 17.50
N ASP B 1023 -36.39 -37.02 18.23
CA ASP B 1023 -36.98 -38.20 18.92
C ASP B 1023 -38.29 -38.61 18.24
N THR B 1024 -38.56 -38.12 17.03
CA THR B 1024 -39.77 -38.44 16.21
C THR B 1024 -39.44 -39.61 15.31
N PRO B 1025 -40.44 -40.27 14.68
CA PRO B 1025 -40.16 -41.31 13.68
C PRO B 1025 -39.83 -40.88 12.24
N LEU B 1026 -39.80 -39.58 11.90
CA LEU B 1026 -39.40 -39.11 10.54
C LEU B 1026 -38.09 -38.29 10.59
N SER B 1027 -37.26 -38.41 9.55
CA SER B 1027 -36.09 -37.53 9.29
C SER B 1027 -36.61 -36.09 9.16
N LYS B 1028 -35.85 -35.11 9.67
CA LYS B 1028 -36.17 -33.67 9.57
C LYS B 1028 -35.07 -32.96 8.77
N GLU B 1029 -35.48 -32.14 7.81
CA GLU B 1029 -34.63 -31.14 7.11
C GLU B 1029 -34.93 -29.77 7.74
N LYS B 1030 -33.91 -29.03 8.16
CA LYS B 1030 -34.08 -27.74 8.88
C LYS B 1030 -33.04 -26.72 8.37
N GLN B 1031 -33.46 -25.46 8.15
CA GLN B 1031 -32.54 -24.31 7.97
C GLN B 1031 -32.32 -23.66 9.35
N VAL B 1032 -31.11 -23.76 9.92
CA VAL B 1032 -30.76 -23.11 11.22
C VAL B 1032 -30.17 -21.72 10.92
N VAL B 1033 -30.89 -20.65 11.23
CA VAL B 1033 -30.47 -19.24 10.98
C VAL B 1033 -29.98 -18.59 12.29
N LEU B 1034 -28.79 -17.96 12.27
CA LEU B 1034 -28.25 -17.19 13.42
C LEU B 1034 -28.44 -15.69 13.18
N PHE B 1035 -29.11 -14.98 14.10
CA PHE B 1035 -29.29 -13.50 14.09
C PHE B 1035 -28.38 -12.87 15.14
N VAL B 1036 -27.77 -11.73 14.79
CA VAL B 1036 -26.92 -10.88 15.67
C VAL B 1036 -27.53 -9.48 15.61
N ASP B 1037 -28.08 -9.00 16.74
CA ASP B 1037 -28.71 -7.66 16.87
C ASP B 1037 -29.84 -7.49 15.86
N GLY B 1038 -30.64 -8.55 15.63
CA GLY B 1038 -31.83 -8.51 14.77
C GLY B 1038 -31.55 -8.78 13.30
N ASN B 1039 -30.27 -8.76 12.85
CA ASN B 1039 -29.89 -8.93 11.43
C ASN B 1039 -29.41 -10.36 11.16
N GLU B 1040 -29.84 -10.96 10.04
CA GLU B 1040 -29.42 -12.33 9.61
C GLU B 1040 -27.90 -12.33 9.49
N TYR B 1041 -27.20 -13.26 10.12
CA TYR B 1041 -25.73 -13.34 10.11
C TYR B 1041 -25.22 -14.59 9.37
N SER B 1042 -25.82 -15.75 9.58
CA SER B 1042 -25.36 -17.03 8.98
C SER B 1042 -26.52 -18.04 8.94
N VAL B 1043 -26.40 -19.07 8.10
CA VAL B 1043 -27.42 -20.15 7.96
C VAL B 1043 -26.73 -21.47 7.64
N ARG B 1044 -27.21 -22.57 8.23
CA ARG B 1044 -26.77 -23.96 7.95
C ARG B 1044 -27.99 -24.83 7.63
N ARG B 1045 -27.94 -25.61 6.55
CA ARG B 1045 -28.92 -26.68 6.23
C ARG B 1045 -28.53 -27.96 6.99
N VAL B 1046 -29.45 -28.60 7.71
CA VAL B 1046 -29.17 -29.89 8.44
C VAL B 1046 -30.25 -30.91 8.10
N VAL B 1047 -29.86 -32.18 7.93
CA VAL B 1047 -30.76 -33.37 7.86
C VAL B 1047 -30.50 -34.22 9.11
N ILE B 1048 -31.51 -34.43 9.96
CA ILE B 1048 -31.37 -35.15 11.26
C ILE B 1048 -32.21 -36.42 11.18
N PRO B 1049 -31.56 -37.60 11.03
CA PRO B 1049 -32.28 -38.87 11.04
C PRO B 1049 -32.99 -39.11 12.37
N PRO B 1050 -34.01 -39.99 12.42
CA PRO B 1050 -34.69 -40.33 13.67
C PRO B 1050 -33.71 -40.88 14.73
N PHE B 1051 -33.99 -40.59 16.00
CA PHE B 1051 -33.23 -41.09 17.16
C PHE B 1051 -31.76 -40.66 17.06
N LYS B 1052 -31.49 -39.43 16.59
CA LYS B 1052 -30.11 -38.93 16.42
C LYS B 1052 -29.99 -37.49 16.93
N LYS B 1053 -28.79 -37.11 17.38
CA LYS B 1053 -28.41 -35.74 17.81
C LYS B 1053 -27.34 -35.21 16.85
N GLU B 1054 -27.54 -34.00 16.32
CA GLU B 1054 -26.54 -33.28 15.50
C GLU B 1054 -26.02 -32.07 16.29
N GLU B 1055 -24.73 -31.76 16.14
CA GLU B 1055 -24.06 -30.60 16.79
C GLU B 1055 -23.53 -29.67 15.69
N LEU B 1056 -23.80 -28.37 15.81
CA LEU B 1056 -23.28 -27.30 14.91
C LEU B 1056 -22.44 -26.32 15.74
N VAL B 1057 -21.47 -25.68 15.11
CA VAL B 1057 -20.75 -24.51 15.66
C VAL B 1057 -20.82 -23.39 14.62
N PHE B 1058 -21.24 -22.18 15.03
CA PHE B 1058 -21.12 -20.94 14.24
C PHE B 1058 -19.99 -20.09 14.86
N LYS B 1059 -19.16 -19.49 14.02
CA LYS B 1059 -18.11 -18.51 14.40
C LYS B 1059 -18.62 -17.11 14.06
N VAL B 1060 -18.70 -16.23 15.06
CA VAL B 1060 -19.17 -14.83 14.88
C VAL B 1060 -17.97 -13.90 15.06
N GLU B 1061 -17.67 -13.08 14.03
CA GLU B 1061 -16.53 -12.14 13.95
C GLU B 1061 -17.05 -10.68 13.97
N GLY B 1062 -16.21 -9.75 14.42
CA GLY B 1062 -16.40 -8.30 14.22
C GLY B 1062 -17.30 -7.63 15.25
N LEU B 1063 -17.54 -8.27 16.41
CA LEU B 1063 -18.38 -7.69 17.49
C LEU B 1063 -17.55 -6.62 18.24
N LYS B 1064 -18.05 -5.38 18.26
CA LYS B 1064 -17.42 -4.22 18.95
C LYS B 1064 -17.88 -4.18 20.42
N LYS B 1065 -17.24 -3.35 21.22
CA LYS B 1065 -17.48 -3.21 22.69
C LYS B 1065 -18.98 -2.98 22.96
N GLY B 1066 -19.50 -3.59 24.04
CA GLY B 1066 -20.89 -3.43 24.48
C GLY B 1066 -21.58 -4.78 24.67
N GLU B 1067 -22.92 -4.77 24.66
CA GLU B 1067 -23.77 -5.98 24.81
C GLU B 1067 -24.51 -6.23 23.49
N HIS B 1068 -24.70 -7.49 23.13
CA HIS B 1068 -25.27 -7.93 21.83
C HIS B 1068 -26.26 -9.08 22.06
N LEU B 1069 -27.39 -9.04 21.38
CA LEU B 1069 -28.38 -10.15 21.36
C LEU B 1069 -27.99 -11.15 20.26
N ILE B 1070 -27.89 -12.42 20.61
CA ILE B 1070 -27.72 -13.60 19.70
C ILE B 1070 -29.03 -14.39 19.78
N HIS B 1071 -29.69 -14.66 18.65
CA HIS B 1071 -30.92 -15.49 18.65
C HIS B 1071 -31.03 -16.29 17.36
N THR B 1072 -31.90 -17.30 17.35
CA THR B 1072 -32.19 -18.18 16.18
C THR B 1072 -33.68 -18.21 15.84
N ASN B 1073 -34.00 -18.80 14.70
CA ASN B 1073 -35.37 -19.16 14.25
C ASN B 1073 -35.93 -20.37 15.02
N LEU B 1074 -35.21 -20.97 15.97
CA LEU B 1074 -35.67 -22.13 16.79
C LEU B 1074 -35.91 -21.74 18.26
N ASN B 1075 -36.20 -20.47 18.55
CA ASN B 1075 -36.65 -20.00 19.90
C ASN B 1075 -35.53 -20.14 20.96
N THR B 1076 -34.28 -19.79 20.62
CA THR B 1076 -33.15 -19.68 21.59
C THR B 1076 -32.61 -18.25 21.52
N ARG B 1077 -32.28 -17.65 22.67
CA ARG B 1077 -31.89 -16.22 22.79
C ARG B 1077 -30.89 -16.05 23.92
N LYS B 1078 -29.87 -15.21 23.75
CA LYS B 1078 -28.81 -14.97 24.77
C LYS B 1078 -28.25 -13.56 24.59
N THR B 1079 -27.93 -12.87 25.70
CA THR B 1079 -27.09 -11.64 25.70
C THR B 1079 -25.62 -12.04 25.85
N ILE B 1080 -24.73 -11.42 25.08
CA ILE B 1080 -23.24 -11.60 25.09
C ILE B 1080 -22.58 -10.24 25.40
N TYR B 1081 -21.53 -10.20 26.22
CA TYR B 1081 -20.83 -8.93 26.60
C TYR B 1081 -19.45 -8.92 25.95
N VAL B 1082 -19.13 -7.86 25.23
CA VAL B 1082 -17.78 -7.67 24.60
C VAL B 1082 -17.00 -6.67 25.47
N ARG B 1083 -16.07 -7.16 26.28
CA ARG B 1083 -15.12 -6.34 27.09
C ARG B 1083 -14.24 -5.52 26.15
N PRO C 1 -1.60 -81.25 -12.66
CA PRO C 1 -1.37 -80.33 -11.52
C PRO C 1 -1.41 -81.03 -10.15
N TYR C 2 -0.43 -80.73 -9.29
CA TYR C 2 -0.33 -81.26 -7.90
C TYR C 2 -1.32 -80.50 -7.00
N GLU C 3 -2.02 -81.22 -6.13
CA GLU C 3 -3.03 -80.66 -5.19
C GLU C 3 -2.39 -79.64 -4.24
N TRP C 4 -1.09 -79.76 -3.99
CA TRP C 4 -0.30 -78.84 -3.12
C TRP C 4 0.28 -77.67 -3.95
N GLU C 5 -0.17 -77.47 -5.18
CA GLU C 5 0.15 -76.26 -5.99
C GLU C 5 -1.14 -75.64 -6.56
N ASN C 6 -2.31 -75.97 -6.02
CA ASN C 6 -3.61 -75.55 -6.60
C ASN C 6 -4.40 -74.75 -5.57
N PRO C 7 -4.39 -73.39 -5.61
CA PRO C 7 -5.11 -72.58 -4.61
C PRO C 7 -6.63 -72.77 -4.57
N GLN C 8 -7.24 -73.33 -5.62
CA GLN C 8 -8.72 -73.48 -5.72
C GLN C 8 -9.20 -74.76 -5.01
N LEU C 9 -8.29 -75.66 -4.64
CA LEU C 9 -8.60 -76.88 -3.85
C LEU C 9 -8.10 -76.67 -2.42
N VAL C 10 -9.02 -76.42 -1.49
CA VAL C 10 -8.72 -76.03 -0.07
C VAL C 10 -8.63 -77.30 0.80
N SER C 11 -9.36 -78.36 0.46
CA SER C 11 -9.33 -79.67 1.15
C SER C 11 -10.10 -80.73 0.34
N GLU C 12 -10.09 -81.98 0.81
CA GLU C 12 -10.88 -83.09 0.22
C GLU C 12 -11.11 -84.17 1.29
N GLY C 13 -12.34 -84.67 1.41
CA GLY C 13 -12.72 -85.77 2.30
C GLY C 13 -12.94 -85.34 3.74
N THR C 14 -12.94 -84.04 4.06
CA THR C 14 -13.08 -83.51 5.44
C THR C 14 -14.55 -83.21 5.77
N GLU C 15 -14.91 -83.29 7.05
CA GLU C 15 -16.24 -82.88 7.58
C GLU C 15 -16.35 -81.35 7.58
N LYS C 16 -17.57 -80.83 7.71
CA LYS C 16 -17.85 -79.38 7.86
C LYS C 16 -17.39 -78.90 9.25
N SER C 17 -16.91 -77.66 9.33
CA SER C 17 -16.51 -76.97 10.59
C SER C 17 -17.64 -77.01 11.61
N HIS C 18 -17.31 -77.14 12.89
CA HIS C 18 -18.27 -76.96 14.02
C HIS C 18 -17.52 -76.41 15.23
N ALA C 19 -18.26 -76.06 16.28
CA ALA C 19 -17.73 -75.54 17.55
C ALA C 19 -16.96 -76.63 18.29
N SER C 20 -15.92 -76.27 19.04
CA SER C 20 -15.10 -77.18 19.88
C SER C 20 -15.98 -77.78 20.98
N PHE C 21 -15.97 -79.10 21.16
CA PHE C 21 -16.54 -79.80 22.35
C PHE C 21 -15.48 -80.62 23.10
N ILE C 22 -14.33 -80.91 22.50
CA ILE C 22 -13.26 -81.78 23.07
C ILE C 22 -11.93 -81.04 22.95
N PRO C 23 -11.14 -80.89 24.03
CA PRO C 23 -11.54 -81.21 25.39
C PRO C 23 -12.50 -80.16 25.96
N TYR C 24 -13.12 -80.45 27.10
CA TYR C 24 -14.06 -79.56 27.83
C TYR C 24 -13.43 -79.14 29.16
N LEU C 25 -13.39 -77.84 29.46
CA LEU C 25 -12.92 -77.31 30.78
C LEU C 25 -14.13 -77.14 31.70
N ASP C 26 -14.13 -77.85 32.83
CA ASP C 26 -15.17 -77.73 33.88
C ASP C 26 -14.87 -76.48 34.70
N PRO C 27 -15.74 -75.44 34.70
CA PRO C 27 -15.45 -74.20 35.45
C PRO C 27 -15.60 -74.30 36.97
N PHE C 28 -16.14 -75.39 37.51
CA PHE C 28 -16.33 -75.60 38.97
C PHE C 28 -15.07 -76.22 39.59
N SER C 29 -14.41 -77.14 38.87
CA SER C 29 -13.21 -77.89 39.33
C SER C 29 -11.93 -77.38 38.66
N GLY C 30 -12.02 -76.83 37.44
CA GLY C 30 -10.87 -76.41 36.62
C GLY C 30 -10.16 -77.60 35.98
N GLU C 31 -10.84 -78.72 35.81
CA GLU C 31 -10.27 -79.99 35.27
C GLU C 31 -10.76 -80.22 33.84
N TRP C 32 -9.88 -80.74 32.97
CA TRP C 32 -10.19 -81.12 31.57
C TRP C 32 -10.94 -82.45 31.56
N GLU C 33 -11.93 -82.59 30.67
CA GLU C 33 -12.83 -83.77 30.56
C GLU C 33 -12.92 -84.22 29.10
N TYR C 34 -12.93 -85.54 28.89
CA TYR C 34 -12.95 -86.20 27.55
C TYR C 34 -14.18 -87.09 27.45
N PRO C 35 -14.65 -87.43 26.23
CA PRO C 35 -15.76 -88.37 26.06
C PRO C 35 -15.39 -89.78 26.50
N GLU C 36 -16.38 -90.64 26.74
CA GLU C 36 -16.21 -92.06 27.13
C GLU C 36 -15.56 -92.85 25.99
N GLU C 37 -16.08 -92.69 24.76
CA GLU C 37 -15.55 -93.35 23.53
C GLU C 37 -14.48 -92.44 22.91
N PHE C 38 -13.25 -92.49 23.44
CA PHE C 38 -12.11 -91.60 23.06
C PHE C 38 -10.81 -92.41 23.08
N ILE C 39 -10.02 -92.34 22.00
CA ILE C 39 -8.66 -92.93 21.88
C ILE C 39 -7.67 -91.84 21.47
N SER C 40 -6.73 -91.48 22.35
CA SER C 40 -5.58 -90.59 22.07
C SER C 40 -4.60 -91.28 21.11
N LEU C 41 -4.15 -90.56 20.09
CA LEU C 41 -3.09 -91.00 19.15
C LEU C 41 -1.81 -90.19 19.42
N ASN C 42 -1.71 -89.50 20.55
CA ASN C 42 -0.44 -88.86 21.00
C ASN C 42 0.53 -89.97 21.44
N GLY C 43 1.83 -89.75 21.28
CA GLY C 43 2.89 -90.71 21.63
C GLY C 43 3.84 -90.96 20.47
N ASN C 44 4.39 -92.17 20.38
CA ASN C 44 5.42 -92.54 19.35
C ASN C 44 4.74 -93.02 18.07
N TRP C 45 5.20 -92.49 16.94
CA TRP C 45 4.90 -92.94 15.55
C TRP C 45 6.22 -93.27 14.88
N ARG C 46 6.25 -94.23 13.96
CA ARG C 46 7.38 -94.49 13.05
C ARG C 46 7.46 -93.33 12.06
N PHE C 47 8.66 -92.79 11.84
CA PHE C 47 8.89 -91.53 11.08
C PHE C 47 10.01 -91.72 10.06
N LEU C 48 9.87 -91.08 8.90
CA LEU C 48 10.85 -91.06 7.78
C LEU C 48 10.95 -89.63 7.23
N PHE C 49 12.15 -89.06 7.22
CA PHE C 49 12.45 -87.69 6.73
C PHE C 49 13.09 -87.77 5.34
N ALA C 50 12.59 -86.98 4.39
CA ALA C 50 13.06 -86.87 3.00
C ALA C 50 13.22 -85.40 2.61
N LYS C 51 14.14 -85.11 1.68
CA LYS C 51 14.53 -83.74 1.25
C LYS C 51 13.44 -83.12 0.37
N ASN C 52 12.61 -83.96 -0.27
CA ASN C 52 11.47 -83.50 -1.11
C ASN C 52 10.49 -84.66 -1.24
N PRO C 53 9.28 -84.46 -1.82
CA PRO C 53 8.28 -85.53 -1.89
C PRO C 53 8.65 -86.69 -2.83
N PHE C 54 9.58 -86.48 -3.77
CA PHE C 54 9.96 -87.45 -4.83
C PHE C 54 11.07 -88.39 -4.36
N GLU C 55 11.71 -88.11 -3.21
CA GLU C 55 12.77 -88.96 -2.60
C GLU C 55 12.17 -89.86 -1.51
N VAL C 56 10.85 -90.06 -1.53
CA VAL C 56 10.13 -90.97 -0.59
C VAL C 56 10.12 -92.38 -1.20
N PRO C 57 10.31 -93.46 -0.41
CA PRO C 57 10.22 -94.82 -0.94
C PRO C 57 8.79 -95.15 -1.43
N GLU C 58 8.69 -95.84 -2.57
CA GLU C 58 7.39 -96.13 -3.25
C GLU C 58 6.61 -97.16 -2.42
N ASP C 59 5.28 -97.00 -2.35
CA ASP C 59 4.33 -97.91 -1.66
C ASP C 59 4.45 -97.76 -0.13
N PHE C 60 4.88 -96.59 0.37
CA PHE C 60 5.12 -96.31 1.82
C PHE C 60 3.82 -96.42 2.63
N PHE C 61 2.65 -96.31 1.97
CA PHE C 61 1.30 -96.18 2.59
C PHE C 61 0.59 -97.54 2.70
N SER C 62 1.15 -98.62 2.14
CA SER C 62 0.54 -99.98 2.12
C SER C 62 0.78 -100.71 3.45
N GLU C 63 -0.08 -101.67 3.78
CA GLU C 63 -0.01 -102.48 5.03
C GLU C 63 1.21 -103.41 4.98
N LYS C 64 1.50 -103.96 3.79
CA LYS C 64 2.60 -104.93 3.54
C LYS C 64 3.98 -104.28 3.74
N PHE C 65 4.13 -102.99 3.45
CA PHE C 65 5.40 -102.22 3.53
C PHE C 65 6.05 -102.43 4.90
N ASP C 66 7.39 -102.55 4.93
CA ASP C 66 8.21 -102.79 6.15
C ASP C 66 8.86 -101.48 6.59
N ASP C 67 8.57 -101.05 7.83
CA ASP C 67 9.03 -99.76 8.42
C ASP C 67 9.80 -100.03 9.71
N SER C 68 10.27 -101.27 9.93
CA SER C 68 10.92 -101.72 11.20
C SER C 68 12.30 -101.09 11.38
N ASN C 69 12.88 -100.48 10.33
CA ASN C 69 14.18 -99.75 10.37
C ASN C 69 13.97 -98.23 10.43
N TRP C 70 12.73 -97.73 10.45
CA TRP C 70 12.39 -96.29 10.58
C TRP C 70 12.71 -95.78 11.99
N ASP C 71 13.07 -94.49 12.11
CA ASP C 71 13.21 -93.78 13.42
C ASP C 71 11.82 -93.59 14.03
N GLU C 72 11.75 -93.39 15.35
CA GLU C 72 10.51 -93.09 16.12
C GLU C 72 10.50 -91.60 16.51
N ILE C 73 9.41 -90.88 16.21
CA ILE C 73 9.18 -89.46 16.62
C ILE C 73 7.97 -89.38 17.54
N GLU C 74 8.02 -88.48 18.53
CA GLU C 74 6.90 -88.21 19.48
C GLU C 74 5.94 -87.19 18.86
N VAL C 75 4.64 -87.46 18.92
CA VAL C 75 3.54 -86.55 18.48
C VAL C 75 2.86 -86.04 19.75
N PRO C 76 2.56 -84.72 19.90
CA PRO C 76 2.84 -83.70 18.88
C PRO C 76 4.25 -83.07 18.95
N SER C 77 4.78 -82.61 17.82
CA SER C 77 6.07 -81.89 17.77
C SER C 77 6.27 -81.19 16.42
N ASN C 78 7.21 -80.24 16.38
CA ASN C 78 7.83 -79.72 15.15
C ASN C 78 9.14 -80.50 14.98
N TRP C 79 9.45 -81.01 13.78
CA TRP C 79 10.58 -81.95 13.57
C TRP C 79 11.91 -81.19 13.51
N GLU C 80 11.89 -79.88 13.23
CA GLU C 80 13.10 -79.00 13.32
C GLU C 80 13.61 -78.96 14.77
N MET C 81 12.73 -79.13 15.76
CA MET C 81 13.09 -79.15 17.21
C MET C 81 13.40 -80.58 17.68
N LYS C 82 13.37 -81.59 16.80
CA LYS C 82 13.72 -83.01 17.11
C LYS C 82 14.99 -83.46 16.37
N GLY C 83 15.57 -82.64 15.48
CA GLY C 83 16.87 -82.91 14.84
C GLY C 83 16.84 -82.87 13.31
N TYR C 84 15.68 -82.95 12.68
CA TYR C 84 15.53 -83.09 11.21
C TYR C 84 15.42 -81.71 10.56
N GLY C 85 16.10 -81.49 9.45
CA GLY C 85 16.11 -80.19 8.75
C GLY C 85 16.61 -79.07 9.65
N LYS C 86 16.39 -77.81 9.26
CA LYS C 86 16.85 -76.62 10.02
C LYS C 86 15.73 -75.58 10.10
N PRO C 87 15.59 -74.86 11.23
CA PRO C 87 14.62 -73.77 11.32
C PRO C 87 15.10 -72.57 10.50
N ILE C 88 14.18 -71.90 9.80
CA ILE C 88 14.46 -70.72 8.95
C ILE C 88 13.65 -69.53 9.51
N TYR C 89 14.29 -68.38 9.70
CA TYR C 89 13.61 -67.12 10.08
C TYR C 89 13.76 -66.11 8.94
N THR C 90 12.62 -65.65 8.41
CA THR C 90 12.52 -64.54 7.43
C THR C 90 11.38 -63.62 7.89
N ASN C 91 11.54 -62.32 7.71
CA ASN C 91 10.54 -61.30 8.11
C ASN C 91 9.44 -61.27 7.05
N VAL C 92 9.74 -60.72 5.87
CA VAL C 92 8.77 -60.48 4.76
C VAL C 92 9.06 -61.42 3.57
N VAL C 93 10.33 -61.61 3.22
CA VAL C 93 10.76 -62.44 2.04
C VAL C 93 10.36 -63.90 2.29
N TYR C 94 9.87 -64.58 1.26
CA TYR C 94 9.60 -66.05 1.29
C TYR C 94 10.93 -66.78 1.30
N PRO C 95 11.03 -67.95 1.97
CA PRO C 95 12.28 -68.73 1.99
C PRO C 95 12.56 -69.56 0.73
N PHE C 96 11.68 -69.45 -0.28
CA PHE C 96 11.82 -69.97 -1.66
C PHE C 96 11.57 -68.82 -2.63
N GLU C 97 11.68 -69.04 -3.94
CA GLU C 97 11.53 -67.98 -4.97
C GLU C 97 10.04 -67.67 -5.15
N PRO C 98 9.61 -66.39 -4.99
CA PRO C 98 8.19 -66.05 -5.04
C PRO C 98 7.62 -66.08 -6.46
N ASN C 99 6.66 -66.98 -6.70
CA ASN C 99 6.01 -67.20 -8.02
C ASN C 99 4.73 -67.98 -7.78
N PRO C 100 3.66 -67.34 -7.24
CA PRO C 100 2.47 -68.08 -6.83
C PRO C 100 1.75 -68.71 -8.02
N PRO C 101 1.16 -69.92 -7.91
CA PRO C 101 1.15 -70.72 -6.68
C PRO C 101 2.25 -71.81 -6.53
N PHE C 102 3.42 -71.62 -7.13
CA PHE C 102 4.44 -72.68 -7.34
C PHE C 102 5.43 -72.73 -6.16
N VAL C 103 5.71 -73.95 -5.67
CA VAL C 103 6.71 -74.22 -4.60
C VAL C 103 7.80 -75.11 -5.18
N PRO C 104 9.04 -75.06 -4.63
CA PRO C 104 10.15 -75.86 -5.16
C PRO C 104 9.91 -77.38 -5.06
N LYS C 105 10.45 -78.12 -6.04
CA LYS C 105 10.39 -79.61 -6.13
C LYS C 105 11.71 -80.21 -5.62
N ASP C 106 12.81 -79.44 -5.65
CA ASP C 106 14.17 -79.90 -5.26
C ASP C 106 14.31 -79.88 -3.73
N ASP C 107 14.03 -78.72 -3.09
CA ASP C 107 14.13 -78.52 -1.62
C ASP C 107 12.74 -78.22 -1.07
N ASN C 108 12.06 -79.26 -0.56
CA ASN C 108 10.73 -79.16 0.09
C ASN C 108 10.65 -80.24 1.17
N PRO C 109 11.19 -79.97 2.37
CA PRO C 109 11.22 -80.94 3.44
C PRO C 109 9.90 -81.70 3.63
N THR C 110 9.99 -83.02 3.76
CA THR C 110 8.83 -83.95 3.73
C THR C 110 8.99 -84.93 4.89
N GLY C 111 7.87 -85.29 5.51
CA GLY C 111 7.82 -86.23 6.64
C GLY C 111 6.71 -87.24 6.40
N VAL C 112 6.98 -88.52 6.69
CA VAL C 112 5.97 -89.62 6.61
C VAL C 112 5.87 -90.26 7.99
N TYR C 113 4.67 -90.29 8.56
CA TYR C 113 4.35 -90.88 9.90
C TYR C 113 3.51 -92.15 9.67
N ARG C 114 3.78 -93.23 10.41
CA ARG C 114 3.01 -94.51 10.37
C ARG C 114 2.71 -94.97 11.80
N ARG C 115 1.50 -95.49 12.04
CA ARG C 115 1.09 -96.02 13.36
C ARG C 115 -0.05 -97.03 13.19
N TRP C 116 -0.05 -98.07 14.03
CA TRP C 116 -1.09 -99.13 14.11
C TRP C 116 -1.95 -98.88 15.37
N ILE C 117 -3.27 -98.98 15.25
CA ILE C 117 -4.25 -98.67 16.34
C ILE C 117 -5.31 -99.77 16.42
N GLU C 118 -5.82 -100.03 17.64
CA GLU C 118 -6.77 -101.12 17.98
C GLU C 118 -8.17 -100.54 18.26
N ILE C 119 -9.10 -100.65 17.32
CA ILE C 119 -10.52 -100.20 17.47
C ILE C 119 -11.31 -101.32 18.13
N PRO C 120 -11.96 -101.10 19.30
CA PRO C 120 -12.90 -102.07 19.86
C PRO C 120 -14.11 -102.38 18.96
N GLU C 121 -14.75 -103.52 19.19
CA GLU C 121 -15.85 -104.07 18.32
C GLU C 121 -17.12 -103.23 18.50
N ASP C 122 -17.43 -102.80 19.73
CA ASP C 122 -18.70 -102.09 20.07
C ASP C 122 -18.74 -100.68 19.45
N TRP C 123 -17.64 -100.17 18.90
CA TRP C 123 -17.57 -98.86 18.20
C TRP C 123 -18.31 -98.89 16.85
N PHE C 124 -18.55 -100.07 16.27
CA PHE C 124 -19.03 -100.20 14.86
C PHE C 124 -20.56 -100.16 14.78
N LYS C 125 -21.26 -100.05 15.92
CA LYS C 125 -22.71 -99.68 15.96
C LYS C 125 -22.86 -98.16 16.13
N LYS C 126 -21.83 -97.38 15.79
CA LYS C 126 -21.75 -95.90 15.96
C LYS C 126 -21.01 -95.32 14.74
N GLU C 127 -20.79 -94.00 14.73
CA GLU C 127 -20.02 -93.29 13.67
C GLU C 127 -18.66 -92.87 14.25
N ILE C 128 -17.56 -93.11 13.51
CA ILE C 128 -16.16 -92.97 13.99
C ILE C 128 -15.47 -91.84 13.21
N PHE C 129 -14.81 -90.90 13.92
CA PHE C 129 -14.11 -89.72 13.33
C PHE C 129 -12.64 -89.69 13.79
N LEU C 130 -11.74 -89.31 12.89
CA LEU C 130 -10.31 -89.02 13.15
C LEU C 130 -10.10 -87.49 13.12
N HIS C 131 -9.62 -86.90 14.23
CA HIS C 131 -9.47 -85.42 14.42
C HIS C 131 -7.99 -85.00 14.52
N PHE C 132 -7.51 -84.17 13.59
CA PHE C 132 -6.19 -83.48 13.64
C PHE C 132 -6.39 -82.02 14.08
N GLU C 133 -5.90 -81.65 15.27
CA GLU C 133 -6.02 -80.28 15.82
C GLU C 133 -5.17 -79.28 15.01
N GLY C 134 -4.05 -79.71 14.40
CA GLY C 134 -3.23 -78.83 13.55
C GLY C 134 -1.99 -79.52 12.94
N VAL C 135 -1.69 -79.23 11.67
CA VAL C 135 -0.58 -79.80 10.86
C VAL C 135 -0.05 -78.72 9.93
N ARG C 136 1.26 -78.52 9.86
CA ARG C 136 1.88 -77.46 9.04
C ARG C 136 2.74 -78.10 7.95
N SER C 137 2.61 -77.74 6.65
CA SER C 137 1.59 -76.86 6.11
C SER C 137 0.51 -77.60 5.30
N PHE C 138 0.76 -78.85 4.90
CA PHE C 138 -0.12 -79.64 3.99
C PHE C 138 0.07 -81.12 4.30
N PHE C 139 -0.98 -81.94 4.24
CA PHE C 139 -0.84 -83.40 4.43
C PHE C 139 -1.86 -84.21 3.62
N TYR C 140 -1.45 -85.44 3.25
CA TYR C 140 -2.27 -86.55 2.69
C TYR C 140 -2.53 -87.59 3.78
N LEU C 141 -3.73 -88.17 3.83
CA LEU C 141 -4.10 -89.25 4.79
C LEU C 141 -4.38 -90.55 4.02
N TRP C 142 -3.85 -91.67 4.51
CA TRP C 142 -4.16 -93.06 4.08
C TRP C 142 -4.62 -93.86 5.30
N VAL C 143 -5.72 -94.61 5.19
CA VAL C 143 -6.21 -95.56 6.22
C VAL C 143 -6.30 -96.96 5.59
N ASN C 144 -5.66 -97.95 6.23
CA ASN C 144 -5.58 -99.37 5.77
C ASN C 144 -5.30 -99.42 4.26
N GLY C 145 -4.31 -98.67 3.79
CA GLY C 145 -3.83 -98.67 2.39
C GLY C 145 -4.58 -97.72 1.47
N LYS C 146 -5.79 -97.26 1.83
CA LYS C 146 -6.69 -96.45 0.95
C LYS C 146 -6.51 -94.95 1.25
N LYS C 147 -6.54 -94.13 0.18
CA LYS C 147 -6.52 -92.63 0.24
C LYS C 147 -7.90 -92.11 0.68
N ILE C 148 -7.95 -91.28 1.72
CA ILE C 148 -9.19 -90.62 2.24
C ILE C 148 -9.27 -89.18 1.72
N GLY C 149 -8.17 -88.41 1.80
CA GLY C 149 -8.10 -87.04 1.26
C GLY C 149 -6.95 -86.25 1.86
N PHE C 150 -7.06 -84.91 1.86
CA PHE C 150 -5.98 -83.95 2.23
C PHE C 150 -6.56 -82.67 2.87
N SER C 151 -5.68 -81.79 3.41
CA SER C 151 -6.06 -80.51 4.08
C SER C 151 -4.90 -79.50 4.04
N LYS C 152 -5.18 -78.20 4.16
CA LYS C 152 -4.24 -77.10 3.79
C LYS C 152 -4.00 -75.98 4.82
N ASP C 153 -4.89 -75.66 5.78
CA ASP C 153 -4.70 -74.51 6.72
C ASP C 153 -4.06 -75.00 8.02
N SER C 154 -2.89 -74.46 8.39
CA SER C 154 -2.01 -75.02 9.45
C SER C 154 -2.61 -74.90 10.85
N CYS C 155 -3.55 -73.98 11.10
CA CYS C 155 -3.88 -73.52 12.47
C CYS C 155 -5.32 -73.87 12.87
N THR C 156 -6.11 -74.52 11.99
CA THR C 156 -7.51 -74.95 12.26
C THR C 156 -7.63 -76.45 12.02
N PRO C 157 -8.58 -77.15 12.66
CA PRO C 157 -8.59 -78.61 12.64
C PRO C 157 -9.05 -79.23 11.32
N ALA C 158 -8.82 -80.54 11.17
CA ALA C 158 -9.23 -81.40 10.02
C ALA C 158 -9.79 -82.70 10.59
N GLU C 159 -11.04 -83.00 10.27
CA GLU C 159 -11.81 -84.16 10.80
C GLU C 159 -12.27 -85.00 9.61
N PHE C 160 -12.22 -86.33 9.73
CA PHE C 160 -12.53 -87.31 8.65
C PHE C 160 -13.43 -88.42 9.22
N ARG C 161 -14.57 -88.68 8.59
CA ARG C 161 -15.46 -89.81 8.95
C ARG C 161 -14.87 -91.10 8.35
N LEU C 162 -14.60 -92.12 9.18
CA LEU C 162 -13.83 -93.33 8.79
C LEU C 162 -14.63 -94.62 9.03
N THR C 163 -15.93 -94.55 9.36
CA THR C 163 -16.73 -95.72 9.82
C THR C 163 -16.70 -96.86 8.79
N ASP C 164 -16.62 -96.55 7.49
CA ASP C 164 -16.64 -97.54 6.37
C ASP C 164 -15.29 -98.23 6.21
N VAL C 165 -14.20 -97.47 6.09
CA VAL C 165 -12.84 -97.97 5.67
C VAL C 165 -12.10 -98.61 6.85
N LEU C 166 -12.65 -98.56 8.07
CA LEU C 166 -12.01 -99.09 9.31
C LEU C 166 -12.63 -100.46 9.61
N ARG C 167 -11.92 -101.31 10.36
CA ARG C 167 -12.36 -102.69 10.72
C ARG C 167 -12.05 -102.94 12.20
N PRO C 168 -12.76 -103.88 12.88
CA PRO C 168 -12.44 -104.24 14.26
C PRO C 168 -11.01 -104.82 14.37
N GLY C 169 -10.38 -104.65 15.52
CA GLY C 169 -8.98 -105.05 15.78
C GLY C 169 -8.00 -104.00 15.29
N LYS C 170 -6.95 -104.42 14.59
CA LYS C 170 -5.74 -103.61 14.27
C LYS C 170 -5.92 -102.91 12.92
N ASN C 171 -5.71 -101.58 12.88
CA ASN C 171 -5.79 -100.74 11.65
C ASN C 171 -4.52 -99.90 11.51
N LEU C 172 -4.17 -99.53 10.29
CA LEU C 172 -3.00 -98.66 9.97
C LEU C 172 -3.48 -97.24 9.63
N ILE C 173 -2.82 -96.23 10.20
CA ILE C 173 -2.94 -94.78 9.81
C ILE C 173 -1.58 -94.36 9.23
N THR C 174 -1.58 -93.70 8.07
CA THR C 174 -0.36 -93.13 7.42
C THR C 174 -0.65 -91.70 6.97
N VAL C 175 0.27 -90.79 7.28
CA VAL C 175 0.19 -89.33 6.99
C VAL C 175 1.49 -88.91 6.29
N GLU C 176 1.40 -88.20 5.17
CA GLU C 176 2.57 -87.54 4.52
C GLU C 176 2.43 -86.02 4.65
N VAL C 177 3.38 -85.35 5.31
CA VAL C 177 3.35 -83.89 5.60
C VAL C 177 4.39 -83.18 4.73
N LEU C 178 3.99 -82.12 4.01
CA LEU C 178 4.87 -81.24 3.22
C LEU C 178 5.06 -79.89 3.95
N LYS C 179 6.28 -79.34 3.98
CA LYS C 179 6.58 -78.06 4.68
C LYS C 179 5.96 -76.91 3.91
N TRP C 180 6.24 -76.82 2.60
CA TRP C 180 5.77 -75.73 1.72
C TRP C 180 4.69 -76.24 0.75
N SER C 181 3.67 -75.40 0.52
CA SER C 181 2.52 -75.62 -0.39
C SER C 181 2.07 -74.25 -0.91
N ASP C 182 1.02 -74.20 -1.72
CA ASP C 182 0.37 -72.94 -2.15
C ASP C 182 -0.19 -72.21 -0.91
N GLY C 183 -0.66 -72.96 0.09
CA GLY C 183 -1.06 -72.45 1.43
C GLY C 183 -0.02 -71.53 2.05
N SER C 184 1.28 -71.81 1.85
CA SER C 184 2.43 -71.06 2.41
C SER C 184 2.43 -69.59 1.97
N TYR C 185 1.82 -69.25 0.84
CA TYR C 185 1.73 -67.85 0.33
C TYR C 185 0.83 -66.98 1.24
N LEU C 186 -0.08 -67.57 2.02
CA LEU C 186 -0.93 -66.88 3.04
C LEU C 186 -0.44 -67.14 4.47
N GLU C 187 0.79 -67.62 4.67
CA GLU C 187 1.35 -67.92 6.02
C GLU C 187 2.75 -67.28 6.13
N ASP C 188 2.89 -66.07 5.61
CA ASP C 188 4.15 -65.28 5.60
C ASP C 188 4.22 -64.36 6.83
N GLN C 189 3.96 -64.89 8.03
CA GLN C 189 4.05 -64.10 9.29
C GLN C 189 5.54 -63.90 9.62
N ASP C 190 5.89 -62.80 10.27
CA ASP C 190 7.26 -62.50 10.77
C ASP C 190 7.55 -63.46 11.93
N MET C 191 8.00 -64.68 11.61
CA MET C 191 8.21 -65.77 12.60
C MET C 191 9.04 -66.90 11.98
N TRP C 192 9.42 -67.88 12.79
CA TRP C 192 10.19 -69.09 12.37
C TRP C 192 9.31 -69.98 11.48
N TRP C 193 9.82 -70.44 10.33
CA TRP C 193 9.18 -71.48 9.47
C TRP C 193 9.49 -72.88 10.05
N PHE C 194 8.50 -73.55 10.63
CA PHE C 194 8.57 -74.94 11.17
C PHE C 194 7.64 -75.86 10.35
N ALA C 195 7.52 -77.14 10.72
CA ALA C 195 6.67 -78.14 10.03
C ALA C 195 6.41 -79.35 10.94
N GLY C 196 5.31 -80.08 10.70
CA GLY C 196 4.99 -81.37 11.33
C GLY C 196 3.62 -81.43 11.96
N ILE C 197 3.27 -82.56 12.58
CA ILE C 197 2.02 -82.74 13.37
C ILE C 197 2.25 -82.16 14.78
N TYR C 198 1.98 -80.87 14.98
CA TYR C 198 2.45 -80.06 16.14
C TYR C 198 1.34 -79.87 17.19
N ARG C 199 0.12 -80.39 16.95
CA ARG C 199 -1.01 -80.39 17.91
C ARG C 199 -1.62 -81.81 17.93
N ASP C 200 -2.42 -82.09 18.97
CA ASP C 200 -2.96 -83.43 19.31
C ASP C 200 -3.71 -84.10 18.16
N VAL C 201 -3.77 -85.43 18.19
CA VAL C 201 -4.53 -86.31 17.25
C VAL C 201 -5.33 -87.29 18.10
N TYR C 202 -6.59 -87.58 17.75
CA TYR C 202 -7.45 -88.54 18.50
C TYR C 202 -8.56 -89.09 17.62
N LEU C 203 -9.14 -90.22 18.08
CA LEU C 203 -10.34 -90.90 17.53
C LEU C 203 -11.46 -90.81 18.56
N TYR C 204 -12.69 -90.54 18.13
CA TYR C 204 -13.90 -90.59 19.01
C TYR C 204 -15.06 -91.17 18.20
N ALA C 205 -16.15 -91.53 18.88
CA ALA C 205 -17.34 -92.19 18.29
C ALA C 205 -18.62 -91.52 18.79
N LEU C 206 -19.55 -91.22 17.89
CA LEU C 206 -20.89 -90.63 18.21
C LEU C 206 -21.98 -91.59 17.75
N PRO C 207 -23.17 -91.57 18.39
CA PRO C 207 -24.34 -92.28 17.88
C PRO C 207 -24.69 -91.92 16.43
N LYS C 208 -25.48 -92.77 15.77
CA LYS C 208 -25.89 -92.60 14.35
C LYS C 208 -26.66 -91.29 14.19
N PHE C 209 -27.51 -90.96 15.17
CA PHE C 209 -28.27 -89.68 15.28
C PHE C 209 -27.66 -88.85 16.43
N HIS C 210 -27.02 -87.74 16.09
CA HIS C 210 -26.19 -86.93 17.04
C HIS C 210 -26.36 -85.42 16.79
N ILE C 211 -25.98 -84.62 17.78
CA ILE C 211 -25.84 -83.13 17.68
C ILE C 211 -24.51 -82.85 16.96
N ARG C 212 -24.57 -82.26 15.76
CA ARG C 212 -23.36 -81.89 14.99
C ARG C 212 -22.80 -80.55 15.52
N ASP C 213 -23.64 -79.55 15.84
CA ASP C 213 -23.20 -78.16 16.15
C ASP C 213 -24.16 -77.46 17.12
N VAL C 214 -23.64 -76.49 17.90
CA VAL C 214 -24.40 -75.64 18.86
C VAL C 214 -23.91 -74.19 18.71
N PHE C 215 -24.82 -73.22 18.57
CA PHE C 215 -24.54 -71.77 18.64
C PHE C 215 -25.37 -71.16 19.78
N VAL C 216 -24.72 -70.76 20.88
CA VAL C 216 -25.36 -70.07 22.03
C VAL C 216 -24.94 -68.59 22.01
N ARG C 217 -25.92 -67.69 21.94
CA ARG C 217 -25.76 -66.20 21.99
C ARG C 217 -26.61 -65.64 23.12
N THR C 218 -26.21 -64.51 23.71
CA THR C 218 -26.99 -63.82 24.76
C THR C 218 -27.32 -62.40 24.30
N ASP C 219 -28.43 -61.85 24.81
CA ASP C 219 -28.76 -60.40 24.77
C ASP C 219 -29.04 -59.92 26.20
N LEU C 220 -28.85 -58.63 26.46
CA LEU C 220 -29.19 -57.93 27.74
C LEU C 220 -30.12 -56.76 27.41
N ASP C 221 -31.02 -56.41 28.32
CA ASP C 221 -32.01 -55.30 28.17
C ASP C 221 -31.28 -53.95 28.23
N GLU C 222 -32.01 -52.83 28.08
CA GLU C 222 -31.46 -51.46 28.01
C GLU C 222 -30.90 -50.99 29.37
N ASN C 223 -31.20 -51.69 30.48
CA ASN C 223 -30.63 -51.42 31.81
C ASN C 223 -29.49 -52.40 32.13
N TYR C 224 -29.11 -53.28 31.19
CA TYR C 224 -28.09 -54.35 31.39
C TYR C 224 -28.45 -55.16 32.65
N ARG C 225 -29.75 -55.45 32.84
CA ARG C 225 -30.30 -56.13 34.05
C ARG C 225 -30.72 -57.56 33.68
N ASN C 226 -31.80 -57.72 32.92
CA ASN C 226 -32.35 -59.06 32.54
C ASN C 226 -31.72 -59.50 31.21
N GLY C 227 -31.69 -60.81 30.99
CA GLY C 227 -31.02 -61.45 29.85
C GLY C 227 -31.96 -62.30 29.02
N LYS C 228 -31.54 -62.63 27.80
CA LYS C 228 -32.19 -63.61 26.89
C LYS C 228 -31.11 -64.57 26.40
N ILE C 229 -31.46 -65.84 26.23
CA ILE C 229 -30.57 -66.86 25.60
C ILE C 229 -31.19 -67.20 24.26
N PHE C 230 -30.40 -67.16 23.17
CA PHE C 230 -30.80 -67.61 21.81
C PHE C 230 -29.94 -68.83 21.43
N LEU C 231 -30.57 -69.99 21.31
CA LEU C 231 -29.90 -71.31 21.13
C LEU C 231 -30.29 -71.91 19.79
N ASP C 232 -29.31 -72.18 18.91
CA ASP C 232 -29.44 -72.99 17.67
C ASP C 232 -28.78 -74.36 17.86
N VAL C 233 -29.54 -75.45 17.67
CA VAL C 233 -29.04 -76.85 17.80
C VAL C 233 -29.19 -77.55 16.45
N GLU C 234 -28.07 -77.90 15.79
CA GLU C 234 -28.05 -78.63 14.50
C GLU C 234 -27.90 -80.15 14.77
N MET C 235 -28.83 -80.94 14.25
CA MET C 235 -28.86 -82.43 14.39
C MET C 235 -28.55 -83.07 13.04
N ARG C 236 -27.93 -84.25 13.07
CA ARG C 236 -27.48 -85.01 11.88
C ARG C 236 -27.84 -86.48 12.05
N ASN C 237 -28.45 -87.09 11.02
CA ASN C 237 -28.91 -88.50 11.02
C ASN C 237 -28.09 -89.28 10.00
N LEU C 238 -27.46 -90.38 10.43
CA LEU C 238 -26.70 -91.33 9.57
C LEU C 238 -27.24 -92.75 9.76
N GLY C 239 -28.52 -92.96 9.42
CA GLY C 239 -29.16 -94.29 9.30
C GLY C 239 -29.98 -94.72 10.52
N GLU C 240 -30.27 -93.81 11.45
CA GLU C 240 -31.17 -94.09 12.61
C GLU C 240 -32.63 -94.00 12.13
N GLU C 241 -33.54 -94.73 12.78
CA GLU C 241 -34.98 -94.83 12.42
C GLU C 241 -35.89 -94.50 13.62
N GLU C 242 -35.54 -94.99 14.82
CA GLU C 242 -36.29 -94.78 16.08
C GLU C 242 -36.17 -93.31 16.54
N GLU C 243 -37.14 -92.82 17.31
CA GLU C 243 -37.18 -91.45 17.88
C GLU C 243 -36.42 -91.41 19.22
N LYS C 244 -35.66 -90.33 19.45
CA LYS C 244 -34.81 -90.12 20.66
C LYS C 244 -35.34 -88.90 21.45
N ASP C 245 -34.93 -88.81 22.72
CA ASP C 245 -35.31 -87.71 23.65
C ASP C 245 -34.19 -86.67 23.71
N LEU C 246 -34.54 -85.39 23.53
CA LEU C 246 -33.63 -84.22 23.63
C LEU C 246 -33.89 -83.50 24.97
N GLU C 247 -32.86 -83.35 25.81
CA GLU C 247 -32.92 -82.57 27.08
C GLU C 247 -31.83 -81.49 27.05
N VAL C 248 -32.17 -80.26 27.45
CA VAL C 248 -31.24 -79.11 27.60
C VAL C 248 -31.40 -78.57 29.03
N THR C 249 -30.31 -78.54 29.79
CA THR C 249 -30.22 -78.11 31.21
C THR C 249 -29.28 -76.91 31.33
N LEU C 250 -29.66 -75.88 32.09
CA LEU C 250 -28.84 -74.69 32.41
C LEU C 250 -28.32 -74.82 33.84
N ILE C 251 -26.99 -74.77 34.04
CA ILE C 251 -26.33 -74.77 35.38
C ILE C 251 -25.78 -73.36 35.64
N THR C 252 -26.13 -72.78 36.79
CA THR C 252 -25.74 -71.39 37.17
C THR C 252 -24.33 -71.39 37.76
N PRO C 253 -23.65 -70.22 37.84
CA PRO C 253 -22.36 -70.13 38.51
C PRO C 253 -22.37 -70.60 39.97
N ASP C 254 -23.50 -70.45 40.67
CA ASP C 254 -23.73 -70.95 42.05
C ASP C 254 -23.76 -72.48 42.04
N GLY C 255 -24.41 -73.10 41.06
CA GLY C 255 -24.50 -74.57 40.90
C GLY C 255 -25.93 -75.09 40.78
N ASP C 256 -26.94 -74.22 40.87
CA ASP C 256 -28.37 -74.56 40.69
C ASP C 256 -28.63 -75.00 39.24
N GLU C 257 -29.56 -75.94 39.03
CA GLU C 257 -29.93 -76.50 37.70
C GLU C 257 -31.38 -76.17 37.36
N LYS C 258 -31.67 -76.05 36.06
CA LYS C 258 -33.03 -75.81 35.50
C LYS C 258 -33.13 -76.48 34.12
N THR C 259 -34.21 -77.22 33.87
CA THR C 259 -34.53 -77.82 32.55
C THR C 259 -35.16 -76.72 31.68
N LEU C 260 -34.56 -76.43 30.53
CA LEU C 260 -35.05 -75.42 29.55
C LEU C 260 -35.90 -76.12 28.49
N VAL C 261 -35.45 -77.29 28.04
CA VAL C 261 -36.08 -78.11 26.96
C VAL C 261 -36.11 -79.58 27.40
N LYS C 262 -37.24 -80.25 27.17
CA LYS C 262 -37.36 -81.73 27.25
C LYS C 262 -38.46 -82.18 26.29
N GLU C 263 -38.07 -82.75 25.14
CA GLU C 263 -39.00 -83.14 24.04
C GLU C 263 -38.46 -84.37 23.32
N THR C 264 -39.32 -85.02 22.51
CA THR C 264 -38.99 -86.17 21.64
C THR C 264 -38.88 -85.66 20.19
N VAL C 265 -37.86 -86.12 19.47
CA VAL C 265 -37.48 -85.64 18.10
C VAL C 265 -37.32 -86.87 17.21
N LYS C 266 -37.98 -86.86 16.04
CA LYS C 266 -37.84 -87.92 15.00
C LYS C 266 -36.49 -87.73 14.32
N PRO C 267 -35.78 -88.83 13.95
CA PRO C 267 -34.44 -88.72 13.39
C PRO C 267 -34.45 -88.12 11.97
N GLU C 268 -33.79 -86.96 11.82
CA GLU C 268 -33.72 -86.18 10.57
C GLU C 268 -32.63 -85.10 10.71
N ASP C 269 -32.17 -84.56 9.57
CA ASP C 269 -31.22 -83.42 9.49
C ASP C 269 -32.01 -82.11 9.59
N ARG C 270 -31.92 -81.40 10.72
CA ARG C 270 -32.70 -80.17 11.02
C ARG C 270 -31.94 -79.27 12.01
N VAL C 271 -32.17 -77.96 11.94
CA VAL C 271 -31.72 -76.96 12.95
C VAL C 271 -32.92 -76.54 13.80
N LEU C 272 -32.90 -76.85 15.09
CA LEU C 272 -33.90 -76.40 16.11
C LEU C 272 -33.42 -75.10 16.73
N SER C 273 -34.30 -74.11 16.89
CA SER C 273 -34.02 -72.79 17.48
C SER C 273 -34.94 -72.52 18.68
N PHE C 274 -34.38 -72.02 19.77
CA PHE C 274 -35.09 -71.70 21.03
C PHE C 274 -34.68 -70.29 21.52
N ALA C 275 -35.56 -69.62 22.24
CA ALA C 275 -35.30 -68.35 22.95
C ALA C 275 -35.88 -68.43 24.37
N PHE C 276 -35.06 -68.16 25.39
CA PHE C 276 -35.43 -68.21 26.83
C PHE C 276 -35.09 -66.87 27.48
N ASP C 277 -35.82 -66.52 28.53
CA ASP C 277 -35.60 -65.33 29.39
C ASP C 277 -34.93 -65.80 30.68
N VAL C 278 -33.99 -64.99 31.21
CA VAL C 278 -33.30 -65.20 32.52
C VAL C 278 -33.32 -63.88 33.29
N LYS C 279 -33.68 -63.90 34.58
CA LYS C 279 -33.77 -62.70 35.45
C LYS C 279 -32.43 -62.47 36.16
N ASP C 280 -31.93 -61.23 36.12
CA ASP C 280 -30.72 -60.75 36.85
C ASP C 280 -29.61 -61.79 36.79
N PRO C 281 -29.13 -62.19 35.59
CA PRO C 281 -27.99 -63.10 35.49
C PRO C 281 -26.69 -62.39 35.93
N LYS C 282 -25.73 -63.17 36.43
CA LYS C 282 -24.35 -62.71 36.71
C LYS C 282 -23.63 -62.52 35.36
N LYS C 283 -23.10 -61.31 35.13
CA LYS C 283 -22.50 -60.90 33.84
C LYS C 283 -21.01 -61.30 33.80
N TRP C 284 -20.51 -61.71 32.64
CA TRP C 284 -19.09 -62.08 32.45
C TRP C 284 -18.32 -60.79 32.15
N SER C 285 -17.17 -60.56 32.81
CA SER C 285 -16.14 -59.57 32.39
C SER C 285 -14.75 -60.14 32.69
N ALA C 286 -13.70 -59.46 32.22
CA ALA C 286 -12.28 -59.80 32.55
C ALA C 286 -12.05 -59.65 34.06
N GLU C 287 -12.68 -58.67 34.72
CA GLU C 287 -12.60 -58.45 36.19
C GLU C 287 -13.38 -59.54 36.96
N THR C 288 -14.48 -60.08 36.40
CA THR C 288 -15.44 -60.99 37.09
C THR C 288 -15.93 -62.07 36.13
N PRO C 289 -15.13 -63.11 35.81
CA PRO C 289 -15.50 -64.08 34.78
C PRO C 289 -16.51 -65.19 35.18
N HIS C 290 -17.75 -64.82 35.47
CA HIS C 290 -18.87 -65.75 35.80
C HIS C 290 -19.34 -66.53 34.56
N LEU C 291 -19.26 -67.86 34.56
CA LEU C 291 -19.63 -68.75 33.43
C LEU C 291 -20.86 -69.57 33.81
N TYR C 292 -21.86 -69.62 32.92
CA TYR C 292 -23.01 -70.56 32.95
C TYR C 292 -22.64 -71.80 32.11
N VAL C 293 -23.28 -72.95 32.35
CA VAL C 293 -23.08 -74.20 31.55
C VAL C 293 -24.41 -74.62 30.92
N LEU C 294 -24.42 -74.87 29.59
CA LEU C 294 -25.50 -75.65 28.90
C LEU C 294 -25.07 -77.11 28.76
N LYS C 295 -25.87 -78.03 29.31
CA LYS C 295 -25.76 -79.50 29.17
C LYS C 295 -26.78 -79.97 28.12
N LEU C 296 -26.35 -80.55 26.99
CA LEU C 296 -27.22 -81.03 25.89
C LEU C 296 -27.09 -82.56 25.76
N LYS C 297 -28.22 -83.28 25.71
CA LYS C 297 -28.26 -84.77 25.62
C LYS C 297 -29.34 -85.23 24.62
N LEU C 298 -28.93 -85.90 23.54
CA LEU C 298 -29.82 -86.50 22.50
C LEU C 298 -29.57 -88.01 22.46
N GLY C 299 -30.47 -88.81 23.03
CA GLY C 299 -30.26 -90.25 23.24
C GLY C 299 -29.11 -90.50 24.21
N GLU C 300 -27.99 -91.07 23.72
CA GLU C 300 -26.76 -91.35 24.52
C GLU C 300 -25.65 -90.35 24.17
N ASP C 301 -25.89 -89.40 23.26
CA ASP C 301 -24.95 -88.32 22.89
C ASP C 301 -25.04 -87.20 23.93
N GLU C 302 -23.93 -86.86 24.59
CA GLU C 302 -23.86 -85.80 25.63
C GLU C 302 -22.75 -84.81 25.28
N LYS C 303 -23.04 -83.51 25.36
CA LYS C 303 -22.09 -82.37 25.14
C LYS C 303 -22.34 -81.28 26.18
N LYS C 304 -21.34 -80.43 26.43
CA LYS C 304 -21.44 -79.26 27.34
C LYS C 304 -20.79 -78.04 26.70
N VAL C 305 -21.36 -76.85 26.91
CA VAL C 305 -20.79 -75.56 26.43
C VAL C 305 -20.85 -74.54 27.58
N ASN C 306 -19.72 -73.89 27.86
CA ASN C 306 -19.61 -72.72 28.77
C ASN C 306 -19.96 -71.45 27.98
N PHE C 307 -20.71 -70.54 28.58
CA PHE C 307 -21.07 -69.24 27.98
C PHE C 307 -21.25 -68.21 29.10
N GLY C 308 -21.22 -66.94 28.74
CA GLY C 308 -21.42 -65.81 29.66
C GLY C 308 -22.37 -64.80 29.09
N PHE C 309 -23.06 -64.04 29.95
CA PHE C 309 -23.89 -62.88 29.57
C PHE C 309 -22.96 -61.66 29.48
N ARG C 310 -22.77 -61.15 28.27
CA ARG C 310 -21.97 -59.92 28.03
C ARG C 310 -22.36 -59.33 26.67
N LYS C 311 -22.25 -58.01 26.52
CA LYS C 311 -22.66 -57.26 25.30
C LYS C 311 -21.59 -56.23 24.94
N ILE C 312 -21.08 -56.28 23.71
CA ILE C 312 -20.11 -55.30 23.12
C ILE C 312 -20.91 -54.45 22.14
N GLU C 313 -20.75 -53.12 22.16
CA GLU C 313 -21.49 -52.21 21.24
C GLU C 313 -20.73 -50.89 21.06
N ILE C 314 -21.02 -50.18 19.97
CA ILE C 314 -20.54 -48.82 19.66
C ILE C 314 -21.71 -47.82 19.82
N LYS C 315 -21.60 -46.85 20.73
CA LYS C 315 -22.59 -45.75 20.88
C LYS C 315 -21.89 -44.40 20.65
N ASP C 316 -22.20 -43.72 19.54
CA ASP C 316 -21.64 -42.40 19.17
C ASP C 316 -20.10 -42.44 19.13
N GLY C 317 -19.52 -43.48 18.50
CA GLY C 317 -18.05 -43.64 18.36
C GLY C 317 -17.35 -44.16 19.61
N THR C 318 -18.07 -44.41 20.71
CA THR C 318 -17.51 -44.92 21.99
C THR C 318 -17.73 -46.44 22.08
N LEU C 319 -16.72 -47.21 22.48
CA LEU C 319 -16.77 -48.69 22.68
C LEU C 319 -17.32 -48.98 24.08
N LEU C 320 -18.39 -49.77 24.20
CA LEU C 320 -19.07 -50.07 25.50
C LEU C 320 -19.07 -51.58 25.74
N PHE C 321 -18.83 -51.98 26.99
CA PHE C 321 -18.82 -53.39 27.44
C PHE C 321 -19.74 -53.47 28.66
N ASN C 322 -20.83 -54.23 28.56
CA ASN C 322 -21.95 -54.27 29.53
C ASN C 322 -22.40 -52.86 29.93
N GLY C 323 -22.46 -51.92 28.98
CA GLY C 323 -22.87 -50.52 29.21
C GLY C 323 -21.77 -49.54 29.70
N LYS C 324 -20.50 -49.94 29.88
CA LYS C 324 -19.39 -49.06 30.39
C LYS C 324 -18.31 -48.83 29.34
N PRO C 325 -17.68 -47.64 29.26
CA PRO C 325 -16.57 -47.40 28.34
C PRO C 325 -15.38 -48.34 28.62
N LEU C 326 -14.91 -49.02 27.58
CA LEU C 326 -13.88 -50.08 27.70
C LEU C 326 -12.57 -49.52 27.15
N TYR C 327 -11.48 -49.60 27.93
CA TYR C 327 -10.10 -49.33 27.46
C TYR C 327 -9.36 -50.67 27.29
N ILE C 328 -8.86 -50.90 26.08
CA ILE C 328 -8.05 -52.10 25.72
C ILE C 328 -6.61 -51.86 26.22
N LYS C 329 -6.20 -52.57 27.26
CA LYS C 329 -4.79 -52.54 27.79
C LYS C 329 -4.14 -53.87 27.41
N GLY C 330 -3.66 -53.97 26.16
CA GLY C 330 -3.39 -55.27 25.51
C GLY C 330 -1.92 -55.56 25.25
N VAL C 331 -1.67 -56.79 24.81
CA VAL C 331 -0.39 -57.25 24.20
C VAL C 331 -0.66 -58.24 23.04
N ASN C 332 0.20 -58.24 22.02
CA ASN C 332 0.26 -59.29 20.96
C ASN C 332 1.07 -60.47 21.52
N ARG C 333 0.58 -61.71 21.40
CA ARG C 333 1.29 -62.93 21.83
C ARG C 333 1.39 -63.98 20.71
N HIS C 334 2.62 -64.41 20.37
CA HIS C 334 2.90 -65.62 19.52
C HIS C 334 2.87 -66.89 20.38
N GLU C 335 2.25 -67.96 19.88
CA GLU C 335 2.18 -69.29 20.56
C GLU C 335 3.54 -69.99 20.37
N PHE C 336 4.56 -69.67 21.20
CA PHE C 336 5.99 -70.04 20.99
C PHE C 336 6.64 -70.53 22.29
N ASP C 337 7.49 -71.54 22.18
CA ASP C 337 8.28 -72.11 23.31
C ASP C 337 9.71 -72.35 22.85
N PRO C 338 10.75 -71.97 23.64
CA PRO C 338 12.14 -72.06 23.20
C PRO C 338 12.68 -73.49 23.01
N ASP C 339 12.02 -74.50 23.58
CA ASP C 339 12.39 -75.94 23.47
C ASP C 339 11.50 -76.69 22.47
N ARG C 340 10.19 -76.37 22.38
CA ARG C 340 9.18 -77.16 21.63
C ARG C 340 8.65 -76.42 20.40
N GLY C 341 9.06 -75.18 20.12
CA GLY C 341 8.53 -74.37 19.00
C GLY C 341 7.04 -74.09 19.19
N HIS C 342 6.22 -74.34 18.16
CA HIS C 342 4.75 -74.07 18.18
C HIS C 342 3.99 -75.08 19.03
N ALA C 343 4.61 -76.17 19.48
CA ALA C 343 3.92 -77.25 20.23
C ALA C 343 3.90 -76.92 21.74
N VAL C 344 3.15 -75.89 22.11
CA VAL C 344 3.10 -75.33 23.50
C VAL C 344 2.15 -76.14 24.35
N THR C 345 2.50 -76.35 25.63
CA THR C 345 1.73 -77.13 26.62
C THR C 345 0.79 -76.24 27.44
N VAL C 346 -0.15 -76.85 28.14
CA VAL C 346 -1.14 -76.16 29.01
C VAL C 346 -0.43 -75.48 30.19
N GLU C 347 0.64 -76.08 30.72
CA GLU C 347 1.38 -75.58 31.91
C GLU C 347 1.99 -74.21 31.56
N ARG C 348 2.57 -74.10 30.38
CA ARG C 348 3.14 -72.86 29.82
C ARG C 348 2.03 -71.83 29.54
N MET C 349 0.88 -72.26 29.05
CA MET C 349 -0.27 -71.36 28.75
C MET C 349 -0.74 -70.71 30.05
N ILE C 350 -0.79 -71.47 31.14
CA ILE C 350 -1.27 -70.97 32.46
C ILE C 350 -0.27 -69.96 33.03
N GLN C 351 1.03 -70.22 32.86
CA GLN C 351 2.14 -69.32 33.28
C GLN C 351 2.00 -67.97 32.56
N ASP C 352 1.73 -67.97 31.25
CA ASP C 352 1.58 -66.75 30.43
C ASP C 352 0.42 -65.90 30.98
N ILE C 353 -0.73 -66.50 31.23
CA ILE C 353 -1.98 -65.79 31.64
C ILE C 353 -1.80 -65.15 33.02
N LYS C 354 -1.29 -65.88 34.01
CA LYS C 354 -1.08 -65.36 35.40
C LYS C 354 -0.08 -64.20 35.38
N LEU C 355 1.00 -64.31 34.62
CA LEU C 355 1.99 -63.21 34.43
C LEU C 355 1.32 -62.00 33.79
N MET C 356 0.47 -62.20 32.78
CA MET C 356 -0.24 -61.08 32.11
C MET C 356 -1.12 -60.33 33.11
N LYS C 357 -1.93 -61.04 33.89
CA LYS C 357 -2.87 -60.44 34.87
C LYS C 357 -2.12 -59.77 36.02
N GLN C 358 -0.98 -60.32 36.45
CA GLN C 358 -0.13 -59.71 37.51
C GLN C 358 0.53 -58.41 37.02
N HIS C 359 0.51 -58.10 35.72
CA HIS C 359 1.09 -56.85 35.17
C HIS C 359 0.00 -55.98 34.56
N ASN C 360 -1.25 -56.11 35.02
CA ASN C 360 -2.41 -55.24 34.68
C ASN C 360 -2.77 -55.32 33.18
N ILE C 361 -2.41 -56.38 32.45
CA ILE C 361 -2.89 -56.59 31.04
C ILE C 361 -4.32 -57.19 31.08
N ASN C 362 -5.27 -56.64 30.31
CA ASN C 362 -6.68 -57.14 30.25
C ASN C 362 -7.04 -57.81 28.90
N THR C 363 -6.19 -57.74 27.87
CA THR C 363 -6.53 -58.19 26.49
C THR C 363 -5.32 -58.83 25.79
N VAL C 364 -5.57 -59.87 24.98
CA VAL C 364 -4.51 -60.49 24.14
CA VAL C 364 -4.52 -60.49 24.14
C VAL C 364 -5.02 -60.60 22.69
N ARG C 365 -4.17 -60.23 21.73
CA ARG C 365 -4.37 -60.47 20.28
C ARG C 365 -3.58 -61.74 19.89
N THR C 366 -4.24 -62.73 19.26
CA THR C 366 -3.60 -64.00 18.81
C THR C 366 -2.89 -63.77 17.47
N SER C 367 -1.73 -63.12 17.50
CA SER C 367 -0.94 -62.69 16.31
C SER C 367 -0.17 -63.88 15.73
N HIS C 368 -0.38 -64.25 14.45
CA HIS C 368 -1.48 -63.83 13.59
C HIS C 368 -2.21 -65.06 13.05
N TYR C 369 -2.73 -65.92 13.93
CA TYR C 369 -3.43 -67.16 13.53
C TYR C 369 -4.20 -67.68 14.74
N PRO C 370 -5.23 -68.53 14.56
CA PRO C 370 -5.92 -69.15 15.70
C PRO C 370 -4.98 -70.03 16.53
N ASN C 371 -5.09 -69.95 17.84
CA ASN C 371 -4.30 -70.73 18.84
C ASN C 371 -5.02 -72.06 19.11
N GLN C 372 -4.46 -72.94 19.95
CA GLN C 372 -5.14 -74.18 20.40
C GLN C 372 -6.44 -73.82 21.10
N THR C 373 -7.43 -74.72 21.14
CA THR C 373 -8.79 -74.44 21.67
C THR C 373 -8.72 -74.17 23.18
N LYS C 374 -7.75 -74.79 23.87
CA LYS C 374 -7.58 -74.68 25.33
C LYS C 374 -7.16 -73.25 25.75
N TRP C 375 -6.51 -72.49 24.87
CA TRP C 375 -6.15 -71.08 25.13
C TRP C 375 -7.42 -70.25 25.39
N TYR C 376 -8.47 -70.42 24.59
CA TYR C 376 -9.70 -69.60 24.65
C TYR C 376 -10.52 -70.00 25.87
N ASP C 377 -10.52 -71.30 26.21
CA ASP C 377 -11.15 -71.83 27.45
C ASP C 377 -10.52 -71.19 28.70
N LEU C 378 -9.19 -71.06 28.74
CA LEU C 378 -8.47 -70.48 29.91
C LEU C 378 -8.73 -68.95 30.01
N CYS C 379 -8.83 -68.25 28.88
CA CYS C 379 -9.22 -66.80 28.83
C CYS C 379 -10.66 -66.60 29.33
N ASP C 380 -11.56 -67.57 29.09
CA ASP C 380 -12.95 -67.55 29.64
C ASP C 380 -12.93 -67.73 31.18
N TYR C 381 -12.05 -68.60 31.67
CA TYR C 381 -12.01 -69.03 33.10
C TYR C 381 -11.25 -68.00 33.96
N PHE C 382 -10.08 -67.53 33.53
CA PHE C 382 -9.24 -66.57 34.31
C PHE C 382 -9.73 -65.11 34.11
N GLY C 383 -10.23 -64.76 32.91
CA GLY C 383 -10.74 -63.42 32.58
C GLY C 383 -9.73 -62.57 31.82
N LEU C 384 -9.61 -62.79 30.52
CA LEU C 384 -8.96 -61.87 29.55
C LEU C 384 -9.90 -61.68 28.36
N TYR C 385 -9.99 -60.47 27.81
CA TYR C 385 -10.56 -60.14 26.47
C TYR C 385 -9.64 -60.67 25.36
N VAL C 386 -10.22 -61.21 24.27
CA VAL C 386 -9.44 -61.79 23.13
C VAL C 386 -9.86 -61.15 21.81
N ILE C 387 -8.87 -60.82 20.97
CA ILE C 387 -8.99 -60.51 19.52
C ILE C 387 -8.48 -61.75 18.75
N ASP C 388 -9.39 -62.59 18.23
CA ASP C 388 -9.13 -63.84 17.46
C ASP C 388 -8.90 -63.51 15.98
N GLU C 389 -7.75 -63.91 15.41
CA GLU C 389 -7.28 -63.48 14.07
C GLU C 389 -7.14 -64.71 13.15
N ALA C 390 -7.61 -64.62 11.90
CA ALA C 390 -7.56 -65.71 10.89
C ALA C 390 -6.13 -65.85 10.36
N ASN C 391 -5.74 -67.05 9.94
CA ASN C 391 -4.37 -67.36 9.43
C ASN C 391 -4.24 -66.89 7.98
N ILE C 392 -4.10 -65.59 7.75
CA ILE C 392 -3.97 -64.97 6.39
C ILE C 392 -2.98 -63.80 6.49
N GLU C 393 -1.79 -63.97 5.92
CA GLU C 393 -0.77 -62.91 5.76
C GLU C 393 0.06 -63.20 4.50
N SER C 394 0.09 -62.26 3.55
CA SER C 394 0.84 -62.37 2.27
C SER C 394 1.66 -61.09 2.04
N HIS C 395 2.47 -60.73 3.04
CA HIS C 395 3.35 -59.52 3.08
C HIS C 395 4.32 -59.55 1.88
N GLY C 396 4.94 -60.70 1.62
CA GLY C 396 5.92 -60.90 0.53
C GLY C 396 5.37 -60.64 -0.87
N ILE C 397 4.04 -60.68 -1.07
CA ILE C 397 3.40 -60.32 -2.36
C ILE C 397 2.98 -58.86 -2.28
N ASP C 398 3.27 -58.06 -3.33
CA ASP C 398 3.04 -56.60 -3.38
C ASP C 398 1.55 -56.29 -3.19
N TRP C 399 1.22 -55.23 -2.44
CA TRP C 399 -0.17 -54.84 -2.08
C TRP C 399 -0.82 -53.95 -3.16
N ASP C 400 -0.18 -53.76 -4.32
CA ASP C 400 -0.78 -53.09 -5.50
C ASP C 400 -2.07 -53.84 -5.88
N PRO C 401 -3.17 -53.14 -6.26
CA PRO C 401 -4.47 -53.78 -6.48
C PRO C 401 -4.50 -54.91 -7.51
N GLU C 402 -3.60 -54.88 -8.50
CA GLU C 402 -3.50 -55.89 -9.60
C GLU C 402 -2.69 -57.10 -9.14
N VAL C 403 -1.71 -56.90 -8.27
CA VAL C 403 -0.73 -57.93 -7.82
C VAL C 403 -1.32 -58.70 -6.62
N THR C 404 -1.85 -58.00 -5.61
CA THR C 404 -2.19 -58.57 -4.28
C THR C 404 -3.11 -59.78 -4.45
N LEU C 405 -2.89 -60.84 -3.68
CA LEU C 405 -3.72 -62.07 -3.67
C LEU C 405 -5.12 -61.76 -3.12
N ALA C 406 -5.32 -60.61 -2.47
CA ALA C 406 -6.62 -60.16 -1.92
C ALA C 406 -7.59 -59.75 -3.04
N ASN C 407 -7.12 -59.53 -4.29
CA ASN C 407 -7.98 -59.14 -5.45
C ASN C 407 -7.96 -60.18 -6.58
N ARG C 408 -7.36 -61.37 -6.41
CA ARG C 408 -7.22 -62.41 -7.48
C ARG C 408 -8.30 -63.48 -7.32
N TRP C 409 -9.05 -63.76 -8.38
CA TRP C 409 -10.24 -64.65 -8.35
C TRP C 409 -9.87 -66.09 -7.96
N GLU C 410 -8.65 -66.54 -8.28
CA GLU C 410 -8.23 -67.94 -8.00
C GLU C 410 -7.87 -68.13 -6.52
N TRP C 411 -7.68 -67.04 -5.75
CA TRP C 411 -7.38 -67.12 -4.29
C TRP C 411 -8.62 -66.86 -3.42
N GLU C 412 -9.80 -66.68 -4.02
CA GLU C 412 -11.06 -66.26 -3.34
C GLU C 412 -11.48 -67.32 -2.31
N LYS C 413 -11.53 -68.59 -2.69
CA LYS C 413 -12.03 -69.65 -1.79
C LYS C 413 -11.02 -69.97 -0.68
N ALA C 414 -9.72 -69.72 -0.88
CA ALA C 414 -8.69 -69.93 0.17
C ALA C 414 -8.88 -68.91 1.30
N HIS C 415 -9.14 -67.63 0.97
CA HIS C 415 -9.42 -66.54 1.95
C HIS C 415 -10.70 -66.86 2.72
N PHE C 416 -11.73 -67.34 2.04
CA PHE C 416 -13.06 -67.61 2.66
C PHE C 416 -12.96 -68.77 3.64
N ASP C 417 -12.28 -69.85 3.29
CA ASP C 417 -12.16 -71.09 4.11
C ASP C 417 -11.44 -70.80 5.44
N ARG C 418 -10.33 -70.06 5.38
CA ARG C 418 -9.50 -69.69 6.57
C ARG C 418 -10.32 -68.86 7.57
N ILE C 419 -11.10 -67.89 7.07
CA ILE C 419 -11.94 -67.03 7.95
C ILE C 419 -13.09 -67.86 8.51
N LYS C 420 -13.78 -68.66 7.70
CA LYS C 420 -14.96 -69.45 8.13
C LYS C 420 -14.58 -70.55 9.13
N ARG C 421 -13.46 -71.24 8.94
CA ARG C 421 -13.03 -72.31 9.88
C ARG C 421 -12.73 -71.75 11.28
N MET C 422 -12.14 -70.55 11.38
CA MET C 422 -11.92 -69.86 12.69
C MET C 422 -13.26 -69.56 13.37
N VAL C 423 -14.17 -68.88 12.66
CA VAL C 423 -15.47 -68.38 13.24
C VAL C 423 -16.27 -69.58 13.72
N GLU C 424 -16.41 -70.64 12.91
CA GLU C 424 -17.27 -71.80 13.29
C GLU C 424 -16.69 -72.53 14.51
N ARG C 425 -15.35 -72.66 14.62
CA ARG C 425 -14.69 -73.31 15.78
C ARG C 425 -14.93 -72.51 17.07
N ASP C 426 -14.80 -71.17 17.03
CA ASP C 426 -14.57 -70.33 18.25
C ASP C 426 -15.79 -69.48 18.65
N LYS C 427 -16.94 -69.61 17.98
CA LYS C 427 -18.11 -68.69 18.11
C LYS C 427 -18.78 -68.71 19.48
N ASN C 428 -18.58 -69.70 20.35
CA ASN C 428 -19.28 -69.75 21.67
C ASN C 428 -18.48 -69.13 22.85
N HIS C 429 -17.22 -68.69 22.68
CA HIS C 429 -16.39 -68.23 23.83
C HIS C 429 -16.74 -66.80 24.23
N PRO C 430 -17.19 -66.50 25.48
CA PRO C 430 -17.45 -65.12 25.86
C PRO C 430 -16.22 -64.17 25.86
N SER C 431 -14.99 -64.71 26.00
CA SER C 431 -13.73 -63.93 26.00
C SER C 431 -13.51 -63.22 24.67
N ILE C 432 -13.97 -63.77 23.55
CA ILE C 432 -13.74 -63.21 22.20
C ILE C 432 -14.69 -62.03 21.97
N ILE C 433 -14.13 -60.82 21.80
CA ILE C 433 -14.89 -59.55 21.60
C ILE C 433 -14.73 -59.04 20.16
N PHE C 434 -13.65 -59.34 19.45
CA PHE C 434 -13.42 -58.92 18.05
C PHE C 434 -13.00 -60.13 17.20
N TRP C 435 -13.48 -60.18 15.94
CA TRP C 435 -12.95 -61.05 14.86
C TRP C 435 -11.99 -60.21 14.04
N SER C 436 -10.73 -60.63 13.84
CA SER C 436 -9.75 -59.98 12.92
C SER C 436 -9.59 -60.83 11.64
N LEU C 437 -9.63 -60.24 10.45
CA LEU C 437 -9.63 -60.94 9.13
C LEU C 437 -8.23 -61.47 8.77
N GLY C 438 -7.17 -60.91 9.36
CA GLY C 438 -5.79 -61.27 9.02
C GLY C 438 -4.84 -60.13 9.33
N ASN C 439 -3.67 -60.10 8.68
CA ASN C 439 -2.61 -59.11 8.96
C ASN C 439 -1.75 -58.90 7.72
N GLU C 440 -1.62 -57.65 7.27
CA GLU C 440 -0.65 -57.19 6.23
C GLU C 440 -0.77 -58.03 4.96
N ALA C 441 -2.00 -58.20 4.45
CA ALA C 441 -2.34 -59.11 3.33
C ALA C 441 -3.01 -58.34 2.19
N GLY C 442 -2.87 -57.02 2.14
CA GLY C 442 -3.48 -56.16 1.10
C GLY C 442 -4.99 -56.00 1.30
N ASP C 443 -5.66 -55.32 0.38
CA ASP C 443 -7.11 -55.03 0.42
C ASP C 443 -7.74 -55.43 -0.91
N GLY C 444 -8.95 -55.95 -0.87
CA GLY C 444 -9.68 -56.33 -2.09
C GLY C 444 -10.95 -57.08 -1.77
N VAL C 445 -11.56 -57.62 -2.83
CA VAL C 445 -12.91 -58.24 -2.81
C VAL C 445 -12.88 -59.53 -2.01
N ASN C 446 -11.73 -60.24 -1.96
CA ASN C 446 -11.60 -61.52 -1.21
C ASN C 446 -11.85 -61.26 0.28
N PHE C 447 -11.44 -60.11 0.84
CA PHE C 447 -11.71 -59.78 2.26
C PHE C 447 -13.11 -59.22 2.43
N GLU C 448 -13.51 -58.28 1.56
CA GLU C 448 -14.85 -57.63 1.61
C GLU C 448 -15.96 -58.69 1.69
N LYS C 449 -15.91 -59.73 0.87
CA LYS C 449 -16.97 -60.78 0.83
C LYS C 449 -16.96 -61.64 2.10
N ALA C 450 -15.79 -62.02 2.62
CA ALA C 450 -15.69 -62.83 3.85
C ALA C 450 -16.22 -62.03 5.05
N ALA C 451 -15.97 -60.71 5.09
CA ALA C 451 -16.37 -59.81 6.21
C ALA C 451 -17.90 -59.64 6.21
N LEU C 452 -18.56 -59.55 5.06
CA LEU C 452 -20.06 -59.48 4.99
C LEU C 452 -20.69 -60.81 5.39
N TRP C 453 -20.05 -61.96 5.13
CA TRP C 453 -20.51 -63.30 5.60
C TRP C 453 -20.48 -63.36 7.15
N ILE C 454 -19.41 -62.88 7.80
CA ILE C 454 -19.29 -62.97 9.30
C ILE C 454 -20.47 -62.23 9.92
N LYS C 455 -20.75 -61.01 9.45
CA LYS C 455 -21.73 -60.09 10.10
C LYS C 455 -23.14 -60.67 10.02
N LYS C 456 -23.49 -61.35 8.91
CA LYS C 456 -24.81 -62.01 8.75
C LYS C 456 -24.89 -63.32 9.56
N ARG C 457 -23.75 -63.91 9.93
CA ARG C 457 -23.69 -65.17 10.74
C ARG C 457 -23.73 -64.84 12.23
N ASP C 458 -22.94 -63.84 12.68
CA ASP C 458 -22.74 -63.45 14.11
C ASP C 458 -22.86 -61.93 14.21
N ASN C 459 -23.92 -61.42 14.84
CA ASN C 459 -24.11 -59.96 15.06
C ASN C 459 -23.65 -59.54 16.48
N THR C 460 -22.93 -60.38 17.24
CA THR C 460 -22.56 -60.12 18.67
C THR C 460 -21.09 -59.66 18.84
N ARG C 461 -20.28 -59.59 17.78
CA ARG C 461 -18.85 -59.18 17.88
C ARG C 461 -18.52 -58.13 16.82
N LEU C 462 -17.45 -57.36 17.02
CA LEU C 462 -16.99 -56.33 16.06
C LEU C 462 -15.92 -56.91 15.13
N ILE C 463 -15.82 -56.37 13.92
CA ILE C 463 -14.82 -56.81 12.91
C ILE C 463 -13.69 -55.77 12.82
N HIS C 464 -12.47 -56.27 12.75
CA HIS C 464 -11.21 -55.49 12.71
C HIS C 464 -10.38 -55.99 11.51
N TYR C 465 -9.78 -55.10 10.73
CA TYR C 465 -8.73 -55.44 9.74
C TYR C 465 -7.91 -54.19 9.43
N GLU C 466 -6.67 -54.12 9.89
CA GLU C 466 -5.77 -52.95 9.66
C GLU C 466 -5.35 -52.83 8.19
N GLY C 467 -5.33 -53.93 7.42
CA GLY C 467 -5.01 -53.86 5.98
C GLY C 467 -5.93 -52.95 5.17
N THR C 468 -7.19 -52.74 5.60
CA THR C 468 -8.15 -51.83 4.89
C THR C 468 -8.10 -50.42 5.52
N THR C 469 -8.05 -50.26 6.85
CA THR C 469 -8.12 -48.90 7.48
C THR C 469 -6.82 -48.09 7.30
N ARG C 470 -5.69 -48.74 6.97
CA ARG C 470 -4.44 -48.00 6.63
C ARG C 470 -4.60 -47.19 5.34
N ARG C 471 -5.58 -47.51 4.49
CA ARG C 471 -5.85 -46.78 3.21
C ARG C 471 -6.96 -45.75 3.39
N GLY C 472 -7.54 -45.65 4.60
CA GLY C 472 -8.68 -44.76 4.93
C GLY C 472 -9.89 -45.53 5.45
N GLU C 473 -11.02 -44.86 5.56
CA GLU C 473 -12.33 -45.43 6.00
C GLU C 473 -12.69 -46.65 5.12
N SER C 474 -13.29 -47.68 5.72
CA SER C 474 -13.75 -48.90 5.03
C SER C 474 -15.11 -49.32 5.57
N TYR C 475 -16.07 -49.63 4.69
CA TYR C 475 -17.47 -49.89 5.09
C TYR C 475 -17.61 -51.25 5.79
N TYR C 476 -16.68 -52.20 5.61
CA TYR C 476 -16.88 -53.60 6.07
C TYR C 476 -16.21 -53.89 7.43
N VAL C 477 -15.61 -52.91 8.11
CA VAL C 477 -15.09 -53.08 9.50
C VAL C 477 -15.85 -52.14 10.45
N ASP C 478 -15.88 -52.48 11.74
CA ASP C 478 -16.55 -51.70 12.82
C ASP C 478 -15.56 -50.81 13.60
N VAL C 479 -14.25 -51.07 13.53
CA VAL C 479 -13.19 -50.41 14.35
C VAL C 479 -12.16 -49.81 13.39
N PHE C 480 -11.71 -48.58 13.66
CA PHE C 480 -10.60 -47.93 12.93
C PHE C 480 -9.28 -48.34 13.62
N SER C 481 -8.40 -49.05 12.91
CA SER C 481 -7.15 -49.63 13.45
C SER C 481 -5.95 -49.19 12.62
N LEU C 482 -4.85 -48.79 13.29
CA LEU C 482 -3.55 -48.43 12.67
C LEU C 482 -2.42 -49.10 13.47
N MET C 483 -1.26 -49.27 12.84
CA MET C 483 -0.05 -49.89 13.41
C MET C 483 0.99 -48.79 13.63
N TYR C 484 1.56 -48.71 14.83
CA TYR C 484 2.64 -47.74 15.19
C TYR C 484 2.32 -46.30 14.79
N PRO C 485 1.10 -45.75 15.01
CA PRO C 485 0.85 -44.34 14.67
C PRO C 485 1.57 -43.35 15.62
N LYS C 486 2.04 -42.22 15.11
CA LYS C 486 2.60 -41.12 15.96
C LYS C 486 1.46 -40.33 16.64
N MET C 487 1.82 -39.55 17.65
CA MET C 487 0.87 -38.83 18.53
C MET C 487 -0.03 -37.87 17.73
N ASP C 488 0.49 -37.18 16.73
CA ASP C 488 -0.29 -36.23 15.92
C ASP C 488 -1.46 -36.95 15.22
N ILE C 489 -1.31 -38.22 14.83
CA ILE C 489 -2.39 -39.04 14.17
C ILE C 489 -3.54 -39.22 15.15
N LEU C 490 -3.27 -39.58 16.41
CA LEU C 490 -4.31 -39.76 17.45
C LEU C 490 -5.04 -38.43 17.71
N LEU C 491 -4.29 -37.32 17.81
CA LEU C 491 -4.89 -36.00 18.15
C LEU C 491 -5.74 -35.52 16.96
N GLU C 492 -5.34 -35.82 15.72
CA GLU C 492 -6.17 -35.51 14.53
C GLU C 492 -7.48 -36.31 14.52
N TYR C 493 -7.47 -37.64 14.77
CA TYR C 493 -8.70 -38.49 14.78
C TYR C 493 -9.70 -37.95 15.80
N ALA C 494 -9.22 -37.57 16.99
CA ALA C 494 -10.04 -37.06 18.11
C ALA C 494 -10.58 -35.64 17.87
N SER C 495 -10.12 -34.90 16.85
CA SER C 495 -10.44 -33.48 16.61
C SER C 495 -11.76 -33.26 15.85
N LYS C 496 -12.45 -34.31 15.37
CA LYS C 496 -13.76 -34.21 14.67
C LYS C 496 -14.70 -35.31 15.16
N LYS C 497 -15.98 -35.24 14.82
CA LYS C 497 -16.97 -36.28 15.18
C LYS C 497 -16.65 -37.56 14.37
N ARG C 498 -16.71 -38.72 15.02
CA ARG C 498 -16.40 -40.03 14.40
C ARG C 498 -17.51 -41.00 14.76
N GLU C 499 -17.80 -41.96 13.88
CA GLU C 499 -18.78 -43.05 14.17
C GLU C 499 -18.08 -44.28 14.74
N LYS C 500 -16.75 -44.41 14.59
CA LYS C 500 -16.02 -45.64 14.97
C LYS C 500 -14.92 -45.31 15.97
N PRO C 501 -14.67 -46.20 16.96
CA PRO C 501 -13.54 -46.04 17.88
C PRO C 501 -12.18 -46.38 17.24
N PHE C 502 -11.12 -45.72 17.72
CA PHE C 502 -9.73 -45.85 17.24
C PHE C 502 -9.00 -46.85 18.15
N ILE C 503 -8.41 -47.92 17.60
CA ILE C 503 -7.63 -48.95 18.36
C ILE C 503 -6.25 -49.11 17.69
N MET C 504 -5.17 -49.22 18.48
CA MET C 504 -3.82 -49.49 17.91
C MET C 504 -3.58 -50.99 18.00
N CYS C 505 -3.72 -51.73 16.90
CA CYS C 505 -3.52 -53.21 16.89
C CYS C 505 -2.05 -53.55 17.20
N GLU C 506 -1.09 -52.67 16.89
CA GLU C 506 0.33 -52.81 17.36
C GLU C 506 0.88 -51.42 17.70
N TYR C 507 1.53 -51.24 18.85
CA TYR C 507 2.22 -49.96 19.18
C TYR C 507 3.38 -50.27 20.13
N ALA C 508 4.23 -49.28 20.42
CA ALA C 508 5.35 -49.38 21.40
C ALA C 508 6.19 -50.65 21.15
N HIS C 509 6.86 -50.73 19.99
CA HIS C 509 7.68 -51.90 19.55
C HIS C 509 8.73 -52.20 20.62
N ALA C 510 8.69 -53.38 21.26
CA ALA C 510 9.55 -53.71 22.43
C ALA C 510 10.83 -54.48 22.05
N MET C 511 11.36 -54.30 20.84
CA MET C 511 12.65 -54.92 20.36
C MET C 511 13.85 -54.39 21.17
N GLY C 512 14.57 -55.27 21.89
CA GLY C 512 15.74 -54.87 22.70
C GLY C 512 15.35 -54.08 23.94
N ASN C 513 16.12 -53.05 24.28
CA ASN C 513 15.90 -52.12 25.43
C ASN C 513 15.02 -50.97 24.93
N SER C 514 13.72 -50.96 25.24
CA SER C 514 12.71 -50.16 24.48
C SER C 514 11.48 -49.79 25.35
N VAL C 515 10.35 -49.44 24.72
CA VAL C 515 9.06 -49.06 25.39
C VAL C 515 9.27 -47.71 26.10
N GLY C 516 9.83 -46.73 25.37
CA GLY C 516 9.88 -45.31 25.76
C GLY C 516 8.55 -44.61 25.51
N ASN C 517 8.32 -43.50 26.23
CA ASN C 517 7.14 -42.61 26.11
C ASN C 517 5.80 -43.39 26.18
N LEU C 518 5.69 -44.48 26.96
CA LEU C 518 4.39 -45.23 27.12
C LEU C 518 3.35 -44.35 27.83
N LYS C 519 3.74 -43.64 28.89
CA LYS C 519 2.82 -42.76 29.65
C LYS C 519 2.29 -41.63 28.77
N ASP C 520 3.05 -41.13 27.79
CA ASP C 520 2.61 -40.02 26.92
C ASP C 520 1.43 -40.48 26.01
N TYR C 521 1.44 -41.72 25.48
CA TYR C 521 0.30 -42.30 24.70
C TYR C 521 -0.94 -42.35 25.61
N TRP C 522 -0.81 -42.85 26.84
CA TRP C 522 -1.96 -43.05 27.75
C TRP C 522 -2.46 -41.73 28.36
N ASP C 523 -1.64 -40.67 28.44
CA ASP C 523 -2.16 -39.33 28.82
C ASP C 523 -3.06 -38.80 27.69
N VAL C 524 -2.77 -39.07 26.42
CA VAL C 524 -3.69 -38.67 25.30
C VAL C 524 -4.95 -39.56 25.24
N ILE C 525 -4.83 -40.88 25.36
CA ILE C 525 -5.98 -41.83 25.24
C ILE C 525 -7.06 -41.54 26.29
N GLU C 526 -6.68 -41.19 27.52
CA GLU C 526 -7.60 -40.99 28.67
C GLU C 526 -8.19 -39.57 28.69
N LYS C 527 -7.72 -38.64 27.86
CA LYS C 527 -8.17 -37.21 27.84
C LYS C 527 -9.10 -36.90 26.65
N TYR C 528 -8.95 -37.56 25.50
CA TYR C 528 -9.61 -37.20 24.21
C TYR C 528 -10.64 -38.27 23.83
N PRO C 529 -11.76 -37.88 23.15
CA PRO C 529 -12.80 -38.84 22.75
C PRO C 529 -12.40 -39.78 21.59
N TYR C 530 -13.05 -40.95 21.50
CA TYR C 530 -12.95 -41.95 20.40
C TYR C 530 -11.66 -42.79 20.49
N LEU C 531 -10.78 -42.60 21.47
CA LEU C 531 -9.49 -43.33 21.59
C LEU C 531 -9.69 -44.41 22.66
N HIS C 532 -9.57 -45.69 22.30
CA HIS C 532 -9.95 -46.80 23.23
C HIS C 532 -8.80 -47.78 23.50
N GLY C 533 -7.54 -47.45 23.19
CA GLY C 533 -6.38 -48.22 23.67
C GLY C 533 -5.68 -48.99 22.56
N GLY C 534 -5.11 -50.15 22.87
CA GLY C 534 -4.22 -50.84 21.91
C GLY C 534 -3.45 -52.02 22.50
N CYS C 535 -2.71 -52.74 21.64
CA CYS C 535 -1.92 -53.94 21.98
C CYS C 535 -0.41 -53.69 21.71
N ILE C 536 0.42 -53.82 22.74
CA ILE C 536 1.91 -53.70 22.66
C ILE C 536 2.45 -54.86 21.80
N TRP C 537 3.41 -54.57 20.92
CA TRP C 537 4.14 -55.58 20.11
C TRP C 537 5.51 -55.82 20.74
N ASP C 538 5.78 -56.95 21.44
CA ASP C 538 4.88 -58.07 21.69
C ASP C 538 5.27 -58.75 23.01
N TRP C 539 4.70 -59.91 23.33
CA TRP C 539 4.81 -60.57 24.64
C TRP C 539 6.19 -61.24 24.82
N VAL C 540 6.53 -62.24 24.00
CA VAL C 540 7.70 -63.15 24.25
C VAL C 540 8.70 -63.10 23.07
N ASP C 541 9.99 -62.91 23.38
CA ASP C 541 11.14 -63.06 22.44
C ASP C 541 11.14 -64.49 21.85
N GLN C 542 11.11 -64.63 20.51
CA GLN C 542 11.20 -65.94 19.80
C GLN C 542 12.69 -66.34 19.66
N GLY C 543 13.35 -66.63 20.77
CA GLY C 543 14.74 -67.15 20.83
C GLY C 543 14.72 -68.64 21.10
N ILE C 544 15.51 -69.40 20.35
CA ILE C 544 15.59 -70.89 20.47
C ILE C 544 16.78 -71.22 21.37
N ARG C 545 16.57 -72.04 22.40
CA ARG C 545 17.64 -72.50 23.31
C ARG C 545 18.64 -73.35 22.53
N LYS C 546 19.93 -72.98 22.55
CA LYS C 546 21.04 -73.67 21.85
C LYS C 546 22.28 -73.69 22.74
N LYS C 547 23.24 -74.58 22.45
CA LYS C 547 24.56 -74.68 23.15
C LYS C 547 25.68 -74.33 22.18
N ASP C 548 26.68 -73.58 22.66
CA ASP C 548 27.88 -73.18 21.88
C ASP C 548 28.95 -74.28 21.99
N GLU C 549 30.18 -73.99 21.56
CA GLU C 549 31.31 -74.97 21.46
C GLU C 549 31.73 -75.43 22.87
N ASN C 550 31.81 -74.49 23.81
CA ASN C 550 32.24 -74.73 25.22
C ASN C 550 31.07 -75.35 26.01
N GLY C 551 29.85 -75.27 25.49
CA GLY C 551 28.64 -75.90 26.06
C GLY C 551 27.93 -75.01 27.06
N ARG C 552 28.01 -73.68 26.87
CA ARG C 552 27.26 -72.67 27.66
C ARG C 552 26.04 -72.23 26.84
N GLU C 553 24.86 -72.21 27.46
CA GLU C 553 23.55 -71.95 26.80
C GLU C 553 23.49 -70.50 26.33
N PHE C 554 22.90 -70.28 25.15
CA PHE C 554 22.49 -68.94 24.67
C PHE C 554 21.13 -69.05 23.94
N TRP C 555 20.51 -67.91 23.72
CA TRP C 555 19.26 -67.74 22.94
C TRP C 555 19.66 -67.43 21.50
N ALA C 556 19.26 -68.29 20.55
CA ALA C 556 19.64 -68.23 19.12
C ALA C 556 18.59 -67.44 18.35
N TYR C 557 19.01 -66.74 17.30
CA TYR C 557 18.12 -65.98 16.39
C TYR C 557 18.60 -66.17 14.95
N GLY C 558 17.96 -65.51 13.99
CA GLY C 558 18.25 -65.63 12.54
C GLY C 558 19.74 -65.68 12.26
N GLY C 559 20.18 -66.68 11.50
CA GLY C 559 21.59 -66.83 11.05
C GLY C 559 22.45 -67.62 12.03
N ASP C 560 21.84 -68.26 13.04
CA ASP C 560 22.53 -69.14 14.02
C ASP C 560 22.25 -70.62 13.70
N PHE C 561 21.74 -70.93 12.51
CA PHE C 561 21.48 -72.31 12.01
C PHE C 561 21.96 -72.45 10.55
N GLY C 562 22.91 -71.62 10.13
CA GLY C 562 23.39 -71.53 8.74
C GLY C 562 22.27 -71.20 7.75
N ASP C 563 21.16 -70.62 8.23
CA ASP C 563 19.94 -70.35 7.42
C ASP C 563 20.15 -69.02 6.68
N THR C 564 20.01 -69.04 5.35
CA THR C 564 20.27 -67.88 4.44
C THR C 564 19.26 -67.91 3.30
N PRO C 565 18.55 -66.80 2.98
CA PRO C 565 18.66 -65.53 3.69
C PRO C 565 17.94 -65.54 5.05
N ASN C 566 18.33 -64.62 5.95
CA ASN C 566 17.73 -64.46 7.30
C ASN C 566 17.60 -62.97 7.63
N ASP C 567 16.79 -62.65 8.66
CA ASP C 567 16.55 -61.26 9.14
C ASP C 567 17.06 -61.10 10.58
N GLY C 568 18.10 -61.87 10.98
CA GLY C 568 18.90 -61.63 12.20
C GLY C 568 18.05 -61.64 13.46
N ASN C 569 18.07 -60.56 14.26
CA ASN C 569 17.38 -60.52 15.59
C ASN C 569 16.03 -59.77 15.49
N PHE C 570 15.43 -59.64 14.31
CA PHE C 570 14.12 -58.96 14.13
CA PHE C 570 14.12 -58.96 14.13
C PHE C 570 12.96 -59.84 14.62
N CYS C 571 13.24 -61.07 15.07
CA CYS C 571 12.24 -61.95 15.73
C CYS C 571 12.29 -61.79 17.26
N ILE C 572 13.19 -60.96 17.80
CA ILE C 572 13.39 -60.74 19.27
C ILE C 572 12.75 -59.38 19.64
N ASN C 573 11.45 -59.37 19.95
CA ASN C 573 10.61 -58.14 20.09
C ASN C 573 9.82 -58.12 21.42
N GLY C 574 10.19 -58.94 22.41
CA GLY C 574 9.40 -59.19 23.63
C GLY C 574 9.62 -58.21 24.78
N VAL C 575 8.66 -58.24 25.72
CA VAL C 575 8.68 -57.66 27.08
C VAL C 575 9.03 -58.75 28.10
N VAL C 576 9.05 -60.03 27.73
CA VAL C 576 9.66 -61.14 28.55
C VAL C 576 10.63 -61.93 27.68
N LEU C 577 11.68 -62.49 28.29
CA LEU C 577 12.70 -63.37 27.62
C LEU C 577 12.06 -64.71 27.29
N PRO C 578 12.67 -65.56 26.42
CA PRO C 578 12.01 -66.77 25.94
C PRO C 578 11.49 -67.72 27.03
N ASP C 579 12.14 -67.77 28.20
CA ASP C 579 11.73 -68.63 29.35
C ASP C 579 10.76 -67.91 30.30
N ARG C 580 10.23 -66.74 29.93
CA ARG C 580 9.17 -65.97 30.65
C ARG C 580 9.75 -65.20 31.85
N THR C 581 11.06 -64.95 31.88
CA THR C 581 11.75 -63.98 32.78
C THR C 581 11.41 -62.55 32.32
N PRO C 582 10.83 -61.68 33.17
CA PRO C 582 10.51 -60.31 32.76
C PRO C 582 11.70 -59.42 32.38
N GLU C 583 11.57 -58.63 31.32
CA GLU C 583 12.51 -57.53 31.01
C GLU C 583 12.10 -56.34 31.89
N PRO C 584 13.01 -55.40 32.24
CA PRO C 584 12.66 -54.21 33.04
C PRO C 584 11.49 -53.37 32.50
N GLU C 585 11.30 -53.32 31.19
CA GLU C 585 10.18 -52.59 30.54
C GLU C 585 8.79 -53.17 30.91
N LEU C 586 8.68 -54.41 31.39
CA LEU C 586 7.38 -54.97 31.87
C LEU C 586 6.93 -54.26 33.17
N TYR C 587 7.84 -53.72 33.99
CA TYR C 587 7.50 -52.94 35.20
C TYR C 587 6.91 -51.58 34.79
N GLU C 588 7.35 -50.96 33.69
CA GLU C 588 6.70 -49.72 33.17
C GLU C 588 5.27 -50.02 32.69
N VAL C 589 5.05 -51.12 31.97
CA VAL C 589 3.69 -51.54 31.47
C VAL C 589 2.75 -51.68 32.68
N LYS C 590 3.18 -52.39 33.72
CA LYS C 590 2.33 -52.57 34.92
C LYS C 590 1.89 -51.21 35.53
N LYS C 591 2.82 -50.25 35.64
CA LYS C 591 2.55 -48.89 36.21
C LYS C 591 1.57 -48.14 35.31
N VAL C 592 1.82 -48.07 34.01
CA VAL C 592 0.94 -47.31 33.08
C VAL C 592 -0.46 -47.96 32.96
N TYR C 593 -0.60 -49.29 33.06
CA TYR C 593 -1.89 -49.99 32.88
C TYR C 593 -2.74 -50.07 34.19
N GLN C 594 -2.24 -49.64 35.36
CA GLN C 594 -2.97 -49.73 36.67
C GLN C 594 -4.34 -49.00 36.61
N ASN C 595 -5.33 -49.46 37.37
CA ASN C 595 -6.75 -49.00 37.30
C ASN C 595 -7.13 -48.12 38.50
N VAL C 596 -6.16 -47.64 39.27
CA VAL C 596 -6.38 -46.60 40.33
C VAL C 596 -5.48 -45.39 39.98
N LYS C 597 -6.06 -44.19 39.99
CA LYS C 597 -5.33 -42.91 39.84
C LYS C 597 -5.37 -42.16 41.17
N ILE C 598 -4.24 -41.59 41.60
CA ILE C 598 -4.09 -40.86 42.90
C ILE C 598 -3.47 -39.49 42.63
N ARG C 599 -4.15 -38.42 43.04
CA ARG C 599 -3.74 -37.01 42.86
C ARG C 599 -3.44 -36.34 44.22
N GLN C 600 -2.43 -35.47 44.30
CA GLN C 600 -2.10 -34.66 45.51
C GLN C 600 -2.94 -33.38 45.48
N VAL C 601 -3.83 -33.19 46.46
CA VAL C 601 -4.60 -31.93 46.62
C VAL C 601 -3.77 -30.98 47.48
N SER C 602 -3.39 -31.44 48.67
CA SER C 602 -2.41 -30.80 49.60
C SER C 602 -1.46 -31.88 50.13
N LYS C 603 -0.49 -31.51 50.96
CA LYS C 603 0.56 -32.45 51.45
C LYS C 603 -0.06 -33.57 52.30
N ASP C 604 -1.21 -33.32 52.96
CA ASP C 604 -1.89 -34.33 53.81
C ASP C 604 -3.19 -34.84 53.17
N THR C 605 -3.59 -34.36 51.99
CA THR C 605 -4.92 -34.71 51.37
C THR C 605 -4.75 -35.23 49.93
N TYR C 606 -5.24 -36.44 49.65
CA TYR C 606 -5.07 -37.18 48.37
C TYR C 606 -6.45 -37.62 47.84
N GLU C 607 -6.71 -37.36 46.56
CA GLU C 607 -7.93 -37.80 45.85
C GLU C 607 -7.64 -39.13 45.12
N VAL C 608 -8.41 -40.18 45.43
CA VAL C 608 -8.32 -41.54 44.84
C VAL C 608 -9.46 -41.73 43.81
N GLU C 609 -9.14 -42.00 42.54
CA GLU C 609 -10.11 -42.27 41.44
C GLU C 609 -10.10 -43.76 41.04
N ASN C 610 -11.24 -44.44 41.16
CA ASN C 610 -11.47 -45.85 40.74
C ASN C 610 -11.74 -45.89 39.24
N ARG C 611 -10.88 -46.53 38.45
CA ARG C 611 -11.03 -46.66 36.97
C ARG C 611 -11.35 -48.11 36.59
N TYR C 612 -11.60 -49.03 37.53
CA TYR C 612 -12.20 -50.35 37.23
C TYR C 612 -13.64 -50.12 36.72
N LEU C 613 -14.15 -51.01 35.86
CA LEU C 613 -15.52 -50.94 35.28
C LEU C 613 -16.56 -51.53 36.25
N PHE C 614 -16.25 -52.64 36.93
CA PHE C 614 -17.21 -53.49 37.70
C PHE C 614 -16.68 -53.89 39.10
N THR C 615 -15.66 -53.22 39.66
CA THR C 615 -15.03 -53.58 40.96
C THR C 615 -15.10 -52.37 41.91
N ASN C 616 -15.47 -52.59 43.17
CA ASN C 616 -15.43 -51.57 44.26
C ASN C 616 -14.03 -51.60 44.89
N LEU C 617 -13.42 -50.45 45.19
CA LEU C 617 -12.05 -50.38 45.82
C LEU C 617 -12.06 -51.01 47.22
N GLU C 618 -13.23 -51.23 47.84
CA GLU C 618 -13.36 -51.92 49.15
C GLU C 618 -12.82 -53.37 49.09
N MET C 619 -12.61 -53.94 47.91
CA MET C 619 -12.01 -55.31 47.74
C MET C 619 -10.49 -55.30 48.04
N PHE C 620 -9.83 -54.14 48.08
CA PHE C 620 -8.36 -54.04 48.20
C PHE C 620 -7.98 -53.57 49.60
N ASP C 621 -6.81 -54.01 50.07
CA ASP C 621 -6.12 -53.46 51.27
C ASP C 621 -5.28 -52.24 50.87
N GLY C 622 -5.61 -51.06 51.41
CA GLY C 622 -4.80 -49.84 51.30
C GLY C 622 -3.64 -49.83 52.29
N ALA C 623 -2.49 -49.27 51.90
CA ALA C 623 -1.39 -48.95 52.84
C ALA C 623 -0.72 -47.64 52.42
N TRP C 624 -0.22 -46.87 53.37
CA TRP C 624 0.69 -45.72 53.08
C TRP C 624 1.96 -45.87 53.90
N LYS C 625 3.08 -45.33 53.38
CA LYS C 625 4.43 -45.40 54.01
C LYS C 625 5.15 -44.05 53.83
N ILE C 626 5.85 -43.58 54.85
CA ILE C 626 6.72 -42.38 54.75
C ILE C 626 8.17 -42.83 54.87
N ARG C 627 9.01 -42.39 53.92
CA ARG C 627 10.48 -42.69 53.89
C ARG C 627 11.26 -41.40 54.17
N LYS C 628 12.30 -41.50 54.99
CA LYS C 628 13.22 -40.40 55.43
C LYS C 628 14.61 -40.77 54.92
N ASP C 629 15.18 -39.98 54.00
CA ASP C 629 16.42 -40.31 53.25
C ASP C 629 16.39 -41.78 52.78
N GLY C 630 15.24 -42.24 52.28
CA GLY C 630 15.08 -43.56 51.64
C GLY C 630 14.75 -44.72 52.57
N GLU C 631 14.56 -44.50 53.89
CA GLU C 631 14.23 -45.60 54.87
C GLU C 631 12.84 -45.40 55.49
N VAL C 632 12.08 -46.49 55.69
CA VAL C 632 10.68 -46.44 56.21
C VAL C 632 10.72 -46.04 57.69
N ILE C 633 9.97 -44.98 58.06
CA ILE C 633 9.82 -44.49 59.47
C ILE C 633 8.38 -44.61 59.98
N GLU C 634 7.39 -44.76 59.10
CA GLU C 634 5.95 -44.86 59.47
C GLU C 634 5.20 -45.64 58.38
N GLU C 635 4.37 -46.60 58.78
CA GLU C 635 3.48 -47.41 57.91
C GLU C 635 2.07 -47.44 58.54
N LYS C 636 1.01 -47.44 57.73
CA LYS C 636 -0.39 -47.52 58.20
C LYS C 636 -1.30 -48.14 57.13
N THR C 637 -2.18 -49.06 57.53
CA THR C 637 -3.23 -49.69 56.69
C THR C 637 -4.50 -48.85 56.74
N PHE C 638 -5.31 -48.91 55.68
CA PHE C 638 -6.64 -48.24 55.57
C PHE C 638 -7.50 -49.02 54.57
N LYS C 639 -8.80 -48.69 54.53
CA LYS C 639 -9.79 -49.18 53.55
C LYS C 639 -10.61 -47.99 53.08
N ILE C 640 -10.91 -47.93 51.79
CA ILE C 640 -11.65 -46.82 51.14
C ILE C 640 -12.76 -47.44 50.28
N PHE C 641 -13.98 -46.89 50.36
CA PHE C 641 -15.18 -47.32 49.61
C PHE C 641 -15.34 -46.38 48.43
N ALA C 642 -15.19 -46.89 47.21
CA ALA C 642 -15.37 -46.13 45.95
C ALA C 642 -15.91 -47.06 44.87
N GLU C 643 -17.04 -46.69 44.27
CA GLU C 643 -17.69 -47.43 43.16
C GLU C 643 -16.98 -47.08 41.86
N PRO C 644 -17.13 -47.90 40.79
CA PRO C 644 -16.55 -47.55 39.49
C PRO C 644 -16.84 -46.10 39.09
N GLY C 645 -15.79 -45.34 38.81
CA GLY C 645 -15.84 -43.93 38.38
C GLY C 645 -15.76 -42.92 39.52
N GLU C 646 -15.93 -43.33 40.78
CA GLU C 646 -15.99 -42.37 41.92
C GLU C 646 -14.58 -41.89 42.31
N LYS C 647 -14.51 -40.62 42.74
CA LYS C 647 -13.34 -39.96 43.39
C LYS C 647 -13.64 -39.83 44.89
N ARG C 648 -12.70 -40.27 45.76
CA ARG C 648 -12.81 -40.20 47.24
C ARG C 648 -11.54 -39.56 47.83
N LEU C 649 -11.69 -38.78 48.90
CA LEU C 649 -10.56 -38.07 49.59
C LEU C 649 -9.97 -38.96 50.67
N LEU C 650 -8.64 -38.92 50.80
CA LEU C 650 -7.85 -39.67 51.81
C LEU C 650 -6.97 -38.67 52.57
N LYS C 651 -7.11 -38.63 53.89
CA LYS C 651 -6.44 -37.68 54.80
C LYS C 651 -5.35 -38.45 55.53
N ILE C 652 -4.09 -37.98 55.43
CA ILE C 652 -2.90 -38.63 56.03
C ILE C 652 -2.29 -37.65 57.04
N PRO C 653 -2.32 -37.95 58.36
CA PRO C 653 -1.65 -37.09 59.35
C PRO C 653 -0.12 -37.21 59.28
N LEU C 654 0.57 -36.09 59.03
CA LEU C 654 2.04 -36.02 58.83
C LEU C 654 2.75 -35.78 60.16
N PRO C 655 3.95 -36.36 60.36
CA PRO C 655 4.78 -36.03 61.52
C PRO C 655 5.49 -34.68 61.37
N GLU C 656 6.06 -34.16 62.46
CA GLU C 656 7.06 -33.04 62.41
C GLU C 656 8.31 -33.57 61.70
N MET C 657 8.90 -32.74 60.85
CA MET C 657 9.99 -33.17 59.93
C MET C 657 11.25 -32.36 60.25
N ASP C 658 12.42 -33.00 60.12
CA ASP C 658 13.76 -32.40 60.28
C ASP C 658 14.30 -32.03 58.88
N ASP C 659 15.61 -31.86 58.69
CA ASP C 659 16.25 -31.36 57.44
C ASP C 659 16.44 -32.46 56.37
N SER C 660 16.05 -33.71 56.62
CA SER C 660 16.01 -34.84 55.65
C SER C 660 14.99 -34.60 54.51
N GLU C 661 15.10 -35.40 53.44
CA GLU C 661 14.11 -35.51 52.34
C GLU C 661 13.02 -36.54 52.70
N TYR C 662 11.74 -36.18 52.55
CA TYR C 662 10.59 -37.08 52.90
C TYR C 662 9.76 -37.41 51.64
N PHE C 663 9.52 -38.70 51.37
CA PHE C 663 8.64 -39.22 50.28
C PHE C 663 7.47 -40.02 50.88
N LEU C 664 6.24 -39.83 50.36
CA LEU C 664 5.03 -40.65 50.67
C LEU C 664 4.76 -41.66 49.55
N GLU C 665 4.51 -42.93 49.87
CA GLU C 665 4.00 -43.96 48.90
C GLU C 665 2.59 -44.41 49.35
N ILE C 666 1.60 -44.42 48.45
CA ILE C 666 0.23 -44.99 48.66
C ILE C 666 0.04 -46.18 47.72
N SER C 667 -0.30 -47.37 48.25
CA SER C 667 -0.49 -48.62 47.47
C SER C 667 -1.83 -49.31 47.79
N PHE C 668 -2.28 -50.15 46.86
CA PHE C 668 -3.46 -51.04 46.98
C PHE C 668 -3.05 -52.45 46.60
N SER C 669 -3.40 -53.43 47.43
CA SER C 669 -3.05 -54.87 47.27
C SER C 669 -4.27 -55.80 47.41
N LEU C 670 -4.15 -57.04 46.96
CA LEU C 670 -5.21 -58.08 47.08
C LEU C 670 -5.43 -58.43 48.56
N SER C 671 -6.67 -58.27 49.06
CA SER C 671 -7.11 -58.62 50.45
C SER C 671 -6.97 -60.12 50.70
N GLU C 672 -7.28 -60.96 49.70
CA GLU C 672 -7.18 -62.44 49.79
C GLU C 672 -6.83 -63.03 48.42
N ASP C 673 -6.40 -64.30 48.43
CA ASP C 673 -5.95 -65.07 47.24
C ASP C 673 -6.99 -65.00 46.13
N THR C 674 -6.53 -64.97 44.88
CA THR C 674 -7.33 -65.11 43.64
C THR C 674 -6.80 -66.31 42.87
N PRO C 675 -7.49 -66.78 41.80
CA PRO C 675 -6.94 -67.82 40.94
C PRO C 675 -5.62 -67.44 40.23
N TRP C 676 -5.35 -66.14 40.06
CA TRP C 676 -4.18 -65.66 39.29
C TRP C 676 -3.06 -65.11 40.19
N ALA C 677 -3.29 -64.87 41.48
CA ALA C 677 -2.26 -64.29 42.38
C ALA C 677 -2.62 -64.45 43.86
N GLU C 678 -1.63 -64.27 44.73
CA GLU C 678 -1.70 -64.48 46.20
C GLU C 678 -2.04 -63.17 46.92
N LYS C 679 -2.57 -63.29 48.14
CA LYS C 679 -2.82 -62.18 49.09
C LYS C 679 -1.56 -61.30 49.20
N GLY C 680 -1.70 -59.98 49.13
CA GLY C 680 -0.58 -59.03 49.24
C GLY C 680 0.01 -58.58 47.91
N HIS C 681 -0.36 -59.17 46.78
CA HIS C 681 0.04 -58.71 45.42
C HIS C 681 -0.39 -57.26 45.27
N VAL C 682 0.52 -56.36 44.88
CA VAL C 682 0.19 -54.93 44.64
C VAL C 682 -0.42 -54.77 43.23
N VAL C 683 -1.56 -54.08 43.11
CA VAL C 683 -2.26 -53.83 41.82
C VAL C 683 -2.03 -52.37 41.41
N ALA C 684 -1.73 -51.47 42.35
CA ALA C 684 -1.58 -50.03 42.04
C ALA C 684 -0.80 -49.33 43.16
N TRP C 685 0.05 -48.35 42.80
CA TRP C 685 0.80 -47.49 43.75
C TRP C 685 1.07 -46.14 43.12
N GLU C 686 1.28 -45.11 43.93
CA GLU C 686 1.81 -43.77 43.52
C GLU C 686 2.68 -43.17 44.64
N GLN C 687 3.66 -42.32 44.29
CA GLN C 687 4.62 -41.69 45.24
C GLN C 687 4.59 -40.18 45.06
N PHE C 688 4.86 -39.44 46.12
CA PHE C 688 4.83 -37.95 46.16
C PHE C 688 5.94 -37.44 47.11
N LEU C 689 6.64 -36.38 46.70
CA LEU C 689 7.58 -35.63 47.58
C LEU C 689 6.78 -34.86 48.64
N LEU C 690 7.06 -35.08 49.93
CA LEU C 690 6.44 -34.30 51.04
C LEU C 690 7.32 -33.07 51.34
N LYS C 691 8.64 -33.23 51.48
CA LYS C 691 9.55 -32.11 51.83
C LYS C 691 10.93 -32.34 51.23
N ALA C 692 11.44 -31.33 50.54
CA ALA C 692 12.83 -31.24 50.03
C ALA C 692 13.80 -31.11 51.21
N PRO C 693 15.05 -31.60 51.08
CA PRO C 693 15.99 -31.50 52.19
C PRO C 693 16.58 -30.07 52.32
N ALA C 694 17.20 -29.78 53.46
CA ALA C 694 18.01 -28.55 53.69
C ALA C 694 19.48 -28.94 53.58
N PHE C 695 20.16 -28.47 52.53
CA PHE C 695 21.60 -28.77 52.30
C PHE C 695 22.48 -27.98 53.26
N GLU C 696 23.53 -28.61 53.76
CA GLU C 696 24.54 -27.99 54.68
C GLU C 696 25.82 -27.72 53.88
N LYS C 697 26.42 -26.55 54.11
CA LYS C 697 27.72 -26.11 53.51
C LYS C 697 28.69 -25.85 54.66
N LYS C 698 29.76 -26.63 54.74
CA LYS C 698 30.74 -26.57 55.86
C LYS C 698 32.04 -25.92 55.37
N SER C 699 32.59 -24.97 56.15
CA SER C 699 33.92 -24.35 55.93
C SER C 699 35.03 -25.32 56.32
N ILE C 700 35.88 -25.71 55.36
CA ILE C 700 37.06 -26.58 55.59
C ILE C 700 38.24 -25.67 55.94
N SER C 701 38.95 -25.98 57.04
CA SER C 701 40.11 -25.22 57.56
C SER C 701 41.44 -25.94 57.30
N ASP C 702 41.42 -27.27 57.12
CA ASP C 702 42.65 -28.11 56.94
C ASP C 702 43.29 -27.82 55.57
N GLY C 703 44.58 -28.15 55.43
CA GLY C 703 45.42 -27.75 54.29
C GLY C 703 45.60 -28.87 53.27
N VAL C 704 46.09 -28.51 52.09
CA VAL C 704 46.34 -29.41 50.93
C VAL C 704 47.75 -29.09 50.40
N SER C 705 48.53 -30.10 50.03
CA SER C 705 49.91 -29.93 49.50
C SER C 705 49.92 -30.25 48.00
N LEU C 706 50.92 -29.72 47.30
CA LEU C 706 51.05 -29.79 45.82
C LEU C 706 52.54 -29.94 45.48
N ARG C 707 52.90 -30.96 44.69
CA ARG C 707 54.27 -31.21 44.16
C ARG C 707 54.20 -31.37 42.64
N GLU C 708 54.98 -30.58 41.91
CA GLU C 708 55.11 -30.64 40.44
C GLU C 708 56.44 -31.31 40.07
N ASP C 709 56.45 -32.09 39.00
CA ASP C 709 57.67 -32.57 38.31
C ASP C 709 57.43 -32.40 36.80
N GLY C 710 58.17 -33.11 35.95
CA GLY C 710 58.15 -32.93 34.49
C GLY C 710 56.91 -33.50 33.82
N LYS C 711 56.27 -34.51 34.42
CA LYS C 711 55.12 -35.24 33.80
C LYS C 711 53.88 -35.21 34.71
N HIS C 712 54.03 -35.07 36.02
CA HIS C 712 52.93 -35.23 37.00
C HIS C 712 52.77 -34.01 37.89
N LEU C 713 51.52 -33.70 38.23
CA LEU C 713 51.11 -32.88 39.39
C LEU C 713 50.52 -33.83 40.44
N THR C 714 50.97 -33.77 41.70
CA THR C 714 50.52 -34.66 42.82
C THR C 714 49.90 -33.79 43.92
N VAL C 715 48.68 -34.09 44.36
CA VAL C 715 47.92 -33.30 45.38
C VAL C 715 47.61 -34.23 46.56
N GLU C 716 48.03 -33.88 47.77
CA GLU C 716 47.83 -34.70 48.99
C GLU C 716 46.87 -33.98 49.92
N ALA C 717 45.92 -34.73 50.49
CA ALA C 717 44.93 -34.28 51.49
C ALA C 717 44.54 -35.45 52.37
N LYS C 718 44.61 -35.28 53.71
CA LYS C 718 44.42 -36.37 54.69
C LYS C 718 45.30 -37.55 54.28
N ASP C 719 44.70 -38.69 53.89
CA ASP C 719 45.46 -39.92 53.53
C ASP C 719 45.11 -40.35 52.11
N THR C 720 44.75 -39.40 51.23
CA THR C 720 44.48 -39.64 49.79
C THR C 720 45.46 -38.79 48.97
N VAL C 721 46.00 -39.37 47.90
CA VAL C 721 46.90 -38.69 46.93
C VAL C 721 46.26 -38.77 45.55
N TYR C 722 46.07 -37.62 44.90
CA TYR C 722 45.49 -37.50 43.54
C TYR C 722 46.62 -37.21 42.56
N VAL C 723 46.77 -38.00 41.49
CA VAL C 723 47.87 -37.84 40.50
C VAL C 723 47.27 -37.40 39.15
N PHE C 724 47.69 -36.23 38.67
CA PHE C 724 47.27 -35.61 37.39
C PHE C 724 48.45 -35.64 36.42
N SER C 725 48.18 -35.92 35.15
CA SER C 725 49.20 -35.95 34.06
C SER C 725 49.23 -34.61 33.33
N LYS C 726 50.41 -34.00 33.16
CA LYS C 726 50.59 -32.72 32.42
C LYS C 726 50.59 -32.96 30.90
N LEU C 727 50.75 -34.20 30.43
CA LEU C 727 50.75 -34.54 28.99
C LEU C 727 49.33 -34.91 28.52
N THR C 728 48.54 -35.62 29.33
CA THR C 728 47.13 -36.01 28.96
C THR C 728 46.11 -35.01 29.53
N GLY C 729 46.44 -34.28 30.58
CA GLY C 729 45.49 -33.41 31.30
C GLY C 729 44.43 -34.17 32.10
N LEU C 730 44.57 -35.48 32.34
CA LEU C 730 43.55 -36.34 33.03
C LEU C 730 43.96 -36.60 34.48
N LEU C 731 42.99 -36.89 35.35
CA LEU C 731 43.21 -37.58 36.67
C LEU C 731 43.50 -39.06 36.40
N GLU C 732 44.72 -39.51 36.70
CA GLU C 732 45.26 -40.84 36.26
C GLU C 732 45.25 -41.83 37.42
N GLN C 733 45.46 -41.40 38.66
CA GLN C 733 45.50 -42.36 39.80
C GLN C 733 45.03 -41.66 41.07
N ILE C 734 44.43 -42.46 41.96
CA ILE C 734 44.02 -42.08 43.34
C ILE C 734 44.62 -43.14 44.27
N LEU C 735 45.50 -42.73 45.18
CA LEU C 735 46.12 -43.63 46.20
C LEU C 735 45.48 -43.29 47.54
N HIS C 736 44.81 -44.26 48.15
CA HIS C 736 44.21 -44.13 49.51
C HIS C 736 44.96 -45.12 50.40
N ARG C 737 45.63 -44.62 51.45
CA ARG C 737 46.55 -45.41 52.32
C ARG C 737 47.43 -46.32 51.45
N ARG C 738 48.09 -45.76 50.44
CA ARG C 738 49.05 -46.44 49.53
C ARG C 738 48.40 -47.55 48.69
N LYS C 739 47.07 -47.52 48.50
CA LYS C 739 46.31 -48.53 47.71
C LYS C 739 45.72 -47.87 46.45
N LYS C 740 45.98 -48.43 45.27
CA LYS C 740 45.46 -47.92 43.97
C LYS C 740 43.95 -48.18 43.87
N ILE C 741 43.17 -47.13 43.57
CA ILE C 741 41.70 -47.15 43.41
C ILE C 741 41.33 -47.21 41.91
N LEU C 742 42.12 -46.57 41.02
CA LEU C 742 41.81 -46.50 39.57
C LEU C 742 42.63 -47.55 38.82
N LYS C 743 42.01 -48.24 37.86
CA LYS C 743 42.68 -49.13 36.86
C LYS C 743 42.82 -48.42 35.51
N SER C 744 42.11 -47.31 35.30
CA SER C 744 42.29 -46.44 34.10
C SER C 744 41.87 -45.02 34.45
N PRO C 745 42.34 -44.00 33.71
CA PRO C 745 42.02 -42.59 34.02
C PRO C 745 40.54 -42.19 33.92
N VAL C 746 40.16 -41.13 34.62
CA VAL C 746 38.83 -40.49 34.50
C VAL C 746 38.77 -39.70 33.18
N VAL C 747 37.91 -40.09 32.24
CA VAL C 747 37.79 -39.42 30.91
C VAL C 747 36.36 -38.92 30.70
N PRO C 748 36.16 -37.74 30.06
CA PRO C 748 34.85 -37.33 29.55
C PRO C 748 34.27 -38.34 28.54
N ASN C 749 32.96 -38.62 28.56
CA ASN C 749 32.34 -39.67 27.70
C ASN C 749 31.00 -39.17 27.14
N PHE C 750 30.79 -39.35 25.84
CA PHE C 750 29.63 -38.84 25.07
C PHE C 750 28.88 -39.98 24.37
N TRP C 751 29.22 -41.25 24.61
CA TRP C 751 28.71 -42.39 23.81
C TRP C 751 27.88 -43.35 24.66
N ARG C 752 26.87 -43.98 24.04
CA ARG C 752 26.21 -45.18 24.62
C ARG C 752 26.20 -46.28 23.56
N VAL C 753 26.23 -47.54 23.98
CA VAL C 753 26.25 -48.74 23.08
C VAL C 753 24.90 -48.83 22.38
N PRO C 754 24.83 -48.75 21.02
CA PRO C 754 23.54 -48.62 20.35
C PRO C 754 22.52 -49.74 20.65
N THR C 755 21.28 -49.33 20.96
CA THR C 755 20.09 -50.21 21.09
C THR C 755 19.57 -50.61 19.71
N ASP C 756 18.62 -51.56 19.65
CA ASP C 756 17.95 -51.96 18.37
C ASP C 756 17.21 -50.74 17.78
N ASN C 757 16.60 -49.86 18.59
CA ASN C 757 15.96 -48.61 18.08
C ASN C 757 17.02 -47.68 17.50
N ASP C 758 18.17 -47.52 18.16
CA ASP C 758 19.29 -46.65 17.66
C ASP C 758 19.75 -47.16 16.28
N ILE C 759 19.96 -48.47 16.11
CA ILE C 759 20.38 -49.07 14.80
C ILE C 759 19.33 -48.75 13.74
N GLY C 760 18.04 -48.93 14.06
CA GLY C 760 16.95 -48.68 13.11
C GLY C 760 16.86 -47.24 12.63
N ASN C 761 17.27 -46.25 13.43
CA ASN C 761 17.22 -44.83 12.97
C ASN C 761 18.63 -44.34 12.57
N ARG C 762 19.61 -45.24 12.39
CA ARG C 762 20.99 -44.93 11.88
C ARG C 762 21.76 -44.00 12.83
N MET C 763 21.53 -44.11 14.14
CA MET C 763 22.26 -43.31 15.16
C MET C 763 23.76 -43.57 15.05
N PRO C 764 24.27 -44.81 14.84
CA PRO C 764 25.72 -45.03 14.75
C PRO C 764 26.42 -44.29 13.61
N GLN C 765 25.72 -44.02 12.50
CA GLN C 765 26.27 -43.24 11.35
C GLN C 765 26.11 -41.74 11.63
N ARG C 766 24.87 -41.26 11.85
CA ARG C 766 24.54 -39.84 12.14
C ARG C 766 25.43 -39.26 13.27
N LEU C 767 25.63 -39.99 14.36
CA LEU C 767 26.21 -39.46 15.62
C LEU C 767 27.64 -40.02 15.81
N ALA C 768 28.27 -40.53 14.74
CA ALA C 768 29.62 -41.17 14.79
C ALA C 768 30.69 -40.22 15.35
N ILE C 769 30.58 -38.90 15.17
CA ILE C 769 31.59 -37.93 15.68
C ILE C 769 31.66 -37.98 17.23
N TRP C 770 30.55 -38.27 17.92
CA TRP C 770 30.52 -38.32 19.41
C TRP C 770 31.18 -39.61 19.92
N LYS C 771 31.19 -40.67 19.14
CA LYS C 771 31.98 -41.88 19.50
C LYS C 771 33.49 -41.58 19.43
N ARG C 772 33.93 -40.86 18.39
CA ARG C 772 35.35 -40.43 18.23
C ARG C 772 35.75 -39.47 19.36
N ALA C 773 34.91 -38.49 19.68
CA ALA C 773 35.15 -37.50 20.75
C ALA C 773 35.24 -38.18 22.12
N SER C 774 34.73 -39.42 22.28
CA SER C 774 34.83 -40.19 23.55
C SER C 774 36.20 -40.87 23.69
N LYS C 775 36.94 -41.08 22.60
CA LYS C 775 38.25 -41.80 22.62
C LYS C 775 39.45 -40.88 22.29
N GLU C 776 39.28 -39.79 21.54
CA GLU C 776 40.39 -38.87 21.15
C GLU C 776 40.08 -37.45 21.61
N ARG C 777 41.11 -36.73 22.02
CA ARG C 777 41.01 -35.32 22.47
C ARG C 777 42.41 -34.68 22.39
N LYS C 778 42.45 -33.36 22.27
CA LYS C 778 43.69 -32.54 22.21
C LYS C 778 43.71 -31.61 23.43
N LEU C 779 44.70 -31.76 24.30
CA LEU C 779 44.90 -30.84 25.44
C LEU C 779 45.43 -29.50 24.91
N PHE C 780 44.62 -28.45 24.99
CA PHE C 780 44.95 -27.07 24.52
C PHE C 780 45.69 -26.33 25.62
N LYS C 781 45.31 -26.50 26.89
CA LYS C 781 45.82 -25.67 28.02
C LYS C 781 45.57 -26.38 29.36
N MET C 782 46.49 -26.23 30.32
CA MET C 782 46.33 -26.81 31.67
C MET C 782 46.98 -25.90 32.71
N HIS C 783 46.26 -25.54 33.78
CA HIS C 783 46.82 -24.73 34.90
C HIS C 783 46.21 -25.13 36.25
N TRP C 784 46.89 -24.75 37.33
CA TRP C 784 46.46 -25.00 38.73
C TRP C 784 46.60 -23.74 39.58
N LYS C 785 45.84 -23.66 40.67
CA LYS C 785 45.74 -22.52 41.60
C LYS C 785 45.54 -23.04 43.03
N LYS C 786 46.43 -22.70 43.96
CA LYS C 786 46.39 -23.12 45.38
C LYS C 786 45.84 -21.98 46.24
N GLU C 787 44.92 -22.29 47.16
CA GLU C 787 44.48 -21.43 48.28
C GLU C 787 44.86 -22.15 49.58
N GLU C 788 44.54 -21.57 50.73
CA GLU C 788 44.86 -22.11 52.07
C GLU C 788 44.20 -23.49 52.27
N ASN C 789 42.95 -23.69 51.81
CA ASN C 789 42.16 -24.90 52.13
C ASN C 789 41.85 -25.75 50.89
N ARG C 790 42.36 -25.43 49.70
CA ARG C 790 42.01 -26.18 48.47
C ARG C 790 42.98 -25.88 47.33
N VAL C 791 43.07 -26.82 46.37
CA VAL C 791 43.76 -26.70 45.06
C VAL C 791 42.76 -27.02 43.95
N SER C 792 42.72 -26.22 42.87
CA SER C 792 41.96 -26.47 41.62
C SER C 792 42.93 -26.82 40.49
N VAL C 793 42.62 -27.86 39.69
CA VAL C 793 43.34 -28.27 38.46
C VAL C 793 42.36 -28.16 37.28
N HIS C 794 42.65 -27.28 36.33
CA HIS C 794 41.80 -26.92 35.17
C HIS C 794 42.43 -27.42 33.87
N SER C 795 41.72 -28.23 33.08
CA SER C 795 42.13 -28.69 31.73
C SER C 795 41.13 -28.22 30.67
N VAL C 796 41.62 -27.77 29.52
CA VAL C 796 40.82 -27.31 28.34
C VAL C 796 41.15 -28.24 27.18
N PHE C 797 40.15 -28.89 26.59
CA PHE C 797 40.33 -29.81 25.44
C PHE C 797 39.53 -29.32 24.23
N GLN C 798 40.04 -29.59 23.05
CA GLN C 798 39.21 -29.50 21.82
C GLN C 798 39.02 -30.94 21.35
N LEU C 799 37.86 -31.22 20.75
CA LEU C 799 37.40 -32.59 20.39
C LEU C 799 37.20 -32.71 18.89
N PRO C 800 37.20 -33.96 18.34
CA PRO C 800 36.63 -34.23 17.02
C PRO C 800 35.22 -33.60 16.85
N GLY C 801 34.96 -33.00 15.69
CA GLY C 801 33.81 -32.10 15.48
C GLY C 801 34.08 -30.65 15.89
N ASN C 802 35.19 -30.34 16.56
CA ASN C 802 35.63 -28.95 16.91
C ASN C 802 34.88 -28.38 18.12
N SER C 803 34.21 -29.18 18.95
CA SER C 803 33.61 -28.77 20.24
C SER C 803 34.69 -28.58 21.31
N TRP C 804 34.39 -27.80 22.35
CA TRP C 804 35.31 -27.54 23.50
C TRP C 804 34.74 -28.22 24.76
N VAL C 805 35.63 -28.79 25.59
CA VAL C 805 35.24 -29.32 26.93
C VAL C 805 36.26 -28.85 27.97
N TYR C 806 35.76 -28.29 29.07
CA TYR C 806 36.51 -27.77 30.24
C TYR C 806 36.29 -28.72 31.43
N THR C 807 37.35 -29.28 32.03
CA THR C 807 37.28 -30.07 33.28
C THR C 807 37.98 -29.31 34.39
N THR C 808 37.40 -29.32 35.58
CA THR C 808 37.97 -28.70 36.81
C THR C 808 37.80 -29.67 37.97
N TYR C 809 38.89 -30.01 38.64
CA TYR C 809 38.97 -30.82 39.88
C TYR C 809 39.38 -29.90 41.04
N THR C 810 38.58 -29.79 42.10
CA THR C 810 38.98 -29.02 43.31
C THR C 810 39.11 -30.00 44.48
N VAL C 811 40.32 -30.16 45.01
CA VAL C 811 40.62 -31.04 46.17
C VAL C 811 40.62 -30.17 47.43
N PHE C 812 39.82 -30.54 48.42
CA PHE C 812 39.73 -29.88 49.75
C PHE C 812 40.53 -30.65 50.80
N GLY C 813 40.86 -29.96 51.89
CA GLY C 813 41.69 -30.44 53.02
C GLY C 813 41.07 -31.61 53.78
N ASN C 814 39.74 -31.82 53.68
CA ASN C 814 39.00 -32.97 54.26
C ASN C 814 39.03 -34.21 53.34
N GLY C 815 39.67 -34.15 52.17
CA GLY C 815 39.74 -35.28 51.21
C GLY C 815 38.62 -35.31 50.16
N ASP C 816 37.53 -34.55 50.28
CA ASP C 816 36.51 -34.37 49.20
C ASP C 816 37.18 -33.84 47.91
N VAL C 817 36.71 -34.29 46.73
CA VAL C 817 37.05 -33.70 45.41
C VAL C 817 35.73 -33.29 44.72
N LEU C 818 35.62 -32.03 44.30
CA LEU C 818 34.53 -31.57 43.39
C LEU C 818 35.01 -31.73 41.95
N VAL C 819 34.15 -32.33 41.10
CA VAL C 819 34.45 -32.63 39.68
C VAL C 819 33.45 -31.85 38.83
N ASP C 820 33.90 -30.97 37.92
CA ASP C 820 33.03 -30.10 37.09
C ASP C 820 33.37 -30.30 35.62
N LEU C 821 32.36 -30.26 34.75
CA LEU C 821 32.46 -30.36 33.28
C LEU C 821 31.59 -29.26 32.67
N SER C 822 32.09 -28.54 31.66
CA SER C 822 31.29 -27.69 30.74
C SER C 822 31.58 -28.17 29.33
N LEU C 823 30.53 -28.34 28.52
CA LEU C 823 30.66 -28.74 27.12
C LEU C 823 30.10 -27.58 26.28
N ILE C 824 30.87 -27.06 25.32
CA ILE C 824 30.47 -25.99 24.37
C ILE C 824 30.49 -26.57 22.96
N PRO C 825 29.37 -27.12 22.42
CA PRO C 825 29.37 -27.73 21.09
C PRO C 825 29.65 -26.72 19.96
N ALA C 826 30.32 -27.16 18.90
CA ALA C 826 30.56 -26.40 17.66
C ALA C 826 29.23 -26.22 16.90
N GLU C 827 29.20 -25.29 15.94
CA GLU C 827 27.94 -24.79 15.30
C GLU C 827 27.28 -25.84 14.39
N ASP C 828 27.99 -26.87 13.92
CA ASP C 828 27.44 -27.81 12.90
C ASP C 828 27.51 -29.27 13.37
N VAL C 829 27.58 -29.54 14.69
CA VAL C 829 27.58 -30.93 15.24
C VAL C 829 26.15 -31.38 15.49
N PRO C 830 25.85 -32.69 15.40
CA PRO C 830 24.52 -33.22 15.71
C PRO C 830 24.26 -33.44 17.22
N GLU C 831 23.06 -33.88 17.58
CA GLU C 831 22.64 -34.11 19.00
C GLU C 831 23.61 -35.09 19.69
N ILE C 832 23.61 -35.11 21.00
CA ILE C 832 24.63 -35.81 21.84
C ILE C 832 23.98 -37.05 22.49
N PRO C 833 24.56 -38.26 22.38
CA PRO C 833 23.98 -39.44 23.03
C PRO C 833 23.98 -39.42 24.57
N ARG C 834 25.04 -38.87 25.19
CA ARG C 834 25.24 -38.89 26.67
C ARG C 834 26.18 -37.75 27.05
N ILE C 835 26.11 -37.24 28.27
CA ILE C 835 27.14 -36.32 28.83
C ILE C 835 27.59 -36.81 30.20
N GLY C 836 28.85 -37.22 30.36
CA GLY C 836 29.35 -37.71 31.66
C GLY C 836 30.83 -38.03 31.68
N PHE C 837 31.23 -38.80 32.68
CA PHE C 837 32.61 -39.28 32.93
C PHE C 837 32.58 -40.80 33.06
N GLN C 838 33.64 -41.46 32.62
CA GLN C 838 33.82 -42.94 32.70
C GLN C 838 35.20 -43.22 33.31
N PHE C 839 35.28 -44.19 34.23
CA PHE C 839 36.56 -44.74 34.76
C PHE C 839 36.42 -46.23 35.09
N THR C 840 37.52 -46.87 35.51
CA THR C 840 37.57 -48.30 35.94
C THR C 840 38.26 -48.46 37.30
N VAL C 841 37.71 -49.34 38.15
CA VAL C 841 38.24 -49.71 39.49
C VAL C 841 38.46 -51.22 39.50
N PRO C 842 39.27 -51.78 40.44
CA PRO C 842 39.48 -53.23 40.55
C PRO C 842 38.21 -54.02 40.95
N GLU C 843 38.10 -55.28 40.51
CA GLU C 843 36.88 -56.14 40.67
C GLU C 843 36.61 -56.46 42.14
N GLU C 844 37.52 -56.14 43.06
CA GLU C 844 37.30 -56.23 44.53
C GLU C 844 36.18 -55.30 44.99
N PHE C 845 35.87 -54.23 44.24
CA PHE C 845 34.68 -53.38 44.45
C PHE C 845 33.46 -54.10 43.87
N GLY C 846 32.83 -54.98 44.68
CA GLY C 846 31.83 -55.95 44.22
C GLY C 846 30.41 -55.70 44.71
N THR C 847 30.18 -54.70 45.56
CA THR C 847 28.86 -54.36 46.14
C THR C 847 28.55 -52.89 45.88
N VAL C 848 27.27 -52.56 45.61
CA VAL C 848 26.82 -51.16 45.34
C VAL C 848 25.61 -50.87 46.21
N GLU C 849 25.54 -49.65 46.75
CA GLU C 849 24.39 -49.11 47.51
C GLU C 849 24.02 -47.76 46.87
N TRP C 850 22.74 -47.40 46.80
CA TRP C 850 22.30 -46.09 46.25
C TRP C 850 21.01 -45.63 46.88
N TYR C 851 20.78 -44.31 46.86
CA TYR C 851 19.49 -43.63 47.22
C TYR C 851 19.01 -42.96 45.95
N GLY C 852 17.89 -43.45 45.38
CA GLY C 852 17.39 -43.01 44.06
C GLY C 852 16.25 -43.89 43.55
N ARG C 853 15.92 -43.82 42.26
CA ARG C 853 14.87 -44.68 41.66
C ARG C 853 15.39 -46.12 41.56
N GLY C 854 14.55 -47.10 41.83
CA GLY C 854 14.91 -48.53 41.74
C GLY C 854 13.71 -49.45 41.96
N PRO C 855 13.92 -50.77 42.18
CA PRO C 855 15.26 -51.37 42.17
C PRO C 855 15.87 -51.68 40.80
N HIS C 856 15.08 -51.61 39.73
CA HIS C 856 15.43 -51.99 38.34
C HIS C 856 16.02 -50.79 37.60
N GLU C 857 16.56 -50.99 36.40
CA GLU C 857 17.08 -49.90 35.53
C GLU C 857 15.94 -48.98 35.09
N THR C 858 16.20 -47.68 34.96
CA THR C 858 15.28 -46.63 34.45
C THR C 858 16.03 -45.66 33.52
N TYR C 859 15.31 -45.06 32.55
CA TYR C 859 15.84 -44.12 31.54
C TYR C 859 14.92 -42.88 31.50
N TRP C 860 15.35 -41.83 30.80
CA TRP C 860 14.70 -40.49 30.79
C TRP C 860 13.22 -40.61 30.37
N ASP C 861 12.89 -41.43 29.37
CA ASP C 861 11.50 -41.67 28.87
C ASP C 861 10.93 -43.01 29.35
N ARG C 862 11.49 -43.61 30.40
CA ARG C 862 10.94 -44.87 30.99
C ARG C 862 11.39 -44.97 32.44
N LYS C 863 10.76 -44.19 33.32
CA LYS C 863 11.14 -44.18 34.76
C LYS C 863 9.98 -44.04 35.75
N GLU C 864 8.70 -43.97 35.33
CA GLU C 864 7.56 -43.85 36.29
C GLU C 864 7.52 -45.04 37.26
N SER C 865 7.90 -46.23 36.82
CA SER C 865 7.91 -47.46 37.66
C SER C 865 9.04 -47.43 38.71
N GLY C 866 9.97 -46.47 38.69
CA GLY C 866 11.06 -46.42 39.68
C GLY C 866 10.66 -45.72 40.97
N LEU C 867 10.54 -46.49 42.07
CA LEU C 867 10.23 -46.01 43.44
C LEU C 867 11.50 -45.42 44.11
N PHE C 868 11.43 -44.23 44.69
CA PHE C 868 12.56 -43.58 45.42
C PHE C 868 12.79 -44.28 46.75
N ALA C 869 13.96 -44.90 46.96
CA ALA C 869 14.28 -45.57 48.25
C ALA C 869 15.79 -45.88 48.34
N ARG C 870 16.20 -46.53 49.42
CA ARG C 870 17.61 -47.01 49.56
C ARG C 870 17.72 -48.48 49.15
N TYR C 871 18.63 -48.82 48.24
CA TYR C 871 18.81 -50.16 47.63
C TYR C 871 20.26 -50.66 47.75
N ARG C 872 20.46 -51.97 47.64
CA ARG C 872 21.76 -52.67 47.76
C ARG C 872 21.81 -53.89 46.84
N LYS C 873 22.83 -54.02 45.99
CA LYS C 873 23.01 -55.16 45.07
C LYS C 873 24.50 -55.47 44.84
N ALA C 874 24.78 -56.70 44.40
CA ALA C 874 26.08 -57.13 43.85
C ALA C 874 26.21 -56.59 42.43
N VAL C 875 27.41 -56.26 41.99
CA VAL C 875 27.69 -55.61 40.67
C VAL C 875 27.15 -56.48 39.51
N GLY C 876 27.30 -57.79 39.59
CA GLY C 876 26.84 -58.74 38.55
C GLY C 876 25.34 -58.71 38.31
N GLU C 877 24.52 -58.23 39.26
CA GLU C 877 23.05 -58.17 39.10
C GLU C 877 22.58 -56.72 38.81
N MET C 878 23.50 -55.81 38.46
CA MET C 878 23.22 -54.40 38.11
C MET C 878 23.13 -54.23 36.58
N MET C 879 22.94 -55.32 35.82
CA MET C 879 22.73 -55.27 34.36
C MET C 879 21.68 -56.33 33.99
N HIS C 880 20.97 -56.12 32.88
CA HIS C 880 20.01 -57.11 32.31
C HIS C 880 20.65 -57.77 31.11
N ARG C 881 20.47 -59.09 30.96
CA ARG C 881 21.01 -59.89 29.83
C ARG C 881 20.01 -59.92 28.66
N TYR C 882 19.96 -58.83 27.88
CA TYR C 882 19.23 -58.75 26.58
C TYR C 882 19.79 -59.84 25.65
N VAL C 883 18.92 -60.51 24.86
CA VAL C 883 19.31 -61.59 23.89
C VAL C 883 20.43 -61.07 22.96
N ARG C 884 20.31 -59.86 22.39
CA ARG C 884 21.45 -59.15 21.77
C ARG C 884 21.97 -58.06 22.72
N PRO C 885 23.19 -58.19 23.29
CA PRO C 885 23.71 -57.21 24.24
C PRO C 885 23.72 -55.77 23.71
N GLN C 886 23.43 -54.83 24.62
CA GLN C 886 23.03 -53.43 24.34
C GLN C 886 23.26 -52.57 25.59
N GLU C 887 23.12 -51.26 25.47
CA GLU C 887 23.03 -50.32 26.63
C GLU C 887 22.05 -50.90 27.67
N THR C 888 22.48 -50.94 28.93
CA THR C 888 21.72 -51.53 30.07
C THR C 888 22.27 -50.97 31.37
N GLY C 889 21.47 -51.02 32.44
CA GLY C 889 21.94 -50.87 33.84
C GLY C 889 21.86 -49.44 34.41
N ASN C 890 21.36 -48.46 33.65
CA ASN C 890 21.22 -47.05 34.11
C ASN C 890 20.30 -46.98 35.35
N ARG C 891 20.70 -46.21 36.38
CA ARG C 891 19.85 -45.79 37.52
C ARG C 891 19.65 -44.27 37.43
N SER C 892 18.41 -43.78 37.46
CA SER C 892 18.03 -42.35 37.29
C SER C 892 17.73 -41.65 38.64
N ASP C 893 17.89 -40.32 38.65
CA ASP C 893 17.52 -39.36 39.73
C ASP C 893 18.18 -39.79 41.06
N VAL C 894 19.46 -40.16 40.99
CA VAL C 894 20.24 -40.66 42.16
C VAL C 894 20.83 -39.49 42.98
N ARG C 895 20.60 -39.51 44.30
CA ARG C 895 21.16 -38.52 45.26
C ARG C 895 22.62 -38.92 45.58
N TRP C 896 22.88 -40.21 45.81
CA TRP C 896 24.24 -40.73 46.13
C TRP C 896 24.31 -42.22 45.81
N PHE C 897 25.51 -42.72 45.51
CA PHE C 897 25.85 -44.16 45.41
C PHE C 897 27.22 -44.39 46.05
N ALA C 898 27.49 -45.63 46.47
CA ALA C 898 28.78 -46.08 47.07
C ALA C 898 29.13 -47.50 46.60
N LEU C 899 30.35 -47.67 46.13
CA LEU C 899 30.97 -48.99 45.81
C LEU C 899 31.85 -49.39 46.99
N SER C 900 31.78 -50.64 47.44
CA SER C 900 32.49 -51.15 48.63
C SER C 900 33.35 -52.37 48.26
N ASP C 901 34.57 -52.47 48.79
CA ASP C 901 35.43 -53.67 48.71
C ASP C 901 35.53 -54.35 50.09
N GLY C 902 34.59 -54.09 50.99
CA GLY C 902 34.57 -54.60 52.37
C GLY C 902 35.09 -53.58 53.36
N GLU C 903 36.25 -52.97 53.07
CA GLU C 903 36.95 -51.99 53.95
C GLU C 903 36.75 -50.56 53.42
N THR C 904 37.16 -50.30 52.18
CA THR C 904 37.19 -48.98 51.51
C THR C 904 35.88 -48.75 50.72
N LYS C 905 35.29 -47.56 50.82
CA LYS C 905 34.08 -47.12 50.07
C LYS C 905 34.45 -45.99 49.11
N LEU C 906 34.11 -46.12 47.83
CA LEU C 906 34.10 -45.00 46.86
C LEU C 906 32.68 -44.40 46.85
N PHE C 907 32.52 -43.19 47.38
CA PHE C 907 31.24 -42.45 47.53
C PHE C 907 31.14 -41.34 46.49
N VAL C 908 30.00 -41.23 45.80
CA VAL C 908 29.66 -40.15 44.83
C VAL C 908 28.32 -39.55 45.24
N SER C 909 28.19 -38.22 45.31
CA SER C 909 26.93 -37.50 45.58
C SER C 909 26.68 -36.42 44.53
N GLY C 910 25.41 -36.23 44.19
CA GLY C 910 24.96 -35.31 43.13
C GLY C 910 24.83 -33.89 43.65
N MET C 911 24.74 -32.93 42.75
CA MET C 911 24.60 -31.50 43.09
C MET C 911 23.48 -30.92 42.24
N PRO C 912 22.20 -31.28 42.47
CA PRO C 912 21.79 -32.27 43.47
C PRO C 912 21.59 -33.74 43.04
N GLN C 913 21.64 -34.07 41.75
CA GLN C 913 21.45 -35.48 41.32
C GLN C 913 22.34 -35.87 40.14
N ILE C 914 22.55 -37.17 39.99
CA ILE C 914 23.28 -37.82 38.87
C ILE C 914 22.48 -39.02 38.37
N ASP C 915 22.84 -39.54 37.21
CA ASP C 915 22.56 -40.93 36.77
C ASP C 915 23.88 -41.73 36.84
N PHE C 916 23.83 -43.04 37.04
CA PHE C 916 25.03 -43.91 37.10
C PHE C 916 24.72 -45.32 36.57
N SER C 917 25.79 -46.05 36.26
CA SER C 917 25.76 -47.51 35.99
C SER C 917 27.11 -48.14 36.31
N VAL C 918 27.14 -49.44 36.61
CA VAL C 918 28.37 -50.23 36.93
C VAL C 918 28.32 -51.54 36.11
N TRP C 919 29.36 -51.84 35.32
CA TRP C 919 29.46 -53.05 34.43
C TRP C 919 30.71 -53.85 34.73
N PRO C 920 30.67 -55.20 34.72
CA PRO C 920 31.87 -56.02 34.86
C PRO C 920 32.67 -56.30 33.57
N PHE C 921 32.72 -55.33 32.65
CA PHE C 921 33.42 -55.38 31.33
C PHE C 921 33.56 -53.95 30.80
N SER C 922 34.18 -53.75 29.62
CA SER C 922 34.37 -52.43 28.97
C SER C 922 33.21 -52.08 28.03
N MET C 923 33.04 -50.80 27.72
CA MET C 923 32.07 -50.30 26.69
C MET C 923 32.37 -50.99 25.34
N GLU C 924 33.65 -51.18 25.03
CA GLU C 924 34.15 -51.84 23.78
C GLU C 924 33.71 -53.32 23.75
N ASP C 925 33.84 -54.06 24.86
CA ASP C 925 33.33 -55.45 24.98
C ASP C 925 31.82 -55.49 24.69
N LEU C 926 31.02 -54.61 25.33
CA LEU C 926 29.53 -54.63 25.20
C LEU C 926 29.13 -54.37 23.75
N GLU C 927 29.83 -53.48 23.04
CA GLU C 927 29.49 -53.10 21.64
C GLU C 927 29.89 -54.21 20.66
N ARG C 928 30.87 -55.06 21.00
CA ARG C 928 31.44 -56.10 20.11
C ARG C 928 30.57 -57.37 20.07
N VAL C 929 30.20 -57.92 21.23
CA VAL C 929 29.58 -59.27 21.36
C VAL C 929 28.10 -59.22 20.93
N GLN C 930 27.63 -60.24 20.23
CA GLN C 930 26.25 -60.32 19.67
C GLN C 930 25.42 -61.42 20.34
N HIS C 931 25.98 -62.13 21.35
CA HIS C 931 25.28 -63.16 22.16
C HIS C 931 25.70 -63.05 23.63
N ILE C 932 24.79 -63.45 24.51
CA ILE C 932 24.94 -63.37 26.01
C ILE C 932 26.13 -64.22 26.46
N SER C 933 26.36 -65.37 25.81
CA SER C 933 27.41 -66.37 26.15
C SER C 933 28.82 -65.82 25.92
N GLU C 934 28.99 -64.87 25.00
CA GLU C 934 30.32 -64.35 24.56
C GLU C 934 30.83 -63.24 25.50
N LEU C 935 30.03 -62.75 26.45
CA LEU C 935 30.41 -61.65 27.39
C LEU C 935 31.61 -62.11 28.23
N PRO C 936 32.81 -61.51 28.05
CA PRO C 936 34.03 -62.06 28.64
C PRO C 936 34.20 -61.77 30.14
N GLU C 937 35.15 -62.46 30.78
CA GLU C 937 35.55 -62.27 32.20
C GLU C 937 36.61 -61.17 32.28
N ARG C 938 36.45 -60.22 33.21
CA ARG C 938 37.38 -59.07 33.39
C ARG C 938 37.73 -58.88 34.86
N ASP C 939 38.89 -58.29 35.15
CA ASP C 939 39.42 -58.04 36.51
C ASP C 939 39.18 -56.58 36.92
N PHE C 940 38.19 -55.90 36.33
CA PHE C 940 37.83 -54.49 36.65
C PHE C 940 36.32 -54.29 36.51
N VAL C 941 35.84 -53.17 37.07
CA VAL C 941 34.43 -52.66 36.99
C VAL C 941 34.48 -51.31 36.27
N THR C 942 33.67 -51.12 35.21
CA THR C 942 33.49 -49.81 34.53
C THR C 942 32.42 -49.01 35.31
N VAL C 943 32.71 -47.75 35.66
CA VAL C 943 31.76 -46.84 36.39
C VAL C 943 31.43 -45.68 35.45
N ASN C 944 30.14 -45.42 35.20
CA ASN C 944 29.61 -44.24 34.47
C ASN C 944 28.89 -43.31 35.45
N VAL C 945 29.25 -42.02 35.46
CA VAL C 945 28.60 -40.94 36.26
C VAL C 945 28.15 -39.87 35.25
N ASP C 946 26.83 -39.66 35.11
CA ASP C 946 26.24 -38.92 33.97
C ASP C 946 25.34 -37.78 34.46
N PHE C 947 25.34 -36.70 33.69
CA PHE C 947 24.29 -35.64 33.70
C PHE C 947 23.00 -36.26 33.15
N ARG C 948 23.06 -36.77 31.92
CA ARG C 948 21.87 -37.39 31.27
C ARG C 948 22.30 -38.21 30.07
N GLN C 949 21.40 -39.08 29.63
CA GLN C 949 21.51 -39.88 28.39
C GLN C 949 20.21 -39.64 27.61
N MET C 950 20.23 -39.69 26.28
CA MET C 950 18.99 -39.50 25.49
C MET C 950 18.03 -40.68 25.72
N GLY C 951 16.74 -40.46 25.48
CA GLY C 951 15.70 -41.50 25.65
C GLY C 951 15.93 -42.72 24.75
N LEU C 952 15.20 -43.80 25.04
CA LEU C 952 15.21 -45.08 24.29
C LEU C 952 14.33 -45.01 23.05
N GLY C 953 13.24 -44.23 23.09
CA GLY C 953 12.24 -44.18 22.01
C GLY C 953 11.49 -45.50 21.85
N GLY C 954 11.14 -45.86 20.62
CA GLY C 954 10.50 -47.14 20.27
C GLY C 954 9.05 -47.00 19.76
N ASP C 955 8.65 -45.83 19.25
CA ASP C 955 7.37 -45.70 18.49
C ASP C 955 7.36 -46.74 17.36
N ASP C 956 8.50 -46.93 16.68
CA ASP C 956 8.85 -48.17 15.94
C ASP C 956 10.38 -48.34 16.02
N SER C 957 10.93 -49.35 15.36
CA SER C 957 12.38 -49.69 15.37
C SER C 957 12.98 -49.72 13.94
N TRP C 958 12.41 -48.95 13.01
CA TRP C 958 12.91 -48.82 11.60
C TRP C 958 12.82 -47.37 11.14
N GLY C 959 13.16 -46.39 12.01
CA GLY C 959 13.23 -44.98 11.62
C GLY C 959 12.83 -44.00 12.72
N ALA C 960 11.89 -44.36 13.60
CA ALA C 960 11.39 -43.44 14.65
C ALA C 960 12.53 -43.04 15.59
N MET C 961 12.49 -41.81 16.08
CA MET C 961 13.44 -41.21 17.06
C MET C 961 12.75 -41.12 18.41
N PRO C 962 13.51 -40.88 19.49
CA PRO C 962 12.92 -40.46 20.76
C PRO C 962 12.20 -39.12 20.55
N HIS C 963 11.19 -38.80 21.36
CA HIS C 963 10.46 -37.51 21.28
C HIS C 963 11.42 -36.33 21.57
N LEU C 964 11.08 -35.14 21.07
CA LEU C 964 11.91 -33.91 21.18
C LEU C 964 12.32 -33.64 22.64
N GLU C 965 11.43 -33.86 23.58
CA GLU C 965 11.69 -33.53 24.99
C GLU C 965 12.64 -34.54 25.66
N TYR C 966 13.10 -35.60 24.98
CA TYR C 966 14.07 -36.56 25.57
C TYR C 966 15.37 -36.62 24.73
N ARG C 967 15.75 -35.51 24.09
CA ARG C 967 17.00 -35.41 23.30
C ARG C 967 17.89 -34.31 23.87
N LEU C 968 19.22 -34.47 23.75
CA LEU C 968 20.25 -33.48 24.14
C LEU C 968 20.65 -32.73 22.87
N LEU C 969 19.92 -31.67 22.54
CA LEU C 969 20.20 -30.83 21.34
C LEU C 969 21.48 -30.04 21.59
N PRO C 970 22.31 -29.76 20.56
CA PRO C 970 23.63 -29.15 20.76
C PRO C 970 23.55 -27.67 21.17
N LYS C 971 23.62 -27.44 22.47
CA LYS C 971 23.75 -26.11 23.14
C LYS C 971 24.76 -26.30 24.28
N PRO C 972 25.26 -25.24 24.93
CA PRO C 972 26.14 -25.39 26.09
C PRO C 972 25.48 -26.12 27.29
N TYR C 973 26.22 -27.02 27.95
CA TYR C 973 25.80 -27.81 29.14
C TYR C 973 26.88 -27.76 30.21
N ARG C 974 26.49 -27.84 31.48
CA ARG C 974 27.42 -28.01 32.63
C ARG C 974 26.85 -29.07 33.58
N PHE C 975 27.68 -29.57 34.49
CA PHE C 975 27.42 -30.74 35.33
C PHE C 975 28.52 -30.83 36.39
N SER C 976 28.20 -31.10 37.65
CA SER C 976 29.22 -31.35 38.72
C SER C 976 28.75 -32.45 39.69
N PHE C 977 29.70 -33.09 40.37
CA PHE C 977 29.46 -34.06 41.48
C PHE C 977 30.63 -34.04 42.46
N ARG C 978 30.41 -34.57 43.67
CA ARG C 978 31.42 -34.71 44.74
C ARG C 978 31.81 -36.18 44.88
N MET C 979 33.09 -36.46 45.05
CA MET C 979 33.60 -37.85 45.27
C MET C 979 34.46 -37.83 46.54
N ARG C 980 34.36 -38.88 47.36
CA ARG C 980 35.16 -39.10 48.58
C ARG C 980 35.56 -40.57 48.67
N ILE C 981 36.81 -40.85 49.02
CA ILE C 981 37.30 -42.23 49.29
C ILE C 981 37.66 -42.32 50.77
N SER C 982 36.92 -43.14 51.53
CA SER C 982 37.03 -43.28 53.00
C SER C 982 36.62 -44.68 53.44
N GLU C 983 36.51 -44.90 54.76
CA GLU C 983 36.13 -46.19 55.39
C GLU C 983 34.63 -46.22 55.74
N GLU C 984 33.96 -45.06 55.80
CA GLU C 984 32.50 -44.95 56.12
C GLU C 984 31.80 -44.05 55.10
N ILE C 985 30.49 -44.26 54.90
CA ILE C 985 29.59 -43.45 54.02
C ILE C 985 29.32 -42.11 54.72
N PRO C 986 29.80 -40.96 54.20
CA PRO C 986 29.46 -39.66 54.80
C PRO C 986 28.01 -39.25 54.48
N SER C 987 27.59 -38.09 54.98
CA SER C 987 26.24 -37.51 54.74
C SER C 987 26.20 -36.87 53.35
N TRP C 988 25.30 -37.33 52.49
CA TRP C 988 25.11 -36.77 51.13
C TRP C 988 24.69 -35.30 51.20
N ARG C 989 24.09 -34.87 52.31
CA ARG C 989 23.50 -33.52 52.47
C ARG C 989 24.52 -32.45 52.91
N VAL C 990 25.76 -32.85 53.23
CA VAL C 990 26.84 -31.95 53.72
C VAL C 990 27.92 -31.81 52.64
N LEU C 991 28.17 -30.58 52.17
CA LEU C 991 29.23 -30.26 51.17
C LEU C 991 30.19 -29.20 51.72
N ALA C 992 31.36 -29.06 51.11
CA ALA C 992 32.35 -27.99 51.37
C ALA C 992 31.81 -26.66 50.83
N ALA C 993 31.91 -25.57 51.59
CA ALA C 993 31.52 -24.20 51.17
C ALA C 993 32.51 -23.64 50.13
N ILE C 994 32.00 -22.91 49.12
CA ILE C 994 32.78 -22.19 48.07
C ILE C 994 32.12 -20.84 47.80
N PRO C 995 32.85 -19.81 47.28
CA PRO C 995 32.22 -18.58 46.79
C PRO C 995 31.32 -18.86 45.58
N GLU C 996 30.20 -18.14 45.43
CA GLU C 996 29.14 -18.49 44.44
C GLU C 996 28.76 -17.32 43.52
N THR C 997 29.53 -16.22 43.49
CA THR C 997 29.14 -14.94 42.81
C THR C 997 30.02 -14.64 41.59
N LEU C 998 29.41 -14.14 40.50
CA LEU C 998 30.12 -13.63 39.29
C LEU C 998 30.47 -12.16 39.49
N HIS C 999 31.52 -11.68 38.83
CA HIS C 999 31.91 -10.25 38.71
C HIS C 999 31.37 -9.71 37.37
N VAL C 1000 30.55 -8.67 37.39
CA VAL C 1000 29.84 -8.12 36.20
C VAL C 1000 30.21 -6.66 35.98
N GLU C 1001 30.30 -6.25 34.71
CA GLU C 1001 30.41 -4.83 34.26
C GLU C 1001 29.48 -4.60 33.06
N MET C 1002 28.64 -3.57 33.13
CA MET C 1002 27.74 -3.09 32.05
C MET C 1002 28.34 -1.79 31.48
N SER C 1003 28.22 -1.58 30.17
CA SER C 1003 28.68 -0.34 29.47
C SER C 1003 27.86 -0.08 28.21
N SER C 1004 27.71 1.18 27.84
CA SER C 1004 27.02 1.63 26.60
C SER C 1004 27.37 3.07 26.26
N GLU C 1005 26.77 3.59 25.18
CA GLU C 1005 26.77 5.03 24.82
C GLU C 1005 25.95 5.80 25.86
N ASP C 1006 26.40 6.99 26.26
CA ASP C 1006 25.66 7.90 27.17
C ASP C 1006 24.51 8.61 26.43
N VAL C 1007 24.69 8.93 25.15
CA VAL C 1007 23.69 9.71 24.36
C VAL C 1007 23.61 9.14 22.95
N ILE C 1008 22.38 9.00 22.41
CA ILE C 1008 22.10 8.55 21.01
C ILE C 1008 21.05 9.48 20.40
N ARG C 1009 20.84 9.35 19.08
CA ARG C 1009 19.83 10.10 18.29
C ARG C 1009 18.59 9.24 18.12
N GLU C 1010 17.41 9.87 18.07
CA GLU C 1010 16.12 9.16 17.81
C GLU C 1010 16.23 8.46 16.46
N GLY C 1011 15.86 7.17 16.41
CA GLY C 1011 16.01 6.31 15.22
C GLY C 1011 17.24 5.41 15.29
N ASP C 1012 18.28 5.78 16.06
CA ASP C 1012 19.52 4.98 16.23
C ASP C 1012 19.29 3.81 17.21
N THR C 1013 20.26 2.89 17.27
CA THR C 1013 20.26 1.66 18.10
C THR C 1013 21.23 1.81 19.26
N LEU C 1014 20.82 1.46 20.47
CA LEU C 1014 21.70 1.43 21.66
C LEU C 1014 22.34 0.04 21.73
N ARG C 1015 23.67 -0.03 21.85
CA ARG C 1015 24.44 -1.28 22.09
C ARG C 1015 24.85 -1.37 23.56
N VAL C 1016 24.30 -2.33 24.31
CA VAL C 1016 24.66 -2.53 25.74
C VAL C 1016 25.60 -3.74 25.82
N LYS C 1017 26.83 -3.54 26.29
CA LYS C 1017 27.85 -4.61 26.45
C LYS C 1017 27.90 -5.06 27.91
N PHE C 1018 28.00 -6.37 28.14
CA PHE C 1018 28.15 -7.01 29.48
C PHE C 1018 29.33 -7.96 29.48
N SER C 1019 30.22 -7.82 30.46
CA SER C 1019 31.30 -8.79 30.77
C SER C 1019 30.91 -9.55 32.04
N LEU C 1020 31.07 -10.87 32.05
CA LEU C 1020 30.85 -11.74 33.23
C LEU C 1020 32.13 -12.55 33.46
N LEU C 1021 32.73 -12.44 34.64
CA LEU C 1021 33.96 -13.18 35.01
C LEU C 1021 33.64 -14.20 36.10
N ASN C 1022 33.95 -15.48 35.87
CA ASN C 1022 33.80 -16.59 36.86
C ASN C 1022 35.18 -16.91 37.44
N ASP C 1023 35.41 -16.58 38.71
CA ASP C 1023 36.67 -16.89 39.43
C ASP C 1023 36.44 -17.97 40.49
N THR C 1024 35.31 -18.68 40.43
CA THR C 1024 34.92 -19.78 41.36
C THR C 1024 35.40 -21.10 40.75
N PRO C 1025 35.43 -22.20 41.53
CA PRO C 1025 35.72 -23.52 40.95
C PRO C 1025 34.59 -24.30 40.26
N LEU C 1026 33.35 -23.79 40.18
CA LEU C 1026 32.24 -24.45 39.44
C LEU C 1026 31.80 -23.62 38.22
N SER C 1027 31.40 -24.29 37.13
CA SER C 1027 30.70 -23.69 35.97
C SER C 1027 29.40 -23.06 36.48
N LYS C 1028 29.00 -21.91 35.92
CA LYS C 1028 27.73 -21.21 36.25
C LYS C 1028 26.86 -21.14 35.00
N GLU C 1029 25.58 -21.49 35.15
CA GLU C 1029 24.50 -21.24 34.19
C GLU C 1029 23.70 -20.02 34.69
N LYS C 1030 23.50 -19.01 33.85
CA LYS C 1030 22.85 -17.73 34.25
C LYS C 1030 21.87 -17.26 33.16
N GLN C 1031 20.68 -16.79 33.54
CA GLN C 1031 19.76 -16.03 32.64
C GLN C 1031 20.07 -14.54 32.82
N VAL C 1032 20.64 -13.87 31.81
CA VAL C 1032 20.92 -12.40 31.86
C VAL C 1032 19.71 -11.67 31.25
N VAL C 1033 18.93 -10.96 32.07
CA VAL C 1033 17.70 -10.22 31.64
C VAL C 1033 18.00 -8.71 31.55
N LEU C 1034 17.65 -8.07 30.42
CA LEU C 1034 17.77 -6.60 30.24
C LEU C 1034 16.39 -5.94 30.41
N PHE C 1035 16.26 -4.97 31.33
CA PHE C 1035 15.03 -4.15 31.55
C PHE C 1035 15.26 -2.75 30.98
N VAL C 1036 14.23 -2.20 30.34
CA VAL C 1036 14.16 -0.82 29.79
C VAL C 1036 12.91 -0.18 30.41
N ASP C 1037 13.10 0.84 31.26
CA ASP C 1037 12.02 1.58 31.95
C ASP C 1037 11.14 0.64 32.76
N GLY C 1038 11.75 -0.36 33.43
CA GLY C 1038 11.06 -1.28 34.35
C GLY C 1038 10.47 -2.51 33.66
N ASN C 1039 10.38 -2.53 32.32
CA ASN C 1039 9.74 -3.64 31.55
C ASN C 1039 10.81 -4.58 30.97
N GLU C 1040 10.58 -5.90 31.06
CA GLU C 1040 11.49 -6.93 30.49
C GLU C 1040 11.62 -6.67 28.99
N TYR C 1041 12.84 -6.57 28.46
CA TYR C 1041 13.09 -6.26 27.04
C TYR C 1041 13.73 -7.46 26.31
N SER C 1042 14.71 -8.12 26.90
CA SER C 1042 15.46 -9.23 26.26
C SER C 1042 16.10 -10.13 27.32
N VAL C 1043 16.46 -11.37 26.95
CA VAL C 1043 17.11 -12.35 27.86
C VAL C 1043 18.08 -13.22 27.06
N ARG C 1044 19.24 -13.53 27.65
CA ARG C 1044 20.26 -14.47 27.10
C ARG C 1044 20.61 -15.52 28.16
N ARG C 1045 20.63 -16.80 27.79
CA ARG C 1045 21.17 -17.91 28.61
C ARG C 1045 22.69 -17.99 28.40
N VAL C 1046 23.50 -18.04 29.46
CA VAL C 1046 24.99 -18.17 29.34
C VAL C 1046 25.47 -19.30 30.25
N VAL C 1047 26.45 -20.08 29.78
CA VAL C 1047 27.25 -21.06 30.59
C VAL C 1047 28.69 -20.54 30.65
N ILE C 1048 29.21 -20.25 31.85
CA ILE C 1048 30.56 -19.64 32.05
C ILE C 1048 31.42 -20.66 32.79
N PRO C 1049 32.37 -21.31 32.09
CA PRO C 1049 33.30 -22.23 32.74
C PRO C 1049 34.17 -21.52 33.77
N PRO C 1050 34.76 -22.24 34.74
CA PRO C 1050 35.67 -21.64 35.72
C PRO C 1050 36.85 -20.92 35.05
N PHE C 1051 37.31 -19.84 35.67
CA PHE C 1051 38.50 -19.05 35.24
C PHE C 1051 38.29 -18.53 33.82
N LYS C 1052 37.07 -18.09 33.47
CA LYS C 1052 36.75 -17.60 32.11
C LYS C 1052 35.90 -16.32 32.19
N LYS C 1053 36.02 -15.47 31.17
CA LYS C 1053 35.21 -14.24 30.97
C LYS C 1053 34.38 -14.41 29.69
N GLU C 1054 33.07 -14.15 29.78
CA GLU C 1054 32.15 -14.11 28.62
C GLU C 1054 31.71 -12.66 28.38
N GLU C 1055 31.53 -12.29 27.10
CA GLU C 1055 31.07 -10.94 26.68
C GLU C 1055 29.76 -11.11 25.90
N LEU C 1056 28.74 -10.31 26.23
CA LEU C 1056 27.44 -10.25 25.52
C LEU C 1056 27.24 -8.84 24.99
N VAL C 1057 26.49 -8.70 23.90
CA VAL C 1057 25.97 -7.41 23.39
C VAL C 1057 24.46 -7.57 23.21
N PHE C 1058 23.66 -6.64 23.78
CA PHE C 1058 22.23 -6.48 23.49
C PHE C 1058 22.05 -5.24 22.60
N LYS C 1059 21.19 -5.33 21.59
CA LYS C 1059 20.77 -4.21 20.71
C LYS C 1059 19.38 -3.76 21.16
N VAL C 1060 19.23 -2.49 21.54
CA VAL C 1060 17.93 -1.91 21.99
C VAL C 1060 17.44 -0.93 20.92
N GLU C 1061 16.24 -1.17 20.38
CA GLU C 1061 15.59 -0.40 19.29
C GLU C 1061 14.36 0.35 19.84
N GLY C 1062 13.97 1.45 19.18
CA GLY C 1062 12.66 2.10 19.36
C GLY C 1062 12.60 3.09 20.53
N LEU C 1063 13.75 3.54 21.06
CA LEU C 1063 13.80 4.52 22.18
C LEU C 1063 13.48 5.92 21.63
N LYS C 1064 12.43 6.56 22.16
CA LYS C 1064 11.98 7.92 21.78
C LYS C 1064 12.72 8.96 22.63
N LYS C 1065 12.61 10.23 22.25
CA LYS C 1065 13.30 11.39 22.89
C LYS C 1065 13.08 11.37 24.41
N GLY C 1066 14.11 11.72 25.18
CA GLY C 1066 14.07 11.81 26.65
C GLY C 1066 15.17 11.00 27.32
N GLU C 1067 14.96 10.67 28.60
CA GLU C 1067 15.92 9.87 29.41
C GLU C 1067 15.25 8.54 29.77
N HIS C 1068 16.04 7.47 29.81
CA HIS C 1068 15.56 6.06 29.99
C HIS C 1068 16.48 5.33 30.96
N LEU C 1069 15.91 4.55 31.87
CA LEU C 1069 16.66 3.64 32.77
C LEU C 1069 16.88 2.30 32.06
N ILE C 1070 18.13 1.85 32.02
CA ILE C 1070 18.56 0.49 31.56
C ILE C 1070 19.06 -0.24 32.81
N HIS C 1071 18.54 -1.42 33.13
CA HIS C 1071 19.05 -2.21 34.29
C HIS C 1071 18.94 -3.71 34.02
N THR C 1072 19.63 -4.51 34.82
CA THR C 1072 19.62 -6.01 34.75
C THR C 1072 19.25 -6.64 36.09
N ASN C 1073 19.02 -7.95 36.06
CA ASN C 1073 18.86 -8.83 37.25
C ASN C 1073 20.21 -9.08 37.96
N LEU C 1074 21.34 -8.53 37.50
CA LEU C 1074 22.69 -8.70 38.13
C LEU C 1074 23.18 -7.39 38.77
N ASN C 1075 22.29 -6.48 39.18
CA ASN C 1075 22.63 -5.29 39.99
C ASN C 1075 23.49 -4.28 39.19
N THR C 1076 23.20 -4.04 37.92
CA THR C 1076 23.82 -2.96 37.09
C THR C 1076 22.70 -2.04 36.61
N ARG C 1077 22.92 -0.72 36.63
CA ARG C 1077 21.89 0.31 36.33
C ARG C 1077 22.55 1.52 35.68
N LYS C 1078 21.91 2.13 34.68
CA LYS C 1078 22.44 3.31 33.95
C LYS C 1078 21.28 4.15 33.41
N THR C 1079 21.41 5.49 33.43
CA THR C 1079 20.54 6.42 32.67
C THR C 1079 21.15 6.64 31.27
N ILE C 1080 20.32 6.63 30.23
CA ILE C 1080 20.68 6.89 28.80
C ILE C 1080 19.84 8.09 28.29
N TYR C 1081 20.42 8.99 27.50
CA TYR C 1081 19.73 10.20 26.98
C TYR C 1081 19.53 10.05 25.48
N VAL C 1082 18.30 10.20 25.01
CA VAL C 1082 17.97 10.14 23.55
C VAL C 1082 17.77 11.59 23.07
N ARG C 1083 18.76 12.15 22.38
CA ARG C 1083 18.69 13.48 21.71
C ARG C 1083 17.60 13.46 20.63
N PRO D 1 57.91 -58.22 -4.66
CA PRO D 1 57.87 -56.74 -4.55
C PRO D 1 59.21 -56.10 -4.16
N TYR D 2 59.60 -55.03 -4.85
CA TYR D 2 60.84 -54.26 -4.58
C TYR D 2 60.62 -53.35 -3.37
N GLU D 3 61.60 -53.27 -2.47
CA GLU D 3 61.56 -52.46 -1.23
C GLU D 3 61.37 -50.97 -1.55
N TRP D 4 61.78 -50.53 -2.74
CA TRP D 4 61.65 -49.14 -3.23
C TRP D 4 60.32 -48.94 -3.97
N GLU D 5 59.37 -49.88 -3.87
CA GLU D 5 57.98 -49.71 -4.35
C GLU D 5 56.98 -50.09 -3.25
N ASN D 6 57.40 -50.14 -2.00
CA ASN D 6 56.55 -50.66 -0.88
C ASN D 6 56.39 -49.57 0.18
N PRO D 7 55.27 -48.80 0.21
CA PRO D 7 55.10 -47.72 1.19
C PRO D 7 55.07 -48.17 2.66
N GLN D 8 54.82 -49.46 2.95
CA GLN D 8 54.70 -49.99 4.34
C GLN D 8 56.06 -50.31 4.94
N LEU D 9 57.14 -50.34 4.14
CA LEU D 9 58.53 -50.53 4.61
C LEU D 9 59.26 -49.17 4.53
N VAL D 10 59.47 -48.53 5.68
CA VAL D 10 60.01 -47.13 5.79
C VAL D 10 61.55 -47.19 5.90
N SER D 11 62.10 -48.26 6.48
CA SER D 11 63.56 -48.50 6.59
C SER D 11 63.84 -49.93 7.07
N GLU D 12 65.12 -50.32 7.15
CA GLU D 12 65.58 -51.61 7.72
C GLU D 12 67.03 -51.48 8.19
N GLY D 13 67.33 -51.98 9.39
CA GLY D 13 68.68 -52.03 9.95
C GLY D 13 69.14 -50.72 10.57
N THR D 14 68.27 -49.71 10.71
CA THR D 14 68.63 -48.36 11.23
C THR D 14 68.38 -48.28 12.75
N GLU D 15 69.14 -47.44 13.45
CA GLU D 15 68.92 -47.10 14.88
C GLU D 15 67.68 -46.23 15.04
N LYS D 16 67.17 -46.10 16.26
CA LYS D 16 66.04 -45.20 16.62
C LYS D 16 66.52 -43.74 16.58
N SER D 17 65.64 -42.82 16.18
CA SER D 17 65.86 -41.35 16.15
C SER D 17 66.34 -40.87 17.52
N HIS D 18 67.21 -39.87 17.55
CA HIS D 18 67.59 -39.12 18.79
C HIS D 18 67.96 -37.69 18.42
N ALA D 19 68.18 -36.85 19.43
CA ALA D 19 68.56 -35.43 19.28
C ALA D 19 69.98 -35.33 18.71
N SER D 20 70.25 -34.29 17.92
CA SER D 20 71.59 -33.99 17.33
C SER D 20 72.58 -33.71 18.46
N PHE D 21 73.76 -34.35 18.44
CA PHE D 21 74.92 -33.98 19.30
C PHE D 21 76.16 -33.64 18.46
N ILE D 22 76.21 -34.00 17.18
CA ILE D 22 77.38 -33.82 16.27
C ILE D 22 76.90 -33.15 14.99
N PRO D 23 77.50 -32.03 14.52
CA PRO D 23 78.50 -31.28 15.27
C PRO D 23 77.85 -30.45 16.39
N TYR D 24 78.66 -29.90 17.29
CA TYR D 24 78.23 -29.03 18.42
C TYR D 24 78.75 -27.60 18.19
N LEU D 25 77.88 -26.59 18.28
CA LEU D 25 78.28 -25.15 18.21
C LEU D 25 78.51 -24.63 19.63
N ASP D 26 79.72 -24.19 19.90
CA ASP D 26 80.10 -23.55 21.20
C ASP D 26 79.61 -22.10 21.17
N PRO D 27 78.65 -21.69 22.04
CA PRO D 27 78.13 -20.33 22.01
C PRO D 27 79.06 -19.25 22.58
N PHE D 28 80.18 -19.60 23.20
CA PHE D 28 81.16 -18.66 23.78
C PHE D 28 82.19 -18.24 22.71
N SER D 29 82.61 -19.18 21.85
CA SER D 29 83.64 -18.98 20.80
C SER D 29 83.01 -18.89 19.39
N GLY D 30 81.85 -19.53 19.17
CA GLY D 30 81.20 -19.63 17.85
C GLY D 30 81.88 -20.65 16.95
N GLU D 31 82.60 -21.62 17.53
CA GLU D 31 83.38 -22.65 16.79
C GLU D 31 82.67 -24.00 16.86
N TRP D 32 82.71 -24.77 15.77
CA TRP D 32 82.16 -26.14 15.66
C TRP D 32 83.13 -27.12 16.34
N GLU D 33 82.60 -28.13 17.04
CA GLU D 33 83.36 -29.12 17.84
C GLU D 33 82.88 -30.53 17.52
N TYR D 34 83.81 -31.48 17.42
CA TYR D 34 83.57 -32.90 17.05
C TYR D 34 84.06 -33.80 18.18
N PRO D 35 83.56 -35.06 18.29
CA PRO D 35 84.07 -36.00 19.27
C PRO D 35 85.52 -36.42 18.99
N GLU D 36 86.21 -36.98 19.98
CA GLU D 36 87.60 -37.48 19.88
C GLU D 36 87.66 -38.67 18.91
N GLU D 37 86.76 -39.65 19.08
CA GLU D 37 86.64 -40.85 18.21
C GLU D 37 85.71 -40.54 17.05
N PHE D 38 86.22 -39.87 16.01
CA PHE D 38 85.45 -39.36 14.85
C PHE D 38 86.28 -39.51 13.57
N ILE D 39 85.71 -40.11 12.52
CA ILE D 39 86.31 -40.22 11.15
C ILE D 39 85.32 -39.66 10.12
N SER D 40 85.67 -38.55 9.47
CA SER D 40 84.94 -37.96 8.33
C SER D 40 85.08 -38.86 7.09
N LEU D 41 83.97 -39.12 6.41
CA LEU D 41 83.92 -39.85 5.11
C LEU D 41 83.60 -38.87 3.98
N ASN D 42 83.71 -37.56 4.22
CA ASN D 42 83.62 -36.53 3.14
C ASN D 42 84.90 -36.62 2.30
N GLY D 43 84.81 -36.30 1.01
CA GLY D 43 85.93 -36.34 0.05
C GLY D 43 85.59 -37.16 -1.18
N ASN D 44 86.58 -37.81 -1.78
CA ASN D 44 86.43 -38.57 -3.07
C ASN D 44 85.98 -40.01 -2.77
N TRP D 45 84.97 -40.45 -3.51
CA TRP D 45 84.49 -41.86 -3.61
C TRP D 45 84.55 -42.25 -5.08
N ARG D 46 84.81 -43.53 -5.38
CA ARG D 46 84.63 -44.11 -6.73
C ARG D 46 83.13 -44.16 -7.03
N PHE D 47 82.73 -43.73 -8.23
CA PHE D 47 81.32 -43.52 -8.61
C PHE D 47 81.03 -44.14 -9.98
N LEU D 48 79.82 -44.69 -10.14
CA LEU D 48 79.30 -45.31 -11.38
C LEU D 48 77.84 -44.86 -11.59
N PHE D 49 77.54 -44.24 -12.73
CA PHE D 49 76.19 -43.74 -13.10
C PHE D 49 75.55 -44.70 -14.10
N ALA D 50 74.29 -45.09 -13.84
CA ALA D 50 73.46 -45.99 -14.68
C ALA D 50 72.08 -45.37 -14.89
N LYS D 51 71.43 -45.70 -16.01
CA LYS D 51 70.13 -45.12 -16.46
C LYS D 51 68.98 -45.70 -15.63
N ASN D 52 69.17 -46.88 -15.04
CA ASN D 52 68.16 -47.53 -14.15
C ASN D 52 68.89 -48.56 -13.28
N PRO D 53 68.23 -49.17 -12.27
CA PRO D 53 68.91 -50.09 -11.36
C PRO D 53 69.35 -51.41 -12.02
N PHE D 54 68.77 -51.79 -13.16
CA PHE D 54 68.99 -53.10 -13.85
C PHE D 54 70.18 -53.02 -14.83
N GLU D 55 70.70 -51.83 -15.12
CA GLU D 55 71.88 -51.60 -16.00
C GLU D 55 73.14 -51.43 -15.15
N VAL D 56 73.13 -51.90 -13.89
CA VAL D 56 74.30 -51.87 -12.97
C VAL D 56 75.07 -53.18 -13.18
N PRO D 57 76.43 -53.16 -13.19
CA PRO D 57 77.21 -54.40 -13.29
C PRO D 57 77.00 -55.30 -12.07
N GLU D 58 76.88 -56.62 -12.29
CA GLU D 58 76.55 -57.62 -11.24
C GLU D 58 77.75 -57.78 -10.30
N ASP D 59 77.48 -57.95 -8.99
CA ASP D 59 78.48 -58.18 -7.93
C ASP D 59 79.26 -56.89 -7.62
N PHE D 60 78.66 -55.71 -7.86
CA PHE D 60 79.31 -54.38 -7.68
C PHE D 60 79.69 -54.13 -6.21
N PHE D 61 79.06 -54.85 -5.27
CA PHE D 61 79.14 -54.61 -3.80
C PHE D 61 80.19 -55.50 -3.12
N SER D 62 80.82 -56.44 -3.85
CA SER D 62 81.81 -57.41 -3.32
C SER D 62 83.20 -56.76 -3.22
N GLU D 63 84.05 -57.28 -2.33
CA GLU D 63 85.43 -56.78 -2.09
C GLU D 63 86.32 -57.08 -3.30
N LYS D 64 86.12 -58.25 -3.93
CA LYS D 64 86.91 -58.75 -5.09
C LYS D 64 86.68 -57.89 -6.33
N PHE D 65 85.49 -57.31 -6.51
CA PHE D 65 85.09 -56.48 -7.69
C PHE D 65 86.15 -55.40 -7.95
N ASP D 66 86.44 -55.13 -9.23
CA ASP D 66 87.45 -54.14 -9.69
C ASP D 66 86.74 -52.86 -10.16
N ASP D 67 87.06 -51.73 -9.52
CA ASP D 67 86.42 -50.40 -9.76
C ASP D 67 87.49 -49.38 -10.17
N SER D 68 88.68 -49.83 -10.60
CA SER D 68 89.86 -48.97 -10.88
C SER D 68 89.65 -48.12 -12.15
N ASN D 69 88.62 -48.43 -12.96
CA ASN D 69 88.24 -47.66 -14.18
C ASN D 69 87.02 -46.76 -13.91
N TRP D 70 86.47 -46.75 -12.68
CA TRP D 70 85.33 -45.88 -12.28
C TRP D 70 85.78 -44.41 -12.19
N ASP D 71 84.87 -43.47 -12.46
CA ASP D 71 85.06 -42.02 -12.21
C ASP D 71 85.07 -41.76 -10.70
N GLU D 72 85.66 -40.64 -10.26
CA GLU D 72 85.70 -40.17 -8.85
C GLU D 72 84.72 -38.99 -8.69
N ILE D 73 83.82 -39.05 -7.70
CA ILE D 73 82.88 -37.96 -7.32
C ILE D 73 83.19 -37.49 -5.90
N GLU D 74 83.04 -36.18 -5.64
CA GLU D 74 83.22 -35.56 -4.31
C GLU D 74 81.91 -35.66 -3.51
N VAL D 75 81.99 -36.09 -2.25
CA VAL D 75 80.85 -36.15 -1.30
C VAL D 75 81.07 -35.04 -0.27
N PRO D 76 80.06 -34.22 0.10
CA PRO D 76 78.69 -34.33 -0.41
C PRO D 76 78.41 -33.56 -1.72
N SER D 77 77.46 -34.03 -2.52
CA SER D 77 77.03 -33.33 -3.76
C SER D 77 75.71 -33.91 -4.29
N ASN D 78 75.05 -33.16 -5.18
CA ASN D 78 74.00 -33.65 -6.09
C ASN D 78 74.72 -33.93 -7.42
N TRP D 79 74.47 -35.08 -8.06
CA TRP D 79 75.27 -35.52 -9.24
C TRP D 79 74.80 -34.80 -10.52
N GLU D 80 73.58 -34.25 -10.53
CA GLU D 80 73.09 -33.37 -11.63
C GLU D 80 73.95 -32.11 -11.73
N MET D 81 74.55 -31.66 -10.61
CA MET D 81 75.45 -30.47 -10.56
C MET D 81 76.92 -30.87 -10.80
N LYS D 82 77.21 -32.15 -11.03
CA LYS D 82 78.58 -32.67 -11.34
C LYS D 82 78.69 -33.20 -12.77
N GLY D 83 77.59 -33.27 -13.54
CA GLY D 83 77.62 -33.61 -14.98
C GLY D 83 76.71 -34.77 -15.37
N TYR D 84 76.24 -35.58 -14.42
CA TYR D 84 75.49 -36.83 -14.68
C TYR D 84 73.99 -36.54 -14.70
N GLY D 85 73.26 -37.10 -15.67
CA GLY D 85 71.80 -36.87 -15.83
C GLY D 85 71.50 -35.39 -16.02
N LYS D 86 70.23 -35.00 -15.87
CA LYS D 86 69.77 -33.60 -16.06
C LYS D 86 68.83 -33.20 -14.93
N PRO D 87 68.88 -31.93 -14.46
CA PRO D 87 67.92 -31.45 -13.47
C PRO D 87 66.55 -31.25 -14.11
N ILE D 88 65.48 -31.61 -13.39
CA ILE D 88 64.08 -31.51 -13.85
C ILE D 88 63.34 -30.57 -12.89
N TYR D 89 62.61 -29.58 -13.41
CA TYR D 89 61.72 -28.71 -12.60
C TYR D 89 60.26 -28.95 -13.02
N THR D 90 59.44 -29.37 -12.06
CA THR D 90 57.96 -29.49 -12.19
C THR D 90 57.33 -28.86 -10.94
N ASN D 91 56.20 -28.19 -11.10
CA ASN D 91 55.47 -27.52 -9.99
C ASN D 91 54.69 -28.59 -9.23
N VAL D 92 53.61 -29.10 -9.82
CA VAL D 92 52.64 -30.04 -9.18
C VAL D 92 52.75 -31.43 -9.82
N VAL D 93 52.88 -31.52 -11.14
CA VAL D 93 52.92 -32.81 -11.90
C VAL D 93 54.19 -33.57 -11.50
N TYR D 94 54.08 -34.89 -11.34
CA TYR D 94 55.23 -35.80 -11.11
C TYR D 94 56.01 -35.92 -12.42
N PRO D 95 57.36 -36.06 -12.38
CA PRO D 95 58.17 -36.20 -13.60
C PRO D 95 58.14 -37.60 -14.23
N PHE D 96 57.35 -38.52 -13.65
CA PHE D 96 57.00 -39.86 -14.19
C PHE D 96 55.47 -39.98 -14.17
N GLU D 97 54.92 -41.09 -14.64
CA GLU D 97 53.45 -41.31 -14.75
C GLU D 97 52.89 -41.61 -13.36
N PRO D 98 51.90 -40.84 -12.85
CA PRO D 98 51.40 -41.01 -11.48
C PRO D 98 50.52 -42.26 -11.33
N ASN D 99 50.98 -43.20 -10.50
CA ASN D 99 50.31 -44.50 -10.24
C ASN D 99 50.90 -45.09 -8.96
N PRO D 100 50.55 -44.56 -7.77
CA PRO D 100 51.22 -44.96 -6.54
C PRO D 100 50.95 -46.42 -6.20
N PRO D 101 51.91 -47.19 -5.64
CA PRO D 101 53.26 -46.72 -5.33
C PRO D 101 54.36 -46.99 -6.37
N PHE D 102 54.03 -47.06 -7.66
CA PHE D 102 54.91 -47.61 -8.73
C PHE D 102 55.75 -46.49 -9.36
N VAL D 103 57.05 -46.76 -9.54
CA VAL D 103 58.02 -45.86 -10.21
C VAL D 103 58.56 -46.57 -11.45
N PRO D 104 59.00 -45.82 -12.49
CA PRO D 104 59.50 -46.44 -13.73
C PRO D 104 60.74 -47.33 -13.53
N LYS D 105 60.84 -48.39 -14.33
CA LYS D 105 61.99 -49.34 -14.36
C LYS D 105 62.94 -48.99 -15.50
N ASP D 106 62.45 -48.31 -16.55
CA ASP D 106 63.24 -47.94 -17.76
C ASP D 106 64.12 -46.72 -17.47
N ASP D 107 63.52 -45.61 -17.00
CA ASP D 107 64.22 -44.33 -16.69
C ASP D 107 64.10 -44.07 -15.18
N ASN D 108 65.14 -44.45 -14.42
CA ASN D 108 65.26 -44.21 -12.97
C ASN D 108 66.74 -44.05 -12.64
N PRO D 109 67.29 -42.82 -12.82
CA PRO D 109 68.70 -42.56 -12.59
C PRO D 109 69.24 -43.19 -11.29
N THR D 110 70.38 -43.85 -11.39
CA THR D 110 70.97 -44.71 -10.33
C THR D 110 72.44 -44.35 -10.18
N GLY D 111 72.94 -44.35 -8.95
CA GLY D 111 74.34 -44.06 -8.62
C GLY D 111 74.87 -45.09 -7.66
N VAL D 112 76.09 -45.57 -7.88
CA VAL D 112 76.80 -46.52 -6.97
C VAL D 112 78.10 -45.85 -6.52
N TYR D 113 78.29 -45.73 -5.21
CA TYR D 113 79.49 -45.13 -4.56
C TYR D 113 80.27 -46.25 -3.85
N ARG D 114 81.60 -46.26 -3.95
CA ARG D 114 82.50 -47.24 -3.26
C ARG D 114 83.66 -46.48 -2.60
N ARG D 115 84.05 -46.89 -1.39
CA ARG D 115 85.18 -46.28 -0.65
C ARG D 115 85.75 -47.28 0.36
N TRP D 116 87.07 -47.25 0.56
CA TRP D 116 87.83 -48.07 1.55
C TRP D 116 88.24 -47.16 2.72
N ILE D 117 88.08 -47.62 3.96
CA ILE D 117 88.32 -46.83 5.20
C ILE D 117 89.11 -47.68 6.21
N GLU D 118 89.95 -47.02 7.03
CA GLU D 118 90.90 -47.62 8.00
C GLU D 118 90.40 -47.39 9.44
N ILE D 119 89.82 -48.42 10.07
CA ILE D 119 89.35 -48.37 11.49
C ILE D 119 90.53 -48.72 12.39
N PRO D 120 90.95 -47.84 13.34
CA PRO D 120 91.92 -48.20 14.37
C PRO D 120 91.48 -49.37 15.28
N GLU D 121 92.45 -50.03 15.92
CA GLU D 121 92.24 -51.28 16.72
C GLU D 121 91.49 -50.95 18.02
N ASP D 122 91.82 -49.83 18.66
CA ASP D 122 91.27 -49.45 20.00
C ASP D 122 89.77 -49.10 19.92
N TRP D 123 89.19 -48.95 18.73
CA TRP D 123 87.74 -48.69 18.51
C TRP D 123 86.89 -49.93 18.86
N PHE D 124 87.46 -51.14 18.89
CA PHE D 124 86.69 -52.41 18.96
C PHE D 124 86.41 -52.82 20.41
N LYS D 125 86.88 -52.05 21.40
CA LYS D 125 86.42 -52.14 22.82
C LYS D 125 85.26 -51.15 23.06
N LYS D 126 84.58 -50.70 22.00
CA LYS D 126 83.50 -49.68 22.02
C LYS D 126 82.43 -50.09 21.00
N GLU D 127 81.39 -49.27 20.83
CA GLU D 127 80.31 -49.48 19.81
C GLU D 127 80.50 -48.47 18.68
N ILE D 128 80.40 -48.90 17.42
CA ILE D 128 80.76 -48.11 16.20
C ILE D 128 79.49 -47.88 15.37
N PHE D 129 79.24 -46.63 14.97
CA PHE D 129 78.05 -46.22 14.16
C PHE D 129 78.48 -45.50 12.89
N LEU D 130 77.78 -45.75 11.78
CA LEU D 130 77.89 -45.02 10.49
C LEU D 130 76.67 -44.09 10.32
N HIS D 131 76.89 -42.78 10.19
CA HIS D 131 75.83 -41.72 10.15
C HIS D 131 75.75 -41.04 8.77
N PHE D 132 74.61 -41.15 8.08
CA PHE D 132 74.26 -40.39 6.85
C PHE D 132 73.32 -39.23 7.21
N GLU D 133 73.77 -37.98 7.08
CA GLU D 133 72.95 -36.78 7.39
C GLU D 133 71.81 -36.60 6.38
N GLY D 134 71.95 -37.06 5.13
CA GLY D 134 70.86 -37.00 4.13
C GLY D 134 71.24 -37.57 2.76
N VAL D 135 70.31 -38.31 2.14
CA VAL D 135 70.46 -39.01 0.82
C VAL D 135 69.12 -38.95 0.09
N ARG D 136 69.10 -38.59 -1.18
CA ARG D 136 67.85 -38.44 -1.96
C ARG D 136 67.86 -39.44 -3.11
N SER D 137 66.80 -40.26 -3.33
CA SER D 137 65.64 -40.40 -2.46
C SER D 137 65.64 -41.72 -1.67
N PHE D 138 66.43 -42.71 -2.06
CA PHE D 138 66.42 -44.09 -1.48
C PHE D 138 67.82 -44.69 -1.64
N PHE D 139 68.30 -45.47 -0.68
CA PHE D 139 69.61 -46.15 -0.81
C PHE D 139 69.66 -47.50 -0.08
N TYR D 140 70.48 -48.41 -0.61
CA TYR D 140 70.95 -49.70 -0.01
C TYR D 140 72.38 -49.53 0.50
N LEU D 141 72.72 -50.13 1.65
CA LEU D 141 74.08 -50.11 2.22
C LEU D 141 74.65 -51.55 2.25
N TRP D 142 75.91 -51.70 1.83
CA TRP D 142 76.75 -52.94 1.97
C TRP D 142 78.03 -52.57 2.71
N VAL D 143 78.41 -53.37 3.72
CA VAL D 143 79.71 -53.25 4.44
C VAL D 143 80.46 -54.58 4.31
N ASN D 144 81.71 -54.53 3.83
CA ASN D 144 82.60 -55.71 3.58
C ASN D 144 81.81 -56.83 2.90
N GLY D 145 81.07 -56.50 1.83
CA GLY D 145 80.33 -57.47 1.00
C GLY D 145 78.93 -57.79 1.50
N LYS D 146 78.60 -57.54 2.78
CA LYS D 146 77.33 -57.95 3.42
C LYS D 146 76.31 -56.79 3.39
N LYS D 147 75.02 -57.13 3.15
CA LYS D 147 73.85 -56.20 3.20
C LYS D 147 73.50 -55.88 4.67
N ILE D 148 73.43 -54.59 5.02
CA ILE D 148 73.03 -54.10 6.38
C ILE D 148 71.56 -53.67 6.36
N GLY D 149 71.14 -52.90 5.35
CA GLY D 149 69.73 -52.48 5.18
C GLY D 149 69.59 -51.27 4.27
N PHE D 150 68.50 -50.52 4.42
CA PHE D 150 68.09 -49.40 3.52
C PHE D 150 67.35 -48.28 4.29
N SER D 151 67.07 -47.14 3.63
CA SER D 151 66.37 -45.96 4.21
C SER D 151 65.70 -45.12 3.13
N LYS D 152 64.68 -44.32 3.48
CA LYS D 152 63.71 -43.73 2.49
C LYS D 152 63.43 -42.21 2.59
N ASP D 153 63.61 -41.51 3.72
CA ASP D 153 63.24 -40.04 3.82
C ASP D 153 64.48 -39.19 3.56
N SER D 154 64.42 -38.31 2.55
CA SER D 154 65.60 -37.61 1.97
C SER D 154 66.23 -36.60 2.94
N CYS D 155 65.50 -36.09 3.94
CA CYS D 155 65.89 -34.83 4.64
C CYS D 155 66.19 -35.09 6.13
N THR D 156 66.10 -36.34 6.62
CA THR D 156 66.42 -36.71 8.03
C THR D 156 67.47 -37.83 8.02
N PRO D 157 68.27 -37.98 9.09
CA PRO D 157 69.44 -38.85 9.06
C PRO D 157 69.11 -40.35 9.12
N ALA D 158 70.12 -41.17 8.80
CA ALA D 158 70.09 -42.66 8.85
C ALA D 158 71.39 -43.13 9.50
N GLU D 159 71.27 -43.85 10.62
CA GLU D 159 72.41 -44.32 11.45
C GLU D 159 72.34 -45.85 11.54
N PHE D 160 73.49 -46.53 11.48
CA PHE D 160 73.61 -48.01 11.46
C PHE D 160 74.71 -48.45 12.44
N ARG D 161 74.40 -49.35 13.35
CA ARG D 161 75.40 -49.96 14.27
C ARG D 161 76.17 -51.04 13.50
N LEU D 162 77.50 -50.94 13.42
CA LEU D 162 78.37 -51.78 12.54
C LEU D 162 79.43 -52.54 13.33
N THR D 163 79.39 -52.56 14.66
CA THR D 163 80.49 -53.09 15.53
C THR D 163 80.82 -54.55 15.18
N ASP D 164 79.83 -55.36 14.76
CA ASP D 164 79.98 -56.81 14.44
C ASP D 164 80.63 -57.02 13.07
N VAL D 165 80.09 -56.39 12.01
CA VAL D 165 80.43 -56.69 10.58
C VAL D 165 81.74 -55.98 10.16
N LEU D 166 82.32 -55.15 11.03
CA LEU D 166 83.55 -54.35 10.74
C LEU D 166 84.75 -55.07 11.36
N ARG D 167 85.96 -54.83 10.86
CA ARG D 167 87.22 -55.48 11.32
C ARG D 167 88.32 -54.42 11.44
N PRO D 168 89.36 -54.62 12.27
CA PRO D 168 90.50 -53.69 12.32
C PRO D 168 91.21 -53.61 10.97
N GLY D 169 91.83 -52.47 10.68
CA GLY D 169 92.49 -52.17 9.38
C GLY D 169 91.50 -51.69 8.35
N LYS D 170 91.58 -52.23 7.13
CA LYS D 170 90.90 -51.71 5.91
C LYS D 170 89.53 -52.37 5.74
N ASN D 171 88.47 -51.57 5.57
CA ASN D 171 87.08 -52.03 5.35
C ASN D 171 86.49 -51.34 4.11
N LEU D 172 85.53 -51.98 3.45
CA LEU D 172 84.81 -51.43 2.27
C LEU D 172 83.40 -50.97 2.68
N ILE D 173 83.00 -49.77 2.25
CA ILE D 173 81.60 -49.24 2.30
C ILE D 173 81.11 -49.12 0.85
N THR D 174 79.91 -49.62 0.55
CA THR D 174 79.25 -49.50 -0.78
C THR D 174 77.79 -49.06 -0.58
N VAL D 175 77.35 -48.06 -1.35
CA VAL D 175 76.00 -47.44 -1.29
C VAL D 175 75.44 -47.41 -2.72
N GLU D 176 74.21 -47.88 -2.93
CA GLU D 176 73.46 -47.72 -4.19
C GLU D 176 72.28 -46.75 -3.97
N VAL D 177 72.26 -45.61 -4.69
CA VAL D 177 71.24 -44.53 -4.53
C VAL D 177 70.31 -44.54 -5.74
N LEU D 178 68.99 -44.56 -5.52
CA LEU D 178 67.94 -44.43 -6.56
C LEU D 178 67.30 -43.03 -6.50
N LYS D 179 67.04 -42.39 -7.63
CA LYS D 179 66.46 -41.02 -7.69
C LYS D 179 65.00 -41.08 -7.27
N TRP D 180 64.21 -41.97 -7.89
CA TRP D 180 62.76 -42.12 -7.64
C TRP D 180 62.47 -43.42 -6.89
N SER D 181 61.52 -43.34 -5.95
CA SER D 181 61.02 -44.44 -5.09
C SER D 181 59.55 -44.14 -4.76
N ASP D 182 58.91 -45.00 -3.97
CA ASP D 182 57.56 -44.74 -3.41
C ASP D 182 57.61 -43.48 -2.51
N GLY D 183 58.72 -43.27 -1.80
CA GLY D 183 59.03 -42.03 -1.04
C GLY D 183 58.78 -40.76 -1.84
N SER D 184 59.07 -40.77 -3.16
CA SER D 184 58.95 -39.61 -4.08
C SER D 184 57.51 -39.09 -4.15
N TYR D 185 56.50 -39.91 -3.86
CA TYR D 185 55.07 -39.50 -3.87
C TYR D 185 54.77 -38.49 -2.73
N LEU D 186 55.57 -38.46 -1.66
CA LEU D 186 55.49 -37.47 -0.54
C LEU D 186 56.59 -36.40 -0.63
N GLU D 187 57.25 -36.24 -1.77
CA GLU D 187 58.35 -35.24 -1.95
C GLU D 187 58.10 -34.44 -3.24
N ASP D 188 56.84 -34.09 -3.49
CA ASP D 188 56.37 -33.34 -4.67
C ASP D 188 56.34 -31.83 -4.37
N GLN D 189 57.43 -31.27 -3.81
CA GLN D 189 57.54 -29.82 -3.54
C GLN D 189 57.77 -29.09 -4.87
N ASP D 190 57.30 -27.85 -4.98
CA ASP D 190 57.54 -26.96 -6.16
C ASP D 190 59.02 -26.57 -6.15
N MET D 191 59.87 -27.43 -6.71
CA MET D 191 61.35 -27.26 -6.68
C MET D 191 62.01 -28.21 -7.69
N TRP D 192 63.33 -28.09 -7.87
CA TRP D 192 64.16 -28.93 -8.76
C TRP D 192 64.26 -30.36 -8.18
N TRP D 193 64.02 -31.39 -9.01
CA TRP D 193 64.28 -32.82 -8.67
C TRP D 193 65.77 -33.13 -8.85
N PHE D 194 66.52 -33.31 -7.76
CA PHE D 194 67.96 -33.70 -7.72
C PHE D 194 68.10 -35.11 -7.09
N ALA D 195 69.33 -35.60 -6.91
CA ALA D 195 69.63 -36.94 -6.32
C ALA D 195 71.09 -37.01 -5.86
N GLY D 196 71.39 -37.89 -4.89
CA GLY D 196 72.76 -38.24 -4.47
C GLY D 196 72.97 -38.12 -2.97
N ILE D 197 74.19 -38.40 -2.51
CA ILE D 197 74.62 -38.19 -1.09
C ILE D 197 75.01 -36.71 -0.91
N TYR D 198 74.04 -35.86 -0.55
CA TYR D 198 74.12 -34.37 -0.65
C TYR D 198 74.42 -33.72 0.70
N ARG D 199 74.54 -34.50 1.79
CA ARG D 199 74.94 -34.03 3.14
C ARG D 199 76.02 -34.99 3.68
N ASP D 200 76.73 -34.57 4.72
CA ASP D 200 77.94 -35.22 5.29
C ASP D 200 77.71 -36.68 5.68
N VAL D 201 78.79 -37.47 5.69
CA VAL D 201 78.86 -38.89 6.14
C VAL D 201 80.04 -39.01 7.11
N TYR D 202 79.87 -39.75 8.22
CA TYR D 202 80.96 -39.94 9.21
C TYR D 202 80.76 -41.22 10.03
N LEU D 203 81.85 -41.66 10.67
CA LEU D 203 81.92 -42.78 11.65
C LEU D 203 82.30 -42.20 13.02
N TYR D 204 81.66 -42.66 14.09
CA TYR D 204 82.05 -42.31 15.48
C TYR D 204 81.89 -43.55 16.36
N ALA D 205 82.42 -43.50 17.59
CA ALA D 205 82.44 -44.63 18.53
C ALA D 205 82.03 -44.15 19.93
N LEU D 206 81.14 -44.90 20.60
CA LEU D 206 80.67 -44.62 21.98
C LEU D 206 81.03 -45.79 22.87
N PRO D 207 81.22 -45.58 24.20
CA PRO D 207 81.34 -46.68 25.16
C PRO D 207 80.17 -47.66 25.11
N LYS D 208 80.37 -48.87 25.65
CA LYS D 208 79.36 -49.96 25.67
C LYS D 208 78.10 -49.48 26.42
N PHE D 209 78.29 -48.73 27.51
CA PHE D 209 77.22 -48.07 28.32
C PHE D 209 77.29 -46.56 28.07
N HIS D 210 76.29 -46.00 27.40
CA HIS D 210 76.30 -44.60 26.89
C HIS D 210 74.92 -43.94 27.03
N ILE D 211 74.89 -42.61 26.97
CA ILE D 211 73.66 -41.77 26.86
C ILE D 211 73.20 -41.84 25.40
N ARG D 212 72.02 -42.43 25.14
CA ARG D 212 71.43 -42.51 23.78
C ARG D 212 70.74 -41.17 23.43
N ASP D 213 70.00 -40.54 24.36
CA ASP D 213 69.13 -39.37 24.06
C ASP D 213 68.99 -38.45 25.28
N VAL D 214 68.72 -37.15 25.02
CA VAL D 214 68.50 -36.09 26.04
C VAL D 214 67.31 -35.23 25.58
N PHE D 215 66.32 -34.98 26.45
CA PHE D 215 65.24 -34.00 26.25
C PHE D 215 65.29 -32.96 27.39
N VAL D 216 65.69 -31.72 27.06
CA VAL D 216 65.71 -30.58 28.02
C VAL D 216 64.57 -29.63 27.65
N ARG D 217 63.67 -29.37 28.62
CA ARG D 217 62.52 -28.42 28.52
C ARG D 217 62.61 -27.42 29.68
N THR D 218 62.09 -26.20 29.49
CA THR D 218 62.03 -25.16 30.55
C THR D 218 60.58 -24.76 30.78
N ASP D 219 60.28 -24.30 32.01
CA ASP D 219 59.04 -23.56 32.37
C ASP D 219 59.44 -22.24 33.04
N LEU D 220 58.58 -21.23 32.97
CA LEU D 220 58.71 -19.93 33.67
C LEU D 220 57.45 -19.70 34.52
N ASP D 221 57.57 -19.01 35.65
CA ASP D 221 56.45 -18.70 36.59
C ASP D 221 55.50 -17.68 35.95
N GLU D 222 54.42 -17.31 36.65
CA GLU D 222 53.35 -16.41 36.15
C GLU D 222 53.84 -14.96 35.99
N ASN D 223 54.99 -14.60 36.57
CA ASN D 223 55.62 -13.27 36.39
C ASN D 223 56.75 -13.33 35.34
N TYR D 224 56.97 -14.49 34.69
CA TYR D 224 58.08 -14.72 33.73
C TYR D 224 59.41 -14.32 34.39
N ARG D 225 59.58 -14.65 35.69
CA ARG D 225 60.75 -14.27 36.51
C ARG D 225 61.62 -15.49 36.77
N ASN D 226 61.18 -16.43 37.61
CA ASN D 226 61.95 -17.65 37.97
C ASN D 226 61.63 -18.78 37.00
N GLY D 227 62.56 -19.72 36.86
CA GLY D 227 62.51 -20.81 35.89
C GLY D 227 62.59 -22.18 36.54
N LYS D 228 62.21 -23.21 35.79
CA LYS D 228 62.39 -24.65 36.13
C LYS D 228 63.02 -25.34 34.93
N ILE D 229 63.91 -26.30 35.18
CA ILE D 229 64.47 -27.18 34.11
C ILE D 229 63.89 -28.56 34.33
N PHE D 230 63.35 -29.18 33.28
CA PHE D 230 62.87 -30.59 33.27
C PHE D 230 63.74 -31.40 32.30
N LEU D 231 64.53 -32.34 32.84
CA LEU D 231 65.58 -33.08 32.10
C LEU D 231 65.23 -34.57 32.09
N ASP D 232 65.08 -35.17 30.90
CA ASP D 232 64.99 -36.64 30.66
C ASP D 232 66.30 -37.15 30.03
N VAL D 233 66.97 -38.11 30.66
CA VAL D 233 68.24 -38.73 30.17
C VAL D 233 68.00 -40.22 29.93
N GLU D 234 68.05 -40.66 28.66
CA GLU D 234 67.90 -42.10 28.26
C GLU D 234 69.29 -42.74 28.14
N MET D 235 69.51 -43.84 28.87
CA MET D 235 70.78 -44.61 28.89
C MET D 235 70.57 -45.96 28.19
N ARG D 236 71.61 -46.48 27.57
CA ARG D 236 71.60 -47.75 26.79
C ARG D 236 72.83 -48.56 27.14
N ASN D 237 72.65 -49.86 27.42
CA ASN D 237 73.72 -50.81 27.80
C ASN D 237 73.87 -51.86 26.71
N LEU D 238 75.10 -52.04 26.19
CA LEU D 238 75.46 -53.07 25.19
C LEU D 238 76.64 -53.90 25.72
N GLY D 239 76.44 -54.59 26.85
CA GLY D 239 77.36 -55.62 27.39
C GLY D 239 78.30 -55.12 28.49
N GLU D 240 78.07 -53.94 29.06
CA GLU D 240 78.83 -53.44 30.23
C GLU D 240 78.27 -54.10 31.50
N GLU D 241 79.13 -54.25 32.54
CA GLU D 241 78.80 -54.93 33.81
C GLU D 241 79.11 -54.04 35.03
N GLU D 242 80.24 -53.31 35.01
CA GLU D 242 80.70 -52.39 36.08
C GLU D 242 79.80 -51.15 36.13
N GLU D 243 79.72 -50.49 37.29
CA GLU D 243 78.93 -49.25 37.54
C GLU D 243 79.76 -48.02 37.17
N LYS D 244 79.14 -47.01 36.53
CA LYS D 244 79.78 -45.76 36.06
C LYS D 244 79.19 -44.57 36.81
N ASP D 245 79.89 -43.43 36.78
CA ASP D 245 79.51 -42.15 37.44
C ASP D 245 78.85 -41.22 36.41
N LEU D 246 77.66 -40.68 36.74
CA LEU D 246 76.90 -39.69 35.93
C LEU D 246 77.07 -38.30 36.57
N GLU D 247 77.57 -37.32 35.82
CA GLU D 247 77.66 -35.90 36.24
C GLU D 247 76.92 -35.02 35.22
N VAL D 248 76.12 -34.07 35.71
CA VAL D 248 75.41 -33.04 34.89
C VAL D 248 75.78 -31.67 35.45
N THR D 249 76.35 -30.81 34.61
CA THR D 249 76.83 -29.43 34.93
C THR D 249 76.05 -28.40 34.09
N LEU D 250 75.61 -27.30 34.71
CA LEU D 250 74.94 -26.16 34.04
C LEU D 250 75.95 -25.01 33.93
N ILE D 251 76.20 -24.51 32.71
CA ILE D 251 77.07 -23.31 32.44
C ILE D 251 76.16 -22.15 32.03
N THR D 252 76.29 -21.01 32.69
CA THR D 252 75.45 -19.79 32.47
C THR D 252 75.99 -19.01 31.28
N PRO D 253 75.19 -18.09 30.69
CA PRO D 253 75.68 -17.21 29.63
C PRO D 253 76.90 -16.37 30.02
N ASP D 254 77.03 -16.01 31.30
CA ASP D 254 78.19 -15.30 31.89
C ASP D 254 79.42 -16.22 31.86
N GLY D 255 79.26 -17.50 32.20
CA GLY D 255 80.34 -18.51 32.19
C GLY D 255 80.50 -19.26 33.52
N ASP D 256 79.72 -18.91 34.54
CA ASP D 256 79.69 -19.59 35.86
C ASP D 256 79.17 -21.03 35.69
N GLU D 257 79.68 -21.97 36.50
CA GLU D 257 79.32 -23.41 36.47
C GLU D 257 78.65 -23.83 37.78
N LYS D 258 77.77 -24.83 37.72
CA LYS D 258 77.07 -25.44 38.88
C LYS D 258 76.80 -26.92 38.57
N THR D 259 77.11 -27.82 39.52
CA THR D 259 76.78 -29.26 39.45
C THR D 259 75.31 -29.43 39.85
N LEU D 260 74.50 -30.00 38.97
CA LEU D 260 73.05 -30.28 39.21
C LEU D 260 72.89 -31.70 39.71
N VAL D 261 73.63 -32.65 39.11
CA VAL D 261 73.57 -34.10 39.40
C VAL D 261 75.00 -34.64 39.50
N LYS D 262 75.27 -35.50 40.49
CA LYS D 262 76.49 -36.33 40.59
C LYS D 262 76.15 -37.61 41.37
N GLU D 263 75.99 -38.73 40.67
CA GLU D 263 75.55 -40.03 41.25
C GLU D 263 76.20 -41.19 40.49
N THR D 264 76.13 -42.39 41.06
CA THR D 264 76.60 -43.66 40.48
C THR D 264 75.38 -44.45 39.99
N VAL D 265 75.47 -45.04 38.79
CA VAL D 265 74.35 -45.72 38.08
C VAL D 265 74.84 -47.09 37.64
N LYS D 266 74.08 -48.14 37.95
CA LYS D 266 74.34 -49.53 37.49
C LYS D 266 73.97 -49.64 36.01
N PRO D 267 74.75 -50.40 35.20
CA PRO D 267 74.52 -50.44 33.75
C PRO D 267 73.21 -51.17 33.40
N GLU D 268 72.28 -50.45 32.78
CA GLU D 268 70.93 -50.94 32.38
C GLU D 268 70.30 -49.93 31.41
N ASP D 269 69.27 -50.38 30.68
CA ASP D 269 68.43 -49.53 29.78
C ASP D 269 67.33 -48.87 30.61
N ARG D 270 67.42 -47.56 30.86
CA ARG D 270 66.50 -46.79 31.73
C ARG D 270 66.45 -45.31 31.31
N VAL D 271 65.32 -44.64 31.55
CA VAL D 271 65.15 -43.16 31.42
C VAL D 271 65.14 -42.55 32.83
N LEU D 272 66.15 -41.73 33.15
CA LEU D 272 66.23 -40.93 34.40
C LEU D 272 65.61 -39.56 34.16
N SER D 273 64.79 -39.06 35.09
CA SER D 273 64.10 -37.76 35.01
C SER D 273 64.46 -36.91 36.23
N PHE D 274 64.75 -35.63 36.01
CA PHE D 274 65.13 -34.63 37.05
C PHE D 274 64.34 -33.34 36.83
N ALA D 275 64.09 -32.59 37.91
CA ALA D 275 63.50 -31.23 37.89
C ALA D 275 64.32 -30.33 38.83
N PHE D 276 64.80 -29.18 38.33
CA PHE D 276 65.62 -28.19 39.07
C PHE D 276 64.95 -26.82 38.97
N ASP D 277 65.18 -25.98 39.98
CA ASP D 277 64.75 -24.56 40.03
C ASP D 277 65.97 -23.68 39.73
N VAL D 278 65.75 -22.57 39.00
CA VAL D 278 66.77 -21.52 38.69
C VAL D 278 66.14 -20.15 38.95
N LYS D 279 66.86 -19.26 39.65
CA LYS D 279 66.38 -17.90 40.02
C LYS D 279 66.79 -16.89 38.94
N ASP D 280 65.84 -16.07 38.48
CA ASP D 280 66.04 -14.94 37.53
C ASP D 280 66.99 -15.34 36.41
N PRO D 281 66.68 -16.38 35.62
CA PRO D 281 67.51 -16.72 34.46
C PRO D 281 67.37 -15.66 33.35
N LYS D 282 68.41 -15.50 32.54
CA LYS D 282 68.39 -14.69 31.30
C LYS D 282 67.56 -15.43 30.25
N LYS D 283 66.52 -14.77 29.72
CA LYS D 283 65.53 -15.38 28.81
C LYS D 283 66.03 -15.28 27.35
N TRP D 284 65.76 -16.30 26.54
CA TRP D 284 66.14 -16.33 25.11
C TRP D 284 65.03 -15.62 24.33
N SER D 285 65.38 -14.70 23.41
CA SER D 285 64.49 -14.18 22.34
C SER D 285 65.30 -13.95 21.07
N ALA D 286 64.63 -13.68 19.94
CA ALA D 286 65.28 -13.28 18.67
C ALA D 286 66.07 -11.97 18.86
N GLU D 287 65.57 -11.03 19.67
CA GLU D 287 66.26 -9.75 20.01
C GLU D 287 67.47 -9.99 20.93
N THR D 288 67.44 -11.00 21.82
CA THR D 288 68.44 -11.24 22.90
C THR D 288 68.67 -12.74 23.07
N PRO D 289 69.44 -13.40 22.18
CA PRO D 289 69.59 -14.86 22.23
C PRO D 289 70.56 -15.45 23.26
N HIS D 290 70.27 -15.31 24.55
CA HIS D 290 71.06 -15.87 25.69
C HIS D 290 70.90 -17.40 25.76
N LEU D 291 71.99 -18.16 25.65
CA LEU D 291 72.01 -19.65 25.66
C LEU D 291 72.72 -20.15 26.92
N TYR D 292 72.11 -21.09 27.65
CA TYR D 292 72.73 -21.90 28.73
C TYR D 292 73.30 -23.19 28.09
N VAL D 293 74.26 -23.84 28.74
CA VAL D 293 74.84 -25.14 28.29
C VAL D 293 74.64 -26.21 29.38
N LEU D 294 74.07 -27.38 29.02
CA LEU D 294 74.15 -28.62 29.84
C LEU D 294 75.30 -29.49 29.35
N LYS D 295 76.25 -29.81 30.24
CA LYS D 295 77.37 -30.76 30.03
C LYS D 295 77.01 -32.09 30.72
N LEU D 296 76.88 -33.20 29.97
CA LEU D 296 76.52 -34.54 30.50
C LEU D 296 77.69 -35.51 30.28
N LYS D 297 78.09 -36.25 31.33
CA LYS D 297 79.23 -37.20 31.30
C LYS D 297 78.87 -38.50 32.04
N LEU D 298 78.85 -39.64 31.33
CA LEU D 298 78.62 -41.01 31.89
C LEU D 298 79.84 -41.87 31.57
N GLY D 299 80.69 -42.11 32.57
CA GLY D 299 82.01 -42.77 32.38
C GLY D 299 82.91 -41.89 31.53
N GLU D 300 83.24 -42.33 30.31
CA GLU D 300 84.09 -41.59 29.33
C GLU D 300 83.24 -41.00 28.20
N ASP D 301 81.92 -41.20 28.22
CA ASP D 301 80.96 -40.62 27.25
C ASP D 301 80.64 -39.18 27.66
N GLU D 302 80.90 -38.20 26.78
CA GLU D 302 80.66 -36.76 27.03
C GLU D 302 79.81 -36.17 25.90
N LYS D 303 78.77 -35.41 26.25
CA LYS D 303 77.85 -34.68 25.31
C LYS D 303 77.53 -33.29 25.87
N LYS D 304 77.14 -32.36 25.01
CA LYS D 304 76.71 -30.99 25.39
C LYS D 304 75.44 -30.60 24.63
N VAL D 305 74.53 -29.88 25.28
CA VAL D 305 73.29 -29.34 24.65
C VAL D 305 73.12 -27.87 25.05
N ASN D 306 72.91 -27.00 24.05
CA ASN D 306 72.51 -25.58 24.24
C ASN D 306 70.99 -25.52 24.41
N PHE D 307 70.50 -24.70 25.33
CA PHE D 307 69.06 -24.48 25.55
C PHE D 307 68.85 -23.05 26.06
N GLY D 308 67.62 -22.57 25.97
CA GLY D 308 67.22 -21.24 26.47
C GLY D 308 65.94 -21.30 27.26
N PHE D 309 65.74 -20.36 28.18
CA PHE D 309 64.47 -20.16 28.91
C PHE D 309 63.56 -19.29 28.03
N ARG D 310 62.47 -19.88 27.53
CA ARG D 310 61.45 -19.14 26.75
C ARG D 310 60.14 -19.93 26.76
N LYS D 311 59.01 -19.24 26.66
CA LYS D 311 57.65 -19.83 26.75
C LYS D 311 56.75 -19.25 25.65
N ILE D 312 56.15 -20.11 24.82
CA ILE D 312 55.16 -19.74 23.77
C ILE D 312 53.79 -20.19 24.31
N GLU D 313 52.76 -19.34 24.20
CA GLU D 313 51.40 -19.68 24.69
C GLU D 313 50.32 -18.87 23.95
N ILE D 314 49.09 -19.36 23.96
CA ILE D 314 47.87 -18.67 23.45
C ILE D 314 47.02 -18.24 24.66
N LYS D 315 46.77 -16.94 24.84
CA LYS D 315 45.84 -16.41 25.87
C LYS D 315 44.72 -15.62 25.18
N ASP D 316 43.48 -16.15 25.19
CA ASP D 316 42.27 -15.52 24.59
C ASP D 316 42.50 -15.21 23.10
N GLY D 317 43.05 -16.16 22.34
CA GLY D 317 43.30 -16.02 20.89
C GLY D 317 44.54 -15.20 20.54
N THR D 318 45.27 -14.67 21.51
CA THR D 318 46.49 -13.85 21.30
C THR D 318 47.74 -14.73 21.50
N LEU D 319 48.73 -14.63 20.62
CA LEU D 319 50.02 -15.37 20.66
C LEU D 319 50.99 -14.60 21.56
N LEU D 320 51.54 -15.23 22.60
CA LEU D 320 52.47 -14.58 23.59
C LEU D 320 53.81 -15.27 23.61
N PHE D 321 54.89 -14.49 23.71
CA PHE D 321 56.29 -14.98 23.77
C PHE D 321 56.93 -14.30 24.99
N ASN D 322 57.33 -15.09 25.98
CA ASN D 322 57.78 -14.64 27.33
C ASN D 322 56.80 -13.60 27.91
N GLY D 323 55.49 -13.79 27.74
CA GLY D 323 54.45 -12.88 28.25
C GLY D 323 54.08 -11.67 27.35
N LYS D 324 54.68 -11.46 26.17
CA LYS D 324 54.42 -10.27 25.28
C LYS D 324 53.77 -10.69 23.96
N PRO D 325 52.86 -9.90 23.37
CA PRO D 325 52.29 -10.20 22.06
C PRO D 325 53.36 -10.26 20.96
N LEU D 326 53.38 -11.35 20.20
CA LEU D 326 54.44 -11.64 19.21
C LEU D 326 53.85 -11.41 17.82
N TYR D 327 54.51 -10.60 16.98
CA TYR D 327 54.21 -10.48 15.53
C TYR D 327 55.29 -11.22 14.73
N ILE D 328 54.84 -12.17 13.91
CA ILE D 328 55.71 -12.96 12.99
C ILE D 328 56.01 -12.10 11.75
N LYS D 329 57.23 -11.62 11.62
CA LYS D 329 57.70 -10.85 10.41
C LYS D 329 58.63 -11.77 9.63
N GLY D 330 58.06 -12.68 8.83
CA GLY D 330 58.78 -13.88 8.35
C GLY D 330 59.05 -13.92 6.85
N VAL D 331 59.82 -14.92 6.45
CA VAL D 331 60.02 -15.35 5.05
C VAL D 331 60.11 -16.89 4.95
N ASN D 332 59.64 -17.47 3.84
CA ASN D 332 59.87 -18.89 3.46
C ASN D 332 61.26 -18.97 2.80
N ARG D 333 62.13 -19.91 3.20
CA ARG D 333 63.46 -20.12 2.58
C ARG D 333 63.67 -21.60 2.15
N HIS D 334 63.98 -21.82 0.86
CA HIS D 334 64.50 -23.11 0.32
C HIS D 334 66.02 -23.21 0.54
N GLU D 335 66.52 -24.39 0.96
CA GLU D 335 67.97 -24.66 1.16
C GLU D 335 68.61 -24.89 -0.22
N PHE D 336 68.97 -23.82 -0.95
CA PHE D 336 69.33 -23.86 -2.40
C PHE D 336 70.56 -23.00 -2.69
N ASP D 337 71.43 -23.47 -3.57
CA ASP D 337 72.65 -22.76 -4.04
C ASP D 337 72.77 -22.91 -5.55
N PRO D 338 73.06 -21.83 -6.32
CA PRO D 338 73.07 -21.88 -7.79
C PRO D 338 74.18 -22.75 -8.40
N ASP D 339 75.24 -23.06 -7.64
CA ASP D 339 76.38 -23.91 -8.08
C ASP D 339 76.28 -25.34 -7.52
N ARG D 340 75.80 -25.52 -6.28
CA ARG D 340 75.87 -26.82 -5.54
C ARG D 340 74.49 -27.46 -5.33
N GLY D 341 73.39 -26.84 -5.76
CA GLY D 341 72.02 -27.35 -5.53
C GLY D 341 71.70 -27.40 -4.04
N HIS D 342 71.20 -28.53 -3.54
CA HIS D 342 70.79 -28.71 -2.11
C HIS D 342 71.99 -28.83 -1.18
N ALA D 343 73.21 -28.98 -1.70
CA ALA D 343 74.42 -29.21 -0.87
C ALA D 343 75.02 -27.86 -0.42
N VAL D 344 74.31 -27.14 0.44
CA VAL D 344 74.65 -25.75 0.87
C VAL D 344 75.66 -25.81 2.01
N THR D 345 76.62 -24.86 2.01
CA THR D 345 77.72 -24.73 2.98
C THR D 345 77.34 -23.81 4.15
N VAL D 346 78.11 -23.86 5.22
CA VAL D 346 77.92 -23.02 6.43
C VAL D 346 78.15 -21.53 6.09
N GLU D 347 79.09 -21.22 5.19
CA GLU D 347 79.47 -19.83 4.83
C GLU D 347 78.25 -19.15 4.19
N ARG D 348 77.56 -19.85 3.30
CA ARG D 348 76.31 -19.41 2.65
C ARG D 348 75.17 -19.29 3.68
N MET D 349 75.08 -20.19 4.64
CA MET D 349 74.03 -20.17 5.69
C MET D 349 74.19 -18.89 6.52
N ILE D 350 75.42 -18.52 6.84
CA ILE D 350 75.72 -17.32 7.67
C ILE D 350 75.37 -16.04 6.90
N GLN D 351 75.66 -16.02 5.60
CA GLN D 351 75.33 -14.90 4.67
C GLN D 351 73.81 -14.68 4.66
N ASP D 352 73.01 -15.75 4.57
CA ASP D 352 71.53 -15.71 4.53
C ASP D 352 71.01 -15.05 5.81
N ILE D 353 71.48 -15.49 6.97
CA ILE D 353 70.98 -15.05 8.31
C ILE D 353 71.28 -13.57 8.53
N LYS D 354 72.51 -13.12 8.29
CA LYS D 354 72.92 -11.69 8.48
C LYS D 354 72.11 -10.78 7.56
N LEU D 355 71.90 -11.17 6.31
CA LEU D 355 71.05 -10.43 5.34
C LEU D 355 69.61 -10.36 5.86
N MET D 356 69.08 -11.46 6.39
CA MET D 356 67.68 -11.49 6.93
C MET D 356 67.54 -10.49 8.07
N LYS D 357 68.46 -10.50 9.04
CA LYS D 357 68.41 -9.62 10.23
C LYS D 357 68.63 -8.15 9.84
N GLN D 358 69.48 -7.88 8.85
CA GLN D 358 69.72 -6.50 8.34
C GLN D 358 68.48 -5.95 7.61
N HIS D 359 67.48 -6.77 7.29
CA HIS D 359 66.23 -6.32 6.63
C HIS D 359 65.03 -6.53 7.53
N ASN D 360 65.23 -6.56 8.86
CA ASN D 360 64.17 -6.57 9.90
C ASN D 360 63.32 -7.86 9.84
N ILE D 361 63.80 -8.97 9.26
CA ILE D 361 63.10 -10.29 9.33
C ILE D 361 63.41 -10.95 10.70
N ASN D 362 62.39 -11.46 11.41
CA ASN D 362 62.57 -12.13 12.74
C ASN D 362 62.28 -13.65 12.70
N THR D 363 61.75 -14.20 11.60
CA THR D 363 61.26 -15.61 11.54
C THR D 363 61.54 -16.24 10.16
N VAL D 364 61.88 -17.53 10.15
CA VAL D 364 62.04 -18.31 8.87
CA VAL D 364 62.04 -18.30 8.88
C VAL D 364 61.22 -19.60 8.97
N ARG D 365 60.48 -19.92 7.90
CA ARG D 365 59.81 -21.23 7.68
C ARG D 365 60.70 -22.09 6.78
N THR D 366 61.07 -23.31 7.21
CA THR D 366 61.91 -24.26 6.43
C THR D 366 61.05 -24.98 5.39
N SER D 367 60.70 -24.30 4.30
CA SER D 367 59.77 -24.77 3.23
C SER D 367 60.50 -25.73 2.30
N HIS D 368 60.03 -26.99 2.13
CA HIS D 368 59.05 -27.66 2.97
C HIS D 368 59.63 -28.99 3.49
N TYR D 369 60.76 -28.94 4.19
CA TYR D 369 61.44 -30.15 4.72
C TYR D 369 62.43 -29.71 5.77
N PRO D 370 62.89 -30.60 6.68
CA PRO D 370 63.94 -30.26 7.63
C PRO D 370 65.26 -29.91 6.92
N ASN D 371 65.95 -28.88 7.39
CA ASN D 371 67.25 -28.38 6.88
C ASN D 371 68.39 -29.14 7.60
N GLN D 372 69.65 -28.88 7.26
CA GLN D 372 70.82 -29.44 8.00
C GLN D 372 70.74 -28.99 9.45
N THR D 373 71.37 -29.73 10.38
CA THR D 373 71.27 -29.48 11.85
C THR D 373 71.93 -28.14 12.20
N LYS D 374 72.96 -27.75 11.44
CA LYS D 374 73.74 -26.51 11.68
C LYS D 374 72.89 -25.24 11.43
N TRP D 375 71.85 -25.31 10.60
CA TRP D 375 70.91 -24.19 10.37
C TRP D 375 70.22 -23.81 11.69
N TYR D 376 69.76 -24.78 12.47
CA TYR D 376 68.96 -24.54 13.70
C TYR D 376 69.88 -24.04 14.79
N ASP D 377 71.12 -24.53 14.85
CA ASP D 377 72.18 -24.05 15.78
C ASP D 377 72.48 -22.56 15.52
N LEU D 378 72.58 -22.13 14.27
CA LEU D 378 72.88 -20.71 13.92
C LEU D 378 71.67 -19.79 14.25
N CYS D 379 70.43 -20.27 14.05
CA CYS D 379 69.19 -19.55 14.47
C CYS D 379 69.12 -19.39 16.00
N ASP D 380 69.64 -20.36 16.77
CA ASP D 380 69.75 -20.26 18.26
C ASP D 380 70.79 -19.18 18.64
N TYR D 381 71.90 -19.10 17.91
CA TYR D 381 73.07 -18.25 18.24
C TYR D 381 72.84 -16.79 17.79
N PHE D 382 72.37 -16.57 16.56
CA PHE D 382 72.16 -15.20 16.00
C PHE D 382 70.81 -14.61 16.46
N GLY D 383 69.77 -15.43 16.61
CA GLY D 383 68.43 -15.02 17.07
C GLY D 383 67.44 -14.86 15.92
N LEU D 384 66.88 -15.98 15.44
CA LEU D 384 65.67 -16.01 14.58
C LEU D 384 64.69 -17.04 15.17
N TYR D 385 63.39 -16.77 15.14
CA TYR D 385 62.29 -17.74 15.34
C TYR D 385 62.19 -18.69 14.14
N VAL D 386 61.91 -19.99 14.38
CA VAL D 386 61.84 -21.02 13.30
C VAL D 386 60.50 -21.76 13.36
N ILE D 387 59.89 -21.96 12.18
CA ILE D 387 58.78 -22.94 11.91
C ILE D 387 59.41 -24.13 11.17
N ASP D 388 59.65 -25.25 11.89
CA ASP D 388 60.26 -26.53 11.37
C ASP D 388 59.17 -27.42 10.77
N GLU D 389 59.31 -27.81 9.50
CA GLU D 389 58.26 -28.48 8.70
C GLU D 389 58.74 -29.88 8.27
N ALA D 390 57.88 -30.91 8.38
CA ALA D 390 58.18 -32.32 8.01
C ALA D 390 58.18 -32.47 6.49
N ASN D 391 58.96 -33.42 5.96
CA ASN D 391 59.11 -33.65 4.49
C ASN D 391 57.91 -34.46 3.98
N ILE D 392 56.74 -33.83 3.84
CA ILE D 392 55.47 -34.48 3.37
C ILE D 392 54.73 -33.48 2.48
N GLU D 393 54.69 -33.74 1.17
CA GLU D 393 53.89 -32.99 0.18
C GLU D 393 53.50 -33.94 -0.97
N SER D 394 52.20 -34.10 -1.23
CA SER D 394 51.64 -34.96 -2.30
C SER D 394 50.61 -34.18 -3.11
N HIS D 395 51.00 -33.01 -3.60
CA HIS D 395 50.17 -32.07 -4.40
C HIS D 395 49.62 -32.77 -5.65
N GLY D 396 50.49 -33.50 -6.36
CA GLY D 396 50.16 -34.22 -7.61
C GLY D 396 49.06 -35.28 -7.46
N ILE D 397 48.81 -35.77 -6.24
CA ILE D 397 47.68 -36.71 -5.96
C ILE D 397 46.49 -35.88 -5.48
N ASP D 398 45.28 -36.14 -6.01
CA ASP D 398 44.05 -35.36 -5.76
C ASP D 398 43.70 -35.40 -4.26
N TRP D 399 43.24 -34.27 -3.70
CA TRP D 399 42.94 -34.10 -2.25
C TRP D 399 41.52 -34.55 -1.90
N ASP D 400 40.78 -35.19 -2.82
CA ASP D 400 39.48 -35.84 -2.54
C ASP D 400 39.68 -36.89 -1.44
N PRO D 401 38.76 -37.02 -0.46
CA PRO D 401 38.97 -37.88 0.71
C PRO D 401 39.28 -39.37 0.42
N GLU D 402 38.81 -39.88 -0.72
CA GLU D 402 38.98 -41.30 -1.15
C GLU D 402 40.34 -41.48 -1.84
N VAL D 403 40.82 -40.44 -2.54
CA VAL D 403 42.05 -40.49 -3.39
C VAL D 403 43.26 -40.16 -2.52
N THR D 404 43.21 -39.09 -1.72
CA THR D 404 44.40 -38.49 -1.04
C THR D 404 45.15 -39.55 -0.24
N LEU D 405 46.49 -39.52 -0.29
CA LEU D 405 47.37 -40.45 0.48
C LEU D 405 47.25 -40.18 1.99
N ALA D 406 46.66 -39.04 2.39
CA ALA D 406 46.45 -38.68 3.80
C ALA D 406 45.32 -39.52 4.45
N ASN D 407 44.50 -40.24 3.66
CA ASN D 407 43.41 -41.11 4.17
C ASN D 407 43.60 -42.60 3.82
N ARG D 408 44.73 -43.01 3.26
CA ARG D 408 44.97 -44.41 2.78
C ARG D 408 45.78 -45.18 3.83
N TRP D 409 45.29 -46.36 4.26
CA TRP D 409 45.86 -47.14 5.39
C TRP D 409 47.30 -47.60 5.08
N GLU D 410 47.64 -47.83 3.81
CA GLU D 410 48.99 -48.35 3.43
C GLU D 410 50.04 -47.22 3.48
N TRP D 411 49.64 -45.94 3.56
CA TRP D 411 50.58 -44.79 3.66
C TRP D 411 50.71 -44.27 5.10
N GLU D 412 50.05 -44.91 6.07
CA GLU D 412 49.94 -44.43 7.48
C GLU D 412 51.32 -44.37 8.13
N LYS D 413 52.13 -45.42 8.03
CA LYS D 413 53.44 -45.48 8.73
C LYS D 413 54.47 -44.56 8.03
N ALA D 414 54.33 -44.26 6.75
CA ALA D 414 55.24 -43.34 6.03
C ALA D 414 55.04 -41.90 6.57
N HIS D 415 53.79 -41.46 6.76
CA HIS D 415 53.44 -40.14 7.34
C HIS D 415 53.97 -40.04 8.77
N PHE D 416 53.82 -41.09 9.56
CA PHE D 416 54.21 -41.09 10.99
C PHE D 416 55.73 -40.99 11.13
N ASP D 417 56.49 -41.75 10.35
CA ASP D 417 57.98 -41.82 10.41
C ASP D 417 58.61 -40.45 10.09
N ARG D 418 58.14 -39.79 9.03
CA ARG D 418 58.63 -38.47 8.56
C ARG D 418 58.43 -37.40 9.66
N ILE D 419 57.26 -37.39 10.30
CA ILE D 419 56.95 -36.41 11.39
C ILE D 419 57.79 -36.74 12.61
N LYS D 420 57.87 -38.01 13.03
CA LYS D 420 58.60 -38.43 14.25
C LYS D 420 60.11 -38.21 14.13
N ARG D 421 60.71 -38.50 12.97
CA ARG D 421 62.17 -38.31 12.78
C ARG D 421 62.56 -36.83 12.88
N MET D 422 61.74 -35.90 12.39
CA MET D 422 61.97 -34.44 12.55
C MET D 422 61.94 -34.04 14.04
N VAL D 423 60.86 -34.41 14.75
CA VAL D 423 60.62 -33.98 16.17
C VAL D 423 61.75 -34.51 17.03
N GLU D 424 62.12 -35.80 16.91
CA GLU D 424 63.16 -36.39 17.80
C GLU D 424 64.53 -35.75 17.55
N ARG D 425 64.87 -35.42 16.29
CA ARG D 425 66.16 -34.75 15.96
C ARG D 425 66.22 -33.34 16.56
N ASP D 426 65.14 -32.55 16.47
CA ASP D 426 65.20 -31.06 16.61
C ASP D 426 64.58 -30.54 17.92
N LYS D 427 64.14 -31.41 18.84
CA LYS D 427 63.31 -31.04 20.03
C LYS D 427 64.03 -30.16 21.05
N ASN D 428 65.36 -30.03 21.06
CA ASN D 428 66.07 -29.22 22.09
C ASN D 428 66.36 -27.76 21.66
N HIS D 429 66.08 -27.31 20.42
CA HIS D 429 66.48 -25.95 19.95
C HIS D 429 65.51 -24.88 20.45
N PRO D 430 65.93 -23.86 21.23
CA PRO D 430 65.01 -22.81 21.63
C PRO D 430 64.41 -21.95 20.48
N SER D 431 65.09 -21.88 19.32
CA SER D 431 64.64 -21.10 18.13
C SER D 431 63.31 -21.65 17.57
N ILE D 432 63.06 -22.96 17.70
CA ILE D 432 61.85 -23.61 17.13
C ILE D 432 60.65 -23.31 18.02
N ILE D 433 59.65 -22.59 17.48
CA ILE D 433 58.41 -22.18 18.20
C ILE D 433 57.19 -22.95 17.67
N PHE D 434 57.17 -23.41 16.42
CA PHE D 434 56.05 -24.19 15.83
C PHE D 434 56.59 -25.45 15.16
N TRP D 435 55.84 -26.57 15.28
CA TRP D 435 55.99 -27.79 14.44
C TRP D 435 54.97 -27.69 13.31
N SER D 436 55.37 -27.80 12.04
CA SER D 436 54.44 -27.89 10.87
C SER D 436 54.41 -29.34 10.34
N LEU D 437 53.24 -29.91 10.07
CA LEU D 437 53.04 -31.34 9.69
C LEU D 437 53.46 -31.60 8.23
N GLY D 438 53.49 -30.56 7.39
CA GLY D 438 53.76 -30.70 5.96
C GLY D 438 53.15 -29.56 5.16
N ASN D 439 52.92 -29.76 3.87
CA ASN D 439 52.43 -28.71 2.95
C ASN D 439 51.65 -29.34 1.80
N GLU D 440 50.41 -28.91 1.58
CA GLU D 440 49.57 -29.20 0.38
C GLU D 440 49.49 -30.71 0.13
N ALA D 441 49.17 -31.50 1.16
CA ALA D 441 49.21 -32.98 1.16
C ALA D 441 47.84 -33.56 1.52
N GLY D 442 46.76 -32.79 1.42
CA GLY D 442 45.39 -33.23 1.75
C GLY D 442 45.18 -33.34 3.26
N ASP D 443 44.00 -33.81 3.66
CA ASP D 443 43.61 -33.95 5.08
C ASP D 443 43.07 -35.36 5.32
N GLY D 444 43.34 -35.92 6.48
CA GLY D 444 42.85 -37.26 6.84
C GLY D 444 43.47 -37.78 8.11
N VAL D 445 43.21 -39.05 8.39
CA VAL D 445 43.54 -39.73 9.67
C VAL D 445 45.05 -39.86 9.81
N ASN D 446 45.79 -39.97 8.71
CA ASN D 446 47.26 -40.12 8.74
C ASN D 446 47.90 -38.88 9.39
N PHE D 447 47.35 -37.67 9.19
CA PHE D 447 47.87 -36.43 9.85
C PHE D 447 47.32 -36.31 11.27
N GLU D 448 46.01 -36.52 11.44
CA GLU D 448 45.33 -36.42 12.77
C GLU D 448 46.08 -37.24 13.82
N LYS D 449 46.45 -38.49 13.52
CA LYS D 449 47.13 -39.39 14.49
C LYS D 449 48.56 -38.91 14.79
N ALA D 450 49.32 -38.47 13.80
CA ALA D 450 50.70 -37.97 14.01
C ALA D 450 50.68 -36.69 14.87
N ALA D 451 49.66 -35.83 14.69
CA ALA D 451 49.54 -34.54 15.41
C ALA D 451 49.20 -34.79 16.88
N LEU D 452 48.36 -35.79 17.21
CA LEU D 452 48.06 -36.17 18.63
C LEU D 452 49.29 -36.79 19.31
N TRP D 453 50.15 -37.51 18.58
CA TRP D 453 51.43 -38.05 19.11
C TRP D 453 52.38 -36.90 19.50
N ILE D 454 52.52 -35.86 18.65
CA ILE D 454 53.47 -34.73 18.95
C ILE D 454 53.06 -34.09 20.28
N LYS D 455 51.77 -33.80 20.46
CA LYS D 455 51.28 -32.99 21.61
C LYS D 455 51.51 -33.74 22.92
N LYS D 456 51.38 -35.08 22.94
CA LYS D 456 51.64 -35.91 24.14
C LYS D 456 53.14 -36.06 24.39
N ARG D 457 53.98 -35.86 23.39
CA ARG D 457 55.47 -35.97 23.51
C ARG D 457 56.07 -34.63 23.97
N ASP D 458 55.62 -33.51 23.36
CA ASP D 458 56.17 -32.14 23.56
C ASP D 458 54.99 -31.19 23.76
N ASN D 459 54.78 -30.66 24.96
CA ASN D 459 53.72 -29.66 25.26
C ASN D 459 54.26 -28.21 25.22
N THR D 460 55.48 -27.95 24.71
CA THR D 460 56.13 -26.61 24.75
C THR D 460 56.06 -25.86 23.40
N ARG D 461 55.51 -26.44 22.33
CA ARG D 461 55.43 -25.76 21.00
C ARG D 461 54.02 -25.89 20.42
N LEU D 462 53.65 -25.03 19.47
CA LEU D 462 52.33 -25.04 18.82
C LEU D 462 52.40 -25.85 17.51
N ILE D 463 51.29 -26.43 17.10
CA ILE D 463 51.20 -27.24 15.85
C ILE D 463 50.46 -26.42 14.77
N HIS D 464 50.99 -26.47 13.56
CA HIS D 464 50.52 -25.74 12.36
C HIS D 464 50.33 -26.77 11.22
N TYR D 465 49.24 -26.69 10.47
CA TYR D 465 49.08 -27.40 9.17
C TYR D 465 48.01 -26.70 8.35
N GLU D 466 48.40 -26.02 7.27
CA GLU D 466 47.44 -25.29 6.38
C GLU D 466 46.55 -26.25 5.59
N GLY D 467 46.99 -27.48 5.33
CA GLY D 467 46.15 -28.47 4.63
C GLY D 467 44.83 -28.78 5.33
N THR D 468 44.73 -28.63 6.66
CA THR D 468 43.46 -28.86 7.42
C THR D 468 42.70 -27.53 7.59
N THR D 469 43.34 -26.40 7.92
CA THR D 469 42.59 -25.12 8.20
C THR D 469 42.02 -24.49 6.92
N ARG D 470 42.50 -24.84 5.72
CA ARG D 470 41.88 -24.37 4.46
C ARG D 470 40.46 -24.92 4.29
N ARG D 471 40.09 -26.00 4.98
CA ARG D 471 38.74 -26.62 4.91
C ARG D 471 37.86 -26.13 6.08
N GLY D 472 38.39 -25.28 6.96
CA GLY D 472 37.72 -24.77 8.17
C GLY D 472 38.48 -25.11 9.45
N GLU D 473 37.85 -24.91 10.60
CA GLU D 473 38.38 -25.22 11.96
C GLU D 473 38.80 -26.70 12.03
N SER D 474 39.90 -26.99 12.72
CA SER D 474 40.42 -28.37 12.94
C SER D 474 40.88 -28.52 14.38
N TYR D 475 40.50 -29.62 15.05
CA TYR D 475 40.75 -29.79 16.50
C TYR D 475 42.23 -30.09 16.78
N TYR D 476 43.02 -30.56 15.81
CA TYR D 476 44.38 -31.09 16.08
C TYR D 476 45.49 -30.05 15.79
N VAL D 477 45.17 -28.80 15.44
CA VAL D 477 46.18 -27.71 15.30
C VAL D 477 45.88 -26.61 16.32
N ASP D 478 46.89 -25.82 16.69
CA ASP D 478 46.80 -24.69 17.66
C ASP D 478 46.66 -23.33 16.95
N VAL D 479 47.01 -23.22 15.66
CA VAL D 479 47.09 -21.95 14.89
C VAL D 479 46.19 -22.08 13.66
N PHE D 480 45.43 -21.04 13.34
CA PHE D 480 44.64 -20.95 12.09
C PHE D 480 45.53 -20.35 11.00
N SER D 481 45.81 -21.10 9.94
CA SER D 481 46.76 -20.73 8.87
C SER D 481 46.10 -20.83 7.49
N LEU D 482 46.30 -19.81 6.64
CA LEU D 482 45.84 -19.77 5.22
C LEU D 482 46.98 -19.27 4.33
N MET D 483 46.92 -19.58 3.05
CA MET D 483 47.91 -19.22 2.02
C MET D 483 47.29 -18.14 1.11
N TYR D 484 47.99 -17.04 0.89
CA TYR D 484 47.57 -15.94 -0.01
C TYR D 484 46.13 -15.46 0.23
N PRO D 485 45.65 -15.26 1.49
CA PRO D 485 44.29 -14.74 1.69
C PRO D 485 44.14 -13.26 1.29
N LYS D 486 42.99 -12.87 0.73
CA LYS D 486 42.68 -11.43 0.46
C LYS D 486 42.28 -10.72 1.77
N MET D 487 42.29 -9.39 1.73
CA MET D 487 42.08 -8.51 2.91
C MET D 487 40.73 -8.78 3.58
N ASP D 488 39.67 -9.02 2.83
CA ASP D 488 38.32 -9.25 3.39
C ASP D 488 38.33 -10.50 4.30
N ILE D 489 39.16 -11.52 4.01
CA ILE D 489 39.28 -12.77 4.84
C ILE D 489 39.85 -12.40 6.21
N LEU D 490 40.91 -11.58 6.28
CA LEU D 490 41.51 -11.13 7.56
C LEU D 490 40.50 -10.32 8.37
N LEU D 491 39.75 -9.40 7.72
CA LEU D 491 38.80 -8.51 8.43
C LEU D 491 37.62 -9.34 8.94
N GLU D 492 37.20 -10.38 8.21
CA GLU D 492 36.14 -11.31 8.69
C GLU D 492 36.61 -12.10 9.92
N TYR D 493 37.82 -12.70 9.93
CA TYR D 493 38.35 -13.49 11.09
C TYR D 493 38.37 -12.62 12.35
N ALA D 494 38.81 -11.36 12.22
CA ALA D 494 38.94 -10.39 13.34
C ALA D 494 37.58 -9.88 13.84
N SER D 495 36.46 -10.11 13.14
CA SER D 495 35.13 -9.52 13.43
C SER D 495 34.33 -10.31 14.50
N LYS D 496 34.82 -11.45 15.01
CA LYS D 496 34.15 -12.24 16.08
C LYS D 496 35.20 -12.75 17.07
N LYS D 497 34.77 -13.27 18.22
CA LYS D 497 35.69 -13.85 19.23
C LYS D 497 36.29 -15.15 18.66
N ARG D 498 37.59 -15.35 18.85
CA ARG D 498 38.32 -16.54 18.33
C ARG D 498 39.16 -17.09 19.47
N GLU D 499 39.40 -18.41 19.49
CA GLU D 499 40.30 -19.07 20.46
C GLU D 499 41.73 -19.19 19.91
N LYS D 500 41.92 -19.06 18.59
CA LYS D 500 43.23 -19.33 17.94
C LYS D 500 43.69 -18.10 17.16
N PRO D 501 45.01 -17.79 17.17
CA PRO D 501 45.56 -16.72 16.33
C PRO D 501 45.64 -17.09 14.84
N PHE D 502 45.53 -16.07 13.98
CA PHE D 502 45.56 -16.20 12.49
C PHE D 502 46.99 -15.91 12.02
N ILE D 503 47.61 -16.83 11.27
CA ILE D 503 48.99 -16.67 10.68
C ILE D 503 48.92 -16.94 9.18
N MET D 504 49.60 -16.14 8.35
CA MET D 504 49.67 -16.42 6.89
C MET D 504 50.97 -17.18 6.63
N CYS D 505 50.91 -18.50 6.44
CA CYS D 505 52.13 -19.33 6.19
C CYS D 505 52.78 -18.95 4.84
N GLU D 506 52.02 -18.43 3.87
CA GLU D 506 52.59 -17.81 2.64
C GLU D 506 51.75 -16.59 2.24
N TYR D 507 52.36 -15.45 1.94
CA TYR D 507 51.61 -14.28 1.41
C TYR D 507 52.56 -13.45 0.54
N ALA D 508 52.04 -12.43 -0.16
CA ALA D 508 52.84 -11.47 -0.98
C ALA D 508 53.83 -12.22 -1.90
N HIS D 509 53.33 -12.99 -2.85
CA HIS D 509 54.11 -13.83 -3.80
C HIS D 509 55.12 -12.93 -4.53
N ALA D 510 56.44 -13.16 -4.37
CA ALA D 510 57.49 -12.24 -4.88
C ALA D 510 58.06 -12.68 -6.24
N MET D 511 57.29 -13.39 -7.08
CA MET D 511 57.69 -13.81 -8.46
C MET D 511 57.90 -12.58 -9.38
N GLY D 512 59.11 -12.38 -9.91
CA GLY D 512 59.42 -11.24 -10.80
C GLY D 512 59.45 -9.91 -10.06
N ASN D 513 58.92 -8.85 -10.67
CA ASN D 513 58.81 -7.46 -10.12
C ASN D 513 57.46 -7.39 -9.37
N SER D 514 57.47 -7.45 -8.03
CA SER D 514 56.25 -7.81 -7.24
C SER D 514 56.28 -7.21 -5.81
N VAL D 515 55.48 -7.75 -4.88
CA VAL D 515 55.39 -7.33 -3.45
C VAL D 515 54.74 -5.93 -3.40
N GLY D 516 53.62 -5.78 -4.12
CA GLY D 516 52.69 -4.63 -4.00
C GLY D 516 51.80 -4.72 -2.77
N ASN D 517 51.29 -3.57 -2.32
CA ASN D 517 50.36 -3.41 -1.18
C ASN D 517 50.84 -4.15 0.09
N LEU D 518 52.15 -4.21 0.38
CA LEU D 518 52.67 -4.85 1.65
C LEU D 518 52.23 -4.03 2.87
N LYS D 519 52.32 -2.70 2.81
CA LYS D 519 51.93 -1.81 3.93
C LYS D 519 50.44 -1.94 4.24
N ASP D 520 49.58 -2.22 3.26
CA ASP D 520 48.11 -2.35 3.48
C ASP D 520 47.81 -3.60 4.35
N TYR D 521 48.50 -4.74 4.16
CA TYR D 521 48.37 -5.95 5.02
C TYR D 521 48.76 -5.58 6.46
N TRP D 522 49.89 -4.90 6.64
CA TRP D 522 50.42 -4.59 7.99
C TRP D 522 49.64 -3.46 8.69
N ASP D 523 48.95 -2.57 7.96
CA ASP D 523 48.01 -1.61 8.60
C ASP D 523 46.81 -2.38 9.18
N VAL D 524 46.34 -3.45 8.55
CA VAL D 524 45.24 -4.29 9.13
C VAL D 524 45.76 -5.16 10.30
N ILE D 525 46.90 -5.83 10.18
CA ILE D 525 47.45 -6.77 11.22
C ILE D 525 47.67 -6.04 12.56
N GLU D 526 48.15 -4.80 12.53
CA GLU D 526 48.53 -4.01 13.74
C GLU D 526 47.32 -3.29 14.36
N LYS D 527 46.15 -3.27 13.72
CA LYS D 527 44.93 -2.55 14.19
C LYS D 527 43.87 -3.50 14.78
N TYR D 528 43.75 -4.75 14.28
CA TYR D 528 42.63 -5.68 14.58
C TYR D 528 43.13 -6.85 15.44
N PRO D 529 42.28 -7.42 16.33
CA PRO D 529 42.68 -8.55 17.20
C PRO D 529 42.82 -9.89 16.47
N TYR D 530 43.61 -10.81 17.03
CA TYR D 530 43.80 -12.22 16.60
C TYR D 530 44.71 -12.35 15.35
N LEU D 531 45.23 -11.26 14.77
CA LEU D 531 46.08 -11.30 13.55
C LEU D 531 47.52 -11.16 13.99
N HIS D 532 48.37 -12.16 13.74
CA HIS D 532 49.74 -12.20 14.32
C HIS D 532 50.85 -12.30 13.25
N GLY D 533 50.58 -12.04 11.97
CA GLY D 533 51.64 -11.85 10.95
C GLY D 533 51.70 -12.98 9.96
N GLY D 534 52.90 -13.31 9.45
CA GLY D 534 53.02 -14.24 8.31
C GLY D 534 54.42 -14.30 7.70
N CYS D 535 54.59 -15.20 6.72
CA CYS D 535 55.86 -15.46 6.02
C CYS D 535 55.71 -15.16 4.51
N ILE D 536 56.52 -14.25 3.98
CA ILE D 536 56.58 -13.88 2.53
C ILE D 536 57.09 -15.10 1.74
N TRP D 537 56.48 -15.38 0.58
CA TRP D 537 56.93 -16.43 -0.38
C TRP D 537 57.67 -15.76 -1.53
N ASP D 538 59.02 -15.83 -1.64
CA ASP D 538 59.95 -16.50 -0.74
C ASP D 538 61.30 -15.80 -0.78
N TRP D 539 62.35 -16.38 -0.18
CA TRP D 539 63.66 -15.73 0.05
C TRP D 539 64.49 -15.66 -1.25
N VAL D 540 64.86 -16.80 -1.84
CA VAL D 540 65.89 -16.87 -2.93
C VAL D 540 65.31 -17.50 -4.20
N ASP D 541 65.51 -16.84 -5.36
CA ASP D 541 65.25 -17.38 -6.72
C ASP D 541 66.05 -18.69 -6.93
N GLN D 542 65.40 -19.80 -7.28
CA GLN D 542 66.05 -21.11 -7.61
C GLN D 542 66.49 -21.09 -9.09
N GLY D 543 67.46 -20.26 -9.43
CA GLY D 543 68.09 -20.18 -10.76
C GLY D 543 69.45 -20.86 -10.72
N ILE D 544 69.74 -21.70 -11.71
CA ILE D 544 71.02 -22.47 -11.80
C ILE D 544 71.97 -21.69 -12.72
N ARG D 545 73.18 -21.43 -12.26
CA ARG D 545 74.23 -20.74 -13.05
C ARG D 545 74.59 -21.61 -14.25
N LYS D 546 74.49 -21.07 -15.47
CA LYS D 546 74.79 -21.76 -16.76
C LYS D 546 75.49 -20.78 -17.71
N LYS D 547 76.17 -21.30 -18.74
CA LYS D 547 76.83 -20.51 -19.82
C LYS D 547 76.14 -20.77 -21.16
N ASP D 548 75.95 -19.73 -21.96
CA ASP D 548 75.34 -19.80 -23.32
C ASP D 548 76.43 -20.11 -24.35
N GLU D 549 76.12 -19.97 -25.65
CA GLU D 549 77.00 -20.36 -26.79
C GLU D 549 78.24 -19.45 -26.82
N ASN D 550 78.03 -18.14 -26.61
CA ASN D 550 79.09 -17.10 -26.64
C ASN D 550 79.91 -17.14 -25.34
N GLY D 551 79.37 -17.78 -24.28
CA GLY D 551 80.05 -18.01 -22.99
C GLY D 551 79.80 -16.89 -22.01
N ARG D 552 78.64 -16.22 -22.09
CA ARG D 552 78.18 -15.20 -21.12
C ARG D 552 77.19 -15.86 -20.16
N GLU D 553 77.37 -15.65 -18.85
CA GLU D 553 76.60 -16.32 -17.76
C GLU D 553 75.15 -15.84 -17.79
N PHE D 554 74.22 -16.76 -17.54
CA PHE D 554 72.81 -16.44 -17.22
C PHE D 554 72.29 -17.38 -16.13
N TRP D 555 71.16 -17.02 -15.54
CA TRP D 555 70.40 -17.83 -14.55
C TRP D 555 69.37 -18.66 -15.31
N ALA D 556 69.46 -19.99 -15.22
CA ALA D 556 68.65 -20.96 -15.97
C ALA D 556 67.43 -21.35 -15.15
N TYR D 557 66.31 -21.63 -15.81
CA TYR D 557 65.05 -22.10 -15.18
C TYR D 557 64.44 -23.21 -16.05
N GLY D 558 63.26 -23.71 -15.67
CA GLY D 558 62.56 -24.82 -16.34
C GLY D 558 62.64 -24.72 -17.85
N GLY D 559 63.07 -25.78 -18.53
CA GLY D 559 63.12 -25.89 -20.01
C GLY D 559 64.44 -25.40 -20.59
N ASP D 560 65.45 -25.14 -19.75
CA ASP D 560 66.82 -24.74 -20.18
C ASP D 560 67.80 -25.92 -20.05
N PHE D 561 67.29 -27.15 -19.90
CA PHE D 561 68.09 -28.41 -19.83
C PHE D 561 67.41 -29.51 -20.69
N GLY D 562 66.63 -29.11 -21.69
CA GLY D 562 65.81 -30.01 -22.52
C GLY D 562 64.83 -30.84 -21.71
N ASP D 563 64.49 -30.40 -20.49
CA ASP D 563 63.64 -31.15 -19.53
C ASP D 563 62.17 -30.89 -19.89
N THR D 564 61.40 -31.95 -20.12
CA THR D 564 59.97 -31.91 -20.57
C THR D 564 59.20 -33.05 -19.91
N PRO D 565 58.03 -32.81 -19.28
CA PRO D 565 57.43 -31.48 -19.15
C PRO D 565 58.13 -30.60 -18.09
N ASN D 566 57.96 -29.28 -18.18
CA ASN D 566 58.54 -28.28 -17.24
C ASN D 566 57.51 -27.18 -16.96
N ASP D 567 57.73 -26.41 -15.90
CA ASP D 567 56.85 -25.27 -15.49
C ASP D 567 57.62 -23.94 -15.59
N GLY D 568 58.61 -23.84 -16.50
CA GLY D 568 59.23 -22.56 -16.92
C GLY D 568 59.86 -21.80 -15.76
N ASN D 569 59.45 -20.54 -15.53
CA ASN D 569 60.09 -19.66 -14.50
C ASN D 569 59.25 -19.62 -13.21
N PHE D 570 58.38 -20.60 -12.95
CA PHE D 570 57.55 -20.64 -11.71
CA PHE D 570 57.55 -20.64 -11.71
C PHE D 570 58.38 -21.06 -10.50
N CYS D 571 59.67 -21.37 -10.69
CA CYS D 571 60.63 -21.63 -9.57
C CYS D 571 61.39 -20.34 -9.19
N ILE D 572 61.15 -19.22 -9.89
CA ILE D 572 61.84 -17.91 -9.68
C ILE D 572 60.89 -16.98 -8.91
N ASN D 573 60.88 -17.05 -7.57
CA ASN D 573 59.86 -16.40 -6.69
C ASN D 573 60.50 -15.56 -5.56
N GLY D 574 61.78 -15.20 -5.68
CA GLY D 574 62.56 -14.60 -4.59
C GLY D 574 62.49 -13.07 -4.46
N VAL D 575 62.92 -12.60 -3.28
CA VAL D 575 63.24 -11.21 -2.91
C VAL D 575 64.75 -10.98 -3.00
N VAL D 576 65.57 -12.02 -3.16
CA VAL D 576 67.02 -11.90 -3.57
C VAL D 576 67.29 -12.81 -4.76
N LEU D 577 68.22 -12.42 -5.64
CA LEU D 577 68.69 -13.21 -6.82
C LEU D 577 69.50 -14.41 -6.34
N PRO D 578 69.76 -15.43 -7.19
CA PRO D 578 70.37 -16.68 -6.73
C PRO D 578 71.70 -16.52 -5.97
N ASP D 579 72.50 -15.49 -6.27
CA ASP D 579 73.80 -15.22 -5.60
C ASP D 579 73.64 -14.30 -4.37
N ARG D 580 72.41 -14.02 -3.93
CA ARG D 580 72.06 -13.26 -2.69
C ARG D 580 72.20 -11.74 -2.90
N THR D 581 72.20 -11.26 -4.14
CA THR D 581 72.04 -9.82 -4.51
C THR D 581 70.57 -9.41 -4.27
N PRO D 582 70.29 -8.37 -3.45
CA PRO D 582 68.90 -7.96 -3.20
C PRO D 582 68.13 -7.44 -4.43
N GLU D 583 66.86 -7.82 -4.56
CA GLU D 583 65.92 -7.19 -5.52
C GLU D 583 65.41 -5.91 -4.84
N PRO D 584 64.99 -4.86 -5.59
CA PRO D 584 64.44 -3.62 -5.00
C PRO D 584 63.29 -3.82 -3.98
N GLU D 585 62.47 -4.85 -4.16
CA GLU D 585 61.35 -5.18 -3.23
C GLU D 585 61.85 -5.57 -1.82
N LEU D 586 63.11 -5.97 -1.62
CA LEU D 586 63.66 -6.24 -0.26
C LEU D 586 63.79 -4.92 0.55
N TYR D 587 63.94 -3.75 -0.08
CA TYR D 587 63.97 -2.44 0.60
C TYR D 587 62.55 -2.09 1.10
N GLU D 588 61.48 -2.46 0.40
CA GLU D 588 60.09 -2.29 0.92
C GLU D 588 59.85 -3.19 2.16
N VAL D 589 60.29 -4.44 2.13
CA VAL D 589 60.17 -5.40 3.30
C VAL D 589 60.85 -4.77 4.53
N LYS D 590 62.09 -4.29 4.37
CA LYS D 590 62.81 -3.67 5.51
C LYS D 590 62.01 -2.51 6.14
N LYS D 591 61.42 -1.63 5.31
CA LYS D 591 60.62 -0.45 5.77
C LYS D 591 59.36 -0.94 6.49
N VAL D 592 58.59 -1.84 5.91
CA VAL D 592 57.32 -2.31 6.52
C VAL D 592 57.58 -3.12 7.82
N TYR D 593 58.69 -3.86 7.93
CA TYR D 593 58.98 -4.73 9.10
C TYR D 593 59.69 -3.98 10.27
N GLN D 594 60.08 -2.70 10.12
CA GLN D 594 60.81 -1.92 11.17
C GLN D 594 59.99 -1.86 12.50
N ASN D 595 60.68 -1.78 13.65
CA ASN D 595 60.07 -1.90 15.00
C ASN D 595 60.01 -0.55 15.73
N VAL D 596 60.20 0.56 15.02
CA VAL D 596 59.94 1.94 15.55
C VAL D 596 58.89 2.60 14.65
N LYS D 597 57.84 3.18 15.24
CA LYS D 597 56.82 4.00 14.53
C LYS D 597 56.99 5.46 14.97
N ILE D 598 56.93 6.39 14.02
CA ILE D 598 57.11 7.87 14.25
C ILE D 598 55.92 8.61 13.62
N ARG D 599 55.22 9.40 14.43
CA ARG D 599 54.02 10.19 14.03
C ARG D 599 54.33 11.71 14.14
N GLN D 600 53.80 12.52 13.23
CA GLN D 600 53.89 14.01 13.27
C GLN D 600 52.72 14.55 14.10
N VAL D 601 53.01 15.20 15.22
CA VAL D 601 51.99 15.89 16.06
C VAL D 601 51.84 17.31 15.53
N SER D 602 52.95 18.05 15.47
CA SER D 602 53.09 19.37 14.81
C SER D 602 54.40 19.36 14.01
N LYS D 603 54.72 20.46 13.30
CA LYS D 603 55.91 20.53 12.40
C LYS D 603 57.21 20.37 13.19
N ASP D 604 57.23 20.76 14.48
CA ASP D 604 58.44 20.65 15.33
C ASP D 604 58.31 19.55 16.39
N THR D 605 57.19 18.82 16.48
CA THR D 605 56.93 17.82 17.56
C THR D 605 56.54 16.45 16.99
N TYR D 606 57.29 15.40 17.34
CA TYR D 606 57.17 14.01 16.81
C TYR D 606 57.03 13.02 17.98
N GLU D 607 56.04 12.13 17.89
CA GLU D 607 55.83 11.02 18.85
C GLU D 607 56.52 9.74 18.34
N VAL D 608 57.44 9.18 19.12
CA VAL D 608 58.20 7.94 18.82
C VAL D 608 57.61 6.76 19.64
N GLU D 609 57.14 5.70 18.97
CA GLU D 609 56.58 4.46 19.59
C GLU D 609 57.55 3.28 19.42
N ASN D 610 58.02 2.70 20.54
CA ASN D 610 58.88 1.48 20.59
C ASN D 610 58.00 0.23 20.44
N ARG D 611 58.19 -0.54 19.38
CA ARG D 611 57.42 -1.80 19.12
C ARG D 611 58.33 -3.03 19.26
N TYR D 612 59.57 -2.90 19.73
CA TYR D 612 60.38 -4.06 20.18
C TYR D 612 59.71 -4.66 21.44
N LEU D 613 59.86 -5.97 21.66
CA LEU D 613 59.28 -6.70 22.83
C LEU D 613 60.18 -6.56 24.07
N PHE D 614 61.50 -6.61 23.92
CA PHE D 614 62.50 -6.75 25.02
C PHE D 614 63.71 -5.79 24.88
N THR D 615 63.63 -4.72 24.08
CA THR D 615 64.75 -3.78 23.81
C THR D 615 64.32 -2.35 24.18
N ASN D 616 65.17 -1.60 24.87
CA ASN D 616 64.99 -0.14 25.16
C ASN D 616 65.56 0.66 23.99
N LEU D 617 64.89 1.72 23.52
CA LEU D 617 65.38 2.57 22.38
C LEU D 617 66.70 3.28 22.75
N GLU D 618 67.08 3.34 24.04
CA GLU D 618 68.37 3.91 24.49
C GLU D 618 69.57 3.14 23.91
N MET D 619 69.39 1.94 23.37
CA MET D 619 70.46 1.14 22.69
C MET D 619 70.84 1.74 21.32
N PHE D 620 70.01 2.62 20.74
CA PHE D 620 70.21 3.11 19.36
C PHE D 620 70.69 4.57 19.39
N ASP D 621 71.47 4.95 18.38
CA ASP D 621 71.81 6.36 18.06
C ASP D 621 70.71 6.99 17.19
N GLY D 622 70.03 8.01 17.69
CA GLY D 622 69.09 8.85 16.92
C GLY D 622 69.81 9.88 16.08
N ALA D 623 69.28 10.19 14.90
CA ALA D 623 69.73 11.37 14.10
C ALA D 623 68.52 11.98 13.38
N TRP D 624 68.52 13.29 13.18
CA TRP D 624 67.55 13.97 12.27
C TRP D 624 68.31 14.81 11.26
N LYS D 625 67.73 15.00 10.06
CA LYS D 625 68.33 15.76 8.93
C LYS D 625 67.24 16.60 8.25
N ILE D 626 67.54 17.83 7.87
CA ILE D 626 66.64 18.67 7.04
C ILE D 626 67.27 18.84 5.66
N ARG D 627 66.48 18.57 4.61
CA ARG D 627 66.90 18.73 3.18
C ARG D 627 66.13 19.89 2.55
N LYS D 628 66.81 20.72 1.77
CA LYS D 628 66.32 21.91 1.04
C LYS D 628 66.51 21.65 -0.44
N ASP D 629 65.41 21.54 -1.21
CA ASP D 629 65.42 21.06 -2.62
C ASP D 629 66.33 19.82 -2.77
N GLY D 630 66.25 18.89 -1.82
CA GLY D 630 66.92 17.58 -1.89
C GLY D 630 68.35 17.53 -1.35
N GLU D 631 68.91 18.62 -0.80
CA GLU D 631 70.32 18.65 -0.26
C GLU D 631 70.33 18.92 1.26
N VAL D 632 71.22 18.24 2.00
CA VAL D 632 71.29 18.34 3.50
C VAL D 632 71.82 19.72 3.88
N ILE D 633 71.09 20.46 4.73
CA ILE D 633 71.48 21.80 5.27
C ILE D 633 71.68 21.77 6.79
N GLU D 634 71.16 20.77 7.51
CA GLU D 634 71.26 20.65 8.98
C GLU D 634 71.15 19.18 9.38
N GLU D 635 72.05 18.71 10.26
CA GLU D 635 72.07 17.34 10.86
C GLU D 635 72.27 17.48 12.38
N LYS D 636 71.66 16.60 13.17
CA LYS D 636 71.80 16.59 14.65
C LYS D 636 71.56 15.17 15.21
N THR D 637 72.41 14.73 16.12
CA THR D 637 72.29 13.46 16.89
C THR D 637 71.47 13.69 18.15
N PHE D 638 70.80 12.64 18.65
CA PHE D 638 70.02 12.64 19.90
C PHE D 638 69.96 11.20 20.44
N LYS D 639 69.49 11.06 21.69
CA LYS D 639 69.19 9.77 22.35
C LYS D 639 67.84 9.92 23.06
N ILE D 640 67.01 8.89 23.00
CA ILE D 640 65.64 8.87 23.57
C ILE D 640 65.50 7.58 24.38
N PHE D 641 64.94 7.67 25.59
CA PHE D 641 64.69 6.55 26.53
C PHE D 641 63.22 6.16 26.39
N ALA D 642 62.95 4.95 25.90
CA ALA D 642 61.59 4.40 25.75
C ALA D 642 61.64 2.88 25.95
N GLU D 643 60.84 2.36 26.88
CA GLU D 643 60.72 0.92 27.18
C GLU D 643 59.78 0.30 26.15
N PRO D 644 59.79 -1.04 25.98
CA PRO D 644 58.85 -1.71 25.08
C PRO D 644 57.41 -1.22 25.30
N GLY D 645 56.77 -0.73 24.23
CA GLY D 645 55.38 -0.25 24.23
C GLY D 645 55.24 1.25 24.48
N GLU D 646 56.27 1.93 24.99
CA GLU D 646 56.16 3.37 25.38
C GLU D 646 56.18 4.29 24.14
N LYS D 647 55.40 5.39 24.23
CA LYS D 647 55.42 6.56 23.32
C LYS D 647 56.14 7.72 24.01
N ARG D 648 57.12 8.35 23.33
CA ARG D 648 57.90 9.51 23.84
C ARG D 648 57.91 10.65 22.80
N LEU D 649 57.86 11.90 23.26
CA LEU D 649 57.84 13.12 22.39
C LEU D 649 59.27 13.56 22.09
N LEU D 650 59.49 14.00 20.85
CA LEU D 650 60.78 14.52 20.34
C LEU D 650 60.54 15.91 19.73
N LYS D 651 61.25 16.92 20.23
CA LYS D 651 61.09 18.34 19.86
C LYS D 651 62.29 18.71 18.99
N ILE D 652 62.02 19.21 17.77
CA ILE D 652 63.06 19.57 16.77
C ILE D 652 62.93 21.08 16.49
N PRO D 653 63.92 21.91 16.87
CA PRO D 653 63.90 23.34 16.53
C PRO D 653 64.16 23.58 15.03
N LEU D 654 63.20 24.23 14.34
CA LEU D 654 63.24 24.46 12.87
C LEU D 654 63.90 25.79 12.56
N PRO D 655 64.65 25.89 11.44
CA PRO D 655 65.17 27.17 10.96
C PRO D 655 64.08 28.02 10.29
N GLU D 656 64.37 29.32 10.05
CA GLU D 656 63.58 30.17 9.12
C GLU D 656 63.76 29.61 7.72
N MET D 657 62.69 29.60 6.93
CA MET D 657 62.64 28.89 5.62
C MET D 657 62.35 29.92 4.52
N ASP D 658 62.96 29.71 3.35
CA ASP D 658 62.74 30.51 2.11
C ASP D 658 61.70 29.78 1.23
N ASP D 659 61.64 30.06 -0.08
CA ASP D 659 60.60 29.55 -1.02
C ASP D 659 60.89 28.10 -1.52
N SER D 660 62.00 27.47 -1.12
CA SER D 660 62.34 26.05 -1.39
C SER D 660 61.35 25.06 -0.72
N GLU D 661 61.40 23.80 -1.14
CA GLU D 661 60.72 22.64 -0.49
C GLU D 661 61.60 22.05 0.62
N TYR D 662 61.06 21.84 1.83
CA TYR D 662 61.83 21.30 2.99
C TYR D 662 61.25 19.95 3.44
N PHE D 663 62.10 18.92 3.56
CA PHE D 663 61.77 17.56 4.08
C PHE D 663 62.61 17.27 5.35
N LEU D 664 61.98 16.68 6.38
CA LEU D 664 62.66 16.15 7.61
C LEU D 664 62.79 14.62 7.53
N GLU D 665 63.96 14.06 7.82
CA GLU D 665 64.16 12.59 8.00
C GLU D 665 64.60 12.32 9.47
N ILE D 666 63.95 11.39 10.18
CA ILE D 666 64.35 10.89 11.54
C ILE D 666 64.73 9.41 11.41
N SER D 667 65.95 9.04 11.84
CA SER D 667 66.48 7.65 11.77
C SER D 667 67.04 7.17 13.13
N PHE D 668 67.12 5.84 13.27
CA PHE D 668 67.75 5.12 14.41
C PHE D 668 68.73 4.10 13.87
N SER D 669 69.94 4.08 14.40
CA SER D 669 71.06 3.19 13.97
C SER D 669 71.72 2.45 15.15
N LEU D 670 72.48 1.40 14.87
CA LEU D 670 73.24 0.62 15.89
C LEU D 670 74.35 1.50 16.49
N SER D 671 74.34 1.69 17.82
CA SER D 671 75.36 2.44 18.61
C SER D 671 76.73 1.78 18.49
N GLU D 672 76.78 0.44 18.49
CA GLU D 672 78.05 -0.34 18.38
C GLU D 672 77.79 -1.66 17.64
N ASP D 673 78.86 -2.30 17.20
CA ASP D 673 78.86 -3.57 16.40
C ASP D 673 78.02 -4.63 17.11
N THR D 674 77.34 -5.47 16.32
CA THR D 674 76.63 -6.70 16.75
C THR D 674 77.22 -7.87 15.99
N PRO D 675 76.88 -9.14 16.34
CA PRO D 675 77.29 -10.29 15.54
C PRO D 675 76.77 -10.29 14.10
N TRP D 676 75.66 -9.59 13.83
CA TRP D 676 74.99 -9.62 12.51
C TRP D 676 75.22 -8.33 11.71
N ALA D 677 75.74 -7.25 12.29
CA ALA D 677 75.93 -5.96 11.56
C ALA D 677 76.87 -5.01 12.31
N GLU D 678 77.35 -3.99 11.59
CA GLU D 678 78.36 -3.00 12.05
C GLU D 678 77.67 -1.75 12.62
N LYS D 679 78.40 -1.02 13.47
CA LYS D 679 78.02 0.31 14.00
C LYS D 679 77.56 1.22 12.85
N GLY D 680 76.43 1.92 13.02
CA GLY D 680 75.88 2.83 12.00
C GLY D 680 74.82 2.22 11.08
N HIS D 681 74.60 0.90 11.11
CA HIS D 681 73.50 0.22 10.37
C HIS D 681 72.18 0.88 10.79
N VAL D 682 71.36 1.31 9.84
CA VAL D 682 70.02 1.90 10.14
C VAL D 682 69.00 0.76 10.35
N VAL D 683 68.22 0.80 11.43
CA VAL D 683 67.18 -0.21 11.76
C VAL D 683 65.80 0.40 11.48
N ALA D 684 65.65 1.73 11.47
CA ALA D 684 64.34 2.38 11.29
C ALA D 684 64.53 3.83 10.87
N TRP D 685 63.65 4.34 10.00
CA TRP D 685 63.61 5.76 9.56
C TRP D 685 62.19 6.14 9.17
N GLU D 686 61.85 7.43 9.22
CA GLU D 686 60.61 8.02 8.66
C GLU D 686 60.89 9.46 8.14
N GLN D 687 60.14 9.92 7.13
CA GLN D 687 60.31 11.25 6.49
C GLN D 687 58.99 12.00 6.52
N PHE D 688 59.03 13.32 6.57
CA PHE D 688 57.85 14.23 6.67
C PHE D 688 58.15 15.52 5.87
N LEU D 689 57.14 16.00 5.13
CA LEU D 689 57.17 17.35 4.48
C LEU D 689 57.06 18.43 5.57
N LEU D 690 58.02 19.36 5.64
CA LEU D 690 57.95 20.53 6.57
C LEU D 690 57.25 21.69 5.85
N LYS D 691 57.65 22.03 4.61
CA LYS D 691 57.07 23.17 3.87
C LYS D 691 57.09 22.90 2.38
N ALA D 692 55.95 23.10 1.72
CA ALA D 692 55.77 23.10 0.26
C ALA D 692 56.48 24.30 -0.35
N PRO D 693 56.97 24.22 -1.60
CA PRO D 693 57.64 25.36 -2.21
C PRO D 693 56.66 26.44 -2.69
N ALA D 694 57.16 27.65 -2.96
CA ALA D 694 56.42 28.74 -3.64
C ALA D 694 56.86 28.77 -5.10
N PHE D 695 55.97 28.41 -6.03
CA PHE D 695 56.28 28.39 -7.48
C PHE D 695 56.31 29.81 -8.03
N GLU D 696 57.26 30.08 -8.93
CA GLU D 696 57.42 31.39 -9.62
C GLU D 696 56.91 31.24 -11.07
N LYS D 697 56.18 32.25 -11.55
CA LYS D 697 55.66 32.37 -12.94
C LYS D 697 56.24 33.64 -13.56
N LYS D 698 57.07 33.50 -14.58
CA LYS D 698 57.79 34.63 -15.22
C LYS D 698 57.17 34.95 -16.58
N SER D 699 56.93 36.23 -16.86
CA SER D 699 56.48 36.76 -18.18
C SER D 699 57.64 36.74 -19.18
N ILE D 700 57.51 35.97 -20.26
CA ILE D 700 58.51 35.92 -21.36
C ILE D 700 58.14 37.02 -22.37
N SER D 701 59.11 37.85 -22.77
CA SER D 701 58.94 38.98 -23.72
C SER D 701 59.58 38.67 -25.09
N ASP D 702 60.54 37.74 -25.17
CA ASP D 702 61.27 37.39 -26.42
C ASP D 702 60.34 36.66 -27.40
N GLY D 703 60.70 36.68 -28.69
CA GLY D 703 59.83 36.23 -29.80
C GLY D 703 60.17 34.83 -30.29
N VAL D 704 59.27 34.25 -31.07
CA VAL D 704 59.34 32.88 -31.66
C VAL D 704 58.98 33.01 -33.14
N SER D 705 59.69 32.30 -34.04
CA SER D 705 59.43 32.33 -35.50
C SER D 705 58.82 31.00 -35.92
N LEU D 706 58.13 31.01 -37.06
CA LEU D 706 57.35 29.85 -37.59
C LEU D 706 57.46 29.86 -39.13
N ARG D 707 57.88 28.73 -39.72
CA ARG D 707 57.97 28.50 -41.19
C ARG D 707 57.21 27.22 -41.55
N GLU D 708 56.26 27.31 -42.47
CA GLU D 708 55.47 26.17 -42.99
C GLU D 708 55.98 25.81 -44.40
N ASP D 709 56.00 24.53 -44.72
CA ASP D 709 56.15 24.00 -46.10
C ASP D 709 55.10 22.89 -46.28
N GLY D 710 55.29 21.99 -47.25
CA GLY D 710 54.30 20.97 -47.62
C GLY D 710 54.21 19.82 -46.63
N LYS D 711 55.27 19.53 -45.88
CA LYS D 711 55.36 18.35 -44.98
C LYS D 711 55.67 18.76 -43.53
N HIS D 712 56.35 19.89 -43.31
CA HIS D 712 56.90 20.28 -41.99
C HIS D 712 56.40 21.67 -41.56
N LEU D 713 56.18 21.80 -40.25
CA LEU D 713 56.14 23.09 -39.51
C LEU D 713 57.43 23.19 -38.69
N THR D 714 58.16 24.31 -38.77
CA THR D 714 59.46 24.53 -38.07
C THR D 714 59.32 25.75 -37.14
N VAL D 715 59.65 25.61 -35.85
CA VAL D 715 59.50 26.69 -34.82
C VAL D 715 60.88 26.97 -34.24
N GLU D 716 61.35 28.21 -34.30
CA GLU D 716 62.70 28.61 -33.80
C GLU D 716 62.53 29.53 -32.60
N ALA D 717 63.32 29.29 -31.56
CA ALA D 717 63.39 30.09 -30.32
C ALA D 717 64.81 29.99 -29.74
N LYS D 718 65.44 31.13 -29.44
CA LYS D 718 66.87 31.21 -29.01
C LYS D 718 67.70 30.39 -30.02
N ASP D 719 68.31 29.27 -29.59
CA ASP D 719 69.20 28.45 -30.45
C ASP D 719 68.67 27.01 -30.52
N THR D 720 67.35 26.82 -30.38
CA THR D 720 66.68 25.50 -30.53
C THR D 720 65.66 25.61 -31.67
N VAL D 721 65.58 24.57 -32.49
CA VAL D 721 64.59 24.45 -33.60
C VAL D 721 63.77 23.18 -33.37
N TYR D 722 62.45 23.31 -33.32
CA TYR D 722 61.49 22.20 -33.13
C TYR D 722 60.84 21.89 -34.47
N VAL D 723 60.89 20.63 -34.94
CA VAL D 723 60.33 20.23 -36.25
C VAL D 723 59.12 19.31 -36.04
N PHE D 724 57.95 19.74 -36.53
CA PHE D 724 56.66 19.01 -36.46
C PHE D 724 56.28 18.52 -37.86
N SER D 725 55.74 17.32 -37.95
CA SER D 725 55.27 16.71 -39.23
C SER D 725 53.77 16.95 -39.41
N LYS D 726 53.34 17.46 -40.57
CA LYS D 726 51.90 17.69 -40.91
C LYS D 726 51.23 16.37 -41.33
N LEU D 727 51.97 15.32 -41.65
CA LEU D 727 51.42 14.01 -42.06
C LEU D 727 51.25 13.09 -40.83
N THR D 728 52.19 13.10 -39.87
CA THR D 728 52.10 12.25 -38.63
C THR D 728 51.48 13.04 -37.46
N GLY D 729 51.54 14.36 -37.47
CA GLY D 729 51.13 15.20 -36.33
C GLY D 729 52.06 15.11 -35.11
N LEU D 730 53.27 14.55 -35.24
CA LEU D 730 54.22 14.33 -34.09
C LEU D 730 55.33 15.39 -34.10
N LEU D 731 55.93 15.67 -32.94
CA LEU D 731 57.28 16.32 -32.81
C LEU D 731 58.36 15.30 -33.22
N GLU D 732 59.06 15.56 -34.33
CA GLU D 732 59.95 14.57 -35.00
C GLU D 732 61.41 14.87 -34.72
N GLN D 733 61.81 16.13 -34.56
CA GLN D 733 63.25 16.46 -34.33
C GLN D 733 63.35 17.73 -33.50
N ILE D 734 64.43 17.79 -32.71
CA ILE D 734 64.86 18.98 -31.93
C ILE D 734 66.33 19.21 -32.29
N LEU D 735 66.65 20.37 -32.87
CA LEU D 735 68.04 20.78 -33.21
C LEU D 735 68.46 21.85 -32.23
N HIS D 736 69.50 21.59 -31.45
CA HIS D 736 70.10 22.56 -30.49
C HIS D 736 71.51 22.85 -31.00
N ARG D 737 71.80 24.10 -31.35
CA ARG D 737 73.07 24.53 -32.02
C ARG D 737 73.43 23.53 -33.13
N ARG D 738 72.47 23.25 -34.02
CA ARG D 738 72.62 22.37 -35.23
C ARG D 738 72.95 20.91 -34.86
N LYS D 739 72.63 20.47 -33.64
CA LYS D 739 72.89 19.08 -33.15
C LYS D 739 71.55 18.36 -32.91
N LYS D 740 71.35 17.18 -33.50
CA LYS D 740 70.13 16.36 -33.34
C LYS D 740 70.07 15.77 -31.92
N ILE D 741 68.95 15.97 -31.23
CA ILE D 741 68.67 15.48 -29.85
C ILE D 741 67.80 14.21 -29.90
N LEU D 742 66.88 14.09 -30.88
CA LEU D 742 65.95 12.94 -30.98
C LEU D 742 66.47 11.94 -32.00
N LYS D 743 66.39 10.64 -31.69
CA LYS D 743 66.61 9.51 -32.64
C LYS D 743 65.28 8.92 -33.12
N SER D 744 64.17 9.24 -32.46
CA SER D 744 62.81 8.88 -32.93
C SER D 744 61.81 9.89 -32.38
N PRO D 745 60.61 10.03 -33.00
CA PRO D 745 59.62 11.03 -32.56
C PRO D 745 59.05 10.84 -31.15
N VAL D 746 58.54 11.91 -30.56
CA VAL D 746 57.78 11.88 -29.29
C VAL D 746 56.37 11.33 -29.58
N VAL D 747 56.02 10.16 -29.01
CA VAL D 747 54.70 9.50 -29.23
C VAL D 747 53.99 9.29 -27.90
N PRO D 748 52.64 9.45 -27.85
CA PRO D 748 51.83 8.99 -26.71
C PRO D 748 51.99 7.48 -26.47
N ASN D 749 52.05 7.02 -25.21
CA ASN D 749 52.32 5.58 -24.87
C ASN D 749 51.41 5.12 -23.73
N PHE D 750 50.77 3.96 -23.89
CA PHE D 750 49.76 3.40 -22.96
C PHE D 750 50.17 2.00 -22.47
N TRP D 751 51.38 1.52 -22.78
CA TRP D 751 51.77 0.11 -22.54
C TRP D 751 52.92 -0.01 -21.54
N ARG D 752 52.94 -1.10 -20.77
CA ARG D 752 54.14 -1.52 -20.01
C ARG D 752 54.41 -2.99 -20.33
N VAL D 753 55.68 -3.40 -20.28
CA VAL D 753 56.13 -4.80 -20.59
C VAL D 753 55.61 -5.72 -19.49
N PRO D 754 54.75 -6.73 -19.79
CA PRO D 754 54.09 -7.49 -18.72
C PRO D 754 55.03 -8.16 -17.70
N THR D 755 54.71 -7.98 -16.42
CA THR D 755 55.33 -8.68 -15.26
C THR D 755 54.78 -10.10 -15.15
N ASP D 756 55.39 -10.94 -14.29
CA ASP D 756 54.88 -12.31 -14.00
C ASP D 756 53.45 -12.22 -13.42
N ASN D 757 53.13 -11.23 -12.58
CA ASN D 757 51.75 -11.04 -12.06
C ASN D 757 50.81 -10.68 -13.21
N ASP D 758 51.20 -9.80 -14.13
CA ASP D 758 50.38 -9.41 -15.31
C ASP D 758 50.05 -10.66 -16.14
N ILE D 759 51.04 -11.51 -16.44
CA ILE D 759 50.82 -12.77 -17.22
C ILE D 759 49.81 -13.65 -16.48
N GLY D 760 49.97 -13.82 -15.16
CA GLY D 760 49.07 -14.68 -14.37
C GLY D 760 47.62 -14.21 -14.36
N ASN D 761 47.34 -12.90 -14.50
CA ASN D 761 45.93 -12.42 -14.54
C ASN D 761 45.49 -12.11 -15.98
N ARG D 762 46.24 -12.55 -17.01
CA ARG D 762 45.88 -12.42 -18.45
C ARG D 762 45.79 -10.96 -18.91
N MET D 763 46.60 -10.07 -18.33
CA MET D 763 46.65 -8.64 -18.73
C MET D 763 47.00 -8.52 -20.22
N PRO D 764 47.93 -9.29 -20.80
CA PRO D 764 48.26 -9.14 -22.23
C PRO D 764 47.10 -9.43 -23.19
N GLN D 765 46.14 -10.28 -22.81
CA GLN D 765 44.93 -10.57 -23.62
C GLN D 765 43.86 -9.50 -23.34
N ARG D 766 43.44 -9.35 -22.08
CA ARG D 766 42.42 -8.36 -21.63
C ARG D 766 42.72 -6.94 -22.16
N LEU D 767 43.96 -6.48 -22.07
CA LEU D 767 44.34 -5.06 -22.27
C LEU D 767 45.09 -4.91 -23.62
N ALA D 768 44.98 -5.88 -24.53
CA ALA D 768 45.70 -5.90 -25.84
C ALA D 768 45.41 -4.65 -26.68
N ILE D 769 44.22 -4.04 -26.58
CA ILE D 769 43.87 -2.82 -27.37
C ILE D 769 44.82 -1.64 -27.03
N TRP D 770 45.30 -1.55 -25.78
CA TRP D 770 46.19 -0.44 -25.34
C TRP D 770 47.62 -0.64 -25.89
N LYS D 771 48.02 -1.88 -26.15
CA LYS D 771 49.31 -2.12 -26.84
C LYS D 771 49.23 -1.65 -28.32
N ARG D 772 48.11 -1.91 -28.99
CA ARG D 772 47.86 -1.44 -30.39
C ARG D 772 47.81 0.10 -30.44
N ALA D 773 47.08 0.72 -29.50
CA ALA D 773 46.94 2.18 -29.40
C ALA D 773 48.29 2.86 -29.14
N SER D 774 49.31 2.12 -28.65
CA SER D 774 50.67 2.68 -28.42
C SER D 774 51.49 2.71 -29.72
N LYS D 775 51.13 1.92 -30.74
CA LYS D 775 51.89 1.82 -32.02
C LYS D 775 51.13 2.40 -33.23
N GLU D 776 49.80 2.42 -33.24
CA GLU D 776 48.99 2.94 -34.37
C GLU D 776 48.05 4.06 -33.90
N ARG D 777 47.85 5.05 -34.76
CA ARG D 777 46.96 6.20 -34.50
C ARG D 777 46.60 6.86 -35.85
N LYS D 778 45.47 7.55 -35.86
CA LYS D 778 44.94 8.29 -37.04
C LYS D 778 44.90 9.78 -36.71
N LEU D 779 45.66 10.60 -37.42
CA LEU D 779 45.59 12.07 -37.27
C LEU D 779 44.29 12.58 -37.88
N PHE D 780 43.37 13.07 -37.04
CA PHE D 780 42.04 13.60 -37.44
C PHE D 780 42.18 15.07 -37.84
N LYS D 781 43.00 15.86 -37.12
CA LYS D 781 43.05 17.33 -37.28
C LYS D 781 44.36 17.89 -36.70
N MET D 782 44.91 18.93 -37.31
CA MET D 782 46.14 19.59 -36.81
C MET D 782 46.10 21.09 -37.12
N HIS D 783 46.33 21.95 -36.13
CA HIS D 783 46.40 23.42 -36.34
C HIS D 783 47.42 24.08 -35.40
N TRP D 784 47.82 25.31 -35.73
CA TRP D 784 48.78 26.13 -34.95
C TRP D 784 48.27 27.56 -34.82
N LYS D 785 48.73 28.27 -33.78
CA LYS D 785 48.34 29.64 -33.39
C LYS D 785 49.56 30.38 -32.83
N LYS D 786 49.93 31.51 -33.42
CA LYS D 786 51.09 32.34 -33.01
C LYS D 786 50.59 33.54 -32.20
N GLU D 787 51.25 33.85 -31.08
CA GLU D 787 51.14 35.12 -30.32
C GLU D 787 52.52 35.79 -30.36
N GLU D 788 52.67 36.93 -29.72
CA GLU D 788 53.93 37.73 -29.67
C GLU D 788 55.06 36.90 -29.03
N ASN D 789 54.80 36.14 -27.97
CA ASN D 789 55.85 35.48 -27.15
C ASN D 789 55.78 33.94 -27.22
N ARG D 790 54.90 33.33 -28.03
CA ARG D 790 54.75 31.86 -28.06
C ARG D 790 53.97 31.40 -29.29
N VAL D 791 54.19 30.13 -29.66
CA VAL D 791 53.43 29.35 -30.69
C VAL D 791 52.92 28.07 -30.04
N SER D 792 51.64 27.70 -30.27
CA SER D 792 51.03 26.41 -29.89
C SER D 792 50.78 25.57 -31.14
N VAL D 793 51.12 24.26 -31.09
CA VAL D 793 50.83 23.24 -32.14
C VAL D 793 49.93 22.17 -31.52
N HIS D 794 48.71 22.02 -32.02
CA HIS D 794 47.64 21.14 -31.51
C HIS D 794 47.38 19.99 -32.49
N SER D 795 47.48 18.74 -32.04
CA SER D 795 47.12 17.52 -32.82
C SER D 795 46.00 16.74 -32.13
N VAL D 796 45.02 16.24 -32.91
CA VAL D 796 43.87 15.41 -32.44
C VAL D 796 44.00 14.05 -33.10
N PHE D 797 44.04 12.97 -32.32
CA PHE D 797 44.15 11.58 -32.85
C PHE D 797 42.95 10.75 -32.39
N GLN D 798 42.55 9.80 -33.21
CA GLN D 798 41.67 8.72 -32.75
C GLN D 798 42.52 7.45 -32.74
N LEU D 799 42.25 6.55 -31.80
CA LEU D 799 43.08 5.36 -31.50
C LEU D 799 42.28 4.07 -31.72
N PRO D 800 42.97 2.92 -31.91
CA PRO D 800 42.35 1.61 -31.73
C PRO D 800 41.55 1.51 -30.41
N GLY D 801 40.36 0.90 -30.45
CA GLY D 801 39.37 1.01 -29.38
C GLY D 801 38.46 2.24 -29.47
N ASN D 802 38.76 3.21 -30.34
CA ASN D 802 37.90 4.40 -30.62
C ASN D 802 38.04 5.50 -29.55
N SER D 803 39.07 5.50 -28.71
CA SER D 803 39.41 6.59 -27.77
C SER D 803 40.01 7.78 -28.50
N TRP D 804 39.94 8.98 -27.91
CA TRP D 804 40.52 10.23 -28.47
C TRP D 804 41.72 10.68 -27.61
N VAL D 805 42.78 11.18 -28.25
CA VAL D 805 43.92 11.81 -27.53
C VAL D 805 44.28 13.13 -28.21
N TYR D 806 44.40 14.19 -27.41
CA TYR D 806 44.76 15.58 -27.79
C TYR D 806 46.18 15.87 -27.29
N THR D 807 47.11 16.26 -28.17
CA THR D 807 48.47 16.74 -27.79
C THR D 807 48.60 18.21 -28.12
N THR D 808 49.21 18.98 -27.25
CA THR D 808 49.50 20.43 -27.44
C THR D 808 50.93 20.71 -26.99
N TYR D 809 51.74 21.28 -27.87
CA TYR D 809 53.11 21.79 -27.63
C TYR D 809 53.10 23.31 -27.68
N THR D 810 53.52 24.00 -26.62
CA THR D 810 53.64 25.48 -26.64
C THR D 810 55.13 25.84 -26.49
N VAL D 811 55.72 26.44 -27.51
CA VAL D 811 57.13 26.90 -27.51
C VAL D 811 57.16 28.37 -27.14
N PHE D 812 57.93 28.72 -26.11
CA PHE D 812 58.15 30.10 -25.64
C PHE D 812 59.48 30.66 -26.15
N GLY D 813 59.60 31.98 -26.14
CA GLY D 813 60.76 32.76 -26.65
C GLY D 813 62.05 32.51 -25.88
N ASN D 814 61.98 31.99 -24.65
CA ASN D 814 63.14 31.59 -23.81
C ASN D 814 63.62 30.15 -24.14
N GLY D 815 62.98 29.43 -25.06
CA GLY D 815 63.34 28.04 -25.44
C GLY D 815 62.61 26.95 -24.64
N ASP D 816 61.93 27.23 -23.54
CA ASP D 816 61.02 26.27 -22.85
C ASP D 816 59.94 25.75 -23.82
N VAL D 817 59.55 24.47 -23.71
CA VAL D 817 58.35 23.87 -24.38
C VAL D 817 57.45 23.27 -23.28
N LEU D 818 56.18 23.66 -23.25
CA LEU D 818 55.13 22.98 -22.44
C LEU D 818 54.51 21.88 -23.29
N VAL D 819 54.38 20.67 -22.72
CA VAL D 819 53.85 19.47 -23.40
C VAL D 819 52.59 19.04 -22.64
N ASP D 820 51.42 18.97 -23.30
CA ASP D 820 50.12 18.63 -22.66
C ASP D 820 49.47 17.46 -23.40
N LEU D 821 48.81 16.58 -22.66
CA LEU D 821 48.05 15.41 -23.16
C LEU D 821 46.69 15.39 -22.45
N SER D 822 45.60 15.15 -23.19
CA SER D 822 44.28 14.76 -22.64
C SER D 822 43.89 13.46 -23.31
N LEU D 823 43.42 12.49 -22.54
CA LEU D 823 42.95 11.20 -23.06
C LEU D 823 41.46 11.11 -22.71
N ILE D 824 40.59 10.86 -23.69
CA ILE D 824 39.12 10.66 -23.53
C ILE D 824 38.78 9.24 -23.95
N PRO D 825 38.76 8.23 -23.04
CA PRO D 825 38.47 6.85 -23.42
C PRO D 825 37.05 6.65 -23.97
N ALA D 826 36.89 5.73 -24.91
CA ALA D 826 35.58 5.28 -25.46
C ALA D 826 34.82 4.48 -24.39
N GLU D 827 33.52 4.28 -24.58
CA GLU D 827 32.58 3.79 -23.53
C GLU D 827 32.81 2.31 -23.18
N ASP D 828 33.46 1.50 -24.02
CA ASP D 828 33.56 0.03 -23.81
C ASP D 828 35.02 -0.45 -23.80
N VAL D 829 36.00 0.42 -23.51
CA VAL D 829 37.44 0.02 -23.41
C VAL D 829 37.75 -0.39 -21.98
N PRO D 830 38.71 -1.31 -21.76
CA PRO D 830 39.14 -1.70 -20.41
C PRO D 830 40.15 -0.73 -19.76
N GLU D 831 40.56 -1.01 -18.52
CA GLU D 831 41.50 -0.16 -17.75
C GLU D 831 42.81 0.04 -18.52
N ILE D 832 43.60 1.03 -18.16
CA ILE D 832 44.78 1.50 -18.94
C ILE D 832 46.06 1.12 -18.17
N PRO D 833 47.05 0.46 -18.80
CA PRO D 833 48.30 0.12 -18.11
C PRO D 833 49.18 1.32 -17.69
N ARG D 834 49.24 2.37 -18.51
CA ARG D 834 50.13 3.55 -18.31
C ARG D 834 49.56 4.74 -19.07
N ILE D 835 49.84 5.97 -18.65
CA ILE D 835 49.55 7.19 -19.46
C ILE D 835 50.81 8.06 -19.53
N GLY D 836 51.40 8.24 -20.72
CA GLY D 836 52.61 9.08 -20.86
C GLY D 836 53.09 9.25 -22.28
N PHE D 837 54.33 9.66 -22.42
CA PHE D 837 55.06 9.90 -23.70
C PHE D 837 56.35 9.09 -23.68
N GLN D 838 56.77 8.62 -24.85
CA GLN D 838 58.03 7.85 -25.05
C GLN D 838 58.80 8.47 -26.22
N PHE D 839 60.12 8.63 -26.08
CA PHE D 839 61.04 9.02 -27.19
C PHE D 839 62.42 8.36 -27.01
N THR D 840 63.32 8.57 -27.97
CA THR D 840 64.73 8.07 -27.95
C THR D 840 65.73 9.18 -28.25
N VAL D 841 66.85 9.19 -27.52
CA VAL D 841 68.00 10.13 -27.69
C VAL D 841 69.26 9.29 -27.94
N PRO D 842 70.36 9.88 -28.47
CA PRO D 842 71.62 9.15 -28.69
C PRO D 842 72.31 8.69 -27.40
N GLU D 843 73.06 7.58 -27.45
CA GLU D 843 73.67 6.91 -26.26
C GLU D 843 74.75 7.78 -25.62
N GLU D 844 75.15 8.89 -26.23
CA GLU D 844 76.04 9.93 -25.63
C GLU D 844 75.39 10.56 -24.38
N PHE D 845 74.06 10.54 -24.26
CA PHE D 845 73.33 10.92 -23.02
C PHE D 845 73.42 9.75 -22.03
N GLY D 846 74.51 9.71 -21.23
CA GLY D 846 74.89 8.54 -20.43
C GLY D 846 74.77 8.72 -18.93
N THR D 847 74.43 9.92 -18.44
CA THR D 847 74.32 10.25 -17.00
C THR D 847 72.94 10.84 -16.72
N VAL D 848 72.33 10.52 -15.57
CA VAL D 848 71.00 11.03 -15.15
C VAL D 848 71.10 11.59 -13.73
N GLU D 849 70.43 12.71 -13.48
CA GLU D 849 70.27 13.34 -12.15
C GLU D 849 68.76 13.56 -11.92
N TRP D 850 68.26 13.41 -10.70
CA TRP D 850 66.82 13.66 -10.39
C TRP D 850 66.65 14.11 -8.95
N TYR D 851 65.54 14.82 -8.70
CA TYR D 851 65.03 15.19 -7.34
C TYR D 851 63.69 14.48 -7.19
N GLY D 852 63.60 13.50 -6.28
CA GLY D 852 62.42 12.61 -6.15
C GLY D 852 62.68 11.43 -5.22
N ARG D 853 61.84 10.40 -5.26
CA ARG D 853 62.03 9.18 -4.45
C ARG D 853 63.21 8.38 -5.02
N GLY D 854 64.05 7.80 -4.17
CA GLY D 854 65.19 6.98 -4.58
C GLY D 854 65.90 6.31 -3.40
N PRO D 855 67.10 5.75 -3.60
CA PRO D 855 67.77 5.71 -4.91
C PRO D 855 67.32 4.62 -5.88
N HIS D 856 66.53 3.66 -5.40
CA HIS D 856 66.09 2.43 -6.13
C HIS D 856 64.77 2.72 -6.86
N GLU D 857 64.32 1.80 -7.71
CA GLU D 857 63.01 1.90 -8.42
C GLU D 857 61.85 1.83 -7.41
N THR D 858 60.77 2.57 -7.65
CA THR D 858 59.50 2.58 -6.87
C THR D 858 58.29 2.61 -7.81
N TYR D 859 57.15 2.05 -7.37
CA TYR D 859 55.88 1.95 -8.12
C TYR D 859 54.74 2.44 -7.21
N TRP D 860 53.54 2.63 -7.77
CA TRP D 860 52.37 3.25 -7.11
C TRP D 860 52.02 2.51 -5.80
N ASP D 861 52.06 1.17 -5.78
CA ASP D 861 51.77 0.31 -4.59
C ASP D 861 53.06 -0.24 -3.96
N ARG D 862 54.22 0.34 -4.23
CA ARG D 862 55.50 -0.08 -3.59
C ARG D 862 56.48 1.09 -3.62
N LYS D 863 56.28 2.07 -2.76
CA LYS D 863 57.14 3.28 -2.73
C LYS D 863 57.45 3.84 -1.33
N GLU D 864 56.97 3.25 -0.22
CA GLU D 864 57.28 3.79 1.15
C GLU D 864 58.79 3.82 1.41
N SER D 865 59.55 2.87 0.89
CA SER D 865 61.02 2.79 1.07
C SER D 865 61.76 3.89 0.26
N GLY D 866 61.10 4.66 -0.60
CA GLY D 866 61.78 5.71 -1.38
C GLY D 866 61.91 7.03 -0.62
N LEU D 867 63.14 7.39 -0.23
CA LEU D 867 63.51 8.66 0.46
C LEU D 867 63.59 9.82 -0.56
N PHE D 868 62.96 10.96 -0.30
CA PHE D 868 63.00 12.17 -1.17
C PHE D 868 64.38 12.84 -1.05
N ALA D 869 65.15 12.92 -2.13
CA ALA D 869 66.48 13.59 -2.11
C ALA D 869 66.98 13.83 -3.54
N ARG D 870 68.19 14.38 -3.67
CA ARG D 870 68.84 14.54 -5.00
C ARG D 870 69.81 13.39 -5.27
N TYR D 871 69.68 12.69 -6.40
CA TYR D 871 70.43 11.47 -6.79
C TYR D 871 71.10 11.62 -8.17
N ARG D 872 72.12 10.81 -8.43
CA ARG D 872 72.93 10.80 -9.68
C ARG D 872 73.38 9.37 -10.01
N LYS D 873 73.13 8.90 -11.23
CA LYS D 873 73.55 7.55 -11.70
C LYS D 873 73.86 7.54 -13.20
N ALA D 874 74.63 6.54 -13.64
CA ALA D 874 74.85 6.19 -15.04
C ALA D 874 73.60 5.45 -15.54
N VAL D 875 73.25 5.58 -16.81
CA VAL D 875 72.01 5.02 -17.41
C VAL D 875 71.95 3.48 -17.24
N GLY D 876 73.09 2.80 -17.40
CA GLY D 876 73.19 1.33 -17.27
C GLY D 876 72.82 0.80 -15.90
N GLU D 877 72.87 1.62 -14.84
CA GLU D 877 72.53 1.19 -13.46
C GLU D 877 71.14 1.70 -13.04
N MET D 878 70.33 2.19 -13.99
CA MET D 878 68.95 2.69 -13.77
C MET D 878 67.92 1.59 -14.10
N MET D 879 68.33 0.32 -14.15
CA MET D 879 67.41 -0.83 -14.36
C MET D 879 67.91 -1.99 -13.48
N HIS D 880 67.01 -2.89 -13.09
CA HIS D 880 67.35 -4.13 -12.35
C HIS D 880 67.28 -5.31 -13.33
N ARG D 881 68.22 -6.24 -13.24
CA ARG D 881 68.30 -7.46 -14.09
C ARG D 881 67.50 -8.61 -13.44
N TYR D 882 66.16 -8.58 -13.58
CA TYR D 882 65.26 -9.71 -13.23
C TYR D 882 65.67 -10.94 -14.05
N VAL D 883 65.64 -12.15 -13.46
CA VAL D 883 66.00 -13.45 -14.13
C VAL D 883 65.20 -13.59 -15.44
N ARG D 884 63.89 -13.33 -15.45
CA ARG D 884 63.10 -13.12 -16.69
C ARG D 884 62.85 -11.62 -16.89
N PRO D 885 63.45 -10.96 -17.92
CA PRO D 885 63.28 -9.53 -18.12
C PRO D 885 61.81 -9.08 -18.22
N GLN D 886 61.54 -7.90 -17.67
CA GLN D 886 60.19 -7.38 -17.31
C GLN D 886 60.26 -5.86 -17.17
N GLU D 887 59.11 -5.20 -17.01
CA GLU D 887 59.01 -3.78 -16.58
C GLU D 887 59.95 -3.55 -15.38
N THR D 888 60.77 -2.50 -15.44
CA THR D 888 61.79 -2.15 -14.43
C THR D 888 62.17 -0.68 -14.58
N GLY D 889 62.72 -0.09 -13.52
CA GLY D 889 63.47 1.20 -13.59
C GLY D 889 62.64 2.45 -13.30
N ASN D 890 61.34 2.33 -13.00
CA ASN D 890 60.45 3.48 -12.69
C ASN D 890 60.99 4.26 -11.47
N ARG D 891 61.02 5.60 -11.54
CA ARG D 891 61.22 6.53 -10.39
C ARG D 891 59.92 7.31 -10.18
N SER D 892 59.37 7.33 -8.96
CA SER D 892 58.07 7.95 -8.59
C SER D 892 58.23 9.33 -7.92
N ASP D 893 57.20 10.16 -8.02
CA ASP D 893 57.00 11.48 -7.34
C ASP D 893 58.20 12.40 -7.63
N VAL D 894 58.64 12.44 -8.89
CA VAL D 894 59.82 13.23 -9.34
C VAL D 894 59.43 14.69 -9.64
N ARG D 895 60.17 15.64 -9.06
CA ARG D 895 60.01 17.10 -9.31
C ARG D 895 60.71 17.46 -10.63
N TRP D 896 61.92 16.94 -10.86
CA TRP D 896 62.71 17.20 -12.10
C TRP D 896 63.73 16.09 -12.31
N PHE D 897 64.12 15.85 -13.56
CA PHE D 897 65.27 15.00 -13.97
C PHE D 897 66.01 15.68 -15.12
N ALA D 898 67.28 15.34 -15.30
CA ALA D 898 68.17 15.84 -16.39
C ALA D 898 69.09 14.73 -16.90
N LEU D 899 69.13 14.55 -18.21
CA LEU D 899 70.08 13.68 -18.93
C LEU D 899 71.21 14.56 -19.47
N SER D 900 72.47 14.14 -19.33
CA SER D 900 73.66 14.93 -19.71
C SER D 900 74.55 14.13 -20.67
N ASP D 901 75.09 14.77 -21.70
CA ASP D 901 76.13 14.20 -22.60
C ASP D 901 77.49 14.89 -22.34
N GLY D 902 77.66 15.51 -21.18
CA GLY D 902 78.88 16.26 -20.80
C GLY D 902 78.70 17.76 -20.99
N GLU D 903 78.20 18.17 -22.17
CA GLU D 903 78.01 19.59 -22.57
C GLU D 903 76.52 19.98 -22.47
N THR D 904 75.65 19.28 -23.20
CA THR D 904 74.20 19.56 -23.37
C THR D 904 73.39 18.77 -22.31
N LYS D 905 72.41 19.41 -21.68
CA LYS D 905 71.45 18.81 -20.71
C LYS D 905 70.05 18.83 -21.28
N LEU D 906 69.36 17.68 -21.31
CA LEU D 906 67.89 17.60 -21.53
C LEU D 906 67.22 17.60 -20.15
N PHE D 907 66.53 18.69 -19.80
CA PHE D 907 65.85 18.94 -18.50
C PHE D 907 64.34 18.77 -18.65
N VAL D 908 63.70 18.03 -17.74
CA VAL D 908 62.22 17.85 -17.65
C VAL D 908 61.80 18.19 -16.22
N SER D 909 60.74 19.00 -16.04
CA SER D 909 60.15 19.34 -14.73
C SER D 909 58.64 19.10 -14.73
N GLY D 910 58.12 18.65 -13.60
CA GLY D 910 56.71 18.27 -13.43
C GLY D 910 55.85 19.48 -13.11
N MET D 911 54.54 19.34 -13.24
CA MET D 911 53.57 20.41 -12.97
C MET D 911 52.45 19.83 -12.10
N PRO D 912 52.71 19.49 -10.81
CA PRO D 912 54.03 19.57 -10.18
C PRO D 912 54.93 18.33 -10.16
N GLN D 913 54.46 17.15 -10.57
CA GLN D 913 55.32 15.94 -10.55
C GLN D 913 55.08 15.01 -11.74
N ILE D 914 56.07 14.17 -12.03
CA ILE D 914 56.04 13.11 -13.06
C ILE D 914 56.61 11.82 -12.46
N ASP D 915 56.40 10.70 -13.15
CA ASP D 915 57.24 9.47 -13.05
C ASP D 915 58.10 9.38 -14.33
N PHE D 916 59.26 8.74 -14.26
CA PHE D 916 60.16 8.55 -15.43
C PHE D 916 60.95 7.24 -15.32
N SER D 917 61.51 6.83 -16.46
CA SER D 917 62.52 5.75 -16.55
C SER D 917 63.40 5.94 -17.80
N VAL D 918 64.62 5.41 -17.78
CA VAL D 918 65.61 5.48 -18.91
C VAL D 918 66.18 4.07 -19.13
N TRP D 919 66.11 3.53 -20.35
CA TRP D 919 66.59 2.15 -20.73
C TRP D 919 67.57 2.21 -21.88
N PRO D 920 68.64 1.39 -21.89
CA PRO D 920 69.56 1.31 -23.04
C PRO D 920 69.14 0.33 -24.16
N PHE D 921 67.83 0.22 -24.42
CA PHE D 921 67.22 -0.66 -25.45
C PHE D 921 65.77 -0.20 -25.69
N SER D 922 65.02 -0.84 -26.60
CA SER D 922 63.60 -0.51 -26.92
C SER D 922 62.62 -1.31 -26.05
N MET D 923 61.38 -0.83 -25.92
CA MET D 923 60.26 -1.55 -25.26
C MET D 923 60.07 -2.93 -25.93
N GLU D 924 60.22 -2.97 -27.26
CA GLU D 924 60.10 -4.21 -28.10
C GLU D 924 61.21 -5.21 -27.74
N ASP D 925 62.47 -4.77 -27.58
CA ASP D 925 63.59 -5.62 -27.11
C ASP D 925 63.25 -6.22 -25.73
N LEU D 926 62.80 -5.40 -24.77
CA LEU D 926 62.54 -5.86 -23.37
C LEU D 926 61.44 -6.93 -23.36
N GLU D 927 60.41 -6.78 -24.21
CA GLU D 927 59.25 -7.71 -24.25
C GLU D 927 59.63 -9.04 -24.94
N ARG D 928 60.65 -9.04 -25.81
CA ARG D 928 61.04 -10.21 -26.64
C ARG D 928 61.93 -11.19 -25.85
N VAL D 929 62.99 -10.71 -25.20
CA VAL D 929 64.07 -11.57 -24.62
C VAL D 929 63.58 -12.22 -23.31
N GLN D 930 63.93 -13.48 -23.08
CA GLN D 930 63.48 -14.28 -21.91
C GLN D 930 64.66 -14.60 -20.97
N HIS D 931 65.88 -14.13 -21.25
CA HIS D 931 67.08 -14.28 -20.40
C HIS D 931 67.89 -12.98 -20.40
N ILE D 932 68.60 -12.74 -19.30
CA ILE D 932 69.42 -11.52 -19.02
C ILE D 932 70.53 -11.38 -20.08
N SER D 933 71.11 -12.52 -20.51
CA SER D 933 72.26 -12.60 -21.46
C SER D 933 71.87 -12.10 -22.87
N GLU D 934 70.60 -12.22 -23.25
CA GLU D 934 70.11 -11.93 -24.63
C GLU D 934 69.82 -10.43 -24.83
N LEU D 935 69.86 -9.60 -23.78
CA LEU D 935 69.58 -8.13 -23.86
C LEU D 935 70.60 -7.47 -24.79
N PRO D 936 70.17 -6.97 -25.98
CA PRO D 936 71.12 -6.54 -27.01
C PRO D 936 71.77 -5.18 -26.74
N GLU D 937 72.83 -4.86 -27.51
CA GLU D 937 73.54 -3.56 -27.50
C GLU D 937 72.85 -2.60 -28.46
N ARG D 938 72.61 -1.36 -28.03
CA ARG D 938 71.90 -0.32 -28.83
C ARG D 938 72.64 1.02 -28.75
N ASP D 939 72.49 1.86 -29.78
CA ASP D 939 73.15 3.18 -29.91
C ASP D 939 72.18 4.31 -29.51
N PHE D 940 71.16 4.02 -28.70
CA PHE D 940 70.16 5.01 -28.22
C PHE D 940 69.71 4.66 -26.80
N VAL D 941 69.06 5.64 -26.14
CA VAL D 941 68.42 5.54 -24.80
C VAL D 941 66.92 5.80 -25.00
N THR D 942 66.06 4.91 -24.51
CA THR D 942 64.58 5.11 -24.46
C THR D 942 64.24 5.94 -23.20
N VAL D 943 63.47 7.01 -23.34
CA VAL D 943 63.03 7.89 -22.20
C VAL D 943 61.50 7.76 -22.10
N ASN D 944 60.98 7.42 -20.91
CA ASN D 944 59.53 7.43 -20.56
C ASN D 944 59.25 8.56 -19.57
N VAL D 945 58.26 9.42 -19.87
CA VAL D 945 57.77 10.52 -18.99
C VAL D 945 56.27 10.27 -18.80
N ASP D 946 55.82 9.97 -17.57
CA ASP D 946 54.50 9.39 -17.28
C ASP D 946 53.75 10.23 -16.24
N PHE D 947 52.43 10.28 -16.41
CA PHE D 947 51.43 10.65 -15.37
C PHE D 947 51.44 9.55 -14.31
N ARG D 948 51.16 8.32 -14.71
CA ARG D 948 51.12 7.17 -13.76
C ARG D 948 51.15 5.85 -14.54
N GLN D 949 51.47 4.79 -13.82
CA GLN D 949 51.41 3.39 -14.29
C GLN D 949 50.60 2.62 -13.24
N MET D 950 49.87 1.58 -13.63
CA MET D 950 49.09 0.79 -12.64
C MET D 950 50.06 0.03 -11.70
N GLY D 951 49.56 -0.33 -10.51
CA GLY D 951 50.36 -1.06 -9.50
C GLY D 951 50.85 -2.42 -10.01
N LEU D 952 51.78 -3.01 -9.27
CA LEU D 952 52.39 -4.34 -9.53
C LEU D 952 51.49 -5.47 -9.01
N GLY D 953 50.74 -5.24 -7.93
CA GLY D 953 49.94 -6.28 -7.26
C GLY D 953 50.81 -7.36 -6.63
N GLY D 954 50.33 -8.60 -6.64
CA GLY D 954 51.08 -9.78 -6.16
C GLY D 954 50.49 -10.43 -4.91
N ASP D 955 49.19 -10.24 -4.62
CA ASP D 955 48.47 -11.05 -3.59
C ASP D 955 48.66 -12.55 -3.93
N ASP D 956 48.58 -12.90 -5.20
CA ASP D 956 49.19 -14.12 -5.80
C ASP D 956 49.58 -13.79 -7.25
N SER D 957 50.08 -14.77 -7.99
CA SER D 957 50.57 -14.62 -9.39
C SER D 957 49.84 -15.59 -10.35
N TRP D 958 48.61 -15.99 -10.04
CA TRP D 958 47.76 -16.88 -10.90
C TRP D 958 46.31 -16.39 -10.89
N GLY D 959 46.08 -15.07 -10.94
CA GLY D 959 44.71 -14.51 -11.07
C GLY D 959 44.52 -13.18 -10.36
N ALA D 960 45.18 -12.94 -9.22
CA ALA D 960 44.98 -11.71 -8.43
C ALA D 960 45.36 -10.48 -9.25
N MET D 961 44.63 -9.38 -9.04
CA MET D 961 44.85 -8.05 -9.67
C MET D 961 45.47 -7.12 -8.63
N PRO D 962 46.00 -5.95 -9.06
CA PRO D 962 46.31 -4.88 -8.13
C PRO D 962 45.01 -4.41 -7.45
N HIS D 963 45.09 -3.85 -6.26
CA HIS D 963 43.90 -3.31 -5.53
C HIS D 963 43.25 -2.16 -6.32
N LEU D 964 41.97 -1.93 -6.10
CA LEU D 964 41.15 -0.92 -6.82
C LEU D 964 41.82 0.46 -6.81
N GLU D 965 42.43 0.84 -5.70
CA GLU D 965 43.01 2.19 -5.56
C GLU D 965 44.34 2.33 -6.32
N TYR D 966 44.86 1.29 -6.98
CA TYR D 966 46.11 1.41 -7.79
C TYR D 966 45.85 1.04 -9.27
N ARG D 967 44.63 1.29 -9.77
CA ARG D 967 44.27 1.04 -11.19
C ARG D 967 43.83 2.35 -11.85
N LEU D 968 44.07 2.47 -13.17
CA LEU D 968 43.64 3.61 -14.02
C LEU D 968 42.34 3.18 -14.73
N LEU D 969 41.20 3.37 -14.08
CA LEU D 969 39.88 3.01 -14.65
C LEU D 969 39.57 3.98 -15.78
N PRO D 970 38.86 3.55 -16.85
CA PRO D 970 38.66 4.38 -18.04
C PRO D 970 37.69 5.55 -17.80
N LYS D 971 38.26 6.71 -17.51
CA LYS D 971 37.60 8.05 -17.41
C LYS D 971 38.54 9.04 -18.08
N PRO D 972 38.13 10.29 -18.34
CA PRO D 972 39.05 11.30 -18.87
C PRO D 972 40.23 11.64 -17.94
N TYR D 973 41.44 11.79 -18.50
CA TYR D 973 42.70 12.14 -17.80
C TYR D 973 43.44 13.26 -18.54
N ARG D 974 44.18 14.10 -17.83
CA ARG D 974 45.10 15.09 -18.41
C ARG D 974 46.43 15.07 -17.64
N PHE D 975 47.45 15.67 -18.21
CA PHE D 975 48.86 15.56 -17.77
C PHE D 975 49.69 16.58 -18.54
N SER D 976 50.60 17.32 -17.89
CA SER D 976 51.54 18.23 -18.60
C SER D 976 52.92 18.23 -17.92
N PHE D 977 53.97 18.60 -18.66
CA PHE D 977 55.36 18.82 -18.16
C PHE D 977 56.07 19.87 -19.02
N ARG D 978 57.16 20.42 -18.49
CA ARG D 978 58.03 21.41 -19.18
C ARG D 978 59.35 20.74 -19.56
N MET D 979 59.85 21.02 -20.76
CA MET D 979 61.16 20.49 -21.24
C MET D 979 62.00 21.68 -21.72
N ARG D 980 63.29 21.66 -21.43
CA ARG D 980 64.28 22.66 -21.89
C ARG D 980 65.58 21.95 -22.29
N ILE D 981 66.18 22.36 -23.40
CA ILE D 981 67.50 21.88 -23.86
C ILE D 981 68.49 23.04 -23.79
N SER D 982 69.48 22.96 -22.90
CA SER D 982 70.45 24.04 -22.62
C SER D 982 71.78 23.46 -22.14
N GLU D 983 72.71 24.31 -21.69
CA GLU D 983 74.06 23.94 -21.19
C GLU D 983 74.07 23.84 -19.66
N GLU D 984 73.09 24.41 -18.96
CA GLU D 984 72.99 24.37 -17.46
C GLU D 984 71.58 23.95 -17.03
N ILE D 985 71.46 23.35 -15.84
CA ILE D 985 70.17 22.95 -15.18
C ILE D 985 69.47 24.21 -14.69
N PRO D 986 68.30 24.62 -15.25
CA PRO D 986 67.56 25.75 -14.71
C PRO D 986 66.84 25.41 -13.40
N SER D 987 66.14 26.38 -12.82
CA SER D 987 65.35 26.21 -11.56
C SER D 987 64.03 25.51 -11.89
N TRP D 988 63.79 24.36 -11.27
CA TRP D 988 62.52 23.61 -11.44
C TRP D 988 61.32 24.43 -10.97
N ARG D 989 61.53 25.40 -10.07
CA ARG D 989 60.46 26.18 -9.41
C ARG D 989 59.99 27.38 -10.24
N VAL D 990 60.67 27.70 -11.36
CA VAL D 990 60.37 28.86 -12.24
C VAL D 990 59.78 28.38 -13.56
N LEU D 991 58.55 28.79 -13.89
CA LEU D 991 57.86 28.47 -15.17
C LEU D 991 57.46 29.75 -15.91
N ALA D 992 57.15 29.64 -17.20
CA ALA D 992 56.58 30.72 -18.04
C ALA D 992 55.11 30.95 -17.62
N ALA D 993 54.69 32.21 -17.48
CA ALA D 993 53.28 32.60 -17.17
C ALA D 993 52.36 32.38 -18.39
N ILE D 994 51.14 31.90 -18.15
CA ILE D 994 50.05 31.71 -19.16
C ILE D 994 48.71 32.14 -18.56
N PRO D 995 47.69 32.52 -19.36
CA PRO D 995 46.33 32.73 -18.85
C PRO D 995 45.73 31.41 -18.32
N GLU D 996 44.92 31.46 -17.26
CA GLU D 996 44.48 30.23 -16.53
C GLU D 996 42.95 30.12 -16.37
N THR D 997 42.15 30.94 -17.08
CA THR D 997 40.69 31.08 -16.85
C THR D 997 39.85 30.52 -18.02
N LEU D 998 38.75 29.84 -17.71
CA LEU D 998 37.74 29.38 -18.70
C LEU D 998 36.71 30.49 -18.93
N HIS D 999 36.09 30.51 -20.12
CA HIS D 999 34.91 31.36 -20.47
C HIS D 999 33.63 30.52 -20.31
N VAL D 1000 32.70 30.96 -19.47
CA VAL D 1000 31.47 30.20 -19.09
C VAL D 1000 30.21 30.98 -19.46
N GLU D 1001 29.16 30.26 -19.88
CA GLU D 1001 27.78 30.79 -20.06
C GLU D 1001 26.78 29.78 -19.48
N MET D 1002 25.87 30.24 -18.62
CA MET D 1002 24.74 29.47 -18.04
C MET D 1002 23.45 29.95 -18.73
N SER D 1003 22.49 29.04 -18.96
CA SER D 1003 21.17 29.34 -19.55
C SER D 1003 20.12 28.33 -19.09
N SER D 1004 18.86 28.75 -19.01
CA SER D 1004 17.70 27.90 -18.67
C SER D 1004 16.38 28.57 -19.06
N GLU D 1005 15.27 27.91 -18.75
CA GLU D 1005 13.89 28.48 -18.81
C GLU D 1005 13.77 29.55 -17.70
N ASP D 1006 13.10 30.67 -17.98
CA ASP D 1006 12.78 31.73 -17.00
C ASP D 1006 11.64 31.31 -16.07
N VAL D 1007 10.67 30.54 -16.57
CA VAL D 1007 9.45 30.17 -15.80
C VAL D 1007 9.08 28.72 -16.13
N ILE D 1008 8.73 27.92 -15.11
CA ILE D 1008 8.23 26.52 -15.23
C ILE D 1008 6.98 26.33 -14.36
N ARG D 1009 6.30 25.20 -14.52
CA ARG D 1009 5.10 24.79 -13.74
C ARG D 1009 5.53 23.86 -12.61
N GLU D 1010 4.84 23.91 -11.48
CA GLU D 1010 5.08 22.99 -10.33
C GLU D 1010 4.89 21.56 -10.83
N GLY D 1011 5.83 20.67 -10.54
CA GLY D 1011 5.87 19.28 -11.03
C GLY D 1011 6.79 19.09 -12.23
N ASP D 1012 7.08 20.15 -12.99
CA ASP D 1012 8.00 20.11 -14.18
C ASP D 1012 9.47 20.11 -13.73
N THR D 1013 10.38 19.85 -14.67
CA THR D 1013 11.85 19.75 -14.49
C THR D 1013 12.53 20.98 -15.10
N LEU D 1014 13.46 21.60 -14.39
CA LEU D 1014 14.29 22.70 -14.91
C LEU D 1014 15.54 22.09 -15.56
N ARG D 1015 15.84 22.46 -16.81
CA ARG D 1015 17.09 22.09 -17.51
C ARG D 1015 18.06 23.27 -17.52
N VAL D 1016 19.19 23.14 -16.82
CA VAL D 1016 20.23 24.21 -16.78
C VAL D 1016 21.38 23.79 -17.70
N LYS D 1017 21.66 24.56 -18.74
CA LYS D 1017 22.74 24.29 -19.72
C LYS D 1017 23.96 25.17 -19.38
N PHE D 1018 25.16 24.59 -19.46
CA PHE D 1018 26.47 25.27 -19.26
C PHE D 1018 27.39 25.00 -20.43
N SER D 1019 27.97 26.03 -21.02
CA SER D 1019 29.08 25.96 -22.00
C SER D 1019 30.37 26.40 -21.30
N LEU D 1020 31.46 25.66 -21.50
CA LEU D 1020 32.82 26.01 -20.99
C LEU D 1020 33.77 26.02 -22.19
N LEU D 1021 34.44 27.13 -22.44
CA LEU D 1021 35.41 27.27 -23.55
C LEU D 1021 36.83 27.43 -22.98
N ASN D 1022 37.76 26.56 -23.38
CA ASN D 1022 39.21 26.63 -23.00
C ASN D 1022 39.99 27.23 -24.18
N ASP D 1023 40.49 28.45 -24.05
CA ASP D 1023 41.31 29.13 -25.08
C ASP D 1023 42.78 29.24 -24.60
N THR D 1024 43.16 28.51 -23.55
CA THR D 1024 44.52 28.48 -22.97
C THR D 1024 45.30 27.35 -23.63
N PRO D 1025 46.64 27.30 -23.49
CA PRO D 1025 47.41 26.15 -23.97
C PRO D 1025 47.49 24.88 -23.10
N LEU D 1026 46.86 24.83 -21.92
CA LEU D 1026 46.82 23.60 -21.07
C LEU D 1026 45.39 23.05 -20.94
N SER D 1027 45.24 21.71 -20.88
CA SER D 1027 43.99 21.01 -20.50
C SER D 1027 43.60 21.45 -19.09
N LYS D 1028 42.31 21.62 -18.83
CA LYS D 1028 41.75 21.98 -17.50
C LYS D 1028 40.86 20.85 -16.99
N GLU D 1029 41.06 20.46 -15.73
CA GLU D 1029 40.15 19.60 -14.95
C GLU D 1029 39.35 20.52 -14.01
N LYS D 1030 38.03 20.43 -14.00
CA LYS D 1030 37.14 21.34 -13.23
C LYS D 1030 36.00 20.53 -12.57
N GLN D 1031 35.68 20.82 -11.31
CA GLN D 1031 34.43 20.36 -10.64
C GLN D 1031 33.37 21.46 -10.84
N VAL D 1032 32.32 21.22 -11.64
CA VAL D 1032 31.20 22.19 -11.84
C VAL D 1032 30.10 21.86 -10.82
N VAL D 1033 29.89 22.72 -9.83
CA VAL D 1033 28.89 22.54 -8.74
C VAL D 1033 27.66 23.43 -8.99
N LEU D 1034 26.45 22.86 -8.95
CA LEU D 1034 25.18 23.63 -9.06
C LEU D 1034 24.55 23.81 -7.66
N PHE D 1035 24.29 25.06 -7.26
CA PHE D 1035 23.59 25.41 -6.00
C PHE D 1035 22.16 25.87 -6.31
N VAL D 1036 21.21 25.46 -5.48
CA VAL D 1036 19.77 25.84 -5.51
C VAL D 1036 19.44 26.39 -4.13
N ASP D 1037 19.14 27.69 -4.05
CA ASP D 1037 18.78 28.40 -2.79
C ASP D 1037 19.90 28.26 -1.75
N GLY D 1038 21.16 28.33 -2.20
CA GLY D 1038 22.34 28.32 -1.32
C GLY D 1038 22.85 26.93 -0.97
N ASN D 1039 22.10 25.86 -1.25
CA ASN D 1039 22.46 24.47 -0.88
C ASN D 1039 23.02 23.72 -2.10
N GLU D 1040 24.10 22.95 -1.90
CA GLU D 1040 24.74 22.11 -2.97
C GLU D 1040 23.67 21.15 -3.49
N TYR D 1041 23.45 21.09 -4.80
CA TYR D 1041 22.41 20.24 -5.42
C TYR D 1041 23.05 19.12 -6.28
N SER D 1042 24.06 19.42 -7.08
CA SER D 1042 24.68 18.45 -8.02
C SER D 1042 26.11 18.89 -8.37
N VAL D 1043 26.93 17.95 -8.86
CA VAL D 1043 28.34 18.22 -9.27
C VAL D 1043 28.72 17.32 -10.45
N ARG D 1044 29.46 17.88 -11.42
CA ARG D 1044 30.03 17.15 -12.58
C ARG D 1044 31.54 17.42 -12.67
N ARG D 1045 32.36 16.37 -12.83
CA ARG D 1045 33.79 16.48 -13.16
C ARG D 1045 33.95 16.64 -14.68
N VAL D 1046 34.71 17.62 -15.17
CA VAL D 1046 34.95 17.81 -16.64
C VAL D 1046 36.45 17.96 -16.89
N VAL D 1047 36.95 17.37 -17.99
CA VAL D 1047 38.30 17.60 -18.57
C VAL D 1047 38.11 18.30 -19.92
N ILE D 1048 38.64 19.52 -20.08
CA ILE D 1048 38.45 20.35 -21.31
C ILE D 1048 39.81 20.53 -21.97
N PRO D 1049 40.07 19.83 -23.09
CA PRO D 1049 41.30 20.01 -23.84
C PRO D 1049 41.45 21.43 -24.37
N PRO D 1050 42.67 21.89 -24.70
CA PRO D 1050 42.87 23.22 -25.29
C PRO D 1050 42.06 23.41 -26.58
N PHE D 1051 41.61 24.64 -26.82
CA PHE D 1051 40.90 25.06 -28.05
C PHE D 1051 39.62 24.22 -28.22
N LYS D 1052 38.91 23.92 -27.12
CA LYS D 1052 37.68 23.09 -27.17
C LYS D 1052 36.58 23.71 -26.29
N LYS D 1053 35.33 23.45 -26.66
CA LYS D 1053 34.11 23.83 -25.89
C LYS D 1053 33.40 22.55 -25.44
N GLU D 1054 33.06 22.46 -24.15
CA GLU D 1054 32.24 21.37 -23.58
C GLU D 1054 30.87 21.93 -23.18
N GLU D 1055 29.81 21.13 -23.34
CA GLU D 1055 28.41 21.49 -22.97
C GLU D 1055 27.92 20.48 -21.93
N LEU D 1056 27.34 20.96 -20.83
CA LEU D 1056 26.70 20.14 -19.76
C LEU D 1056 25.22 20.52 -19.68
N VAL D 1057 24.39 19.58 -19.25
CA VAL D 1057 22.99 19.83 -18.84
C VAL D 1057 22.81 19.24 -17.44
N PHE D 1058 22.28 20.03 -16.49
CA PHE D 1058 21.79 19.56 -15.18
C PHE D 1058 20.24 19.56 -15.21
N LYS D 1059 19.62 18.52 -14.67
CA LYS D 1059 18.15 18.42 -14.46
C LYS D 1059 17.86 18.70 -12.99
N VAL D 1060 17.04 19.70 -12.69
CA VAL D 1060 16.66 20.08 -11.31
C VAL D 1060 15.18 19.72 -11.10
N GLU D 1061 14.90 18.88 -10.09
CA GLU D 1061 13.56 18.34 -9.74
C GLU D 1061 13.11 18.91 -8.39
N GLY D 1062 11.80 18.96 -8.15
CA GLY D 1062 11.19 19.18 -6.82
C GLY D 1062 11.07 20.64 -6.42
N LEU D 1063 11.15 21.59 -7.37
CA LEU D 1063 11.02 23.05 -7.07
C LEU D 1063 9.54 23.38 -6.86
N LYS D 1064 9.19 23.91 -5.69
CA LYS D 1064 7.81 24.32 -5.31
C LYS D 1064 7.56 25.75 -5.76
N LYS D 1065 6.30 26.20 -5.72
CA LYS D 1065 5.84 27.54 -6.16
C LYS D 1065 6.70 28.65 -5.54
N GLY D 1066 7.00 29.69 -6.31
CA GLY D 1066 7.77 30.86 -5.86
C GLY D 1066 8.96 31.17 -6.76
N GLU D 1067 9.94 31.91 -6.22
CA GLU D 1067 11.18 32.29 -6.95
C GLU D 1067 12.36 31.61 -6.26
N HIS D 1068 13.36 31.20 -7.04
CA HIS D 1068 14.52 30.39 -6.58
C HIS D 1068 15.80 30.92 -7.23
N LEU D 1069 16.88 31.03 -6.45
CA LEU D 1069 18.24 31.37 -6.95
C LEU D 1069 18.93 30.07 -7.41
N ILE D 1070 19.44 30.07 -8.64
CA ILE D 1070 20.34 29.02 -9.22
C ILE D 1070 21.71 29.67 -9.39
N HIS D 1071 22.78 29.10 -8.83
CA HIS D 1071 24.15 29.64 -9.03
C HIS D 1071 25.18 28.53 -9.05
N THR D 1072 26.39 28.83 -9.53
CA THR D 1072 27.54 27.89 -9.59
C THR D 1072 28.78 28.45 -8.89
N ASN D 1073 29.79 27.60 -8.72
CA ASN D 1073 31.16 27.96 -8.27
C ASN D 1073 31.96 28.68 -9.38
N LEU D 1074 31.41 28.92 -10.57
CA LEU D 1074 32.08 29.62 -11.71
C LEU D 1074 31.47 31.01 -11.96
N ASN D 1075 30.86 31.64 -10.97
CA ASN D 1075 30.39 33.06 -11.03
C ASN D 1075 29.25 33.25 -12.04
N THR D 1076 28.27 32.35 -12.11
CA THR D 1076 27.00 32.49 -12.88
C THR D 1076 25.84 32.40 -11.91
N ARG D 1077 24.82 33.24 -12.09
CA ARG D 1077 23.68 33.39 -11.13
C ARG D 1077 22.41 33.76 -11.90
N LYS D 1078 21.26 33.20 -11.54
CA LYS D 1078 19.96 33.46 -12.21
C LYS D 1078 18.82 33.26 -11.21
N THR D 1079 17.77 34.10 -11.28
CA THR D 1079 16.46 33.85 -10.62
C THR D 1079 15.56 33.06 -11.58
N ILE D 1080 14.86 32.05 -11.07
CA ILE D 1080 13.87 31.19 -11.80
C ILE D 1080 12.50 31.30 -11.09
N TYR D 1081 11.40 31.37 -11.83
CA TYR D 1081 10.03 31.52 -11.26
C TYR D 1081 9.26 30.23 -11.49
N VAL D 1082 8.69 29.65 -10.42
CA VAL D 1082 7.85 28.43 -10.51
C VAL D 1082 6.39 28.86 -10.40
N ARG D 1083 5.67 28.90 -11.52
CA ARG D 1083 4.20 29.16 -11.60
C ARG D 1083 3.45 28.05 -10.84
N PRO E 1 52.04 -24.19 -58.92
CA PRO E 1 50.90 -23.24 -58.79
C PRO E 1 50.80 -22.24 -59.96
N TYR E 2 49.59 -22.05 -60.49
CA TYR E 2 49.29 -21.09 -61.58
C TYR E 2 49.23 -19.67 -61.01
N GLU E 3 49.81 -18.70 -61.70
CA GLU E 3 49.88 -17.27 -61.29
C GLU E 3 48.46 -16.68 -61.15
N TRP E 4 47.48 -17.24 -61.86
CA TRP E 4 46.05 -16.83 -61.81
C TRP E 4 45.29 -17.60 -60.73
N GLU E 5 45.98 -18.30 -59.83
CA GLU E 5 45.37 -18.91 -58.61
C GLU E 5 46.17 -18.53 -57.36
N ASN E 6 47.01 -17.49 -57.42
CA ASN E 6 47.94 -17.14 -56.32
C ASN E 6 47.67 -15.71 -55.84
N PRO E 7 46.91 -15.50 -54.73
CA PRO E 7 46.58 -14.15 -54.27
C PRO E 7 47.79 -13.29 -53.85
N GLN E 8 48.95 -13.89 -53.58
CA GLN E 8 50.16 -13.16 -53.09
C GLN E 8 50.95 -12.55 -54.25
N LEU E 9 50.67 -12.93 -55.50
CA LEU E 9 51.28 -12.34 -56.72
C LEU E 9 50.25 -11.44 -57.40
N VAL E 10 50.41 -10.13 -57.27
CA VAL E 10 49.43 -9.08 -57.72
C VAL E 10 49.75 -8.67 -59.16
N SER E 11 51.01 -8.73 -59.58
CA SER E 11 51.47 -8.43 -60.96
C SER E 11 52.94 -8.84 -61.14
N GLU E 12 53.46 -8.69 -62.36
CA GLU E 12 54.89 -8.92 -62.68
C GLU E 12 55.26 -8.13 -63.95
N GLY E 13 56.39 -7.44 -63.92
CA GLY E 13 56.95 -6.70 -65.08
C GLY E 13 56.31 -5.35 -65.31
N THR E 14 55.45 -4.85 -64.40
CA THR E 14 54.73 -3.56 -64.55
C THR E 14 55.51 -2.41 -63.89
N GLU E 15 55.32 -1.19 -64.40
CA GLU E 15 55.85 0.06 -63.80
C GLU E 15 55.07 0.41 -62.53
N LYS E 16 55.61 1.30 -61.70
CA LYS E 16 54.93 1.84 -60.49
C LYS E 16 53.80 2.78 -60.92
N SER E 17 52.71 2.81 -60.15
CA SER E 17 51.54 3.71 -60.32
C SER E 17 52.01 5.17 -60.38
N HIS E 18 51.34 5.99 -61.18
CA HIS E 18 51.51 7.47 -61.19
C HIS E 18 50.19 8.13 -61.59
N ALA E 19 50.12 9.45 -61.50
CA ALA E 19 48.95 10.27 -61.86
C ALA E 19 48.73 10.23 -63.37
N SER E 20 47.47 10.31 -63.82
CA SER E 20 47.07 10.35 -65.25
C SER E 20 47.63 11.62 -65.89
N PHE E 21 48.30 11.51 -67.04
CA PHE E 21 48.65 12.67 -67.92
C PHE E 21 48.06 12.52 -69.33
N ILE E 22 47.62 11.34 -69.73
CA ILE E 22 47.10 11.02 -71.11
C ILE E 22 45.77 10.31 -70.97
N PRO E 23 44.68 10.76 -71.64
CA PRO E 23 44.63 12.02 -72.37
C PRO E 23 44.52 13.22 -71.41
N TYR E 24 44.70 14.43 -71.92
CA TYR E 24 44.60 15.71 -71.17
C TYR E 24 43.39 16.50 -71.68
N LEU E 25 42.51 16.96 -70.79
CA LEU E 25 41.36 17.85 -71.14
C LEU E 25 41.80 19.30 -70.96
N ASP E 26 41.76 20.07 -72.04
CA ASP E 26 42.04 21.53 -72.03
C ASP E 26 40.81 22.26 -71.51
N PRO E 27 40.85 22.94 -70.34
CA PRO E 27 39.66 23.60 -69.79
C PRO E 27 39.24 24.89 -70.51
N PHE E 28 40.04 25.43 -71.42
CA PHE E 28 39.74 26.67 -72.18
C PHE E 28 38.93 26.34 -73.45
N SER E 29 39.25 25.23 -74.11
CA SER E 29 38.62 24.78 -75.39
C SER E 29 37.65 23.61 -75.17
N GLY E 30 37.88 22.78 -74.13
CA GLY E 30 37.11 21.54 -73.87
C GLY E 30 37.51 20.41 -74.80
N GLU E 31 38.71 20.45 -75.36
CA GLU E 31 39.22 19.46 -76.36
C GLU E 31 40.26 18.54 -75.69
N TRP E 32 40.25 17.26 -76.07
CA TRP E 32 41.22 16.23 -75.61
C TRP E 32 42.53 16.41 -76.39
N GLU E 33 43.67 16.23 -75.72
CA GLU E 33 45.05 16.44 -76.26
C GLU E 33 45.92 15.23 -75.94
N TYR E 34 46.76 14.82 -76.90
CA TYR E 34 47.66 13.64 -76.81
C TYR E 34 49.10 14.09 -77.00
N PRO E 35 50.10 13.31 -76.54
CA PRO E 35 51.50 13.64 -76.80
C PRO E 35 51.87 13.51 -78.28
N GLU E 36 52.99 14.11 -78.69
CA GLU E 36 53.52 14.07 -80.07
C GLU E 36 53.93 12.64 -80.44
N GLU E 37 54.69 11.97 -79.55
CA GLU E 37 55.15 10.56 -79.72
C GLU E 37 54.10 9.63 -79.12
N PHE E 38 53.02 9.35 -79.88
CA PHE E 38 51.83 8.57 -79.44
C PHE E 38 51.33 7.70 -80.59
N ILE E 39 51.13 6.39 -80.35
CA ILE E 39 50.51 5.42 -81.30
C ILE E 39 49.34 4.73 -80.61
N SER E 40 48.11 4.97 -81.09
CA SER E 40 46.88 4.26 -80.68
C SER E 40 46.92 2.81 -81.17
N LEU E 41 46.58 1.86 -80.31
CA LEU E 41 46.42 0.42 -80.64
C LEU E 41 44.92 0.06 -80.60
N ASN E 42 44.02 1.04 -80.60
CA ASN E 42 42.56 0.80 -80.78
C ASN E 42 42.32 0.41 -82.24
N GLY E 43 41.30 -0.43 -82.50
CA GLY E 43 40.94 -0.91 -83.83
C GLY E 43 40.83 -2.43 -83.87
N ASN E 44 41.15 -3.04 -85.01
CA ASN E 44 41.01 -4.52 -85.24
C ASN E 44 42.27 -5.25 -84.78
N TRP E 45 42.06 -6.32 -84.02
CA TRP E 45 43.07 -7.35 -83.64
C TRP E 45 42.55 -8.70 -84.10
N ARG E 46 43.44 -9.62 -84.46
CA ARG E 46 43.10 -11.05 -84.70
C ARG E 46 42.76 -11.67 -83.34
N PHE E 47 41.67 -12.43 -83.27
CA PHE E 47 41.08 -12.94 -82.00
C PHE E 47 40.77 -14.44 -82.11
N LEU E 48 40.95 -15.17 -81.02
CA LEU E 48 40.66 -16.62 -80.87
C LEU E 48 39.99 -16.85 -79.52
N PHE E 49 38.79 -17.43 -79.51
CA PHE E 49 37.98 -17.75 -78.31
C PHE E 49 38.10 -19.24 -77.99
N ALA E 50 38.38 -19.57 -76.73
CA ALA E 50 38.51 -20.95 -76.19
C ALA E 50 37.70 -21.07 -74.89
N LYS E 51 37.23 -22.29 -74.59
CA LYS E 51 36.33 -22.60 -73.44
C LYS E 51 37.12 -22.58 -72.13
N ASN E 52 38.44 -22.78 -72.19
CA ASN E 52 39.34 -22.72 -71.00
C ASN E 52 40.77 -22.49 -71.50
N PRO E 53 41.75 -22.23 -70.61
CA PRO E 53 43.12 -21.91 -71.05
C PRO E 53 43.86 -23.09 -71.70
N PHE E 54 43.43 -24.33 -71.46
CA PHE E 54 44.11 -25.59 -71.91
C PHE E 54 43.64 -26.00 -73.31
N GLU E 55 42.58 -25.39 -73.84
CA GLU E 55 42.06 -25.66 -75.21
C GLU E 55 42.58 -24.60 -76.20
N VAL E 56 43.67 -23.92 -75.84
CA VAL E 56 44.35 -22.92 -76.73
C VAL E 56 45.38 -23.67 -77.58
N PRO E 57 45.55 -23.33 -78.88
CA PRO E 57 46.60 -23.96 -79.70
C PRO E 57 48.01 -23.60 -79.19
N GLU E 58 48.92 -24.59 -79.19
CA GLU E 58 50.28 -24.45 -78.61
C GLU E 58 51.12 -23.53 -79.51
N ASP E 59 51.97 -22.69 -78.90
CA ASP E 59 52.92 -21.77 -79.58
C ASP E 59 52.15 -20.58 -80.21
N PHE E 60 50.99 -20.21 -79.66
CA PHE E 60 50.10 -19.13 -80.19
C PHE E 60 50.80 -17.76 -80.14
N PHE E 61 51.84 -17.61 -79.30
CA PHE E 61 52.51 -16.32 -78.96
C PHE E 61 53.76 -16.07 -79.83
N SER E 62 54.18 -17.04 -80.66
CA SER E 62 55.40 -16.96 -81.51
C SER E 62 55.12 -16.17 -82.79
N GLU E 63 56.17 -15.59 -83.38
CA GLU E 63 56.09 -14.78 -84.63
C GLU E 63 55.75 -15.68 -85.82
N LYS E 64 56.31 -16.90 -85.84
CA LYS E 64 56.15 -17.90 -86.93
C LYS E 64 54.70 -18.41 -87.03
N PHE E 65 53.98 -18.48 -85.91
CA PHE E 65 52.58 -18.99 -85.82
C PHE E 65 51.70 -18.30 -86.87
N ASP E 66 50.78 -19.06 -87.49
CA ASP E 66 49.85 -18.58 -88.55
C ASP E 66 48.45 -18.36 -87.95
N ASP E 67 47.95 -17.12 -88.04
CA ASP E 67 46.66 -16.67 -87.46
C ASP E 67 45.75 -16.12 -88.57
N SER E 68 46.03 -16.44 -89.83
CA SER E 68 45.32 -15.86 -91.02
C SER E 68 43.89 -16.39 -91.13
N ASN E 69 43.53 -17.44 -90.38
CA ASN E 69 42.16 -18.01 -90.32
C ASN E 69 41.42 -17.57 -89.04
N TRP E 70 42.04 -16.76 -88.17
CA TRP E 70 41.41 -16.20 -86.94
C TRP E 70 40.36 -15.15 -87.30
N ASP E 71 39.31 -15.02 -86.47
CA ASP E 71 38.31 -13.92 -86.53
C ASP E 71 38.98 -12.61 -86.12
N GLU E 72 38.41 -11.47 -86.54
CA GLU E 72 38.84 -10.09 -86.17
C GLU E 72 37.86 -9.50 -85.14
N ILE E 73 38.36 -8.99 -84.01
CA ILE E 73 37.57 -8.28 -82.96
C ILE E 73 38.05 -6.83 -82.86
N GLU E 74 37.13 -5.90 -82.60
CA GLU E 74 37.43 -4.46 -82.39
C GLU E 74 37.78 -4.22 -80.91
N VAL E 75 38.87 -3.49 -80.66
CA VAL E 75 39.32 -3.06 -79.31
C VAL E 75 39.04 -1.55 -79.21
N PRO E 76 38.46 -1.02 -78.11
CA PRO E 76 38.06 -1.82 -76.93
C PRO E 76 36.65 -2.43 -76.99
N SER E 77 36.44 -3.56 -76.31
CA SER E 77 35.11 -4.20 -76.21
C SER E 77 35.09 -5.27 -75.11
N ASN E 78 33.88 -5.66 -74.69
CA ASN E 78 33.60 -6.91 -73.95
C ASN E 78 33.15 -7.92 -75.01
N TRP E 79 33.68 -9.16 -74.99
CA TRP E 79 33.47 -10.13 -76.09
C TRP E 79 32.10 -10.80 -75.96
N GLU E 80 31.47 -10.78 -74.77
CA GLU E 80 30.06 -11.22 -74.57
C GLU E 80 29.11 -10.34 -75.39
N MET E 81 29.46 -9.08 -75.64
CA MET E 81 28.67 -8.12 -76.45
C MET E 81 29.05 -8.18 -77.94
N LYS E 82 29.98 -9.05 -78.34
CA LYS E 82 30.41 -9.27 -79.75
C LYS E 82 30.03 -10.66 -80.26
N GLY E 83 29.48 -11.56 -79.42
CA GLY E 83 28.93 -12.86 -79.85
C GLY E 83 29.52 -14.06 -79.11
N TYR E 84 30.66 -13.92 -78.44
CA TYR E 84 31.41 -15.05 -77.83
C TYR E 84 30.97 -15.25 -76.39
N GLY E 85 30.76 -16.49 -75.96
CA GLY E 85 30.28 -16.83 -74.60
C GLY E 85 28.94 -16.17 -74.31
N LYS E 86 28.54 -16.13 -73.04
CA LYS E 86 27.24 -15.56 -72.59
C LYS E 86 27.44 -14.68 -71.37
N PRO E 87 26.70 -13.55 -71.24
CA PRO E 87 26.75 -12.73 -70.04
C PRO E 87 26.04 -13.44 -68.89
N ILE E 88 26.60 -13.36 -67.68
CA ILE E 88 26.06 -13.98 -66.45
C ILE E 88 25.77 -12.87 -65.45
N TYR E 89 24.57 -12.86 -64.85
CA TYR E 89 24.20 -11.93 -63.75
C TYR E 89 23.96 -12.75 -62.47
N THR E 90 24.74 -12.45 -61.43
CA THR E 90 24.56 -12.97 -60.05
C THR E 90 24.69 -11.79 -59.08
N ASN E 91 23.90 -11.78 -58.01
CA ASN E 91 23.90 -10.71 -56.99
C ASN E 91 25.10 -10.94 -56.07
N VAL E 92 25.02 -11.95 -55.20
CA VAL E 92 26.02 -12.25 -54.13
C VAL E 92 26.79 -13.54 -54.46
N VAL E 93 26.11 -14.59 -54.95
CA VAL E 93 26.73 -15.92 -55.24
C VAL E 93 27.74 -15.76 -56.37
N TYR E 94 28.88 -16.44 -56.27
CA TYR E 94 29.90 -16.53 -57.35
C TYR E 94 29.34 -17.42 -58.45
N PRO E 95 29.67 -17.15 -59.74
CA PRO E 95 29.19 -17.98 -60.85
C PRO E 95 29.95 -19.30 -61.05
N PHE E 96 30.91 -19.59 -60.17
CA PHE E 96 31.64 -20.88 -60.02
C PHE E 96 31.54 -21.30 -58.55
N GLU E 97 32.08 -22.46 -58.19
CA GLU E 97 31.99 -23.01 -56.80
C GLU E 97 32.97 -22.25 -55.90
N PRO E 98 32.50 -21.65 -54.78
CA PRO E 98 33.36 -20.82 -53.94
C PRO E 98 34.34 -21.65 -53.09
N ASN E 99 35.64 -21.46 -53.34
CA ASN E 99 36.75 -22.19 -52.67
C ASN E 99 38.03 -21.41 -52.91
N PRO E 100 38.24 -20.26 -52.22
CA PRO E 100 39.37 -19.39 -52.55
C PRO E 100 40.71 -20.06 -52.25
N PRO E 101 41.78 -19.85 -53.04
CA PRO E 101 41.77 -19.02 -54.24
C PRO E 101 41.53 -19.71 -55.60
N PHE E 102 40.79 -20.82 -55.62
CA PHE E 102 40.74 -21.77 -56.78
C PHE E 102 39.59 -21.39 -57.73
N VAL E 103 39.88 -21.37 -59.04
CA VAL E 103 38.90 -21.13 -60.12
C VAL E 103 38.83 -22.37 -61.01
N PRO E 104 37.68 -22.63 -61.69
CA PRO E 104 37.54 -23.82 -62.52
C PRO E 104 38.54 -23.89 -63.69
N LYS E 105 38.94 -25.12 -64.04
CA LYS E 105 39.86 -25.43 -65.18
C LYS E 105 39.03 -25.88 -66.40
N ASP E 106 37.82 -26.39 -66.19
CA ASP E 106 36.92 -26.92 -67.26
C ASP E 106 36.22 -25.77 -67.99
N ASP E 107 35.52 -24.89 -67.25
CA ASP E 107 34.76 -23.73 -67.79
C ASP E 107 35.41 -22.44 -67.26
N ASN E 108 36.30 -21.83 -68.07
CA ASN E 108 36.96 -20.54 -67.77
C ASN E 108 37.22 -19.84 -69.11
N PRO E 109 36.20 -19.13 -69.63
CA PRO E 109 36.32 -18.45 -70.92
C PRO E 109 37.65 -17.69 -71.10
N THR E 110 38.27 -17.89 -72.25
CA THR E 110 39.66 -17.43 -72.55
C THR E 110 39.65 -16.76 -73.92
N GLY E 111 40.43 -15.69 -74.06
CA GLY E 111 40.57 -14.93 -75.32
C GLY E 111 42.04 -14.68 -75.59
N VAL E 112 42.46 -14.83 -76.85
CA VAL E 112 43.85 -14.53 -77.31
C VAL E 112 43.75 -13.48 -78.42
N TYR E 113 44.43 -12.35 -78.24
CA TYR E 113 44.48 -11.20 -79.20
C TYR E 113 45.90 -11.14 -79.79
N ARG E 114 46.03 -10.90 -81.10
CA ARG E 114 47.33 -10.73 -81.81
C ARG E 114 47.26 -9.50 -82.72
N ARG E 115 48.34 -8.72 -82.78
CA ARG E 115 48.43 -7.52 -83.64
C ARG E 115 49.90 -7.20 -83.94
N TRP E 116 50.17 -6.71 -85.16
CA TRP E 116 51.50 -6.25 -85.65
C TRP E 116 51.50 -4.71 -85.69
N ILE E 117 52.56 -4.07 -85.21
CA ILE E 117 52.69 -2.59 -85.08
C ILE E 117 54.05 -2.13 -85.59
N GLU E 118 54.10 -0.90 -86.16
CA GLU E 118 55.28 -0.29 -86.83
C GLU E 118 55.86 0.83 -85.95
N ILE E 119 56.97 0.58 -85.25
CA ILE E 119 57.69 1.58 -84.40
C ILE E 119 58.65 2.36 -85.31
N PRO E 120 58.55 3.71 -85.42
CA PRO E 120 59.56 4.52 -86.09
C PRO E 120 60.97 4.42 -85.46
N GLU E 121 62.00 4.76 -86.23
CA GLU E 121 63.43 4.58 -85.86
C GLU E 121 63.82 5.59 -84.77
N ASP E 122 63.33 6.83 -84.87
CA ASP E 122 63.72 7.96 -83.97
C ASP E 122 63.19 7.75 -82.54
N TRP E 123 62.31 6.77 -82.30
CA TRP E 123 61.79 6.42 -80.96
C TRP E 123 62.86 5.74 -80.09
N PHE E 124 63.93 5.20 -80.67
CA PHE E 124 64.89 4.31 -79.96
C PHE E 124 66.02 5.12 -79.30
N LYS E 125 66.04 6.45 -79.46
CA LYS E 125 66.86 7.38 -78.62
C LYS E 125 66.05 7.87 -77.42
N LYS E 126 64.99 7.16 -77.04
CA LYS E 126 64.02 7.51 -75.96
C LYS E 126 63.62 6.23 -75.22
N GLU E 127 62.72 6.34 -74.23
CA GLU E 127 62.16 5.18 -73.48
C GLU E 127 60.71 4.95 -73.94
N ILE E 128 60.33 3.70 -74.21
CA ILE E 128 59.04 3.31 -74.85
C ILE E 128 58.20 2.51 -73.86
N PHE E 129 56.92 2.88 -73.68
CA PHE E 129 55.96 2.22 -72.73
C PHE E 129 54.70 1.76 -73.48
N LEU E 130 54.17 0.60 -73.11
CA LEU E 130 52.86 0.05 -73.55
C LEU E 130 51.86 0.19 -72.39
N HIS E 131 50.74 0.92 -72.59
CA HIS E 131 49.72 1.26 -71.55
C HIS E 131 48.38 0.58 -71.83
N PHE E 132 47.91 -0.29 -70.92
CA PHE E 132 46.53 -0.87 -70.90
C PHE E 132 45.68 -0.13 -69.85
N GLU E 133 44.67 0.61 -70.28
CA GLU E 133 43.76 1.37 -69.37
C GLU E 133 42.89 0.42 -68.54
N GLY E 134 42.55 -0.78 -69.04
CA GLY E 134 41.77 -1.77 -68.26
C GLY E 134 41.50 -3.08 -69.01
N VAL E 135 41.61 -4.21 -68.32
CA VAL E 135 41.43 -5.60 -68.84
C VAL E 135 40.79 -6.45 -67.74
N ARG E 136 39.75 -7.21 -68.06
CA ARG E 136 39.01 -8.03 -67.07
C ARG E 136 39.17 -9.51 -67.43
N SER E 137 39.56 -10.41 -66.50
CA SER E 137 40.01 -10.11 -65.15
C SER E 137 41.52 -10.28 -64.97
N PHE E 138 42.21 -10.98 -65.87
CA PHE E 138 43.65 -11.35 -65.76
C PHE E 138 44.22 -11.49 -67.16
N PHE E 139 45.47 -11.09 -67.39
CA PHE E 139 46.13 -11.28 -68.71
C PHE E 139 47.64 -11.51 -68.59
N TYR E 140 48.18 -12.26 -69.57
CA TYR E 140 49.62 -12.46 -69.90
C TYR E 140 49.98 -11.62 -71.13
N LEU E 141 51.17 -11.00 -71.16
CA LEU E 141 51.68 -10.23 -72.31
C LEU E 141 52.92 -10.92 -72.90
N TRP E 142 52.97 -11.03 -74.24
CA TRP E 142 54.16 -11.46 -75.03
C TRP E 142 54.48 -10.36 -76.05
N VAL E 143 55.75 -9.97 -76.18
CA VAL E 143 56.25 -9.03 -77.23
C VAL E 143 57.34 -9.75 -78.03
N ASN E 144 57.19 -9.78 -79.36
CA ASN E 144 58.12 -10.45 -80.33
C ASN E 144 58.52 -11.84 -79.79
N GLY E 145 57.55 -12.64 -79.35
CA GLY E 145 57.74 -14.03 -78.90
C GLY E 145 58.10 -14.17 -77.43
N LYS E 146 58.58 -13.12 -76.76
CA LYS E 146 59.12 -13.16 -75.37
C LYS E 146 58.03 -12.75 -74.36
N LYS E 147 57.99 -13.44 -73.21
CA LYS E 147 57.11 -13.13 -72.04
C LYS E 147 57.65 -11.91 -71.28
N ILE E 148 56.82 -10.89 -71.07
CA ILE E 148 57.15 -9.64 -70.30
C ILE E 148 56.59 -9.75 -68.88
N GLY E 149 55.32 -10.17 -68.72
CA GLY E 149 54.70 -10.39 -67.40
C GLY E 149 53.18 -10.41 -67.48
N PHE E 150 52.51 -10.11 -66.35
CA PHE E 150 51.03 -10.24 -66.17
C PHE E 150 50.49 -9.17 -65.22
N SER E 151 49.14 -9.06 -65.09
CA SER E 151 48.44 -8.08 -64.22
C SER E 151 47.04 -8.58 -63.84
N LYS E 152 46.46 -8.09 -62.74
CA LYS E 152 45.29 -8.72 -62.05
C LYS E 152 44.08 -7.82 -61.70
N ASP E 153 44.19 -6.49 -61.55
CA ASP E 153 43.02 -5.63 -61.11
C ASP E 153 42.34 -5.03 -62.35
N SER E 154 41.05 -5.30 -62.54
CA SER E 154 40.32 -5.05 -63.80
C SER E 154 40.14 -3.56 -64.11
N CYS E 155 40.21 -2.66 -63.12
CA CYS E 155 39.66 -1.28 -63.26
C CYS E 155 40.76 -0.22 -63.16
N THR E 156 42.04 -0.60 -62.98
CA THR E 156 43.19 0.34 -62.91
C THR E 156 44.23 -0.07 -63.96
N PRO E 157 45.07 0.86 -64.44
CA PRO E 157 45.92 0.59 -65.61
C PRO E 157 47.11 -0.33 -65.33
N ALA E 158 47.74 -0.82 -66.41
CA ALA E 158 48.96 -1.67 -66.41
C ALA E 158 49.89 -1.14 -67.51
N GLU E 159 51.09 -0.74 -67.12
CA GLU E 159 52.11 -0.10 -67.99
C GLU E 159 53.38 -0.95 -67.95
N PHE E 160 54.05 -1.12 -69.10
CA PHE E 160 55.25 -1.99 -69.27
C PHE E 160 56.31 -1.23 -70.08
N ARG E 161 57.54 -1.13 -69.56
CA ARG E 161 58.69 -0.55 -70.29
C ARG E 161 59.22 -1.60 -71.28
N LEU E 162 59.27 -1.28 -72.57
CA LEU E 162 59.54 -2.25 -73.68
C LEU E 162 60.77 -1.84 -74.51
N THR E 163 61.55 -0.83 -74.10
CA THR E 163 62.62 -0.22 -74.94
C THR E 163 63.65 -1.27 -75.41
N ASP E 164 63.91 -2.31 -74.60
CA ASP E 164 64.92 -3.37 -74.88
C ASP E 164 64.37 -4.40 -75.88
N VAL E 165 63.20 -4.97 -75.63
CA VAL E 165 62.65 -6.17 -76.36
C VAL E 165 62.03 -5.76 -77.71
N LEU E 166 61.93 -4.46 -78.01
CA LEU E 166 61.28 -3.92 -79.24
C LEU E 166 62.40 -3.58 -80.24
N ARG E 167 62.07 -3.53 -81.53
CA ARG E 167 63.03 -3.26 -82.64
C ARG E 167 62.38 -2.28 -83.63
N PRO E 168 63.17 -1.50 -84.42
CA PRO E 168 62.61 -0.65 -85.46
C PRO E 168 61.86 -1.47 -86.52
N GLY E 169 60.85 -0.87 -87.16
CA GLY E 169 59.96 -1.53 -88.13
C GLY E 169 58.84 -2.29 -87.45
N LYS E 170 58.58 -3.53 -87.87
CA LYS E 170 57.36 -4.31 -87.54
C LYS E 170 57.61 -5.17 -86.29
N ASN E 171 56.73 -5.07 -85.28
CA ASN E 171 56.78 -5.86 -84.02
C ASN E 171 55.44 -6.54 -83.77
N LEU E 172 55.44 -7.65 -83.05
CA LEU E 172 54.22 -8.41 -82.66
C LEU E 172 53.90 -8.15 -81.18
N ILE E 173 52.62 -7.88 -80.87
CA ILE E 173 52.04 -7.86 -79.49
C ILE E 173 51.03 -9.02 -79.41
N THR E 174 51.10 -9.83 -78.36
CA THR E 174 50.14 -10.93 -78.08
C THR E 174 49.71 -10.88 -76.61
N VAL E 175 48.41 -10.98 -76.36
CA VAL E 175 47.75 -10.90 -75.03
C VAL E 175 46.84 -12.11 -74.88
N GLU E 176 46.93 -12.84 -73.76
CA GLU E 176 45.96 -13.90 -73.39
C GLU E 176 45.15 -13.44 -72.16
N VAL E 177 43.82 -13.32 -72.30
CA VAL E 177 42.90 -12.80 -71.24
C VAL E 177 42.08 -13.97 -70.68
N LEU E 178 42.05 -14.12 -69.35
CA LEU E 178 41.20 -15.10 -68.61
C LEU E 178 40.03 -14.37 -67.93
N LYS E 179 38.81 -14.93 -67.98
CA LYS E 179 37.60 -14.30 -67.38
C LYS E 179 37.70 -14.36 -65.87
N TRP E 180 37.94 -15.56 -65.31
CA TRP E 180 38.01 -15.80 -63.85
C TRP E 180 39.47 -16.06 -63.41
N SER E 181 39.81 -15.51 -62.24
CA SER E 181 41.12 -15.63 -61.56
C SER E 181 40.87 -15.55 -60.05
N ASP E 182 41.92 -15.59 -59.24
CA ASP E 182 41.86 -15.33 -57.77
C ASP E 182 41.37 -13.89 -57.54
N GLY E 183 41.76 -12.95 -58.42
CA GLY E 183 41.25 -11.56 -58.46
C GLY E 183 39.72 -11.49 -58.39
N SER E 184 39.01 -12.43 -59.04
CA SER E 184 37.53 -12.49 -59.13
C SER E 184 36.87 -12.57 -57.75
N TYR E 185 37.56 -13.08 -56.73
CA TYR E 185 37.03 -13.18 -55.33
C TYR E 185 36.84 -11.78 -54.71
N LEU E 186 37.54 -10.74 -55.19
CA LEU E 186 37.38 -9.32 -54.76
C LEU E 186 36.61 -8.49 -55.81
N GLU E 187 35.91 -9.12 -56.76
CA GLU E 187 35.15 -8.40 -57.83
C GLU E 187 33.74 -8.98 -57.91
N ASP E 188 33.13 -9.27 -56.75
CA ASP E 188 31.79 -9.85 -56.60
C ASP E 188 30.74 -8.72 -56.44
N GLN E 189 30.76 -7.71 -57.31
CA GLN E 189 29.76 -6.60 -57.29
C GLN E 189 28.44 -7.15 -57.85
N ASP E 190 27.31 -6.61 -57.39
CA ASP E 190 25.95 -6.94 -57.91
C ASP E 190 25.84 -6.35 -59.32
N MET E 191 26.33 -7.08 -60.32
CA MET E 191 26.40 -6.61 -61.74
C MET E 191 26.68 -7.79 -62.68
N TRP E 192 26.66 -7.53 -63.98
CA TRP E 192 26.93 -8.52 -65.06
C TRP E 192 28.43 -8.90 -65.04
N TRP E 193 28.75 -10.20 -65.07
CA TRP E 193 30.14 -10.72 -65.28
C TRP E 193 30.48 -10.69 -66.78
N PHE E 194 31.36 -9.78 -67.20
CA PHE E 194 31.89 -9.64 -68.59
C PHE E 194 33.40 -9.95 -68.60
N ALA E 195 34.07 -9.81 -69.75
CA ALA E 195 35.52 -10.07 -69.92
C ALA E 195 36.05 -9.41 -71.20
N GLY E 196 37.35 -9.11 -71.25
CA GLY E 196 38.07 -8.67 -72.46
C GLY E 196 38.87 -7.39 -72.26
N ILE E 197 39.52 -6.91 -73.32
CA ILE E 197 40.24 -5.60 -73.33
C ILE E 197 39.20 -4.49 -73.61
N TYR E 198 38.59 -3.94 -72.55
CA TYR E 198 37.34 -3.12 -72.61
C TYR E 198 37.64 -1.62 -72.51
N ARG E 199 38.91 -1.22 -72.35
CA ARG E 199 39.37 0.20 -72.35
C ARG E 199 40.61 0.31 -73.26
N ASP E 200 40.95 1.53 -73.66
CA ASP E 200 41.97 1.87 -74.68
C ASP E 200 43.34 1.24 -74.40
N VAL E 201 44.13 1.05 -75.47
CA VAL E 201 45.54 0.58 -75.46
C VAL E 201 46.36 1.53 -76.32
N TYR E 202 47.57 1.90 -75.90
CA TYR E 202 48.44 2.81 -76.68
C TYR E 202 49.92 2.64 -76.30
N LEU E 203 50.79 3.13 -77.19
CA LEU E 203 52.27 3.24 -77.04
C LEU E 203 52.64 4.72 -77.00
N TYR E 204 53.54 5.13 -76.12
CA TYR E 204 54.12 6.50 -76.09
C TYR E 204 55.61 6.41 -75.74
N ALA E 205 56.34 7.51 -75.92
CA ALA E 205 57.81 7.57 -75.72
C ALA E 205 58.17 8.83 -74.92
N LEU E 206 59.03 8.69 -73.91
CA LEU E 206 59.55 9.81 -73.08
C LEU E 206 61.06 9.89 -73.22
N PRO E 207 61.67 11.08 -73.03
CA PRO E 207 63.13 11.20 -72.92
C PRO E 207 63.73 10.30 -71.84
N LYS E 208 65.05 10.06 -71.92
CA LYS E 208 65.79 9.18 -70.98
C LYS E 208 65.68 9.73 -69.56
N PHE E 209 65.73 11.06 -69.41
CA PHE E 209 65.52 11.81 -68.14
C PHE E 209 64.16 12.54 -68.23
N HIS E 210 63.19 12.11 -67.43
CA HIS E 210 61.77 12.56 -67.53
C HIS E 210 61.14 12.72 -66.14
N ILE E 211 60.02 13.46 -66.09
CA ILE E 211 59.11 13.57 -64.91
C ILE E 211 58.27 12.29 -64.86
N ARG E 212 58.43 11.47 -63.82
CA ARG E 212 57.64 10.23 -63.63
C ARG E 212 56.26 10.59 -63.02
N ASP E 213 56.19 11.49 -62.03
CA ASP E 213 54.95 11.75 -61.23
C ASP E 213 54.90 13.21 -60.74
N VAL E 214 53.67 13.71 -60.50
CA VAL E 214 53.36 15.08 -59.97
C VAL E 214 52.25 14.94 -58.93
N PHE E 215 52.42 15.52 -57.74
CA PHE E 215 51.37 15.69 -56.71
C PHE E 215 51.19 17.19 -56.42
N VAL E 216 50.06 17.77 -56.84
CA VAL E 216 49.70 19.19 -56.57
C VAL E 216 48.56 19.20 -55.54
N ARG E 217 48.80 19.87 -54.40
CA ARG E 217 47.83 20.08 -53.29
C ARG E 217 47.68 21.59 -53.03
N THR E 218 46.53 22.04 -52.54
CA THR E 218 46.30 23.46 -52.16
C THR E 218 45.91 23.53 -50.68
N ASP E 219 46.21 24.67 -50.05
CA ASP E 219 45.65 25.09 -48.74
C ASP E 219 45.03 26.49 -48.89
N LEU E 220 44.06 26.82 -48.05
CA LEU E 220 43.43 28.17 -47.95
C LEU E 220 43.56 28.65 -46.49
N ASP E 221 43.68 29.96 -46.28
CA ASP E 221 43.82 30.60 -44.93
C ASP E 221 42.50 30.48 -44.15
N GLU E 222 42.46 30.99 -42.91
CA GLU E 222 41.31 30.87 -41.99
C GLU E 222 40.11 31.73 -42.45
N ASN E 223 40.31 32.66 -43.40
CA ASN E 223 39.22 33.46 -44.00
C ASN E 223 38.82 32.89 -45.37
N TYR E 224 39.41 31.76 -45.80
CA TYR E 224 39.19 31.14 -47.14
C TYR E 224 39.44 32.21 -48.23
N ARG E 225 40.46 33.05 -48.05
CA ARG E 225 40.78 34.20 -48.92
C ARG E 225 42.05 33.88 -49.75
N ASN E 226 43.22 33.86 -49.12
CA ASN E 226 44.52 33.60 -49.81
C ASN E 226 44.82 32.11 -49.80
N GLY E 227 45.63 31.68 -50.76
CA GLY E 227 45.94 30.26 -51.02
C GLY E 227 47.43 29.97 -50.96
N LYS E 228 47.77 28.69 -50.84
CA LYS E 228 49.15 28.15 -50.97
C LYS E 228 49.10 26.97 -51.93
N ILE E 229 50.14 26.79 -52.74
CA ILE E 229 50.31 25.59 -53.60
C ILE E 229 51.48 24.81 -53.02
N PHE E 230 51.29 23.50 -52.82
CA PHE E 230 52.35 22.55 -52.41
C PHE E 230 52.56 21.52 -53.53
N LEU E 231 53.73 21.57 -54.18
CA LEU E 231 54.05 20.81 -55.42
C LEU E 231 55.19 19.84 -55.13
N ASP E 232 54.97 18.53 -55.33
CA ASP E 232 56.00 17.46 -55.36
C ASP E 232 56.23 16.99 -56.81
N VAL E 233 57.47 17.06 -57.31
CA VAL E 233 57.85 16.62 -58.69
C VAL E 233 58.87 15.50 -58.58
N GLU E 234 58.51 14.27 -58.98
CA GLU E 234 59.41 13.09 -58.99
C GLU E 234 60.05 12.94 -60.39
N MET E 235 61.38 12.90 -60.44
CA MET E 235 62.19 12.76 -61.68
C MET E 235 62.84 11.39 -61.71
N ARG E 236 63.04 10.84 -62.91
CA ARG E 236 63.61 9.48 -63.15
C ARG E 236 64.63 9.57 -64.27
N ASN E 237 65.82 8.97 -64.05
CA ASN E 237 66.95 8.97 -65.01
C ASN E 237 67.19 7.54 -65.49
N LEU E 238 67.19 7.32 -66.81
CA LEU E 238 67.50 6.03 -67.48
C LEU E 238 68.64 6.23 -68.49
N GLY E 239 69.81 6.65 -68.02
CA GLY E 239 71.07 6.67 -68.79
C GLY E 239 71.44 8.03 -69.36
N GLU E 240 70.78 9.11 -68.95
CA GLU E 240 71.16 10.50 -69.36
C GLU E 240 72.35 10.95 -68.50
N GLU E 241 73.18 11.86 -69.03
CA GLU E 241 74.44 12.36 -68.40
C GLU E 241 74.45 13.90 -68.34
N GLU E 242 74.00 14.58 -69.40
CA GLU E 242 73.94 16.06 -69.52
C GLU E 242 72.85 16.63 -68.60
N GLU E 243 72.98 17.89 -68.18
CA GLU E 243 72.01 18.62 -67.32
C GLU E 243 70.92 19.27 -68.18
N LYS E 244 69.67 19.22 -67.71
CA LYS E 244 68.46 19.75 -68.42
C LYS E 244 67.86 20.90 -67.61
N ASP E 245 67.02 21.72 -68.25
CA ASP E 245 66.32 22.89 -67.66
C ASP E 245 64.89 22.49 -67.27
N LEU E 246 64.48 22.78 -66.03
CA LEU E 246 63.12 22.56 -65.48
C LEU E 246 62.40 23.91 -65.42
N GLU E 247 61.23 24.03 -66.08
CA GLU E 247 60.34 25.22 -66.00
C GLU E 247 58.95 24.78 -65.53
N VAL E 248 58.36 25.53 -64.59
CA VAL E 248 56.96 25.34 -64.11
C VAL E 248 56.22 26.67 -64.26
N THR E 249 55.12 26.67 -65.01
CA THR E 249 54.27 27.84 -65.33
C THR E 249 52.85 27.62 -64.78
N LEU E 250 52.27 28.64 -64.15
CA LEU E 250 50.86 28.65 -63.66
C LEU E 250 50.00 29.48 -64.62
N ILE E 251 48.93 28.90 -65.17
CA ILE E 251 47.94 29.61 -66.03
C ILE E 251 46.64 29.76 -65.24
N THR E 252 46.11 30.98 -65.15
CA THR E 252 44.91 31.33 -64.35
C THR E 252 43.65 31.00 -65.17
N PRO E 253 42.46 30.90 -64.53
CA PRO E 253 41.21 30.72 -65.26
C PRO E 253 40.92 31.82 -66.30
N ASP E 254 41.40 33.05 -66.06
CA ASP E 254 41.31 34.19 -67.00
C ASP E 254 42.20 33.92 -68.22
N GLY E 255 43.41 33.39 -68.01
CA GLY E 255 44.37 33.04 -69.09
C GLY E 255 45.75 33.66 -68.91
N ASP E 256 45.96 34.46 -67.86
CA ASP E 256 47.28 35.07 -67.50
C ASP E 256 48.26 33.96 -67.09
N GLU E 257 49.55 34.15 -67.40
CA GLU E 257 50.64 33.19 -67.11
C GLU E 257 51.64 33.79 -66.12
N LYS E 258 52.30 32.94 -65.33
CA LYS E 258 53.37 33.30 -64.36
C LYS E 258 54.34 32.12 -64.23
N THR E 259 55.65 32.40 -64.31
CA THR E 259 56.73 31.41 -64.05
C THR E 259 56.90 31.27 -62.54
N LEU E 260 56.75 30.06 -62.01
CA LEU E 260 56.91 29.73 -60.57
C LEU E 260 58.32 29.24 -60.32
N VAL E 261 58.83 28.40 -61.22
CA VAL E 261 60.17 27.74 -61.14
C VAL E 261 60.85 27.84 -62.51
N LYS E 262 62.14 28.17 -62.52
CA LYS E 262 63.05 28.04 -63.70
C LYS E 262 64.48 27.81 -63.20
N GLU E 263 64.95 26.56 -63.28
CA GLU E 263 66.27 26.13 -62.74
C GLU E 263 66.86 25.01 -63.61
N THR E 264 68.15 24.73 -63.43
CA THR E 264 68.90 23.64 -64.09
C THR E 264 69.09 22.50 -63.07
N VAL E 265 68.88 21.26 -63.50
CA VAL E 265 68.86 20.04 -62.64
C VAL E 265 69.78 19.00 -63.28
N LYS E 266 70.71 18.44 -62.49
CA LYS E 266 71.60 17.33 -62.93
C LYS E 266 70.78 16.04 -62.97
N PRO E 267 71.02 15.16 -63.97
CA PRO E 267 70.20 13.95 -64.14
C PRO E 267 70.41 12.94 -63.01
N GLU E 268 69.33 12.66 -62.26
CA GLU E 268 69.32 11.74 -61.09
C GLU E 268 67.86 11.44 -60.71
N ASP E 269 67.66 10.37 -59.93
CA ASP E 269 66.35 9.98 -59.34
C ASP E 269 66.15 10.74 -58.03
N ARG E 270 65.24 11.73 -58.02
CA ARG E 270 65.00 12.64 -56.87
C ARG E 270 63.56 13.17 -56.88
N VAL E 271 63.01 13.49 -55.70
CA VAL E 271 61.72 14.22 -55.53
C VAL E 271 62.04 15.67 -55.12
N LEU E 272 61.70 16.64 -55.97
CA LEU E 272 61.79 18.10 -55.68
C LEU E 272 60.46 18.57 -55.10
N SER E 273 60.49 19.39 -54.04
CA SER E 273 59.30 19.94 -53.36
C SER E 273 59.36 21.46 -53.34
N PHE E 274 58.25 22.12 -53.64
CA PHE E 274 58.10 23.60 -53.68
C PHE E 274 56.81 24.01 -52.93
N ALA E 275 56.80 25.22 -52.39
CA ALA E 275 55.61 25.87 -51.78
C ALA E 275 55.54 27.33 -52.27
N PHE E 276 54.40 27.73 -52.84
CA PHE E 276 54.14 29.09 -53.39
C PHE E 276 52.89 29.66 -52.73
N ASP E 277 52.82 30.99 -52.65
CA ASP E 277 51.65 31.77 -52.17
C ASP E 277 50.93 32.35 -53.39
N VAL E 278 49.59 32.39 -53.34
CA VAL E 278 48.70 33.01 -54.37
C VAL E 278 47.67 33.87 -53.65
N LYS E 279 47.45 35.12 -54.12
CA LYS E 279 46.50 36.09 -53.52
C LYS E 279 45.12 35.95 -54.17
N ASP E 280 44.06 35.86 -53.35
CA ASP E 280 42.63 35.84 -53.76
C ASP E 280 42.43 34.97 -55.00
N PRO E 281 42.78 33.67 -54.95
CA PRO E 281 42.49 32.77 -56.08
C PRO E 281 40.98 32.53 -56.21
N LYS E 282 40.53 32.24 -57.42
CA LYS E 282 39.15 31.77 -57.71
C LYS E 282 39.03 30.31 -57.23
N LYS E 283 38.06 30.05 -56.35
CA LYS E 283 37.88 28.75 -55.67
C LYS E 283 37.03 27.80 -56.54
N TRP E 284 37.35 26.51 -56.54
CA TRP E 284 36.60 25.48 -57.30
C TRP E 284 35.42 25.04 -56.42
N SER E 285 34.20 24.96 -56.98
CA SER E 285 33.05 24.23 -56.39
C SER E 285 32.24 23.58 -57.51
N ALA E 286 31.27 22.72 -57.16
CA ALA E 286 30.31 22.12 -58.13
C ALA E 286 29.47 23.23 -58.78
N GLU E 287 29.12 24.30 -58.05
CA GLU E 287 28.38 25.48 -58.57
C GLU E 287 29.26 26.34 -59.50
N THR E 288 30.58 26.42 -59.26
CA THR E 288 31.54 27.34 -59.93
C THR E 288 32.87 26.65 -60.17
N PRO E 289 33.00 25.75 -61.17
CA PRO E 289 34.22 24.96 -61.34
C PRO E 289 35.42 25.64 -62.03
N HIS E 290 36.02 26.65 -61.38
CA HIS E 290 37.24 27.38 -61.85
C HIS E 290 38.48 26.49 -61.73
N LEU E 291 39.18 26.21 -62.84
CA LEU E 291 40.39 25.35 -62.89
C LEU E 291 41.61 26.20 -63.25
N TYR E 292 42.70 26.05 -62.50
CA TYR E 292 44.07 26.54 -62.83
C TYR E 292 44.82 25.43 -63.59
N VAL E 293 45.84 25.77 -64.36
CA VAL E 293 46.71 24.79 -65.09
C VAL E 293 48.18 24.96 -64.63
N LEU E 294 48.83 23.85 -64.23
CA LEU E 294 50.32 23.77 -64.12
C LEU E 294 50.88 23.15 -65.40
N LYS E 295 51.78 23.87 -66.08
CA LYS E 295 52.59 23.42 -67.24
C LYS E 295 54.01 23.07 -66.74
N LEU E 296 54.45 21.81 -66.87
CA LEU E 296 55.78 21.33 -66.42
C LEU E 296 56.60 20.87 -67.63
N LYS E 297 57.85 21.34 -67.76
CA LYS E 297 58.75 21.02 -68.90
C LYS E 297 60.18 20.74 -68.40
N LEU E 298 60.69 19.51 -68.61
CA LEU E 298 62.07 19.08 -68.28
C LEU E 298 62.76 18.62 -69.56
N GLY E 299 63.65 19.45 -70.12
CA GLY E 299 64.23 19.22 -71.46
C GLY E 299 63.16 19.31 -72.54
N GLU E 300 62.86 18.18 -73.20
CA GLU E 300 61.81 18.08 -74.26
C GLU E 300 60.56 17.35 -73.73
N ASP E 301 60.57 16.93 -72.45
CA ASP E 301 59.40 16.30 -71.78
C ASP E 301 58.43 17.39 -71.32
N GLU E 302 57.18 17.36 -71.77
CA GLU E 302 56.12 18.34 -71.42
C GLU E 302 54.89 17.61 -70.89
N LYS E 303 54.33 18.09 -69.77
CA LYS E 303 53.08 17.58 -69.12
C LYS E 303 52.24 18.76 -68.61
N LYS E 304 50.94 18.55 -68.44
CA LYS E 304 50.00 19.55 -67.88
C LYS E 304 49.07 18.89 -66.85
N VAL E 305 48.74 19.60 -65.78
CA VAL E 305 47.78 19.14 -64.74
C VAL E 305 46.81 20.27 -64.42
N ASN E 306 45.50 19.97 -64.45
CA ASN E 306 44.41 20.86 -63.97
C ASN E 306 44.25 20.66 -62.46
N PHE E 307 44.06 21.74 -61.71
CA PHE E 307 43.82 21.70 -60.25
C PHE E 307 42.93 22.88 -59.87
N GLY E 308 42.33 22.81 -58.69
CA GLY E 308 41.48 23.88 -58.13
C GLY E 308 41.83 24.15 -56.68
N PHE E 309 41.56 25.36 -56.21
CA PHE E 309 41.65 25.74 -54.79
C PHE E 309 40.32 25.36 -54.12
N ARG E 310 40.36 24.37 -53.23
CA ARG E 310 39.17 23.96 -52.44
C ARG E 310 39.64 23.19 -51.20
N LYS E 311 38.87 23.25 -50.12
CA LYS E 311 39.22 22.64 -48.81
C LYS E 311 37.99 21.94 -48.22
N ILE E 312 38.13 20.65 -47.90
CA ILE E 312 37.09 19.81 -47.22
C ILE E 312 37.57 19.63 -45.77
N GLU E 313 36.69 19.80 -44.78
CA GLU E 313 37.06 19.65 -43.35
C GLU E 313 35.84 19.31 -42.50
N ILE E 314 36.07 18.73 -41.32
CA ILE E 314 35.06 18.46 -40.27
C ILE E 314 35.29 19.44 -39.10
N LYS E 315 34.31 20.28 -38.77
CA LYS E 315 34.35 21.17 -37.57
C LYS E 315 33.16 20.83 -36.65
N ASP E 316 33.44 20.23 -35.48
CA ASP E 316 32.42 19.87 -34.46
C ASP E 316 31.33 18.95 -35.07
N GLY E 317 31.74 17.93 -35.84
CA GLY E 317 30.82 16.96 -36.47
C GLY E 317 30.12 17.47 -37.73
N THR E 318 30.36 18.71 -38.16
CA THR E 318 29.74 19.32 -39.37
C THR E 318 30.74 19.25 -40.53
N LEU E 319 30.28 18.86 -41.72
CA LEU E 319 31.07 18.77 -42.98
C LEU E 319 31.10 20.15 -43.64
N LEU E 320 32.29 20.72 -43.91
CA LEU E 320 32.45 22.09 -44.50
C LEU E 320 33.21 22.01 -45.81
N PHE E 321 32.79 22.80 -46.80
CA PHE E 321 33.40 22.90 -48.14
C PHE E 321 33.65 24.39 -48.40
N ASN E 322 34.91 24.78 -48.55
CA ASN E 322 35.39 26.19 -48.59
C ASN E 322 34.76 27.02 -47.47
N GLY E 323 34.63 26.47 -46.26
CA GLY E 323 34.05 27.14 -45.08
C GLY E 323 32.51 27.09 -44.94
N LYS E 324 31.73 26.44 -45.83
CA LYS E 324 30.23 26.39 -45.78
C LYS E 324 29.72 24.98 -45.53
N PRO E 325 28.62 24.77 -44.78
CA PRO E 325 28.03 23.45 -44.60
C PRO E 325 27.58 22.83 -45.94
N LEU E 326 28.02 21.60 -46.20
CA LEU E 326 27.83 20.92 -47.49
C LEU E 326 26.76 19.84 -47.30
N TYR E 327 25.72 19.84 -48.13
CA TYR E 327 24.74 18.73 -48.24
C TYR E 327 25.02 17.92 -49.52
N ILE E 328 25.25 16.62 -49.35
CA ILE E 328 25.48 15.65 -50.46
C ILE E 328 24.12 15.28 -51.05
N LYS E 329 23.81 15.75 -52.25
CA LYS E 329 22.55 15.39 -53.01
C LYS E 329 22.98 14.48 -54.15
N GLY E 330 23.17 13.18 -53.85
CA GLY E 330 23.96 12.27 -54.70
C GLY E 330 23.16 11.17 -55.38
N VAL E 331 23.84 10.45 -56.27
CA VAL E 331 23.40 9.15 -56.85
C VAL E 331 24.60 8.19 -57.02
N ASN E 332 24.36 6.88 -56.89
CA ASN E 332 25.32 5.81 -57.27
C ASN E 332 25.19 5.58 -58.78
N ARG E 333 26.29 5.53 -59.53
CA ARG E 333 26.30 5.25 -60.99
C ARG E 333 27.25 4.10 -61.36
N HIS E 334 26.73 3.05 -62.02
CA HIS E 334 27.53 1.99 -62.71
C HIS E 334 27.95 2.46 -64.11
N GLU E 335 29.20 2.22 -64.52
CA GLU E 335 29.74 2.56 -65.86
C GLU E 335 29.21 1.51 -66.87
N PHE E 336 27.98 1.67 -67.38
CA PHE E 336 27.22 0.62 -68.13
C PHE E 336 26.52 1.20 -69.35
N ASP E 337 26.52 0.44 -70.45
CA ASP E 337 25.83 0.80 -71.72
C ASP E 337 25.10 -0.42 -72.26
N PRO E 338 23.83 -0.30 -72.72
CA PRO E 338 23.03 -1.46 -73.12
C PRO E 338 23.52 -2.18 -74.38
N ASP E 339 24.35 -1.54 -75.20
CA ASP E 339 24.94 -2.10 -76.45
C ASP E 339 26.40 -2.54 -76.25
N ARG E 340 27.20 -1.81 -75.46
CA ARG E 340 28.68 -1.99 -75.36
C ARG E 340 29.13 -2.54 -74.00
N GLY E 341 28.23 -2.76 -73.04
CA GLY E 341 28.58 -3.22 -71.68
C GLY E 341 29.44 -2.18 -70.97
N HIS E 342 30.58 -2.59 -70.38
CA HIS E 342 31.49 -1.69 -69.61
C HIS E 342 32.29 -0.76 -70.52
N ALA E 343 32.27 -0.95 -71.83
CA ALA E 343 33.10 -0.16 -72.78
C ALA E 343 32.35 1.13 -73.19
N VAL E 344 32.17 2.05 -72.24
CA VAL E 344 31.35 3.29 -72.40
C VAL E 344 32.19 4.37 -73.08
N THR E 345 31.56 5.16 -73.96
CA THR E 345 32.17 6.25 -74.75
C THR E 345 32.04 7.60 -74.04
N VAL E 346 32.80 8.58 -74.48
CA VAL E 346 32.80 9.97 -73.95
C VAL E 346 31.44 10.64 -74.21
N GLU E 347 30.80 10.35 -75.35
CA GLU E 347 29.52 10.98 -75.76
C GLU E 347 28.44 10.60 -74.74
N ARG E 348 28.41 9.34 -74.34
CA ARG E 348 27.49 8.80 -73.31
C ARG E 348 27.84 9.40 -71.93
N MET E 349 29.12 9.58 -71.61
CA MET E 349 29.55 10.14 -70.31
C MET E 349 29.02 11.58 -70.19
N ILE E 350 29.07 12.35 -71.29
CA ILE E 350 28.63 13.76 -71.29
C ILE E 350 27.11 13.84 -71.13
N GLN E 351 26.38 12.92 -71.76
CA GLN E 351 24.90 12.80 -71.65
C GLN E 351 24.51 12.55 -70.18
N ASP E 352 25.21 11.65 -69.48
CA ASP E 352 24.95 11.30 -68.07
C ASP E 352 25.10 12.56 -67.20
N ILE E 353 26.18 13.29 -67.35
CA ILE E 353 26.53 14.46 -66.49
C ILE E 353 25.51 15.59 -66.67
N LYS E 354 25.17 15.96 -67.91
CA LYS E 354 24.19 17.05 -68.19
C LYS E 354 22.81 16.69 -67.64
N LEU E 355 22.37 15.44 -67.79
CA LEU E 355 21.10 14.93 -67.21
C LEU E 355 21.15 15.02 -65.68
N MET E 356 22.28 14.65 -65.06
CA MET E 356 22.42 14.72 -63.58
C MET E 356 22.25 16.16 -63.10
N LYS E 357 22.95 17.11 -63.71
CA LYS E 357 22.91 18.54 -63.31
C LYS E 357 21.54 19.17 -63.59
N GLN E 358 20.86 18.76 -64.66
CA GLN E 358 19.49 19.25 -64.98
C GLN E 358 18.45 18.71 -63.97
N HIS E 359 18.79 17.74 -63.12
CA HIS E 359 17.88 17.20 -62.09
C HIS E 359 18.41 17.48 -60.69
N ASN E 360 19.23 18.54 -60.52
CA ASN E 360 19.70 19.08 -59.23
C ASN E 360 20.59 18.07 -58.46
N ILE E 361 21.20 17.08 -59.12
CA ILE E 361 22.21 16.18 -58.47
C ILE E 361 23.58 16.92 -58.42
N ASN E 362 24.26 16.93 -57.26
CA ASN E 362 25.59 17.60 -57.10
C ASN E 362 26.76 16.59 -56.88
N THR E 363 26.49 15.29 -56.68
CA THR E 363 27.53 14.29 -56.29
C THR E 363 27.28 12.93 -56.95
N VAL E 364 28.35 12.23 -57.32
CA VAL E 364 28.26 10.84 -57.85
CA VAL E 364 28.27 10.84 -57.84
C VAL E 364 29.25 9.94 -57.08
N ARG E 365 28.79 8.77 -56.68
CA ARG E 365 29.63 7.66 -56.13
C ARG E 365 29.92 6.67 -57.27
N THR E 366 31.21 6.36 -57.54
CA THR E 366 31.63 5.40 -58.60
C THR E 366 31.49 3.96 -58.07
N SER E 367 30.27 3.45 -58.01
CA SER E 367 29.91 2.13 -57.43
C SER E 367 30.24 1.01 -58.41
N HIS E 368 31.10 0.03 -58.05
CA HIS E 368 31.98 0.03 -56.90
C HIS E 368 33.43 -0.21 -57.36
N TYR E 369 33.95 0.63 -58.25
CA TYR E 369 35.33 0.48 -58.80
C TYR E 369 35.71 1.79 -59.46
N PRO E 370 37.02 2.08 -59.68
CA PRO E 370 37.43 3.26 -60.42
C PRO E 370 36.93 3.23 -61.86
N ASN E 371 36.46 4.38 -62.36
CA ASN E 371 35.94 4.58 -63.74
C ASN E 371 37.12 4.96 -64.66
N GLN E 372 36.88 5.16 -65.96
CA GLN E 372 37.91 5.68 -66.90
C GLN E 372 38.38 7.04 -66.42
N THR E 373 39.59 7.46 -66.79
CA THR E 373 40.23 8.71 -66.29
C THR E 373 39.45 9.94 -66.79
N LYS E 374 38.83 9.83 -67.97
CA LYS E 374 38.07 10.93 -68.61
C LYS E 374 36.80 11.29 -67.82
N TRP E 375 36.23 10.36 -67.05
CA TRP E 375 35.07 10.62 -66.17
C TRP E 375 35.43 11.70 -65.13
N TYR E 376 36.60 11.62 -64.51
CA TYR E 376 37.00 12.51 -63.40
C TYR E 376 37.35 13.88 -63.96
N ASP E 377 37.96 13.92 -65.16
CA ASP E 377 38.25 15.18 -65.91
C ASP E 377 36.94 15.94 -66.21
N LEU E 378 35.89 15.24 -66.64
CA LEU E 378 34.58 15.89 -66.97
C LEU E 378 33.87 16.39 -65.69
N CYS E 379 33.98 15.67 -64.57
CA CYS E 379 33.46 16.12 -63.24
C CYS E 379 34.21 17.37 -62.76
N ASP E 380 35.51 17.52 -63.07
CA ASP E 380 36.30 18.75 -62.77
C ASP E 380 35.80 19.93 -63.63
N TYR E 381 35.46 19.67 -64.89
CA TYR E 381 35.12 20.72 -65.90
C TYR E 381 33.65 21.18 -65.75
N PHE E 382 32.70 20.25 -65.63
CA PHE E 382 31.25 20.58 -65.53
C PHE E 382 30.85 20.96 -64.08
N GLY E 383 31.47 20.34 -63.07
CA GLY E 383 31.21 20.61 -61.64
C GLY E 383 30.29 19.59 -61.00
N LEU E 384 30.83 18.43 -60.63
CA LEU E 384 30.20 17.45 -59.70
C LEU E 384 31.24 17.07 -58.64
N TYR E 385 30.83 16.89 -57.39
CA TYR E 385 31.58 16.20 -56.30
C TYR E 385 31.63 14.70 -56.57
N VAL E 386 32.78 14.05 -56.28
CA VAL E 386 32.98 12.59 -56.54
C VAL E 386 33.43 11.87 -55.26
N ILE E 387 32.84 10.70 -54.99
CA ILE E 387 33.31 9.66 -54.04
C ILE E 387 33.94 8.53 -54.88
N ASP E 388 35.28 8.47 -54.97
CA ASP E 388 36.10 7.47 -55.73
C ASP E 388 36.31 6.21 -54.88
N GLU E 389 35.91 5.04 -55.38
CA GLU E 389 35.85 3.77 -54.61
C GLU E 389 36.79 2.73 -55.23
N ALA E 390 37.56 2.00 -54.41
CA ALA E 390 38.53 0.95 -54.85
C ALA E 390 37.77 -0.30 -55.26
N ASN E 391 38.34 -1.08 -56.20
CA ASN E 391 37.70 -2.32 -56.74
C ASN E 391 37.90 -3.47 -55.75
N ILE E 392 37.14 -3.50 -54.65
CA ILE E 392 37.23 -4.55 -53.58
C ILE E 392 35.80 -4.82 -53.08
N GLU E 393 35.25 -5.98 -53.40
CA GLU E 393 33.97 -6.50 -52.88
C GLU E 393 34.02 -8.03 -52.85
N SER E 394 33.82 -8.64 -51.68
CA SER E 394 33.83 -10.11 -51.46
C SER E 394 32.60 -10.52 -50.66
N HIS E 395 31.41 -10.11 -51.13
CA HIS E 395 30.07 -10.36 -50.52
C HIS E 395 29.84 -11.88 -50.36
N GLY E 396 30.14 -12.65 -51.41
CA GLY E 396 29.95 -14.11 -51.45
C GLY E 396 30.75 -14.89 -50.40
N ILE E 397 31.81 -14.29 -49.84
CA ILE E 397 32.59 -14.91 -48.71
C ILE E 397 32.03 -14.34 -47.40
N ASP E 398 31.77 -15.19 -46.40
CA ASP E 398 31.12 -14.83 -45.12
C ASP E 398 31.97 -13.78 -44.38
N TRP E 399 31.32 -12.79 -43.74
CA TRP E 399 31.98 -11.64 -43.05
C TRP E 399 32.35 -11.98 -41.60
N ASP E 400 32.23 -13.24 -41.17
CA ASP E 400 32.75 -13.73 -39.86
C ASP E 400 34.25 -13.45 -39.79
N PRO E 401 34.80 -12.99 -38.64
CA PRO E 401 36.19 -12.55 -38.55
C PRO E 401 37.26 -13.57 -38.98
N GLU E 402 36.97 -14.88 -38.85
CA GLU E 402 37.88 -16.01 -39.19
C GLU E 402 37.81 -16.31 -40.69
N VAL E 403 36.63 -16.13 -41.31
CA VAL E 403 36.34 -16.51 -42.71
C VAL E 403 36.74 -15.36 -43.64
N THR E 404 36.34 -14.12 -43.34
CA THR E 404 36.41 -12.96 -44.27
C THR E 404 37.83 -12.80 -44.82
N LEU E 405 37.96 -12.49 -46.11
CA LEU E 405 39.27 -12.24 -46.78
C LEU E 405 39.90 -10.95 -46.24
N ALA E 406 39.14 -10.11 -45.53
CA ALA E 406 39.63 -8.84 -44.93
C ALA E 406 40.53 -9.13 -43.70
N ASN E 407 40.55 -10.35 -43.15
CA ASN E 407 41.40 -10.73 -41.98
C ASN E 407 42.41 -11.84 -42.31
N ARG E 408 42.58 -12.25 -43.57
CA ARG E 408 43.46 -13.38 -43.98
C ARG E 408 44.80 -12.84 -44.49
N TRP E 409 45.92 -13.32 -43.95
CA TRP E 409 47.28 -12.79 -44.22
C TRP E 409 47.67 -12.95 -45.70
N GLU E 410 47.17 -13.98 -46.38
CA GLU E 410 47.55 -14.25 -47.79
C GLU E 410 46.81 -13.30 -48.76
N TRP E 411 45.77 -12.58 -48.31
CA TRP E 411 45.04 -11.60 -49.15
C TRP E 411 45.46 -10.15 -48.86
N GLU E 412 46.45 -9.94 -47.99
CA GLU E 412 46.87 -8.59 -47.47
C GLU E 412 47.37 -7.72 -48.63
N LYS E 413 48.27 -8.23 -49.47
CA LYS E 413 48.90 -7.42 -50.53
C LYS E 413 47.91 -7.16 -51.68
N ALA E 414 46.90 -8.01 -51.89
CA ALA E 414 45.86 -7.79 -52.92
C ALA E 414 44.99 -6.58 -52.55
N HIS E 415 44.58 -6.47 -51.28
CA HIS E 415 43.79 -5.33 -50.73
C HIS E 415 44.61 -4.04 -50.85
N PHE E 416 45.89 -4.08 -50.53
CA PHE E 416 46.77 -2.90 -50.51
C PHE E 416 46.99 -2.36 -51.93
N ASP E 417 47.24 -3.23 -52.90
CA ASP E 417 47.54 -2.87 -54.32
C ASP E 417 46.33 -2.16 -54.97
N ARG E 418 45.13 -2.70 -54.78
CA ARG E 418 43.86 -2.15 -55.34
C ARG E 418 43.61 -0.73 -54.81
N ILE E 419 43.82 -0.50 -53.50
CA ILE E 419 43.61 0.84 -52.88
C ILE E 419 44.69 1.79 -53.37
N LYS E 420 45.96 1.38 -53.37
CA LYS E 420 47.11 2.24 -53.75
C LYS E 420 47.07 2.64 -55.23
N ARG E 421 46.71 1.72 -56.13
CA ARG E 421 46.65 2.03 -57.59
C ARG E 421 45.56 3.09 -57.88
N MET E 422 44.42 3.06 -57.19
CA MET E 422 43.36 4.11 -57.31
C MET E 422 43.91 5.47 -56.88
N VAL E 423 44.47 5.55 -55.65
CA VAL E 423 44.90 6.84 -55.02
C VAL E 423 45.99 7.45 -55.89
N GLU E 424 47.00 6.68 -56.33
CA GLU E 424 48.14 7.27 -57.10
C GLU E 424 47.66 7.79 -58.46
N ARG E 425 46.71 7.09 -59.13
CA ARG E 425 46.16 7.54 -60.44
C ARG E 425 45.38 8.85 -60.28
N ASP E 426 44.54 8.99 -59.24
CA ASP E 426 43.42 10.00 -59.21
C ASP E 426 43.68 11.17 -58.24
N LYS E 427 44.86 11.25 -57.60
CA LYS E 427 45.13 12.19 -56.46
C LYS E 427 45.10 13.67 -56.85
N ASN E 428 45.19 14.07 -58.12
CA ASN E 428 45.23 15.52 -58.49
C ASN E 428 43.84 16.13 -58.83
N HIS E 429 42.73 15.36 -58.88
CA HIS E 429 41.42 15.90 -59.36
C HIS E 429 40.71 16.68 -58.25
N PRO E 430 40.40 17.99 -58.41
CA PRO E 430 39.66 18.70 -57.37
C PRO E 430 38.22 18.18 -57.08
N SER E 431 37.58 17.49 -58.05
CA SER E 431 36.21 16.93 -57.91
C SER E 431 36.15 15.86 -56.82
N ILE E 432 37.24 15.12 -56.58
CA ILE E 432 37.28 14.00 -55.59
C ILE E 432 37.39 14.58 -54.18
N ILE E 433 36.36 14.35 -53.35
CA ILE E 433 36.27 14.85 -51.94
C ILE E 433 36.42 13.70 -50.94
N PHE E 434 36.07 12.46 -51.28
CA PHE E 434 36.21 11.28 -50.39
C PHE E 434 36.91 10.14 -51.14
N TRP E 435 37.78 9.39 -50.42
CA TRP E 435 38.29 8.06 -50.83
C TRP E 435 37.43 7.00 -50.16
N SER E 436 36.83 6.06 -50.89
CA SER E 436 36.10 4.88 -50.33
C SER E 436 36.96 3.61 -50.49
N LEU E 437 37.11 2.79 -49.46
CA LEU E 437 38.02 1.60 -49.41
C LEU E 437 37.43 0.42 -50.22
N GLY E 438 36.12 0.40 -50.45
CA GLY E 438 35.44 -0.73 -51.11
C GLY E 438 33.98 -0.81 -50.69
N ASN E 439 33.37 -1.98 -50.83
CA ASN E 439 31.92 -2.19 -50.57
C ASN E 439 31.66 -3.63 -50.17
N GLU E 440 31.03 -3.83 -49.01
CA GLU E 440 30.46 -5.13 -48.54
C GLU E 440 31.51 -6.24 -48.59
N ALA E 441 32.69 -5.98 -48.02
CA ALA E 441 33.89 -6.86 -48.11
C ALA E 441 34.39 -7.25 -46.71
N GLY E 442 33.56 -7.13 -45.68
CA GLY E 442 33.92 -7.46 -44.29
C GLY E 442 34.85 -6.41 -43.67
N ASP E 443 35.30 -6.66 -42.44
CA ASP E 443 36.18 -5.74 -41.68
C ASP E 443 37.38 -6.53 -41.16
N GLY E 444 38.54 -5.90 -41.12
CA GLY E 444 39.76 -6.54 -40.59
C GLY E 444 40.99 -5.71 -40.85
N VAL E 445 42.14 -6.31 -40.57
CA VAL E 445 43.47 -5.65 -40.56
C VAL E 445 43.86 -5.26 -41.98
N ASN E 446 43.42 -6.00 -43.00
CA ASN E 446 43.75 -5.71 -44.41
C ASN E 446 43.22 -4.31 -44.80
N PHE E 447 42.05 -3.89 -44.29
CA PHE E 447 41.51 -2.53 -44.57
C PHE E 447 42.16 -1.50 -43.65
N GLU E 448 42.25 -1.80 -42.35
CA GLU E 448 42.84 -0.88 -41.33
C GLU E 448 44.21 -0.38 -41.79
N LYS E 449 45.09 -1.26 -42.28
CA LYS E 449 46.47 -0.89 -42.69
C LYS E 449 46.46 -0.03 -43.96
N ALA E 450 45.63 -0.35 -44.96
CA ALA E 450 45.53 0.44 -46.21
C ALA E 450 45.00 1.85 -45.91
N ALA E 451 44.06 1.98 -44.96
CA ALA E 451 43.42 3.27 -44.59
C ALA E 451 44.42 4.17 -43.87
N LEU E 452 45.30 3.63 -43.01
CA LEU E 452 46.38 4.44 -42.35
C LEU E 452 47.45 4.87 -43.37
N TRP E 453 47.73 4.09 -44.41
CA TRP E 453 48.64 4.49 -45.52
C TRP E 453 48.06 5.70 -46.29
N ILE E 454 46.76 5.71 -46.61
CA ILE E 454 46.15 6.82 -47.41
C ILE E 454 46.35 8.13 -46.64
N LYS E 455 46.04 8.13 -45.34
CA LYS E 455 45.98 9.38 -44.52
C LYS E 455 47.38 10.00 -44.40
N LYS E 456 48.44 9.19 -44.32
CA LYS E 456 49.84 9.68 -44.28
C LYS E 456 50.32 10.14 -45.65
N ARG E 457 49.69 9.69 -46.74
CA ARG E 457 50.05 10.07 -48.14
C ARG E 457 49.32 11.36 -48.54
N ASP E 458 48.00 11.45 -48.24
CA ASP E 458 47.09 12.56 -48.66
C ASP E 458 46.27 12.99 -47.44
N ASN E 459 46.51 14.18 -46.90
CA ASN E 459 45.74 14.74 -45.76
C ASN E 459 44.62 15.69 -46.25
N THR E 460 44.28 15.75 -47.55
CA THR E 460 43.31 16.73 -48.12
C THR E 460 41.92 16.12 -48.40
N ARG E 461 41.70 14.82 -48.17
CA ARG E 461 40.37 14.17 -48.44
C ARG E 461 39.95 13.32 -47.24
N LEU E 462 38.66 13.01 -47.12
CA LEU E 462 38.11 12.18 -46.03
C LEU E 462 38.02 10.72 -46.48
N ILE E 463 38.10 9.78 -45.54
CA ILE E 463 38.01 8.33 -45.82
C ILE E 463 36.63 7.80 -45.38
N HIS E 464 36.05 6.97 -46.22
CA HIS E 464 34.70 6.37 -46.07
C HIS E 464 34.84 4.84 -46.23
N TYR E 465 34.20 4.04 -45.40
CA TYR E 465 34.01 2.58 -45.62
C TYR E 465 32.82 2.10 -44.79
N GLU E 466 31.70 1.78 -45.42
CA GLU E 466 30.46 1.30 -44.73
C GLU E 466 30.67 -0.09 -44.12
N GLY E 467 31.57 -0.92 -44.66
CA GLY E 467 31.85 -2.25 -44.07
C GLY E 467 32.32 -2.21 -42.62
N THR E 468 32.95 -1.11 -42.16
CA THR E 468 33.41 -0.98 -40.74
C THR E 468 32.33 -0.24 -39.91
N THR E 469 31.69 0.83 -40.40
CA THR E 469 30.73 1.63 -39.57
C THR E 469 29.40 0.88 -39.35
N ARG E 470 29.06 -0.13 -40.14
CA ARG E 470 27.87 -0.97 -39.88
C ARG E 470 28.02 -1.77 -38.57
N ARG E 471 29.24 -1.97 -38.06
CA ARG E 471 29.52 -2.70 -36.81
C ARG E 471 29.68 -1.73 -35.63
N GLY E 472 29.58 -0.42 -35.87
CA GLY E 472 29.77 0.66 -34.87
C GLY E 472 30.89 1.62 -35.26
N GLU E 473 31.30 2.47 -34.34
CA GLU E 473 32.41 3.46 -34.50
C GLU E 473 33.70 2.73 -34.93
N SER E 474 34.48 3.36 -35.80
CA SER E 474 35.78 2.85 -36.29
C SER E 474 36.80 3.97 -36.35
N TYR E 475 38.01 3.75 -35.84
CA TYR E 475 39.03 4.82 -35.68
C TYR E 475 39.63 5.21 -37.04
N TYR E 476 39.56 4.37 -38.09
CA TYR E 476 40.32 4.59 -39.34
C TYR E 476 39.47 5.25 -40.45
N VAL E 477 38.22 5.64 -40.20
CA VAL E 477 37.40 6.42 -41.17
C VAL E 477 37.07 7.79 -40.56
N ASP E 478 36.78 8.78 -41.40
CA ASP E 478 36.41 10.17 -41.01
C ASP E 478 34.89 10.40 -41.03
N VAL E 479 34.11 9.56 -41.71
CA VAL E 479 32.64 9.74 -41.96
C VAL E 479 31.92 8.50 -41.43
N PHE E 480 30.79 8.68 -40.75
CA PHE E 480 29.89 7.59 -40.32
C PHE E 480 28.90 7.32 -41.46
N SER E 481 28.93 6.12 -42.05
CA SER E 481 28.14 5.75 -43.24
C SER E 481 27.34 4.48 -42.98
N LEU E 482 26.06 4.46 -43.38
CA LEU E 482 25.14 3.29 -43.31
C LEU E 482 24.39 3.17 -44.65
N MET E 483 23.88 1.98 -44.94
CA MET E 483 23.13 1.64 -46.17
C MET E 483 21.66 1.43 -45.78
N TYR E 484 20.74 2.09 -46.48
CA TYR E 484 19.27 1.94 -46.28
C TYR E 484 18.84 2.07 -44.82
N PRO E 485 19.34 3.03 -44.00
CA PRO E 485 18.85 3.17 -42.63
C PRO E 485 17.40 3.70 -42.54
N LYS E 486 16.61 3.23 -41.58
CA LYS E 486 15.25 3.79 -41.30
C LYS E 486 15.38 5.13 -40.53
N MET E 487 14.28 5.89 -40.51
CA MET E 487 14.23 7.27 -39.95
C MET E 487 14.65 7.31 -38.48
N ASP E 488 14.27 6.33 -37.68
CA ASP E 488 14.60 6.30 -36.23
C ASP E 488 16.13 6.27 -36.05
N ILE E 489 16.90 5.63 -36.95
CA ILE E 489 18.40 5.57 -36.89
C ILE E 489 18.97 6.98 -37.05
N LEU E 490 18.49 7.76 -38.01
CA LEU E 490 18.95 9.16 -38.23
C LEU E 490 18.63 10.02 -37.00
N LEU E 491 17.41 9.88 -36.43
CA LEU E 491 16.97 10.74 -35.30
C LEU E 491 17.78 10.35 -34.04
N GLU E 492 18.13 9.07 -33.88
CA GLU E 492 19.02 8.64 -32.77
C GLU E 492 20.43 9.23 -32.91
N TYR E 493 21.08 9.18 -34.09
CA TYR E 493 22.46 9.72 -34.30
C TYR E 493 22.48 11.22 -33.95
N ALA E 494 21.46 11.97 -34.37
CA ALA E 494 21.34 13.43 -34.16
C ALA E 494 21.03 13.81 -32.69
N SER E 495 20.65 12.85 -31.82
CA SER E 495 20.19 13.11 -30.43
C SER E 495 21.32 13.29 -29.40
N LYS E 496 22.58 13.10 -29.77
CA LYS E 496 23.76 13.30 -28.86
C LYS E 496 24.88 14.02 -29.62
N LYS E 497 25.91 14.49 -28.91
CA LYS E 497 27.08 15.14 -29.53
C LYS E 497 27.88 14.08 -30.31
N ARG E 498 28.33 14.42 -31.51
CA ARG E 498 29.09 13.50 -32.41
C ARG E 498 30.30 14.24 -32.92
N GLU E 499 31.41 13.53 -33.19
CA GLU E 499 32.62 14.11 -33.81
C GLU E 499 32.59 13.95 -35.33
N LYS E 500 31.75 13.05 -35.88
CA LYS E 500 31.77 12.72 -37.32
C LYS E 500 30.40 12.95 -37.94
N PRO E 501 30.34 13.45 -39.19
CA PRO E 501 29.07 13.57 -39.92
C PRO E 501 28.51 12.23 -40.42
N PHE E 502 27.18 12.14 -40.51
CA PHE E 502 26.42 10.93 -40.95
C PHE E 502 26.11 11.08 -42.44
N ILE E 503 26.50 10.10 -43.27
CA ILE E 503 26.22 10.08 -44.75
C ILE E 503 25.56 8.74 -45.10
N MET E 504 24.54 8.74 -45.96
CA MET E 504 23.92 7.47 -46.44
C MET E 504 24.56 7.13 -47.78
N CYS E 505 25.51 6.19 -47.82
CA CYS E 505 26.20 5.79 -49.08
C CYS E 505 25.20 5.15 -50.06
N GLU E 506 24.13 4.52 -49.59
CA GLU E 506 22.99 4.07 -50.45
C GLU E 506 21.67 4.28 -49.70
N TYR E 507 20.65 4.87 -50.33
CA TYR E 507 19.30 4.98 -49.72
C TYR E 507 18.26 5.04 -50.85
N ALA E 508 16.96 4.96 -50.51
CA ALA E 508 15.83 5.10 -51.46
C ALA E 508 16.03 4.18 -52.69
N HIS E 509 16.04 2.87 -52.49
CA HIS E 509 16.27 1.83 -53.53
C HIS E 509 15.27 2.05 -54.68
N ALA E 510 15.72 2.35 -55.90
CA ALA E 510 14.82 2.75 -57.02
C ALA E 510 14.47 1.58 -57.96
N MET E 511 14.45 0.33 -57.47
CA MET E 511 14.05 -0.88 -58.25
C MET E 511 12.56 -0.82 -58.65
N GLY E 512 12.26 -0.81 -59.96
CA GLY E 512 10.86 -0.75 -60.46
C GLY E 512 10.22 0.61 -60.24
N ASN E 513 8.94 0.65 -59.87
CA ASN E 513 8.13 1.86 -59.56
C ASN E 513 8.33 2.17 -58.06
N SER E 514 9.15 3.16 -57.69
CA SER E 514 9.72 3.27 -56.32
C SER E 514 10.07 4.72 -55.94
N VAL E 515 10.94 4.92 -54.94
CA VAL E 515 11.41 6.26 -54.45
C VAL E 515 10.22 6.97 -53.76
N GLY E 516 9.54 6.24 -52.88
CA GLY E 516 8.55 6.78 -51.91
C GLY E 516 9.22 7.46 -50.72
N ASN E 517 8.48 8.38 -50.08
CA ASN E 517 8.88 9.12 -48.85
C ASN E 517 10.28 9.78 -49.00
N LEU E 518 10.67 10.27 -50.18
CA LEU E 518 11.99 11.00 -50.36
C LEU E 518 11.97 12.32 -49.57
N LYS E 519 10.88 13.08 -49.63
CA LYS E 519 10.76 14.38 -48.92
C LYS E 519 10.84 14.18 -47.41
N ASP E 520 10.38 13.05 -46.86
CA ASP E 520 10.41 12.80 -45.39
C ASP E 520 11.88 12.65 -44.90
N TYR E 521 12.78 11.99 -45.66
CA TYR E 521 14.24 11.91 -45.33
C TYR E 521 14.82 13.33 -45.31
N TRP E 522 14.54 14.15 -46.33
CA TRP E 522 15.15 15.50 -46.45
C TRP E 522 14.52 16.51 -45.48
N ASP E 523 13.29 16.31 -44.98
CA ASP E 523 12.76 17.15 -43.87
C ASP E 523 13.56 16.86 -42.58
N VAL E 524 13.98 15.62 -42.34
CA VAL E 524 14.86 15.32 -41.16
C VAL E 524 16.30 15.82 -41.36
N ILE E 525 16.92 15.60 -42.52
CA ILE E 525 18.35 15.98 -42.79
C ILE E 525 18.56 17.49 -42.62
N GLU E 526 17.61 18.33 -43.05
CA GLU E 526 17.72 19.81 -43.05
C GLU E 526 17.34 20.42 -41.69
N LYS E 527 16.80 19.67 -40.74
CA LYS E 527 16.32 20.16 -39.41
C LYS E 527 17.29 19.79 -38.26
N TYR E 528 17.99 18.65 -38.33
CA TYR E 528 18.76 18.06 -37.20
C TYR E 528 20.27 18.14 -37.49
N PRO E 529 21.13 18.29 -36.45
CA PRO E 529 22.59 18.40 -36.64
C PRO E 529 23.27 17.07 -37.01
N TYR E 530 24.44 17.14 -37.66
CA TYR E 530 25.36 16.02 -38.00
C TYR E 530 24.86 15.21 -39.22
N LEU E 531 23.72 15.53 -39.85
CA LEU E 531 23.16 14.76 -40.99
C LEU E 531 23.50 15.54 -42.26
N HIS E 532 24.27 14.95 -43.17
CA HIS E 532 24.82 15.70 -44.34
C HIS E 532 24.44 15.09 -45.69
N GLY E 533 23.45 14.19 -45.77
CA GLY E 533 22.85 13.77 -47.06
C GLY E 533 23.21 12.35 -47.43
N GLY E 534 23.33 12.05 -48.73
CA GLY E 534 23.44 10.65 -49.19
C GLY E 534 23.33 10.47 -50.71
N CYS E 535 23.51 9.24 -51.17
CA CYS E 535 23.49 8.85 -52.60
C CYS E 535 22.35 7.82 -52.85
N ILE E 536 21.42 8.15 -53.74
CA ILE E 536 20.30 7.26 -54.18
C ILE E 536 20.90 6.05 -54.93
N TRP E 537 20.37 4.85 -54.66
CA TRP E 537 20.72 3.60 -55.39
C TRP E 537 19.61 3.29 -56.40
N ASP E 538 19.80 3.49 -57.73
CA ASP E 538 20.99 4.00 -58.40
C ASP E 538 20.58 4.72 -59.70
N TRP E 539 21.53 5.08 -60.55
CA TRP E 539 21.32 5.95 -61.72
C TRP E 539 20.62 5.19 -62.87
N VAL E 540 21.25 4.16 -63.43
CA VAL E 540 20.82 3.53 -64.72
C VAL E 540 20.51 2.03 -64.53
N ASP E 541 19.35 1.58 -65.01
CA ASP E 541 18.96 0.14 -65.15
C ASP E 541 19.99 -0.60 -66.03
N GLN E 542 20.61 -1.68 -65.53
CA GLN E 542 21.56 -2.55 -66.30
C GLN E 542 20.75 -3.58 -67.12
N GLY E 543 20.01 -3.11 -68.11
CA GLY E 543 19.27 -3.94 -69.09
C GLY E 543 20.01 -3.99 -70.41
N ILE E 544 20.16 -5.18 -70.98
CA ILE E 544 20.91 -5.39 -72.26
C ILE E 544 19.88 -5.42 -73.39
N ARG E 545 20.09 -4.62 -74.43
CA ARG E 545 19.22 -4.57 -75.63
C ARG E 545 19.28 -5.92 -76.34
N LYS E 546 18.12 -6.56 -76.55
CA LYS E 546 17.98 -7.89 -77.22
C LYS E 546 16.73 -7.87 -78.11
N LYS E 547 16.65 -8.81 -79.07
CA LYS E 547 15.48 -9.02 -79.97
C LYS E 547 14.84 -10.37 -79.68
N ASP E 548 13.50 -10.41 -79.68
CA ASP E 548 12.69 -11.65 -79.46
C ASP E 548 12.49 -12.36 -80.81
N GLU E 549 11.60 -13.36 -80.85
CA GLU E 549 11.37 -14.25 -82.03
C GLU E 549 10.79 -13.44 -83.19
N ASN E 550 9.82 -12.56 -82.90
CA ASN E 550 9.11 -11.71 -83.89
C ASN E 550 10.00 -10.53 -84.32
N GLY E 551 11.05 -10.24 -83.54
CA GLY E 551 12.07 -9.21 -83.85
C GLY E 551 11.70 -7.85 -83.30
N ARG E 552 10.96 -7.80 -82.19
CA ARG E 552 10.64 -6.54 -81.45
C ARG E 552 11.59 -6.44 -80.25
N GLU E 553 12.21 -5.27 -80.07
CA GLU E 553 13.26 -5.01 -79.05
C GLU E 553 12.66 -5.10 -77.64
N PHE E 554 13.43 -5.67 -76.71
CA PHE E 554 13.16 -5.57 -75.26
C PHE E 554 14.48 -5.42 -74.49
N TRP E 555 14.37 -5.01 -73.23
CA TRP E 555 15.49 -4.92 -72.26
C TRP E 555 15.58 -6.24 -71.51
N ALA E 556 16.72 -6.93 -71.62
CA ALA E 556 16.96 -8.29 -71.07
C ALA E 556 17.58 -8.17 -69.68
N TYR E 557 17.27 -9.12 -68.80
CA TYR E 557 17.85 -9.21 -67.43
C TYR E 557 18.16 -10.68 -67.12
N GLY E 558 18.62 -10.96 -65.90
CA GLY E 558 19.03 -12.30 -65.45
C GLY E 558 18.08 -13.39 -65.94
N GLY E 559 18.61 -14.44 -66.57
CA GLY E 559 17.85 -15.62 -67.03
C GLY E 559 17.30 -15.46 -68.44
N ASP E 560 17.71 -14.43 -69.17
CA ASP E 560 17.33 -14.19 -70.59
C ASP E 560 18.49 -14.55 -71.53
N PHE E 561 19.50 -15.29 -71.04
CA PHE E 561 20.66 -15.80 -71.83
C PHE E 561 20.95 -17.26 -71.46
N GLY E 562 19.95 -17.99 -70.96
CA GLY E 562 20.08 -19.36 -70.44
C GLY E 562 21.09 -19.46 -69.29
N ASP E 563 21.39 -18.34 -68.62
CA ASP E 563 22.43 -18.25 -67.57
C ASP E 563 21.81 -18.72 -66.25
N THR E 564 22.44 -19.71 -65.60
CA THR E 564 21.94 -20.38 -64.35
C THR E 564 23.14 -20.73 -63.47
N PRO E 565 23.15 -20.38 -62.16
CA PRO E 565 22.07 -19.64 -61.50
C PRO E 565 22.08 -18.13 -61.85
N ASN E 566 20.94 -17.47 -61.67
CA ASN E 566 20.75 -16.01 -61.94
C ASN E 566 19.89 -15.39 -60.84
N ASP E 567 19.91 -14.06 -60.73
CA ASP E 567 19.11 -13.28 -59.74
C ASP E 567 18.09 -12.39 -60.46
N GLY E 568 17.61 -12.79 -61.66
CA GLY E 568 16.42 -12.21 -62.33
C GLY E 568 16.56 -10.72 -62.59
N ASN E 569 15.63 -9.89 -62.09
CA ASN E 569 15.60 -8.43 -62.39
C ASN E 569 16.20 -7.60 -61.23
N PHE E 570 17.02 -8.20 -60.36
CA PHE E 570 17.65 -7.47 -59.23
CA PHE E 570 17.65 -7.47 -59.23
C PHE E 570 18.82 -6.58 -59.72
N CYS E 571 19.13 -6.60 -61.02
CA CYS E 571 20.11 -5.67 -61.64
C CYS E 571 19.39 -4.43 -62.22
N ILE E 572 18.05 -4.36 -62.14
CA ILE E 572 17.22 -3.26 -62.71
C ILE E 572 16.77 -2.35 -61.55
N ASN E 573 17.60 -1.35 -61.18
CA ASN E 573 17.46 -0.54 -59.94
C ASN E 573 17.52 0.98 -60.21
N GLY E 574 17.33 1.41 -61.46
CA GLY E 574 17.58 2.79 -61.91
C GLY E 574 16.42 3.78 -61.75
N VAL E 575 16.78 5.07 -61.82
CA VAL E 575 15.91 6.26 -61.98
C VAL E 575 15.88 6.68 -63.45
N VAL E 576 16.73 6.13 -64.32
CA VAL E 576 16.60 6.24 -65.81
C VAL E 576 16.68 4.85 -66.43
N LEU E 577 15.99 4.64 -67.56
CA LEU E 577 16.00 3.37 -68.36
C LEU E 577 17.36 3.22 -69.04
N PRO E 578 17.72 2.01 -69.56
CA PRO E 578 19.08 1.79 -70.06
C PRO E 578 19.57 2.78 -71.13
N ASP E 579 18.68 3.35 -71.94
CA ASP E 579 19.02 4.34 -73.00
C ASP E 579 18.96 5.78 -72.48
N ARG E 580 18.83 6.00 -71.16
CA ARG E 580 18.89 7.32 -70.47
C ARG E 580 17.56 8.10 -70.61
N THR E 581 16.45 7.42 -70.93
CA THR E 581 15.06 7.94 -70.83
C THR E 581 14.67 8.02 -69.34
N PRO E 582 14.28 9.20 -68.80
CA PRO E 582 13.89 9.30 -67.39
C PRO E 582 12.66 8.48 -66.96
N GLU E 583 12.72 7.85 -65.79
CA GLU E 583 11.53 7.26 -65.13
C GLU E 583 10.82 8.42 -64.41
N PRO E 584 9.49 8.37 -64.17
CA PRO E 584 8.76 9.42 -63.44
C PRO E 584 9.34 9.82 -62.06
N GLU E 585 9.97 8.87 -61.36
CA GLU E 585 10.61 9.12 -60.05
C GLU E 585 11.81 10.09 -60.15
N LEU E 586 12.42 10.31 -61.32
CA LEU E 586 13.50 11.34 -61.49
C LEU E 586 12.92 12.77 -61.34
N TYR E 587 11.63 13.00 -61.63
CA TYR E 587 10.97 14.32 -61.42
C TYR E 587 10.79 14.57 -59.92
N GLU E 588 10.54 13.55 -59.09
CA GLU E 588 10.51 13.73 -57.61
C GLU E 588 11.92 14.09 -57.08
N VAL E 589 12.98 13.44 -57.55
CA VAL E 589 14.40 13.73 -57.13
C VAL E 589 14.70 15.22 -57.44
N LYS E 590 14.38 15.68 -58.65
CA LYS E 590 14.65 17.09 -59.01
C LYS E 590 13.96 18.07 -58.03
N LYS E 591 12.70 17.81 -57.66
CA LYS E 591 11.90 18.68 -56.73
C LYS E 591 12.54 18.64 -55.33
N VAL E 592 12.83 17.48 -54.79
CA VAL E 592 13.39 17.36 -53.41
C VAL E 592 14.82 17.94 -53.34
N TYR E 593 15.63 17.85 -54.40
CA TYR E 593 17.04 18.31 -54.39
C TYR E 593 17.21 19.82 -54.72
N GLN E 594 16.15 20.56 -55.10
CA GLN E 594 16.23 22.01 -55.49
C GLN E 594 16.84 22.87 -54.34
N ASN E 595 17.53 23.97 -54.69
CA ASN E 595 18.33 24.80 -53.73
C ASN E 595 17.65 26.14 -53.43
N VAL E 596 16.37 26.30 -53.76
CA VAL E 596 15.53 27.46 -53.32
C VAL E 596 14.34 26.90 -52.53
N LYS E 597 14.07 27.45 -51.35
CA LYS E 597 12.86 27.15 -50.54
C LYS E 597 11.96 28.39 -50.52
N ILE E 598 10.65 28.19 -50.70
CA ILE E 598 9.62 29.28 -50.76
C ILE E 598 8.51 28.97 -49.77
N ARG E 599 8.23 29.88 -48.84
CA ARG E 599 7.21 29.76 -47.78
C ARG E 599 6.10 30.81 -47.98
N GLN E 600 4.84 30.46 -47.70
CA GLN E 600 3.66 31.40 -47.73
C GLN E 600 3.56 32.08 -46.36
N VAL E 601 3.72 33.40 -46.31
CA VAL E 601 3.51 34.20 -45.07
C VAL E 601 2.04 34.59 -45.02
N SER E 602 1.56 35.25 -46.08
CA SER E 602 0.13 35.57 -46.37
C SER E 602 -0.14 35.25 -47.83
N LYS E 603 -1.39 35.44 -48.30
CA LYS E 603 -1.81 35.07 -49.68
C LYS E 603 -1.05 35.89 -50.72
N ASP E 604 -0.61 37.12 -50.38
CA ASP E 604 0.13 38.01 -51.31
C ASP E 604 1.62 38.13 -50.94
N THR E 605 2.10 37.50 -49.85
CA THR E 605 3.50 37.68 -49.35
C THR E 605 4.22 36.34 -49.17
N TYR E 606 5.38 36.17 -49.83
CA TYR E 606 6.16 34.90 -49.91
C TYR E 606 7.61 35.18 -49.49
N GLU E 607 8.15 34.35 -48.59
CA GLU E 607 9.57 34.39 -48.17
C GLU E 607 10.40 33.39 -49.01
N VAL E 608 11.42 33.89 -49.70
CA VAL E 608 12.36 33.11 -50.56
C VAL E 608 13.69 32.90 -49.80
N GLU E 609 14.09 31.64 -49.57
CA GLU E 609 15.38 31.26 -48.92
C GLU E 609 16.36 30.66 -49.93
N ASN E 610 17.54 31.28 -50.09
CA ASN E 610 18.66 30.81 -50.95
C ASN E 610 19.46 29.75 -50.19
N ARG E 611 19.50 28.51 -50.68
CA ARG E 611 20.26 27.39 -50.07
C ARG E 611 21.45 26.99 -50.93
N TYR E 612 21.79 27.72 -51.99
CA TYR E 612 23.10 27.58 -52.68
C TYR E 612 24.21 28.03 -51.72
N LEU E 613 25.42 27.46 -51.85
CA LEU E 613 26.60 27.78 -51.00
C LEU E 613 27.32 29.04 -51.52
N PHE E 614 27.46 29.21 -52.84
CA PHE E 614 28.34 30.21 -53.51
C PHE E 614 27.65 30.96 -54.66
N THR E 615 26.31 30.96 -54.77
CA THR E 615 25.56 31.58 -55.90
C THR E 615 24.55 32.60 -55.33
N ASN E 616 24.47 33.79 -55.93
CA ASN E 616 23.43 34.83 -55.63
C ASN E 616 22.19 34.53 -56.47
N LEU E 617 20.98 34.64 -55.92
CA LEU E 617 19.70 34.39 -56.67
C LEU E 617 19.52 35.41 -57.82
N GLU E 618 20.27 36.52 -57.82
CA GLU E 618 20.25 37.52 -58.93
C GLU E 618 20.69 36.90 -60.27
N MET E 619 21.33 35.73 -60.27
CA MET E 619 21.72 35.00 -61.52
C MET E 619 20.49 34.39 -62.23
N PHE E 620 19.34 34.26 -61.57
CA PHE E 620 18.17 33.53 -62.12
C PHE E 620 17.08 34.53 -62.52
N ASP E 621 16.30 34.17 -63.53
CA ASP E 621 15.02 34.84 -63.91
C ASP E 621 13.87 34.27 -63.07
N GLY E 622 13.24 35.11 -62.24
CA GLY E 622 12.00 34.79 -61.52
C GLY E 622 10.77 34.92 -62.41
N ALA E 623 9.78 34.07 -62.22
CA ALA E 623 8.42 34.26 -62.81
C ALA E 623 7.36 33.78 -61.83
N TRP E 624 6.18 34.41 -61.84
CA TRP E 624 4.98 33.87 -61.13
C TRP E 624 3.82 33.77 -62.11
N LYS E 625 2.90 32.83 -61.88
CA LYS E 625 1.72 32.55 -62.73
C LYS E 625 0.50 32.25 -61.84
N ILE E 626 -0.67 32.76 -62.19
CA ILE E 626 -1.95 32.41 -61.52
C ILE E 626 -2.80 31.60 -62.49
N ARG E 627 -3.29 30.45 -62.05
CA ARG E 627 -4.19 29.53 -62.82
C ARG E 627 -5.59 29.55 -62.21
N LYS E 628 -6.61 29.61 -63.06
CA LYS E 628 -8.07 29.63 -62.74
C LYS E 628 -8.68 28.37 -63.34
N ASP E 629 -9.18 27.46 -62.50
CA ASP E 629 -9.62 26.09 -62.90
C ASP E 629 -8.58 25.46 -63.87
N GLY E 630 -7.29 25.63 -63.56
CA GLY E 630 -6.19 24.96 -64.27
C GLY E 630 -5.64 25.68 -65.50
N GLU E 631 -6.13 26.89 -65.85
CA GLU E 631 -5.65 27.66 -67.05
C GLU E 631 -4.98 28.98 -66.64
N VAL E 632 -3.89 29.37 -67.31
CA VAL E 632 -3.10 30.60 -66.97
C VAL E 632 -3.92 31.83 -67.33
N ILE E 633 -4.12 32.75 -66.37
CA ILE E 633 -4.83 34.06 -66.56
C ILE E 633 -3.90 35.26 -66.33
N GLU E 634 -2.76 35.08 -65.67
CA GLU E 634 -1.80 36.18 -65.36
C GLU E 634 -0.39 35.59 -65.20
N GLU E 635 0.61 36.20 -65.84
CA GLU E 635 2.06 35.87 -65.76
C GLU E 635 2.85 37.15 -65.53
N LYS E 636 3.93 37.10 -64.75
CA LYS E 636 4.82 38.26 -64.48
C LYS E 636 6.25 37.80 -64.15
N THR E 637 7.25 38.45 -64.73
CA THR E 637 8.70 38.25 -64.45
C THR E 637 9.13 39.17 -63.31
N PHE E 638 10.17 38.77 -62.56
CA PHE E 638 10.79 39.55 -61.47
C PHE E 638 12.25 39.10 -61.31
N LYS E 639 13.02 39.86 -60.52
CA LYS E 639 14.40 39.53 -60.09
C LYS E 639 14.50 39.85 -58.61
N ILE E 640 15.19 38.99 -57.86
CA ILE E 640 15.35 39.10 -56.39
C ILE E 640 16.84 38.92 -56.07
N PHE E 641 17.38 39.77 -55.20
CA PHE E 641 18.80 39.77 -54.74
C PHE E 641 18.83 39.08 -53.38
N ALA E 642 19.48 37.92 -53.30
CA ALA E 642 19.66 37.15 -52.04
C ALA E 642 21.00 36.43 -52.09
N GLU E 643 21.85 36.65 -51.09
CA GLU E 643 23.17 35.99 -50.93
C GLU E 643 22.94 34.60 -50.33
N PRO E 644 23.93 33.68 -50.44
CA PRO E 644 23.81 32.37 -49.80
C PRO E 644 23.36 32.48 -48.34
N GLY E 645 22.26 31.80 -48.00
CA GLY E 645 21.68 31.75 -46.65
C GLY E 645 20.61 32.80 -46.40
N GLU E 646 20.48 33.83 -47.22
CA GLU E 646 19.54 34.96 -46.96
C GLU E 646 18.09 34.56 -47.28
N LYS E 647 17.15 35.09 -46.49
CA LYS E 647 15.68 35.08 -46.70
C LYS E 647 15.24 36.48 -47.17
N ARG E 648 14.48 36.56 -48.27
CA ARG E 648 13.95 37.83 -48.85
C ARG E 648 12.43 37.70 -49.10
N LEU E 649 11.68 38.79 -48.89
CA LEU E 649 10.19 38.83 -49.07
C LEU E 649 9.85 39.20 -50.50
N LEU E 650 8.81 38.57 -51.04
CA LEU E 650 8.27 38.79 -52.40
C LEU E 650 6.77 39.09 -52.29
N LYS E 651 6.35 40.23 -52.80
CA LYS E 651 4.97 40.76 -52.71
C LYS E 651 4.32 40.59 -54.08
N ILE E 652 3.18 39.89 -54.14
CA ILE E 652 2.46 39.58 -55.40
C ILE E 652 1.06 40.22 -55.30
N PRO E 653 0.75 41.24 -56.12
CA PRO E 653 -0.60 41.82 -56.14
C PRO E 653 -1.63 40.87 -56.80
N LEU E 654 -2.68 40.49 -56.04
CA LEU E 654 -3.70 39.51 -56.47
C LEU E 654 -4.87 40.21 -57.15
N PRO E 655 -5.49 39.59 -58.17
CA PRO E 655 -6.73 40.11 -58.75
C PRO E 655 -7.95 39.84 -57.87
N GLU E 656 -9.09 40.49 -58.16
CA GLU E 656 -10.42 40.09 -57.63
C GLU E 656 -10.77 38.71 -58.21
N MET E 657 -11.35 37.84 -57.39
CA MET E 657 -11.54 36.41 -57.73
C MET E 657 -13.04 36.10 -57.71
N ASP E 658 -13.47 35.22 -58.61
CA ASP E 658 -14.86 34.69 -58.72
C ASP E 658 -14.91 33.34 -57.99
N ASP E 659 -15.90 32.47 -58.28
CA ASP E 659 -16.17 31.19 -57.56
C ASP E 659 -15.26 30.03 -58.01
N SER E 660 -14.37 30.22 -58.99
CA SER E 660 -13.34 29.25 -59.44
C SER E 660 -12.29 28.96 -58.34
N GLU E 661 -11.51 27.89 -58.54
CA GLU E 661 -10.30 27.54 -57.75
C GLU E 661 -9.06 28.26 -58.31
N TYR E 662 -8.27 28.94 -57.47
CA TYR E 662 -7.06 29.70 -57.91
C TYR E 662 -5.79 29.10 -57.28
N PHE E 663 -4.78 28.79 -58.10
CA PHE E 663 -3.42 28.31 -57.68
C PHE E 663 -2.34 29.31 -58.15
N LEU E 664 -1.36 29.62 -57.30
CA LEU E 664 -0.12 30.41 -57.63
C LEU E 664 1.07 29.47 -57.82
N GLU E 665 1.85 29.63 -58.89
CA GLU E 665 3.17 28.96 -59.09
C GLU E 665 4.29 30.03 -59.11
N ILE E 666 5.36 29.86 -58.33
CA ILE E 666 6.60 30.71 -58.36
C ILE E 666 7.77 29.84 -58.82
N SER E 667 8.49 30.24 -59.88
CA SER E 667 9.64 29.49 -60.45
C SER E 667 10.88 30.38 -60.64
N PHE E 668 12.05 29.73 -60.72
CA PHE E 668 13.37 30.33 -61.03
C PHE E 668 14.01 29.54 -62.16
N SER E 669 14.50 30.23 -63.19
CA SER E 669 15.13 29.64 -64.40
C SER E 669 16.48 30.26 -64.75
N LEU E 670 17.27 29.61 -65.59
CA LEU E 670 18.59 30.11 -66.07
C LEU E 670 18.38 31.36 -66.93
N SER E 671 18.99 32.50 -66.56
CA SER E 671 18.98 33.80 -67.30
C SER E 671 19.63 33.64 -68.67
N GLU E 672 20.72 32.86 -68.77
CA GLU E 672 21.46 32.61 -70.04
C GLU E 672 22.06 31.20 -70.03
N ASP E 673 22.46 30.73 -71.23
CA ASP E 673 23.02 29.37 -71.47
C ASP E 673 24.17 29.09 -70.51
N THR E 674 24.30 27.83 -70.09
CA THR E 674 25.44 27.26 -69.33
C THR E 674 26.03 26.12 -70.15
N PRO E 675 27.21 25.56 -69.78
CA PRO E 675 27.73 24.37 -70.43
C PRO E 675 26.82 23.13 -70.31
N TRP E 676 25.95 23.07 -69.29
CA TRP E 676 25.13 21.87 -69.01
C TRP E 676 23.65 22.07 -69.41
N ALA E 677 23.19 23.28 -69.72
CA ALA E 677 21.75 23.53 -70.05
C ALA E 677 21.54 24.89 -70.72
N GLU E 678 20.38 25.06 -71.35
CA GLU E 678 19.99 26.24 -72.15
C GLU E 678 19.21 27.25 -71.30
N LYS E 679 19.21 28.51 -71.74
CA LYS E 679 18.39 29.62 -71.19
C LYS E 679 16.93 29.16 -71.02
N GLY E 680 16.32 29.43 -69.87
CA GLY E 680 14.92 29.06 -69.59
C GLY E 680 14.75 27.73 -68.85
N HIS E 681 15.79 26.92 -68.67
CA HIS E 681 15.76 25.69 -67.84
C HIS E 681 15.30 26.08 -66.44
N VAL E 682 14.29 25.42 -65.88
CA VAL E 682 13.80 25.68 -64.50
C VAL E 682 14.70 24.92 -63.50
N VAL E 683 15.20 25.59 -62.46
CA VAL E 683 16.05 25.00 -61.39
C VAL E 683 15.22 24.81 -60.12
N ALA E 684 14.12 25.55 -59.94
CA ALA E 684 13.32 25.49 -58.70
C ALA E 684 11.92 26.07 -58.95
N TRP E 685 10.90 25.49 -58.32
CA TRP E 685 9.50 25.99 -58.36
C TRP E 685 8.77 25.57 -57.09
N GLU E 686 7.72 26.29 -56.71
CA GLU E 686 6.74 25.91 -55.64
C GLU E 686 5.33 26.43 -56.01
N GLN E 687 4.28 25.74 -55.54
CA GLN E 687 2.85 26.08 -55.84
C GLN E 687 2.09 26.23 -54.53
N PHE E 688 1.06 27.06 -54.52
CA PHE E 688 0.22 27.39 -53.33
C PHE E 688 -1.24 27.61 -53.78
N LEU E 689 -2.18 27.09 -53.01
CA LEU E 689 -3.63 27.40 -53.16
C LEU E 689 -3.90 28.84 -52.72
N LEU E 690 -4.48 29.68 -53.60
CA LEU E 690 -4.90 31.07 -53.24
C LEU E 690 -6.35 31.04 -52.72
N LYS E 691 -7.27 30.37 -53.43
CA LYS E 691 -8.70 30.34 -53.03
C LYS E 691 -9.35 29.04 -53.48
N ALA E 692 -10.03 28.38 -52.54
CA ALA E 692 -10.90 27.20 -52.77
C ALA E 692 -12.12 27.62 -53.58
N PRO E 693 -12.70 26.73 -54.40
CA PRO E 693 -13.89 27.10 -55.18
C PRO E 693 -15.17 27.13 -54.32
N ALA E 694 -16.23 27.75 -54.83
CA ALA E 694 -17.61 27.70 -54.26
C ALA E 694 -18.42 26.71 -55.09
N PHE E 695 -18.77 25.56 -54.50
CA PHE E 695 -19.56 24.51 -55.19
C PHE E 695 -21.02 24.93 -55.33
N GLU E 696 -21.63 24.62 -56.47
CA GLU E 696 -23.06 24.90 -56.77
C GLU E 696 -23.84 23.58 -56.69
N LYS E 697 -25.03 23.64 -56.08
CA LYS E 697 -26.00 22.51 -55.95
C LYS E 697 -27.29 22.93 -56.64
N LYS E 698 -27.66 22.25 -57.72
CA LYS E 698 -28.84 22.60 -58.55
C LYS E 698 -29.98 21.59 -58.31
N SER E 699 -31.20 22.09 -58.12
CA SER E 699 -32.44 21.27 -58.02
C SER E 699 -32.85 20.77 -59.41
N ILE E 700 -32.88 19.45 -59.61
CA ILE E 700 -33.34 18.81 -60.87
C ILE E 700 -34.85 18.59 -60.75
N SER E 701 -35.62 19.01 -61.77
CA SER E 701 -37.10 18.91 -61.84
C SER E 701 -37.55 17.82 -62.82
N ASP E 702 -36.72 17.44 -63.80
CA ASP E 702 -37.07 16.44 -64.86
C ASP E 702 -37.17 15.04 -64.25
N GLY E 703 -37.87 14.13 -64.95
CA GLY E 703 -38.27 12.82 -64.44
C GLY E 703 -37.38 11.69 -64.94
N VAL E 704 -37.49 10.52 -64.30
CA VAL E 704 -36.71 9.28 -64.59
C VAL E 704 -37.72 8.13 -64.63
N SER E 705 -37.57 7.19 -65.58
CA SER E 705 -38.48 6.02 -65.73
C SER E 705 -37.73 4.75 -65.31
N LEU E 706 -38.48 3.72 -64.95
CA LEU E 706 -37.97 2.45 -64.38
C LEU E 706 -38.84 1.30 -64.92
N ARG E 707 -38.22 0.28 -65.52
CA ARG E 707 -38.87 -0.97 -66.02
C ARG E 707 -38.16 -2.19 -65.43
N GLU E 708 -38.90 -3.07 -64.76
CA GLU E 708 -38.38 -4.34 -64.18
C GLU E 708 -38.83 -5.50 -65.07
N ASP E 709 -37.98 -6.51 -65.21
CA ASP E 709 -38.33 -7.85 -65.75
C ASP E 709 -37.69 -8.90 -64.84
N GLY E 710 -37.49 -10.13 -65.30
CA GLY E 710 -37.02 -11.26 -64.49
C GLY E 710 -35.53 -11.20 -64.16
N LYS E 711 -34.72 -10.54 -65.00
CA LYS E 711 -33.23 -10.52 -64.87
C LYS E 711 -32.69 -9.09 -64.78
N HIS E 712 -33.38 -8.09 -65.32
CA HIS E 712 -32.86 -6.70 -65.48
C HIS E 712 -33.79 -5.68 -64.83
N LEU E 713 -33.18 -4.64 -64.26
CA LEU E 713 -33.79 -3.32 -63.98
C LEU E 713 -33.23 -2.32 -64.99
N THR E 714 -34.07 -1.54 -65.68
CA THR E 714 -33.68 -0.56 -66.73
C THR E 714 -34.15 0.83 -66.30
N VAL E 715 -33.24 1.82 -66.26
CA VAL E 715 -33.54 3.22 -65.81
C VAL E 715 -33.23 4.16 -66.97
N GLU E 716 -34.21 4.97 -67.40
CA GLU E 716 -34.06 5.91 -68.53
C GLU E 716 -34.13 7.34 -68.02
N ALA E 717 -33.22 8.19 -68.50
CA ALA E 717 -33.14 9.64 -68.21
C ALA E 717 -32.53 10.36 -69.42
N LYS E 718 -33.19 11.42 -69.90
CA LYS E 718 -32.81 12.13 -71.16
C LYS E 718 -32.63 11.07 -72.26
N ASP E 719 -31.40 10.89 -72.76
CA ASP E 719 -31.12 9.95 -73.88
C ASP E 719 -30.07 8.92 -73.45
N THR E 720 -30.01 8.59 -72.14
CA THR E 720 -29.12 7.55 -71.58
C THR E 720 -30.00 6.49 -70.91
N VAL E 721 -29.66 5.21 -71.09
CA VAL E 721 -30.34 4.05 -70.45
C VAL E 721 -29.29 3.29 -69.64
N TYR E 722 -29.55 3.08 -68.35
CA TYR E 722 -28.67 2.34 -67.41
C TYR E 722 -29.29 0.97 -67.16
N VAL E 723 -28.53 -0.12 -67.38
CA VAL E 723 -29.05 -1.51 -67.21
C VAL E 723 -28.34 -2.17 -66.02
N PHE E 724 -29.13 -2.57 -65.01
CA PHE E 724 -28.69 -3.26 -63.78
C PHE E 724 -29.14 -4.71 -63.82
N SER E 725 -28.30 -5.63 -63.36
CA SER E 725 -28.61 -7.09 -63.28
C SER E 725 -29.11 -7.45 -61.87
N LYS E 726 -30.25 -8.14 -61.77
CA LYS E 726 -30.83 -8.61 -60.47
C LYS E 726 -30.10 -9.87 -59.98
N LEU E 727 -29.33 -10.55 -60.82
CA LEU E 727 -28.59 -11.78 -60.44
C LEU E 727 -27.17 -11.42 -59.97
N THR E 728 -26.50 -10.45 -60.60
CA THR E 728 -25.11 -10.03 -60.21
C THR E 728 -25.15 -8.81 -59.28
N GLY E 729 -26.21 -8.02 -59.29
CA GLY E 729 -26.29 -6.74 -58.55
C GLY E 729 -25.39 -5.63 -59.12
N LEU E 730 -24.84 -5.77 -60.34
CA LEU E 730 -23.88 -4.79 -60.95
C LEU E 730 -24.58 -3.90 -61.99
N LEU E 731 -24.05 -2.71 -62.23
CA LEU E 731 -24.32 -1.90 -63.47
C LEU E 731 -23.59 -2.55 -64.66
N GLU E 732 -24.35 -3.09 -65.62
CA GLU E 732 -23.82 -3.98 -66.69
C GLU E 732 -23.70 -3.24 -68.01
N GLN E 733 -24.56 -2.27 -68.32
CA GLN E 733 -24.51 -1.56 -69.62
C GLN E 733 -25.03 -0.14 -69.46
N ILE E 734 -24.48 0.76 -70.26
CA ILE E 734 -24.93 2.18 -70.44
C ILE E 734 -25.13 2.38 -71.94
N LEU E 735 -26.35 2.69 -72.36
CA LEU E 735 -26.68 3.00 -73.78
C LEU E 735 -26.93 4.50 -73.88
N HIS E 736 -26.12 5.19 -74.67
CA HIS E 736 -26.28 6.65 -74.95
C HIS E 736 -26.61 6.76 -76.44
N ARG E 737 -27.78 7.32 -76.78
CA ARG E 737 -28.34 7.35 -78.16
C ARG E 737 -28.13 5.99 -78.84
N ARG E 738 -28.54 4.91 -78.18
CA ARG E 738 -28.51 3.49 -78.68
C ARG E 738 -27.08 2.99 -78.94
N LYS E 739 -26.06 3.59 -78.32
CA LYS E 739 -24.63 3.20 -78.48
C LYS E 739 -24.09 2.65 -77.15
N LYS E 740 -23.50 1.46 -77.17
CA LYS E 740 -22.92 0.79 -75.97
C LYS E 740 -21.63 1.52 -75.55
N ILE E 741 -21.55 1.91 -74.27
CA ILE E 741 -20.39 2.61 -73.65
C ILE E 741 -19.52 1.60 -72.87
N LEU E 742 -20.11 0.57 -72.26
CA LEU E 742 -19.37 -0.42 -71.42
C LEU E 742 -19.09 -1.67 -72.24
N LYS E 743 -17.87 -2.23 -72.12
CA LYS E 743 -17.47 -3.57 -72.64
C LYS E 743 -17.45 -4.60 -71.51
N SER E 744 -17.49 -4.17 -70.24
CA SER E 744 -17.65 -5.07 -69.07
C SER E 744 -18.28 -4.29 -67.93
N PRO E 745 -18.92 -4.96 -66.94
CA PRO E 745 -19.60 -4.28 -65.83
C PRO E 745 -18.71 -3.44 -64.90
N VAL E 746 -19.31 -2.48 -64.22
CA VAL E 746 -18.65 -1.70 -63.14
C VAL E 746 -18.56 -2.58 -61.89
N VAL E 747 -17.34 -2.92 -61.43
CA VAL E 747 -17.11 -3.80 -60.25
C VAL E 747 -16.27 -3.07 -59.20
N PRO E 748 -16.56 -3.25 -57.89
CA PRO E 748 -15.63 -2.84 -56.83
C PRO E 748 -14.26 -3.51 -56.95
N ASN E 749 -13.16 -2.80 -56.69
CA ASN E 749 -11.76 -3.33 -56.90
C ASN E 749 -10.86 -2.94 -55.73
N PHE E 750 -10.10 -3.90 -55.20
CA PHE E 750 -9.25 -3.76 -53.99
C PHE E 750 -7.79 -4.12 -54.30
N TRP E 751 -7.42 -4.34 -55.56
CA TRP E 751 -6.09 -4.91 -55.92
C TRP E 751 -5.26 -3.93 -56.76
N ARG E 752 -3.93 -3.97 -56.61
CA ARG E 752 -3.00 -3.35 -57.57
C ARG E 752 -1.96 -4.40 -57.96
N VAL E 753 -1.43 -4.31 -59.18
CA VAL E 753 -0.41 -5.27 -59.74
C VAL E 753 0.89 -5.09 -58.98
N PRO E 754 1.41 -6.12 -58.27
CA PRO E 754 2.55 -5.91 -57.36
C PRO E 754 3.81 -5.29 -58.01
N THR E 755 4.36 -4.27 -57.35
CA THR E 755 5.67 -3.65 -57.65
C THR E 755 6.81 -4.54 -57.14
N ASP E 756 8.06 -4.23 -57.52
CA ASP E 756 9.27 -4.94 -57.00
C ASP E 756 9.34 -4.78 -55.47
N ASN E 757 8.98 -3.62 -54.90
CA ASN E 757 8.94 -3.44 -53.41
C ASN E 757 7.85 -4.34 -52.82
N ASP E 758 6.67 -4.43 -53.42
CA ASP E 758 5.56 -5.30 -52.94
C ASP E 758 6.04 -6.77 -52.89
N ILE E 759 6.69 -7.26 -53.94
CA ILE E 759 7.23 -8.66 -53.99
C ILE E 759 8.23 -8.85 -52.85
N GLY E 760 9.15 -7.90 -52.64
CA GLY E 760 10.17 -8.00 -51.59
C GLY E 760 9.60 -8.07 -50.18
N ASN E 761 8.43 -7.48 -49.91
CA ASN E 761 7.83 -7.56 -48.54
C ASN E 761 6.69 -8.59 -48.51
N ARG E 762 6.55 -9.46 -49.52
CA ARG E 762 5.57 -10.59 -49.57
C ARG E 762 4.12 -10.09 -49.56
N MET E 763 3.84 -8.93 -50.14
CA MET E 763 2.47 -8.36 -50.26
C MET E 763 1.56 -9.36 -50.99
N PRO E 764 1.97 -10.05 -52.08
CA PRO E 764 1.07 -10.98 -52.77
C PRO E 764 0.58 -12.16 -51.93
N GLN E 765 1.37 -12.60 -50.94
CA GLN E 765 0.96 -13.69 -50.00
C GLN E 765 0.12 -13.10 -48.86
N ARG E 766 0.67 -12.14 -48.10
CA ARG E 766 -0.01 -11.46 -46.96
C ARG E 766 -1.41 -10.95 -47.35
N LEU E 767 -1.57 -10.31 -48.51
CA LEU E 767 -2.79 -9.53 -48.89
C LEU E 767 -3.57 -10.30 -49.96
N ALA E 768 -3.33 -11.60 -50.14
CA ALA E 768 -3.97 -12.45 -51.19
C ALA E 768 -5.51 -12.43 -51.09
N ILE E 769 -6.10 -12.27 -49.91
CA ILE E 769 -7.59 -12.25 -49.74
C ILE E 769 -8.21 -11.06 -50.52
N TRP E 770 -7.51 -9.92 -50.64
CA TRP E 770 -8.02 -8.72 -51.34
C TRP E 770 -7.98 -8.92 -52.87
N LYS E 771 -7.08 -9.75 -53.37
CA LYS E 771 -7.10 -10.13 -54.81
C LYS E 771 -8.35 -10.99 -55.12
N ARG E 772 -8.69 -11.94 -54.24
CA ARG E 772 -9.89 -12.80 -54.36
C ARG E 772 -11.17 -11.94 -54.26
N ALA E 773 -11.23 -11.02 -53.29
CA ALA E 773 -12.37 -10.12 -53.07
C ALA E 773 -12.58 -9.18 -54.29
N SER E 774 -11.57 -9.00 -55.15
CA SER E 774 -11.70 -8.17 -56.38
C SER E 774 -12.36 -8.96 -57.53
N LYS E 775 -12.37 -10.29 -57.49
CA LYS E 775 -12.92 -11.16 -58.57
C LYS E 775 -14.19 -11.92 -58.15
N GLU E 776 -14.39 -12.24 -56.87
CA GLU E 776 -15.57 -13.00 -56.38
C GLU E 776 -16.33 -12.21 -55.31
N ARG E 777 -17.64 -12.33 -55.32
CA ARG E 777 -18.54 -11.66 -54.36
C ARG E 777 -19.89 -12.39 -54.34
N LYS E 778 -20.62 -12.26 -53.24
CA LYS E 778 -21.97 -12.86 -53.04
C LYS E 778 -22.98 -11.72 -52.86
N LEU E 779 -23.95 -11.61 -53.75
CA LEU E 779 -25.05 -10.64 -53.60
C LEU E 779 -26.00 -11.12 -52.49
N PHE E 780 -26.03 -10.40 -51.37
CA PHE E 780 -26.87 -10.72 -50.18
C PHE E 780 -28.26 -10.12 -50.37
N LYS E 781 -28.37 -8.91 -50.93
CA LYS E 781 -29.65 -8.14 -50.99
C LYS E 781 -29.58 -7.05 -52.06
N MET E 782 -30.70 -6.77 -52.73
CA MET E 782 -30.78 -5.70 -53.74
C MET E 782 -32.16 -5.07 -53.74
N HIS E 783 -32.26 -3.74 -53.66
CA HIS E 783 -33.55 -3.01 -53.73
C HIS E 783 -33.40 -1.66 -54.43
N TRP E 784 -34.53 -1.09 -54.87
CA TRP E 784 -34.61 0.23 -55.55
C TRP E 784 -35.76 1.06 -54.98
N LYS E 785 -35.66 2.38 -55.12
CA LYS E 785 -36.60 3.40 -54.58
C LYS E 785 -36.70 4.56 -55.58
N LYS E 786 -37.90 4.86 -56.06
CA LYS E 786 -38.18 5.95 -57.03
C LYS E 786 -38.76 7.16 -56.29
N GLU E 787 -38.26 8.37 -56.61
CA GLU E 787 -38.86 9.67 -56.26
C GLU E 787 -39.23 10.37 -57.57
N GLU E 788 -39.76 11.58 -57.51
CA GLU E 788 -40.21 12.38 -58.67
C GLU E 788 -39.02 12.66 -59.62
N ASN E 789 -37.82 12.96 -59.09
CA ASN E 789 -36.68 13.46 -59.91
C ASN E 789 -35.49 12.48 -59.91
N ARG E 790 -35.59 11.28 -59.31
CA ARG E 790 -34.44 10.35 -59.22
C ARG E 790 -34.88 8.95 -58.82
N VAL E 791 -34.05 7.96 -59.17
CA VAL E 791 -34.11 6.53 -58.76
C VAL E 791 -32.78 6.14 -58.12
N SER E 792 -32.79 5.45 -56.98
CA SER E 792 -31.61 4.83 -56.33
C SER E 792 -31.68 3.31 -56.45
N VAL E 793 -30.57 2.65 -56.82
CA VAL E 793 -30.38 1.18 -56.86
C VAL E 793 -29.28 0.80 -55.85
N HIS E 794 -29.62 0.03 -54.83
CA HIS E 794 -28.76 -0.35 -53.68
C HIS E 794 -28.43 -1.84 -53.74
N SER E 795 -27.15 -2.21 -53.76
CA SER E 795 -26.67 -3.62 -53.67
C SER E 795 -25.80 -3.83 -52.43
N VAL E 796 -25.97 -4.95 -51.72
CA VAL E 796 -25.19 -5.36 -50.51
C VAL E 796 -24.46 -6.64 -50.86
N PHE E 797 -23.14 -6.67 -50.73
CA PHE E 797 -22.30 -7.86 -51.03
C PHE E 797 -21.54 -8.30 -49.77
N GLN E 798 -21.30 -9.58 -49.64
CA GLN E 798 -20.28 -10.09 -48.70
C GLN E 798 -19.13 -10.61 -49.57
N LEU E 799 -17.91 -10.49 -49.07
CA LEU E 799 -16.67 -10.77 -49.83
C LEU E 799 -15.87 -11.89 -49.17
N PRO E 800 -14.95 -12.56 -49.92
CA PRO E 800 -13.87 -13.34 -49.32
C PRO E 800 -13.14 -12.57 -48.20
N GLY E 801 -12.84 -13.25 -47.09
CA GLY E 801 -12.44 -12.60 -45.83
C GLY E 801 -13.60 -12.15 -44.95
N ASN E 802 -14.85 -12.19 -45.43
CA ASN E 802 -16.09 -11.90 -44.64
C ASN E 802 -16.33 -10.40 -44.44
N SER E 803 -15.71 -9.50 -45.21
CA SER E 803 -16.00 -8.05 -45.24
C SER E 803 -17.30 -7.77 -45.98
N TRP E 804 -17.93 -6.62 -45.71
CA TRP E 804 -19.18 -6.17 -46.38
C TRP E 804 -18.88 -4.96 -47.28
N VAL E 805 -19.52 -4.89 -48.46
CA VAL E 805 -19.45 -3.70 -49.35
C VAL E 805 -20.86 -3.36 -49.83
N TYR E 806 -21.23 -2.08 -49.69
CA TYR E 806 -22.52 -1.47 -50.09
C TYR E 806 -22.29 -0.56 -51.32
N THR E 807 -22.97 -0.79 -52.44
CA THR E 807 -22.95 0.11 -53.61
C THR E 807 -24.33 0.75 -53.78
N THR E 808 -24.34 2.03 -54.11
CA THR E 808 -25.58 2.81 -54.39
C THR E 808 -25.36 3.67 -55.63
N TYR E 809 -26.22 3.52 -56.63
CA TYR E 809 -26.29 4.33 -57.88
C TYR E 809 -27.56 5.19 -57.82
N THR E 810 -27.45 6.51 -57.91
CA THR E 810 -28.64 7.40 -57.98
C THR E 810 -28.63 8.09 -59.36
N VAL E 811 -29.62 7.80 -60.18
CA VAL E 811 -29.80 8.40 -61.54
C VAL E 811 -30.76 9.57 -61.41
N PHE E 812 -30.35 10.76 -61.86
CA PHE E 812 -31.17 11.99 -61.89
C PHE E 812 -31.72 12.25 -63.30
N GLY E 813 -32.77 13.06 -63.36
CA GLY E 813 -33.54 13.41 -64.58
C GLY E 813 -32.72 14.16 -65.62
N ASN E 814 -31.60 14.78 -65.24
CA ASN E 814 -30.63 15.46 -66.14
C ASN E 814 -29.59 14.49 -66.74
N GLY E 815 -29.64 13.19 -66.39
CA GLY E 815 -28.69 12.17 -66.90
C GLY E 815 -27.45 11.95 -66.01
N ASP E 816 -27.13 12.81 -65.04
CA ASP E 816 -26.08 12.55 -64.01
C ASP E 816 -26.37 11.23 -63.26
N VAL E 817 -25.32 10.47 -62.90
CA VAL E 817 -25.39 9.32 -61.95
C VAL E 817 -24.40 9.59 -60.81
N LEU E 818 -24.86 9.55 -59.57
CA LEU E 818 -24.00 9.52 -58.36
C LEU E 818 -23.68 8.05 -58.02
N VAL E 819 -22.40 7.75 -57.78
CA VAL E 819 -21.89 6.38 -57.50
C VAL E 819 -21.28 6.42 -56.10
N ASP E 820 -21.76 5.59 -55.16
CA ASP E 820 -21.30 5.57 -53.74
C ASP E 820 -20.87 4.16 -53.36
N LEU E 821 -19.82 4.05 -52.55
CA LEU E 821 -19.27 2.79 -52.00
C LEU E 821 -19.02 2.99 -50.50
N SER E 822 -19.41 2.03 -49.66
CA SER E 822 -18.96 1.90 -48.25
C SER E 822 -18.35 0.52 -48.10
N LEU E 823 -17.18 0.43 -47.48
CA LEU E 823 -16.51 -0.85 -47.20
C LEU E 823 -16.43 -0.99 -45.68
N ILE E 824 -16.93 -2.10 -45.12
CA ILE E 824 -16.87 -2.44 -43.67
C ILE E 824 -16.01 -3.69 -43.51
N PRO E 825 -14.68 -3.59 -43.27
CA PRO E 825 -13.82 -4.77 -43.15
C PRO E 825 -14.16 -5.65 -41.95
N ALA E 826 -13.99 -6.97 -42.07
CA ALA E 826 -14.12 -7.96 -40.98
C ALA E 826 -12.97 -7.78 -39.99
N GLU E 827 -13.10 -8.37 -38.79
CA GLU E 827 -12.22 -8.08 -37.61
C GLU E 827 -10.80 -8.63 -37.79
N ASP E 828 -10.54 -9.60 -38.67
CA ASP E 828 -9.22 -10.28 -38.76
C ASP E 828 -8.63 -10.21 -40.18
N VAL E 829 -9.03 -9.24 -41.01
CA VAL E 829 -8.46 -9.04 -42.38
C VAL E 829 -7.26 -8.12 -42.31
N PRO E 830 -6.26 -8.27 -43.20
CA PRO E 830 -5.11 -7.36 -43.26
C PRO E 830 -5.38 -6.04 -44.02
N GLU E 831 -4.39 -5.15 -44.08
CA GLU E 831 -4.50 -3.82 -44.74
C GLU E 831 -4.92 -3.99 -46.22
N ILE E 832 -5.41 -2.94 -46.84
CA ILE E 832 -6.08 -2.98 -48.17
C ILE E 832 -5.15 -2.31 -49.20
N PRO E 833 -4.85 -2.95 -50.35
CA PRO E 833 -4.01 -2.32 -51.38
C PRO E 833 -4.61 -1.08 -52.06
N ARG E 834 -5.93 -1.07 -52.31
CA ARG E 834 -6.63 0.00 -53.07
C ARG E 834 -8.11 -0.02 -52.69
N ILE E 835 -8.82 1.10 -52.81
CA ILE E 835 -10.31 1.13 -52.72
C ILE E 835 -10.88 1.89 -53.92
N GLY E 836 -11.63 1.23 -54.81
CA GLY E 836 -12.22 1.90 -55.97
C GLY E 836 -13.12 1.02 -56.81
N PHE E 837 -13.37 1.45 -58.03
CA PHE E 837 -14.19 0.79 -59.07
C PHE E 837 -13.36 0.63 -60.34
N GLN E 838 -13.59 -0.45 -61.07
CA GLN E 838 -12.92 -0.76 -62.36
C GLN E 838 -13.99 -1.10 -63.41
N PHE E 839 -13.86 -0.58 -64.63
CA PHE E 839 -14.69 -0.99 -65.80
C PHE E 839 -13.87 -0.91 -67.10
N THR E 840 -14.48 -1.31 -68.24
CA THR E 840 -13.86 -1.26 -69.58
C THR E 840 -14.80 -0.59 -70.59
N VAL E 841 -14.23 0.24 -71.48
CA VAL E 841 -14.93 0.95 -72.59
C VAL E 841 -14.23 0.56 -73.90
N PRO E 842 -14.86 0.76 -75.08
CA PRO E 842 -14.23 0.46 -76.38
C PRO E 842 -13.02 1.35 -76.70
N GLU E 843 -12.05 0.83 -77.48
CA GLU E 843 -10.74 1.48 -77.77
C GLU E 843 -10.92 2.77 -78.60
N GLU E 844 -12.13 3.05 -79.11
CA GLU E 844 -12.49 4.33 -79.77
C GLU E 844 -12.36 5.51 -78.79
N PHE E 845 -12.46 5.28 -77.47
CA PHE E 845 -12.15 6.28 -76.42
C PHE E 845 -10.62 6.38 -76.28
N GLY E 846 -9.98 7.22 -77.10
CA GLY E 846 -8.53 7.24 -77.29
C GLY E 846 -7.82 8.48 -76.77
N THR E 847 -8.55 9.48 -76.26
CA THR E 847 -8.00 10.76 -75.75
C THR E 847 -8.51 10.99 -74.32
N VAL E 848 -7.66 11.55 -73.44
CA VAL E 848 -8.01 11.85 -72.02
C VAL E 848 -7.63 13.30 -71.72
N GLU E 849 -8.48 13.99 -70.96
CA GLU E 849 -8.24 15.35 -70.43
C GLU E 849 -8.49 15.29 -68.91
N TRP E 850 -7.73 16.03 -68.10
CA TRP E 850 -7.94 16.07 -66.63
C TRP E 850 -7.50 17.40 -66.05
N TYR E 851 -8.08 17.75 -64.89
CA TYR E 851 -7.66 18.89 -64.02
C TYR E 851 -7.19 18.27 -62.71
N GLY E 852 -5.89 18.36 -62.41
CA GLY E 852 -5.26 17.66 -61.27
C GLY E 852 -3.73 17.74 -61.31
N ARG E 853 -3.04 16.90 -60.54
CA ARG E 853 -1.54 16.85 -60.55
C ARG E 853 -1.08 16.21 -61.86
N GLY E 854 -0.01 16.74 -62.46
CA GLY E 854 0.56 16.19 -63.69
C GLY E 854 1.87 16.88 -64.07
N PRO E 855 2.38 16.69 -65.32
CA PRO E 855 1.75 15.81 -66.31
C PRO E 855 2.01 14.31 -66.18
N HIS E 856 2.95 13.92 -65.32
CA HIS E 856 3.45 12.53 -65.13
C HIS E 856 2.62 11.82 -64.05
N GLU E 857 2.81 10.52 -63.89
CA GLU E 857 2.14 9.71 -62.82
C GLU E 857 2.62 10.17 -61.43
N THR E 858 1.73 10.16 -60.43
CA THR E 858 2.01 10.47 -59.00
C THR E 858 1.28 9.47 -58.09
N TYR E 859 1.83 9.21 -56.89
CA TYR E 859 1.31 8.27 -55.87
C TYR E 859 1.29 8.99 -54.51
N TRP E 860 0.65 8.38 -53.51
CA TRP E 860 0.37 8.98 -52.19
C TRP E 860 1.67 9.46 -51.52
N ASP E 861 2.77 8.69 -51.60
CA ASP E 861 4.11 9.03 -51.02
C ASP E 861 5.10 9.50 -52.10
N ARG E 862 4.63 9.91 -53.28
CA ARG E 862 5.51 10.46 -54.34
C ARG E 862 4.68 11.36 -55.26
N LYS E 863 4.35 12.57 -54.79
CA LYS E 863 3.53 13.51 -55.58
C LYS E 863 3.92 14.99 -55.47
N GLU E 864 4.97 15.39 -54.74
CA GLU E 864 5.37 16.83 -54.63
C GLU E 864 5.70 17.42 -56.01
N SER E 865 6.26 16.62 -56.92
CA SER E 865 6.63 17.07 -58.29
C SER E 865 5.39 17.27 -59.18
N GLY E 866 4.17 16.91 -58.75
CA GLY E 866 2.97 17.10 -59.59
C GLY E 866 2.37 18.50 -59.47
N LEU E 867 2.47 19.30 -60.53
CA LEU E 867 1.89 20.67 -60.64
C LEU E 867 0.38 20.59 -60.97
N PHE E 868 -0.46 21.32 -60.24
CA PHE E 868 -1.94 21.38 -60.49
C PHE E 868 -2.23 22.19 -61.75
N ALA E 869 -2.81 21.59 -62.79
CA ALA E 869 -3.16 22.32 -64.04
C ALA E 869 -4.11 21.48 -64.91
N ARG E 870 -4.46 21.99 -66.08
CA ARG E 870 -5.27 21.22 -67.07
C ARG E 870 -4.37 20.56 -68.10
N TYR E 871 -4.48 19.25 -68.31
CA TYR E 871 -3.62 18.41 -69.19
C TYR E 871 -4.45 17.59 -70.20
N ARG E 872 -3.79 17.15 -71.27
CA ARG E 872 -4.41 16.38 -72.39
C ARG E 872 -3.39 15.40 -72.98
N LYS E 873 -3.74 14.10 -73.08
CA LYS E 873 -2.87 13.05 -73.65
C LYS E 873 -3.69 11.97 -74.36
N ALA E 874 -3.03 11.23 -75.27
CA ALA E 874 -3.52 9.98 -75.86
C ALA E 874 -3.37 8.86 -74.82
N VAL E 875 -4.28 7.88 -74.83
CA VAL E 875 -4.34 6.79 -73.82
C VAL E 875 -3.01 6.01 -73.77
N GLY E 876 -2.39 5.75 -74.93
CA GLY E 876 -1.13 5.00 -75.04
C GLY E 876 0.04 5.65 -74.32
N GLU E 877 0.00 6.97 -74.06
CA GLU E 877 1.10 7.69 -73.36
C GLU E 877 0.73 7.98 -71.90
N MET E 878 -0.32 7.35 -71.36
CA MET E 878 -0.78 7.49 -69.96
C MET E 878 -0.22 6.34 -69.10
N MET E 879 0.83 5.64 -69.55
CA MET E 879 1.51 4.59 -68.76
C MET E 879 3.02 4.69 -69.04
N HIS E 880 3.85 4.24 -68.11
CA HIS E 880 5.32 4.16 -68.26
C HIS E 880 5.69 2.69 -68.50
N ARG E 881 6.63 2.43 -69.42
CA ARG E 881 7.13 1.07 -69.76
C ARG E 881 8.31 0.70 -68.86
N TYR E 882 8.04 0.30 -67.62
CA TYR E 882 9.02 -0.32 -66.68
C TYR E 882 9.59 -1.58 -67.35
N VAL E 883 10.91 -1.85 -67.19
CA VAL E 883 11.61 -3.05 -67.77
C VAL E 883 10.86 -4.33 -67.36
N ARG E 884 10.47 -4.50 -66.09
CA ARG E 884 9.48 -5.52 -65.67
C ARG E 884 8.13 -4.84 -65.43
N PRO E 885 7.08 -5.11 -66.26
CA PRO E 885 5.78 -4.45 -66.11
C PRO E 885 5.17 -4.61 -64.72
N GLN E 886 4.50 -3.56 -64.26
CA GLN E 886 4.11 -3.30 -62.85
C GLN E 886 2.97 -2.26 -62.82
N GLU E 887 2.38 -2.04 -61.65
CA GLU E 887 1.47 -0.88 -61.39
C GLU E 887 2.10 0.40 -61.96
N THR E 888 1.32 1.17 -62.73
CA THR E 888 1.77 2.40 -63.42
C THR E 888 0.56 3.25 -63.79
N GLY E 889 0.77 4.55 -64.01
CA GLY E 889 -0.21 5.43 -64.69
C GLY E 889 -1.17 6.19 -63.77
N ASN E 890 -1.07 6.04 -62.44
CA ASN E 890 -1.94 6.76 -61.47
C ASN E 890 -1.79 8.28 -61.62
N ARG E 891 -2.91 9.02 -61.62
CA ARG E 891 -2.97 10.50 -61.47
C ARG E 891 -3.65 10.82 -60.14
N SER E 892 -3.03 11.64 -59.28
CA SER E 892 -3.50 11.98 -57.91
C SER E 892 -4.19 13.36 -57.84
N ASP E 893 -5.07 13.52 -56.84
CA ASP E 893 -5.76 14.78 -56.42
C ASP E 893 -6.51 15.39 -57.62
N VAL E 894 -7.21 14.55 -58.39
CA VAL E 894 -7.94 14.95 -59.61
C VAL E 894 -9.35 15.49 -59.28
N ARG E 895 -9.68 16.67 -59.80
CA ARG E 895 -11.01 17.31 -59.67
C ARG E 895 -11.97 16.68 -60.69
N TRP E 896 -11.53 16.47 -61.93
CA TRP E 896 -12.35 15.86 -63.01
C TRP E 896 -11.43 15.29 -64.09
N PHE E 897 -11.91 14.28 -64.81
CA PHE E 897 -11.30 13.74 -66.06
C PHE E 897 -12.42 13.44 -67.07
N ALA E 898 -12.08 13.39 -68.35
CA ALA E 898 -12.98 13.06 -69.48
C ALA E 898 -12.26 12.23 -70.54
N LEU E 899 -12.87 11.13 -70.94
CA LEU E 899 -12.45 10.29 -72.08
C LEU E 899 -13.32 10.66 -73.28
N SER E 900 -12.73 10.82 -74.47
CA SER E 900 -13.42 11.29 -75.70
C SER E 900 -13.21 10.28 -76.84
N ASP E 901 -14.25 10.00 -77.62
CA ASP E 901 -14.17 9.22 -78.88
C ASP E 901 -14.39 10.15 -80.10
N GLY E 902 -14.18 11.46 -79.93
CA GLY E 902 -14.42 12.48 -80.96
C GLY E 902 -15.76 13.16 -80.80
N GLU E 903 -16.84 12.39 -80.62
CA GLU E 903 -18.24 12.88 -80.50
C GLU E 903 -18.70 12.83 -79.03
N THR E 904 -18.67 11.65 -78.42
CA THR E 904 -19.18 11.34 -77.06
C THR E 904 -18.05 11.49 -76.02
N LYS E 905 -18.34 12.12 -74.88
CA LYS E 905 -17.42 12.29 -73.72
C LYS E 905 -17.96 11.52 -72.52
N LEU E 906 -17.14 10.65 -71.90
CA LEU E 906 -17.40 10.09 -70.56
C LEU E 906 -16.70 10.98 -69.53
N PHE E 907 -17.47 11.73 -68.74
CA PHE E 907 -17.01 12.71 -67.73
C PHE E 907 -17.17 12.13 -66.31
N VAL E 908 -16.13 12.25 -65.48
CA VAL E 908 -16.13 11.85 -64.04
C VAL E 908 -15.64 13.06 -63.23
N SER E 909 -16.34 13.43 -62.14
CA SER E 909 -15.92 14.50 -61.20
C SER E 909 -15.94 13.99 -59.76
N GLY E 910 -15.00 14.47 -58.96
CA GLY E 910 -14.79 14.03 -57.57
C GLY E 910 -15.69 14.80 -56.62
N MET E 911 -15.83 14.30 -55.40
CA MET E 911 -16.67 14.91 -54.35
C MET E 911 -15.85 14.98 -53.07
N PRO E 912 -14.80 15.82 -52.97
CA PRO E 912 -14.32 16.67 -54.06
C PRO E 912 -13.19 16.16 -54.97
N GLN E 913 -12.53 15.04 -54.67
CA GLN E 913 -11.43 14.55 -55.54
C GLN E 913 -11.41 13.02 -55.65
N ILE E 914 -10.77 12.54 -56.71
CA ILE E 914 -10.50 11.11 -57.00
C ILE E 914 -9.04 10.94 -57.43
N ASP E 915 -8.57 9.71 -57.46
CA ASP E 915 -7.41 9.25 -58.27
C ASP E 915 -7.96 8.41 -59.45
N PHE E 916 -7.25 8.37 -60.58
CA PHE E 916 -7.65 7.57 -61.77
C PHE E 916 -6.42 7.07 -62.54
N SER E 917 -6.67 6.08 -63.40
CA SER E 917 -5.71 5.62 -64.44
C SER E 917 -6.47 4.98 -65.61
N VAL E 918 -5.87 4.97 -66.80
CA VAL E 918 -6.44 4.38 -68.05
C VAL E 918 -5.36 3.52 -68.72
N TRP E 919 -5.63 2.24 -69.00
CA TRP E 919 -4.68 1.25 -69.60
C TRP E 919 -5.26 0.63 -70.86
N PRO E 920 -4.45 0.40 -71.93
CA PRO E 920 -4.92 -0.32 -73.11
C PRO E 920 -4.85 -1.86 -73.05
N PHE E 921 -5.08 -2.45 -71.87
CA PHE E 921 -5.05 -3.91 -71.60
C PHE E 921 -5.76 -4.16 -70.25
N SER E 922 -5.87 -5.42 -69.79
CA SER E 922 -6.52 -5.81 -68.51
C SER E 922 -5.50 -5.84 -67.36
N MET E 923 -5.98 -5.76 -66.11
CA MET E 923 -5.16 -5.94 -64.89
C MET E 923 -4.48 -7.33 -64.93
N GLU E 924 -5.19 -8.34 -65.43
CA GLU E 924 -4.69 -9.74 -65.60
C GLU E 924 -3.52 -9.79 -66.60
N ASP E 925 -3.62 -9.11 -67.75
CA ASP E 925 -2.50 -8.98 -68.73
C ASP E 925 -1.27 -8.36 -68.05
N LEU E 926 -1.44 -7.24 -67.32
CA LEU E 926 -0.30 -6.50 -66.71
C LEU E 926 0.42 -7.39 -65.68
N GLU E 927 -0.32 -8.20 -64.92
CA GLU E 927 0.23 -9.06 -63.84
C GLU E 927 0.96 -10.28 -64.44
N ARG E 928 0.60 -10.71 -65.66
CA ARG E 928 1.11 -11.95 -66.30
C ARG E 928 2.48 -11.71 -66.97
N VAL E 929 2.61 -10.68 -67.80
CA VAL E 929 3.78 -10.47 -68.71
C VAL E 929 4.99 -9.97 -67.90
N GLN E 930 6.19 -10.45 -68.23
CA GLN E 930 7.45 -10.13 -67.50
C GLN E 930 8.42 -9.32 -68.38
N HIS E 931 8.03 -8.97 -69.61
CA HIS E 931 8.81 -8.10 -70.55
C HIS E 931 7.88 -7.14 -71.28
N ILE E 932 8.43 -5.99 -71.66
CA ILE E 932 7.70 -4.86 -72.33
C ILE E 932 7.14 -5.33 -73.67
N SER E 933 7.88 -6.18 -74.40
CA SER E 933 7.55 -6.69 -75.76
C SER E 933 6.28 -7.58 -75.75
N GLU E 934 5.98 -8.25 -74.63
CA GLU E 934 4.89 -9.25 -74.53
C GLU E 934 3.52 -8.58 -74.26
N LEU E 935 3.47 -7.27 -73.99
CA LEU E 935 2.20 -6.54 -73.68
C LEU E 935 1.27 -6.62 -74.89
N PRO E 936 0.12 -7.33 -74.80
CA PRO E 936 -0.68 -7.65 -75.97
C PRO E 936 -1.55 -6.49 -76.48
N GLU E 937 -2.10 -6.64 -77.69
CA GLU E 937 -3.04 -5.69 -78.34
C GLU E 937 -4.47 -6.02 -77.90
N ARG E 938 -5.25 -5.01 -77.50
CA ARG E 938 -6.65 -5.18 -77.01
C ARG E 938 -7.58 -4.16 -77.66
N ASP E 939 -8.86 -4.49 -77.76
CA ASP E 939 -9.92 -3.64 -78.39
C ASP E 939 -10.73 -2.91 -77.30
N PHE E 940 -10.16 -2.69 -76.11
CA PHE E 940 -10.82 -1.98 -74.98
C PHE E 940 -9.78 -1.20 -74.18
N VAL E 941 -10.28 -0.27 -73.34
CA VAL E 941 -9.51 0.55 -72.36
C VAL E 941 -10.03 0.20 -70.97
N THR E 942 -9.15 -0.16 -70.03
CA THR E 942 -9.49 -0.36 -68.59
C THR E 942 -9.47 1.02 -67.90
N VAL E 943 -10.52 1.36 -67.15
CA VAL E 943 -10.63 2.65 -66.39
C VAL E 943 -10.68 2.30 -64.90
N ASN E 944 -9.79 2.88 -64.08
CA ASN E 944 -9.79 2.81 -62.60
C ASN E 944 -10.17 4.17 -62.02
N VAL E 945 -11.17 4.21 -61.12
CA VAL E 945 -11.61 5.43 -60.37
C VAL E 945 -11.50 5.07 -58.88
N ASP E 946 -10.61 5.73 -58.14
CA ASP E 946 -10.16 5.30 -56.80
C ASP E 946 -10.33 6.41 -55.76
N PHE E 947 -10.65 5.99 -54.54
CA PHE E 947 -10.48 6.78 -53.29
C PHE E 947 -8.98 6.95 -53.04
N ARG E 948 -8.26 5.84 -52.91
CA ARG E 948 -6.80 5.88 -52.66
C ARG E 948 -6.19 4.52 -52.95
N GLN E 949 -4.87 4.51 -53.10
CA GLN E 949 -4.02 3.31 -53.21
C GLN E 949 -2.91 3.47 -52.17
N MET E 950 -2.38 2.38 -51.61
CA MET E 950 -1.29 2.48 -50.62
C MET E 950 0.00 2.99 -51.31
N GLY E 951 0.91 3.57 -50.54
CA GLY E 951 2.19 4.10 -51.05
C GLY E 951 3.06 3.03 -51.70
N LEU E 952 4.09 3.47 -52.42
CA LEU E 952 5.09 2.63 -53.11
C LEU E 952 6.17 2.14 -52.15
N GLY E 953 6.52 2.93 -51.12
CA GLY E 953 7.64 2.65 -50.22
C GLY E 953 8.99 2.70 -50.92
N GLY E 954 9.91 1.84 -50.50
CA GLY E 954 11.24 1.69 -51.13
C GLY E 954 12.41 2.12 -50.24
N ASP E 955 12.25 2.16 -48.91
CA ASP E 955 13.40 2.29 -47.95
C ASP E 955 14.43 1.19 -48.28
N ASP E 956 13.97 -0.02 -48.56
CA ASP E 956 14.68 -1.05 -49.36
C ASP E 956 13.64 -1.88 -50.11
N SER E 957 14.07 -2.91 -50.84
CA SER E 957 13.20 -3.79 -51.67
C SER E 957 13.33 -5.27 -51.28
N TRP E 958 13.66 -5.57 -50.01
CA TRP E 958 13.77 -6.95 -49.47
C TRP E 958 13.19 -7.01 -48.05
N GLY E 959 12.06 -6.32 -47.79
CA GLY E 959 11.35 -6.41 -46.51
C GLY E 959 10.67 -5.12 -46.07
N ALA E 960 11.22 -3.95 -46.40
CA ALA E 960 10.66 -2.66 -45.94
C ALA E 960 9.24 -2.47 -46.49
N MET E 961 8.38 -1.83 -45.70
CA MET E 961 6.98 -1.47 -46.03
C MET E 961 6.91 0.02 -46.31
N PRO E 962 5.80 0.50 -46.90
CA PRO E 962 5.51 1.93 -46.91
C PRO E 962 5.35 2.42 -45.46
N HIS E 963 5.59 3.70 -45.19
CA HIS E 963 5.43 4.29 -43.83
C HIS E 963 3.95 4.20 -43.38
N LEU E 964 3.72 4.20 -42.08
CA LEU E 964 2.36 4.04 -41.46
C LEU E 964 1.36 5.04 -42.05
N GLU E 965 1.78 6.26 -42.32
CA GLU E 965 0.85 7.31 -42.79
C GLU E 965 0.48 7.12 -44.27
N TYR E 966 1.00 6.12 -44.99
CA TYR E 966 0.61 5.87 -46.41
C TYR E 966 0.02 4.45 -46.57
N ARG E 967 -0.63 3.93 -45.54
CA ARG E 967 -1.30 2.59 -45.58
C ARG E 967 -2.80 2.75 -45.29
N LEU E 968 -3.62 1.88 -45.89
CA LEU E 968 -5.09 1.78 -45.66
C LEU E 968 -5.32 0.68 -44.63
N LEU E 969 -5.26 1.02 -43.35
CA LEU E 969 -5.48 0.04 -42.24
C LEU E 969 -6.95 -0.33 -42.21
N PRO E 970 -7.32 -1.58 -41.84
CA PRO E 970 -8.70 -2.04 -41.95
C PRO E 970 -9.64 -1.41 -40.91
N LYS E 971 -10.33 -0.35 -41.34
CA LYS E 971 -11.44 0.35 -40.63
C LYS E 971 -12.49 0.66 -41.68
N PRO E 972 -13.71 1.10 -41.32
CA PRO E 972 -14.71 1.50 -42.31
C PRO E 972 -14.28 2.70 -43.19
N TYR E 973 -14.57 2.65 -44.49
CA TYR E 973 -14.27 3.70 -45.51
C TYR E 973 -15.50 3.96 -46.37
N ARG E 974 -15.66 5.19 -46.86
CA ARG E 974 -16.67 5.55 -47.88
C ARG E 974 -16.03 6.44 -48.95
N PHE E 975 -16.71 6.61 -50.08
CA PHE E 975 -16.16 7.22 -51.31
C PHE E 975 -17.33 7.44 -52.28
N SER E 976 -17.42 8.58 -52.94
CA SER E 976 -18.43 8.81 -54.02
C SER E 976 -17.85 9.66 -55.16
N PHE E 977 -18.44 9.55 -56.35
CA PHE E 977 -18.13 10.40 -57.54
C PHE E 977 -19.38 10.53 -58.42
N ARG E 978 -19.38 11.52 -59.31
CA ARG E 978 -20.45 11.79 -60.30
C ARG E 978 -19.96 11.41 -61.70
N MET E 979 -20.80 10.77 -62.50
CA MET E 979 -20.47 10.40 -63.90
C MET E 979 -21.59 10.94 -64.80
N ARG E 980 -21.24 11.46 -65.97
CA ARG E 980 -22.17 11.94 -67.01
C ARG E 980 -21.66 11.52 -68.39
N ILE E 981 -22.55 11.05 -69.25
CA ILE E 981 -22.24 10.73 -70.68
C ILE E 981 -23.01 11.71 -71.57
N SER E 982 -22.30 12.58 -72.27
CA SER E 982 -22.87 13.67 -73.10
C SER E 982 -21.95 14.01 -74.27
N GLU E 983 -22.25 15.08 -75.00
CA GLU E 983 -21.48 15.57 -76.18
C GLU E 983 -20.51 16.69 -75.78
N GLU E 984 -20.69 17.34 -74.62
CA GLU E 984 -19.82 18.44 -74.12
C GLU E 984 -19.42 18.18 -72.66
N ILE E 985 -18.27 18.72 -72.24
CA ILE E 985 -17.74 18.67 -70.84
C ILE E 985 -18.57 19.63 -69.98
N PRO E 986 -19.37 19.16 -69.01
CA PRO E 986 -20.08 20.08 -68.10
C PRO E 986 -19.14 20.70 -67.06
N SER E 987 -19.68 21.56 -66.20
CA SER E 987 -18.93 22.24 -65.10
C SER E 987 -18.73 21.26 -63.95
N TRP E 988 -17.48 21.00 -63.59
CA TRP E 988 -17.15 20.12 -62.44
C TRP E 988 -17.70 20.68 -61.12
N ARG E 989 -17.93 21.99 -61.05
CA ARG E 989 -18.32 22.71 -59.80
C ARG E 989 -19.84 22.67 -59.55
N VAL E 990 -20.64 22.16 -60.50
CA VAL E 990 -22.13 22.10 -60.41
C VAL E 990 -22.58 20.65 -60.21
N LEU E 991 -23.28 20.36 -59.12
CA LEU E 991 -23.85 19.01 -58.80
C LEU E 991 -25.36 19.11 -58.58
N ALA E 992 -26.06 17.97 -58.64
CA ALA E 992 -27.49 17.82 -58.28
C ALA E 992 -27.64 17.94 -56.75
N ALA E 993 -28.62 18.70 -56.27
CA ALA E 993 -28.95 18.83 -54.82
C ALA E 993 -29.59 17.53 -54.28
N ILE E 994 -29.24 17.14 -53.04
CA ILE E 994 -29.82 15.99 -52.27
C ILE E 994 -30.00 16.39 -50.81
N PRO E 995 -30.91 15.75 -50.04
CA PRO E 995 -30.96 15.95 -48.58
C PRO E 995 -29.68 15.43 -47.90
N GLU E 996 -29.21 16.08 -46.83
CA GLU E 996 -27.86 15.82 -46.26
C GLU E 996 -27.89 15.50 -44.75
N THR E 997 -29.06 15.25 -44.15
CA THR E 997 -29.24 15.16 -42.67
C THR E 997 -29.59 13.73 -42.21
N LEU E 998 -29.01 13.30 -41.08
CA LEU E 998 -29.34 12.02 -40.39
C LEU E 998 -30.51 12.25 -39.43
N HIS E 999 -31.29 11.21 -39.16
CA HIS E 999 -32.34 11.16 -38.09
C HIS E 999 -31.74 10.48 -36.85
N VAL E 1000 -31.75 11.16 -35.71
CA VAL E 1000 -31.07 10.71 -34.45
C VAL E 1000 -32.09 10.58 -33.31
N GLU E 1001 -31.90 9.59 -32.44
CA GLU E 1001 -32.61 9.43 -31.14
C GLU E 1001 -31.60 9.03 -30.06
N MET E 1002 -31.59 9.76 -28.94
CA MET E 1002 -30.79 9.48 -27.71
C MET E 1002 -31.75 8.92 -26.64
N SER E 1003 -31.28 7.98 -25.83
CA SER E 1003 -32.05 7.38 -24.70
C SER E 1003 -31.11 6.88 -23.60
N SER E 1004 -31.58 6.90 -22.36
CA SER E 1004 -30.85 6.37 -21.17
C SER E 1004 -31.79 6.17 -19.99
N GLU E 1005 -31.23 5.73 -18.85
CA GLU E 1005 -31.91 5.71 -17.52
C GLU E 1005 -32.15 7.16 -17.07
N ASP E 1006 -33.31 7.44 -16.47
CA ASP E 1006 -33.63 8.76 -15.86
C ASP E 1006 -32.91 8.94 -14.51
N VAL E 1007 -32.72 7.88 -13.75
CA VAL E 1007 -32.13 7.96 -12.38
C VAL E 1007 -31.21 6.75 -12.16
N ILE E 1008 -30.03 6.99 -11.56
CA ILE E 1008 -29.04 5.94 -11.17
C ILE E 1008 -28.56 6.21 -9.74
N ARG E 1009 -27.82 5.25 -9.16
CA ARG E 1009 -27.21 5.32 -7.82
C ARG E 1009 -25.75 5.73 -7.96
N GLU E 1010 -25.23 6.47 -6.97
CA GLU E 1010 -23.79 6.87 -6.93
C GLU E 1010 -22.95 5.59 -6.92
N GLY E 1011 -21.93 5.52 -7.79
CA GLY E 1011 -21.10 4.32 -8.00
C GLY E 1011 -21.51 3.52 -9.23
N ASP E 1012 -22.78 3.62 -9.68
CA ASP E 1012 -23.29 2.90 -10.88
C ASP E 1012 -22.84 3.61 -12.18
N THR E 1013 -23.05 2.94 -13.32
CA THR E 1013 -22.66 3.38 -14.68
C THR E 1013 -23.91 3.79 -15.46
N LEU E 1014 -23.87 4.94 -16.14
CA LEU E 1014 -24.97 5.38 -17.04
C LEU E 1014 -24.67 4.82 -18.43
N ARG E 1015 -25.64 4.15 -19.05
CA ARG E 1015 -25.58 3.68 -20.46
C ARG E 1015 -26.41 4.61 -21.36
N VAL E 1016 -25.74 5.35 -22.26
CA VAL E 1016 -26.44 6.25 -23.21
C VAL E 1016 -26.48 5.57 -24.58
N LYS E 1017 -27.66 5.30 -25.11
CA LYS E 1017 -27.86 4.64 -26.43
C LYS E 1017 -28.21 5.70 -27.47
N PHE E 1018 -27.63 5.60 -28.67
CA PHE E 1018 -27.89 6.46 -29.85
C PHE E 1018 -28.21 5.63 -31.07
N SER E 1019 -29.31 5.93 -31.74
CA SER E 1019 -29.67 5.39 -33.08
C SER E 1019 -29.44 6.50 -34.13
N LEU E 1020 -28.81 6.17 -35.25
CA LEU E 1020 -28.62 7.08 -36.40
C LEU E 1020 -29.19 6.39 -37.64
N LEU E 1021 -30.14 7.02 -38.32
CA LEU E 1021 -30.76 6.49 -39.56
C LEU E 1021 -30.36 7.36 -40.75
N ASN E 1022 -29.77 6.76 -41.79
CA ASN E 1022 -29.42 7.43 -43.07
C ASN E 1022 -30.47 7.06 -44.13
N ASP E 1023 -31.31 8.01 -44.53
CA ASP E 1023 -32.34 7.82 -45.59
C ASP E 1023 -31.95 8.60 -46.85
N THR E 1024 -30.71 9.06 -46.95
CA THR E 1024 -30.16 9.83 -48.12
C THR E 1024 -29.53 8.83 -49.08
N PRO E 1025 -29.22 9.23 -50.33
CA PRO E 1025 -28.47 8.36 -51.24
C PRO E 1025 -26.94 8.30 -51.12
N LEU E 1026 -26.30 9.03 -50.19
CA LEU E 1026 -24.82 8.94 -49.97
C LEU E 1026 -24.50 8.37 -48.57
N SER E 1027 -23.41 7.60 -48.46
CA SER E 1027 -22.80 7.18 -47.18
C SER E 1027 -22.39 8.43 -46.41
N LYS E 1028 -22.55 8.42 -45.08
CA LYS E 1028 -22.15 9.53 -44.17
C LYS E 1028 -21.06 9.04 -43.22
N GLU E 1029 -19.99 9.82 -43.08
CA GLU E 1029 -18.98 9.70 -42.02
C GLU E 1029 -19.28 10.78 -40.97
N LYS E 1030 -19.38 10.41 -39.69
CA LYS E 1030 -19.79 11.33 -38.60
C LYS E 1030 -18.92 11.09 -37.35
N GLN E 1031 -18.46 12.16 -36.68
CA GLN E 1031 -17.88 12.09 -35.31
C GLN E 1031 -19.02 12.34 -34.32
N VAL E 1032 -19.43 11.33 -33.53
CA VAL E 1032 -20.48 11.48 -32.48
C VAL E 1032 -19.78 11.81 -31.15
N VAL E 1033 -19.92 13.04 -30.66
CA VAL E 1033 -19.29 13.53 -29.40
C VAL E 1033 -20.31 13.56 -28.26
N LEU E 1034 -19.99 12.97 -27.09
CA LEU E 1034 -20.85 13.03 -25.88
C LEU E 1034 -20.27 14.07 -24.89
N PHE E 1035 -21.08 15.05 -24.48
CA PHE E 1035 -20.73 16.08 -23.46
C PHE E 1035 -21.48 15.75 -22.15
N VAL E 1036 -20.79 15.93 -21.03
CA VAL E 1036 -21.31 15.77 -19.64
C VAL E 1036 -21.00 17.09 -18.93
N ASP E 1037 -22.05 17.85 -18.57
CA ASP E 1037 -21.94 19.16 -17.87
C ASP E 1037 -21.08 20.14 -18.66
N GLY E 1038 -21.22 20.14 -20.00
CA GLY E 1038 -20.55 21.10 -20.90
C GLY E 1038 -19.16 20.66 -21.34
N ASN E 1039 -18.55 19.63 -20.71
CA ASN E 1039 -17.17 19.18 -21.00
C ASN E 1039 -17.19 17.93 -21.91
N GLU E 1040 -16.31 17.88 -22.92
CA GLU E 1040 -16.17 16.72 -23.85
C GLU E 1040 -15.85 15.50 -23.00
N TYR E 1041 -16.58 14.40 -23.15
CA TYR E 1041 -16.40 13.17 -22.36
C TYR E 1041 -15.90 11.99 -23.22
N SER E 1042 -16.47 11.80 -24.41
CA SER E 1042 -16.14 10.65 -25.30
C SER E 1042 -16.51 10.98 -26.75
N VAL E 1043 -15.92 10.25 -27.71
CA VAL E 1043 -16.19 10.43 -29.16
C VAL E 1043 -16.10 9.08 -29.87
N ARG E 1044 -17.00 8.84 -30.84
CA ARG E 1044 -17.00 7.65 -31.73
C ARG E 1044 -17.06 8.11 -33.20
N ARG E 1045 -16.21 7.56 -34.05
CA ARG E 1045 -16.29 7.71 -35.53
C ARG E 1045 -17.28 6.67 -36.09
N VAL E 1046 -18.24 7.05 -36.91
CA VAL E 1046 -19.21 6.09 -37.54
C VAL E 1046 -19.28 6.34 -39.05
N VAL E 1047 -19.37 5.27 -39.84
CA VAL E 1047 -19.71 5.28 -41.30
C VAL E 1047 -21.07 4.61 -41.46
N ILE E 1048 -22.08 5.34 -41.97
CA ILE E 1048 -23.48 4.84 -42.10
C ILE E 1048 -23.82 4.76 -43.58
N PRO E 1049 -23.87 3.55 -44.16
CA PRO E 1049 -24.28 3.37 -45.55
C PRO E 1049 -25.72 3.84 -45.77
N PRO E 1050 -26.10 4.15 -47.03
CA PRO E 1050 -27.49 4.53 -47.34
C PRO E 1050 -28.50 3.46 -46.91
N PHE E 1051 -29.69 3.90 -46.50
CA PHE E 1051 -30.83 3.02 -46.12
C PHE E 1051 -30.43 2.09 -44.97
N LYS E 1052 -29.65 2.59 -44.01
CA LYS E 1052 -29.18 1.77 -42.86
C LYS E 1052 -29.31 2.55 -41.54
N LYS E 1053 -29.49 1.81 -40.44
CA LYS E 1053 -29.52 2.33 -39.05
C LYS E 1053 -28.32 1.75 -38.29
N GLU E 1054 -27.55 2.61 -37.61
CA GLU E 1054 -26.45 2.20 -36.70
C GLU E 1054 -26.86 2.52 -35.26
N GLU E 1055 -26.46 1.67 -34.32
CA GLU E 1055 -26.72 1.83 -32.86
C GLU E 1055 -25.37 1.92 -32.14
N LEU E 1056 -25.21 2.91 -31.26
CA LEU E 1056 -24.01 3.09 -30.38
C LEU E 1056 -24.47 3.03 -28.93
N VAL E 1057 -23.57 2.61 -28.04
CA VAL E 1057 -23.73 2.73 -26.57
C VAL E 1057 -22.47 3.42 -26.04
N PHE E 1058 -22.63 4.49 -25.24
CA PHE E 1058 -21.56 5.10 -24.43
C PHE E 1058 -21.80 4.72 -22.96
N LYS E 1059 -20.73 4.37 -22.23
CA LYS E 1059 -20.72 4.11 -20.77
C LYS E 1059 -20.13 5.34 -20.09
N VAL E 1060 -20.89 5.97 -19.19
CA VAL E 1060 -20.45 7.17 -18.42
C VAL E 1060 -20.24 6.76 -16.96
N GLU E 1061 -19.01 6.97 -16.44
CA GLU E 1061 -18.55 6.60 -15.08
C GLU E 1061 -18.30 7.88 -14.25
N GLY E 1062 -18.39 7.77 -12.93
CA GLY E 1062 -17.87 8.77 -11.98
C GLY E 1062 -18.83 9.93 -11.70
N LEU E 1063 -20.13 9.78 -12.01
CA LEU E 1063 -21.15 10.84 -11.76
C LEU E 1063 -21.50 10.83 -10.25
N LYS E 1064 -21.29 11.97 -9.58
CA LYS E 1064 -21.59 12.18 -8.14
C LYS E 1064 -23.05 12.63 -7.98
N LYS E 1065 -23.55 12.61 -6.73
CA LYS E 1065 -24.95 12.95 -6.37
C LYS E 1065 -25.36 14.29 -6.98
N GLY E 1066 -26.60 14.39 -7.45
CA GLY E 1066 -27.19 15.62 -8.02
C GLY E 1066 -27.79 15.39 -9.41
N GLU E 1067 -27.94 16.47 -10.17
CA GLU E 1067 -28.50 16.44 -11.55
C GLU E 1067 -27.39 16.85 -12.53
N HIS E 1068 -27.38 16.24 -13.71
CA HIS E 1068 -26.31 16.40 -14.74
C HIS E 1068 -26.93 16.52 -16.13
N LEU E 1069 -26.43 17.43 -16.94
CA LEU E 1069 -26.81 17.57 -18.37
C LEU E 1069 -25.94 16.62 -19.21
N ILE E 1070 -26.57 15.80 -20.03
CA ILE E 1070 -25.95 14.94 -21.09
C ILE E 1070 -26.38 15.53 -22.43
N HIS E 1071 -25.46 15.87 -23.33
CA HIS E 1071 -25.82 16.36 -24.68
C HIS E 1071 -24.79 15.94 -25.72
N THR E 1072 -25.14 16.04 -26.99
CA THR E 1072 -24.26 15.72 -28.16
C THR E 1072 -24.15 16.88 -29.13
N ASN E 1073 -23.23 16.75 -30.09
CA ASN E 1073 -23.07 17.64 -31.28
C ASN E 1073 -24.18 17.40 -32.33
N LEU E 1074 -25.14 16.49 -32.10
CA LEU E 1074 -26.27 16.19 -33.04
C LEU E 1074 -27.62 16.67 -32.47
N ASN E 1075 -27.64 17.67 -31.58
CA ASN E 1075 -28.88 18.35 -31.12
C ASN E 1075 -29.78 17.41 -30.29
N THR E 1076 -29.21 16.59 -29.40
CA THR E 1076 -29.95 15.78 -28.39
C THR E 1076 -29.47 16.19 -27.00
N ARG E 1077 -30.39 16.32 -26.03
CA ARG E 1077 -30.11 16.86 -24.68
C ARG E 1077 -31.02 16.19 -23.66
N LYS E 1078 -30.51 15.85 -22.47
CA LYS E 1078 -31.30 15.18 -21.40
C LYS E 1078 -30.72 15.56 -20.03
N THR E 1079 -31.57 15.75 -19.01
CA THR E 1079 -31.17 15.80 -17.58
C THR E 1079 -31.20 14.38 -17.01
N ILE E 1080 -30.19 14.00 -16.22
CA ILE E 1080 -30.05 12.70 -15.50
C ILE E 1080 -29.92 12.99 -13.99
N TYR E 1081 -30.55 12.19 -13.12
CA TYR E 1081 -30.53 12.38 -11.65
C TYR E 1081 -29.72 11.26 -11.01
N VAL E 1082 -28.73 11.60 -10.21
CA VAL E 1082 -27.90 10.61 -9.46
C VAL E 1082 -28.38 10.62 -8.01
N ARG E 1083 -29.16 9.59 -7.62
CA ARG E 1083 -29.61 9.34 -6.22
C ARG E 1083 -28.39 9.08 -5.33
N PRO F 1 -25.55 78.16 -1.91
CA PRO F 1 -24.32 77.40 -2.26
C PRO F 1 -23.33 78.21 -3.12
N TYR F 2 -22.03 78.17 -2.77
CA TYR F 2 -20.94 78.84 -3.52
C TYR F 2 -20.59 78.00 -4.75
N GLU F 3 -20.37 78.67 -5.89
CA GLU F 3 -20.05 78.03 -7.20
C GLU F 3 -18.74 77.23 -7.11
N TRP F 4 -17.85 77.60 -6.18
CA TRP F 4 -16.55 76.91 -5.91
C TRP F 4 -16.71 75.80 -4.87
N GLU F 5 -17.94 75.40 -4.53
CA GLU F 5 -18.23 74.20 -3.71
C GLU F 5 -19.28 73.31 -4.39
N ASN F 6 -19.52 73.48 -5.69
CA ASN F 6 -20.62 72.78 -6.41
C ASN F 6 -20.06 71.96 -7.56
N PRO F 7 -19.84 70.62 -7.39
CA PRO F 7 -19.27 69.80 -8.46
C PRO F 7 -20.09 69.72 -9.76
N GLN F 8 -21.38 70.06 -9.73
CA GLN F 8 -22.28 69.94 -10.91
C GLN F 8 -22.17 71.17 -11.82
N LEU F 9 -21.54 72.25 -11.36
CA LEU F 9 -21.27 73.47 -12.17
C LEU F 9 -19.78 73.50 -12.54
N VAL F 10 -19.46 73.18 -13.80
CA VAL F 10 -18.07 72.98 -14.31
C VAL F 10 -17.52 74.31 -14.83
N SER F 11 -18.38 75.20 -15.34
CA SER F 11 -18.02 76.55 -15.83
C SER F 11 -19.29 77.37 -16.11
N GLU F 12 -19.12 78.64 -16.48
CA GLU F 12 -20.22 79.54 -16.92
C GLU F 12 -19.65 80.66 -17.79
N GLY F 13 -20.31 80.94 -18.92
CA GLY F 13 -19.96 82.04 -19.84
C GLY F 13 -18.82 81.72 -20.78
N THR F 14 -18.33 80.47 -20.84
CA THR F 14 -17.17 80.06 -21.68
C THR F 14 -17.64 79.54 -23.04
N GLU F 15 -16.79 79.68 -24.06
CA GLU F 15 -17.00 79.09 -25.42
C GLU F 15 -16.79 77.58 -25.36
N LYS F 16 -17.25 76.86 -26.40
CA LYS F 16 -17.02 75.40 -26.57
C LYS F 16 -15.54 75.15 -26.92
N SER F 17 -15.00 74.02 -26.46
CA SER F 17 -13.62 73.53 -26.75
C SER F 17 -13.40 73.48 -28.26
N HIS F 18 -12.18 73.77 -28.71
CA HIS F 18 -11.73 73.53 -30.11
C HIS F 18 -10.23 73.25 -30.13
N ALA F 19 -9.71 72.87 -31.29
CA ALA F 19 -8.28 72.57 -31.51
C ALA F 19 -7.46 73.85 -31.40
N SER F 20 -6.21 73.74 -30.92
CA SER F 20 -5.25 74.86 -30.79
C SER F 20 -4.91 75.40 -32.19
N PHE F 21 -4.99 76.72 -32.40
CA PHE F 21 -4.43 77.41 -33.60
C PHE F 21 -3.38 78.47 -33.23
N ILE F 22 -3.32 78.90 -31.96
CA ILE F 22 -2.43 79.99 -31.49
C ILE F 22 -1.69 79.49 -30.25
N PRO F 23 -0.33 79.57 -30.18
CA PRO F 23 0.52 79.96 -31.30
C PRO F 23 0.66 78.81 -32.32
N TYR F 24 1.20 79.10 -33.49
CA TYR F 24 1.47 78.12 -34.58
C TYR F 24 2.98 77.95 -34.77
N LEU F 25 3.48 76.71 -34.78
CA LEU F 25 4.91 76.40 -35.08
C LEU F 25 5.04 76.10 -36.57
N ASP F 26 5.85 76.90 -37.26
CA ASP F 26 6.18 76.70 -38.69
C ASP F 26 7.24 75.61 -38.80
N PRO F 27 6.95 74.44 -39.40
CA PRO F 27 7.93 73.36 -39.47
C PRO F 27 9.10 73.55 -40.45
N PHE F 28 9.06 74.58 -41.30
CA PHE F 28 10.12 74.90 -42.29
C PHE F 28 11.21 75.78 -41.66
N SER F 29 10.81 76.73 -40.81
CA SER F 29 11.70 77.72 -40.13
C SER F 29 11.93 77.37 -38.65
N GLY F 30 10.97 76.71 -38.00
CA GLY F 30 10.99 76.43 -36.56
C GLY F 30 10.63 77.65 -35.72
N GLU F 31 9.92 78.62 -36.29
CA GLU F 31 9.57 79.91 -35.64
C GLU F 31 8.08 79.91 -35.27
N TRP F 32 7.75 80.50 -34.12
CA TRP F 32 6.36 80.68 -33.62
C TRP F 32 5.72 81.85 -34.36
N GLU F 33 4.42 81.73 -34.69
CA GLU F 33 3.64 82.72 -35.50
C GLU F 33 2.31 83.02 -34.79
N TYR F 34 1.89 84.29 -34.81
CA TYR F 34 0.67 84.79 -34.13
C TYR F 34 -0.23 85.44 -35.18
N PRO F 35 -1.55 85.58 -34.92
CA PRO F 35 -2.45 86.29 -35.83
C PRO F 35 -2.13 87.79 -35.90
N GLU F 36 -2.63 88.47 -36.93
CA GLU F 36 -2.46 89.94 -37.15
C GLU F 36 -3.20 90.71 -36.04
N GLU F 37 -4.46 90.35 -35.77
CA GLU F 37 -5.30 90.97 -34.72
C GLU F 37 -5.08 90.21 -33.41
N PHE F 38 -3.99 90.53 -32.69
CA PHE F 38 -3.53 89.82 -31.46
C PHE F 38 -2.96 90.84 -30.46
N ILE F 39 -3.41 90.80 -29.20
CA ILE F 39 -2.88 91.62 -28.08
C ILE F 39 -2.50 90.68 -26.92
N SER F 40 -1.20 90.58 -26.61
CA SER F 40 -0.66 89.87 -25.41
C SER F 40 -1.04 90.63 -24.14
N LEU F 41 -1.52 89.92 -23.13
CA LEU F 41 -1.81 90.44 -21.77
C LEU F 41 -0.76 89.89 -20.78
N ASN F 42 0.36 89.34 -21.27
CA ASN F 42 1.52 88.98 -20.42
C ASN F 42 2.21 90.28 -19.97
N GLY F 43 2.81 90.28 -18.78
CA GLY F 43 3.51 91.44 -18.20
C GLY F 43 3.00 91.74 -16.79
N ASN F 44 3.02 93.02 -16.39
CA ASN F 44 2.66 93.46 -15.01
C ASN F 44 1.15 93.69 -14.91
N TRP F 45 0.55 93.15 -13.84
CA TRP F 45 -0.83 93.40 -13.37
C TRP F 45 -0.72 93.90 -11.92
N ARG F 46 -1.64 94.76 -11.49
CA ARG F 46 -1.83 95.12 -10.06
C ARG F 46 -2.39 93.91 -9.34
N PHE F 47 -1.85 93.56 -8.17
CA PHE F 47 -2.12 92.30 -7.44
C PHE F 47 -2.40 92.58 -5.97
N LEU F 48 -3.32 91.81 -5.38
CA LEU F 48 -3.71 91.87 -3.95
C LEU F 48 -3.86 90.44 -3.43
N PHE F 49 -3.12 90.08 -2.37
CA PHE F 49 -3.12 88.75 -1.72
C PHE F 49 -3.94 88.81 -0.42
N ALA F 50 -4.86 87.86 -0.25
CA ALA F 50 -5.74 87.71 0.94
C ALA F 50 -5.70 86.25 1.43
N LYS F 51 -5.93 86.04 2.72
CA LYS F 51 -5.83 84.73 3.41
C LYS F 51 -7.04 83.85 3.07
N ASN F 52 -8.16 84.46 2.67
CA ASN F 52 -9.39 83.73 2.23
C ASN F 52 -10.24 84.68 1.39
N PRO F 53 -11.32 84.22 0.73
CA PRO F 53 -12.10 85.09 -0.15
C PRO F 53 -12.88 86.21 0.56
N PHE F 54 -13.12 86.07 1.87
CA PHE F 54 -13.96 87.00 2.69
C PHE F 54 -13.14 88.17 3.25
N GLU F 55 -11.80 88.10 3.17
CA GLU F 55 -10.88 89.17 3.63
C GLU F 55 -10.46 90.04 2.43
N VAL F 56 -11.22 90.02 1.34
CA VAL F 56 -10.98 90.88 0.13
C VAL F 56 -11.74 92.19 0.34
N PRO F 57 -11.18 93.36 -0.06
CA PRO F 57 -11.90 94.63 0.04
C PRO F 57 -13.13 94.65 -0.89
N GLU F 58 -14.24 95.21 -0.41
CA GLU F 58 -15.56 95.19 -1.13
C GLU F 58 -15.48 96.14 -2.33
N ASP F 59 -16.10 95.76 -3.45
CA ASP F 59 -16.20 96.55 -4.71
C ASP F 59 -14.85 96.58 -5.44
N PHE F 60 -14.01 95.55 -5.27
CA PHE F 60 -12.62 95.46 -5.84
C PHE F 60 -12.68 95.40 -7.38
N PHE F 61 -13.83 95.03 -7.96
CA PHE F 61 -14.01 94.73 -9.41
C PHE F 61 -14.55 95.94 -10.19
N SER F 62 -14.90 97.05 -9.52
CA SER F 62 -15.48 98.27 -10.14
C SER F 62 -14.39 99.15 -10.74
N GLU F 63 -14.74 99.97 -11.73
CA GLU F 63 -13.81 100.90 -12.44
C GLU F 63 -13.36 102.02 -11.49
N LYS F 64 -14.28 102.50 -10.65
CA LYS F 64 -14.07 103.63 -9.69
C LYS F 64 -13.05 103.25 -8.60
N PHE F 65 -12.99 101.97 -8.19
CA PHE F 65 -12.10 101.45 -7.12
C PHE F 65 -10.65 101.90 -7.36
N ASP F 66 -9.93 102.26 -6.29
CA ASP F 66 -8.54 102.75 -6.32
C ASP F 66 -7.58 101.63 -5.90
N ASP F 67 -6.65 101.26 -6.80
CA ASP F 67 -5.68 100.15 -6.62
C ASP F 67 -4.25 100.66 -6.72
N SER F 68 -4.03 101.98 -6.58
CA SER F 68 -2.72 102.65 -6.80
C SER F 68 -1.71 102.29 -5.69
N ASN F 69 -2.17 101.69 -4.57
CA ASN F 69 -1.31 101.21 -3.46
C ASN F 69 -1.10 99.69 -3.51
N TRP F 70 -1.66 98.99 -4.51
CA TRP F 70 -1.50 97.52 -4.72
C TRP F 70 -0.07 97.22 -5.19
N ASP F 71 0.46 96.04 -4.84
CA ASP F 71 1.73 95.49 -5.39
C ASP F 71 1.51 95.10 -6.86
N GLU F 72 2.61 95.03 -7.63
CA GLU F 72 2.63 94.58 -9.06
C GLU F 72 3.21 93.16 -9.15
N ILE F 73 2.50 92.24 -9.82
CA ILE F 73 2.97 90.84 -10.09
C ILE F 73 3.09 90.65 -11.60
N GLU F 74 4.09 89.87 -12.03
CA GLU F 74 4.32 89.49 -13.46
C GLU F 74 3.48 88.26 -13.81
N VAL F 75 2.78 88.31 -14.94
CA VAL F 75 1.98 87.18 -15.51
C VAL F 75 2.75 86.68 -16.73
N PRO F 76 2.93 85.35 -16.93
CA PRO F 76 2.43 84.31 -16.04
C PRO F 76 3.35 83.93 -14.87
N SER F 77 2.80 83.47 -13.76
CA SER F 77 3.57 82.98 -12.59
C SER F 77 2.69 82.21 -11.61
N ASN F 78 3.33 81.44 -10.72
CA ASN F 78 2.74 80.92 -9.47
C ASN F 78 3.16 81.90 -8.37
N TRP F 79 2.25 82.33 -7.49
CA TRP F 79 2.52 83.44 -6.54
C TRP F 79 3.31 82.93 -5.34
N GLU F 80 3.31 81.61 -5.07
CA GLU F 80 4.18 80.98 -4.04
C GLU F 80 5.66 81.15 -4.42
N MET F 81 5.98 81.26 -5.72
CA MET F 81 7.35 81.48 -6.24
C MET F 81 7.67 82.98 -6.36
N LYS F 82 6.74 83.87 -6.00
CA LYS F 82 6.94 85.36 -6.02
C LYS F 82 6.94 85.95 -4.60
N GLY F 83 6.66 85.17 -3.55
CA GLY F 83 6.78 85.60 -2.14
C GLY F 83 5.51 85.42 -1.31
N TYR F 84 4.35 85.23 -1.93
CA TYR F 84 3.02 85.21 -1.24
C TYR F 84 2.67 83.78 -0.86
N GLY F 85 2.17 83.56 0.37
CA GLY F 85 1.82 82.23 0.89
C GLY F 85 3.03 81.31 0.89
N LYS F 86 2.81 80.00 1.05
CA LYS F 86 3.89 78.98 1.12
C LYS F 86 3.53 77.77 0.25
N PRO F 87 4.52 77.15 -0.43
CA PRO F 87 4.27 75.92 -1.18
C PRO F 87 4.05 74.75 -0.22
N ILE F 88 3.11 73.87 -0.53
CA ILE F 88 2.76 72.67 0.30
C ILE F 88 2.99 71.44 -0.57
N TYR F 89 3.70 70.43 -0.04
CA TYR F 89 3.87 69.11 -0.69
C TYR F 89 3.18 68.04 0.15
N THR F 90 2.21 67.34 -0.44
CA THR F 90 1.54 66.14 0.12
C THR F 90 1.47 65.08 -0.98
N ASN F 91 1.64 63.81 -0.63
CA ASN F 91 1.61 62.68 -1.59
C ASN F 91 0.15 62.36 -1.89
N VAL F 92 -0.57 61.76 -0.95
CA VAL F 92 -1.97 61.25 -1.10
C VAL F 92 -2.94 62.12 -0.29
N VAL F 93 -2.58 62.50 0.94
CA VAL F 93 -3.48 63.27 1.87
C VAL F 93 -3.73 64.65 1.26
N TYR F 94 -4.98 65.14 1.37
CA TYR F 94 -5.35 66.53 0.99
C TYR F 94 -4.76 67.49 2.03
N PRO F 95 -4.36 68.71 1.63
CA PRO F 95 -3.80 69.69 2.57
C PRO F 95 -4.84 70.44 3.41
N PHE F 96 -6.12 70.08 3.26
CA PHE F 96 -7.28 70.49 4.10
C PHE F 96 -8.02 69.22 4.53
N GLU F 97 -9.07 69.34 5.34
CA GLU F 97 -9.82 68.17 5.90
C GLU F 97 -10.71 67.59 4.79
N PRO F 98 -10.59 66.28 4.47
CA PRO F 98 -11.33 65.69 3.36
C PRO F 98 -12.82 65.49 3.67
N ASN F 99 -13.69 66.18 2.93
CA ASN F 99 -15.17 66.15 3.11
C ASN F 99 -15.79 66.72 1.84
N PRO F 100 -15.81 65.95 0.72
CA PRO F 100 -16.24 66.51 -0.57
C PRO F 100 -17.73 66.89 -0.54
N PRO F 101 -18.16 67.98 -1.21
CA PRO F 101 -17.29 68.88 -1.97
C PRO F 101 -16.76 70.15 -1.26
N PHE F 102 -16.60 70.11 0.07
CA PHE F 102 -16.40 71.33 0.92
C PHE F 102 -14.92 71.65 1.07
N VAL F 103 -14.57 72.94 0.91
CA VAL F 103 -13.20 73.48 1.12
C VAL F 103 -13.24 74.49 2.26
N PRO F 104 -12.12 74.70 2.98
CA PRO F 104 -12.09 75.64 4.11
C PRO F 104 -12.42 77.09 3.72
N LYS F 105 -13.06 77.82 4.64
CA LYS F 105 -13.43 79.26 4.51
C LYS F 105 -12.41 80.12 5.25
N ASP F 106 -11.71 79.57 6.25
CA ASP F 106 -10.73 80.29 7.10
C ASP F 106 -9.39 80.43 6.37
N ASP F 107 -8.81 79.31 5.90
CA ASP F 107 -7.50 79.27 5.18
C ASP F 107 -7.75 78.79 3.75
N ASN F 108 -7.87 79.73 2.81
CA ASN F 108 -8.03 79.47 1.36
C ASN F 108 -7.39 80.60 0.60
N PRO F 109 -6.05 80.55 0.40
CA PRO F 109 -5.31 81.62 -0.27
C PRO F 109 -6.01 82.14 -1.53
N THR F 110 -6.09 83.46 -1.66
CA THR F 110 -6.89 84.17 -2.68
C THR F 110 -6.02 85.26 -3.29
N GLY F 111 -6.17 85.48 -4.60
CA GLY F 111 -5.43 86.50 -5.36
C GLY F 111 -6.40 87.27 -6.23
N VAL F 112 -6.25 88.60 -6.30
CA VAL F 112 -7.05 89.49 -7.19
C VAL F 112 -6.07 90.23 -8.09
N TYR F 113 -6.25 90.11 -9.41
CA TYR F 113 -5.43 90.75 -10.47
C TYR F 113 -6.28 91.83 -11.16
N ARG F 114 -5.71 93.01 -11.44
CA ARG F 114 -6.39 94.12 -12.18
C ARG F 114 -5.46 94.65 -13.26
N ARG F 115 -6.00 94.97 -14.44
CA ARG F 115 -5.22 95.54 -15.56
C ARG F 115 -6.14 96.32 -16.51
N TRP F 116 -5.64 97.42 -17.08
CA TRP F 116 -6.32 98.28 -18.08
C TRP F 116 -5.70 98.01 -19.46
N ILE F 117 -6.52 97.87 -20.51
CA ILE F 117 -6.09 97.48 -21.88
C ILE F 117 -6.79 98.40 -22.91
N GLU F 118 -6.11 98.67 -24.03
CA GLU F 118 -6.52 99.60 -25.11
C GLU F 118 -6.93 98.82 -26.37
N ILE F 119 -8.24 98.67 -26.62
CA ILE F 119 -8.80 97.99 -27.83
C ILE F 119 -8.87 99.02 -28.96
N PRO F 120 -8.22 98.80 -30.12
CA PRO F 120 -8.43 99.64 -31.31
C PRO F 120 -9.88 99.64 -31.83
N GLU F 121 -10.24 100.68 -32.60
CA GLU F 121 -11.63 100.93 -33.06
C GLU F 121 -12.02 99.90 -34.13
N ASP F 122 -11.11 99.54 -35.04
CA ASP F 122 -11.38 98.66 -36.20
C ASP F 122 -11.66 97.21 -35.77
N TRP F 123 -11.43 96.85 -34.50
CA TRP F 123 -11.75 95.51 -33.93
C TRP F 123 -13.26 95.29 -33.79
N PHE F 124 -14.08 96.35 -33.78
CA PHE F 124 -15.52 96.26 -33.40
C PHE F 124 -16.41 95.94 -34.62
N LYS F 125 -15.84 95.82 -35.81
CA LYS F 125 -16.50 95.22 -37.00
C LYS F 125 -16.18 93.71 -37.08
N LYS F 126 -15.77 93.09 -35.96
CA LYS F 126 -15.32 91.68 -35.85
C LYS F 126 -15.83 91.12 -34.51
N GLU F 127 -15.50 89.85 -34.20
CA GLU F 127 -15.82 89.21 -32.90
C GLU F 127 -14.54 89.10 -32.06
N ILE F 128 -14.60 89.44 -30.77
CA ILE F 128 -13.43 89.59 -29.86
C ILE F 128 -13.51 88.53 -28.76
N PHE F 129 -12.41 87.80 -28.51
CA PHE F 129 -12.30 86.72 -27.50
C PHE F 129 -11.13 86.98 -26.55
N LEU F 130 -11.33 86.68 -25.26
CA LEU F 130 -10.28 86.67 -24.20
C LEU F 130 -9.93 85.21 -23.87
N HIS F 131 -8.65 84.81 -24.03
CA HIS F 131 -8.16 83.41 -23.87
C HIS F 131 -7.21 83.27 -22.68
N PHE F 132 -7.57 82.45 -21.68
CA PHE F 132 -6.70 82.01 -20.55
C PHE F 132 -6.19 80.58 -20.84
N GLU F 133 -4.88 80.42 -21.05
CA GLU F 133 -4.26 79.10 -21.33
C GLU F 133 -4.29 78.21 -20.07
N GLY F 134 -4.26 78.76 -18.86
CA GLY F 134 -4.37 77.97 -17.61
C GLY F 134 -4.32 78.80 -16.33
N VAL F 135 -5.17 78.44 -15.36
CA VAL F 135 -5.34 79.13 -14.04
C VAL F 135 -5.63 78.06 -12.97
N ARG F 136 -4.95 78.10 -11.83
CA ARG F 136 -5.11 77.09 -10.77
C ARG F 136 -5.65 77.77 -9.51
N SER F 137 -6.73 77.27 -8.87
CA SER F 137 -7.57 76.17 -9.31
C SER F 137 -8.95 76.64 -9.83
N PHE F 138 -9.37 77.87 -9.52
CA PHE F 138 -10.73 78.40 -9.81
C PHE F 138 -10.63 79.92 -9.96
N PHE F 139 -11.39 80.53 -10.87
CA PHE F 139 -11.40 82.01 -11.00
C PHE F 139 -12.77 82.55 -11.46
N TYR F 140 -13.07 83.78 -11.04
CA TYR F 140 -14.16 84.68 -11.51
C TYR F 140 -13.59 85.75 -12.43
N LEU F 141 -14.30 86.11 -13.50
CA LEU F 141 -13.89 87.20 -14.44
C LEU F 141 -14.91 88.35 -14.37
N TRP F 142 -14.41 89.59 -14.30
CA TRP F 142 -15.18 90.86 -14.45
C TRP F 142 -14.56 91.67 -15.59
N VAL F 143 -15.38 92.20 -16.50
CA VAL F 143 -14.95 93.15 -17.58
C VAL F 143 -15.76 94.44 -17.42
N ASN F 144 -15.07 95.58 -17.34
CA ASN F 144 -15.65 96.95 -17.16
C ASN F 144 -16.77 96.90 -16.10
N GLY F 145 -16.47 96.30 -14.94
CA GLY F 145 -17.37 96.25 -13.77
C GLY F 145 -18.37 95.10 -13.78
N LYS F 146 -18.64 94.48 -14.94
CA LYS F 146 -19.71 93.45 -15.11
C LYS F 146 -19.12 92.03 -14.99
N LYS F 147 -19.85 91.12 -14.35
CA LYS F 147 -19.54 89.66 -14.23
C LYS F 147 -19.83 88.94 -15.55
N ILE F 148 -18.84 88.21 -16.09
CA ILE F 148 -18.97 87.41 -17.35
C ILE F 148 -19.19 85.93 -16.99
N GLY F 149 -18.40 85.38 -16.06
CA GLY F 149 -18.56 84.00 -15.57
C GLY F 149 -17.32 83.47 -14.88
N PHE F 150 -17.14 82.14 -14.84
CA PHE F 150 -16.08 81.44 -14.07
C PHE F 150 -15.64 80.14 -14.78
N SER F 151 -14.58 79.48 -14.29
CA SER F 151 -14.00 78.23 -14.84
C SER F 151 -13.23 77.44 -13.77
N LYS F 152 -13.06 76.12 -13.94
CA LYS F 152 -12.67 75.17 -12.85
C LYS F 152 -11.49 74.21 -13.12
N ASP F 153 -11.12 73.83 -14.36
CA ASP F 153 -10.03 72.82 -14.62
C ASP F 153 -8.70 73.54 -14.87
N SER F 154 -7.68 73.25 -14.06
CA SER F 154 -6.44 74.05 -13.97
C SER F 154 -5.57 73.96 -15.25
N CYS F 155 -5.71 72.92 -16.06
CA CYS F 155 -4.67 72.55 -17.07
C CYS F 155 -5.18 72.67 -18.50
N THR F 156 -6.45 73.08 -18.72
CA THR F 156 -7.05 73.29 -20.07
C THR F 156 -7.58 74.71 -20.17
N PRO F 157 -7.69 75.30 -21.38
CA PRO F 157 -7.97 76.72 -21.53
C PRO F 157 -9.41 77.13 -21.22
N ALA F 158 -9.63 78.43 -21.07
CA ALA F 158 -10.95 79.10 -20.85
C ALA F 158 -11.01 80.32 -21.75
N GLU F 159 -12.00 80.37 -22.64
CA GLU F 159 -12.18 81.42 -23.67
C GLU F 159 -13.57 82.05 -23.47
N PHE F 160 -13.66 83.38 -23.62
CA PHE F 160 -14.90 84.18 -23.37
C PHE F 160 -15.10 85.16 -24.52
N ARG F 161 -16.28 85.16 -25.15
CA ARG F 161 -16.66 86.15 -26.19
C ARG F 161 -17.07 87.45 -25.48
N LEU F 162 -16.42 88.58 -25.82
CA LEU F 162 -16.53 89.86 -25.08
C LEU F 162 -16.99 91.02 -25.99
N THR F 163 -17.40 90.75 -27.25
CA THR F 163 -17.66 91.79 -28.28
C THR F 163 -18.70 92.82 -27.78
N ASP F 164 -19.67 92.41 -26.97
CA ASP F 164 -20.78 93.28 -26.46
C ASP F 164 -20.30 94.17 -25.31
N VAL F 165 -19.69 93.61 -24.27
CA VAL F 165 -19.39 94.29 -22.97
C VAL F 165 -18.13 95.17 -23.07
N LEU F 166 -17.41 95.14 -24.20
CA LEU F 166 -16.14 95.88 -24.42
C LEU F 166 -16.46 97.15 -25.22
N ARG F 167 -15.61 98.18 -25.13
CA ARG F 167 -15.79 99.49 -25.82
C ARG F 167 -14.46 99.92 -26.42
N PRO F 168 -14.43 100.78 -27.47
CA PRO F 168 -13.18 101.31 -28.00
C PRO F 168 -12.44 102.14 -26.95
N GLY F 169 -11.10 102.20 -27.05
CA GLY F 169 -10.22 102.86 -26.08
C GLY F 169 -9.91 101.95 -24.89
N LYS F 170 -9.99 102.49 -23.67
CA LYS F 170 -9.46 101.87 -22.43
C LYS F 170 -10.56 101.03 -21.76
N ASN F 171 -10.24 99.76 -21.44
CA ASN F 171 -11.15 98.81 -20.74
C ASN F 171 -10.43 98.20 -19.54
N LEU F 172 -11.19 97.77 -18.52
CA LEU F 172 -10.68 97.11 -17.30
C LEU F 172 -10.97 95.60 -17.37
N ILE F 173 -9.97 94.77 -17.07
CA ILE F 173 -10.09 93.29 -16.80
C ILE F 173 -9.76 93.07 -15.32
N THR F 174 -10.61 92.32 -14.61
CA THR F 174 -10.40 91.92 -13.19
C THR F 174 -10.67 90.41 -13.04
N VAL F 175 -9.76 89.70 -12.37
CA VAL F 175 -9.78 88.23 -12.14
C VAL F 175 -9.59 87.99 -10.64
N GLU F 176 -10.44 87.17 -10.01
CA GLU F 176 -10.24 86.66 -8.63
C GLU F 176 -9.94 85.15 -8.67
N VAL F 177 -8.76 84.73 -8.19
CA VAL F 177 -8.28 83.32 -8.25
C VAL F 177 -8.32 82.73 -6.83
N LEU F 178 -8.93 81.56 -6.67
CA LEU F 178 -8.96 80.77 -5.40
C LEU F 178 -8.02 79.55 -5.54
N LYS F 179 -7.24 79.23 -4.50
CA LYS F 179 -6.28 78.10 -4.52
C LYS F 179 -7.06 76.78 -4.49
N TRP F 180 -7.96 76.63 -3.52
CA TRP F 180 -8.75 75.39 -3.32
C TRP F 180 -10.23 75.61 -3.72
N SER F 181 -10.81 74.59 -4.35
CA SER F 181 -12.22 74.50 -4.81
C SER F 181 -12.65 73.04 -4.76
N ASP F 182 -13.87 72.74 -5.17
CA ASP F 182 -14.36 71.34 -5.36
C ASP F 182 -13.50 70.65 -6.44
N GLY F 183 -13.07 71.40 -7.46
CA GLY F 183 -12.10 70.95 -8.49
C GLY F 183 -10.85 70.28 -7.88
N SER F 184 -10.37 70.77 -6.73
CA SER F 184 -9.15 70.29 -6.02
C SER F 184 -9.26 68.81 -5.64
N TYR F 185 -10.47 68.27 -5.48
CA TYR F 185 -10.69 66.83 -5.14
C TYR F 185 -10.27 65.90 -6.29
N LEU F 186 -10.21 66.40 -7.54
CA LEU F 186 -9.71 65.66 -8.75
C LEU F 186 -8.31 66.14 -9.17
N GLU F 187 -7.57 66.84 -8.31
CA GLU F 187 -6.21 67.36 -8.62
C GLU F 187 -5.26 66.99 -7.47
N ASP F 188 -5.40 65.78 -6.95
CA ASP F 188 -4.59 65.22 -5.83
C ASP F 188 -3.38 64.46 -6.37
N GLN F 189 -2.61 65.03 -7.30
CA GLN F 189 -1.39 64.40 -7.86
C GLN F 189 -0.28 64.50 -6.80
N ASP F 190 0.64 63.54 -6.77
CA ASP F 190 1.84 63.54 -5.89
C ASP F 190 2.78 64.64 -6.39
N MET F 191 2.54 65.88 -5.95
CA MET F 191 3.28 67.07 -6.43
C MET F 191 3.01 68.27 -5.51
N TRP F 192 3.72 69.38 -5.74
CA TRP F 192 3.57 70.66 -4.99
C TRP F 192 2.21 71.30 -5.30
N TRP F 193 1.45 71.72 -4.28
CA TRP F 193 0.22 72.55 -4.43
C TRP F 193 0.61 74.02 -4.62
N PHE F 194 0.45 74.57 -5.83
CA PHE F 194 0.69 75.99 -6.20
C PHE F 194 -0.65 76.66 -6.59
N ALA F 195 -0.63 77.92 -7.02
CA ALA F 195 -1.83 78.70 -7.43
C ALA F 195 -1.43 79.91 -8.26
N GLY F 196 -2.35 80.42 -9.12
CA GLY F 196 -2.23 81.70 -9.84
C GLY F 196 -2.46 81.56 -11.34
N ILE F 197 -2.34 82.67 -12.08
CA ILE F 197 -2.39 82.69 -13.57
C ILE F 197 -0.99 82.30 -14.09
N TYR F 198 -0.75 81.00 -14.31
CA TYR F 198 0.61 80.41 -14.50
C TYR F 198 0.91 80.13 -15.98
N ARG F 199 -0.04 80.40 -16.90
CA ARG F 199 0.15 80.29 -18.37
C ARG F 199 -0.41 81.57 -19.02
N ASP F 200 -0.04 81.81 -20.28
CA ASP F 200 -0.27 83.06 -21.05
C ASP F 200 -1.75 83.48 -21.09
N VAL F 201 -1.99 84.78 -21.27
CA VAL F 201 -3.33 85.42 -21.47
C VAL F 201 -3.24 86.33 -22.69
N TYR F 202 -4.25 86.34 -23.56
CA TYR F 202 -4.26 87.19 -24.77
C TYR F 202 -5.69 87.48 -25.26
N LEU F 203 -5.81 88.51 -26.10
CA LEU F 203 -7.03 88.92 -26.85
C LEU F 203 -6.76 88.73 -28.33
N TYR F 204 -7.72 88.20 -29.08
CA TYR F 204 -7.66 88.14 -30.56
C TYR F 204 -9.05 88.42 -31.14
N ALA F 205 -9.13 88.65 -32.45
CA ALA F 205 -10.38 89.02 -33.16
C ALA F 205 -10.54 88.19 -34.44
N LEU F 206 -11.74 87.65 -34.67
CA LEU F 206 -12.08 86.87 -35.89
C LEU F 206 -13.21 87.58 -36.64
N PRO F 207 -13.32 87.41 -37.98
CA PRO F 207 -14.50 87.85 -38.72
C PRO F 207 -15.81 87.31 -38.17
N LYS F 208 -16.94 87.93 -38.53
CA LYS F 208 -18.30 87.58 -38.06
C LYS F 208 -18.61 86.13 -38.48
N PHE F 209 -18.20 85.75 -39.70
CA PHE F 209 -18.30 84.38 -40.28
C PHE F 209 -16.88 83.78 -40.33
N HIS F 210 -16.61 82.77 -39.51
CA HIS F 210 -15.24 82.20 -39.27
C HIS F 210 -15.28 80.68 -39.14
N ILE F 211 -14.12 80.05 -39.30
CA ILE F 211 -13.86 78.61 -38.99
C ILE F 211 -13.69 78.50 -37.47
N ARG F 212 -14.60 77.80 -36.79
CA ARG F 212 -14.53 77.56 -35.32
C ARG F 212 -13.55 76.40 -35.02
N ASP F 213 -13.57 75.31 -35.80
CA ASP F 213 -12.83 74.05 -35.49
C ASP F 213 -12.43 73.28 -36.75
N VAL F 214 -11.35 72.50 -36.67
CA VAL F 214 -10.80 71.62 -37.75
C VAL F 214 -10.41 70.28 -37.13
N PHE F 215 -10.84 69.16 -37.71
CA PHE F 215 -10.38 67.79 -37.38
C PHE F 215 -9.78 67.15 -38.64
N VAL F 216 -8.46 66.98 -38.67
CA VAL F 216 -7.73 66.30 -39.79
C VAL F 216 -7.26 64.92 -39.29
N ARG F 217 -7.69 63.86 -39.98
CA ARG F 217 -7.31 62.44 -39.72
C ARG F 217 -6.72 61.84 -41.01
N THR F 218 -5.82 60.86 -40.90
CA THR F 218 -5.25 60.14 -42.07
C THR F 218 -5.56 58.65 -41.95
N ASP F 219 -5.64 57.96 -43.10
CA ASP F 219 -5.60 56.49 -43.21
C ASP F 219 -4.48 56.10 -44.19
N LEU F 220 -3.94 54.89 -44.06
CA LEU F 220 -2.95 54.28 -44.98
C LEU F 220 -3.51 52.93 -45.46
N ASP F 221 -3.18 52.51 -46.68
CA ASP F 221 -3.64 51.23 -47.30
C ASP F 221 -2.97 50.04 -46.60
N GLU F 222 -3.28 48.81 -47.03
CA GLU F 222 -2.80 47.55 -46.40
C GLU F 222 -1.30 47.32 -46.65
N ASN F 223 -0.68 48.06 -47.58
CA ASN F 223 0.79 48.02 -47.83
C ASN F 223 1.49 49.21 -47.16
N TYR F 224 0.76 50.05 -46.40
CA TYR F 224 1.28 51.29 -45.78
C TYR F 224 1.98 52.14 -46.84
N ARG F 225 1.40 52.22 -48.06
CA ARG F 225 1.97 52.90 -49.23
C ARG F 225 1.19 54.20 -49.52
N ASN F 226 -0.04 54.09 -50.01
CA ASN F 226 -0.88 55.27 -50.36
C ASN F 226 -1.72 55.69 -49.16
N GLY F 227 -2.11 56.96 -49.13
CA GLY F 227 -2.80 57.59 -48.00
C GLY F 227 -4.15 58.18 -48.40
N LYS F 228 -4.98 58.47 -47.40
CA LYS F 228 -6.25 59.23 -47.52
C LYS F 228 -6.25 60.31 -46.45
N ILE F 229 -6.80 61.48 -46.76
CA ILE F 229 -7.02 62.57 -45.77
C ILE F 229 -8.52 62.67 -45.56
N PHE F 230 -8.98 62.67 -44.31
CA PHE F 230 -10.39 62.91 -43.91
C PHE F 230 -10.46 64.22 -43.11
N LEU F 231 -11.11 65.24 -43.67
CA LEU F 231 -11.12 66.63 -43.15
C LEU F 231 -12.55 67.02 -42.78
N ASP F 232 -12.79 67.39 -41.51
CA ASP F 232 -14.04 68.03 -41.00
C ASP F 232 -13.76 69.51 -40.69
N VAL F 233 -14.51 70.43 -41.31
CA VAL F 233 -14.38 71.91 -41.10
C VAL F 233 -15.70 72.44 -40.54
N GLU F 234 -15.71 72.91 -39.29
CA GLU F 234 -16.89 73.51 -38.62
C GLU F 234 -16.86 75.04 -38.78
N MET F 235 -17.93 75.62 -39.34
CA MET F 235 -18.08 77.07 -39.57
C MET F 235 -19.13 77.63 -38.62
N ARG F 236 -18.98 78.90 -38.25
CA ARG F 236 -19.86 79.62 -37.28
C ARG F 236 -20.17 81.01 -37.83
N ASN F 237 -21.45 81.40 -37.81
CA ASN F 237 -21.94 82.71 -38.31
C ASN F 237 -22.49 83.51 -37.14
N LEU F 238 -21.99 84.74 -36.97
CA LEU F 238 -22.45 85.72 -35.94
C LEU F 238 -22.84 87.04 -36.64
N GLY F 239 -23.84 86.99 -37.53
CA GLY F 239 -24.51 88.17 -38.11
C GLY F 239 -24.02 88.56 -39.50
N GLU F 240 -23.25 87.71 -40.18
CA GLU F 240 -22.83 87.94 -41.59
C GLU F 240 -23.99 87.54 -42.51
N GLU F 241 -24.08 88.16 -43.70
CA GLU F 241 -25.17 87.98 -44.70
C GLU F 241 -24.61 87.61 -46.08
N GLU F 242 -23.52 88.25 -46.51
CA GLU F 242 -22.84 88.03 -47.81
C GLU F 242 -22.14 86.66 -47.82
N GLU F 243 -21.94 86.09 -49.02
CA GLU F 243 -21.25 84.79 -49.24
C GLU F 243 -19.73 85.00 -49.34
N LYS F 244 -18.94 84.10 -48.75
CA LYS F 244 -17.45 84.15 -48.69
C LYS F 244 -16.87 82.95 -49.45
N ASP F 245 -15.58 83.04 -49.82
CA ASP F 245 -14.83 82.00 -50.56
C ASP F 245 -13.99 81.17 -49.57
N LEU F 246 -14.10 79.84 -49.63
CA LEU F 246 -13.33 78.86 -48.83
C LEU F 246 -12.24 78.25 -49.73
N GLU F 247 -10.97 78.36 -49.32
CA GLU F 247 -9.82 77.70 -50.00
C GLU F 247 -9.06 76.82 -48.99
N VAL F 248 -8.70 75.59 -49.38
CA VAL F 248 -7.87 74.65 -48.59
C VAL F 248 -6.68 74.23 -49.47
N THR F 249 -5.47 74.47 -48.99
CA THR F 249 -4.17 74.19 -49.67
C THR F 249 -3.36 73.19 -48.84
N LEU F 250 -2.77 72.18 -49.49
CA LEU F 250 -1.84 71.19 -48.87
C LEU F 250 -0.40 71.55 -49.25
N ILE F 251 0.48 71.75 -48.27
CA ILE F 251 1.94 71.98 -48.48
C ILE F 251 2.70 70.74 -48.02
N THR F 252 3.56 70.20 -48.89
CA THR F 252 4.32 68.94 -48.66
C THR F 252 5.57 69.25 -47.83
N PRO F 253 6.21 68.24 -47.20
CA PRO F 253 7.47 68.44 -46.50
C PRO F 253 8.59 69.03 -47.37
N ASP F 254 8.58 68.75 -48.68
CA ASP F 254 9.51 69.33 -49.68
C ASP F 254 9.22 70.82 -49.84
N GLY F 255 7.95 71.23 -49.89
CA GLY F 255 7.51 72.64 -50.01
C GLY F 255 6.55 72.89 -51.17
N ASP F 256 6.23 71.86 -51.97
CA ASP F 256 5.26 71.93 -53.09
C ASP F 256 3.85 72.17 -52.53
N GLU F 257 3.01 72.91 -53.27
CA GLU F 257 1.62 73.28 -52.89
C GLU F 257 0.62 72.66 -53.86
N LYS F 258 -0.59 72.38 -53.38
CA LYS F 258 -1.74 71.85 -54.16
C LYS F 258 -3.05 72.36 -53.53
N THR F 259 -3.96 72.88 -54.36
CA THR F 259 -5.34 73.27 -53.95
C THR F 259 -6.19 72.01 -53.87
N LEU F 260 -6.78 71.72 -52.71
CA LEU F 260 -7.67 70.55 -52.47
C LEU F 260 -9.11 70.99 -52.65
N VAL F 261 -9.46 72.18 -52.13
CA VAL F 261 -10.83 72.75 -52.13
C VAL F 261 -10.73 74.23 -52.53
N LYS F 262 -11.66 74.68 -53.39
CA LYS F 262 -11.91 76.11 -53.69
C LYS F 262 -13.38 76.28 -54.11
N GLU F 263 -14.21 76.79 -53.20
CA GLU F 263 -15.69 76.90 -53.39
C GLU F 263 -16.21 78.14 -52.66
N THR F 264 -17.44 78.54 -52.97
CA THR F 264 -18.19 79.65 -52.33
C THR F 264 -19.23 79.04 -51.38
N VAL F 265 -19.36 79.60 -50.18
CA VAL F 265 -20.21 79.07 -49.06
C VAL F 265 -21.07 80.21 -48.54
N LYS F 266 -22.39 79.98 -48.44
CA LYS F 266 -23.36 80.94 -47.84
C LYS F 266 -23.16 80.93 -46.33
N PRO F 267 -23.28 82.10 -45.64
CA PRO F 267 -23.01 82.18 -44.21
C PRO F 267 -24.06 81.45 -43.38
N GLU F 268 -23.63 80.41 -42.64
CA GLU F 268 -24.50 79.54 -41.80
C GLU F 268 -23.62 78.68 -40.88
N ASP F 269 -24.21 78.13 -39.82
CA ASP F 269 -23.56 77.18 -38.89
C ASP F 269 -23.68 75.76 -39.47
N ARG F 270 -22.56 75.19 -39.96
CA ARG F 270 -22.53 73.87 -40.65
C ARG F 270 -21.14 73.22 -40.49
N VAL F 271 -21.09 71.89 -40.53
CA VAL F 271 -19.83 71.07 -40.62
C VAL F 271 -19.71 70.54 -42.05
N LEU F 272 -18.68 70.97 -42.78
CA LEU F 272 -18.31 70.45 -44.12
C LEU F 272 -17.31 69.32 -43.95
N SER F 273 -17.48 68.21 -44.69
CA SER F 273 -16.60 67.02 -44.65
C SER F 273 -16.07 66.72 -46.05
N PHE F 274 -14.78 66.41 -46.15
CA PHE F 274 -14.06 66.09 -47.41
C PHE F 274 -13.19 64.84 -47.21
N ALA F 275 -12.95 64.09 -48.28
CA ALA F 275 -12.01 62.95 -48.34
C ALA F 275 -11.16 63.07 -49.61
N PHE F 276 -9.83 63.05 -49.48
CA PHE F 276 -8.85 63.17 -50.59
C PHE F 276 -7.90 61.96 -50.54
N ASP F 277 -7.36 61.59 -51.71
CA ASP F 277 -6.33 60.55 -51.89
C ASP F 277 -4.98 61.25 -52.10
N VAL F 278 -3.90 60.67 -51.55
CA VAL F 278 -2.48 61.12 -51.73
C VAL F 278 -1.63 59.89 -52.04
N LYS F 279 -0.76 59.98 -53.06
CA LYS F 279 0.12 58.87 -53.51
C LYS F 279 1.47 58.94 -52.78
N ASP F 280 1.93 57.81 -52.23
CA ASP F 280 3.26 57.62 -51.59
C ASP F 280 3.62 58.84 -50.73
N PRO F 281 2.81 59.19 -49.71
CA PRO F 281 3.19 60.27 -48.80
C PRO F 281 4.37 59.85 -47.90
N LYS F 282 5.17 60.82 -47.47
CA LYS F 282 6.22 60.65 -46.43
C LYS F 282 5.53 60.45 -45.08
N LYS F 283 5.83 59.34 -44.40
CA LYS F 283 5.16 58.93 -43.14
C LYS F 283 5.86 59.57 -41.93
N TRP F 284 5.10 59.95 -40.91
CA TRP F 284 5.64 60.55 -39.67
C TRP F 284 6.03 59.39 -38.74
N SER F 285 7.23 59.43 -38.14
CA SER F 285 7.62 58.60 -36.97
C SER F 285 8.51 59.42 -36.04
N ALA F 286 8.80 58.91 -34.84
CA ALA F 286 9.78 59.52 -33.89
C ALA F 286 11.17 59.55 -34.53
N GLU F 287 11.55 58.55 -35.31
CA GLU F 287 12.84 58.48 -36.06
C GLU F 287 12.87 59.48 -37.23
N THR F 288 11.73 59.77 -37.88
CA THR F 288 11.62 60.56 -39.14
C THR F 288 10.36 61.43 -39.11
N PRO F 289 10.36 62.57 -38.37
CA PRO F 289 9.14 63.36 -38.20
C PRO F 289 8.74 64.29 -39.34
N HIS F 290 8.36 63.75 -40.51
CA HIS F 290 7.87 64.50 -41.71
C HIS F 290 6.46 65.06 -41.46
N LEU F 291 6.28 66.38 -41.53
CA LEU F 291 4.99 67.09 -41.28
C LEU F 291 4.50 67.72 -42.58
N TYR F 292 3.22 67.49 -42.92
CA TYR F 292 2.46 68.22 -43.98
C TYR F 292 1.75 69.42 -43.32
N VAL F 293 1.40 70.45 -44.08
CA VAL F 293 0.63 71.64 -43.60
C VAL F 293 -0.69 71.76 -44.39
N LEU F 294 -1.82 71.88 -43.68
CA LEU F 294 -3.11 72.39 -44.26
C LEU F 294 -3.25 73.88 -43.96
N LYS F 295 -3.39 74.69 -45.02
CA LYS F 295 -3.71 76.14 -44.98
C LYS F 295 -5.21 76.32 -45.28
N LEU F 296 -6.00 76.87 -44.35
CA LEU F 296 -7.46 77.08 -44.51
C LEU F 296 -7.77 78.59 -44.47
N LYS F 297 -8.54 79.09 -45.44
CA LYS F 297 -8.90 80.54 -45.56
C LYS F 297 -10.38 80.70 -45.94
N LEU F 298 -11.17 81.33 -45.06
CA LEU F 298 -12.61 81.67 -45.28
C LEU F 298 -12.78 83.19 -45.18
N GLY F 299 -12.93 83.86 -46.32
CA GLY F 299 -12.90 85.34 -46.39
C GLY F 299 -11.52 85.87 -46.01
N GLU F 300 -11.42 86.58 -44.88
CA GLU F 300 -10.15 87.15 -44.32
C GLU F 300 -9.67 86.33 -43.12
N ASP F 301 -10.39 85.27 -42.74
CA ASP F 301 -10.00 84.33 -41.64
C ASP F 301 -8.99 83.32 -42.19
N GLU F 302 -7.79 83.24 -41.61
CA GLU F 302 -6.70 82.31 -42.03
C GLU F 302 -6.22 81.50 -40.83
N LYS F 303 -6.09 80.18 -40.99
CA LYS F 303 -5.56 79.22 -39.98
C LYS F 303 -4.66 78.20 -40.66
N LYS F 304 -3.75 77.57 -39.90
CA LYS F 304 -2.85 76.49 -40.37
C LYS F 304 -2.81 75.34 -39.37
N VAL F 305 -2.74 74.11 -39.84
CA VAL F 305 -2.60 72.89 -38.99
C VAL F 305 -1.51 71.99 -39.57
N ASN F 306 -0.56 71.58 -38.73
CA ASN F 306 0.46 70.53 -39.05
C ASN F 306 -0.15 69.16 -38.78
N PHE F 307 0.09 68.19 -39.65
CA PHE F 307 -0.37 66.79 -39.48
C PHE F 307 0.64 65.87 -40.15
N GLY F 308 0.58 64.59 -39.81
CA GLY F 308 1.44 63.53 -40.39
C GLY F 308 0.62 62.32 -40.77
N PHE F 309 1.11 61.54 -41.74
CA PHE F 309 0.55 60.22 -42.10
C PHE F 309 1.18 59.18 -41.17
N ARG F 310 0.38 58.59 -40.28
CA ARG F 310 0.83 57.51 -39.38
C ARG F 310 -0.40 56.74 -38.88
N LYS F 311 -0.23 55.45 -38.59
CA LYS F 311 -1.33 54.53 -38.18
C LYS F 311 -0.87 53.67 -37.00
N ILE F 312 -1.63 53.69 -35.89
CA ILE F 312 -1.42 52.85 -34.68
C ILE F 312 -2.51 51.78 -34.71
N GLU F 313 -2.17 50.51 -34.46
CA GLU F 313 -3.16 49.40 -34.48
C GLU F 313 -2.68 48.23 -33.62
N ILE F 314 -3.61 47.37 -33.19
CA ILE F 314 -3.37 46.09 -32.48
C ILE F 314 -3.68 44.93 -33.45
N LYS F 315 -2.71 44.08 -33.77
CA LYS F 315 -2.92 42.84 -34.57
C LYS F 315 -2.50 41.62 -33.74
N ASP F 316 -3.47 40.79 -33.31
CA ASP F 316 -3.24 39.55 -32.52
C ASP F 316 -2.45 39.87 -31.23
N GLY F 317 -2.84 40.93 -30.50
CA GLY F 317 -2.20 41.33 -29.23
C GLY F 317 -0.88 42.09 -29.40
N THR F 318 -0.40 42.30 -30.62
CA THR F 318 0.86 43.03 -30.92
C THR F 318 0.55 44.48 -31.30
N LEU F 319 1.29 45.45 -30.76
CA LEU F 319 1.18 46.90 -31.04
C LEU F 319 1.98 47.22 -32.31
N LEU F 320 1.36 47.82 -33.34
CA LEU F 320 2.02 48.13 -34.65
C LEU F 320 1.96 49.63 -34.92
N PHE F 321 3.05 50.19 -35.46
CA PHE F 321 3.17 51.61 -35.84
C PHE F 321 3.68 51.64 -37.28
N ASN F 322 2.87 52.18 -38.19
CA ASN F 322 3.06 52.12 -39.67
C ASN F 322 3.40 50.69 -40.13
N GLY F 323 2.75 49.67 -39.56
CA GLY F 323 2.97 48.25 -39.90
C GLY F 323 4.13 47.53 -39.17
N LYS F 324 4.89 48.16 -38.25
CA LYS F 324 6.07 47.54 -37.55
C LYS F 324 5.81 47.40 -36.05
N PRO F 325 6.30 46.34 -35.37
CA PRO F 325 6.17 46.22 -33.92
C PRO F 325 6.88 47.37 -33.18
N LEU F 326 6.16 48.02 -32.28
CA LEU F 326 6.62 49.25 -31.60
C LEU F 326 6.97 48.88 -30.15
N TYR F 327 8.19 49.22 -29.70
CA TYR F 327 8.59 49.16 -28.27
C TYR F 327 8.61 50.58 -27.69
N ILE F 328 7.84 50.78 -26.62
CA ILE F 328 7.77 52.07 -25.87
C ILE F 328 8.98 52.14 -24.94
N LYS F 329 9.95 53.00 -25.24
CA LYS F 329 11.15 53.26 -24.38
C LYS F 329 10.96 54.64 -23.75
N GLY F 330 10.16 54.71 -22.67
CA GLY F 330 9.54 55.97 -22.21
C GLY F 330 10.05 56.49 -20.87
N VAL F 331 9.61 57.69 -20.54
CA VAL F 331 9.72 58.31 -19.19
C VAL F 331 8.44 59.14 -18.85
N ASN F 332 8.07 59.18 -17.58
CA ASN F 332 7.05 60.12 -17.03
C ASN F 332 7.73 61.48 -16.79
N ARG F 333 7.15 62.59 -17.25
CA ARG F 333 7.68 63.96 -17.02
C ARG F 333 6.62 64.90 -16.41
N HIS F 334 6.92 65.50 -15.25
CA HIS F 334 6.17 66.65 -14.66
C HIS F 334 6.63 67.97 -15.28
N GLU F 335 5.70 68.86 -15.60
CA GLU F 335 5.99 70.23 -16.17
C GLU F 335 6.45 71.13 -15.00
N PHE F 336 7.74 71.07 -14.61
CA PHE F 336 8.26 71.66 -13.35
C PHE F 336 9.60 72.38 -13.57
N ASP F 337 9.79 73.51 -12.91
CA ASP F 337 11.04 74.31 -12.93
C ASP F 337 11.39 74.75 -11.52
N PRO F 338 12.66 74.64 -11.07
CA PRO F 338 13.04 74.93 -9.68
C PRO F 338 12.92 76.40 -9.27
N ASP F 339 12.86 77.34 -10.23
CA ASP F 339 12.71 78.80 -9.99
C ASP F 339 11.28 79.29 -10.24
N ARG F 340 10.56 78.74 -11.24
CA ARG F 340 9.26 79.26 -11.73
C ARG F 340 8.08 78.33 -11.42
N GLY F 341 8.29 77.16 -10.80
CA GLY F 341 7.23 76.17 -10.54
C GLY F 341 6.63 75.65 -11.85
N HIS F 342 5.30 75.66 -11.98
CA HIS F 342 4.57 75.13 -13.17
C HIS F 342 4.69 76.07 -14.37
N ALA F 343 5.21 77.29 -14.21
CA ALA F 343 5.26 78.30 -15.30
C ALA F 343 6.55 78.11 -16.12
N VAL F 344 6.64 77.00 -16.86
CA VAL F 344 7.85 76.57 -17.61
C VAL F 344 7.90 77.29 -18.96
N THR F 345 9.11 77.66 -19.39
CA THR F 345 9.38 78.40 -20.66
C THR F 345 9.71 77.43 -21.80
N VAL F 346 9.67 77.93 -23.03
CA VAL F 346 9.98 77.16 -24.26
C VAL F 346 11.46 76.73 -24.27
N GLU F 347 12.35 77.57 -23.74
CA GLU F 347 13.82 77.30 -23.75
C GLU F 347 14.11 76.05 -22.92
N ARG F 348 13.45 75.94 -21.77
CA ARG F 348 13.52 74.76 -20.86
C ARG F 348 12.87 73.53 -21.53
N MET F 349 11.77 73.70 -22.26
CA MET F 349 11.07 72.60 -22.95
C MET F 349 12.00 72.00 -24.00
N ILE F 350 12.74 72.84 -24.72
CA ILE F 350 13.66 72.38 -25.80
C ILE F 350 14.85 71.62 -25.20
N GLN F 351 15.36 72.09 -24.06
CA GLN F 351 16.46 71.44 -23.29
C GLN F 351 16.03 70.02 -22.89
N ASP F 352 14.80 69.86 -22.37
CA ASP F 352 14.26 68.55 -21.93
C ASP F 352 14.24 67.57 -23.12
N ILE F 353 13.72 67.98 -24.26
CA ILE F 353 13.52 67.10 -25.45
C ILE F 353 14.86 66.63 -26.01
N LYS F 354 15.82 67.54 -26.21
CA LYS F 354 17.17 67.19 -26.76
C LYS F 354 17.90 66.22 -25.81
N LEU F 355 17.83 66.46 -24.51
CA LEU F 355 18.40 65.54 -23.49
C LEU F 355 17.73 64.17 -23.57
N MET F 356 16.40 64.11 -23.72
CA MET F 356 15.65 62.84 -23.83
C MET F 356 16.14 62.04 -25.04
N LYS F 357 16.23 62.67 -26.22
CA LYS F 357 16.64 62.01 -27.48
C LYS F 357 18.11 61.59 -27.43
N GLN F 358 18.97 62.37 -26.79
CA GLN F 358 20.42 62.03 -26.62
C GLN F 358 20.59 60.82 -25.68
N HIS F 359 19.57 60.39 -24.95
CA HIS F 359 19.64 59.22 -24.04
C HIS F 359 18.71 58.11 -24.51
N ASN F 360 18.38 58.07 -25.82
CA ASN F 360 17.64 56.97 -26.50
C ASN F 360 16.19 56.85 -25.97
N ILE F 361 15.59 57.88 -25.36
CA ILE F 361 14.14 57.87 -25.00
C ILE F 361 13.30 58.21 -26.26
N ASN F 362 12.25 57.43 -26.55
CA ASN F 362 11.36 57.67 -27.74
C ASN F 362 9.93 58.14 -27.34
N THR F 363 9.55 58.12 -26.06
CA THR F 363 8.13 58.38 -25.62
C THR F 363 8.11 59.14 -24.29
N VAL F 364 7.13 60.04 -24.14
CA VAL F 364 6.88 60.77 -22.86
CA VAL F 364 6.89 60.76 -22.87
C VAL F 364 5.41 60.64 -22.48
N ARG F 365 5.14 60.34 -21.21
CA ARG F 365 3.79 60.40 -20.59
C ARG F 365 3.67 61.74 -19.83
N THR F 366 2.63 62.55 -20.13
CA THR F 366 2.36 63.86 -19.47
C THR F 366 1.69 63.63 -18.12
N SER F 367 2.45 63.20 -17.11
CA SER F 367 1.97 62.80 -15.76
C SER F 367 1.70 64.05 -14.91
N HIS F 368 0.47 64.26 -14.41
CA HIS F 368 -0.77 63.56 -14.79
C HIS F 368 -1.82 64.60 -15.21
N TYR F 369 -1.52 65.43 -16.20
CA TYR F 369 -2.44 66.49 -16.69
C TYR F 369 -1.96 66.97 -18.04
N PRO F 370 -2.80 67.61 -18.87
CA PRO F 370 -2.34 68.20 -20.12
C PRO F 370 -1.31 69.31 -19.90
N ASN F 371 -0.27 69.34 -20.72
CA ASN F 371 0.83 70.33 -20.70
C ASN F 371 0.44 71.53 -21.56
N GLN F 372 1.28 72.57 -21.65
CA GLN F 372 1.07 73.72 -22.57
C GLN F 372 1.01 73.19 -24.01
N THR F 373 0.36 73.91 -24.93
CA THR F 373 0.11 73.46 -26.33
C THR F 373 1.44 73.34 -27.08
N LYS F 374 2.42 74.18 -26.73
CA LYS F 374 3.74 74.24 -27.39
C LYS F 374 4.57 72.96 -27.15
N TRP F 375 4.32 72.24 -26.05
CA TRP F 375 4.97 70.94 -25.76
C TRP F 375 4.65 69.93 -26.87
N TYR F 376 3.40 69.84 -27.30
CA TYR F 376 2.93 68.82 -28.28
C TYR F 376 3.43 69.19 -29.66
N ASP F 377 3.49 70.50 -29.99
CA ASP F 377 4.07 71.02 -31.25
C ASP F 377 5.55 70.63 -31.36
N LEU F 378 6.33 70.74 -30.28
CA LEU F 378 7.78 70.39 -30.27
C LEU F 378 7.99 68.88 -30.40
N CYS F 379 7.13 68.05 -29.79
CA CYS F 379 7.13 66.56 -29.95
C CYS F 379 6.80 66.16 -31.40
N ASP F 380 5.94 66.93 -32.11
CA ASP F 380 5.66 66.72 -33.56
C ASP F 380 6.90 67.05 -34.41
N TYR F 381 7.64 68.10 -34.04
CA TYR F 381 8.76 68.67 -34.84
C TYR F 381 10.06 67.87 -34.60
N PHE F 382 10.41 67.57 -33.35
CA PHE F 382 11.67 66.84 -33.01
C PHE F 382 11.50 65.32 -33.16
N GLY F 383 10.31 64.78 -32.86
CA GLY F 383 10.00 63.34 -32.98
C GLY F 383 10.07 62.60 -31.65
N LEU F 384 9.01 62.73 -30.83
CA LEU F 384 8.73 61.84 -29.67
C LEU F 384 7.27 61.37 -29.77
N TYR F 385 6.98 60.12 -29.41
CA TYR F 385 5.63 59.58 -29.12
C TYR F 385 5.11 60.15 -27.80
N VAL F 386 3.81 60.47 -27.71
CA VAL F 386 3.19 61.08 -26.49
C VAL F 386 1.98 60.26 -26.02
N ILE F 387 1.88 60.01 -24.71
CA ILE F 387 0.68 59.56 -23.98
C ILE F 387 0.10 60.79 -23.25
N ASP F 388 -0.98 61.40 -23.79
CA ASP F 388 -1.69 62.61 -23.26
C ASP F 388 -2.72 62.19 -22.22
N GLU F 389 -2.64 62.72 -20.99
CA GLU F 389 -3.43 62.25 -19.81
C GLU F 389 -4.33 63.40 -19.31
N ALA F 390 -5.59 63.12 -18.99
CA ALA F 390 -6.59 64.10 -18.48
C ALA F 390 -6.28 64.43 -17.02
N ASN F 391 -6.64 65.64 -16.57
CA ASN F 391 -6.36 66.14 -15.19
C ASN F 391 -7.42 65.56 -14.23
N ILE F 392 -7.31 64.29 -13.87
CA ILE F 392 -8.25 63.57 -12.95
C ILE F 392 -7.42 62.62 -12.07
N GLU F 393 -7.29 62.93 -10.79
CA GLU F 393 -6.69 62.06 -9.75
C GLU F 393 -7.33 62.37 -8.40
N SER F 394 -7.93 61.37 -7.75
CA SER F 394 -8.61 61.47 -6.43
C SER F 394 -8.13 60.35 -5.51
N HIS F 395 -6.80 60.23 -5.36
CA HIS F 395 -6.09 59.21 -4.54
C HIS F 395 -6.57 59.29 -3.08
N GLY F 396 -6.64 60.50 -2.53
CA GLY F 396 -7.05 60.77 -1.14
C GLY F 396 -8.46 60.29 -0.79
N ILE F 397 -9.34 60.07 -1.77
CA ILE F 397 -10.70 59.48 -1.54
C ILE F 397 -10.60 57.98 -1.79
N ASP F 398 -11.16 57.16 -0.91
CA ASP F 398 -11.07 55.67 -0.93
C ASP F 398 -11.67 55.13 -2.23
N TRP F 399 -11.03 54.11 -2.83
CA TRP F 399 -11.42 53.52 -4.14
C TRP F 399 -12.49 52.43 -3.99
N ASP F 400 -13.08 52.25 -2.80
CA ASP F 400 -14.26 51.37 -2.58
C ASP F 400 -15.40 51.84 -3.48
N PRO F 401 -16.17 50.93 -4.12
CA PRO F 401 -17.17 51.31 -5.13
C PRO F 401 -18.24 52.32 -4.69
N GLU F 402 -18.56 52.36 -3.39
CA GLU F 402 -19.60 53.25 -2.79
C GLU F 402 -19.00 54.63 -2.50
N VAL F 403 -17.70 54.68 -2.15
CA VAL F 403 -16.99 55.91 -1.69
C VAL F 403 -16.46 56.67 -2.91
N THR F 404 -15.79 55.98 -3.85
CA THR F 404 -14.98 56.60 -4.94
C THR F 404 -15.82 57.62 -5.71
N LEU F 405 -15.24 58.77 -6.06
CA LEU F 405 -15.90 59.83 -6.85
C LEU F 405 -16.15 59.34 -8.29
N ALA F 406 -15.52 58.23 -8.71
CA ALA F 406 -15.69 57.61 -10.05
C ALA F 406 -17.06 56.93 -10.18
N ASN F 407 -17.80 56.69 -9.08
CA ASN F 407 -19.15 56.05 -9.10
C ASN F 407 -20.25 56.97 -8.56
N ARG F 408 -19.99 58.25 -8.27
CA ARG F 408 -20.98 59.20 -7.66
C ARG F 408 -21.62 60.07 -8.74
N TRP F 409 -22.95 60.12 -8.79
CA TRP F 409 -23.72 60.78 -9.88
C TRP F 409 -23.45 62.29 -9.91
N GLU F 410 -23.15 62.91 -8.78
CA GLU F 410 -22.93 64.39 -8.72
C GLU F 410 -21.54 64.78 -9.26
N TRP F 411 -20.61 63.82 -9.44
CA TRP F 411 -19.27 64.08 -10.01
C TRP F 411 -19.17 63.69 -11.49
N GLU F 412 -20.28 63.24 -12.11
CA GLU F 412 -20.31 62.68 -13.49
C GLU F 412 -19.87 63.73 -14.51
N LYS F 413 -20.44 64.94 -14.46
CA LYS F 413 -20.14 65.99 -15.48
C LYS F 413 -18.74 66.58 -15.29
N ALA F 414 -18.16 66.54 -14.08
CA ALA F 414 -16.79 67.02 -13.84
C ALA F 414 -15.78 66.09 -14.54
N HIS F 415 -15.95 64.77 -14.44
CA HIS F 415 -15.11 63.75 -15.11
C HIS F 415 -15.22 63.91 -16.63
N PHE F 416 -16.42 64.12 -17.15
CA PHE F 416 -16.67 64.22 -18.60
C PHE F 416 -16.00 65.47 -19.19
N ASP F 417 -16.12 66.61 -18.53
CA ASP F 417 -15.60 67.92 -19.00
C ASP F 417 -14.06 67.89 -19.12
N ARG F 418 -13.38 67.36 -18.11
CA ARG F 418 -11.89 67.25 -18.05
C ARG F 418 -11.37 66.39 -19.20
N ILE F 419 -12.02 65.26 -19.49
CA ILE F 419 -11.61 64.34 -20.58
C ILE F 419 -11.90 65.01 -21.92
N LYS F 420 -13.08 65.60 -22.12
CA LYS F 420 -13.51 66.21 -23.41
C LYS F 420 -12.66 67.44 -23.75
N ARG F 421 -12.33 68.30 -22.78
CA ARG F 421 -11.52 69.52 -23.05
C ARG F 421 -10.10 69.14 -23.53
N MET F 422 -9.50 68.07 -22.99
CA MET F 422 -8.18 67.56 -23.47
C MET F 422 -8.28 67.10 -24.93
N VAL F 423 -9.23 66.21 -25.23
CA VAL F 423 -9.37 65.55 -26.56
C VAL F 423 -9.62 66.63 -27.61
N GLU F 424 -10.54 67.57 -27.37
CA GLU F 424 -10.89 68.59 -28.41
C GLU F 424 -9.70 69.52 -28.67
N ARG F 425 -8.92 69.88 -27.64
CA ARG F 425 -7.72 70.76 -27.82
C ARG F 425 -6.64 70.05 -28.65
N ASP F 426 -6.37 68.76 -28.40
CA ASP F 426 -5.10 68.08 -28.81
C ASP F 426 -5.27 67.08 -29.95
N LYS F 427 -6.47 66.94 -30.54
CA LYS F 427 -6.83 65.84 -31.48
C LYS F 427 -6.05 65.88 -32.81
N ASN F 428 -5.41 66.97 -33.22
CA ASN F 428 -4.70 67.02 -34.54
C ASN F 428 -3.19 66.66 -34.47
N HIS F 429 -2.58 66.43 -33.31
CA HIS F 429 -1.09 66.23 -33.22
C HIS F 429 -0.70 64.81 -33.60
N PRO F 430 0.13 64.55 -34.63
CA PRO F 430 0.55 63.19 -34.93
C PRO F 430 1.38 62.48 -33.82
N SER F 431 2.05 63.23 -32.93
CA SER F 431 2.88 62.69 -31.83
C SER F 431 2.02 61.90 -30.83
N ILE F 432 0.75 62.27 -30.65
CA ILE F 432 -0.15 61.62 -29.64
C ILE F 432 -0.63 60.28 -30.20
N ILE F 433 -0.26 59.18 -29.53
CA ILE F 433 -0.61 57.78 -29.92
C ILE F 433 -1.63 57.18 -28.95
N PHE F 434 -1.68 57.59 -27.68
CA PHE F 434 -2.64 57.08 -26.67
C PHE F 434 -3.33 58.27 -25.96
N TRP F 435 -4.63 58.12 -25.66
CA TRP F 435 -5.39 58.96 -24.70
C TRP F 435 -5.41 58.23 -23.37
N SER F 436 -4.97 58.85 -22.27
CA SER F 436 -5.09 58.29 -20.88
C SER F 436 -6.21 59.03 -20.12
N LEU F 437 -7.10 58.33 -19.43
CA LEU F 437 -8.32 58.89 -18.76
C LEU F 437 -7.96 59.62 -17.45
N GLY F 438 -6.80 59.32 -16.87
CA GLY F 438 -6.40 59.88 -15.56
C GLY F 438 -5.45 58.95 -14.85
N ASN F 439 -5.35 59.07 -13.52
CA ASN F 439 -4.37 58.32 -12.70
C ASN F 439 -4.90 58.14 -11.28
N GLU F 440 -4.98 56.89 -10.80
CA GLU F 440 -5.22 56.52 -9.39
C GLU F 440 -6.50 57.20 -8.86
N ALA F 441 -7.60 57.10 -9.60
CA ALA F 441 -8.87 57.82 -9.34
C ALA F 441 -10.04 56.85 -9.19
N GLY F 442 -9.77 55.57 -8.92
CA GLY F 442 -10.81 54.53 -8.77
C GLY F 442 -11.42 54.13 -10.11
N ASP F 443 -12.42 53.25 -10.07
CA ASP F 443 -13.11 52.73 -11.28
C ASP F 443 -14.62 52.88 -11.09
N GLY F 444 -15.34 53.18 -12.17
CA GLY F 444 -16.79 53.31 -12.12
C GLY F 444 -17.35 53.86 -13.41
N VAL F 445 -18.64 54.18 -13.38
CA VAL F 445 -19.46 54.54 -14.55
C VAL F 445 -19.00 55.90 -15.10
N ASN F 446 -18.48 56.79 -14.24
CA ASN F 446 -18.02 58.14 -14.67
C ASN F 446 -16.87 57.99 -15.70
N PHE F 447 -15.99 56.99 -15.55
CA PHE F 447 -14.89 56.75 -16.54
C PHE F 447 -15.42 55.96 -17.74
N GLU F 448 -16.19 54.90 -17.50
CA GLU F 448 -16.75 54.02 -18.56
C GLU F 448 -17.46 54.88 -19.63
N LYS F 449 -18.30 55.83 -19.23
CA LYS F 449 -19.08 56.67 -20.18
C LYS F 449 -18.18 57.62 -20.96
N ALA F 450 -17.19 58.26 -20.31
CA ALA F 450 -16.26 59.19 -21.00
C ALA F 450 -15.41 58.42 -22.03
N ALA F 451 -15.02 57.17 -21.72
CA ALA F 451 -14.16 56.33 -22.58
C ALA F 451 -14.94 55.90 -23.84
N LEU F 452 -16.23 55.58 -23.73
CA LEU F 452 -17.08 55.24 -24.92
C LEU F 452 -17.32 56.48 -25.80
N TRP F 453 -17.40 57.69 -25.22
CA TRP F 453 -17.49 58.96 -26.00
C TRP F 453 -16.22 59.18 -26.83
N ILE F 454 -15.01 58.96 -26.27
CA ILE F 454 -13.73 59.21 -27.01
C ILE F 454 -13.72 58.33 -28.27
N LYS F 455 -14.04 57.04 -28.12
CA LYS F 455 -13.87 56.03 -29.20
C LYS F 455 -14.80 56.34 -30.37
N LYS F 456 -16.01 56.85 -30.12
CA LYS F 456 -16.97 57.25 -31.17
C LYS F 456 -16.58 58.59 -31.81
N ARG F 457 -15.77 59.41 -31.14
CA ARG F 457 -15.30 60.73 -31.66
C ARG F 457 -14.02 60.54 -32.50
N ASP F 458 -13.05 59.74 -32.00
CA ASP F 458 -11.70 59.53 -32.60
C ASP F 458 -11.40 58.03 -32.60
N ASN F 459 -11.38 57.39 -33.77
CA ASN F 459 -11.03 55.96 -33.92
C ASN F 459 -9.54 55.76 -34.29
N THR F 460 -8.67 56.78 -34.20
CA THR F 460 -7.25 56.72 -34.66
C THR F 460 -6.24 56.55 -33.51
N ARG F 461 -6.67 56.52 -32.24
CA ARG F 461 -5.74 56.37 -31.08
C ARG F 461 -6.27 55.31 -30.12
N LEU F 462 -5.38 54.76 -29.27
CA LEU F 462 -5.75 53.73 -28.27
C LEU F 462 -6.05 54.40 -26.92
N ILE F 463 -6.89 53.78 -26.10
CA ILE F 463 -7.27 54.29 -24.76
C ILE F 463 -6.55 53.46 -23.68
N HIS F 464 -6.03 54.16 -22.68
CA HIS F 464 -5.26 53.62 -21.55
C HIS F 464 -5.89 54.13 -20.24
N TYR F 465 -6.06 53.30 -19.23
CA TYR F 465 -6.37 53.71 -17.84
C TYR F 465 -5.97 52.60 -16.87
N GLU F 466 -4.91 52.80 -16.09
CA GLU F 466 -4.40 51.79 -15.12
C GLU F 466 -5.38 51.61 -13.95
N GLY F 467 -6.19 52.62 -13.60
CA GLY F 467 -7.19 52.47 -12.53
C GLY F 467 -8.21 51.34 -12.76
N THR F 468 -8.49 50.95 -14.02
CA THR F 468 -9.42 49.83 -14.32
C THR F 468 -8.63 48.52 -14.50
N THR F 469 -7.48 48.48 -15.19
CA THR F 469 -6.76 47.20 -15.47
C THR F 469 -6.08 46.63 -14.21
N ARG F 470 -5.86 47.42 -13.16
CA ARG F 470 -5.33 46.89 -11.87
C ARG F 470 -6.34 45.94 -11.21
N ARG F 471 -7.62 46.00 -11.57
CA ARG F 471 -8.70 45.12 -11.01
C ARG F 471 -8.96 43.93 -11.94
N GLY F 472 -8.26 43.85 -13.08
CA GLY F 472 -8.43 42.81 -14.12
C GLY F 472 -8.79 43.40 -15.48
N GLU F 473 -9.20 42.56 -16.42
CA GLU F 473 -9.63 42.93 -17.79
C GLU F 473 -10.77 43.97 -17.71
N SER F 474 -10.77 44.93 -18.63
CA SER F 474 -11.81 45.98 -18.75
C SER F 474 -12.18 46.20 -20.21
N TYR F 475 -13.46 46.27 -20.54
CA TYR F 475 -13.93 46.31 -21.94
C TYR F 475 -13.67 47.68 -22.58
N TYR F 476 -13.48 48.76 -21.80
CA TYR F 476 -13.45 50.14 -22.35
C TYR F 476 -12.02 50.67 -22.58
N VAL F 477 -10.97 49.88 -22.38
CA VAL F 477 -9.57 50.27 -22.73
C VAL F 477 -9.03 49.30 -23.80
N ASP F 478 -8.04 49.75 -24.57
CA ASP F 478 -7.37 48.98 -25.66
C ASP F 478 -6.05 48.34 -25.18
N VAL F 479 -5.44 48.82 -24.10
CA VAL F 479 -4.08 48.44 -23.62
C VAL F 479 -4.21 47.94 -22.18
N PHE F 480 -3.53 46.84 -21.84
CA PHE F 480 -3.42 46.34 -20.46
C PHE F 480 -2.22 47.03 -19.79
N SER F 481 -2.45 47.80 -18.74
CA SER F 481 -1.44 48.65 -18.06
C SER F 481 -1.40 48.35 -16.57
N LEU F 482 -0.19 48.21 -16.00
CA LEU F 482 0.06 48.04 -14.54
C LEU F 482 1.21 48.96 -14.11
N MET F 483 1.28 49.27 -12.83
CA MET F 483 2.29 50.14 -12.20
C MET F 483 3.23 49.27 -11.36
N TYR F 484 4.54 49.40 -11.55
CA TYR F 484 5.59 48.67 -10.78
C TYR F 484 5.33 47.17 -10.68
N PRO F 485 4.95 46.44 -11.76
CA PRO F 485 4.80 44.98 -11.64
C PRO F 485 6.13 44.23 -11.49
N LYS F 486 6.16 43.15 -10.70
CA LYS F 486 7.36 42.26 -10.61
C LYS F 486 7.44 41.35 -11.85
N MET F 487 8.61 40.74 -12.05
CA MET F 487 8.95 39.94 -13.26
C MET F 487 7.98 38.78 -13.47
N ASP F 488 7.55 38.10 -12.41
CA ASP F 488 6.63 36.95 -12.51
C ASP F 488 5.30 37.38 -13.15
N ILE F 489 4.83 38.62 -12.94
CA ILE F 489 3.56 39.16 -13.53
C ILE F 489 3.72 39.24 -15.05
N LEU F 490 4.85 39.76 -15.56
CA LEU F 490 5.12 39.86 -17.02
C LEU F 490 5.17 38.45 -17.63
N LEU F 491 5.85 37.49 -16.97
CA LEU F 491 6.04 36.13 -17.53
C LEU F 491 4.68 35.40 -17.52
N GLU F 492 3.83 35.65 -16.53
CA GLU F 492 2.45 35.08 -16.52
C GLU F 492 1.60 35.64 -17.68
N TYR F 493 1.58 36.97 -17.93
CA TYR F 493 0.77 37.58 -19.03
C TYR F 493 1.18 36.98 -20.38
N ALA F 494 2.48 36.81 -20.61
CA ALA F 494 3.06 36.27 -21.86
C ALA F 494 2.81 34.75 -22.03
N SER F 495 2.35 34.02 -21.02
CA SER F 495 2.23 32.53 -21.02
C SER F 495 0.92 32.02 -21.65
N LYS F 496 -0.01 32.88 -22.07
CA LYS F 496 -1.28 32.49 -22.74
C LYS F 496 -1.57 33.46 -23.89
N LYS F 497 -2.53 33.13 -24.76
CA LYS F 497 -2.95 34.01 -25.87
C LYS F 497 -3.67 35.24 -25.28
N ARG F 498 -3.37 36.43 -25.80
CA ARG F 498 -3.94 37.70 -25.31
C ARG F 498 -4.41 38.50 -26.52
N GLU F 499 -5.46 39.31 -26.37
CA GLU F 499 -5.95 40.23 -27.43
C GLU F 499 -5.31 41.61 -27.30
N LYS F 500 -4.74 41.96 -26.13
CA LYS F 500 -4.25 43.33 -25.85
C LYS F 500 -2.78 43.30 -25.46
N PRO F 501 -1.98 44.30 -25.90
CA PRO F 501 -0.59 44.43 -25.46
C PRO F 501 -0.45 44.93 -24.01
N PHE F 502 0.64 44.51 -23.35
CA PHE F 502 0.96 44.85 -21.94
C PHE F 502 1.93 46.04 -21.94
N ILE F 503 1.61 47.14 -21.25
CA ILE F 503 2.47 48.36 -21.13
C ILE F 503 2.64 48.70 -19.63
N MET F 504 3.84 49.06 -19.19
CA MET F 504 4.05 49.51 -17.79
C MET F 504 4.00 51.04 -17.78
N CYS F 505 2.88 51.64 -17.36
CA CYS F 505 2.72 53.12 -17.32
C CYS F 505 3.71 53.75 -16.30
N GLU F 506 4.12 53.02 -15.26
CA GLU F 506 5.25 53.44 -14.36
C GLU F 506 6.06 52.21 -13.97
N TYR F 507 7.40 52.26 -14.06
CA TYR F 507 8.26 51.16 -13.55
C TYR F 507 9.62 51.75 -13.16
N ALA F 508 10.49 50.95 -12.53
CA ALA F 508 11.87 51.34 -12.15
C ALA F 508 11.90 52.71 -11.43
N HIS F 509 11.29 52.79 -10.25
CA HIS F 509 11.16 54.04 -9.44
C HIS F 509 12.56 54.62 -9.20
N ALA F 510 12.85 55.84 -9.69
CA ALA F 510 14.22 56.42 -9.66
C ALA F 510 14.46 57.35 -8.46
N MET F 511 13.78 57.16 -7.34
CA MET F 511 13.97 57.95 -6.08
C MET F 511 15.38 57.72 -5.49
N GLY F 512 16.20 58.77 -5.37
CA GLY F 512 17.57 58.67 -4.82
C GLY F 512 18.53 57.94 -5.76
N ASN F 513 19.40 57.10 -5.22
CA ASN F 513 20.39 56.26 -5.95
C ASN F 513 19.70 54.92 -6.29
N SER F 514 19.27 54.72 -7.54
CA SER F 514 18.23 53.70 -7.87
C SER F 514 18.36 53.19 -9.33
N VAL F 515 17.30 52.59 -9.88
CA VAL F 515 17.22 52.06 -11.28
C VAL F 515 18.16 50.83 -11.39
N GLY F 516 18.03 49.91 -10.42
CA GLY F 516 18.62 48.56 -10.46
C GLY F 516 17.82 47.61 -11.35
N ASN F 517 18.49 46.55 -11.83
CA ASN F 517 17.92 45.47 -12.67
C ASN F 517 17.11 46.01 -13.87
N LEU F 518 17.51 47.12 -14.51
CA LEU F 518 16.81 47.65 -15.74
C LEU F 518 16.99 46.67 -16.91
N LYS F 519 18.20 46.14 -17.11
CA LYS F 519 18.49 45.19 -18.22
C LYS F 519 17.68 43.90 -18.05
N ASP F 520 17.36 43.46 -16.84
CA ASP F 520 16.59 42.20 -16.60
C ASP F 520 15.14 42.37 -17.12
N TYR F 521 14.48 43.53 -16.93
CA TYR F 521 13.13 43.83 -17.50
C TYR F 521 13.20 43.75 -19.03
N TRP F 522 14.20 44.38 -19.64
CA TRP F 522 14.30 44.46 -21.12
C TRP F 522 14.76 43.13 -21.75
N ASP F 523 15.46 42.24 -21.03
CA ASP F 523 15.73 40.87 -21.53
C ASP F 523 14.40 40.09 -21.60
N VAL F 524 13.46 40.29 -20.68
CA VAL F 524 12.12 39.63 -20.78
C VAL F 524 11.24 40.28 -21.87
N ILE F 525 11.16 41.60 -21.95
CA ILE F 525 10.28 42.33 -22.93
C ILE F 525 10.62 41.95 -24.38
N GLU F 526 11.90 41.78 -24.71
CA GLU F 526 12.39 41.53 -26.10
C GLU F 526 12.34 40.04 -26.46
N LYS F 527 12.07 39.13 -25.53
CA LYS F 527 12.06 37.65 -25.75
C LYS F 527 10.63 37.07 -25.83
N TYR F 528 9.65 37.64 -25.11
CA TYR F 528 8.29 37.05 -24.92
C TYR F 528 7.24 37.88 -25.65
N PRO F 529 6.14 37.24 -26.16
CA PRO F 529 5.09 37.97 -26.89
C PRO F 529 4.18 38.84 -26.01
N TYR F 530 3.55 39.86 -26.60
CA TYR F 530 2.52 40.76 -26.00
C TYR F 530 3.14 41.82 -25.06
N LEU F 531 4.46 41.88 -24.86
CA LEU F 531 5.12 42.84 -23.93
C LEU F 531 5.71 43.95 -24.80
N HIS F 532 5.26 45.20 -24.62
CA HIS F 532 5.62 46.30 -25.55
C HIS F 532 6.29 47.50 -24.84
N GLY F 533 6.77 47.36 -23.60
CA GLY F 533 7.66 48.37 -22.98
C GLY F 533 6.98 49.13 -21.87
N GLY F 534 7.33 50.40 -21.67
CA GLY F 534 6.90 51.16 -20.46
C GLY F 534 7.59 52.50 -20.27
N CYS F 535 7.16 53.24 -19.25
CA CYS F 535 7.65 54.59 -18.90
C CYS F 535 8.29 54.59 -17.49
N ILE F 536 9.56 54.95 -17.38
CA ILE F 536 10.31 55.09 -16.10
C ILE F 536 9.69 56.24 -15.28
N TRP F 537 9.53 56.04 -13.97
CA TRP F 537 9.08 57.09 -13.01
C TRP F 537 10.29 57.62 -12.26
N ASP F 538 10.81 58.84 -12.53
CA ASP F 538 10.34 59.80 -13.52
C ASP F 538 11.52 60.66 -13.99
N TRP F 539 11.27 61.73 -14.75
CA TRP F 539 12.30 62.52 -15.46
C TRP F 539 13.08 63.44 -14.48
N VAL F 540 12.41 64.40 -13.84
CA VAL F 540 13.08 65.51 -13.09
C VAL F 540 12.65 65.53 -11.62
N ASP F 541 13.63 65.60 -10.70
CA ASP F 541 13.45 65.86 -9.25
C ASP F 541 12.71 67.20 -9.04
N GLN F 542 11.56 67.21 -8.33
CA GLN F 542 10.80 68.46 -7.98
C GLN F 542 11.41 69.08 -6.71
N GLY F 543 12.63 69.59 -6.81
CA GLY F 543 13.34 70.35 -5.76
C GLY F 543 13.30 71.83 -6.07
N ILE F 544 12.96 72.64 -5.07
CA ILE F 544 12.84 74.13 -5.21
C ILE F 544 14.16 74.75 -4.74
N ARG F 545 14.75 75.61 -5.58
CA ARG F 545 16.01 76.33 -5.25
C ARG F 545 15.73 77.27 -4.07
N LYS F 546 16.52 77.14 -2.99
CA LYS F 546 16.42 77.94 -1.74
C LYS F 546 17.82 78.25 -1.21
N LYS F 547 17.93 79.27 -0.35
CA LYS F 547 19.20 79.67 0.34
C LYS F 547 19.07 79.43 1.84
N ASP F 548 20.13 78.92 2.48
CA ASP F 548 20.21 78.65 3.94
C ASP F 548 20.68 79.94 4.66
N GLU F 549 21.03 79.82 5.94
CA GLU F 549 21.39 80.97 6.83
C GLU F 549 22.69 81.63 6.34
N ASN F 550 23.68 80.82 5.98
CA ASN F 550 25.03 81.25 5.52
C ASN F 550 24.95 81.74 4.06
N GLY F 551 23.88 81.40 3.35
CA GLY F 551 23.59 81.86 1.97
C GLY F 551 24.18 80.95 0.91
N ARG F 552 24.31 79.64 1.22
CA ARG F 552 24.73 78.60 0.24
C ARG F 552 23.47 77.88 -0.26
N GLU F 553 23.36 77.71 -1.58
CA GLU F 553 22.16 77.16 -2.27
C GLU F 553 21.99 75.68 -1.91
N PHE F 554 20.74 75.25 -1.73
CA PHE F 554 20.35 73.82 -1.68
C PHE F 554 19.00 73.63 -2.39
N TRP F 555 18.69 72.37 -2.67
CA TRP F 555 17.40 71.92 -3.26
C TRP F 555 16.48 71.55 -2.10
N ALA F 556 15.34 72.23 -1.98
CA ALA F 556 14.38 72.11 -0.87
C ALA F 556 13.30 71.08 -1.22
N TYR F 557 12.79 70.36 -0.23
CA TYR F 557 11.69 69.38 -0.39
C TYR F 557 10.73 69.52 0.80
N GLY F 558 9.71 68.66 0.86
CA GLY F 558 8.64 68.69 1.89
C GLY F 558 9.21 68.98 3.28
N GLY F 559 8.64 69.96 3.98
CA GLY F 559 9.00 70.32 5.37
C GLY F 559 10.13 71.34 5.46
N ASP F 560 10.52 71.95 4.33
CA ASP F 560 11.56 73.03 4.28
C ASP F 560 10.89 74.39 4.09
N PHE F 561 9.57 74.50 4.31
CA PHE F 561 8.78 75.76 4.24
C PHE F 561 7.81 75.85 5.43
N GLY F 562 8.11 75.16 6.54
CA GLY F 562 7.24 75.01 7.71
C GLY F 562 5.88 74.40 7.37
N ASP F 563 5.77 73.69 6.24
CA ASP F 563 4.50 73.13 5.71
C ASP F 563 4.24 71.80 6.42
N THR F 564 3.06 71.66 7.04
CA THR F 564 2.66 70.49 7.87
C THR F 564 1.16 70.23 7.67
N PRO F 565 0.71 68.99 7.37
CA PRO F 565 1.59 67.83 7.18
C PRO F 565 2.33 67.85 5.82
N ASN F 566 3.43 67.09 5.74
CA ASN F 566 4.26 66.96 4.50
C ASN F 566 4.72 65.51 4.35
N ASP F 567 5.18 65.15 3.15
CA ASP F 567 5.70 63.79 2.81
C ASP F 567 7.19 63.86 2.44
N GLY F 568 7.93 64.83 2.99
CA GLY F 568 9.41 64.85 2.99
C GLY F 568 10.01 64.84 1.59
N ASN F 569 10.86 63.86 1.27
CA ASN F 569 11.59 63.81 -0.03
C ASN F 569 10.92 62.84 -1.02
N PHE F 570 9.63 62.50 -0.85
CA PHE F 570 8.92 61.58 -1.76
CA PHE F 570 8.92 61.58 -1.77
C PHE F 570 8.54 62.29 -3.08
N CYS F 571 8.85 63.58 -3.21
CA CYS F 571 8.70 64.33 -4.49
C CYS F 571 10.02 64.33 -5.29
N ILE F 572 11.09 63.72 -4.76
CA ILE F 572 12.45 63.67 -5.39
C ILE F 572 12.65 62.27 -6.00
N ASN F 573 12.20 62.08 -7.25
CA ASN F 573 12.09 60.73 -7.91
C ASN F 573 12.77 60.70 -9.30
N GLY F 574 13.64 61.65 -9.62
CA GLY F 574 14.16 61.87 -10.97
C GLY F 574 15.41 61.07 -11.35
N VAL F 575 15.65 61.02 -12.66
CA VAL F 575 16.90 60.57 -13.35
C VAL F 575 17.75 61.80 -13.73
N VAL F 576 17.22 63.03 -13.63
CA VAL F 576 18.03 64.29 -13.69
C VAL F 576 17.68 65.16 -12.48
N LEU F 577 18.66 65.94 -11.99
CA LEU F 577 18.51 66.92 -10.86
C LEU F 577 17.66 68.10 -11.34
N PRO F 578 17.12 68.95 -10.42
CA PRO F 578 16.15 69.99 -10.82
C PRO F 578 16.61 70.93 -11.94
N ASP F 579 17.92 71.19 -12.07
CA ASP F 579 18.49 72.07 -13.12
C ASP F 579 18.87 71.29 -14.40
N ARG F 580 18.49 70.01 -14.51
CA ARG F 580 18.65 69.14 -15.71
C ARG F 580 20.09 68.59 -15.82
N THR F 581 20.87 68.59 -14.74
CA THR F 581 22.15 67.84 -14.59
C THR F 581 21.83 66.35 -14.47
N PRO F 582 22.38 65.46 -15.34
CA PRO F 582 22.11 64.02 -15.26
C PRO F 582 22.58 63.33 -13.98
N GLU F 583 21.78 62.44 -13.42
CA GLU F 583 22.22 61.48 -12.36
C GLU F 583 22.93 60.34 -13.08
N PRO F 584 23.88 59.60 -12.43
CA PRO F 584 24.55 58.45 -13.06
C PRO F 584 23.63 57.37 -13.65
N GLU F 585 22.46 57.17 -13.07
CA GLU F 585 21.45 56.18 -13.56
C GLU F 585 20.91 56.56 -14.97
N LEU F 586 21.03 57.80 -15.45
CA LEU F 586 20.63 58.16 -16.84
C LEU F 586 21.58 57.51 -17.87
N TYR F 587 22.84 57.21 -17.52
CA TYR F 587 23.80 56.51 -18.41
C TYR F 587 23.39 55.03 -18.53
N GLU F 588 22.82 54.40 -17.50
CA GLU F 588 22.26 53.02 -17.63
C GLU F 588 21.03 53.01 -18.56
N VAL F 589 20.13 53.98 -18.45
CA VAL F 589 18.91 54.11 -19.34
C VAL F 589 19.38 54.20 -20.80
N LYS F 590 20.35 55.07 -21.10
CA LYS F 590 20.85 55.21 -22.48
C LYS F 590 21.36 53.86 -23.05
N LYS F 591 22.11 53.09 -22.26
CA LYS F 591 22.68 51.77 -22.67
C LYS F 591 21.54 50.77 -22.90
N VAL F 592 20.61 50.63 -21.97
CA VAL F 592 19.51 49.64 -22.11
C VAL F 592 18.54 50.02 -23.26
N TYR F 593 18.32 51.31 -23.55
CA TYR F 593 17.35 51.76 -24.58
C TYR F 593 17.96 51.81 -26.02
N GLN F 594 19.26 51.58 -26.23
CA GLN F 594 19.93 51.67 -27.56
C GLN F 594 19.28 50.70 -28.58
N ASN F 595 19.30 51.05 -29.87
CA ASN F 595 18.57 50.35 -30.96
C ASN F 595 19.51 49.53 -31.86
N VAL F 596 20.75 49.30 -31.44
CA VAL F 596 21.68 48.34 -32.11
C VAL F 596 22.09 47.28 -31.07
N LYS F 597 22.00 46.00 -31.43
CA LYS F 597 22.49 44.86 -30.63
C LYS F 597 23.70 44.24 -31.34
N ILE F 598 24.76 43.93 -30.59
CA ILE F 598 26.04 43.36 -31.11
C ILE F 598 26.38 42.11 -30.32
N ARG F 599 26.55 40.97 -31.02
CA ARG F 599 26.86 39.63 -30.44
C ARG F 599 28.27 39.17 -30.89
N GLN F 600 29.03 38.50 -30.02
CA GLN F 600 30.35 37.88 -30.35
C GLN F 600 30.10 36.48 -30.90
N VAL F 601 30.46 36.22 -32.16
CA VAL F 601 30.40 34.87 -32.78
C VAL F 601 31.72 34.16 -32.47
N SER F 602 32.83 34.79 -32.87
CA SER F 602 34.23 34.42 -32.52
C SER F 602 34.99 35.70 -32.13
N LYS F 603 36.26 35.60 -31.76
CA LYS F 603 37.07 36.74 -31.26
C LYS F 603 37.23 37.81 -32.35
N ASP F 604 37.20 37.42 -33.63
CA ASP F 604 37.36 38.37 -34.77
C ASP F 604 36.05 38.59 -35.54
N THR F 605 34.94 37.93 -35.16
CA THR F 605 33.66 37.99 -35.94
C THR F 605 32.47 38.40 -35.04
N TYR F 606 31.77 39.47 -35.41
CA TYR F 606 30.67 40.10 -34.63
C TYR F 606 29.42 40.23 -35.51
N GLU F 607 28.26 39.81 -34.99
CA GLU F 607 26.94 39.97 -35.65
C GLU F 607 26.26 41.25 -35.12
N VAL F 608 25.93 42.18 -36.03
CA VAL F 608 25.24 43.47 -35.75
C VAL F 608 23.75 43.36 -36.14
N GLU F 609 22.83 43.56 -35.19
CA GLU F 609 21.35 43.56 -35.41
C GLU F 609 20.77 44.97 -35.31
N ASN F 610 20.14 45.45 -36.39
CA ASN F 610 19.42 46.75 -36.48
C ASN F 610 18.02 46.60 -35.87
N ARG F 611 17.73 47.31 -34.78
CA ARG F 611 16.40 47.28 -34.09
C ARG F 611 15.66 48.61 -34.27
N TYR F 612 16.14 49.54 -35.09
CA TYR F 612 15.34 50.71 -35.55
C TYR F 612 14.19 50.18 -36.43
N LEU F 613 13.05 50.89 -36.45
CA LEU F 613 11.84 50.52 -37.25
C LEU F 613 11.98 51.01 -38.71
N PHE F 614 12.51 52.21 -38.93
CA PHE F 614 12.49 52.95 -40.23
C PHE F 614 13.86 53.57 -40.61
N THR F 615 14.98 53.14 -40.02
CA THR F 615 16.33 53.73 -40.26
C THR F 615 17.29 52.62 -40.73
N ASN F 616 18.09 52.89 -41.76
CA ASN F 616 19.19 52.01 -42.23
C ASN F 616 20.46 52.34 -41.43
N LEU F 617 21.24 51.34 -40.99
CA LEU F 617 22.50 51.57 -40.21
C LEU F 617 23.55 52.32 -41.06
N GLU F 618 23.38 52.39 -42.39
CA GLU F 618 24.28 53.17 -43.29
C GLU F 618 24.27 54.67 -42.95
N MET F 619 23.30 55.17 -42.16
CA MET F 619 23.24 56.58 -41.70
C MET F 619 24.31 56.88 -40.62
N PHE F 620 24.89 55.86 -39.99
CA PHE F 620 25.81 56.03 -38.83
C PHE F 620 27.25 55.76 -39.26
N ASP F 621 28.19 56.44 -38.60
CA ASP F 621 29.65 56.14 -38.64
C ASP F 621 29.98 55.06 -37.61
N GLY F 622 30.45 53.90 -38.07
CA GLY F 622 31.01 52.83 -37.23
C GLY F 622 32.45 53.12 -36.82
N ALA F 623 32.85 52.73 -35.61
CA ALA F 623 34.27 52.70 -35.19
C ALA F 623 34.51 51.49 -34.28
N TRP F 624 35.71 50.91 -34.32
CA TRP F 624 36.15 49.92 -33.31
C TRP F 624 37.49 50.36 -32.73
N LYS F 625 37.76 49.99 -31.47
CA LYS F 625 38.98 50.36 -30.70
C LYS F 625 39.46 49.14 -29.89
N ILE F 626 40.76 48.89 -29.84
CA ILE F 626 41.36 47.86 -28.95
C ILE F 626 42.15 48.57 -27.86
N ARG F 627 41.90 48.21 -26.59
CA ARG F 627 42.61 48.74 -25.40
C ARG F 627 43.49 47.64 -24.79
N LYS F 628 44.71 48.00 -24.40
CA LYS F 628 45.75 47.12 -23.78
C LYS F 628 46.02 47.68 -22.38
N ASP F 629 45.70 46.92 -21.32
CA ASP F 629 45.69 47.39 -19.91
C ASP F 629 45.03 48.78 -19.82
N GLY F 630 43.92 48.99 -20.53
CA GLY F 630 43.08 50.19 -20.42
C GLY F 630 43.47 51.35 -21.33
N GLU F 631 44.48 51.24 -22.20
CA GLU F 631 44.93 52.34 -23.12
C GLU F 631 44.72 51.97 -24.59
N VAL F 632 44.29 52.92 -25.43
CA VAL F 632 43.97 52.68 -26.88
C VAL F 632 45.28 52.43 -27.63
N ILE F 633 45.38 51.29 -28.35
CA ILE F 633 46.55 50.91 -29.22
C ILE F 633 46.17 50.83 -30.70
N GLU F 634 44.88 50.72 -31.04
CA GLU F 634 44.41 50.60 -32.44
C GLU F 634 42.97 51.13 -32.53
N GLU F 635 42.68 51.96 -33.53
CA GLU F 635 41.34 52.52 -33.86
C GLU F 635 41.10 52.36 -35.37
N LYS F 636 39.86 52.11 -35.79
CA LYS F 636 39.48 51.98 -37.22
C LYS F 636 38.00 52.33 -37.43
N THR F 637 37.70 53.10 -38.47
CA THR F 637 36.33 53.47 -38.92
C THR F 637 35.83 52.42 -39.92
N PHE F 638 34.52 52.24 -40.00
CA PHE F 638 33.83 51.35 -40.97
C PHE F 638 32.40 51.86 -41.21
N LYS F 639 31.73 51.30 -42.22
CA LYS F 639 30.30 51.52 -42.54
C LYS F 639 29.69 50.16 -42.84
N ILE F 640 28.47 49.93 -42.37
CA ILE F 640 27.73 48.65 -42.52
C ILE F 640 26.32 48.98 -43.01
N PHE F 641 25.83 48.24 -44.00
CA PHE F 641 24.49 48.38 -44.62
C PHE F 641 23.59 47.32 -44.00
N ALA F 642 22.57 47.73 -43.25
CA ALA F 642 21.58 46.83 -42.62
C ALA F 642 20.22 47.56 -42.55
N GLU F 643 19.19 46.94 -43.12
CA GLU F 643 17.80 47.45 -43.11
C GLU F 643 17.17 47.10 -41.76
N PRO F 644 16.06 47.77 -41.36
CA PRO F 644 15.36 47.42 -40.13
C PRO F 644 15.13 45.90 -40.01
N GLY F 645 15.59 45.31 -38.91
CA GLY F 645 15.46 43.89 -38.59
C GLY F 645 16.62 43.02 -39.06
N GLU F 646 17.49 43.50 -39.94
CA GLU F 646 18.57 42.67 -40.54
C GLU F 646 19.74 42.47 -39.54
N LYS F 647 20.35 41.28 -39.60
CA LYS F 647 21.63 40.90 -38.94
C LYS F 647 22.73 40.88 -40.01
N ARG F 648 23.87 41.54 -39.76
CA ARG F 648 25.05 41.60 -40.68
C ARG F 648 26.34 41.25 -39.89
N LEU F 649 27.28 40.55 -40.54
CA LEU F 649 28.57 40.12 -39.92
C LEU F 649 29.62 41.20 -40.12
N LEU F 650 30.45 41.41 -39.10
CA LEU F 650 31.58 42.37 -39.07
C LEU F 650 32.85 41.62 -38.68
N LYS F 651 33.87 41.68 -39.53
CA LYS F 651 35.15 40.96 -39.39
C LYS F 651 36.20 41.97 -38.96
N ILE F 652 36.88 41.72 -37.84
CA ILE F 652 37.90 42.63 -37.26
C ILE F 652 39.23 41.87 -37.21
N PRO F 653 40.25 42.27 -38.00
CA PRO F 653 41.58 41.64 -37.92
C PRO F 653 42.33 42.02 -36.63
N LEU F 654 42.69 41.02 -35.82
CA LEU F 654 43.32 41.20 -34.49
C LEU F 654 44.84 41.20 -34.61
N PRO F 655 45.55 42.01 -33.79
CA PRO F 655 47.01 41.94 -33.72
C PRO F 655 47.50 40.72 -32.93
N GLU F 656 48.80 40.41 -33.01
CA GLU F 656 49.50 39.49 -32.07
C GLU F 656 49.49 40.16 -30.68
N MET F 657 49.25 39.37 -29.63
CA MET F 657 49.00 39.89 -28.27
C MET F 657 50.08 39.35 -27.33
N ASP F 658 50.49 40.18 -26.35
CA ASP F 658 51.45 39.83 -25.28
C ASP F 658 50.65 39.43 -24.02
N ASP F 659 51.23 39.48 -22.82
CA ASP F 659 50.63 38.99 -21.55
C ASP F 659 49.65 39.99 -20.90
N SER F 660 49.44 41.17 -21.47
CA SER F 660 48.41 42.18 -21.07
C SER F 660 46.96 41.66 -21.26
N GLU F 661 46.00 42.36 -20.65
CA GLU F 661 44.54 42.20 -20.86
C GLU F 661 44.07 43.04 -22.05
N TYR F 662 43.32 42.46 -23.00
CA TYR F 662 42.83 43.18 -24.22
C TYR F 662 41.29 43.23 -24.23
N PHE F 663 40.72 44.43 -24.41
CA PHE F 663 39.26 44.68 -24.57
C PHE F 663 38.98 45.31 -25.96
N LEU F 664 37.93 44.87 -26.66
CA LEU F 664 37.39 45.49 -27.91
C LEU F 664 36.13 46.32 -27.60
N GLU F 665 36.04 47.56 -28.10
CA GLU F 665 34.80 48.38 -28.08
C GLU F 665 34.32 48.63 -29.53
N ILE F 666 33.05 48.37 -29.85
CA ILE F 666 32.39 48.71 -31.16
C ILE F 666 31.31 49.75 -30.90
N SER F 667 31.35 50.91 -31.58
CA SER F 667 30.38 52.02 -31.42
C SER F 667 29.81 52.50 -32.77
N PHE F 668 28.65 53.16 -32.71
CA PHE F 668 27.96 53.83 -33.83
C PHE F 668 27.62 55.25 -33.42
N SER F 669 27.95 56.22 -34.26
CA SER F 669 27.75 57.68 -34.01
C SER F 669 27.04 58.40 -35.18
N LEU F 670 26.52 59.60 -34.95
CA LEU F 670 25.87 60.44 -35.99
C LEU F 670 26.91 60.88 -37.03
N SER F 671 26.69 60.56 -38.31
CA SER F 671 27.53 60.95 -39.48
C SER F 671 27.55 62.46 -39.65
N GLU F 672 26.41 63.13 -39.43
CA GLU F 672 26.28 64.62 -39.54
C GLU F 672 25.24 65.13 -38.54
N ASP F 673 25.25 66.45 -38.31
CA ASP F 673 24.38 67.17 -37.35
C ASP F 673 22.91 66.81 -37.58
N THR F 674 22.13 66.76 -36.50
CA THR F 674 20.66 66.63 -36.48
C THR F 674 20.09 67.83 -35.73
N PRO F 675 18.76 68.06 -35.74
CA PRO F 675 18.16 69.09 -34.91
C PRO F 675 18.36 68.89 -33.40
N TRP F 676 18.59 67.64 -32.95
CA TRP F 676 18.66 67.31 -31.51
C TRP F 676 20.10 67.06 -31.04
N ALA F 677 21.09 66.90 -31.93
CA ALA F 677 22.49 66.59 -31.52
C ALA F 677 23.49 66.84 -32.66
N GLU F 678 24.77 66.90 -32.31
CA GLU F 678 25.90 67.24 -33.21
C GLU F 678 26.55 65.97 -33.76
N LYS F 679 27.24 66.11 -34.89
CA LYS F 679 28.09 65.06 -35.52
C LYS F 679 29.01 64.44 -34.46
N GLY F 680 29.11 63.11 -34.42
CA GLY F 680 29.97 62.38 -33.47
C GLY F 680 29.27 61.91 -32.19
N HIS F 681 28.03 62.33 -31.93
CA HIS F 681 27.21 61.82 -30.80
C HIS F 681 27.10 60.30 -30.94
N VAL F 682 27.43 59.55 -29.87
CA VAL F 682 27.31 58.06 -29.88
C VAL F 682 25.84 57.67 -29.58
N VAL F 683 25.25 56.78 -30.39
CA VAL F 683 23.86 56.29 -30.23
C VAL F 683 23.90 54.87 -29.67
N ALA F 684 24.99 54.12 -29.86
CA ALA F 684 25.07 52.71 -29.43
C ALA F 684 26.54 52.27 -29.34
N TRP F 685 26.87 51.42 -28.36
CA TRP F 685 28.21 50.80 -28.19
C TRP F 685 28.07 49.46 -27.48
N GLU F 686 29.03 48.56 -27.66
CA GLU F 686 29.21 47.30 -26.87
C GLU F 686 30.70 46.98 -26.72
N GLN F 687 31.09 46.29 -25.63
CA GLN F 687 32.50 45.93 -25.31
C GLN F 687 32.60 44.43 -25.09
N PHE F 688 33.75 43.84 -25.40
CA PHE F 688 34.03 42.37 -25.31
C PHE F 688 35.49 42.17 -24.87
N LEU F 689 35.72 41.20 -23.96
CA LEU F 689 37.08 40.72 -23.61
C LEU F 689 37.67 39.92 -24.78
N LEU F 690 38.84 40.31 -25.29
CA LEU F 690 39.56 39.55 -26.34
C LEU F 690 40.50 38.52 -25.67
N LYS F 691 41.30 38.93 -24.68
CA LYS F 691 42.27 38.02 -24.02
C LYS F 691 42.48 38.43 -22.57
N ALA F 692 42.35 37.46 -21.67
CA ALA F 692 42.70 37.57 -20.22
C ALA F 692 44.21 37.73 -20.08
N PRO F 693 44.69 38.41 -19.02
CA PRO F 693 46.13 38.58 -18.85
C PRO F 693 46.81 37.29 -18.30
N ALA F 694 48.13 37.22 -18.39
CA ALA F 694 48.97 36.19 -17.74
C ALA F 694 49.60 36.80 -16.49
N PHE F 695 49.18 36.38 -15.31
CA PHE F 695 49.71 36.91 -14.02
C PHE F 695 51.12 36.37 -13.76
N GLU F 696 52.00 37.22 -13.23
CA GLU F 696 53.39 36.87 -12.85
C GLU F 696 53.47 36.76 -11.32
N LYS F 697 54.18 35.74 -10.84
CA LYS F 697 54.46 35.48 -9.39
C LYS F 697 55.98 35.51 -9.21
N LYS F 698 56.49 36.46 -8.45
CA LYS F 698 57.95 36.68 -8.26
C LYS F 698 58.36 36.22 -6.85
N SER F 699 59.46 35.47 -6.75
CA SER F 699 60.10 35.06 -5.47
C SER F 699 60.85 36.25 -4.86
N ILE F 700 60.44 36.69 -3.66
CA ILE F 700 61.11 37.78 -2.90
C ILE F 700 62.21 37.12 -2.03
N SER F 701 63.43 37.65 -2.09
CA SER F 701 64.62 37.15 -1.35
C SER F 701 64.99 38.07 -0.18
N ASP F 702 64.60 39.35 -0.21
CA ASP F 702 64.96 40.37 0.82
C ASP F 702 64.23 40.08 2.13
N GLY F 703 64.75 40.61 3.24
CA GLY F 703 64.32 40.27 4.62
C GLY F 703 63.39 41.29 5.22
N VAL F 704 62.74 40.92 6.33
CA VAL F 704 61.76 41.73 7.09
C VAL F 704 62.14 41.62 8.58
N SER F 705 62.07 42.71 9.34
CA SER F 705 62.41 42.73 10.78
C SER F 705 61.12 42.90 11.60
N LEU F 706 61.17 42.50 12.86
CA LEU F 706 60.01 42.44 13.79
C LEU F 706 60.50 42.81 15.20
N ARG F 707 59.87 43.81 15.83
CA ARG F 707 60.12 44.25 17.24
C ARG F 707 58.80 44.25 18.01
N GLU F 708 58.76 43.54 19.14
CA GLU F 708 57.60 43.48 20.05
C GLU F 708 57.90 44.34 21.30
N ASP F 709 56.87 45.01 21.83
CA ASP F 709 56.87 45.63 23.17
C ASP F 709 55.54 45.27 23.84
N GLY F 710 55.11 46.03 24.85
CA GLY F 710 53.93 45.70 25.67
C GLY F 710 52.60 45.99 24.97
N LYS F 711 52.58 46.91 24.01
CA LYS F 711 51.33 47.37 23.33
C LYS F 711 51.40 47.20 21.81
N HIS F 712 52.60 47.22 21.21
CA HIS F 712 52.79 47.28 19.74
C HIS F 712 53.66 46.14 19.23
N LEU F 713 53.31 45.65 18.04
CA LEU F 713 54.20 44.88 17.13
C LEU F 713 54.58 45.81 15.97
N THR F 714 55.86 45.94 15.65
CA THR F 714 56.40 46.84 14.57
C THR F 714 57.13 45.99 13.52
N VAL F 715 56.78 46.11 12.24
CA VAL F 715 57.35 45.30 11.13
C VAL F 715 57.99 46.27 10.12
N GLU F 716 59.28 46.11 9.83
CA GLU F 716 60.03 47.00 8.91
C GLU F 716 60.42 46.21 7.66
N ALA F 717 60.24 46.83 6.49
CA ALA F 717 60.61 46.30 5.15
C ALA F 717 60.93 47.47 4.23
N LYS F 718 62.09 47.45 3.57
CA LYS F 718 62.61 48.57 2.75
C LYS F 718 62.54 49.84 3.60
N ASP F 719 61.70 50.81 3.22
CA ASP F 719 61.59 52.12 3.92
C ASP F 719 60.15 52.34 4.39
N THR F 720 59.40 51.27 4.67
CA THR F 720 58.03 51.32 5.23
C THR F 720 58.03 50.59 6.58
N VAL F 721 57.33 51.15 7.56
CA VAL F 721 57.14 50.54 8.91
C VAL F 721 55.64 50.39 9.15
N TYR F 722 55.20 49.17 9.46
CA TYR F 722 53.79 48.82 9.74
C TYR F 722 53.64 48.64 11.25
N VAL F 723 52.70 49.34 11.90
CA VAL F 723 52.50 49.27 13.37
C VAL F 723 51.15 48.62 13.67
N PHE F 724 51.18 47.49 14.39
CA PHE F 724 50.01 46.70 14.82
C PHE F 724 49.83 46.84 16.33
N SER F 725 48.59 46.95 16.79
CA SER F 725 48.24 47.05 18.23
C SER F 725 47.88 45.67 18.79
N LYS F 726 48.48 45.27 19.92
CA LYS F 726 48.19 43.97 20.61
C LYS F 726 46.90 44.07 21.43
N LEU F 727 46.38 45.27 21.70
CA LEU F 727 45.13 45.47 22.47
C LEU F 727 43.92 45.53 21.52
N THR F 728 44.03 46.17 20.35
CA THR F 728 42.91 46.27 19.36
C THR F 728 43.00 45.17 18.30
N GLY F 729 44.17 44.61 18.06
CA GLY F 729 44.41 43.66 16.95
C GLY F 729 44.37 44.29 15.55
N LEU F 730 44.41 45.62 15.42
CA LEU F 730 44.28 46.35 14.11
C LEU F 730 45.65 46.82 13.62
N LEU F 731 45.80 47.01 12.31
CA LEU F 731 46.88 47.86 11.69
C LEU F 731 46.56 49.33 11.94
N GLU F 732 47.38 50.01 12.74
CA GLU F 732 47.08 51.36 13.29
C GLU F 732 47.85 52.45 12.56
N GLN F 733 49.07 52.18 12.07
CA GLN F 733 49.87 53.22 11.38
C GLN F 733 50.77 52.59 10.35
N ILE F 734 51.05 53.34 9.28
CA ILE F 734 52.03 53.04 8.22
C ILE F 734 52.93 54.27 8.10
N LEU F 735 54.23 54.10 8.35
CA LEU F 735 55.25 55.18 8.21
C LEU F 735 56.07 54.87 6.97
N HIS F 736 56.05 55.75 5.98
CA HIS F 736 56.86 55.65 4.74
C HIS F 736 57.83 56.83 4.76
N ARG F 737 59.14 56.56 4.78
CA ARG F 737 60.22 57.58 4.99
C ARG F 737 59.81 58.55 6.10
N ARG F 738 59.43 58.02 7.27
CA ARG F 738 59.08 58.76 8.51
C ARG F 738 57.84 59.66 8.33
N LYS F 739 56.97 59.38 7.35
CA LYS F 739 55.74 60.17 7.07
C LYS F 739 54.50 59.29 7.34
N LYS F 740 53.56 59.78 8.16
CA LYS F 740 52.31 59.06 8.50
C LYS F 740 51.36 59.05 7.29
N ILE F 741 50.88 57.86 6.92
CA ILE F 741 49.95 57.60 5.78
C ILE F 741 48.51 57.45 6.31
N LEU F 742 48.31 56.87 7.51
CA LEU F 742 46.96 56.61 8.08
C LEU F 742 46.60 57.73 9.07
N LYS F 743 45.35 58.20 9.03
CA LYS F 743 44.73 59.09 10.06
C LYS F 743 43.81 58.30 11.00
N SER F 744 43.45 57.07 10.63
CA SER F 744 42.71 56.14 11.53
C SER F 744 43.03 54.70 11.12
N PRO F 745 42.84 53.70 12.02
CA PRO F 745 43.17 52.31 11.71
C PRO F 745 42.38 51.64 10.58
N VAL F 746 42.93 50.60 9.98
CA VAL F 746 42.22 49.73 9.00
C VAL F 746 41.25 48.81 9.77
N VAL F 747 39.93 48.96 9.54
CA VAL F 747 38.88 48.16 10.24
C VAL F 747 38.04 47.40 9.23
N PRO F 748 37.61 46.15 9.54
CA PRO F 748 36.55 45.46 8.78
C PRO F 748 35.24 46.26 8.77
N ASN F 749 34.51 46.31 7.65
CA ASN F 749 33.27 47.16 7.52
C ASN F 749 32.19 46.38 6.77
N PHE F 750 30.95 46.38 7.31
CA PHE F 750 29.80 45.61 6.82
C PHE F 750 28.61 46.53 6.49
N TRP F 751 28.78 47.86 6.52
CA TRP F 751 27.64 48.81 6.43
C TRP F 751 27.73 49.69 5.18
N ARG F 752 26.57 50.08 4.64
CA ARG F 752 26.48 51.18 3.66
C ARG F 752 25.40 52.16 4.14
N VAL F 753 25.55 53.44 3.81
CA VAL F 753 24.60 54.53 4.22
C VAL F 753 23.28 54.31 3.49
N PRO F 754 22.14 54.10 4.19
CA PRO F 754 20.91 53.69 3.51
C PRO F 754 20.42 54.64 2.40
N THR F 755 20.08 54.05 1.24
CA THR F 755 19.40 54.71 0.10
C THR F 755 17.90 54.89 0.41
N ASP F 756 17.17 55.64 -0.43
CA ASP F 756 15.70 55.79 -0.31
C ASP F 756 15.03 54.41 -0.47
N ASN F 757 15.52 53.52 -1.35
CA ASN F 757 14.97 52.14 -1.48
C ASN F 757 15.22 51.35 -0.18
N ASP F 758 16.42 51.45 0.41
CA ASP F 758 16.76 50.76 1.69
C ASP F 758 15.77 51.21 2.80
N ILE F 759 15.53 52.51 2.94
CA ILE F 759 14.57 53.05 3.95
C ILE F 759 13.18 52.46 3.70
N GLY F 760 12.72 52.44 2.45
CA GLY F 760 11.39 51.92 2.11
C GLY F 760 11.20 50.44 2.43
N ASN F 761 12.25 49.62 2.41
CA ASN F 761 12.10 48.17 2.76
C ASN F 761 12.61 47.90 4.20
N ARG F 762 12.83 48.94 5.02
CA ARG F 762 13.20 48.82 6.48
C ARG F 762 14.57 48.14 6.67
N MET F 763 15.50 48.33 5.74
CA MET F 763 16.88 47.78 5.85
C MET F 763 17.54 48.28 7.13
N PRO F 764 17.43 49.55 7.55
CA PRO F 764 18.10 50.02 8.76
C PRO F 764 17.66 49.32 10.06
N GLN F 765 16.41 48.82 10.12
CA GLN F 765 15.90 48.04 11.28
C GLN F 765 16.31 46.57 11.13
N ARG F 766 15.91 45.91 10.04
CA ARG F 766 16.21 44.48 9.73
C ARG F 766 17.73 44.18 9.89
N LEU F 767 18.61 45.03 9.38
CA LEU F 767 20.06 44.73 9.21
C LEU F 767 20.88 45.55 10.23
N ALA F 768 20.25 46.06 11.30
CA ALA F 768 20.89 46.93 12.32
C ALA F 768 22.11 46.24 12.99
N ILE F 769 22.13 44.91 13.12
CA ILE F 769 23.27 44.17 13.75
C ILE F 769 24.56 44.39 12.95
N TRP F 770 24.49 44.54 11.62
CA TRP F 770 25.70 44.72 10.76
C TRP F 770 26.24 46.14 10.91
N LYS F 771 25.42 47.12 11.25
CA LYS F 771 25.93 48.48 11.58
C LYS F 771 26.72 48.44 12.90
N ARG F 772 26.25 47.71 13.90
CA ARG F 772 26.95 47.53 15.21
C ARG F 772 28.27 46.77 15.00
N ALA F 773 28.25 45.69 14.22
CA ALA F 773 29.43 44.86 13.91
C ALA F 773 30.49 45.68 13.16
N SER F 774 30.13 46.80 12.54
CA SER F 774 31.10 47.71 11.84
C SER F 774 31.83 48.63 12.82
N LYS F 775 31.30 48.85 14.02
CA LYS F 775 31.88 49.79 15.02
C LYS F 775 32.42 49.07 16.28
N GLU F 776 31.90 47.91 16.67
CA GLU F 776 32.34 47.16 17.88
C GLU F 776 32.79 45.75 17.50
N ARG F 777 33.82 45.26 18.19
CA ARG F 777 34.38 43.91 18.00
C ARG F 777 35.18 43.52 19.25
N LYS F 778 35.33 42.22 19.47
CA LYS F 778 36.09 41.64 20.61
C LYS F 778 37.28 40.84 20.04
N LEU F 779 38.50 41.24 20.35
CA LEU F 779 39.70 40.48 19.97
C LEU F 779 39.79 39.22 20.83
N PHE F 780 39.60 38.04 20.21
CA PHE F 780 39.64 36.71 20.87
C PHE F 780 41.07 36.22 20.95
N LYS F 781 41.89 36.43 19.91
CA LYS F 781 43.23 35.82 19.78
C LYS F 781 44.08 36.60 18.76
N MET F 782 45.39 36.70 19.00
CA MET F 782 46.32 37.37 18.05
C MET F 782 47.69 36.69 18.09
N HIS F 783 48.24 36.32 16.95
CA HIS F 783 49.61 35.73 16.87
C HIS F 783 50.33 36.13 15.57
N TRP F 784 51.65 35.98 15.56
CA TRP F 784 52.53 36.29 14.40
C TRP F 784 53.53 35.15 14.17
N LYS F 785 54.03 35.05 12.93
CA LYS F 785 54.95 34.00 12.44
C LYS F 785 55.93 34.61 11.43
N LYS F 786 57.23 34.52 11.69
CA LYS F 786 58.31 35.05 10.82
C LYS F 786 58.92 33.92 9.99
N GLU F 787 59.13 34.15 8.69
CA GLU F 787 59.97 33.33 7.78
C GLU F 787 61.13 34.23 7.31
N GLU F 788 62.00 33.71 6.45
CA GLU F 788 63.19 34.42 5.92
C GLU F 788 62.75 35.68 5.14
N ASN F 789 61.67 35.62 4.35
CA ASN F 789 61.30 36.69 3.39
C ASN F 789 59.95 37.36 3.75
N ARG F 790 59.30 37.02 4.87
CA ARG F 790 57.97 37.58 5.19
C ARG F 790 57.60 37.35 6.65
N VAL F 791 56.70 38.19 7.17
CA VAL F 791 56.01 38.07 8.49
C VAL F 791 54.50 38.11 8.25
N SER F 792 53.73 37.21 8.90
CA SER F 792 52.25 37.22 8.93
C SER F 792 51.77 37.61 10.34
N VAL F 793 50.77 38.51 10.43
CA VAL F 793 50.06 38.92 11.68
C VAL F 793 48.59 38.52 11.53
N HIS F 794 48.11 37.63 12.38
CA HIS F 794 46.76 37.01 12.36
C HIS F 794 45.94 37.49 13.56
N SER F 795 44.76 38.09 13.33
CA SER F 795 43.79 38.48 14.38
C SER F 795 42.46 37.75 14.19
N VAL F 796 41.84 37.27 15.29
CA VAL F 796 40.52 36.57 15.33
C VAL F 796 39.58 37.44 16.15
N PHE F 797 38.44 37.84 15.59
CA PHE F 797 37.43 38.67 16.30
C PHE F 797 36.09 37.94 16.36
N GLN F 798 35.34 38.18 17.41
CA GLN F 798 33.90 37.84 17.42
C GLN F 798 33.15 39.17 17.39
N LEU F 799 31.99 39.18 16.74
CA LEU F 799 31.21 40.41 16.43
C LEU F 799 29.83 40.35 17.09
N PRO F 800 29.17 41.52 17.27
CA PRO F 800 27.72 41.56 17.51
C PRO F 800 26.94 40.68 16.51
N GLY F 801 25.94 39.94 17.00
CA GLY F 801 25.31 38.84 16.25
C GLY F 801 26.05 37.50 16.38
N ASN F 802 27.25 37.45 16.95
CA ASN F 802 28.02 36.21 17.25
C ASN F 802 28.72 35.62 16.01
N SER F 803 28.90 36.37 14.92
CA SER F 803 29.72 35.99 13.75
C SER F 803 31.21 36.09 14.06
N TRP F 804 32.04 35.37 13.31
CA TRP F 804 33.53 35.39 13.45
C TRP F 804 34.15 36.07 12.22
N VAL F 805 35.21 36.86 12.43
CA VAL F 805 36.02 37.44 11.31
C VAL F 805 37.50 37.25 11.62
N TYR F 806 38.24 36.72 10.64
CA TYR F 806 39.70 36.45 10.66
C TYR F 806 40.39 37.45 9.73
N THR F 807 41.36 38.25 10.22
CA THR F 807 42.21 39.13 9.40
C THR F 807 43.64 38.62 9.42
N THR F 808 44.31 38.63 8.28
CA THR F 808 45.74 38.24 8.12
C THR F 808 46.44 39.27 7.23
N TYR F 809 47.51 39.87 7.74
CA TYR F 809 48.44 40.78 7.03
C TYR F 809 49.78 40.06 6.81
N THR F 810 50.24 39.92 5.58
CA THR F 810 51.59 39.34 5.30
C THR F 810 52.45 40.44 4.66
N VAL F 811 53.51 40.86 5.35
CA VAL F 811 54.48 41.88 4.87
C VAL F 811 55.66 41.15 4.25
N PHE F 812 55.99 41.46 3.00
CA PHE F 812 57.15 40.93 2.25
C PHE F 812 58.31 41.92 2.26
N GLY F 813 59.51 41.39 1.98
CA GLY F 813 60.80 42.13 2.00
C GLY F 813 60.89 43.23 0.95
N ASN F 814 60.06 43.20 -0.10
CA ASN F 814 59.94 44.25 -1.15
C ASN F 814 58.98 45.38 -0.74
N GLY F 815 58.36 45.33 0.45
CA GLY F 815 57.42 46.35 0.94
C GLY F 815 55.94 46.09 0.60
N ASP F 816 55.59 45.17 -0.30
CA ASP F 816 54.19 44.71 -0.52
C ASP F 816 53.57 44.19 0.80
N VAL F 817 52.27 44.43 1.03
CA VAL F 817 51.46 43.79 2.10
C VAL F 817 50.25 43.09 1.44
N LEU F 818 50.07 41.80 1.69
CA LEU F 818 48.82 41.06 1.35
C LEU F 818 47.86 41.18 2.53
N VAL F 819 46.59 41.53 2.24
CA VAL F 819 45.52 41.75 3.24
C VAL F 819 44.42 40.72 2.97
N ASP F 820 44.07 39.86 3.93
CA ASP F 820 43.07 38.77 3.75
C ASP F 820 42.00 38.88 4.85
N LEU F 821 40.76 38.60 4.49
CA LEU F 821 39.57 38.58 5.39
C LEU F 821 38.80 37.28 5.11
N SER F 822 38.36 36.57 6.15
CA SER F 822 37.32 35.51 6.08
C SER F 822 36.23 35.89 7.06
N LEU F 823 34.97 35.80 6.63
CA LEU F 823 33.81 36.09 7.49
C LEU F 823 33.02 34.78 7.60
N ILE F 824 32.74 34.31 8.82
CA ILE F 824 31.92 33.10 9.12
C ILE F 824 30.67 33.54 9.86
N PRO F 825 29.53 33.83 9.19
CA PRO F 825 28.32 34.30 9.87
C PRO F 825 27.72 33.26 10.83
N ALA F 826 27.12 33.71 11.93
CA ALA F 826 26.36 32.88 12.90
C ALA F 826 25.05 32.41 12.23
N GLU F 827 24.40 31.40 12.83
CA GLU F 827 23.29 30.63 12.19
C GLU F 827 22.01 31.46 12.06
N ASP F 828 21.81 32.54 12.81
CA ASP F 828 20.51 33.28 12.84
C ASP F 828 20.69 34.77 12.50
N VAL F 829 21.76 35.16 11.79
CA VAL F 829 21.97 36.57 11.35
C VAL F 829 21.33 36.79 9.99
N PRO F 830 20.86 38.01 9.67
CA PRO F 830 20.32 38.33 8.35
C PRO F 830 21.38 38.64 7.28
N GLU F 831 20.95 38.90 6.04
CA GLU F 831 21.86 39.19 4.89
C GLU F 831 22.78 40.38 5.22
N ILE F 832 23.86 40.52 4.47
CA ILE F 832 24.97 41.47 4.79
C ILE F 832 24.94 42.61 3.78
N PRO F 833 24.95 43.91 4.20
CA PRO F 833 24.96 45.01 3.25
C PRO F 833 26.25 45.15 2.39
N ARG F 834 27.43 44.85 2.96
CA ARG F 834 28.75 45.05 2.31
C ARG F 834 29.77 44.13 2.98
N ILE F 835 30.83 43.73 2.28
CA ILE F 835 32.00 43.06 2.92
C ILE F 835 33.29 43.75 2.47
N GLY F 836 34.02 44.39 3.39
CA GLY F 836 35.28 45.07 3.03
C GLY F 836 36.03 45.65 4.21
N PHE F 837 36.94 46.57 3.91
CA PHE F 837 37.81 47.31 4.86
C PHE F 837 37.63 48.80 4.62
N GLN F 838 37.72 49.59 5.68
CA GLN F 838 37.63 51.08 5.65
C GLN F 838 38.81 51.67 6.42
N PHE F 839 39.45 52.71 5.88
CA PHE F 839 40.48 53.52 6.60
C PHE F 839 40.42 54.99 6.14
N THR F 840 41.24 55.85 6.76
CA THR F 840 41.37 57.30 6.43
C THR F 840 42.83 57.71 6.23
N VAL F 841 43.09 58.55 5.22
CA VAL F 841 44.41 59.13 4.88
C VAL F 841 44.28 60.65 4.91
N PRO F 842 45.39 61.43 5.00
CA PRO F 842 45.33 62.90 4.97
C PRO F 842 44.85 63.48 3.64
N GLU F 843 44.20 64.65 3.67
CA GLU F 843 43.53 65.30 2.50
C GLU F 843 44.54 65.71 1.41
N GLU F 844 45.85 65.65 1.69
CA GLU F 844 46.93 65.83 0.68
C GLU F 844 46.86 64.76 -0.42
N PHE F 845 46.27 63.59 -0.15
CA PHE F 845 45.95 62.56 -1.18
C PHE F 845 44.69 63.01 -1.93
N GLY F 846 44.87 63.83 -2.98
CA GLY F 846 43.78 64.57 -3.64
C GLY F 846 43.46 64.12 -5.06
N THR F 847 44.22 63.18 -5.63
CA THR F 847 44.05 62.68 -7.01
C THR F 847 43.92 61.15 -6.99
N VAL F 848 43.07 60.57 -7.84
CA VAL F 848 42.85 59.10 -7.95
C VAL F 848 42.97 58.68 -9.41
N GLU F 849 43.59 57.54 -9.64
CA GLU F 849 43.69 56.87 -10.96
C GLU F 849 43.21 55.42 -10.79
N TRP F 850 42.52 54.84 -11.77
CA TRP F 850 42.07 53.43 -11.70
C TRP F 850 41.96 52.81 -13.09
N TYR F 851 42.06 51.47 -13.13
CA TYR F 851 41.78 50.63 -14.33
C TYR F 851 40.58 49.75 -13.96
N GLY F 852 39.43 49.98 -14.61
CA GLY F 852 38.15 49.34 -14.25
C GLY F 852 36.97 49.96 -14.99
N ARG F 853 35.74 49.71 -14.54
CA ARG F 853 34.52 50.32 -15.15
C ARG F 853 34.47 51.80 -14.80
N GLY F 854 34.08 52.64 -15.74
CA GLY F 854 33.94 54.10 -15.52
C GLY F 854 33.32 54.81 -16.72
N PRO F 855 33.38 56.16 -16.79
CA PRO F 855 33.99 56.98 -15.73
C PRO F 855 33.13 57.26 -14.50
N HIS F 856 31.84 56.95 -14.55
CA HIS F 856 30.81 57.26 -13.53
C HIS F 856 30.73 56.11 -12.50
N GLU F 857 30.00 56.30 -11.42
CA GLU F 857 29.75 55.25 -10.39
C GLU F 857 28.93 54.09 -11.00
N THR F 858 29.20 52.85 -10.60
CA THR F 858 28.47 51.61 -10.97
C THR F 858 28.27 50.71 -9.75
N TYR F 859 27.19 49.90 -9.74
CA TYR F 859 26.80 48.98 -8.65
C TYR F 859 26.49 47.61 -9.27
N TRP F 860 26.33 46.58 -8.44
CA TRP F 860 26.21 45.16 -8.84
C TRP F 860 25.04 44.97 -9.84
N ASP F 861 23.90 45.63 -9.63
CA ASP F 861 22.69 45.56 -10.52
C ASP F 861 22.56 46.83 -11.38
N ARG F 862 23.61 47.62 -11.55
CA ARG F 862 23.58 48.80 -12.46
C ARG F 862 25.01 49.11 -12.91
N LYS F 863 25.53 48.33 -13.84
CA LYS F 863 26.92 48.52 -14.32
C LYS F 863 27.14 48.27 -15.83
N GLU F 864 26.12 47.94 -16.63
CA GLU F 864 26.32 47.71 -18.11
C GLU F 864 26.88 48.96 -18.79
N SER F 865 26.52 50.16 -18.34
CA SER F 865 27.00 51.43 -18.92
C SER F 865 28.48 51.71 -18.57
N GLY F 866 29.13 50.93 -17.70
CA GLY F 866 30.55 51.17 -17.35
C GLY F 866 31.52 50.53 -18.33
N LEU F 867 32.23 51.36 -19.12
CA LEU F 867 33.28 50.97 -20.09
C LEU F 867 34.61 50.68 -19.36
N PHE F 868 35.26 49.55 -19.63
CA PHE F 868 36.58 49.19 -19.03
C PHE F 868 37.69 50.04 -19.66
N ALA F 869 38.38 50.86 -18.87
CA ALA F 869 39.50 51.70 -19.39
C ALA F 869 40.32 52.27 -18.22
N ARG F 870 41.32 53.10 -18.54
CA ARG F 870 42.11 53.82 -17.51
C ARG F 870 41.58 55.24 -17.32
N TYR F 871 41.25 55.64 -16.10
CA TYR F 871 40.61 56.94 -15.73
C TYR F 871 41.41 57.69 -14.65
N ARG F 872 41.18 59.00 -14.55
CA ARG F 872 41.87 59.92 -13.61
C ARG F 872 40.91 61.04 -13.17
N LYS F 873 40.75 61.26 -11.87
CA LYS F 873 39.88 62.34 -11.30
C LYS F 873 40.43 62.88 -9.98
N ALA F 874 40.01 64.08 -9.62
CA ALA F 874 40.18 64.68 -8.28
C ALA F 874 39.16 64.04 -7.34
N VAL F 875 39.51 63.88 -6.06
CA VAL F 875 38.69 63.18 -5.04
C VAL F 875 37.29 63.81 -4.92
N GLY F 876 37.20 65.14 -4.98
CA GLY F 876 35.93 65.89 -4.86
C GLY F 876 34.93 65.57 -5.96
N GLU F 877 35.36 65.06 -7.12
CA GLU F 877 34.45 64.72 -8.24
C GLU F 877 34.21 63.20 -8.32
N MET F 878 34.57 62.43 -7.29
CA MET F 878 34.38 60.96 -7.20
C MET F 878 33.10 60.64 -6.40
N MET F 879 32.19 61.60 -6.23
CA MET F 879 30.87 61.37 -5.58
C MET F 879 29.81 62.20 -6.34
N HIS F 880 28.55 61.76 -6.30
CA HIS F 880 27.40 62.51 -6.86
C HIS F 880 26.64 63.16 -5.72
N ARG F 881 26.19 64.40 -5.92
CA ARG F 881 25.40 65.18 -4.92
C ARG F 881 23.90 64.92 -5.09
N TYR F 882 23.41 63.77 -4.60
CA TYR F 882 21.97 63.45 -4.47
C TYR F 882 21.31 64.52 -3.59
N VAL F 883 20.07 64.95 -3.92
CA VAL F 883 19.29 65.99 -3.17
C VAL F 883 19.22 65.59 -1.68
N ARG F 884 18.89 64.34 -1.35
CA ARG F 884 19.11 63.78 0.02
C ARG F 884 20.37 62.89 0.00
N PRO F 885 21.47 63.28 0.68
CA PRO F 885 22.72 62.51 0.68
C PRO F 885 22.54 61.04 1.11
N GLN F 886 23.29 60.16 0.46
CA GLN F 886 23.08 58.70 0.42
C GLN F 886 24.39 58.01 -0.01
N GLU F 887 24.45 56.68 0.06
CA GLU F 887 25.52 55.86 -0.57
C GLU F 887 25.76 56.35 -2.01
N THR F 888 27.02 56.58 -2.37
CA THR F 888 27.44 57.14 -3.67
C THR F 888 28.92 56.80 -3.90
N GLY F 889 29.36 56.82 -5.16
CA GLY F 889 30.80 56.88 -5.53
C GLY F 889 31.46 55.53 -5.78
N ASN F 890 30.75 54.40 -5.68
CA ASN F 890 31.30 53.04 -5.93
C ASN F 890 31.84 52.92 -7.37
N ARG F 891 33.04 52.34 -7.53
CA ARG F 891 33.60 51.88 -8.84
C ARG F 891 33.69 50.35 -8.81
N SER F 892 33.12 49.66 -9.80
CA SER F 892 33.03 48.17 -9.89
C SER F 892 34.10 47.56 -10.82
N ASP F 893 34.43 46.29 -10.57
CA ASP F 893 35.29 45.38 -11.39
C ASP F 893 36.66 46.05 -11.61
N VAL F 894 37.24 46.63 -10.56
CA VAL F 894 38.53 47.37 -10.61
C VAL F 894 39.73 46.39 -10.47
N ARG F 895 40.69 46.49 -11.40
CA ARG F 895 41.96 45.72 -11.38
C ARG F 895 42.94 46.40 -10.39
N TRP F 896 43.05 47.73 -10.43
CA TRP F 896 43.95 48.50 -9.53
C TRP F 896 43.46 49.95 -9.43
N PHE F 897 43.77 50.61 -8.33
CA PHE F 897 43.62 52.08 -8.12
C PHE F 897 44.84 52.60 -7.36
N ALA F 898 45.11 53.91 -7.49
CA ALA F 898 46.22 54.63 -6.82
C ALA F 898 45.78 56.03 -6.40
N LEU F 899 46.01 56.38 -5.14
CA LEU F 899 45.85 57.74 -4.58
C LEU F 899 47.23 58.40 -4.55
N SER F 900 47.33 59.67 -4.97
CA SER F 900 48.62 60.40 -5.09
C SER F 900 48.55 61.71 -4.30
N ASP F 901 49.63 62.06 -3.60
CA ASP F 901 49.81 63.39 -2.95
C ASP F 901 50.89 64.21 -3.70
N GLY F 902 51.16 63.86 -4.96
CA GLY F 902 52.21 64.49 -5.79
C GLY F 902 53.49 63.68 -5.82
N GLU F 903 53.97 63.25 -4.65
CA GLU F 903 55.25 62.50 -4.46
C GLU F 903 54.96 61.01 -4.20
N THR F 904 54.19 60.71 -3.14
CA THR F 904 53.89 59.35 -2.62
C THR F 904 52.58 58.84 -3.24
N LYS F 905 52.56 57.57 -3.67
CA LYS F 905 51.36 56.86 -4.20
C LYS F 905 50.97 55.73 -3.27
N LEU F 906 49.70 55.67 -2.85
CA LEU F 906 49.10 54.47 -2.20
C LEU F 906 48.43 53.65 -3.31
N PHE F 907 49.00 52.48 -3.63
CA PHE F 907 48.56 51.55 -4.71
C PHE F 907 47.84 50.34 -4.10
N VAL F 908 46.68 49.97 -4.65
CA VAL F 908 45.89 48.76 -4.28
C VAL F 908 45.61 47.98 -5.56
N SER F 909 45.83 46.66 -5.58
CA SER F 909 45.50 45.76 -6.70
C SER F 909 44.69 44.56 -6.23
N GLY F 910 43.76 44.11 -7.07
CA GLY F 910 42.81 43.04 -6.75
C GLY F 910 43.42 41.67 -7.03
N MET F 911 42.80 40.63 -6.50
CA MET F 911 43.25 39.23 -6.67
C MET F 911 42.05 38.38 -7.08
N PRO F 912 41.49 38.54 -8.29
CA PRO F 912 41.92 39.53 -9.28
C PRO F 912 41.20 40.89 -9.34
N GLN F 913 40.10 41.11 -8.61
CA GLN F 913 39.40 42.42 -8.66
C GLN F 913 38.84 42.84 -7.31
N ILE F 914 38.59 44.14 -7.17
CA ILE F 914 37.95 44.80 -6.01
C ILE F 914 36.90 45.79 -6.51
N ASP F 915 36.04 46.25 -5.61
CA ASP F 915 35.28 47.53 -5.72
C ASP F 915 35.91 48.54 -4.75
N PHE F 916 35.82 49.83 -5.03
CA PHE F 916 36.36 50.91 -4.15
C PHE F 916 35.51 52.18 -4.25
N SER F 917 35.70 53.06 -3.26
CA SER F 917 35.21 54.46 -3.27
C SER F 917 36.08 55.34 -2.39
N VAL F 918 36.12 56.65 -2.66
CA VAL F 918 36.91 57.67 -1.89
C VAL F 918 35.98 58.87 -1.60
N TRP F 919 35.83 59.27 -0.33
CA TRP F 919 34.94 60.39 0.13
C TRP F 919 35.72 61.42 0.92
N PRO F 920 35.44 62.74 0.77
CA PRO F 920 36.07 63.77 1.61
C PRO F 920 35.38 64.05 2.95
N PHE F 921 34.82 63.03 3.60
CA PHE F 921 34.10 63.08 4.91
C PHE F 921 33.98 61.65 5.45
N SER F 922 33.38 61.45 6.64
CA SER F 922 33.19 60.13 7.29
C SER F 922 31.84 59.50 6.89
N MET F 923 31.72 58.18 7.04
CA MET F 923 30.44 57.43 6.86
C MET F 923 29.37 58.02 7.79
N GLU F 924 29.76 58.40 9.02
CA GLU F 924 28.89 59.03 10.05
C GLU F 924 28.36 60.40 9.57
N ASP F 925 29.21 61.24 8.99
CA ASP F 925 28.80 62.53 8.37
C ASP F 925 27.75 62.28 7.27
N LEU F 926 28.00 61.33 6.35
CA LEU F 926 27.09 61.08 5.18
C LEU F 926 25.72 60.62 5.68
N GLU F 927 25.66 59.81 6.75
CA GLU F 927 24.39 59.25 7.29
C GLU F 927 23.60 60.31 8.06
N ARG F 928 24.26 61.35 8.59
CA ARG F 928 23.65 62.39 9.47
C ARG F 928 22.93 63.47 8.64
N VAL F 929 23.59 64.05 7.64
CA VAL F 929 23.13 65.27 6.94
C VAL F 929 21.99 64.92 5.96
N GLN F 930 20.98 65.78 5.86
CA GLN F 930 19.76 65.56 5.02
C GLN F 930 19.68 66.56 3.86
N HIS F 931 20.68 67.44 3.70
CA HIS F 931 20.80 68.41 2.57
C HIS F 931 22.25 68.52 2.11
N ILE F 932 22.43 68.83 0.83
CA ILE F 932 23.75 68.92 0.13
C ILE F 932 24.61 70.01 0.78
N SER F 933 24.00 71.11 1.22
CA SER F 933 24.67 72.31 1.80
C SER F 933 25.34 71.99 3.15
N GLU F 934 24.84 71.01 3.89
CA GLU F 934 25.28 70.69 5.28
C GLU F 934 26.52 69.78 5.30
N LEU F 935 26.96 69.24 4.14
CA LEU F 935 28.13 68.32 4.04
C LEU F 935 29.38 69.06 4.50
N PRO F 936 29.99 68.68 5.67
CA PRO F 936 31.03 69.48 6.29
C PRO F 936 32.41 69.37 5.61
N GLU F 937 33.34 70.26 5.98
CA GLU F 937 34.75 70.28 5.53
C GLU F 937 35.58 69.39 6.47
N ARG F 938 36.43 68.53 5.91
CA ARG F 938 37.28 67.59 6.69
C ARG F 938 38.72 67.59 6.17
N ASP F 939 39.67 67.25 7.04
CA ASP F 939 41.13 67.22 6.72
C ASP F 939 41.60 65.78 6.43
N PHE F 940 40.70 64.89 6.01
CA PHE F 940 41.01 63.48 5.67
C PHE F 940 40.13 63.00 4.52
N VAL F 941 40.52 61.88 3.92
CA VAL F 941 39.78 61.13 2.86
C VAL F 941 39.45 59.74 3.42
N THR F 942 38.18 59.32 3.36
CA THR F 942 37.75 57.93 3.70
C THR F 942 37.96 57.04 2.47
N VAL F 943 38.62 55.88 2.63
CA VAL F 943 38.88 54.90 1.53
C VAL F 943 38.12 53.61 1.89
N ASN F 944 37.27 53.11 0.99
CA ASN F 944 36.59 51.80 1.07
C ASN F 944 37.18 50.84 0.01
N VAL F 945 37.61 49.64 0.43
CA VAL F 945 38.10 48.54 -0.46
C VAL F 945 37.22 47.33 -0.16
N ASP F 946 36.43 46.86 -1.14
CA ASP F 946 35.31 45.93 -0.94
C ASP F 946 35.43 44.71 -1.85
N PHE F 947 34.98 43.57 -1.32
CA PHE F 947 34.60 42.35 -2.08
C PHE F 947 33.35 42.69 -2.89
N ARG F 948 32.28 43.07 -2.22
CA ARG F 948 31.00 43.42 -2.90
C ARG F 948 30.09 44.19 -1.94
N GLN F 949 29.09 44.84 -2.52
CA GLN F 949 27.99 45.52 -1.82
C GLN F 949 26.69 44.98 -2.44
N MET F 950 25.60 44.91 -1.69
CA MET F 950 24.32 44.43 -2.25
C MET F 950 23.78 45.46 -3.27
N GLY F 951 22.93 44.98 -4.19
CA GLY F 951 22.33 45.84 -5.24
C GLY F 951 21.49 46.99 -4.67
N LEU F 952 21.15 47.94 -5.53
CA LEU F 952 20.31 49.13 -5.23
C LEU F 952 18.83 48.78 -5.25
N GLY F 953 18.41 47.84 -6.10
CA GLY F 953 16.99 47.51 -6.32
C GLY F 953 16.23 48.66 -6.97
N GLY F 954 14.96 48.83 -6.60
CA GLY F 954 14.10 49.94 -7.07
C GLY F 954 12.93 49.51 -7.96
N ASP F 955 12.49 48.24 -7.90
CA ASP F 955 11.20 47.81 -8.52
C ASP F 955 10.09 48.73 -8.00
N ASP F 956 10.10 49.05 -6.69
CA ASP F 956 9.47 50.25 -6.10
C ASP F 956 10.32 50.69 -4.90
N SER F 957 9.90 51.72 -4.17
CA SER F 957 10.62 52.31 -3.02
C SER F 957 9.77 52.31 -1.74
N TRP F 958 8.82 51.37 -1.61
CA TRP F 958 7.96 51.20 -0.40
C TRP F 958 7.78 49.71 -0.08
N GLY F 959 8.84 48.90 -0.20
CA GLY F 959 8.81 47.48 0.21
C GLY F 959 9.68 46.57 -0.64
N ALA F 960 9.84 46.84 -1.94
CA ALA F 960 10.59 45.94 -2.86
C ALA F 960 12.05 45.84 -2.40
N MET F 961 12.65 44.67 -2.58
CA MET F 961 14.07 44.35 -2.28
C MET F 961 14.83 44.27 -3.60
N PRO F 962 16.18 44.26 -3.56
CA PRO F 962 16.98 43.87 -4.71
C PRO F 962 16.66 42.40 -5.05
N HIS F 963 16.84 42.00 -6.30
CA HIS F 963 16.61 40.58 -6.74
C HIS F 963 17.57 39.63 -6.02
N LEU F 964 17.18 38.37 -5.90
CA LEU F 964 17.93 37.31 -5.16
C LEU F 964 19.40 37.25 -5.61
N GLU F 965 19.66 37.41 -6.90
CA GLU F 965 21.03 37.25 -7.43
C GLU F 965 21.91 38.48 -7.12
N TYR F 966 21.41 39.53 -6.46
CA TYR F 966 22.26 40.70 -6.08
C TYR F 966 22.25 40.91 -4.55
N ARG F 967 22.11 39.83 -3.77
CA ARG F 967 22.15 39.87 -2.29
C ARG F 967 23.30 39.00 -1.76
N LEU F 968 23.88 39.39 -0.62
CA LEU F 968 24.93 38.63 0.11
C LEU F 968 24.23 37.83 1.22
N LEU F 969 23.75 36.64 0.90
CA LEU F 969 23.05 35.76 1.88
C LEU F 969 24.09 35.24 2.87
N PRO F 970 23.73 35.01 4.15
CA PRO F 970 24.71 34.66 5.19
C PRO F 970 25.27 33.24 5.03
N LYS F 971 26.42 33.14 4.38
CA LYS F 971 27.29 31.93 4.25
C LYS F 971 28.72 32.40 4.43
N PRO F 972 29.71 31.50 4.57
CA PRO F 972 31.11 31.92 4.64
C PRO F 972 31.63 32.63 3.36
N TYR F 973 32.41 33.70 3.52
CA TYR F 973 33.03 34.51 2.44
C TYR F 973 34.51 34.76 2.73
N ARG F 974 35.33 34.88 1.70
CA ARG F 974 36.74 35.32 1.81
C ARG F 974 37.04 36.36 0.71
N PHE F 975 38.14 37.06 0.85
CA PHE F 975 38.49 38.25 0.05
C PHE F 975 39.93 38.64 0.36
N SER F 976 40.76 38.96 -0.64
CA SER F 976 42.14 39.49 -0.41
C SER F 976 42.51 40.56 -1.44
N PHE F 977 43.47 41.43 -1.10
CA PHE F 977 44.08 42.45 -2.01
C PHE F 977 45.52 42.72 -1.59
N ARG F 978 46.30 43.31 -2.49
CA ARG F 978 47.71 43.73 -2.27
C ARG F 978 47.78 45.26 -2.16
N MET F 979 48.56 45.78 -1.22
CA MET F 979 48.77 47.24 -1.06
C MET F 979 50.28 47.49 -1.06
N ARG F 980 50.72 48.57 -1.70
CA ARG F 980 52.12 49.05 -1.73
C ARG F 980 52.14 50.58 -1.59
N ILE F 981 53.07 51.09 -0.78
CA ILE F 981 53.31 52.56 -0.65
C ILE F 981 54.71 52.86 -1.19
N SER F 982 54.78 53.60 -2.30
CA SER F 982 56.04 53.88 -3.04
C SER F 982 55.94 55.23 -3.76
N GLU F 983 56.93 55.55 -4.61
CA GLU F 983 57.01 56.81 -5.40
C GLU F 983 56.49 56.60 -6.82
N GLU F 984 56.38 55.36 -7.31
CA GLU F 984 55.89 55.02 -8.68
C GLU F 984 54.82 53.93 -8.60
N ILE F 985 53.92 53.89 -9.59
CA ILE F 985 52.85 52.85 -9.77
C ILE F 985 53.52 51.56 -10.25
N PRO F 986 53.56 50.46 -9.47
CA PRO F 986 54.08 49.19 -9.96
C PRO F 986 53.12 48.49 -10.93
N SER F 987 53.51 47.33 -11.45
CA SER F 987 52.68 46.51 -12.38
C SER F 987 51.63 45.74 -11.57
N TRP F 988 50.36 45.96 -11.88
CA TRP F 988 49.24 45.24 -11.23
C TRP F 988 49.33 43.73 -11.47
N ARG F 989 49.99 43.31 -12.55
CA ARG F 989 50.04 41.90 -13.00
C ARG F 989 51.13 41.08 -12.29
N VAL F 990 52.00 41.71 -11.50
CA VAL F 990 53.14 41.07 -10.78
C VAL F 990 52.86 41.02 -9.28
N LEU F 991 52.81 39.82 -8.69
CA LEU F 991 52.62 39.59 -7.24
C LEU F 991 53.78 38.78 -6.66
N ALA F 992 53.92 38.79 -5.33
CA ALA F 992 54.86 37.93 -4.57
C ALA F 992 54.35 36.48 -4.58
N ALA F 993 55.23 35.50 -4.82
CA ALA F 993 54.91 34.06 -4.78
C ALA F 993 54.68 33.58 -3.33
N ILE F 994 53.71 32.68 -3.12
CA ILE F 994 53.38 32.01 -1.82
C ILE F 994 53.04 30.54 -2.09
N PRO F 995 53.18 29.63 -1.10
CA PRO F 995 52.66 28.25 -1.24
C PRO F 995 51.12 28.25 -1.33
N GLU F 996 50.52 27.35 -2.10
CA GLU F 996 49.08 27.41 -2.46
C GLU F 996 48.33 26.11 -2.14
N THR F 997 48.90 25.15 -1.39
CA THR F 997 48.36 23.78 -1.22
C THR F 997 47.87 23.52 0.21
N LEU F 998 46.74 22.82 0.37
CA LEU F 998 46.21 22.33 1.67
C LEU F 998 46.82 20.97 1.99
N HIS F 999 46.92 20.62 3.28
CA HIS F 999 47.28 19.27 3.79
C HIS F 999 45.99 18.53 4.15
N VAL F 1000 45.75 17.36 3.56
CA VAL F 1000 44.47 16.59 3.68
C VAL F 1000 44.75 15.20 4.25
N GLU F 1001 43.82 14.69 5.07
CA GLU F 1001 43.76 13.28 5.55
C GLU F 1001 42.32 12.79 5.47
N MET F 1002 42.10 11.63 4.83
CA MET F 1002 40.80 10.90 4.74
C MET F 1002 40.88 9.68 5.68
N SER F 1003 39.78 9.33 6.32
CA SER F 1003 39.66 8.13 7.21
C SER F 1003 38.23 7.62 7.25
N SER F 1004 38.06 6.32 7.46
CA SER F 1004 36.75 5.64 7.63
C SER F 1004 36.91 4.25 8.24
N GLU F 1005 35.79 3.54 8.40
CA GLU F 1005 35.74 2.09 8.73
C GLU F 1005 36.30 1.30 7.54
N ASP F 1006 37.08 0.24 7.80
CA ASP F 1006 37.59 -0.70 6.77
C ASP F 1006 36.49 -1.66 6.31
N VAL F 1007 35.58 -2.06 7.19
CA VAL F 1007 34.53 -3.07 6.87
C VAL F 1007 33.22 -2.66 7.55
N ILE F 1008 32.09 -2.79 6.82
CA ILE F 1008 30.71 -2.53 7.33
C ILE F 1008 29.80 -3.69 6.90
N ARG F 1009 28.58 -3.72 7.45
CA ARG F 1009 27.52 -4.71 7.12
C ARG F 1009 26.56 -4.10 6.10
N GLU F 1010 25.99 -4.92 5.22
CA GLU F 1010 24.96 -4.48 4.24
C GLU F 1010 23.78 -3.90 5.02
N GLY F 1011 23.31 -2.71 4.62
CA GLY F 1011 22.26 -1.95 5.33
C GLY F 1011 22.82 -0.84 6.21
N ASP F 1012 24.08 -0.96 6.68
CA ASP F 1012 24.75 0.06 7.53
C ASP F 1012 25.23 1.26 6.68
N THR F 1013 25.65 2.34 7.36
CA THR F 1013 26.10 3.63 6.79
C THR F 1013 27.62 3.76 6.96
N LEU F 1014 28.33 4.15 5.90
CA LEU F 1014 29.79 4.44 5.97
C LEU F 1014 29.94 5.92 6.33
N ARG F 1015 30.75 6.23 7.35
CA ARG F 1015 31.13 7.61 7.73
C ARG F 1015 32.55 7.91 7.25
N VAL F 1016 32.70 8.83 6.29
CA VAL F 1016 34.04 9.22 5.77
C VAL F 1016 34.40 10.57 6.38
N LYS F 1017 35.49 10.64 7.14
CA LYS F 1017 35.97 11.88 7.81
C LYS F 1017 37.13 12.47 6.99
N PHE F 1018 37.14 13.79 6.82
CA PHE F 1018 38.22 14.58 6.14
C PHE F 1018 38.68 15.71 7.03
N SER F 1019 39.99 15.83 7.22
CA SER F 1019 40.66 17.00 7.85
C SER F 1019 41.37 17.78 6.75
N LEU F 1020 41.23 19.12 6.75
CA LEU F 1020 41.93 20.04 5.83
C LEU F 1020 42.67 21.07 6.69
N LEU F 1021 43.98 21.18 6.53
CA LEU F 1021 44.82 22.16 7.27
C LEU F 1021 45.37 23.21 6.30
N ASN F 1022 45.12 24.49 6.57
CA ASN F 1022 45.66 25.64 5.79
C ASN F 1022 46.83 26.26 6.57
N ASP F 1023 48.05 26.09 6.09
CA ASP F 1023 49.28 26.68 6.70
C ASP F 1023 49.83 27.81 5.81
N THR F 1024 49.05 28.29 4.85
CA THR F 1024 49.42 29.40 3.91
C THR F 1024 48.94 30.71 4.51
N PRO F 1025 49.40 31.87 4.00
CA PRO F 1025 48.86 33.17 4.45
C PRO F 1025 47.54 33.66 3.82
N LEU F 1026 46.90 32.93 2.90
CA LEU F 1026 45.57 33.33 2.33
C LEU F 1026 44.48 32.31 2.71
N SER F 1027 43.25 32.80 2.93
CA SER F 1027 42.02 31.97 3.05
C SER F 1027 41.85 31.18 1.76
N LYS F 1028 41.38 29.93 1.85
CA LYS F 1028 41.08 29.06 0.70
C LYS F 1028 39.60 28.71 0.67
N GLU F 1029 38.98 28.86 -0.50
CA GLU F 1029 37.65 28.32 -0.84
C GLU F 1029 37.85 27.04 -1.66
N LYS F 1030 37.22 25.93 -1.26
CA LYS F 1030 37.43 24.60 -1.90
C LYS F 1030 36.08 23.87 -2.06
N GLN F 1031 35.84 23.23 -3.21
CA GLN F 1031 34.74 22.24 -3.39
C GLN F 1031 35.32 20.85 -3.09
N VAL F 1032 34.91 20.20 -2.00
CA VAL F 1032 35.35 18.81 -1.66
C VAL F 1032 34.33 17.83 -2.24
N VAL F 1033 34.71 17.07 -3.28
CA VAL F 1033 33.83 16.09 -3.99
C VAL F 1033 34.18 14.66 -3.54
N LEU F 1034 33.16 13.86 -3.15
CA LEU F 1034 33.34 12.42 -2.81
C LEU F 1034 32.85 11.55 -3.98
N PHE F 1035 33.71 10.67 -4.51
CA PHE F 1035 33.38 9.68 -5.57
C PHE F 1035 33.28 8.28 -4.93
N VAL F 1036 32.29 7.51 -5.38
CA VAL F 1036 32.04 6.08 -5.00
C VAL F 1036 32.00 5.31 -6.31
N ASP F 1037 32.98 4.41 -6.53
CA ASP F 1037 33.09 3.56 -7.74
C ASP F 1037 33.13 4.41 -9.00
N GLY F 1038 33.83 5.55 -8.96
CA GLY F 1038 34.06 6.43 -10.13
C GLY F 1038 32.96 7.46 -10.35
N ASN F 1039 31.79 7.34 -9.68
CA ASN F 1039 30.63 8.24 -9.89
C ASN F 1039 30.56 9.29 -8.77
N GLU F 1040 30.27 10.55 -9.13
CA GLU F 1040 30.12 11.68 -8.16
C GLU F 1040 29.00 11.30 -7.19
N TYR F 1041 29.23 11.36 -5.89
CA TYR F 1041 28.25 10.97 -4.86
C TYR F 1041 27.77 12.19 -4.03
N SER F 1042 28.68 13.07 -3.61
CA SER F 1042 28.35 14.23 -2.74
C SER F 1042 29.42 15.32 -2.89
N VAL F 1043 29.08 16.56 -2.51
CA VAL F 1043 30.01 17.72 -2.57
C VAL F 1043 29.72 18.67 -1.41
N ARG F 1044 30.78 19.23 -0.80
CA ARG F 1044 30.71 20.28 0.25
C ARG F 1044 31.59 21.47 -0.15
N ARG F 1045 31.06 22.69 -0.04
CA ARG F 1045 31.84 23.95 -0.16
C ARG F 1045 32.47 24.28 1.21
N VAL F 1046 33.77 24.56 1.28
CA VAL F 1046 34.45 24.94 2.56
C VAL F 1046 35.26 26.22 2.35
N VAL F 1047 35.27 27.12 3.34
CA VAL F 1047 36.19 28.29 3.46
C VAL F 1047 37.10 28.04 4.66
N ILE F 1048 38.42 27.95 4.45
CA ILE F 1048 39.42 27.62 5.51
C ILE F 1048 40.31 28.83 5.71
N PRO F 1049 40.13 29.57 6.83
CA PRO F 1049 41.01 30.70 7.14
C PRO F 1049 42.45 30.25 7.35
N PRO F 1050 43.44 31.15 7.23
CA PRO F 1050 44.84 30.82 7.49
C PRO F 1050 45.05 30.26 8.90
N PHE F 1051 46.00 29.33 9.04
CA PHE F 1051 46.42 28.73 10.34
C PHE F 1051 45.23 28.04 11.01
N LYS F 1052 44.36 27.38 10.23
CA LYS F 1052 43.15 26.71 10.77
C LYS F 1052 42.99 25.31 10.15
N LYS F 1053 42.36 24.40 10.90
CA LYS F 1053 41.97 23.04 10.46
C LYS F 1053 40.44 22.94 10.46
N GLU F 1054 39.86 22.46 9.36
CA GLU F 1054 38.41 22.15 9.25
C GLU F 1054 38.23 20.63 9.16
N GLU F 1055 37.16 20.11 9.76
CA GLU F 1055 36.78 18.68 9.74
C GLU F 1055 35.41 18.54 9.08
N LEU F 1056 35.28 17.61 8.13
CA LEU F 1056 34.00 17.25 7.45
C LEU F 1056 33.71 15.78 7.72
N VAL F 1057 32.42 15.41 7.72
CA VAL F 1057 31.95 14.01 7.69
C VAL F 1057 30.97 13.89 6.53
N PHE F 1058 31.17 12.89 5.65
CA PHE F 1058 30.18 12.46 4.64
C PHE F 1058 29.57 11.12 5.10
N LYS F 1059 28.26 10.96 4.95
CA LYS F 1059 27.51 9.71 5.20
C LYS F 1059 27.21 9.07 3.84
N VAL F 1060 27.67 7.84 3.63
CA VAL F 1060 27.45 7.08 2.36
C VAL F 1060 26.47 5.94 2.65
N GLU F 1061 25.34 5.91 1.94
CA GLU F 1061 24.22 4.94 2.08
C GLU F 1061 24.15 4.04 0.82
N GLY F 1062 23.59 2.83 0.98
CA GLY F 1062 23.16 1.97 -0.14
C GLY F 1062 24.25 1.11 -0.75
N LEU F 1063 25.38 0.92 -0.05
CA LEU F 1063 26.51 0.08 -0.55
C LEU F 1063 26.13 -1.40 -0.38
N LYS F 1064 26.11 -2.16 -1.47
CA LYS F 1064 25.79 -3.61 -1.51
C LYS F 1064 27.08 -4.42 -1.27
N LYS F 1065 26.93 -5.73 -1.03
CA LYS F 1065 28.04 -6.69 -0.71
C LYS F 1065 29.16 -6.56 -1.74
N GLY F 1066 30.41 -6.64 -1.28
CA GLY F 1066 31.61 -6.61 -2.13
C GLY F 1066 32.61 -5.56 -1.68
N GLU F 1067 33.51 -5.15 -2.58
CA GLU F 1067 34.56 -4.12 -2.33
C GLU F 1067 34.25 -2.89 -3.20
N HIS F 1068 34.52 -1.71 -2.68
CA HIS F 1068 34.16 -0.40 -3.30
C HIS F 1068 35.33 0.58 -3.15
N LEU F 1069 35.64 1.33 -4.21
CA LEU F 1069 36.63 2.43 -4.18
C LEU F 1069 35.93 3.72 -3.72
N ILE F 1070 36.48 4.38 -2.71
CA ILE F 1070 36.10 5.74 -2.22
C ILE F 1070 37.28 6.67 -2.57
N HIS F 1071 37.06 7.76 -3.30
CA HIS F 1071 38.14 8.73 -3.60
C HIS F 1071 37.59 10.15 -3.68
N THR F 1072 38.48 11.13 -3.63
CA THR F 1072 38.16 12.59 -3.74
C THR F 1072 38.95 13.27 -4.85
N ASN F 1073 38.58 14.51 -5.15
CA ASN F 1073 39.32 15.47 -6.03
C ASN F 1073 40.59 16.02 -5.34
N LEU F 1074 40.91 15.63 -4.10
CA LEU F 1074 42.13 16.09 -3.34
C LEU F 1074 43.15 14.95 -3.17
N ASN F 1075 43.16 13.94 -4.05
CA ASN F 1075 44.23 12.91 -4.11
C ASN F 1075 44.22 12.00 -2.85
N THR F 1076 43.04 11.59 -2.37
CA THR F 1076 42.88 10.56 -1.29
C THR F 1076 42.04 9.41 -1.86
N ARG F 1077 42.41 8.16 -1.56
CA ARG F 1077 41.79 6.94 -2.15
C ARG F 1077 41.82 5.81 -1.13
N LYS F 1078 40.76 5.01 -1.04
CA LYS F 1078 40.65 3.88 -0.08
C LYS F 1078 39.73 2.80 -0.66
N THR F 1079 40.05 1.52 -0.45
CA THR F 1079 39.11 0.38 -0.65
C THR F 1079 38.33 0.14 0.64
N ILE F 1080 37.02 -0.09 0.54
CA ILE F 1080 36.08 -0.42 1.66
C ILE F 1080 35.43 -1.79 1.36
N TYR F 1081 35.24 -2.65 2.37
CA TYR F 1081 34.65 -4.01 2.20
C TYR F 1081 33.27 -4.03 2.86
N VAL F 1082 32.25 -4.44 2.13
CA VAL F 1082 30.86 -4.57 2.65
C VAL F 1082 30.61 -6.07 2.89
N ARG F 1083 30.67 -6.51 4.15
CA ARG F 1083 30.31 -7.90 4.60
C ARG F 1083 28.84 -8.16 4.29
N PRO G 1 -67.50 38.68 26.68
CA PRO G 1 -66.94 38.26 25.38
C PRO G 1 -67.95 38.30 24.22
N TYR G 2 -67.54 38.86 23.07
CA TYR G 2 -68.35 38.95 21.84
C TYR G 2 -68.35 37.59 21.14
N GLU G 3 -69.51 37.15 20.64
CA GLU G 3 -69.71 35.85 19.94
C GLU G 3 -68.83 35.76 18.69
N TRP G 4 -68.48 36.90 18.10
CA TRP G 4 -67.59 37.01 16.90
C TRP G 4 -66.12 37.11 17.30
N GLU G 5 -65.77 36.84 18.56
CA GLU G 5 -64.36 36.70 19.02
C GLU G 5 -64.18 35.40 19.81
N ASN G 6 -65.11 34.44 19.70
CA ASN G 6 -65.10 33.22 20.54
C ASN G 6 -65.03 31.97 19.65
N PRO G 7 -63.83 31.36 19.45
CA PRO G 7 -63.71 30.19 18.57
C PRO G 7 -64.51 28.95 19.00
N GLN G 8 -64.94 28.86 20.27
CA GLN G 8 -65.64 27.67 20.81
C GLN G 8 -67.14 27.72 20.50
N LEU G 9 -67.66 28.87 20.05
CA LEU G 9 -69.08 29.03 19.60
C LEU G 9 -69.11 29.11 18.08
N VAL G 10 -69.53 28.03 17.42
CA VAL G 10 -69.48 27.86 15.94
C VAL G 10 -70.78 28.37 15.31
N SER G 11 -71.90 28.30 16.03
CA SER G 11 -73.23 28.81 15.60
C SER G 11 -74.22 28.78 16.77
N GLU G 12 -75.44 29.28 16.54
CA GLU G 12 -76.56 29.22 17.52
C GLU G 12 -77.89 29.34 16.76
N GLY G 13 -78.85 28.48 17.10
CA GLY G 13 -80.23 28.51 16.55
C GLY G 13 -80.36 27.87 15.19
N THR G 14 -79.31 27.20 14.66
CA THR G 14 -79.31 26.59 13.30
C THR G 14 -79.74 25.12 13.37
N GLU G 15 -80.33 24.62 12.27
CA GLU G 15 -80.67 23.19 12.08
C GLU G 15 -79.39 22.37 11.84
N LYS G 16 -79.46 21.05 11.97
CA LYS G 16 -78.36 20.10 11.67
C LYS G 16 -78.16 20.04 10.14
N SER G 17 -76.91 19.86 9.71
CA SER G 17 -76.50 19.67 8.28
C SER G 17 -77.30 18.53 7.65
N HIS G 18 -77.63 18.64 6.37
CA HIS G 18 -78.19 17.53 5.55
C HIS G 18 -77.76 17.71 4.10
N ALA G 19 -78.06 16.72 3.26
CA ALA G 19 -77.75 16.72 1.82
C ALA G 19 -78.60 17.76 1.10
N SER G 20 -78.07 18.36 0.03
CA SER G 20 -78.77 19.35 -0.83
C SER G 20 -79.96 18.68 -1.52
N PHE G 21 -81.16 19.27 -1.45
CA PHE G 21 -82.33 18.89 -2.29
C PHE G 21 -82.83 20.06 -3.16
N ILE G 22 -82.44 21.30 -2.86
CA ILE G 22 -82.92 22.53 -3.55
C ILE G 22 -81.71 23.35 -3.95
N PRO G 23 -81.55 23.79 -5.23
CA PRO G 23 -82.39 23.36 -6.34
C PRO G 23 -82.03 21.93 -6.79
N TYR G 24 -82.87 21.31 -7.63
CA TYR G 24 -82.68 19.97 -8.20
C TYR G 24 -82.44 20.07 -9.71
N LEU G 25 -81.38 19.46 -10.24
CA LEU G 25 -81.11 19.38 -11.71
C LEU G 25 -81.71 18.10 -12.25
N ASP G 26 -82.64 18.22 -13.19
CA ASP G 26 -83.26 17.09 -13.91
C ASP G 26 -82.30 16.62 -14.99
N PRO G 27 -81.75 15.38 -14.92
CA PRO G 27 -80.78 14.92 -15.92
C PRO G 27 -81.35 14.57 -17.29
N PHE G 28 -82.67 14.51 -17.45
CA PHE G 28 -83.36 14.19 -18.74
C PHE G 28 -83.56 15.46 -19.57
N SER G 29 -83.88 16.58 -18.93
CA SER G 29 -84.17 17.90 -19.57
C SER G 29 -83.01 18.89 -19.40
N GLY G 30 -82.22 18.77 -18.32
CA GLY G 30 -81.16 19.72 -17.95
C GLY G 30 -81.71 21.00 -17.34
N GLU G 31 -82.92 20.96 -16.78
CA GLU G 31 -83.63 22.14 -16.21
C GLU G 31 -83.62 22.07 -14.69
N TRP G 32 -83.47 23.23 -14.03
CA TRP G 32 -83.52 23.39 -12.56
C TRP G 32 -84.98 23.35 -12.09
N GLU G 33 -85.25 22.72 -10.95
CA GLU G 33 -86.61 22.50 -10.38
C GLU G 33 -86.63 22.89 -8.90
N TYR G 34 -87.71 23.54 -8.47
CA TYR G 34 -87.91 24.07 -7.09
C TYR G 34 -89.15 23.43 -6.49
N PRO G 35 -89.29 23.40 -5.14
CA PRO G 35 -90.51 22.90 -4.51
C PRO G 35 -91.71 23.81 -4.78
N GLU G 36 -92.92 23.30 -4.56
CA GLU G 36 -94.20 24.04 -4.73
C GLU G 36 -94.28 25.17 -3.69
N GLU G 37 -94.01 24.87 -2.42
CA GLU G 37 -94.01 25.85 -1.30
C GLU G 37 -92.62 26.46 -1.18
N PHE G 38 -92.32 27.46 -2.02
CA PHE G 38 -90.97 28.10 -2.15
C PHE G 38 -91.15 29.60 -2.40
N ILE G 39 -90.45 30.44 -1.62
CA ILE G 39 -90.38 31.92 -1.79
C ILE G 39 -88.91 32.34 -1.88
N SER G 40 -88.47 32.84 -3.04
CA SER G 40 -87.14 33.47 -3.26
C SER G 40 -87.07 34.81 -2.52
N LEU G 41 -85.97 35.05 -1.81
CA LEU G 41 -85.65 36.33 -1.15
C LEU G 41 -84.50 37.02 -1.91
N ASN G 42 -84.18 36.59 -3.13
CA ASN G 42 -83.24 37.31 -4.03
C ASN G 42 -83.94 38.59 -4.52
N GLY G 43 -83.17 39.65 -4.78
CA GLY G 43 -83.67 40.95 -5.25
C GLY G 43 -83.17 42.09 -4.38
N ASN G 44 -83.96 43.16 -4.23
CA ASN G 44 -83.57 44.39 -3.50
C ASN G 44 -83.90 44.25 -2.01
N TRP G 45 -82.93 44.61 -1.17
CA TRP G 45 -83.05 44.80 0.30
C TRP G 45 -82.60 46.22 0.61
N ARG G 46 -83.17 46.84 1.65
CA ARG G 46 -82.66 48.11 2.22
C ARG G 46 -81.34 47.81 2.92
N PHE G 47 -80.32 48.64 2.70
CA PHE G 47 -78.92 48.39 3.13
C PHE G 47 -78.34 49.63 3.80
N LEU G 48 -77.50 49.41 4.82
CA LEU G 48 -76.77 50.45 5.59
C LEU G 48 -75.34 49.97 5.83
N PHE G 49 -74.34 50.74 5.39
CA PHE G 49 -72.89 50.46 5.53
C PHE G 49 -72.31 51.29 6.67
N ALA G 50 -71.55 50.65 7.57
CA ALA G 50 -70.87 51.26 8.73
C ALA G 50 -69.42 50.78 8.79
N LYS G 51 -68.53 51.60 9.35
CA LYS G 51 -67.05 51.38 9.40
C LYS G 51 -66.71 50.30 10.44
N ASN G 52 -67.59 50.09 11.42
CA ASN G 52 -67.43 49.03 12.46
C ASN G 52 -68.79 48.74 13.07
N PRO G 53 -68.95 47.70 13.92
CA PRO G 53 -70.26 47.34 14.46
C PRO G 53 -70.85 48.37 15.45
N PHE G 54 -70.02 49.24 16.03
CA PHE G 54 -70.40 50.22 17.10
C PHE G 54 -70.90 51.55 16.49
N GLU G 55 -70.72 51.76 15.18
CA GLU G 55 -71.20 52.97 14.46
C GLU G 55 -72.54 52.67 13.75
N VAL G 56 -73.25 51.62 14.19
CA VAL G 56 -74.60 51.25 13.67
C VAL G 56 -75.64 52.02 14.49
N PRO G 57 -76.73 52.54 13.88
CA PRO G 57 -77.80 53.19 14.65
C PRO G 57 -78.52 52.19 15.57
N GLU G 58 -78.84 52.62 16.80
CA GLU G 58 -79.43 51.75 17.86
C GLU G 58 -80.87 51.41 17.48
N ASP G 59 -81.30 50.17 17.77
CA ASP G 59 -82.67 49.64 17.55
C ASP G 59 -82.93 49.41 16.05
N PHE G 60 -81.88 49.15 15.25
CA PHE G 60 -81.96 48.98 13.77
C PHE G 60 -82.82 47.76 13.40
N PHE G 61 -83.00 46.81 14.33
CA PHE G 61 -83.62 45.47 14.11
C PHE G 61 -85.12 45.46 14.44
N SER G 62 -85.67 46.55 15.00
CA SER G 62 -87.09 46.65 15.43
C SER G 62 -88.00 46.98 14.24
N GLU G 63 -89.29 46.62 14.35
CA GLU G 63 -90.31 46.83 13.29
C GLU G 63 -90.61 48.33 13.16
N LYS G 64 -90.63 49.05 14.29
CA LYS G 64 -90.96 50.50 14.38
C LYS G 64 -89.89 51.36 13.69
N PHE G 65 -88.62 50.94 13.69
CA PHE G 65 -87.46 51.67 13.12
C PHE G 65 -87.77 52.09 11.67
N ASP G 66 -87.34 53.30 11.29
CA ASP G 66 -87.56 53.91 9.94
C ASP G 66 -86.28 53.79 9.11
N ASP G 67 -86.38 53.11 7.95
CA ASP G 67 -85.24 52.81 7.04
C ASP G 67 -85.53 53.38 5.65
N SER G 68 -86.47 54.33 5.53
CA SER G 68 -86.97 54.87 4.23
C SER G 68 -85.90 55.75 3.55
N ASN G 69 -84.84 56.14 4.27
CA ASN G 69 -83.69 56.93 3.73
C ASN G 69 -82.47 56.03 3.47
N TRP G 70 -82.55 54.72 3.71
CA TRP G 70 -81.47 53.73 3.44
C TRP G 70 -81.31 53.52 1.93
N ASP G 71 -80.09 53.22 1.48
CA ASP G 71 -79.78 52.77 0.09
C ASP G 71 -80.35 51.37 -0.13
N GLU G 72 -80.59 50.98 -1.39
CA GLU G 72 -81.05 49.63 -1.81
C GLU G 72 -79.87 48.86 -2.44
N ILE G 73 -79.61 47.63 -1.97
CA ILE G 73 -78.58 46.70 -2.54
C ILE G 73 -79.28 45.45 -3.08
N GLU G 74 -78.76 44.90 -4.18
CA GLU G 74 -79.25 43.64 -4.80
C GLU G 74 -78.58 42.44 -4.13
N VAL G 75 -79.36 41.43 -3.76
CA VAL G 75 -78.89 40.12 -3.20
C VAL G 75 -79.09 39.08 -4.28
N PRO G 76 -78.12 38.17 -4.56
CA PRO G 76 -76.82 38.13 -3.87
C PRO G 76 -75.72 39.04 -4.45
N SER G 77 -74.78 39.48 -3.62
CA SER G 77 -73.62 40.28 -4.07
C SER G 77 -72.55 40.36 -2.98
N ASN G 78 -71.33 40.74 -3.37
CA ASN G 78 -70.27 41.26 -2.48
C ASN G 78 -70.37 42.78 -2.56
N TRP G 79 -70.34 43.50 -1.43
CA TRP G 79 -70.64 44.95 -1.39
C TRP G 79 -69.42 45.76 -1.84
N GLU G 80 -68.20 45.19 -1.81
CA GLU G 80 -66.98 45.81 -2.39
C GLU G 80 -67.14 45.98 -3.91
N MET G 81 -67.95 45.12 -4.57
CA MET G 81 -68.23 45.18 -6.02
C MET G 81 -69.47 46.04 -6.31
N LYS G 82 -70.10 46.63 -5.29
CA LYS G 82 -71.28 47.55 -5.44
C LYS G 82 -70.94 48.99 -5.02
N GLY G 83 -69.75 49.27 -4.50
CA GLY G 83 -69.26 50.63 -4.21
C GLY G 83 -68.81 50.86 -2.77
N TYR G 84 -69.16 50.00 -1.83
CA TYR G 84 -68.92 50.19 -0.38
C TYR G 84 -67.59 49.56 0.02
N GLY G 85 -66.80 50.25 0.83
CA GLY G 85 -65.47 49.78 1.26
C GLY G 85 -64.56 49.53 0.07
N LYS G 86 -63.45 48.83 0.29
CA LYS G 86 -62.43 48.53 -0.77
C LYS G 86 -62.02 47.07 -0.71
N PRO G 87 -61.77 46.41 -1.86
CA PRO G 87 -61.26 45.04 -1.86
C PRO G 87 -59.77 45.05 -1.44
N ILE G 88 -59.37 44.06 -0.64
CA ILE G 88 -57.99 43.90 -0.12
C ILE G 88 -57.46 42.56 -0.62
N TYR G 89 -56.25 42.54 -1.19
CA TYR G 89 -55.54 41.29 -1.58
C TYR G 89 -54.27 41.15 -0.72
N THR G 90 -54.19 40.04 0.02
CA THR G 90 -52.99 39.61 0.78
C THR G 90 -52.79 38.11 0.51
N ASN G 91 -51.54 37.68 0.40
CA ASN G 91 -51.18 36.26 0.14
C ASN G 91 -51.30 35.49 1.45
N VAL G 92 -50.36 35.69 2.37
CA VAL G 92 -50.23 34.93 3.66
C VAL G 92 -50.59 35.84 4.85
N VAL G 93 -50.15 37.10 4.86
CA VAL G 93 -50.35 38.05 5.99
C VAL G 93 -51.84 38.34 6.12
N TYR G 94 -52.34 38.42 7.35
CA TYR G 94 -53.73 38.86 7.67
C TYR G 94 -53.84 40.36 7.41
N PRO G 95 -54.99 40.87 6.95
CA PRO G 95 -55.16 42.31 6.70
C PRO G 95 -55.41 43.16 7.96
N PHE G 96 -55.39 42.52 9.14
CA PHE G 96 -55.39 43.14 10.49
C PHE G 96 -54.21 42.55 11.28
N GLU G 97 -53.99 42.99 12.51
CA GLU G 97 -52.84 42.55 13.35
C GLU G 97 -53.12 41.14 13.88
N PRO G 98 -52.24 40.14 13.64
CA PRO G 98 -52.51 38.75 14.03
C PRO G 98 -52.36 38.53 15.54
N ASN G 99 -53.46 38.15 16.19
CA ASN G 99 -53.54 37.92 17.66
C ASN G 99 -54.81 37.13 17.94
N PRO G 100 -54.84 35.81 17.62
CA PRO G 100 -56.09 35.05 17.70
C PRO G 100 -56.59 34.93 19.15
N PRO G 101 -57.91 34.96 19.42
CA PRO G 101 -58.96 35.12 18.41
C PRO G 101 -59.49 36.54 18.15
N PHE G 102 -58.68 37.59 18.34
CA PHE G 102 -59.13 39.00 18.43
C PHE G 102 -59.10 39.66 17.05
N VAL G 103 -60.18 40.39 16.72
CA VAL G 103 -60.32 41.19 15.48
C VAL G 103 -60.48 42.66 15.86
N PRO G 104 -60.09 43.62 14.98
CA PRO G 104 -60.18 45.04 15.31
C PRO G 104 -61.63 45.52 15.55
N LYS G 105 -61.76 46.51 16.45
CA LYS G 105 -63.05 47.17 16.82
C LYS G 105 -63.18 48.50 16.06
N ASP G 106 -62.06 49.11 15.65
CA ASP G 106 -62.01 50.43 14.96
C ASP G 106 -62.37 50.27 13.48
N ASP G 107 -61.67 49.38 12.75
CA ASP G 107 -61.87 49.11 11.30
C ASP G 107 -62.34 47.67 11.13
N ASN G 108 -63.66 47.47 11.02
CA ASN G 108 -64.30 46.16 10.78
C ASN G 108 -65.58 46.40 9.98
N PRO G 109 -65.46 46.53 8.64
CA PRO G 109 -66.61 46.82 7.79
C PRO G 109 -67.86 46.00 8.13
N THR G 110 -68.99 46.67 8.21
CA THR G 110 -70.27 46.11 8.74
C THR G 110 -71.38 46.49 7.77
N GLY G 111 -72.33 45.58 7.57
CA GLY G 111 -73.49 45.77 6.69
C GLY G 111 -74.75 45.33 7.40
N VAL G 112 -75.83 46.10 7.28
CA VAL G 112 -77.17 45.75 7.84
C VAL G 112 -78.16 45.72 6.67
N TYR G 113 -78.85 44.60 6.49
CA TYR G 113 -79.87 44.36 5.42
C TYR G 113 -81.25 44.26 6.10
N ARG G 114 -82.28 44.87 5.52
CA ARG G 114 -83.70 44.80 6.00
C ARG G 114 -84.63 44.51 4.82
N ARG G 115 -85.64 43.66 5.03
CA ARG G 115 -86.64 43.31 3.99
C ARG G 115 -87.93 42.83 4.66
N TRP G 116 -89.08 43.16 4.05
CA TRP G 116 -90.45 42.73 4.46
C TRP G 116 -90.94 41.66 3.48
N ILE G 117 -91.54 40.57 3.99
CA ILE G 117 -91.97 39.39 3.18
C ILE G 117 -93.38 38.98 3.60
N GLU G 118 -94.16 38.43 2.64
CA GLU G 118 -95.59 38.06 2.79
C GLU G 118 -95.74 36.53 2.81
N ILE G 119 -95.95 35.94 3.99
CA ILE G 119 -96.17 34.47 4.18
C ILE G 119 -97.66 34.19 3.98
N PRO G 120 -98.06 33.32 3.03
CA PRO G 120 -99.45 32.85 2.93
C PRO G 120 -99.96 32.11 4.18
N GLU G 121 -101.28 32.04 4.36
CA GLU G 121 -101.95 31.50 5.57
C GLU G 121 -101.78 29.97 5.63
N ASP G 122 -101.89 29.29 4.49
CA ASP G 122 -101.90 27.79 4.39
C ASP G 122 -100.51 27.21 4.74
N TRP G 123 -99.46 28.03 4.86
CA TRP G 123 -98.10 27.60 5.26
C TRP G 123 -98.04 27.22 6.75
N PHE G 124 -98.99 27.65 7.58
CA PHE G 124 -98.90 27.54 9.07
C PHE G 124 -99.47 26.21 9.58
N LYS G 125 -99.99 25.35 8.69
CA LYS G 125 -100.27 23.92 8.98
C LYS G 125 -99.06 23.05 8.61
N LYS G 126 -97.86 23.65 8.50
CA LYS G 126 -96.60 23.00 8.05
C LYS G 126 -95.44 23.57 8.88
N GLU G 127 -94.21 23.15 8.61
CA GLU G 127 -92.98 23.69 9.26
C GLU G 127 -92.22 24.57 8.24
N ILE G 128 -91.77 25.76 8.67
CA ILE G 128 -91.20 26.83 7.79
C ILE G 128 -89.72 27.03 8.14
N PHE G 129 -88.84 27.04 7.11
CA PHE G 129 -87.37 27.21 7.25
C PHE G 129 -86.88 28.38 6.40
N LEU G 130 -85.92 29.15 6.92
CA LEU G 130 -85.16 30.21 6.21
C LEU G 130 -83.74 29.68 5.91
N HIS G 131 -83.35 29.63 4.63
CA HIS G 131 -82.06 29.04 4.15
C HIS G 131 -81.13 30.10 3.56
N PHE G 132 -79.94 30.30 4.15
CA PHE G 132 -78.81 31.11 3.61
C PHE G 132 -77.76 30.17 2.99
N GLU G 133 -77.58 30.22 1.67
CA GLU G 133 -76.59 29.38 0.95
C GLU G 133 -75.15 29.80 1.28
N GLY G 134 -74.89 31.08 1.62
CA GLY G 134 -73.54 31.53 2.03
C GLY G 134 -73.47 33.03 2.36
N VAL G 135 -72.73 33.37 3.43
CA VAL G 135 -72.55 34.76 3.97
C VAL G 135 -71.12 34.87 4.51
N ARG G 136 -70.40 35.94 4.17
CA ARG G 136 -68.99 36.11 4.58
C ARG G 136 -68.89 37.35 5.47
N SER G 137 -68.26 37.30 6.66
CA SER G 137 -67.75 36.10 7.31
C SER G 137 -68.61 35.65 8.51
N PHE G 138 -69.47 36.52 9.04
CA PHE G 138 -70.26 36.28 10.29
C PHE G 138 -71.55 37.09 10.20
N PHE G 139 -72.67 36.57 10.71
CA PHE G 139 -73.94 37.34 10.74
C PHE G 139 -74.82 36.98 11.94
N TYR G 140 -75.61 37.96 12.39
CA TYR G 140 -76.76 37.87 13.34
C TYR G 140 -78.07 37.94 12.57
N LEU G 141 -79.09 37.16 12.97
CA LEU G 141 -80.44 37.17 12.36
C LEU G 141 -81.46 37.66 13.40
N TRP G 142 -82.36 38.56 12.97
CA TRP G 142 -83.57 39.01 13.72
C TRP G 142 -84.80 38.77 12.84
N VAL G 143 -85.86 38.19 13.39
CA VAL G 143 -87.19 38.02 12.73
C VAL G 143 -88.25 38.71 13.59
N ASN G 144 -89.03 39.61 12.98
CA ASN G 144 -90.11 40.42 13.64
C ASN G 144 -89.60 40.95 14.99
N GLY G 145 -88.41 41.55 15.02
CA GLY G 145 -87.82 42.21 16.20
C GLY G 145 -87.04 41.28 17.11
N LYS G 146 -87.24 39.96 17.04
CA LYS G 146 -86.64 38.95 17.98
C LYS G 146 -85.36 38.36 17.39
N LYS G 147 -84.35 38.14 18.25
CA LYS G 147 -83.06 37.45 17.94
C LYS G 147 -83.30 35.93 17.82
N ILE G 148 -82.89 35.31 16.71
CA ILE G 148 -82.98 33.84 16.46
C ILE G 148 -81.61 33.19 16.72
N GLY G 149 -80.52 33.77 16.19
CA GLY G 149 -79.15 33.29 16.43
C GLY G 149 -78.16 33.82 15.40
N PHE G 150 -77.04 33.09 15.21
CA PHE G 150 -75.88 33.52 14.38
C PHE G 150 -75.19 32.31 13.71
N SER G 151 -74.23 32.56 12.80
CA SER G 151 -73.46 31.52 12.06
C SER G 151 -72.10 32.07 11.58
N LYS G 152 -71.12 31.19 11.32
CA LYS G 152 -69.68 31.57 11.21
C LYS G 152 -68.90 31.07 9.97
N ASP G 153 -69.26 29.98 9.26
CA ASP G 153 -68.44 29.45 8.12
C ASP G 153 -68.99 29.99 6.79
N SER G 154 -68.15 30.70 6.02
CA SER G 154 -68.58 31.53 4.88
C SER G 154 -69.12 30.71 3.70
N CYS G 155 -68.78 29.42 3.57
CA CYS G 155 -68.91 28.68 2.29
C CYS G 155 -69.91 27.53 2.39
N THR G 156 -70.54 27.30 3.56
CA THR G 156 -71.56 26.24 3.78
C THR G 156 -72.84 26.88 4.31
N PRO G 157 -74.02 26.26 4.10
CA PRO G 157 -75.29 26.93 4.37
C PRO G 157 -75.64 27.06 5.86
N ALA G 158 -76.64 27.90 6.16
CA ALA G 158 -77.22 28.13 7.51
C ALA G 158 -78.74 28.17 7.37
N GLU G 159 -79.42 27.27 8.08
CA GLU G 159 -80.88 27.06 8.01
C GLU G 159 -81.47 27.25 9.42
N PHE G 160 -82.63 27.90 9.51
CA PHE G 160 -83.30 28.27 10.79
C PHE G 160 -84.79 27.91 10.70
N ARG G 161 -85.30 27.15 11.67
CA ARG G 161 -86.75 26.84 11.79
C ARG G 161 -87.46 28.06 12.41
N LEU G 162 -88.46 28.62 11.74
CA LEU G 162 -89.09 29.93 12.08
C LEU G 162 -90.60 29.79 12.32
N THR G 163 -91.17 28.57 12.37
CA THR G 163 -92.64 28.34 12.37
C THR G 163 -93.33 29.08 13.53
N ASP G 164 -92.65 29.23 14.68
CA ASP G 164 -93.21 29.87 15.92
C ASP G 164 -93.20 31.39 15.80
N VAL G 165 -92.06 32.01 15.47
CA VAL G 165 -91.82 33.49 15.56
C VAL G 165 -92.42 34.22 14.35
N LEU G 166 -92.94 33.52 13.35
CA LEU G 166 -93.50 34.09 12.10
C LEU G 166 -95.02 34.14 12.23
N ARG G 167 -95.68 35.02 11.47
CA ARG G 167 -97.16 35.23 11.50
C ARG G 167 -97.68 35.35 10.06
N PRO G 168 -98.97 35.04 9.79
CA PRO G 168 -99.55 35.25 8.46
C PRO G 168 -99.50 36.74 8.05
N GLY G 169 -99.42 37.01 6.75
CA GLY G 169 -99.27 38.36 6.19
C GLY G 169 -97.83 38.81 6.18
N LYS G 170 -97.56 40.04 6.61
CA LYS G 170 -96.27 40.76 6.42
C LYS G 170 -95.35 40.52 7.62
N ASN G 171 -94.11 40.09 7.37
CA ASN G 171 -93.06 39.84 8.40
C ASN G 171 -91.77 40.58 8.02
N LEU G 172 -90.95 40.93 9.01
CA LEU G 172 -89.64 41.59 8.82
C LEU G 172 -88.51 40.57 9.03
N ILE G 173 -87.52 40.57 8.13
CA ILE G 173 -86.20 39.87 8.27
C ILE G 173 -85.12 40.95 8.35
N THR G 174 -84.22 40.85 9.33
CA THR G 174 -83.04 41.76 9.50
C THR G 174 -81.78 40.92 9.75
N VAL G 175 -80.70 41.24 9.04
CA VAL G 175 -79.39 40.54 9.08
C VAL G 175 -78.30 41.59 9.29
N GLU G 176 -77.40 41.39 10.24
CA GLU G 176 -76.17 42.20 10.41
C GLU G 176 -74.94 41.35 10.06
N VAL G 177 -74.16 41.74 9.05
CA VAL G 177 -72.98 40.99 8.52
C VAL G 177 -71.70 41.72 8.93
N LEU G 178 -70.74 41.00 9.53
CA LEU G 178 -69.38 41.50 9.87
C LEU G 178 -68.35 40.90 8.89
N LYS G 179 -67.38 41.70 8.42
CA LYS G 179 -66.35 41.24 7.44
C LYS G 179 -65.38 40.30 8.15
N TRP G 180 -64.82 40.74 9.28
CA TRP G 180 -63.82 39.98 10.06
C TRP G 180 -64.42 39.45 11.37
N SER G 181 -64.04 38.21 11.73
CA SER G 181 -64.44 37.47 12.94
C SER G 181 -63.28 36.55 13.32
N ASP G 182 -63.44 35.75 14.39
CA ASP G 182 -62.49 34.67 14.75
C ASP G 182 -62.45 33.63 13.62
N GLY G 183 -63.57 33.39 12.94
CA GLY G 183 -63.67 32.57 11.71
C GLY G 183 -62.62 32.94 10.66
N SER G 184 -62.28 34.23 10.52
CA SER G 184 -61.32 34.78 9.53
C SER G 184 -59.92 34.17 9.70
N TYR G 185 -59.56 33.69 10.88
CA TYR G 185 -58.23 33.05 11.14
C TYR G 185 -58.11 31.70 10.38
N LEU G 186 -59.21 31.05 10.01
CA LEU G 186 -59.25 29.80 9.17
C LEU G 186 -59.68 30.10 7.72
N GLU G 187 -59.65 31.35 7.27
CA GLU G 187 -60.07 31.74 5.89
C GLU G 187 -58.98 32.64 5.28
N ASP G 188 -57.72 32.29 5.52
CA ASP G 188 -56.52 33.01 5.02
C ASP G 188 -56.05 32.43 3.69
N GLN G 189 -56.95 32.24 2.72
CA GLN G 189 -56.59 31.74 1.36
C GLN G 189 -55.91 32.87 0.59
N ASP G 190 -55.00 32.54 -0.31
CA ASP G 190 -54.32 33.51 -1.23
C ASP G 190 -55.37 34.00 -2.23
N MET G 191 -56.15 35.02 -1.84
CA MET G 191 -57.29 35.54 -2.65
C MET G 191 -57.75 36.89 -2.10
N TRP G 192 -58.68 37.53 -2.79
CA TRP G 192 -59.30 38.84 -2.41
C TRP G 192 -60.18 38.65 -1.16
N TRP G 193 -60.03 39.51 -0.14
CA TRP G 193 -60.96 39.58 1.03
C TRP G 193 -62.20 40.41 0.64
N PHE G 194 -63.36 39.75 0.50
CA PHE G 194 -64.69 40.37 0.21
C PHE G 194 -65.63 40.14 1.42
N ALA G 195 -66.89 40.56 1.32
CA ALA G 195 -67.92 40.41 2.39
C ALA G 195 -69.33 40.59 1.82
N GLY G 196 -70.34 40.02 2.49
CA GLY G 196 -71.77 40.24 2.21
C GLY G 196 -72.56 38.96 2.03
N ILE G 197 -73.86 39.08 1.74
CA ILE G 197 -74.75 37.92 1.39
C ILE G 197 -74.56 37.62 -0.11
N TYR G 198 -73.61 36.74 -0.45
CA TYR G 198 -73.04 36.57 -1.82
C TYR G 198 -73.63 35.33 -2.52
N ARG G 199 -74.51 34.57 -1.86
CA ARG G 199 -75.25 33.41 -2.44
C ARG G 199 -76.73 33.54 -2.04
N ASP G 200 -77.60 32.80 -2.73
CA ASP G 200 -79.08 32.90 -2.67
C ASP G 200 -79.63 32.76 -1.25
N VAL G 201 -80.82 33.32 -1.03
CA VAL G 201 -81.63 33.24 0.23
C VAL G 201 -83.05 32.85 -0.17
N TYR G 202 -83.70 31.95 0.57
CA TYR G 202 -85.09 31.51 0.28
C TYR G 202 -85.79 30.96 1.53
N LEU G 203 -87.13 30.91 1.46
CA LEU G 203 -88.06 30.28 2.44
C LEU G 203 -88.73 29.09 1.77
N TYR G 204 -88.87 27.97 2.47
CA TYR G 204 -89.66 26.79 2.00
C TYR G 204 -90.41 26.20 3.19
N ALA G 205 -91.36 25.30 2.93
CA ALA G 205 -92.24 24.68 3.95
C ALA G 205 -92.33 23.17 3.72
N LEU G 206 -92.19 22.38 4.79
CA LEU G 206 -92.32 20.89 4.76
C LEU G 206 -93.47 20.47 5.67
N PRO G 207 -94.11 19.31 5.40
CA PRO G 207 -95.07 18.72 6.34
C PRO G 207 -94.48 18.51 7.74
N LYS G 208 -95.35 18.33 8.74
CA LYS G 208 -94.97 18.15 10.17
C LYS G 208 -94.10 16.90 10.31
N PHE G 209 -94.44 15.83 9.57
CA PHE G 209 -93.67 14.56 9.46
C PHE G 209 -93.03 14.50 8.06
N HIS G 210 -91.70 14.60 7.99
CA HIS G 210 -90.93 14.78 6.72
C HIS G 210 -89.63 13.97 6.74
N ILE G 211 -89.06 13.75 5.56
CA ILE G 211 -87.68 13.20 5.35
C ILE G 211 -86.70 14.34 5.60
N ARG G 212 -85.86 14.23 6.64
CA ARG G 212 -84.82 15.24 6.96
C ARG G 212 -83.59 15.01 6.06
N ASP G 213 -83.15 13.76 5.83
CA ASP G 213 -81.86 13.44 5.16
C ASP G 213 -81.91 12.11 4.41
N VAL G 214 -81.08 11.97 3.36
CA VAL G 214 -80.93 10.74 2.51
C VAL G 214 -79.44 10.53 2.26
N PHE G 215 -78.93 9.31 2.48
CA PHE G 215 -77.58 8.86 2.08
C PHE G 215 -77.71 7.66 1.13
N VAL G 216 -77.41 7.85 -0.15
CA VAL G 216 -77.40 6.77 -1.18
C VAL G 216 -75.94 6.45 -1.54
N ARG G 217 -75.54 5.18 -1.35
CA ARG G 217 -74.20 4.62 -1.70
C ARG G 217 -74.38 3.42 -2.63
N THR G 218 -73.41 3.14 -3.50
CA THR G 218 -73.42 1.96 -4.39
C THR G 218 -72.19 1.09 -4.11
N ASP G 219 -72.31 -0.22 -4.37
CA ASP G 219 -71.19 -1.17 -4.49
C ASP G 219 -71.29 -1.89 -5.84
N LEU G 220 -70.17 -2.37 -6.37
CA LEU G 220 -70.07 -3.21 -7.59
C LEU G 220 -69.34 -4.51 -7.23
N ASP G 221 -69.66 -5.62 -7.90
CA ASP G 221 -69.05 -6.96 -7.67
C ASP G 221 -67.60 -6.97 -8.17
N GLU G 222 -66.90 -8.10 -8.02
CA GLU G 222 -65.45 -8.24 -8.35
C GLU G 222 -65.21 -8.21 -9.88
N ASN G 223 -66.26 -8.35 -10.71
CA ASN G 223 -66.17 -8.21 -12.18
C ASN G 223 -66.64 -6.82 -12.63
N TYR G 224 -66.99 -5.92 -11.69
CA TYR G 224 -67.55 -4.57 -11.99
C TYR G 224 -68.76 -4.72 -12.92
N ARG G 225 -69.59 -5.75 -12.68
CA ARG G 225 -70.75 -6.12 -13.54
C ARG G 225 -72.06 -5.76 -12.82
N ASN G 226 -72.43 -6.49 -11.78
CA ASN G 226 -73.69 -6.27 -11.02
C ASN G 226 -73.44 -5.29 -9.87
N GLY G 227 -74.50 -4.62 -9.44
CA GLY G 227 -74.45 -3.53 -8.44
C GLY G 227 -75.35 -3.82 -7.24
N LYS G 228 -75.11 -3.07 -6.15
CA LYS G 228 -75.98 -3.02 -4.95
C LYS G 228 -76.23 -1.56 -4.62
N ILE G 229 -77.42 -1.23 -4.14
CA ILE G 229 -77.76 0.12 -3.62
C ILE G 229 -77.92 -0.02 -2.12
N PHE G 230 -77.26 0.84 -1.33
CA PHE G 230 -77.42 0.94 0.14
C PHE G 230 -78.01 2.31 0.47
N LEU G 231 -79.25 2.34 0.97
CA LEU G 231 -80.07 3.57 1.17
C LEU G 231 -80.36 3.74 2.66
N ASP G 232 -79.96 4.87 3.25
CA ASP G 232 -80.35 5.35 4.61
C ASP G 232 -81.33 6.53 4.48
N VAL G 233 -82.53 6.42 5.06
CA VAL G 233 -83.57 7.48 5.04
C VAL G 233 -83.86 7.91 6.48
N GLU G 234 -83.51 9.15 6.85
CA GLU G 234 -83.78 9.74 8.19
C GLU G 234 -85.09 10.53 8.16
N MET G 235 -86.02 10.19 9.07
CA MET G 235 -87.36 10.83 9.19
C MET G 235 -87.41 11.64 10.48
N ARG G 236 -88.19 12.72 10.48
CA ARG G 236 -88.32 13.67 11.62
C ARG G 236 -89.80 14.00 11.82
N ASN G 237 -90.28 13.94 13.06
CA ASN G 237 -91.69 14.21 13.44
C ASN G 237 -91.74 15.46 14.32
N LEU G 238 -92.56 16.44 13.93
CA LEU G 238 -92.83 17.70 14.68
C LEU G 238 -94.34 17.84 14.91
N GLY G 239 -94.95 16.90 15.63
CA GLY G 239 -96.32 16.99 16.15
C GLY G 239 -97.37 16.26 15.32
N GLU G 240 -96.97 15.43 14.36
CA GLU G 240 -97.92 14.57 13.58
C GLU G 240 -98.28 13.35 14.43
N GLU G 241 -99.48 12.78 14.21
CA GLU G 241 -100.06 11.64 14.98
C GLU G 241 -100.48 10.50 14.05
N GLU G 242 -101.11 10.80 12.91
CA GLU G 242 -101.59 9.83 11.89
C GLU G 242 -100.39 9.18 11.17
N GLU G 243 -100.59 7.97 10.63
CA GLU G 243 -99.58 7.18 9.86
C GLU G 243 -99.60 7.60 8.38
N LYS G 244 -98.43 7.72 7.76
CA LYS G 244 -98.24 8.14 6.35
C LYS G 244 -97.64 6.99 5.53
N ASP G 245 -97.74 7.07 4.20
CA ASP G 245 -97.23 6.06 3.24
C ASP G 245 -95.87 6.54 2.68
N LEU G 246 -94.85 5.67 2.72
CA LEU G 246 -93.49 5.90 2.16
C LEU G 246 -93.37 5.10 0.85
N GLU G 247 -93.05 5.78 -0.26
CA GLU G 247 -92.76 5.15 -1.58
C GLU G 247 -91.37 5.59 -2.05
N VAL G 248 -90.56 4.64 -2.54
CA VAL G 248 -89.22 4.90 -3.16
C VAL G 248 -89.22 4.26 -4.55
N THR G 249 -88.98 5.06 -5.58
CA THR G 249 -88.98 4.67 -7.03
C THR G 249 -87.58 4.92 -7.62
N LEU G 250 -87.07 3.96 -8.40
CA LEU G 250 -85.79 4.07 -9.15
C LEU G 250 -86.10 4.34 -10.63
N ILE G 251 -85.57 5.42 -11.20
CA ILE G 251 -85.69 5.75 -12.65
C ILE G 251 -84.32 5.54 -13.31
N THR G 252 -84.27 4.76 -14.39
CA THR G 252 -83.02 4.38 -15.10
C THR G 252 -82.62 5.50 -16.05
N PRO G 253 -81.36 5.53 -16.53
CA PRO G 253 -80.94 6.49 -17.56
C PRO G 253 -81.77 6.45 -18.84
N ASP G 254 -82.30 5.27 -19.20
CA ASP G 254 -83.22 5.06 -20.35
C ASP G 254 -84.56 5.75 -20.07
N GLY G 255 -85.08 5.65 -18.85
CA GLY G 255 -86.34 6.28 -18.41
C GLY G 255 -87.34 5.31 -17.80
N ASP G 256 -87.02 4.01 -17.74
CA ASP G 256 -87.86 2.95 -17.10
C ASP G 256 -87.92 3.20 -15.59
N GLU G 257 -89.06 2.86 -14.96
CA GLU G 257 -89.32 3.04 -13.51
C GLU G 257 -89.52 1.69 -12.83
N LYS G 258 -89.17 1.61 -11.55
CA LYS G 258 -89.36 0.42 -10.67
C LYS G 258 -89.58 0.89 -9.23
N THR G 259 -90.59 0.34 -8.55
CA THR G 259 -90.87 0.56 -7.11
C THR G 259 -89.93 -0.34 -6.30
N LEU G 260 -89.10 0.25 -5.44
CA LEU G 260 -88.13 -0.47 -4.56
C LEU G 260 -88.79 -0.69 -3.20
N VAL G 261 -89.49 0.32 -2.69
CA VAL G 261 -90.14 0.34 -1.35
C VAL G 261 -91.55 0.93 -1.50
N LYS G 262 -92.54 0.31 -0.84
CA LYS G 262 -93.89 0.87 -0.62
C LYS G 262 -94.47 0.29 0.68
N GLU G 263 -94.47 1.10 1.75
CA GLU G 263 -94.86 0.66 3.12
C GLU G 263 -95.52 1.84 3.86
N THR G 264 -96.19 1.54 4.98
CA THR G 264 -96.81 2.51 5.91
C THR G 264 -95.91 2.63 7.15
N VAL G 265 -95.68 3.85 7.62
CA VAL G 265 -94.73 4.20 8.72
C VAL G 265 -95.47 5.07 9.73
N LYS G 266 -95.40 4.69 11.02
CA LYS G 266 -95.96 5.49 12.15
C LYS G 266 -95.05 6.70 12.37
N PRO G 267 -95.61 7.88 12.70
CA PRO G 267 -94.81 9.10 12.84
C PRO G 267 -93.89 9.06 14.06
N GLU G 268 -92.57 9.12 13.81
CA GLU G 268 -91.50 9.03 14.84
C GLU G 268 -90.16 9.45 14.22
N ASP G 269 -89.18 9.80 15.06
CA ASP G 269 -87.79 10.11 14.65
C ASP G 269 -87.00 8.79 14.56
N ARG G 270 -86.68 8.35 13.33
CA ARG G 270 -86.00 7.04 13.06
C ARG G 270 -85.21 7.11 11.75
N VAL G 271 -84.14 6.30 11.66
CA VAL G 271 -83.36 6.05 10.39
C VAL G 271 -83.75 4.67 9.87
N LEU G 272 -84.37 4.60 8.70
CA LEU G 272 -84.68 3.35 7.96
C LEU G 272 -83.53 3.04 6.99
N SER G 273 -83.09 1.79 6.93
CA SER G 273 -81.99 1.32 6.05
C SER G 273 -82.47 0.20 5.15
N PHE G 274 -82.12 0.25 3.87
CA PHE G 274 -82.49 -0.74 2.82
C PHE G 274 -81.25 -1.12 2.00
N ALA G 275 -81.24 -2.33 1.45
CA ALA G 275 -80.22 -2.82 0.49
C ALA G 275 -80.93 -3.54 -0.67
N PHE G 276 -80.66 -3.12 -1.91
CA PHE G 276 -81.26 -3.67 -3.15
C PHE G 276 -80.14 -4.13 -4.10
N ASP G 277 -80.45 -5.12 -4.94
CA ASP G 277 -79.56 -5.62 -6.02
C ASP G 277 -80.07 -5.05 -7.35
N VAL G 278 -79.13 -4.70 -8.26
CA VAL G 278 -79.41 -4.24 -9.65
C VAL G 278 -78.49 -5.01 -10.61
N LYS G 279 -79.03 -5.53 -11.72
CA LYS G 279 -78.27 -6.32 -12.72
C LYS G 279 -77.73 -5.39 -13.82
N ASP G 280 -76.44 -5.53 -14.14
CA ASP G 280 -75.74 -4.83 -15.25
C ASP G 280 -76.17 -3.36 -15.33
N PRO G 281 -75.98 -2.56 -14.26
CA PRO G 281 -76.27 -1.13 -14.34
C PRO G 281 -75.25 -0.41 -15.25
N LYS G 282 -75.68 0.69 -15.85
CA LYS G 282 -74.80 1.63 -16.60
C LYS G 282 -73.95 2.40 -15.57
N LYS G 283 -72.63 2.34 -15.71
CA LYS G 283 -71.66 2.90 -14.74
C LYS G 283 -71.38 4.38 -15.06
N TRP G 284 -71.21 5.21 -14.04
CA TRP G 284 -70.90 6.65 -14.20
C TRP G 284 -69.37 6.76 -14.36
N SER G 285 -68.90 7.54 -15.35
CA SER G 285 -67.50 8.05 -15.43
C SER G 285 -67.51 9.46 -16.01
N ALA G 286 -66.36 10.15 -15.98
CA ALA G 286 -66.17 11.47 -16.63
C ALA G 286 -66.38 11.34 -18.15
N GLU G 287 -65.96 10.23 -18.75
CA GLU G 287 -66.17 9.92 -20.21
C GLU G 287 -67.65 9.62 -20.52
N THR G 288 -68.41 9.02 -19.59
CA THR G 288 -69.79 8.49 -19.80
C THR G 288 -70.64 8.73 -18.55
N PRO G 289 -71.13 9.97 -18.31
CA PRO G 289 -71.83 10.28 -17.06
C PRO G 289 -73.31 9.85 -16.96
N HIS G 290 -73.59 8.55 -16.94
CA HIS G 290 -74.95 7.95 -16.76
C HIS G 290 -75.44 8.14 -15.32
N LEU G 291 -76.58 8.82 -15.12
CA LEU G 291 -77.18 9.11 -13.79
C LEU G 291 -78.50 8.36 -13.65
N TYR G 292 -78.69 7.67 -12.52
CA TYR G 292 -79.99 7.11 -12.06
C TYR G 292 -80.67 8.16 -11.15
N VAL G 293 -81.99 8.09 -10.99
CA VAL G 293 -82.77 8.99 -10.08
C VAL G 293 -83.51 8.14 -9.02
N LEU G 294 -83.35 8.48 -7.72
CA LEU G 294 -84.26 8.03 -6.63
C LEU G 294 -85.31 9.11 -6.37
N LYS G 295 -86.59 8.74 -6.50
CA LYS G 295 -87.78 9.55 -6.13
C LYS G 295 -88.30 9.06 -4.76
N LEU G 296 -88.31 9.91 -3.73
CA LEU G 296 -88.77 9.58 -2.36
C LEU G 296 -90.01 10.42 -2.00
N LYS G 297 -91.08 9.79 -1.50
CA LYS G 297 -92.36 10.46 -1.16
C LYS G 297 -92.91 9.92 0.18
N LEU G 298 -93.02 10.77 1.20
CA LEU G 298 -93.61 10.46 2.53
C LEU G 298 -94.80 11.40 2.77
N GLY G 299 -96.02 10.88 2.63
CA GLY G 299 -97.25 11.71 2.63
C GLY G 299 -97.27 12.65 1.43
N GLU G 300 -97.17 13.96 1.67
CA GLU G 300 -97.14 15.01 0.62
C GLU G 300 -95.72 15.58 0.45
N ASP G 301 -94.74 15.08 1.22
CA ASP G 301 -93.31 15.47 1.10
C ASP G 301 -92.67 14.68 -0.04
N GLU G 302 -92.11 15.37 -1.05
CA GLU G 302 -91.46 14.76 -2.24
C GLU G 302 -90.04 15.32 -2.40
N LYS G 303 -89.06 14.44 -2.63
CA LYS G 303 -87.63 14.77 -2.87
C LYS G 303 -87.07 13.86 -3.97
N LYS G 304 -86.00 14.30 -4.65
CA LYS G 304 -85.29 13.51 -5.69
C LYS G 304 -83.78 13.62 -5.49
N VAL G 305 -83.04 12.54 -5.73
CA VAL G 305 -81.56 12.51 -5.67
C VAL G 305 -81.02 11.78 -6.91
N ASN G 306 -80.07 12.41 -7.61
CA ASN G 306 -79.27 11.80 -8.71
C ASN G 306 -78.09 11.05 -8.09
N PHE G 307 -77.79 9.86 -8.60
CA PHE G 307 -76.63 9.05 -8.15
C PHE G 307 -76.13 8.22 -9.35
N GLY G 308 -74.91 7.72 -9.24
CA GLY G 308 -74.28 6.85 -10.25
C GLY G 308 -73.62 5.65 -9.61
N PHE G 309 -73.50 4.56 -10.37
CA PHE G 309 -72.72 3.37 -9.97
C PHE G 309 -71.26 3.62 -10.37
N ARG G 310 -70.39 3.76 -9.37
CA ARG G 310 -68.93 3.92 -9.59
C ARG G 310 -68.19 3.55 -8.30
N LYS G 311 -66.96 3.06 -8.43
CA LYS G 311 -66.13 2.57 -7.29
C LYS G 311 -64.69 3.08 -7.43
N ILE G 312 -64.17 3.76 -6.41
CA ILE G 312 -62.77 4.25 -6.31
C ILE G 312 -62.07 3.33 -5.30
N GLU G 313 -60.86 2.85 -5.61
CA GLU G 313 -60.11 1.94 -4.69
C GLU G 313 -58.59 2.02 -4.96
N ILE G 314 -57.80 1.62 -3.98
CA ILE G 314 -56.32 1.47 -4.07
C ILE G 314 -55.99 -0.04 -4.06
N LYS G 315 -55.36 -0.56 -5.12
CA LYS G 315 -54.85 -1.96 -5.17
C LYS G 315 -53.33 -1.94 -5.39
N ASP G 316 -52.55 -2.33 -4.37
CA ASP G 316 -51.06 -2.40 -4.41
C ASP G 316 -50.46 -1.03 -4.82
N GLY G 317 -50.95 0.06 -4.21
CA GLY G 317 -50.45 1.44 -4.46
C GLY G 317 -50.98 2.07 -5.75
N THR G 318 -51.79 1.37 -6.53
CA THR G 318 -52.37 1.88 -7.80
C THR G 318 -53.81 2.36 -7.56
N LEU G 319 -54.18 3.53 -8.10
CA LEU G 319 -55.53 4.15 -8.01
C LEU G 319 -56.41 3.55 -9.12
N LEU G 320 -57.56 2.97 -8.78
CA LEU G 320 -58.48 2.30 -9.76
C LEU G 320 -59.86 2.96 -9.73
N PHE G 321 -60.47 3.14 -10.90
CA PHE G 321 -61.82 3.71 -11.08
C PHE G 321 -62.61 2.74 -11.96
N ASN G 322 -63.68 2.17 -11.41
CA ASN G 322 -64.45 1.04 -12.00
C ASN G 322 -63.52 -0.08 -12.50
N GLY G 323 -62.46 -0.40 -11.76
CA GLY G 323 -61.48 -1.45 -12.10
C GLY G 323 -60.32 -1.03 -13.04
N LYS G 324 -60.20 0.22 -13.51
CA LYS G 324 -59.13 0.68 -14.47
C LYS G 324 -58.19 1.69 -13.82
N PRO G 325 -56.88 1.71 -14.14
CA PRO G 325 -55.96 2.72 -13.62
C PRO G 325 -56.37 4.14 -14.06
N LEU G 326 -56.47 5.05 -13.10
CA LEU G 326 -57.00 6.41 -13.32
C LEU G 326 -55.82 7.39 -13.28
N TYR G 327 -55.67 8.22 -14.31
CA TYR G 327 -54.74 9.38 -14.31
C TYR G 327 -55.55 10.68 -14.12
N ILE G 328 -55.20 11.44 -13.08
CA ILE G 328 -55.81 12.76 -12.76
C ILE G 328 -55.17 13.81 -13.68
N LYS G 329 -55.91 14.32 -14.66
CA LYS G 329 -55.45 15.43 -15.57
C LYS G 329 -56.22 16.68 -15.16
N GLY G 330 -55.76 17.36 -14.10
CA GLY G 330 -56.60 18.31 -13.34
C GLY G 330 -56.18 19.77 -13.46
N VAL G 331 -57.02 20.63 -12.90
CA VAL G 331 -56.72 22.06 -12.61
C VAL G 331 -57.36 22.50 -11.27
N ASN G 332 -56.72 23.43 -10.56
CA ASN G 332 -57.30 24.15 -9.39
C ASN G 332 -58.15 25.31 -9.94
N ARG G 333 -59.39 25.48 -9.47
CA ARG G 333 -60.28 26.58 -9.87
C ARG G 333 -60.84 27.36 -8.65
N HIS G 334 -60.61 28.68 -8.60
CA HIS G 334 -61.30 29.64 -7.67
C HIS G 334 -62.66 30.05 -8.25
N GLU G 335 -63.70 30.11 -7.42
CA GLU G 335 -65.08 30.55 -7.79
C GLU G 335 -65.08 32.09 -7.89
N PHE G 336 -64.62 32.67 -9.02
CA PHE G 336 -64.29 34.12 -9.17
C PHE G 336 -64.82 34.68 -10.49
N ASP G 337 -65.33 35.91 -10.45
CA ASP G 337 -65.82 36.66 -11.64
C ASP G 337 -65.31 38.10 -11.58
N PRO G 338 -64.79 38.69 -12.68
CA PRO G 338 -64.17 40.01 -12.64
C PRO G 338 -65.13 41.17 -12.37
N ASP G 339 -66.44 40.97 -12.54
CA ASP G 339 -67.51 41.99 -12.29
C ASP G 339 -68.24 41.73 -10.96
N ARG G 340 -68.46 40.47 -10.56
CA ARG G 340 -69.35 40.09 -9.43
C ARG G 340 -68.58 39.50 -8.24
N GLY G 341 -67.25 39.33 -8.32
CA GLY G 341 -66.44 38.69 -7.26
C GLY G 341 -66.87 37.24 -7.05
N HIS G 342 -67.12 36.83 -5.80
CA HIS G 342 -67.50 35.42 -5.45
C HIS G 342 -68.93 35.08 -5.86
N ALA G 343 -69.74 36.05 -6.27
CA ALA G 343 -71.18 35.82 -6.59
C ALA G 343 -71.33 35.38 -8.06
N VAL G 344 -70.85 34.18 -8.38
CA VAL G 344 -70.77 33.64 -9.77
C VAL G 344 -72.11 33.04 -10.16
N THR G 345 -72.51 33.21 -11.43
CA THR G 345 -73.79 32.74 -12.01
C THR G 345 -73.63 31.37 -12.67
N VAL G 346 -74.74 30.71 -12.94
CA VAL G 346 -74.81 29.38 -13.61
C VAL G 346 -74.25 29.47 -15.04
N GLU G 347 -74.50 30.58 -15.74
CA GLU G 347 -74.10 30.78 -17.16
C GLU G 347 -72.56 30.74 -17.25
N ARG G 348 -71.90 31.40 -16.31
CA ARG G 348 -70.42 31.41 -16.18
C ARG G 348 -69.91 30.02 -15.77
N MET G 349 -70.61 29.30 -14.90
CA MET G 349 -70.21 27.95 -14.45
C MET G 349 -70.21 27.01 -15.65
N ILE G 350 -71.20 27.12 -16.54
CA ILE G 350 -71.33 26.24 -17.73
C ILE G 350 -70.21 26.54 -18.74
N GLN G 351 -69.86 27.81 -18.90
CA GLN G 351 -68.75 28.29 -19.77
C GLN G 351 -67.43 27.66 -19.29
N ASP G 352 -67.16 27.65 -17.98
CA ASP G 352 -65.93 27.10 -17.37
C ASP G 352 -65.83 25.60 -17.71
N ILE G 353 -66.89 24.84 -17.51
CA ILE G 353 -66.90 23.36 -17.67
C ILE G 353 -66.66 22.97 -19.13
N LYS G 354 -67.38 23.58 -20.08
CA LYS G 354 -67.23 23.28 -21.54
C LYS G 354 -65.81 23.60 -22.01
N LEU G 355 -65.25 24.73 -21.58
CA LEU G 355 -63.84 25.11 -21.88
C LEU G 355 -62.88 24.07 -21.31
N MET G 356 -63.11 23.60 -20.08
CA MET G 356 -62.24 22.59 -19.43
C MET G 356 -62.23 21.30 -20.26
N LYS G 357 -63.41 20.79 -20.63
CA LYS G 357 -63.55 19.52 -21.40
C LYS G 357 -62.99 19.66 -22.81
N GLN G 358 -63.12 20.83 -23.44
CA GLN G 358 -62.55 21.10 -24.80
C GLN G 358 -61.01 21.15 -24.75
N HIS G 359 -60.38 21.22 -23.58
CA HIS G 359 -58.91 21.23 -23.44
C HIS G 359 -58.41 19.99 -22.71
N ASN G 360 -59.18 18.89 -22.76
CA ASN G 360 -58.79 17.54 -22.27
C ASN G 360 -58.58 17.52 -20.73
N ILE G 361 -59.14 18.46 -19.96
CA ILE G 361 -59.12 18.39 -18.46
C ILE G 361 -60.23 17.42 -17.99
N ASN G 362 -59.92 16.48 -17.08
CA ASN G 362 -60.92 15.50 -16.54
C ASN G 362 -61.26 15.73 -15.04
N THR G 363 -60.56 16.62 -14.33
CA THR G 363 -60.70 16.77 -12.84
C THR G 363 -60.55 18.25 -12.42
N VAL G 364 -61.32 18.65 -11.42
CA VAL G 364 -61.20 20.01 -10.81
CA VAL G 364 -61.20 20.01 -10.81
C VAL G 364 -61.08 19.88 -9.28
N ARG G 365 -60.14 20.61 -8.68
CA ARG G 365 -60.01 20.81 -7.22
C ARG G 365 -60.68 22.15 -6.85
N THR G 366 -61.64 22.15 -5.90
CA THR G 366 -62.35 23.37 -5.43
C THR G 366 -61.47 24.12 -4.42
N SER G 367 -60.44 24.82 -4.89
CA SER G 367 -59.41 25.51 -4.07
C SER G 367 -59.96 26.83 -3.54
N HIS G 368 -60.00 27.05 -2.21
CA HIS G 368 -59.84 26.05 -1.15
C HIS G 368 -61.05 26.08 -0.22
N TYR G 369 -62.26 25.88 -0.75
CA TYR G 369 -63.51 25.93 0.05
C TYR G 369 -64.61 25.28 -0.78
N PRO G 370 -65.72 24.82 -0.17
CA PRO G 370 -66.85 24.31 -0.93
C PRO G 370 -67.48 25.39 -1.82
N ASN G 371 -67.84 25.02 -3.05
CA ASN G 371 -68.47 25.89 -4.07
C ASN G 371 -70.00 25.85 -3.89
N GLN G 372 -70.77 26.59 -4.69
CA GLN G 372 -72.25 26.50 -4.70
C GLN G 372 -72.67 25.07 -5.05
N THR G 373 -73.87 24.64 -4.65
CA THR G 373 -74.34 23.24 -4.81
C THR G 373 -74.50 22.91 -6.29
N LYS G 374 -74.84 23.91 -7.11
CA LYS G 374 -75.09 23.75 -8.56
C LYS G 374 -73.81 23.38 -9.33
N TRP G 375 -72.63 23.74 -8.82
CA TRP G 375 -71.33 23.35 -9.41
C TRP G 375 -71.20 21.81 -9.44
N TYR G 376 -71.55 21.13 -8.36
CA TYR G 376 -71.35 19.67 -8.21
C TYR G 376 -72.38 18.93 -9.05
N ASP G 377 -73.61 19.47 -9.15
CA ASP G 377 -74.68 18.95 -10.03
C ASP G 377 -74.22 18.99 -11.51
N LEU G 378 -73.58 20.07 -11.95
CA LEU G 378 -73.12 20.22 -13.36
C LEU G 378 -71.93 19.26 -13.65
N CYS G 379 -71.03 19.05 -12.68
CA CYS G 379 -69.92 18.04 -12.78
C CYS G 379 -70.49 16.62 -12.87
N ASP G 380 -71.62 16.31 -12.21
CA ASP G 380 -72.33 15.01 -12.34
C ASP G 380 -72.92 14.85 -13.76
N TYR G 381 -73.46 15.92 -14.33
CA TYR G 381 -74.22 15.91 -15.61
C TYR G 381 -73.26 15.94 -16.82
N PHE G 382 -72.25 16.81 -16.83
CA PHE G 382 -71.30 16.94 -17.97
C PHE G 382 -70.18 15.89 -17.90
N GLY G 383 -69.73 15.50 -16.69
CA GLY G 383 -68.69 14.49 -16.47
C GLY G 383 -67.32 15.10 -16.19
N LEU G 384 -67.09 15.54 -14.96
CA LEU G 384 -65.75 15.85 -14.39
C LEU G 384 -65.62 15.15 -13.04
N TYR G 385 -64.45 14.61 -12.71
CA TYR G 385 -64.03 14.20 -11.34
C TYR G 385 -63.79 15.43 -10.46
N VAL G 386 -64.18 15.37 -9.18
CA VAL G 386 -64.05 16.52 -8.22
C VAL G 386 -63.27 16.10 -6.97
N ILE G 387 -62.35 16.95 -6.53
CA ILE G 387 -61.72 16.95 -5.18
C ILE G 387 -62.37 18.11 -4.38
N ASP G 388 -63.31 17.80 -3.48
CA ASP G 388 -64.08 18.75 -2.61
C ASP G 388 -63.27 19.05 -1.34
N GLU G 389 -62.99 20.33 -1.06
CA GLU G 389 -62.04 20.77 0.00
C GLU G 389 -62.79 21.63 1.03
N ALA G 390 -62.55 21.40 2.33
CA ALA G 390 -63.18 22.14 3.47
C ALA G 390 -62.57 23.53 3.57
N ASN G 391 -63.34 24.51 4.08
CA ASN G 391 -62.90 25.93 4.21
C ASN G 391 -62.01 26.07 5.47
N ILE G 392 -60.77 25.63 5.41
CA ILE G 392 -59.79 25.69 6.55
C ILE G 392 -58.40 25.99 5.96
N GLU G 393 -57.90 27.19 6.19
CA GLU G 393 -56.52 27.63 5.87
C GLU G 393 -56.07 28.70 6.87
N SER G 394 -54.97 28.45 7.59
CA SER G 394 -54.39 29.37 8.60
C SER G 394 -52.89 29.54 8.34
N HIS G 395 -52.52 29.89 7.12
CA HIS G 395 -51.13 30.09 6.62
C HIS G 395 -50.42 31.15 7.48
N GLY G 396 -51.09 32.27 7.74
CA GLY G 396 -50.55 33.41 8.52
C GLY G 396 -50.15 33.06 9.96
N ILE G 397 -50.67 31.96 10.52
CA ILE G 397 -50.26 31.46 11.87
C ILE G 397 -49.17 30.40 11.65
N ASP G 398 -48.07 30.46 12.42
CA ASP G 398 -46.88 29.59 12.27
C ASP G 398 -47.27 28.12 12.47
N TRP G 399 -46.71 27.21 11.67
CA TRP G 399 -47.04 25.76 11.66
C TRP G 399 -46.22 24.97 12.70
N ASP G 400 -45.47 25.64 13.58
CA ASP G 400 -44.79 25.02 14.75
C ASP G 400 -45.86 24.32 15.60
N PRO G 401 -45.59 23.10 16.15
CA PRO G 401 -46.61 22.32 16.83
C PRO G 401 -47.31 22.99 18.02
N GLU G 402 -46.64 23.94 18.69
CA GLU G 402 -47.14 24.68 19.88
C GLU G 402 -48.01 25.87 19.43
N VAL G 403 -47.68 26.47 18.28
CA VAL G 403 -48.31 27.73 17.77
C VAL G 403 -49.55 27.36 16.95
N THR G 404 -49.44 26.40 16.03
CA THR G 404 -50.47 26.13 14.97
C THR G 404 -51.84 25.92 15.60
N LEU G 405 -52.89 26.48 14.99
CA LEU G 405 -54.30 26.33 15.44
C LEU G 405 -54.76 24.87 15.27
N ALA G 406 -54.02 24.05 14.51
CA ALA G 406 -54.32 22.62 14.29
C ALA G 406 -54.04 21.78 15.55
N ASN G 407 -53.31 22.31 16.55
CA ASN G 407 -52.99 21.60 17.82
C ASN G 407 -53.56 22.29 19.07
N ARG G 408 -54.40 23.33 18.93
CA ARG G 408 -54.93 24.12 20.08
C ARG G 408 -56.34 23.65 20.43
N TRP G 409 -56.60 23.32 21.70
CA TRP G 409 -57.86 22.70 22.17
C TRP G 409 -59.06 23.62 21.95
N GLU G 410 -58.87 24.94 21.98
CA GLU G 410 -59.99 25.91 21.84
C GLU G 410 -60.43 26.05 20.37
N TRP G 411 -59.64 25.57 19.40
CA TRP G 411 -60.00 25.61 17.96
C TRP G 411 -60.53 24.26 17.45
N GLU G 412 -60.67 23.27 18.33
CA GLU G 412 -61.02 21.86 17.96
C GLU G 412 -62.39 21.80 17.30
N LYS G 413 -63.41 22.43 17.89
CA LYS G 413 -64.80 22.32 17.37
C LYS G 413 -64.98 23.16 16.09
N ALA G 414 -64.18 24.20 15.87
CA ALA G 414 -64.23 25.00 14.63
C ALA G 414 -63.75 24.16 13.43
N HIS G 415 -62.66 23.40 13.59
CA HIS G 415 -62.11 22.48 12.56
C HIS G 415 -63.13 21.38 12.26
N PHE G 416 -63.77 20.83 13.27
CA PHE G 416 -64.71 19.70 13.12
C PHE G 416 -65.96 20.14 12.37
N ASP G 417 -66.53 21.30 12.70
CA ASP G 417 -67.79 21.84 12.11
C ASP G 417 -67.61 22.10 10.60
N ARG G 418 -66.51 22.73 10.20
CA ARG G 418 -66.19 23.07 8.79
C ARG G 418 -66.08 21.79 7.94
N ILE G 419 -65.43 20.75 8.45
CA ILE G 419 -65.27 19.46 7.72
C ILE G 419 -66.62 18.75 7.66
N LYS G 420 -67.36 18.67 8.76
CA LYS G 420 -68.66 17.94 8.84
C LYS G 420 -69.74 18.60 7.98
N ARG G 421 -69.82 19.93 7.95
CA ARG G 421 -70.85 20.64 7.14
C ARG G 421 -70.63 20.39 5.63
N MET G 422 -69.38 20.32 5.16
CA MET G 422 -69.06 19.97 3.74
C MET G 422 -69.55 18.55 3.43
N VAL G 423 -69.13 17.56 4.24
CA VAL G 423 -69.38 16.11 3.98
C VAL G 423 -70.90 15.88 3.97
N GLU G 424 -71.64 16.40 4.96
CA GLU G 424 -73.11 16.12 5.04
C GLU G 424 -73.85 16.76 3.86
N ARG G 425 -73.45 17.95 3.39
CA ARG G 425 -74.08 18.62 2.22
C ARG G 425 -73.85 17.82 0.94
N ASP G 426 -72.63 17.31 0.71
CA ASP G 426 -72.14 16.91 -0.66
C ASP G 426 -72.02 15.38 -0.84
N LYS G 427 -72.41 14.56 0.14
CA LYS G 427 -72.12 13.10 0.20
C LYS G 427 -72.81 12.28 -0.91
N ASN G 428 -73.84 12.77 -1.60
CA ASN G 428 -74.55 11.95 -2.63
C ASN G 428 -74.01 12.15 -4.08
N HIS G 429 -73.07 13.06 -4.36
CA HIS G 429 -72.66 13.37 -5.77
C HIS G 429 -71.68 12.33 -6.30
N PRO G 430 -71.95 11.58 -7.39
CA PRO G 430 -70.97 10.64 -7.92
C PRO G 430 -69.65 11.27 -8.44
N SER G 431 -69.65 12.56 -8.82
CA SER G 431 -68.47 13.29 -9.33
C SER G 431 -67.37 13.39 -8.26
N ILE G 432 -67.73 13.44 -6.98
CA ILE G 432 -66.75 13.62 -5.86
C ILE G 432 -66.06 12.28 -5.59
N ILE G 433 -64.73 12.23 -5.80
CA ILE G 433 -63.88 11.02 -5.62
C ILE G 433 -62.97 11.17 -4.39
N PHE G 434 -62.59 12.38 -3.99
CA PHE G 434 -61.72 12.62 -2.81
C PHE G 434 -62.35 13.71 -1.91
N TRP G 435 -62.24 13.53 -0.58
CA TRP G 435 -62.47 14.59 0.44
C TRP G 435 -61.11 15.18 0.79
N SER G 436 -60.91 16.50 0.69
CA SER G 436 -59.68 17.21 1.17
C SER G 436 -60.00 17.97 2.47
N LEU G 437 -59.15 17.87 3.50
CA LEU G 437 -59.39 18.42 4.87
C LEU G 437 -59.17 19.95 4.90
N GLY G 438 -58.43 20.50 3.94
CA GLY G 438 -58.07 21.93 3.93
C GLY G 438 -56.78 22.16 3.17
N ASN G 439 -56.10 23.28 3.44
CA ASN G 439 -54.89 23.70 2.70
C ASN G 439 -53.99 24.56 3.60
N GLU G 440 -52.73 24.17 3.76
CA GLU G 440 -51.64 24.98 4.37
C GLU G 440 -52.05 25.49 5.76
N ALA G 441 -52.56 24.60 6.62
CA ALA G 441 -53.16 24.91 7.93
C ALA G 441 -52.45 24.17 9.06
N GLY G 442 -51.23 23.69 8.84
CA GLY G 442 -50.44 22.94 9.84
C GLY G 442 -50.98 21.53 10.05
N ASP G 443 -50.39 20.80 11.00
CA ASP G 443 -50.75 19.39 11.31
C ASP G 443 -50.97 19.26 12.82
N GLY G 444 -51.92 18.44 13.22
CA GLY G 444 -52.20 18.20 14.64
C GLY G 444 -53.47 17.41 14.85
N VAL G 445 -53.88 17.31 16.10
CA VAL G 445 -54.96 16.42 16.58
C VAL G 445 -56.31 16.92 16.03
N ASN G 446 -56.47 18.22 15.80
CA ASN G 446 -57.73 18.80 15.28
C ASN G 446 -58.04 18.22 13.89
N PHE G 447 -57.04 17.93 13.05
CA PHE G 447 -57.27 17.29 11.73
C PHE G 447 -57.39 15.78 11.88
N GLU G 448 -56.50 15.15 12.64
CA GLU G 448 -56.49 13.68 12.86
C GLU G 448 -57.89 13.19 13.29
N LYS G 449 -58.54 13.86 14.23
CA LYS G 449 -59.87 13.44 14.76
C LYS G 449 -60.96 13.63 13.71
N ALA G 450 -60.97 14.73 12.96
CA ALA G 450 -61.99 14.98 11.90
C ALA G 450 -61.85 13.93 10.78
N ALA G 451 -60.61 13.53 10.45
CA ALA G 451 -60.31 12.57 9.36
C ALA G 451 -60.80 11.16 9.74
N LEU G 452 -60.65 10.75 11.01
CA LEU G 452 -61.18 9.43 11.49
C LEU G 452 -62.72 9.43 11.53
N TRP G 453 -63.38 10.56 11.80
CA TRP G 453 -64.86 10.70 11.71
C TRP G 453 -65.34 10.50 10.26
N ILE G 454 -64.68 11.08 9.26
CA ILE G 454 -65.13 10.96 7.83
C ILE G 454 -65.15 9.48 7.45
N LYS G 455 -64.06 8.75 7.76
CA LYS G 455 -63.86 7.37 7.26
C LYS G 455 -64.91 6.43 7.85
N LYS G 456 -65.33 6.63 9.11
CA LYS G 456 -66.40 5.83 9.75
C LYS G 456 -67.79 6.22 9.24
N ARG G 457 -67.95 7.42 8.67
CA ARG G 457 -69.25 7.91 8.12
C ARG G 457 -69.41 7.46 6.66
N ASP G 458 -68.34 7.60 5.84
CA ASP G 458 -68.34 7.34 4.37
C ASP G 458 -67.09 6.52 4.03
N ASN G 459 -67.25 5.25 3.67
CA ASN G 459 -66.14 4.37 3.24
C ASN G 459 -65.99 4.32 1.71
N THR G 460 -66.64 5.20 0.93
CA THR G 460 -66.67 5.15 -0.57
C THR G 460 -65.72 6.18 -1.23
N ARG G 461 -65.03 7.04 -0.47
CA ARG G 461 -64.11 8.07 -1.06
C ARG G 461 -62.77 8.05 -0.32
N LEU G 462 -61.72 8.59 -0.96
CA LEU G 462 -60.37 8.67 -0.37
C LEU G 462 -60.17 10.03 0.31
N ILE G 463 -59.31 10.09 1.32
CA ILE G 463 -59.00 11.33 2.07
C ILE G 463 -57.61 11.85 1.64
N HIS G 464 -57.53 13.15 1.44
CA HIS G 464 -56.33 13.90 0.98
C HIS G 464 -56.07 15.05 1.97
N TYR G 465 -54.84 15.30 2.38
CA TYR G 465 -54.42 16.54 3.07
C TYR G 465 -52.90 16.72 2.91
N GLU G 466 -52.48 17.69 2.12
CA GLU G 466 -51.03 17.96 1.86
C GLU G 466 -50.34 18.52 3.11
N GLY G 467 -51.06 19.19 4.02
CA GLY G 467 -50.46 19.69 5.27
C GLY G 467 -49.82 18.60 6.14
N THR G 468 -50.27 17.35 6.06
CA THR G 468 -49.67 16.21 6.84
C THR G 468 -48.61 15.49 5.98
N THR G 469 -48.83 15.21 4.69
CA THR G 469 -47.85 14.41 3.88
C THR G 469 -46.58 15.21 3.54
N ARG G 470 -46.58 16.54 3.64
CA ARG G 470 -45.33 17.34 3.47
C ARG G 470 -44.33 17.04 4.59
N ARG G 471 -44.75 16.50 5.73
CA ARG G 471 -43.87 16.16 6.88
C ARG G 471 -43.49 14.67 6.84
N GLY G 472 -43.98 13.91 5.85
CA GLY G 472 -43.76 12.45 5.70
C GLY G 472 -45.07 11.67 5.70
N GLU G 473 -44.99 10.35 5.80
CA GLU G 473 -46.15 9.41 5.86
C GLU G 473 -47.09 9.81 7.01
N SER G 474 -48.40 9.67 6.79
CA SER G 474 -49.45 9.97 7.80
C SER G 474 -50.52 8.88 7.75
N TYR G 475 -50.93 8.35 8.90
CA TYR G 475 -51.84 7.18 8.97
C TYR G 475 -53.28 7.57 8.59
N TYR G 476 -53.68 8.86 8.66
CA TYR G 476 -55.10 9.25 8.53
C TYR G 476 -55.47 9.73 7.11
N VAL G 477 -54.57 9.67 6.13
CA VAL G 477 -54.89 9.96 4.70
C VAL G 477 -54.66 8.70 3.86
N ASP G 478 -55.34 8.61 2.71
CA ASP G 478 -55.25 7.47 1.74
C ASP G 478 -54.29 7.78 0.57
N VAL G 479 -53.95 9.05 0.32
CA VAL G 479 -53.20 9.52 -0.88
C VAL G 479 -51.97 10.29 -0.37
N PHE G 480 -50.81 10.08 -0.98
CA PHE G 480 -49.59 10.86 -0.73
C PHE G 480 -49.59 12.07 -1.67
N SER G 481 -49.65 13.29 -1.13
CA SER G 481 -49.80 14.54 -1.90
C SER G 481 -48.69 15.54 -1.53
N LEU G 482 -48.09 16.18 -2.55
CA LEU G 482 -47.07 17.26 -2.39
C LEU G 482 -47.41 18.40 -3.35
N MET G 483 -46.91 19.59 -3.07
CA MET G 483 -47.11 20.83 -3.84
C MET G 483 -45.80 21.19 -4.54
N TYR G 484 -45.84 21.43 -5.85
CA TYR G 484 -44.67 21.85 -6.66
C TYR G 484 -43.43 20.98 -6.45
N PRO G 485 -43.51 19.62 -6.40
CA PRO G 485 -42.30 18.81 -6.27
C PRO G 485 -41.42 18.80 -7.53
N LYS G 486 -40.10 18.77 -7.39
CA LYS G 486 -39.16 18.60 -8.54
C LYS G 486 -39.13 17.13 -8.99
N MET G 487 -38.60 16.89 -10.19
CA MET G 487 -38.61 15.57 -10.87
C MET G 487 -37.93 14.50 -10.03
N ASP G 488 -36.83 14.82 -9.36
CA ASP G 488 -36.08 13.82 -8.54
C ASP G 488 -36.98 13.27 -7.41
N ILE G 489 -37.92 14.06 -6.87
CA ILE G 489 -38.87 13.61 -5.79
C ILE G 489 -39.79 12.53 -6.36
N LEU G 490 -40.35 12.72 -7.56
CA LEU G 490 -41.22 11.72 -8.22
C LEU G 490 -40.45 10.42 -8.48
N LEU G 491 -39.20 10.53 -8.99
CA LEU G 491 -38.39 9.34 -9.37
C LEU G 491 -37.98 8.59 -8.09
N GLU G 492 -37.74 9.29 -6.98
CA GLU G 492 -37.45 8.63 -5.67
C GLU G 492 -38.69 7.87 -5.16
N TYR G 493 -39.90 8.46 -5.15
CA TYR G 493 -41.15 7.79 -4.66
C TYR G 493 -41.38 6.49 -5.44
N ALA G 494 -41.19 6.52 -6.76
CA ALA G 494 -41.41 5.37 -7.68
C ALA G 494 -40.32 4.28 -7.53
N SER G 495 -39.20 4.52 -6.85
CA SER G 495 -38.03 3.62 -6.78
C SER G 495 -38.16 2.50 -5.71
N LYS G 496 -39.22 2.48 -4.90
CA LYS G 496 -39.47 1.42 -3.87
C LYS G 496 -40.95 1.04 -3.87
N LYS G 497 -41.31 -0.06 -3.20
CA LYS G 497 -42.72 -0.49 -3.07
C LYS G 497 -43.46 0.53 -2.18
N ARG G 498 -44.68 0.90 -2.57
CA ARG G 498 -45.51 1.89 -1.84
C ARG G 498 -46.91 1.31 -1.69
N GLU G 499 -47.62 1.66 -0.61
CA GLU G 499 -49.03 1.27 -0.40
C GLU G 499 -49.99 2.35 -0.93
N LYS G 500 -49.51 3.59 -1.15
CA LYS G 500 -50.39 4.73 -1.50
C LYS G 500 -49.94 5.37 -2.81
N PRO G 501 -50.89 5.80 -3.66
CA PRO G 501 -50.55 6.56 -4.88
C PRO G 501 -50.11 8.00 -4.61
N PHE G 502 -49.24 8.53 -5.47
CA PHE G 502 -48.65 9.90 -5.39
C PHE G 502 -49.48 10.82 -6.29
N ILE G 503 -50.01 11.93 -5.75
CA ILE G 503 -50.81 12.95 -6.51
C ILE G 503 -50.19 14.34 -6.25
N MET G 504 -50.07 15.18 -7.27
CA MET G 504 -49.59 16.58 -7.07
C MET G 504 -50.82 17.48 -6.97
N CYS G 505 -51.21 17.89 -5.76
CA CYS G 505 -52.40 18.76 -5.55
C CYS G 505 -52.19 20.15 -6.20
N GLU G 506 -50.95 20.62 -6.34
CA GLU G 506 -50.62 21.82 -7.16
C GLU G 506 -49.29 21.60 -7.88
N TYR G 507 -49.20 21.88 -9.18
CA TYR G 507 -47.90 21.82 -9.91
C TYR G 507 -47.97 22.80 -11.09
N ALA G 508 -46.85 23.02 -11.78
CA ALA G 508 -46.75 23.88 -13.00
C ALA G 508 -47.44 25.24 -12.78
N HIS G 509 -46.91 26.06 -11.87
CA HIS G 509 -47.46 27.39 -11.48
C HIS G 509 -47.60 28.25 -12.74
N ALA G 510 -48.82 28.67 -13.11
CA ALA G 510 -49.09 29.35 -14.41
C ALA G 510 -49.12 30.89 -14.28
N MET G 511 -48.40 31.48 -13.32
CA MET G 511 -48.29 32.96 -13.13
C MET G 511 -47.57 33.62 -14.33
N GLY G 512 -48.24 34.53 -15.06
CA GLY G 512 -47.65 35.21 -16.23
C GLY G 512 -47.48 34.29 -17.43
N ASN G 513 -46.37 34.42 -18.15
CA ASN G 513 -45.98 33.60 -19.34
C ASN G 513 -45.20 32.38 -18.80
N SER G 514 -45.81 31.19 -18.73
CA SER G 514 -45.31 30.08 -17.87
C SER G 514 -45.74 28.69 -18.40
N VAL G 515 -45.71 27.65 -17.55
CA VAL G 515 -46.11 26.24 -17.88
C VAL G 515 -45.05 25.66 -18.84
N GLY G 516 -43.77 25.83 -18.49
CA GLY G 516 -42.62 25.14 -19.11
C GLY G 516 -42.48 23.70 -18.62
N ASN G 517 -41.83 22.86 -19.43
CA ASN G 517 -41.50 21.44 -19.14
C ASN G 517 -42.74 20.64 -18.68
N LEU G 518 -43.95 20.91 -19.20
CA LEU G 518 -45.18 20.10 -18.84
C LEU G 518 -45.04 18.67 -19.37
N LYS G 519 -44.57 18.48 -20.60
CA LYS G 519 -44.40 17.15 -21.22
C LYS G 519 -43.38 16.31 -20.44
N ASP G 520 -42.37 16.91 -19.82
CA ASP G 520 -41.33 16.16 -19.06
C ASP G 520 -41.95 15.52 -17.79
N TYR G 521 -42.87 16.20 -17.07
CA TYR G 521 -43.62 15.61 -15.92
C TYR G 521 -44.43 14.40 -16.40
N TRP G 522 -45.15 14.54 -17.51
CA TRP G 522 -46.06 13.47 -18.01
C TRP G 522 -45.29 12.32 -18.67
N ASP G 523 -44.06 12.52 -19.18
CA ASP G 523 -43.21 11.38 -19.62
C ASP G 523 -42.80 10.54 -18.38
N VAL G 524 -42.56 11.15 -17.22
CA VAL G 524 -42.26 10.37 -15.98
C VAL G 524 -43.53 9.70 -15.41
N ILE G 525 -44.66 10.39 -15.31
CA ILE G 525 -45.93 9.86 -14.70
C ILE G 525 -46.42 8.60 -15.44
N GLU G 526 -46.30 8.55 -16.77
CA GLU G 526 -46.83 7.46 -17.64
C GLU G 526 -45.85 6.28 -17.73
N LYS G 527 -44.61 6.40 -17.25
CA LYS G 527 -43.55 5.35 -17.35
C LYS G 527 -43.33 4.60 -16.01
N TYR G 528 -43.50 5.25 -14.85
CA TYR G 528 -43.10 4.73 -13.52
C TYR G 528 -44.33 4.40 -12.68
N PRO G 529 -44.26 3.38 -11.78
CA PRO G 529 -45.41 2.99 -10.94
C PRO G 529 -45.72 3.97 -9.80
N TYR G 530 -46.97 3.97 -9.32
CA TYR G 530 -47.49 4.71 -8.14
C TYR G 530 -47.72 6.21 -8.44
N LEU G 531 -47.47 6.71 -9.66
CA LEU G 531 -47.62 8.15 -10.01
C LEU G 531 -48.93 8.29 -10.76
N HIS G 532 -49.90 9.06 -10.24
CA HIS G 532 -51.27 9.08 -10.81
C HIS G 532 -51.74 10.49 -11.22
N GLY G 533 -50.85 11.48 -11.34
CA GLY G 533 -51.18 12.77 -12.00
C GLY G 533 -51.25 13.92 -11.02
N GLY G 534 -52.11 14.90 -11.26
CA GLY G 534 -52.07 16.17 -10.48
C GLY G 534 -52.96 17.28 -11.05
N CYS G 535 -53.01 18.40 -10.33
CA CYS G 535 -53.84 19.59 -10.67
C CYS G 535 -52.93 20.83 -10.89
N ILE G 536 -52.99 21.43 -12.07
CA ILE G 536 -52.26 22.68 -12.44
C ILE G 536 -52.80 23.84 -11.58
N TRP G 537 -51.90 24.69 -11.08
CA TRP G 537 -52.26 25.95 -10.34
C TRP G 537 -52.09 27.13 -11.29
N ASP G 538 -53.16 27.77 -11.82
CA ASP G 538 -54.57 27.46 -11.61
C ASP G 538 -55.38 27.89 -12.85
N TRP G 539 -56.71 27.88 -12.78
CA TRP G 539 -57.61 28.05 -13.93
C TRP G 539 -57.68 29.53 -14.38
N VAL G 540 -58.17 30.43 -13.53
CA VAL G 540 -58.55 31.82 -13.93
C VAL G 540 -57.76 32.87 -13.12
N ASP G 541 -57.16 33.85 -13.81
CA ASP G 541 -56.55 35.08 -13.23
C ASP G 541 -57.62 35.85 -12.42
N GLN G 542 -57.38 36.13 -11.12
CA GLN G 542 -58.27 36.94 -10.25
C GLN G 542 -57.97 38.45 -10.47
N GLY G 543 -58.27 38.96 -11.65
CA GLY G 543 -58.17 40.39 -12.02
C GLY G 543 -59.55 41.02 -12.01
N ILE G 544 -59.67 42.19 -11.39
CA ILE G 544 -60.97 42.93 -11.26
C ILE G 544 -61.03 43.97 -12.39
N ARG G 545 -62.11 43.98 -13.16
CA ARG G 545 -62.34 44.96 -14.24
C ARG G 545 -62.44 46.36 -13.64
N LYS G 546 -61.61 47.30 -14.10
CA LYS G 546 -61.55 48.71 -13.63
C LYS G 546 -61.32 49.64 -14.82
N LYS G 547 -61.62 50.93 -14.66
CA LYS G 547 -61.36 52.01 -15.68
C LYS G 547 -60.32 52.99 -15.15
N ASP G 548 -59.40 53.42 -16.02
CA ASP G 548 -58.34 54.41 -15.70
C ASP G 548 -58.89 55.83 -15.92
N GLU G 549 -58.02 56.84 -15.91
CA GLU G 549 -58.38 58.30 -15.97
C GLU G 549 -59.01 58.62 -17.33
N ASN G 550 -58.42 58.09 -18.41
CA ASN G 550 -58.86 58.32 -19.82
C ASN G 550 -60.11 57.47 -20.12
N GLY G 551 -60.38 56.45 -19.30
CA GLY G 551 -61.59 55.60 -19.38
C GLY G 551 -61.39 54.39 -20.27
N ARG G 552 -60.15 53.88 -20.35
CA ARG G 552 -59.82 52.62 -21.06
C ARG G 552 -59.69 51.51 -20.01
N GLU G 553 -60.33 50.36 -20.27
CA GLU G 553 -60.45 49.22 -19.32
C GLU G 553 -59.08 48.58 -19.11
N PHE G 554 -58.79 48.17 -17.87
CA PHE G 554 -57.67 47.27 -17.53
C PHE G 554 -58.10 46.28 -16.44
N TRP G 555 -57.30 45.23 -16.27
CA TRP G 555 -57.44 44.22 -15.19
C TRP G 555 -56.60 44.67 -14.00
N ALA G 556 -57.24 44.89 -12.85
CA ALA G 556 -56.62 45.45 -11.62
C ALA G 556 -56.15 44.31 -10.72
N TYR G 557 -55.07 44.52 -9.99
CA TYR G 557 -54.52 43.56 -9.00
C TYR G 557 -54.07 44.33 -7.75
N GLY G 558 -53.48 43.62 -6.78
CA GLY G 558 -53.06 44.18 -5.48
C GLY G 558 -52.41 45.55 -5.63
N GLY G 559 -52.88 46.54 -4.87
CA GLY G 559 -52.31 47.91 -4.82
C GLY G 559 -52.94 48.84 -5.85
N ASP G 560 -54.02 48.44 -6.51
CA ASP G 560 -54.78 49.27 -7.48
C ASP G 560 -56.09 49.78 -6.84
N PHE G 561 -56.22 49.69 -5.51
CA PHE G 561 -57.38 50.19 -4.73
C PHE G 561 -56.89 50.93 -3.47
N GLY G 562 -55.66 51.45 -3.49
CA GLY G 562 -54.99 52.06 -2.33
C GLY G 562 -54.88 51.11 -1.14
N ASP G 563 -54.97 49.80 -1.37
CA ASP G 563 -54.99 48.75 -0.31
C ASP G 563 -53.55 48.45 0.09
N THR G 564 -53.24 48.56 1.39
CA THR G 564 -51.87 48.41 1.97
C THR G 564 -51.98 47.75 3.34
N PRO G 565 -51.22 46.67 3.65
CA PRO G 565 -50.27 46.05 2.72
C PRO G 565 -50.96 45.19 1.64
N ASN G 566 -50.27 44.94 0.53
CA ASN G 566 -50.76 44.11 -0.61
C ASN G 566 -49.61 43.25 -1.14
N ASP G 567 -49.96 42.22 -1.92
CA ASP G 567 -48.99 41.28 -2.56
C ASP G 567 -49.05 41.39 -4.09
N GLY G 568 -49.41 42.58 -4.63
CA GLY G 568 -49.22 42.94 -6.05
C GLY G 568 -49.94 41.99 -6.99
N ASN G 569 -49.23 41.37 -7.94
CA ASN G 569 -49.85 40.51 -9.00
C ASN G 569 -49.73 39.01 -8.66
N PHE G 570 -49.52 38.64 -7.39
CA PHE G 570 -49.41 37.22 -6.98
CA PHE G 570 -49.41 37.22 -6.98
C PHE G 570 -50.79 36.54 -6.94
N CYS G 571 -51.86 37.27 -7.24
CA CYS G 571 -53.23 36.70 -7.41
C CYS G 571 -53.51 36.40 -8.90
N ILE G 572 -52.57 36.70 -9.81
CA ILE G 572 -52.71 36.51 -11.29
C ILE G 572 -51.91 35.26 -11.70
N ASN G 573 -52.52 34.07 -11.62
CA ASN G 573 -51.83 32.75 -11.73
C ASN G 573 -52.52 31.82 -12.76
N GLY G 574 -53.36 32.35 -13.65
CA GLY G 574 -54.24 31.56 -14.53
C GLY G 574 -53.64 31.09 -15.86
N VAL G 575 -54.33 30.12 -16.45
CA VAL G 575 -54.20 29.62 -17.85
C VAL G 575 -55.29 30.25 -18.72
N VAL G 576 -56.29 30.93 -18.15
CA VAL G 576 -57.23 31.82 -18.90
C VAL G 576 -57.28 33.19 -18.21
N LEU G 577 -57.51 34.26 -18.99
CA LEU G 577 -57.66 35.67 -18.50
C LEU G 577 -59.00 35.80 -17.77
N PRO G 578 -59.23 36.87 -16.97
CA PRO G 578 -60.42 36.95 -16.12
C PRO G 578 -61.77 36.75 -16.84
N ASP G 579 -61.88 37.13 -18.11
CA ASP G 579 -63.12 36.98 -18.93
C ASP G 579 -63.16 35.63 -19.67
N ARG G 580 -62.26 34.69 -19.37
CA ARG G 580 -62.23 33.28 -19.88
C ARG G 580 -61.66 33.22 -21.32
N THR G 581 -60.92 34.24 -21.76
CA THR G 581 -60.06 34.22 -22.98
C THR G 581 -58.82 33.34 -22.70
N PRO G 582 -58.55 32.28 -23.49
CA PRO G 582 -57.37 31.43 -23.25
C PRO G 582 -56.01 32.11 -23.39
N GLU G 583 -55.07 31.82 -22.50
CA GLU G 583 -53.65 32.19 -22.66
C GLU G 583 -53.03 31.12 -23.58
N PRO G 584 -51.95 31.41 -24.34
CA PRO G 584 -51.29 30.41 -25.19
C PRO G 584 -50.88 29.10 -24.51
N GLU G 585 -50.54 29.14 -23.23
CA GLU G 585 -50.18 27.95 -22.43
C GLU G 585 -51.35 26.95 -22.27
N LEU G 586 -52.61 27.34 -22.48
CA LEU G 586 -53.77 26.39 -22.46
C LEU G 586 -53.71 25.44 -23.68
N TYR G 587 -53.09 25.84 -24.81
CA TYR G 587 -52.91 24.97 -25.99
C TYR G 587 -51.85 23.90 -25.68
N GLU G 588 -50.82 24.18 -24.88
CA GLU G 588 -49.86 23.13 -24.42
C GLU G 588 -50.57 22.11 -23.50
N VAL G 589 -51.41 22.56 -22.56
CA VAL G 589 -52.18 21.66 -21.63
C VAL G 589 -53.03 20.70 -22.48
N LYS G 590 -53.77 21.22 -23.46
CA LYS G 590 -54.62 20.36 -24.32
C LYS G 590 -53.79 19.24 -25.00
N LYS G 591 -52.60 19.57 -25.54
CA LYS G 591 -51.71 18.61 -26.24
C LYS G 591 -51.19 17.57 -25.24
N VAL G 592 -50.66 17.98 -24.10
CA VAL G 592 -50.09 17.02 -23.11
C VAL G 592 -51.20 16.13 -22.48
N TYR G 593 -52.43 16.62 -22.31
CA TYR G 593 -53.52 15.86 -21.64
C TYR G 593 -54.31 14.93 -22.61
N GLN G 594 -54.07 14.95 -23.93
CA GLN G 594 -54.81 14.12 -24.94
C GLN G 594 -54.71 12.61 -24.62
N ASN G 595 -55.74 11.84 -24.98
CA ASN G 595 -55.89 10.41 -24.59
C ASN G 595 -55.64 9.46 -25.77
N VAL G 596 -55.04 9.93 -26.86
CA VAL G 596 -54.53 9.08 -27.97
C VAL G 596 -53.02 9.34 -28.11
N LYS G 597 -52.21 8.29 -28.17
CA LYS G 597 -50.76 8.35 -28.46
C LYS G 597 -50.51 7.73 -29.84
N ILE G 598 -49.68 8.37 -30.66
CA ILE G 598 -49.35 7.93 -32.06
C ILE G 598 -47.84 7.89 -32.21
N ARG G 599 -47.30 6.72 -32.61
CA ARG G 599 -45.85 6.45 -32.79
C ARG G 599 -45.55 6.16 -34.28
N GLN G 600 -44.41 6.61 -34.79
CA GLN G 600 -43.91 6.31 -36.17
C GLN G 600 -43.13 5.00 -36.13
N VAL G 601 -43.60 3.97 -36.83
CA VAL G 601 -42.88 2.67 -36.99
C VAL G 601 -41.96 2.81 -38.20
N SER G 602 -42.54 3.14 -39.35
CA SER G 602 -41.86 3.53 -40.62
C SER G 602 -42.56 4.76 -41.19
N LYS G 603 -42.08 5.29 -42.32
CA LYS G 603 -42.61 6.55 -42.92
C LYS G 603 -44.08 6.38 -43.35
N ASP G 604 -44.51 5.15 -43.68
CA ASP G 604 -45.91 4.88 -44.11
C ASP G 604 -46.70 4.10 -43.05
N THR G 605 -46.11 3.73 -41.90
CA THR G 605 -46.78 2.87 -40.88
C THR G 605 -46.75 3.51 -39.48
N TYR G 606 -47.92 3.69 -38.87
CA TYR G 606 -48.12 4.41 -37.58
C TYR G 606 -48.91 3.51 -36.61
N GLU G 607 -48.42 3.38 -35.37
CA GLU G 607 -49.11 2.66 -34.27
C GLU G 607 -49.94 3.65 -33.43
N VAL G 608 -51.25 3.43 -33.33
CA VAL G 608 -52.23 4.24 -32.55
C VAL G 608 -52.55 3.51 -31.23
N GLU G 609 -52.30 4.15 -30.08
CA GLU G 609 -52.62 3.63 -28.71
C GLU G 609 -53.79 4.40 -28.09
N ASN G 610 -54.88 3.70 -27.75
CA ASN G 610 -56.07 4.23 -27.04
C ASN G 610 -55.78 4.28 -25.54
N ARG G 611 -55.77 5.47 -24.93
CA ARG G 611 -55.53 5.66 -23.47
C ARG G 611 -56.80 6.13 -22.76
N TYR G 612 -57.97 6.17 -23.42
CA TYR G 612 -59.28 6.31 -22.72
C TYR G 612 -59.51 5.05 -21.88
N LEU G 613 -60.25 5.18 -20.77
CA LEU G 613 -60.58 4.05 -19.83
C LEU G 613 -61.80 3.26 -20.35
N PHE G 614 -62.82 3.93 -20.89
CA PHE G 614 -64.17 3.36 -21.19
C PHE G 614 -64.71 3.75 -22.58
N THR G 615 -63.86 4.23 -23.52
CA THR G 615 -64.29 4.71 -24.87
C THR G 615 -63.54 3.93 -25.95
N ASN G 616 -64.25 3.48 -26.99
CA ASN G 616 -63.65 2.85 -28.22
C ASN G 616 -63.29 3.97 -29.21
N LEU G 617 -62.13 3.91 -29.87
CA LEU G 617 -61.69 4.95 -30.86
C LEU G 617 -62.64 4.99 -32.07
N GLU G 618 -63.49 3.97 -32.27
CA GLU G 618 -64.51 3.95 -33.36
C GLU G 618 -65.53 5.10 -33.20
N MET G 619 -65.61 5.76 -32.04
CA MET G 619 -66.48 6.95 -31.81
C MET G 619 -65.95 8.20 -32.53
N PHE G 620 -64.69 8.23 -32.96
CA PHE G 620 -64.04 9.44 -33.51
C PHE G 620 -63.88 9.30 -35.02
N ASP G 621 -63.91 10.43 -35.72
CA ASP G 621 -63.50 10.57 -37.15
C ASP G 621 -61.98 10.80 -37.23
N GLY G 622 -61.25 9.88 -37.84
CA GLY G 622 -59.83 10.02 -38.19
C GLY G 622 -59.63 10.85 -39.45
N ALA G 623 -58.57 11.65 -39.50
CA ALA G 623 -58.11 12.29 -40.77
C ALA G 623 -56.58 12.34 -40.79
N TRP G 624 -55.98 12.25 -41.97
CA TRP G 624 -54.53 12.55 -42.16
C TRP G 624 -54.37 13.58 -43.27
N LYS G 625 -53.31 14.39 -43.20
CA LYS G 625 -52.99 15.48 -44.16
C LYS G 625 -51.48 15.51 -44.43
N ILE G 626 -51.07 15.72 -45.68
CA ILE G 626 -49.65 15.93 -46.04
C ILE G 626 -49.48 17.38 -46.49
N ARG G 627 -48.49 18.08 -45.92
CA ARG G 627 -48.14 19.49 -46.25
C ARG G 627 -46.78 19.51 -46.96
N LYS G 628 -46.68 20.32 -48.02
CA LYS G 628 -45.48 20.53 -48.88
C LYS G 628 -45.08 22.00 -48.74
N ASP G 629 -43.90 22.28 -48.17
CA ASP G 629 -43.47 23.64 -47.76
C ASP G 629 -44.63 24.39 -47.05
N GLY G 630 -45.35 23.69 -46.17
CA GLY G 630 -46.37 24.28 -45.29
C GLY G 630 -47.78 24.37 -45.87
N GLU G 631 -48.05 23.87 -47.09
CA GLU G 631 -49.41 23.93 -47.73
C GLU G 631 -49.99 22.52 -47.96
N VAL G 632 -51.30 22.33 -47.73
CA VAL G 632 -51.98 21.00 -47.84
C VAL G 632 -52.03 20.58 -49.31
N ILE G 633 -51.52 19.38 -49.63
CA ILE G 633 -51.56 18.78 -51.01
C ILE G 633 -52.40 17.49 -51.05
N GLU G 634 -52.69 16.86 -49.91
CA GLU G 634 -53.46 15.59 -49.84
C GLU G 634 -54.13 15.49 -48.46
N GLU G 635 -55.42 15.15 -48.42
CA GLU G 635 -56.24 14.90 -47.20
C GLU G 635 -57.02 13.59 -47.39
N LYS G 636 -57.22 12.82 -46.33
CA LYS G 636 -57.99 11.54 -46.36
C LYS G 636 -58.59 11.24 -44.98
N THR G 637 -59.86 10.84 -44.95
CA THR G 637 -60.59 10.37 -43.74
C THR G 637 -60.40 8.86 -43.57
N PHE G 638 -60.49 8.37 -42.33
CA PHE G 638 -60.41 6.94 -41.97
C PHE G 638 -61.16 6.72 -40.64
N LYS G 639 -61.38 5.44 -40.30
CA LYS G 639 -61.94 5.00 -39.00
C LYS G 639 -61.10 3.81 -38.53
N ILE G 640 -60.81 3.75 -37.24
CA ILE G 640 -59.95 2.70 -36.61
C ILE G 640 -60.71 2.18 -35.38
N PHE G 641 -60.75 0.86 -35.21
CA PHE G 641 -61.40 0.14 -34.07
C PHE G 641 -60.31 -0.23 -33.08
N ALA G 642 -60.34 0.36 -31.88
CA ALA G 642 -59.39 0.07 -30.79
C ALA G 642 -60.12 0.22 -29.45
N GLU G 643 -60.08 -0.82 -28.62
CA GLU G 643 -60.68 -0.84 -27.26
C GLU G 643 -59.71 -0.16 -26.31
N PRO G 644 -60.17 0.27 -25.11
CA PRO G 644 -59.27 0.85 -24.11
C PRO G 644 -58.01 -0.02 -23.91
N GLY G 645 -56.84 0.60 -24.08
CA GLY G 645 -55.53 -0.04 -23.90
C GLY G 645 -54.93 -0.63 -25.18
N GLU G 646 -55.72 -0.82 -26.24
CA GLU G 646 -55.24 -1.51 -27.47
C GLU G 646 -54.35 -0.58 -28.33
N LYS G 647 -53.35 -1.18 -28.97
CA LYS G 647 -52.49 -0.60 -30.03
C LYS G 647 -52.93 -1.17 -31.39
N ARG G 648 -53.17 -0.31 -32.39
CA ARG G 648 -53.58 -0.70 -33.77
C ARG G 648 -52.68 0.01 -34.81
N LEU G 649 -52.35 -0.68 -35.91
CA LEU G 649 -51.47 -0.15 -37.00
C LEU G 649 -52.32 0.58 -38.03
N LEU G 650 -51.78 1.70 -38.54
CA LEU G 650 -52.40 2.55 -39.59
C LEU G 650 -51.39 2.72 -40.73
N LYS G 651 -51.80 2.34 -41.94
CA LYS G 651 -50.95 2.32 -43.15
C LYS G 651 -51.38 3.50 -44.02
N ILE G 652 -50.44 4.38 -44.37
CA ILE G 652 -50.69 5.62 -45.16
C ILE G 652 -49.88 5.51 -46.46
N PRO G 653 -50.52 5.39 -47.64
CA PRO G 653 -49.79 5.40 -48.91
C PRO G 653 -49.25 6.79 -49.27
N LEU G 654 -47.92 6.91 -49.43
CA LEU G 654 -47.21 8.19 -49.67
C LEU G 654 -47.09 8.46 -51.16
N PRO G 655 -47.16 9.75 -51.59
CA PRO G 655 -46.87 10.11 -52.98
C PRO G 655 -45.36 10.11 -53.28
N GLU G 656 -44.99 10.18 -54.56
CA GLU G 656 -43.60 10.53 -55.00
C GLU G 656 -43.34 11.98 -54.59
N MET G 657 -42.14 12.26 -54.11
CA MET G 657 -41.81 13.56 -53.48
C MET G 657 -40.69 14.23 -54.28
N ASP G 658 -40.73 15.56 -54.38
CA ASP G 658 -39.70 16.42 -55.01
C ASP G 658 -38.76 16.96 -53.92
N ASP G 659 -38.02 18.05 -54.15
CA ASP G 659 -36.98 18.59 -53.24
C ASP G 659 -37.55 19.45 -52.08
N SER G 660 -38.86 19.66 -51.99
CA SER G 660 -39.57 20.32 -50.87
C SER G 660 -39.47 19.53 -49.54
N GLU G 661 -39.80 20.18 -48.43
CA GLU G 661 -39.99 19.57 -47.09
C GLU G 661 -41.43 19.04 -46.93
N TYR G 662 -41.60 17.78 -46.49
CA TYR G 662 -42.95 17.15 -46.33
C TYR G 662 -43.21 16.80 -44.86
N PHE G 663 -44.35 17.24 -44.30
CA PHE G 663 -44.84 16.92 -42.94
C PHE G 663 -46.19 16.16 -43.03
N LEU G 664 -46.38 15.11 -42.22
CA LEU G 664 -47.67 14.38 -42.02
C LEU G 664 -48.34 14.81 -40.71
N GLU G 665 -49.63 15.13 -40.72
CA GLU G 665 -50.46 15.34 -39.48
C GLU G 665 -51.56 14.25 -39.41
N ILE G 666 -51.70 13.54 -38.29
CA ILE G 666 -52.82 12.59 -37.99
C ILE G 666 -53.66 13.15 -36.85
N SER G 667 -54.98 13.31 -37.04
CA SER G 667 -55.92 13.87 -36.03
C SER G 667 -57.15 12.97 -35.83
N PHE G 668 -57.81 13.14 -34.67
CA PHE G 668 -59.09 12.51 -34.29
C PHE G 668 -60.04 13.58 -33.80
N SER G 669 -61.27 13.59 -34.31
CA SER G 669 -62.33 14.59 -34.01
C SER G 669 -63.67 13.95 -33.62
N LEU G 670 -64.57 14.71 -33.02
CA LEU G 670 -65.94 14.25 -32.64
C LEU G 670 -66.76 13.95 -33.91
N SER G 671 -67.26 12.72 -34.07
CA SER G 671 -68.14 12.26 -35.19
C SER G 671 -69.46 13.04 -35.19
N GLU G 672 -70.02 13.33 -34.01
CA GLU G 672 -71.30 14.09 -33.87
C GLU G 672 -71.28 14.92 -32.58
N ASP G 673 -72.20 15.88 -32.48
CA ASP G 673 -72.35 16.84 -31.35
C ASP G 673 -72.40 16.09 -30.02
N THR G 674 -71.83 16.70 -28.98
CA THR G 674 -71.92 16.29 -27.56
C THR G 674 -72.53 17.45 -26.77
N PRO G 675 -72.90 17.25 -25.49
CA PRO G 675 -73.33 18.36 -24.65
C PRO G 675 -72.27 19.45 -24.43
N TRP G 676 -70.98 19.11 -24.57
CA TRP G 676 -69.87 20.05 -24.26
C TRP G 676 -69.19 20.59 -25.53
N ALA G 677 -69.45 20.06 -26.73
CA ALA G 677 -68.78 20.53 -27.97
C ALA G 677 -69.49 20.03 -29.24
N GLU G 678 -69.17 20.65 -30.37
CA GLU G 678 -69.81 20.42 -31.69
C GLU G 678 -69.01 19.40 -32.51
N LYS G 679 -69.68 18.77 -33.48
CA LYS G 679 -69.09 17.88 -34.50
C LYS G 679 -67.85 18.54 -35.12
N GLY G 680 -66.75 17.81 -35.24
CA GLY G 680 -65.49 18.32 -35.84
C GLY G 680 -64.47 18.86 -34.83
N HIS G 681 -64.82 19.02 -33.55
CA HIS G 681 -63.87 19.39 -32.47
C HIS G 681 -62.75 18.36 -32.46
N VAL G 682 -61.48 18.80 -32.51
CA VAL G 682 -60.31 17.89 -32.44
C VAL G 682 -60.02 17.54 -30.97
N VAL G 683 -59.85 16.25 -30.65
CA VAL G 683 -59.55 15.75 -29.28
C VAL G 683 -58.07 15.34 -29.22
N ALA G 684 -57.43 15.02 -30.35
CA ALA G 684 -56.04 14.53 -30.35
C ALA G 684 -55.43 14.69 -31.75
N TRP G 685 -54.14 15.03 -31.83
CA TRP G 685 -53.36 15.11 -33.09
C TRP G 685 -51.89 14.83 -32.81
N GLU G 686 -51.14 14.39 -33.82
CA GLU G 686 -49.65 14.29 -33.81
C GLU G 686 -49.09 14.57 -35.23
N GLN G 687 -47.86 15.10 -35.32
CA GLN G 687 -47.19 15.47 -36.60
C GLN G 687 -45.84 14.77 -36.69
N PHE G 688 -45.39 14.47 -37.90
CA PHE G 688 -44.12 13.74 -38.19
C PHE G 688 -43.50 14.30 -39.49
N LEU G 689 -42.18 14.48 -39.48
CA LEU G 689 -41.39 14.79 -40.72
C LEU G 689 -41.36 13.56 -41.63
N LEU G 690 -41.80 13.68 -42.88
CA LEU G 690 -41.69 12.58 -43.89
C LEU G 690 -40.35 12.72 -44.64
N LYS G 691 -40.00 13.92 -45.12
CA LYS G 691 -38.76 14.12 -45.91
C LYS G 691 -38.23 15.53 -45.69
N ALA G 692 -36.94 15.62 -45.37
CA ALA G 692 -36.15 16.88 -45.30
C ALA G 692 -35.98 17.45 -46.71
N PRO G 693 -35.86 18.78 -46.86
CA PRO G 693 -35.70 19.36 -48.19
C PRO G 693 -34.26 19.18 -48.73
N ALA G 694 -34.07 19.38 -50.03
CA ALA G 694 -32.75 19.47 -50.70
C ALA G 694 -32.45 20.95 -50.95
N PHE G 695 -31.47 21.51 -50.24
CA PHE G 695 -31.08 22.93 -50.38
C PHE G 695 -30.30 23.16 -51.68
N GLU G 696 -30.57 24.27 -52.34
CA GLU G 696 -29.90 24.70 -53.59
C GLU G 696 -28.90 25.83 -53.25
N LYS G 697 -27.70 25.76 -53.85
CA LYS G 697 -26.62 26.79 -53.73
C LYS G 697 -26.33 27.31 -55.14
N LYS G 698 -26.59 28.58 -55.39
CA LYS G 698 -26.46 29.21 -56.73
C LYS G 698 -25.22 30.12 -56.76
N SER G 699 -24.41 30.02 -57.82
CA SER G 699 -23.26 30.91 -58.10
C SER G 699 -23.76 32.27 -58.60
N ILE G 700 -23.48 33.35 -57.87
CA ILE G 700 -23.81 34.74 -58.28
C ILE G 700 -22.64 35.28 -59.11
N SER G 701 -22.94 35.84 -60.29
CA SER G 701 -21.95 36.41 -61.24
C SER G 701 -21.97 37.94 -61.25
N ASP G 702 -23.07 38.58 -60.84
CA ASP G 702 -23.25 40.06 -60.87
C ASP G 702 -22.35 40.72 -59.83
N GLY G 703 -22.07 42.02 -60.00
CA GLY G 703 -21.06 42.76 -59.24
C GLY G 703 -21.66 43.63 -58.14
N VAL G 704 -20.81 44.09 -57.22
CA VAL G 704 -21.15 44.93 -56.04
C VAL G 704 -20.15 46.09 -56.00
N SER G 705 -20.60 47.31 -55.70
CA SER G 705 -19.75 48.52 -55.63
C SER G 705 -19.58 48.94 -54.16
N LEU G 706 -18.52 49.68 -53.87
CA LEU G 706 -18.11 50.08 -52.51
C LEU G 706 -17.52 51.50 -52.58
N ARG G 707 -18.04 52.43 -51.76
CA ARG G 707 -17.56 53.83 -51.61
C ARG G 707 -17.28 54.12 -50.13
N GLU G 708 -16.06 54.56 -49.81
CA GLU G 708 -15.65 54.95 -48.44
C GLU G 708 -15.59 56.48 -48.36
N ASP G 709 -15.95 57.04 -47.21
CA ASP G 709 -15.68 58.45 -46.83
C ASP G 709 -15.18 58.43 -45.37
N GLY G 710 -15.26 59.55 -44.65
CA GLY G 710 -14.69 59.71 -43.31
C GLY G 710 -15.50 59.02 -42.22
N LYS G 711 -16.81 58.82 -42.42
CA LYS G 711 -17.73 58.28 -41.39
C LYS G 711 -18.48 57.02 -41.89
N HIS G 712 -18.68 56.85 -43.20
CA HIS G 712 -19.55 55.80 -43.78
C HIS G 712 -18.79 54.94 -44.79
N LEU G 713 -19.14 53.65 -44.80
CA LEU G 713 -18.93 52.71 -45.93
C LEU G 713 -20.29 52.46 -46.57
N THR G 714 -20.41 52.60 -47.90
CA THR G 714 -21.68 52.42 -48.67
C THR G 714 -21.50 51.29 -49.70
N VAL G 715 -22.38 50.29 -49.69
CA VAL G 715 -22.30 49.10 -50.59
C VAL G 715 -23.56 49.05 -51.43
N GLU G 716 -23.43 49.04 -52.76
CA GLU G 716 -24.58 49.03 -53.70
C GLU G 716 -24.61 47.70 -54.44
N ALA G 717 -25.82 47.12 -54.56
CA ALA G 717 -26.11 45.87 -55.31
C ALA G 717 -27.55 45.92 -55.83
N LYS G 718 -27.74 45.68 -57.13
CA LYS G 718 -29.06 45.84 -57.82
C LYS G 718 -29.61 47.22 -57.47
N ASP G 719 -30.71 47.31 -56.73
CA ASP G 719 -31.37 48.60 -56.39
C ASP G 719 -31.48 48.75 -54.87
N THR G 720 -30.56 48.14 -54.11
CA THR G 720 -30.46 48.28 -52.63
C THR G 720 -29.10 48.88 -52.29
N VAL G 721 -29.07 49.80 -51.33
CA VAL G 721 -27.83 50.44 -50.81
C VAL G 721 -27.77 50.17 -49.31
N TYR G 722 -26.66 49.58 -48.84
CA TYR G 722 -26.41 49.26 -47.41
C TYR G 722 -25.41 50.27 -46.87
N VAL G 723 -25.74 50.96 -45.76
CA VAL G 723 -24.86 52.01 -45.17
C VAL G 723 -24.34 51.53 -43.80
N PHE G 724 -23.01 51.43 -43.68
CA PHE G 724 -22.28 51.00 -42.46
C PHE G 724 -21.56 52.21 -41.88
N SER G 725 -21.54 52.33 -40.55
CA SER G 725 -20.84 53.42 -39.82
C SER G 725 -19.46 52.94 -39.37
N LYS G 726 -18.40 53.72 -39.65
CA LYS G 726 -17.00 53.41 -39.23
C LYS G 726 -16.78 53.79 -37.76
N LEU G 727 -17.66 54.58 -37.15
CA LEU G 727 -17.55 55.00 -35.73
C LEU G 727 -18.30 54.02 -34.82
N THR G 728 -19.48 53.52 -35.22
CA THR G 728 -20.28 52.55 -34.41
C THR G 728 -20.00 51.11 -34.82
N GLY G 729 -19.52 50.86 -36.04
CA GLY G 729 -19.36 49.51 -36.60
C GLY G 729 -20.69 48.79 -36.92
N LEU G 730 -21.83 49.49 -36.95
CA LEU G 730 -23.19 48.88 -37.16
C LEU G 730 -23.67 49.11 -38.60
N LEU G 731 -24.56 48.25 -39.09
CA LEU G 731 -25.45 48.53 -40.27
C LEU G 731 -26.54 49.51 -39.84
N GLU G 732 -26.51 50.73 -40.39
CA GLU G 732 -27.32 51.89 -39.90
C GLU G 732 -28.51 52.15 -40.81
N GLN G 733 -28.42 51.91 -42.13
CA GLN G 733 -29.54 52.19 -43.05
C GLN G 733 -29.51 51.23 -44.23
N ILE G 734 -30.69 50.92 -44.75
CA ILE G 734 -30.93 50.15 -46.00
C ILE G 734 -31.86 51.01 -46.85
N LEU G 735 -31.40 51.41 -48.04
CA LEU G 735 -32.22 52.19 -49.02
C LEU G 735 -32.59 51.25 -50.16
N HIS G 736 -33.87 51.00 -50.38
CA HIS G 736 -34.39 50.19 -51.50
C HIS G 736 -35.19 51.13 -52.38
N ARG G 737 -34.79 51.30 -53.65
CA ARG G 737 -35.35 52.31 -54.60
C ARG G 737 -35.54 53.65 -53.87
N ARG G 738 -34.49 54.14 -53.20
CA ARG G 738 -34.41 55.46 -52.50
C ARG G 738 -35.41 55.55 -51.33
N LYS G 739 -35.87 54.42 -50.77
CA LYS G 739 -36.83 54.37 -49.63
C LYS G 739 -36.13 53.77 -48.40
N LYS G 740 -36.19 54.47 -47.26
CA LYS G 740 -35.59 54.01 -45.98
C LYS G 740 -36.39 52.84 -45.40
N ILE G 741 -35.71 51.73 -45.09
CA ILE G 741 -36.29 50.49 -44.51
C ILE G 741 -36.05 50.46 -42.98
N LEU G 742 -34.93 51.00 -42.48
CA LEU G 742 -34.57 50.95 -41.04
C LEU G 742 -34.94 52.29 -40.38
N LYS G 743 -35.52 52.24 -39.17
CA LYS G 743 -35.73 53.41 -38.27
C LYS G 743 -34.68 53.44 -37.16
N SER G 744 -33.94 52.35 -36.95
CA SER G 744 -32.77 52.31 -36.03
C SER G 744 -31.81 51.22 -36.49
N PRO G 745 -30.52 51.28 -36.11
CA PRO G 745 -29.53 50.30 -36.55
C PRO G 745 -29.74 48.84 -36.11
N VAL G 746 -29.18 47.89 -36.85
CA VAL G 746 -29.13 46.46 -36.47
C VAL G 746 -28.09 46.29 -35.36
N VAL G 747 -28.51 45.87 -34.15
CA VAL G 747 -27.60 45.69 -32.97
C VAL G 747 -27.70 44.26 -32.45
N PRO G 748 -26.57 43.66 -32.00
CA PRO G 748 -26.60 42.41 -31.23
C PRO G 748 -27.42 42.56 -29.93
N ASN G 749 -28.22 41.55 -29.53
CA ASN G 749 -29.13 41.65 -28.35
C ASN G 749 -29.08 40.36 -27.53
N PHE G 750 -28.95 40.49 -26.21
CA PHE G 750 -28.76 39.37 -25.25
C PHE G 750 -29.85 39.38 -24.17
N TRP G 751 -30.88 40.22 -24.28
CA TRP G 751 -31.85 40.45 -23.17
C TRP G 751 -33.27 40.03 -23.57
N ARG G 752 -34.05 39.56 -22.59
CA ARG G 752 -35.52 39.44 -22.73
C ARG G 752 -36.18 40.13 -21.53
N VAL G 753 -37.38 40.67 -21.72
CA VAL G 753 -38.16 41.40 -20.66
C VAL G 753 -38.58 40.40 -19.60
N PRO G 754 -38.15 40.54 -18.32
CA PRO G 754 -38.38 39.49 -17.33
C PRO G 754 -39.85 39.06 -17.13
N THR G 755 -40.09 37.75 -17.14
CA THR G 755 -41.38 37.10 -16.77
C THR G 755 -41.54 37.08 -15.25
N ASP G 756 -42.73 36.71 -14.76
CA ASP G 756 -42.98 36.53 -13.29
C ASP G 756 -42.06 35.43 -12.74
N ASN G 757 -41.78 34.35 -13.48
CA ASN G 757 -40.82 33.30 -13.04
C ASN G 757 -39.41 33.90 -12.96
N ASP G 758 -38.99 34.70 -13.94
CA ASP G 758 -37.64 35.35 -13.93
C ASP G 758 -37.50 36.23 -12.68
N ILE G 759 -38.50 37.05 -12.35
CA ILE G 759 -38.47 37.93 -11.13
C ILE G 759 -38.33 37.06 -9.88
N GLY G 760 -39.10 35.96 -9.79
CA GLY G 760 -39.05 35.07 -8.62
C GLY G 760 -37.70 34.40 -8.40
N ASN G 761 -36.91 34.15 -9.45
CA ASN G 761 -35.56 33.54 -9.26
C ASN G 761 -34.45 34.60 -9.36
N ARG G 762 -34.77 35.90 -9.31
CA ARG G 762 -33.80 37.03 -9.28
C ARG G 762 -32.95 37.11 -10.56
N MET G 763 -33.51 36.73 -11.71
CA MET G 763 -32.83 36.81 -13.02
C MET G 763 -32.40 38.26 -13.30
N PRO G 764 -33.20 39.30 -13.03
CA PRO G 764 -32.78 40.68 -13.32
C PRO G 764 -31.53 41.16 -12.57
N GLN G 765 -31.26 40.61 -11.38
CA GLN G 765 -30.03 40.92 -10.59
C GLN G 765 -28.87 40.03 -11.07
N ARG G 766 -29.03 38.71 -11.01
CA ARG G 766 -28.01 37.70 -11.44
C ARG G 766 -27.47 38.00 -12.85
N LEU G 767 -28.34 38.32 -13.82
CA LEU G 767 -27.99 38.36 -15.26
C LEU G 767 -27.95 39.83 -15.74
N ALA G 768 -27.84 40.80 -14.83
CA ALA G 768 -27.85 42.26 -15.14
C ALA G 768 -26.75 42.65 -16.15
N ILE G 769 -25.60 41.97 -16.18
CA ILE G 769 -24.49 42.30 -17.12
C ILE G 769 -24.95 42.12 -18.59
N TRP G 770 -25.85 41.17 -18.88
CA TRP G 770 -26.33 40.90 -20.26
C TRP G 770 -27.32 41.99 -20.71
N LYS G 771 -28.01 42.63 -19.78
CA LYS G 771 -28.85 43.82 -20.13
C LYS G 771 -27.95 45.00 -20.55
N ARG G 772 -26.85 45.22 -19.83
CA ARG G 772 -25.85 46.28 -20.15
C ARG G 772 -25.19 45.99 -21.52
N ALA G 773 -24.77 44.74 -21.74
CA ALA G 773 -24.11 44.30 -22.98
C ALA G 773 -25.07 44.46 -24.19
N SER G 774 -26.39 44.56 -23.97
CA SER G 774 -27.38 44.78 -25.06
C SER G 774 -27.45 46.26 -25.47
N LYS G 775 -27.02 47.19 -24.62
CA LYS G 775 -27.11 48.66 -24.88
C LYS G 775 -25.74 49.33 -25.07
N GLU G 776 -24.64 48.81 -24.51
CA GLU G 776 -23.29 49.42 -24.62
C GLU G 776 -22.31 48.40 -25.21
N ARG G 777 -21.38 48.88 -26.02
CA ARG G 777 -20.32 48.07 -26.67
C ARG G 777 -19.18 49.00 -27.12
N LYS G 778 -17.98 48.43 -27.24
CA LYS G 778 -16.75 49.14 -27.68
C LYS G 778 -16.29 48.51 -29.00
N LEU G 779 -16.26 49.28 -30.07
CA LEU G 779 -15.70 48.83 -31.37
C LEU G 779 -14.18 48.76 -31.25
N PHE G 780 -13.62 47.54 -31.28
CA PHE G 780 -12.16 47.27 -31.18
C PHE G 780 -11.52 47.39 -32.56
N LYS G 781 -12.18 46.90 -33.61
CA LYS G 781 -11.58 46.77 -34.97
C LYS G 781 -12.68 46.66 -36.03
N MET G 782 -12.45 47.20 -37.23
CA MET G 782 -13.40 47.09 -38.35
C MET G 782 -12.65 47.05 -39.68
N HIS G 783 -12.94 46.08 -40.54
CA HIS G 783 -12.33 45.99 -41.90
C HIS G 783 -13.30 45.41 -42.92
N TRP G 784 -13.01 45.62 -44.21
CA TRP G 784 -13.80 45.13 -45.35
C TRP G 784 -12.88 44.51 -46.42
N LYS G 785 -13.45 43.63 -47.24
CA LYS G 785 -12.76 42.84 -48.30
C LYS G 785 -13.71 42.65 -49.50
N LYS G 786 -13.31 43.11 -50.67
CA LYS G 786 -14.10 43.02 -51.93
C LYS G 786 -13.58 41.86 -52.79
N GLU G 787 -14.48 41.04 -53.33
CA GLU G 787 -14.23 40.06 -54.41
C GLU G 787 -15.07 40.51 -55.62
N GLU G 788 -15.03 39.75 -56.71
CA GLU G 788 -15.75 40.04 -57.98
C GLU G 788 -17.27 40.08 -57.73
N ASN G 789 -17.83 39.18 -56.90
CA ASN G 789 -19.30 38.99 -56.78
C ASN G 789 -19.81 39.34 -55.36
N ARG G 790 -18.97 39.84 -54.44
CA ARG G 790 -19.42 40.10 -53.05
C ARG G 790 -18.44 41.00 -52.31
N VAL G 791 -18.94 41.68 -51.27
CA VAL G 791 -18.18 42.47 -50.26
C VAL G 791 -18.55 41.94 -48.86
N SER G 792 -17.57 41.72 -47.98
CA SER G 792 -17.74 41.41 -46.55
C SER G 792 -17.31 42.60 -45.69
N VAL G 793 -18.12 42.96 -44.67
CA VAL G 793 -17.83 43.99 -43.63
C VAL G 793 -17.79 43.30 -42.27
N HIS G 794 -16.64 43.30 -41.60
CA HIS G 794 -16.34 42.60 -40.34
C HIS G 794 -16.15 43.61 -39.21
N SER G 795 -16.93 43.51 -38.12
CA SER G 795 -16.76 44.33 -36.88
C SER G 795 -16.46 43.42 -35.67
N VAL G 796 -15.54 43.83 -34.81
CA VAL G 796 -15.13 43.13 -33.55
C VAL G 796 -15.47 44.05 -32.39
N PHE G 797 -16.27 43.59 -31.43
CA PHE G 797 -16.68 44.39 -30.24
C PHE G 797 -16.23 43.68 -28.96
N GLN G 798 -15.92 44.45 -27.94
CA GLN G 798 -15.83 43.91 -26.57
C GLN G 798 -17.02 44.49 -25.81
N LEU G 799 -17.56 43.72 -24.87
CA LEU G 799 -18.83 44.03 -24.17
C LEU G 799 -18.59 44.18 -22.67
N PRO G 800 -19.52 44.85 -21.93
CA PRO G 800 -19.61 44.71 -20.48
C PRO G 800 -19.59 43.24 -20.03
N GLY G 801 -18.84 42.93 -18.96
CA GLY G 801 -18.47 41.56 -18.60
C GLY G 801 -17.23 41.03 -19.31
N ASN G 802 -16.69 41.73 -20.31
CA ASN G 802 -15.41 41.41 -21.01
C ASN G 802 -15.56 40.28 -22.05
N SER G 803 -16.77 39.92 -22.49
CA SER G 803 -17.03 38.99 -23.61
C SER G 803 -16.72 39.65 -24.96
N TRP G 804 -16.46 38.84 -25.98
CA TRP G 804 -16.20 39.32 -27.37
C TRP G 804 -17.37 38.93 -28.28
N VAL G 805 -17.75 39.80 -29.22
CA VAL G 805 -18.75 39.49 -30.27
C VAL G 805 -18.22 39.96 -31.63
N TYR G 806 -18.26 39.07 -32.62
CA TYR G 806 -17.83 39.27 -34.03
C TYR G 806 -19.09 39.31 -34.92
N THR G 807 -19.30 40.39 -35.69
CA THR G 807 -20.38 40.49 -36.70
C THR G 807 -19.75 40.55 -38.09
N THR G 808 -20.35 39.83 -39.04
CA THR G 808 -19.92 39.82 -40.47
C THR G 808 -21.16 39.92 -41.35
N TYR G 809 -21.21 40.92 -42.22
CA TYR G 809 -22.23 41.13 -43.28
C TYR G 809 -21.59 40.86 -44.65
N THR G 810 -22.14 39.94 -45.45
CA THR G 810 -21.64 39.70 -46.83
C THR G 810 -22.77 40.06 -47.80
N VAL G 811 -22.57 41.09 -48.61
CA VAL G 811 -23.54 41.56 -49.64
C VAL G 811 -23.15 40.94 -50.98
N PHE G 812 -24.08 40.24 -51.62
CA PHE G 812 -23.92 39.62 -52.95
C PHE G 812 -24.57 40.49 -54.04
N GLY G 813 -24.14 40.25 -55.28
CA GLY G 813 -24.54 41.00 -56.49
C GLY G 813 -26.02 40.87 -56.83
N ASN G 814 -26.71 39.85 -56.33
CA ASN G 814 -28.18 39.64 -56.45
C ASN G 814 -28.99 40.40 -55.38
N GLY G 815 -28.35 41.13 -54.47
CA GLY G 815 -29.01 41.89 -53.38
C GLY G 815 -29.20 41.12 -52.06
N ASP G 816 -29.02 39.79 -52.01
CA ASP G 816 -28.97 39.02 -50.73
C ASP G 816 -27.87 39.58 -49.80
N VAL G 817 -28.11 39.59 -48.48
CA VAL G 817 -27.09 39.84 -47.43
C VAL G 817 -27.06 38.63 -46.48
N LEU G 818 -25.91 38.01 -46.27
CA LEU G 818 -25.68 37.02 -45.19
C LEU G 818 -25.22 37.76 -43.93
N VAL G 819 -25.85 37.44 -42.79
CA VAL G 819 -25.58 38.09 -41.48
C VAL G 819 -25.08 37.01 -40.53
N ASP G 820 -23.87 37.16 -39.97
CA ASP G 820 -23.22 36.14 -39.08
C ASP G 820 -22.84 36.79 -37.75
N LEU G 821 -22.98 36.05 -36.66
CA LEU G 821 -22.60 36.44 -35.27
C LEU G 821 -21.82 35.27 -34.65
N SER G 822 -20.71 35.55 -33.97
CA SER G 822 -20.03 34.62 -33.02
C SER G 822 -19.93 35.34 -31.69
N LEU G 823 -20.27 34.66 -30.61
CA LEU G 823 -20.16 35.21 -29.25
C LEU G 823 -19.15 34.33 -28.50
N ILE G 824 -18.10 34.93 -27.92
CA ILE G 824 -17.07 34.24 -27.08
C ILE G 824 -17.17 34.78 -25.66
N PRO G 825 -17.94 34.16 -24.74
CA PRO G 825 -18.09 34.68 -23.39
C PRO G 825 -16.78 34.65 -22.57
N ALA G 826 -16.59 35.62 -21.69
CA ALA G 826 -15.48 35.69 -20.72
C ALA G 826 -15.65 34.60 -19.65
N GLU G 827 -14.58 34.30 -18.90
CA GLU G 827 -14.48 33.09 -18.03
C GLU G 827 -15.39 33.16 -16.81
N ASP G 828 -15.86 34.34 -16.38
CA ASP G 828 -16.61 34.49 -15.10
C ASP G 828 -17.99 35.14 -15.31
N VAL G 829 -18.56 35.09 -16.52
CA VAL G 829 -19.93 35.64 -16.80
C VAL G 829 -20.98 34.57 -16.54
N PRO G 830 -22.21 34.94 -16.13
CA PRO G 830 -23.30 33.97 -15.96
C PRO G 830 -24.02 33.58 -17.27
N GLU G 831 -25.00 32.69 -17.19
CA GLU G 831 -25.78 32.19 -18.36
C GLU G 831 -26.43 33.36 -19.11
N ILE G 832 -26.82 33.14 -20.36
CA ILE G 832 -27.26 34.21 -21.30
C ILE G 832 -28.77 34.10 -21.51
N PRO G 833 -29.56 35.19 -21.36
CA PRO G 833 -31.00 35.12 -21.61
C PRO G 833 -31.42 34.84 -23.06
N ARG G 834 -30.70 35.38 -24.05
CA ARG G 834 -31.05 35.31 -25.49
C ARG G 834 -29.79 35.53 -26.32
N ILE G 835 -29.72 35.01 -27.54
CA ILE G 835 -28.66 35.38 -28.52
C ILE G 835 -29.31 35.76 -29.86
N GLY G 836 -29.19 37.02 -30.29
CA GLY G 836 -29.77 37.44 -31.58
C GLY G 836 -29.46 38.87 -31.95
N PHE G 837 -30.24 39.40 -32.88
CA PHE G 837 -30.18 40.78 -33.43
C PHE G 837 -31.54 41.44 -33.27
N GLN G 838 -31.55 42.75 -33.04
CA GLN G 838 -32.78 43.58 -32.91
C GLN G 838 -32.65 44.80 -33.82
N PHE G 839 -33.72 45.15 -34.55
CA PHE G 839 -33.81 46.43 -35.31
C PHE G 839 -35.27 46.94 -35.33
N THR G 840 -35.50 48.12 -35.93
CA THR G 840 -36.83 48.75 -36.09
C THR G 840 -37.07 49.19 -37.54
N VAL G 841 -38.30 48.97 -38.03
CA VAL G 841 -38.78 49.38 -39.38
C VAL G 841 -40.02 50.26 -39.19
N PRO G 842 -40.44 51.05 -40.20
CA PRO G 842 -41.66 51.89 -40.11
C PRO G 842 -42.96 51.09 -39.99
N GLU G 843 -43.97 51.66 -39.32
CA GLU G 843 -45.26 50.98 -38.97
C GLU G 843 -46.08 50.63 -40.22
N GLU G 844 -45.69 51.11 -41.41
CA GLU G 844 -46.27 50.71 -42.71
C GLU G 844 -46.05 49.22 -42.98
N PHE G 845 -45.03 48.58 -42.39
CA PHE G 845 -44.84 47.11 -42.38
C PHE G 845 -45.82 46.49 -41.37
N GLY G 846 -47.05 46.21 -41.79
CA GLY G 846 -48.18 45.88 -40.91
C GLY G 846 -48.68 44.45 -41.01
N THR G 847 -48.14 43.63 -41.92
CA THR G 847 -48.56 42.23 -42.15
C THR G 847 -47.33 41.32 -42.07
N VAL G 848 -47.48 40.11 -41.51
CA VAL G 848 -46.38 39.11 -41.37
C VAL G 848 -46.88 37.77 -41.90
N GLU G 849 -46.00 37.05 -42.60
CA GLU G 849 -46.21 35.66 -43.08
C GLU G 849 -45.01 34.83 -42.61
N TRP G 850 -45.20 33.56 -42.24
CA TRP G 850 -44.09 32.67 -41.83
C TRP G 850 -44.40 31.22 -42.13
N TYR G 851 -43.33 30.41 -42.29
CA TYR G 851 -43.38 28.92 -42.38
C TYR G 851 -42.63 28.40 -41.15
N GLY G 852 -43.35 27.76 -40.21
CA GLY G 852 -42.80 27.36 -38.90
C GLY G 852 -43.88 26.87 -37.95
N ARG G 853 -43.59 26.78 -36.65
CA ARG G 853 -44.59 26.37 -35.62
C ARG G 853 -45.59 27.51 -35.42
N GLY G 854 -46.87 27.19 -35.28
CA GLY G 854 -47.92 28.18 -35.05
C GLY G 854 -49.28 27.53 -34.75
N PRO G 855 -50.40 28.30 -34.78
CA PRO G 855 -50.37 29.74 -35.05
C PRO G 855 -50.00 30.66 -33.88
N HIS G 856 -49.95 30.12 -32.66
CA HIS G 856 -49.75 30.85 -31.38
C HIS G 856 -48.25 30.92 -31.07
N GLU G 857 -47.87 31.70 -30.05
CA GLU G 857 -46.46 31.81 -29.57
C GLU G 857 -45.99 30.46 -28.99
N THR G 858 -44.72 30.10 -29.17
CA THR G 858 -44.04 28.91 -28.62
C THR G 858 -42.64 29.27 -28.12
N TYR G 859 -42.13 28.54 -27.11
CA TYR G 859 -40.81 28.74 -26.47
C TYR G 859 -40.10 27.38 -26.39
N TRP G 860 -38.82 27.37 -26.04
CA TRP G 860 -37.92 26.19 -26.08
C TRP G 860 -38.50 25.04 -25.25
N ASP G 861 -39.06 25.31 -24.06
CA ASP G 861 -39.69 24.31 -23.15
C ASP G 861 -41.22 24.35 -23.21
N ARG G 862 -41.82 24.93 -24.25
CA ARG G 862 -43.30 24.93 -24.42
C ARG G 862 -43.62 25.11 -25.91
N LYS G 863 -43.45 24.06 -26.70
CA LYS G 863 -43.70 24.13 -28.15
C LYS G 863 -44.33 22.87 -28.78
N GLU G 864 -44.68 21.81 -28.03
CA GLU G 864 -45.31 20.59 -28.63
C GLU G 864 -46.63 20.93 -29.33
N SER G 865 -47.38 21.90 -28.81
CA SER G 865 -48.69 22.33 -29.39
C SER G 865 -48.50 23.12 -30.70
N GLY G 866 -47.28 23.48 -31.12
CA GLY G 866 -47.08 24.23 -32.37
C GLY G 866 -47.01 23.33 -33.60
N LEU G 867 -48.03 23.39 -34.46
CA LEU G 867 -48.14 22.65 -35.75
C LEU G 867 -47.30 23.37 -36.85
N PHE G 868 -46.46 22.65 -37.58
CA PHE G 868 -45.64 23.20 -38.71
C PHE G 868 -46.54 23.50 -39.91
N ALA G 869 -46.66 24.75 -40.33
CA ALA G 869 -47.48 25.12 -41.52
C ALA G 869 -47.16 26.55 -41.97
N ARG G 870 -47.86 27.03 -43.00
CA ARG G 870 -47.74 28.44 -43.45
C ARG G 870 -48.86 29.30 -42.84
N TYR G 871 -48.52 30.41 -42.17
CA TYR G 871 -49.43 31.30 -41.42
C TYR G 871 -49.31 32.76 -41.86
N ARG G 872 -50.34 33.56 -41.57
CA ARG G 872 -50.44 35.00 -41.94
C ARG G 872 -51.23 35.77 -40.87
N LYS G 873 -50.67 36.87 -40.34
CA LYS G 873 -51.33 37.73 -39.32
C LYS G 873 -50.92 39.19 -39.48
N ALA G 874 -51.75 40.09 -38.93
CA ALA G 874 -51.44 41.51 -38.71
C ALA G 874 -50.50 41.62 -37.49
N VAL G 875 -49.60 42.59 -37.49
CA VAL G 875 -48.55 42.76 -36.44
C VAL G 875 -49.19 42.89 -35.04
N GLY G 876 -50.31 43.62 -34.93
CA GLY G 876 -51.02 43.85 -33.65
C GLY G 876 -51.52 42.57 -32.99
N GLU G 877 -51.71 41.48 -33.74
CA GLU G 877 -52.21 40.20 -33.18
C GLU G 877 -51.07 39.17 -33.03
N MET G 878 -49.81 39.61 -33.13
CA MET G 878 -48.59 38.77 -32.96
C MET G 878 -48.06 38.88 -31.53
N MET G 879 -48.85 39.36 -30.57
CA MET G 879 -48.48 39.41 -29.13
C MET G 879 -49.72 39.06 -28.30
N HIS G 880 -49.52 38.53 -27.09
CA HIS G 880 -50.60 38.26 -26.11
C HIS G 880 -50.56 39.35 -25.04
N ARG G 881 -51.74 39.83 -24.62
CA ARG G 881 -51.89 40.87 -23.56
C ARG G 881 -51.98 40.21 -22.18
N TYR G 882 -50.84 39.80 -21.62
CA TYR G 882 -50.70 39.36 -20.20
C TYR G 882 -51.15 40.52 -19.29
N VAL G 883 -51.86 40.22 -18.18
CA VAL G 883 -52.36 41.22 -17.18
C VAL G 883 -51.19 42.12 -16.72
N ARG G 884 -50.03 41.56 -16.37
CA ARG G 884 -48.77 42.32 -16.23
C ARG G 884 -47.89 42.10 -17.47
N PRO G 885 -47.66 43.12 -18.33
CA PRO G 885 -46.87 42.95 -19.55
C PRO G 885 -45.47 42.37 -19.30
N GLN G 886 -45.03 41.53 -20.24
CA GLN G 886 -43.90 40.57 -20.10
C GLN G 886 -43.42 40.16 -21.50
N GLU G 887 -42.30 39.44 -21.58
CA GLU G 887 -41.86 38.72 -22.81
C GLU G 887 -43.05 37.96 -23.41
N THR G 888 -43.28 38.13 -24.71
CA THR G 888 -44.41 37.55 -25.47
C THR G 888 -44.09 37.53 -26.96
N GLY G 889 -44.77 36.67 -27.72
CA GLY G 889 -44.83 36.77 -29.20
C GLY G 889 -43.79 35.93 -29.96
N ASN G 890 -42.92 35.18 -29.27
CA ASN G 890 -41.90 34.31 -29.92
C ASN G 890 -42.56 33.27 -30.84
N ARG G 891 -42.02 33.08 -32.05
CA ARG G 891 -42.33 31.93 -32.96
C ARG G 891 -41.07 31.08 -33.09
N SER G 892 -41.16 29.76 -32.85
CA SER G 892 -40.03 28.80 -32.83
C SER G 892 -39.93 27.98 -34.13
N ASP G 893 -38.71 27.50 -34.42
CA ASP G 893 -38.34 26.54 -35.51
C ASP G 893 -38.82 27.08 -36.87
N VAL G 894 -38.60 28.37 -37.11
CA VAL G 894 -39.05 29.08 -38.34
C VAL G 894 -38.03 28.90 -39.49
N ARG G 895 -38.51 28.48 -40.66
CA ARG G 895 -37.71 28.33 -41.91
C ARG G 895 -37.55 29.72 -42.56
N TRP G 896 -38.63 30.51 -42.62
CA TRP G 896 -38.61 31.88 -43.22
C TRP G 896 -39.78 32.69 -42.67
N PHE G 897 -39.65 34.01 -42.65
CA PHE G 897 -40.72 35.00 -42.39
C PHE G 897 -40.55 36.18 -43.35
N ALA G 898 -41.63 36.92 -43.60
CA ALA G 898 -41.67 38.14 -44.45
C ALA G 898 -42.62 39.18 -43.86
N LEU G 899 -42.14 40.41 -43.74
CA LEU G 899 -42.94 41.61 -43.38
C LEU G 899 -43.26 42.35 -44.68
N SER G 900 -44.51 42.80 -44.85
CA SER G 900 -45.01 43.45 -46.10
C SER G 900 -45.60 44.82 -45.77
N ASP G 901 -45.34 45.83 -46.61
CA ASP G 901 -46.00 47.16 -46.56
C ASP G 901 -46.95 47.32 -47.77
N GLY G 902 -47.37 46.21 -48.39
CA GLY G 902 -48.21 46.20 -49.60
C GLY G 902 -47.40 46.00 -50.86
N GLU G 903 -46.31 46.76 -51.02
CA GLU G 903 -45.43 46.77 -52.23
C GLU G 903 -44.12 46.02 -51.93
N THR G 904 -43.38 46.48 -50.91
CA THR G 904 -42.02 45.99 -50.53
C THR G 904 -42.13 44.90 -49.45
N LYS G 905 -41.36 43.81 -49.59
CA LYS G 905 -41.27 42.69 -48.61
C LYS G 905 -39.86 42.66 -48.02
N LEU G 906 -39.74 42.64 -46.69
CA LEU G 906 -38.50 42.29 -45.97
C LEU G 906 -38.56 40.78 -45.65
N PHE G 907 -37.73 39.98 -46.33
CA PHE G 907 -37.66 38.50 -46.23
C PHE G 907 -36.43 38.08 -45.41
N VAL G 908 -36.61 37.16 -44.46
CA VAL G 908 -35.53 36.54 -43.64
C VAL G 908 -35.67 35.02 -43.75
N SER G 909 -34.59 34.29 -44.01
CA SER G 909 -34.56 32.80 -44.04
C SER G 909 -33.43 32.26 -43.16
N GLY G 910 -33.68 31.13 -42.52
CA GLY G 910 -32.76 30.51 -41.54
C GLY G 910 -31.74 29.63 -42.26
N MET G 911 -30.68 29.27 -41.55
CA MET G 911 -29.59 28.43 -42.08
C MET G 911 -29.30 27.33 -41.06
N PRO G 912 -30.21 26.35 -40.85
CA PRO G 912 -31.52 26.28 -41.50
C PRO G 912 -32.74 26.86 -40.78
N GLN G 913 -32.65 27.29 -39.52
CA GLN G 913 -33.82 27.86 -38.81
C GLN G 913 -33.46 29.02 -37.89
N ILE G 914 -34.46 29.84 -37.58
CA ILE G 914 -34.41 30.96 -36.61
C ILE G 914 -35.63 30.91 -35.70
N ASP G 915 -35.60 31.68 -34.62
CA ASP G 915 -36.80 32.16 -33.88
C ASP G 915 -36.96 33.67 -34.19
N PHE G 916 -38.18 34.19 -34.13
CA PHE G 916 -38.47 35.63 -34.37
C PHE G 916 -39.67 36.11 -33.54
N SER G 917 -39.78 37.43 -33.42
CA SER G 917 -40.99 38.13 -32.91
C SER G 917 -41.06 39.55 -33.48
N VAL G 918 -42.27 40.12 -33.54
CA VAL G 918 -42.54 41.50 -34.05
C VAL G 918 -43.47 42.21 -33.04
N TRP G 919 -43.08 43.39 -32.54
CA TRP G 919 -43.83 44.20 -31.52
C TRP G 919 -44.10 45.61 -32.02
N PRO G 920 -45.29 46.20 -31.76
CA PRO G 920 -45.55 47.61 -32.08
C PRO G 920 -45.09 48.65 -31.05
N PHE G 921 -43.97 48.40 -30.37
CA PHE G 921 -43.36 49.26 -29.33
C PHE G 921 -41.90 48.81 -29.10
N SER G 922 -41.14 49.46 -28.21
CA SER G 922 -39.72 49.13 -27.89
C SER G 922 -39.64 48.13 -26.73
N MET G 923 -38.50 47.43 -26.61
CA MET G 923 -38.18 46.54 -25.46
C MET G 923 -38.26 47.36 -24.15
N GLU G 924 -37.81 48.62 -24.19
CA GLU G 924 -37.84 49.58 -23.04
C GLU G 924 -39.29 49.90 -22.62
N ASP G 925 -40.19 50.15 -23.57
CA ASP G 925 -41.64 50.33 -23.30
C ASP G 925 -42.21 49.09 -22.59
N LEU G 926 -41.94 47.88 -23.11
CA LEU G 926 -42.53 46.62 -22.57
C LEU G 926 -42.06 46.40 -21.13
N GLU G 927 -40.80 46.73 -20.82
CA GLU G 927 -40.20 46.51 -19.47
C GLU G 927 -40.73 47.54 -18.46
N ARG G 928 -41.17 48.72 -18.92
CA ARG G 928 -41.58 49.87 -18.04
C ARG G 928 -43.02 49.70 -17.55
N VAL G 929 -43.98 49.43 -18.44
CA VAL G 929 -45.44 49.50 -18.14
C VAL G 929 -45.88 48.27 -17.33
N GLN G 930 -46.76 48.46 -16.35
CA GLN G 930 -47.23 47.40 -15.41
C GLN G 930 -48.72 47.08 -15.63
N HIS G 931 -49.39 47.71 -16.60
CA HIS G 931 -50.80 47.44 -16.99
C HIS G 931 -50.95 47.49 -18.51
N ILE G 932 -51.92 46.74 -19.02
CA ILE G 932 -52.21 46.56 -20.48
C ILE G 932 -52.60 47.91 -21.09
N SER G 933 -53.31 48.76 -20.34
CA SER G 933 -53.86 50.08 -20.79
C SER G 933 -52.73 51.09 -21.07
N GLU G 934 -51.57 50.96 -20.42
CA GLU G 934 -50.46 51.95 -20.47
C GLU G 934 -49.55 51.71 -21.70
N LEU G 935 -49.73 50.61 -22.46
CA LEU G 935 -48.89 50.27 -23.64
C LEU G 935 -49.04 51.37 -24.70
N PRO G 936 -47.99 52.17 -24.98
CA PRO G 936 -48.13 53.38 -25.78
C PRO G 936 -48.23 53.12 -27.29
N GLU G 937 -48.63 54.16 -28.05
CA GLU G 937 -48.71 54.17 -29.54
C GLU G 937 -47.34 54.56 -30.10
N ARG G 938 -46.86 53.82 -31.11
CA ARG G 938 -45.52 54.05 -31.74
C ARG G 938 -45.64 54.01 -33.27
N ASP G 939 -44.73 54.70 -33.96
CA ASP G 939 -44.69 54.80 -35.44
C ASP G 939 -43.63 53.83 -36.02
N PHE G 940 -43.28 52.76 -35.30
CA PHE G 940 -42.29 51.74 -35.75
C PHE G 940 -42.69 50.36 -35.22
N VAL G 941 -42.09 49.32 -35.81
CA VAL G 941 -42.20 47.89 -35.41
C VAL G 941 -40.80 47.43 -34.98
N THR G 942 -40.66 46.83 -33.80
CA THR G 942 -39.41 46.17 -33.33
C THR G 942 -39.37 44.74 -33.91
N VAL G 943 -38.26 44.33 -34.53
CA VAL G 943 -38.07 42.97 -35.11
C VAL G 943 -36.92 42.30 -34.33
N ASN G 944 -37.16 41.11 -33.77
CA ASN G 944 -36.14 40.23 -33.14
C ASN G 944 -35.90 38.99 -34.02
N VAL G 945 -34.64 38.70 -34.37
CA VAL G 945 -34.20 37.49 -35.13
C VAL G 945 -33.17 36.79 -34.23
N ASP G 946 -33.47 35.57 -33.76
CA ASP G 946 -32.75 34.90 -32.65
C ASP G 946 -32.27 33.51 -33.06
N PHE G 947 -31.12 33.14 -32.52
CA PHE G 947 -30.62 31.74 -32.42
C PHE G 947 -31.54 31.01 -31.41
N ARG G 948 -31.60 31.50 -30.19
CA ARG G 948 -32.44 30.88 -29.13
C ARG G 948 -32.63 31.86 -27.97
N GLN G 949 -33.63 31.55 -27.15
CA GLN G 949 -33.92 32.23 -25.87
C GLN G 949 -34.02 31.14 -24.81
N MET G 950 -33.68 31.41 -23.56
CA MET G 950 -33.79 30.39 -22.49
C MET G 950 -35.28 30.07 -22.22
N GLY G 951 -35.54 28.88 -21.67
CA GLY G 951 -36.92 28.43 -21.35
C GLY G 951 -37.62 29.36 -20.36
N LEU G 952 -38.94 29.17 -20.23
CA LEU G 952 -39.83 29.93 -19.30
C LEU G 952 -39.77 29.33 -17.89
N GLY G 953 -39.56 28.03 -17.74
CA GLY G 953 -39.61 27.32 -16.45
C GLY G 953 -41.01 27.31 -15.86
N GLY G 954 -41.11 27.39 -14.54
CA GLY G 954 -42.39 27.49 -13.80
C GLY G 954 -42.71 26.27 -12.94
N ASP G 955 -41.72 25.46 -12.54
CA ASP G 955 -41.90 24.42 -11.49
C ASP G 955 -42.50 25.10 -10.23
N ASP G 956 -42.00 26.29 -9.89
CA ASP G 956 -42.71 27.31 -9.08
C ASP G 956 -42.26 28.70 -9.55
N SER G 957 -42.73 29.76 -8.91
CA SER G 957 -42.44 31.18 -9.27
C SER G 957 -41.81 31.96 -8.10
N TRP G 958 -41.10 31.27 -7.19
CA TRP G 958 -40.39 31.89 -6.03
C TRP G 958 -39.03 31.22 -5.82
N GLY G 959 -38.30 30.90 -6.91
CA GLY G 959 -36.93 30.37 -6.81
C GLY G 959 -36.56 29.38 -7.91
N ALA G 960 -37.51 28.58 -8.40
CA ALA G 960 -37.21 27.53 -9.41
C ALA G 960 -36.67 28.17 -10.70
N MET G 961 -35.76 27.47 -11.36
CA MET G 961 -35.13 27.85 -12.65
C MET G 961 -35.72 26.98 -13.74
N PRO G 962 -35.50 27.33 -15.03
CA PRO G 962 -35.75 26.40 -16.12
C PRO G 962 -34.82 25.19 -15.96
N HIS G 963 -35.19 24.03 -16.49
CA HIS G 963 -34.34 22.80 -16.44
C HIS G 963 -33.01 23.02 -17.19
N LEU G 964 -31.98 22.27 -16.83
CA LEU G 964 -30.60 22.40 -17.39
C LEU G 964 -30.61 22.37 -18.93
N GLU G 965 -31.44 21.53 -19.52
CA GLU G 965 -31.45 21.36 -20.99
C GLU G 965 -32.13 22.53 -21.71
N TYR G 966 -32.67 23.55 -21.00
CA TYR G 966 -33.27 24.74 -21.68
C TYR G 966 -32.56 26.03 -21.25
N ARG G 967 -31.26 25.96 -20.94
CA ARG G 967 -30.43 27.14 -20.58
C ARG G 967 -29.27 27.30 -21.56
N LEU G 968 -28.85 28.55 -21.79
CA LEU G 968 -27.67 28.91 -22.64
C LEU G 968 -26.49 29.13 -21.69
N LEU G 969 -25.77 28.06 -21.35
CA LEU G 969 -24.59 28.13 -20.44
C LEU G 969 -23.46 28.82 -21.19
N PRO G 970 -22.58 29.59 -20.50
CA PRO G 970 -21.58 30.42 -21.18
C PRO G 970 -20.44 29.60 -21.80
N LYS G 971 -20.58 29.31 -23.09
CA LYS G 971 -19.57 28.69 -24.00
C LYS G 971 -19.65 29.45 -25.31
N PRO G 972 -18.71 29.27 -26.26
CA PRO G 972 -18.81 29.90 -27.57
C PRO G 972 -20.06 29.46 -28.39
N TYR G 973 -20.72 30.42 -29.06
CA TYR G 973 -21.92 30.20 -29.93
C TYR G 973 -21.75 30.93 -31.25
N ARG G 974 -22.33 30.40 -32.33
CA ARG G 974 -22.43 31.08 -33.64
C ARG G 974 -23.85 30.92 -34.19
N PHE G 975 -24.20 31.71 -35.20
CA PHE G 975 -25.58 31.88 -35.71
C PHE G 975 -25.51 32.70 -37.00
N SER G 976 -26.24 32.32 -38.06
CA SER G 976 -26.34 33.14 -39.30
C SER G 976 -27.75 33.06 -39.90
N PHE G 977 -28.11 34.07 -40.69
CA PHE G 977 -29.38 34.12 -41.49
C PHE G 977 -29.16 34.94 -42.76
N ARG G 978 -30.05 34.79 -43.74
CA ARG G 978 -30.07 35.54 -45.01
C ARG G 978 -31.23 36.54 -45.00
N MET G 979 -30.99 37.76 -45.48
CA MET G 979 -32.05 38.81 -45.59
C MET G 979 -32.05 39.32 -47.03
N ARG G 980 -33.23 39.57 -47.59
CA ARG G 980 -33.44 40.16 -48.93
C ARG G 980 -34.58 41.17 -48.87
N ILE G 981 -34.42 42.33 -49.51
CA ILE G 981 -35.49 43.35 -49.66
C ILE G 981 -35.85 43.44 -51.15
N SER G 982 -37.07 43.04 -51.50
CA SER G 982 -37.57 42.95 -52.89
C SER G 982 -39.09 43.17 -52.95
N GLU G 983 -39.69 42.94 -54.12
CA GLU G 983 -41.14 43.10 -54.37
C GLU G 983 -41.88 41.75 -54.27
N GLU G 984 -41.17 40.62 -54.33
CA GLU G 984 -41.76 39.25 -54.24
C GLU G 984 -40.97 38.40 -53.24
N ILE G 985 -41.63 37.40 -52.64
CA ILE G 985 -41.04 36.40 -51.69
C ILE G 985 -40.19 35.42 -52.52
N PRO G 986 -38.85 35.39 -52.37
CA PRO G 986 -38.04 34.37 -53.06
C PRO G 986 -38.17 32.99 -52.41
N SER G 987 -37.48 31.99 -52.97
CA SER G 987 -37.46 30.59 -52.46
C SER G 987 -36.54 30.51 -51.26
N TRP G 988 -37.06 30.10 -50.11
CA TRP G 988 -36.26 29.90 -48.88
C TRP G 988 -35.17 28.84 -49.08
N ARG G 989 -35.35 27.93 -50.02
CA ARG G 989 -34.47 26.76 -50.24
C ARG G 989 -33.26 27.07 -51.14
N VAL G 990 -33.20 28.27 -51.73
CA VAL G 990 -32.10 28.71 -52.65
C VAL G 990 -31.23 29.77 -51.97
N LEU G 991 -29.94 29.50 -51.81
CA LEU G 991 -28.93 30.44 -51.23
C LEU G 991 -27.79 30.68 -52.22
N ALA G 992 -27.01 31.75 -51.99
CA ALA G 992 -25.76 32.06 -52.71
C ALA G 992 -24.67 31.06 -52.28
N ALA G 993 -23.90 30.51 -53.22
CA ALA G 993 -22.75 29.60 -52.95
C ALA G 993 -21.56 30.39 -52.35
N ILE G 994 -20.85 29.79 -51.39
CA ILE G 994 -19.60 30.31 -50.74
C ILE G 994 -18.62 29.16 -50.53
N PRO G 995 -17.29 29.41 -50.43
CA PRO G 995 -16.33 28.36 -50.02
C PRO G 995 -16.60 27.93 -48.56
N GLU G 996 -16.39 26.65 -48.23
CA GLU G 996 -16.85 26.07 -46.94
C GLU G 996 -15.72 25.36 -46.17
N THR G 997 -14.45 25.51 -46.55
CA THR G 997 -13.30 24.70 -46.03
C THR G 997 -12.33 25.54 -45.18
N LEU G 998 -11.84 24.97 -44.07
CA LEU G 998 -10.76 25.56 -43.22
C LEU G 998 -9.40 25.14 -43.77
N HIS G 999 -8.37 25.96 -43.54
CA HIS G 999 -6.93 25.63 -43.77
C HIS G 999 -6.31 25.17 -42.45
N VAL G 1000 -5.73 23.96 -42.43
CA VAL G 1000 -5.22 23.30 -41.19
C VAL G 1000 -3.73 22.98 -41.36
N GLU G 1001 -2.97 23.09 -40.26
CA GLU G 1001 -1.57 22.59 -40.11
C GLU G 1001 -1.41 21.90 -38.76
N MET G 1002 -0.87 20.68 -38.77
CA MET G 1002 -0.52 19.87 -37.58
C MET G 1002 1.01 19.88 -37.43
N SER G 1003 1.53 19.90 -36.21
CA SER G 1003 2.99 19.86 -35.90
C SER G 1003 3.23 19.23 -34.52
N SER G 1004 4.38 18.59 -34.35
CA SER G 1004 4.84 18.00 -33.06
C SER G 1004 6.32 17.69 -33.09
N GLU G 1005 6.84 17.12 -32.00
CA GLU G 1005 8.20 16.51 -31.92
C GLU G 1005 8.23 15.25 -32.79
N ASP G 1006 9.33 15.02 -33.52
CA ASP G 1006 9.56 13.79 -34.32
C ASP G 1006 9.92 12.60 -33.42
N VAL G 1007 10.62 12.83 -32.32
CA VAL G 1007 11.13 11.74 -31.43
C VAL G 1007 11.00 12.18 -29.97
N ILE G 1008 10.53 11.29 -29.09
CA ILE G 1008 10.43 11.50 -27.62
C ILE G 1008 10.98 10.26 -26.89
N ARG G 1009 11.16 10.37 -25.58
CA ARG G 1009 11.63 9.29 -24.67
C ARG G 1009 10.42 8.63 -24.01
N GLU G 1010 10.50 7.33 -23.74
CA GLU G 1010 9.44 6.59 -23.00
C GLU G 1010 9.25 7.24 -21.63
N GLY G 1011 8.00 7.53 -21.25
CA GLY G 1011 7.65 8.28 -20.01
C GLY G 1011 7.35 9.74 -20.28
N ASP G 1012 7.88 10.33 -21.37
CA ASP G 1012 7.65 11.76 -21.74
C ASP G 1012 6.26 11.93 -22.39
N THR G 1013 5.84 13.19 -22.57
CA THR G 1013 4.53 13.61 -23.12
C THR G 1013 4.73 14.18 -24.53
N LEU G 1014 3.91 13.78 -25.49
CA LEU G 1014 3.90 14.35 -26.86
C LEU G 1014 2.94 15.54 -26.86
N ARG G 1015 3.39 16.70 -27.35
CA ARG G 1015 2.55 17.91 -27.57
C ARG G 1015 2.22 18.04 -29.06
N VAL G 1016 0.95 17.88 -29.43
CA VAL G 1016 0.51 18.04 -30.84
C VAL G 1016 -0.18 19.41 -30.97
N LYS G 1017 0.37 20.29 -31.81
CA LYS G 1017 -0.19 21.65 -32.06
C LYS G 1017 -0.98 21.64 -33.37
N PHE G 1018 -2.14 22.30 -33.40
CA PHE G 1018 -3.02 22.49 -34.58
C PHE G 1018 -3.36 23.97 -34.74
N SER G 1019 -3.16 24.50 -35.95
CA SER G 1019 -3.66 25.83 -36.38
C SER G 1019 -4.84 25.62 -37.34
N LEU G 1020 -5.92 26.37 -37.16
CA LEU G 1020 -7.10 26.38 -38.05
C LEU G 1020 -7.33 27.82 -38.49
N LEU G 1021 -7.33 28.09 -39.80
CA LEU G 1021 -7.58 29.44 -40.37
C LEU G 1021 -8.91 29.44 -41.12
N ASN G 1022 -9.83 30.35 -40.77
CA ASN G 1022 -11.13 30.56 -41.46
C ASN G 1022 -11.01 31.80 -42.34
N ASP G 1023 -11.00 31.62 -43.66
CA ASP G 1023 -10.95 32.74 -44.65
C ASP G 1023 -12.29 32.85 -45.39
N THR G 1024 -13.35 32.21 -44.89
CA THR G 1024 -14.72 32.23 -45.46
C THR G 1024 -15.50 33.35 -44.79
N PRO G 1025 -16.67 33.76 -45.33
CA PRO G 1025 -17.53 34.74 -44.64
C PRO G 1025 -18.47 34.23 -43.53
N LEU G 1026 -18.50 32.94 -43.19
CA LEU G 1026 -19.32 32.42 -42.05
C LEU G 1026 -18.43 31.85 -40.93
N SER G 1027 -18.87 32.01 -39.67
CA SER G 1027 -18.30 31.33 -38.48
C SER G 1027 -18.43 29.82 -38.70
N LYS G 1028 -17.44 29.04 -38.27
CA LYS G 1028 -17.43 27.57 -38.34
C LYS G 1028 -17.39 26.98 -36.92
N GLU G 1029 -18.25 26.02 -36.64
CA GLU G 1029 -18.20 25.12 -35.47
C GLU G 1029 -17.60 23.78 -35.93
N LYS G 1030 -16.57 23.28 -35.26
CA LYS G 1030 -15.84 22.05 -35.68
C LYS G 1030 -15.52 21.18 -34.44
N GLN G 1031 -15.71 19.86 -34.54
CA GLN G 1031 -15.17 18.87 -33.58
C GLN G 1031 -13.79 18.41 -34.10
N VAL G 1032 -12.69 18.76 -33.42
CA VAL G 1032 -11.32 18.31 -33.80
C VAL G 1032 -11.00 17.03 -33.02
N VAL G 1033 -10.94 15.88 -33.69
CA VAL G 1033 -10.68 14.55 -33.07
C VAL G 1033 -9.22 14.12 -33.33
N LEU G 1034 -8.49 13.72 -32.28
CA LEU G 1034 -7.11 13.16 -32.41
C LEU G 1034 -7.15 11.63 -32.28
N PHE G 1035 -6.63 10.91 -33.28
CA PHE G 1035 -6.48 9.44 -33.29
C PHE G 1035 -5.01 9.06 -33.06
N VAL G 1036 -4.77 8.02 -32.26
CA VAL G 1036 -3.44 7.42 -31.97
C VAL G 1036 -3.57 5.94 -32.31
N ASP G 1037 -2.85 5.47 -33.34
CA ASP G 1037 -2.85 4.07 -33.81
C ASP G 1037 -4.26 3.60 -34.16
N GLY G 1038 -5.06 4.48 -34.79
CA GLY G 1038 -6.41 4.15 -35.30
C GLY G 1038 -7.52 4.33 -34.26
N ASN G 1039 -7.19 4.50 -32.97
CA ASN G 1039 -8.19 4.59 -31.87
C ASN G 1039 -8.40 6.06 -31.47
N GLU G 1040 -9.67 6.46 -31.24
CA GLU G 1040 -10.03 7.83 -30.79
C GLU G 1040 -9.32 8.08 -29.47
N TYR G 1041 -8.58 9.19 -29.33
CA TYR G 1041 -7.81 9.51 -28.12
C TYR G 1041 -8.38 10.76 -27.40
N SER G 1042 -8.72 11.81 -28.12
CA SER G 1042 -9.20 13.09 -27.53
C SER G 1042 -10.02 13.88 -28.56
N VAL G 1043 -10.84 14.83 -28.08
CA VAL G 1043 -11.69 15.69 -28.96
C VAL G 1043 -11.82 17.09 -28.33
N ARG G 1044 -11.78 18.13 -29.16
CA ARG G 1044 -12.03 19.54 -28.77
C ARG G 1044 -13.10 20.16 -29.69
N ARG G 1045 -14.09 20.83 -29.11
CA ARG G 1045 -15.07 21.68 -29.85
C ARG G 1045 -14.46 23.06 -30.07
N VAL G 1046 -14.47 23.60 -31.29
CA VAL G 1046 -13.94 24.97 -31.58
C VAL G 1046 -14.98 25.76 -32.39
N VAL G 1047 -15.13 27.06 -32.08
CA VAL G 1047 -15.88 28.06 -32.90
C VAL G 1047 -14.86 29.06 -33.46
N ILE G 1048 -14.75 29.16 -34.78
CA ILE G 1048 -13.72 30.01 -35.46
C ILE G 1048 -14.46 31.10 -36.23
N PRO G 1049 -14.45 32.35 -35.73
CA PRO G 1049 -15.05 33.48 -36.44
C PRO G 1049 -14.37 33.72 -37.79
N PRO G 1050 -15.04 34.39 -38.74
CA PRO G 1050 -14.42 34.73 -40.03
C PRO G 1050 -13.13 35.54 -39.87
N PHE G 1051 -12.17 35.32 -40.78
CA PHE G 1051 -10.89 36.06 -40.84
C PHE G 1051 -10.11 35.89 -39.53
N LYS G 1052 -10.14 34.69 -38.95
CA LYS G 1052 -9.44 34.42 -37.66
C LYS G 1052 -8.72 33.08 -37.71
N LYS G 1053 -7.63 32.96 -36.93
CA LYS G 1053 -6.83 31.72 -36.72
C LYS G 1053 -6.96 31.30 -35.25
N GLU G 1054 -7.28 30.04 -35.01
CA GLU G 1054 -7.30 29.42 -33.66
C GLU G 1054 -6.15 28.41 -33.56
N GLU G 1055 -5.54 28.31 -32.39
CA GLU G 1055 -4.43 27.36 -32.09
C GLU G 1055 -4.90 26.44 -30.94
N LEU G 1056 -4.71 25.12 -31.11
CA LEU G 1056 -4.98 24.08 -30.09
C LEU G 1056 -3.69 23.34 -29.77
N VAL G 1057 -3.57 22.82 -28.55
CA VAL G 1057 -2.52 21.85 -28.15
C VAL G 1057 -3.22 20.65 -27.52
N PHE G 1058 -2.90 19.45 -27.99
CA PHE G 1058 -3.27 18.16 -27.33
C PHE G 1058 -2.01 17.59 -26.66
N LYS G 1059 -2.15 17.07 -25.44
CA LYS G 1059 -1.09 16.33 -24.71
C LYS G 1059 -1.40 14.83 -24.81
N VAL G 1060 -0.46 14.05 -25.35
CA VAL G 1060 -0.63 12.58 -25.50
C VAL G 1060 0.34 11.89 -24.53
N GLU G 1061 -0.21 11.05 -23.64
CA GLU G 1061 0.50 10.31 -22.55
C GLU G 1061 0.50 8.81 -22.86
N GLY G 1062 1.48 8.07 -22.32
CA GLY G 1062 1.46 6.60 -22.23
C GLY G 1062 1.95 5.88 -23.49
N LEU G 1063 2.67 6.57 -24.39
CA LEU G 1063 3.21 5.96 -25.63
C LEU G 1063 4.46 5.14 -25.28
N LYS G 1064 4.43 3.83 -25.58
CA LYS G 1064 5.54 2.87 -25.33
C LYS G 1064 6.50 2.89 -26.52
N LYS G 1065 7.67 2.26 -26.36
CA LYS G 1065 8.77 2.21 -27.37
C LYS G 1065 8.23 1.76 -28.73
N GLY G 1066 8.73 2.36 -29.82
CA GLY G 1066 8.37 2.02 -31.20
C GLY G 1066 7.92 3.22 -32.00
N GLU G 1067 7.19 2.98 -33.10
CA GLU G 1067 6.66 4.04 -34.00
C GLU G 1067 5.12 4.01 -33.90
N HIS G 1068 4.50 5.19 -33.97
CA HIS G 1068 3.04 5.40 -33.76
C HIS G 1068 2.50 6.37 -34.81
N LEU G 1069 1.34 6.07 -35.37
CA LEU G 1069 0.59 6.98 -36.27
C LEU G 1069 -0.27 7.93 -35.43
N ILE G 1070 -0.15 9.23 -35.66
CA ILE G 1070 -1.02 10.32 -35.13
C ILE G 1070 -1.80 10.88 -36.32
N HIS G 1071 -3.13 10.91 -36.27
CA HIS G 1071 -3.94 11.52 -37.36
C HIS G 1071 -5.21 12.17 -36.80
N THR G 1072 -5.85 13.00 -37.62
CA THR G 1072 -7.13 13.70 -37.28
C THR G 1072 -8.21 13.43 -38.32
N ASN G 1073 -9.43 13.85 -38.01
CA ASN G 1073 -10.60 13.92 -38.92
C ASN G 1073 -10.48 15.08 -39.93
N LEU G 1074 -9.41 15.88 -39.92
CA LEU G 1074 -9.18 17.03 -40.87
C LEU G 1074 -8.03 16.73 -41.85
N ASN G 1075 -7.72 15.47 -42.13
CA ASN G 1075 -6.78 15.05 -43.21
C ASN G 1075 -5.32 15.48 -42.89
N THR G 1076 -4.87 15.34 -41.63
CA THR G 1076 -3.45 15.51 -41.23
C THR G 1076 -2.96 14.19 -40.61
N ARG G 1077 -1.74 13.78 -40.92
CA ARG G 1077 -1.18 12.45 -40.53
C ARG G 1077 0.33 12.57 -40.32
N LYS G 1078 0.88 11.91 -39.30
CA LYS G 1078 2.34 11.95 -38.98
C LYS G 1078 2.74 10.65 -38.29
N THR G 1079 3.94 10.13 -38.57
CA THR G 1079 4.61 9.08 -37.77
C THR G 1079 5.45 9.75 -36.67
N ILE G 1080 5.40 9.22 -35.45
CA ILE G 1080 6.18 9.66 -34.25
C ILE G 1080 7.03 8.47 -33.74
N TYR G 1081 8.28 8.69 -33.33
CA TYR G 1081 9.19 7.61 -32.85
C TYR G 1081 9.40 7.78 -31.35
N VAL G 1082 9.17 6.72 -30.58
CA VAL G 1082 9.40 6.72 -29.10
C VAL G 1082 10.71 5.96 -28.84
N ARG G 1083 11.79 6.68 -28.57
CA ARG G 1083 13.12 6.11 -28.16
C ARG G 1083 12.96 5.37 -26.83
N PRO H 1 -24.89 27.29 73.49
CA PRO H 1 -25.23 26.17 72.57
C PRO H 1 -26.08 25.06 73.23
N TYR H 2 -27.13 24.61 72.54
CA TYR H 2 -28.02 23.51 72.99
C TYR H 2 -27.33 22.17 72.76
N GLU H 3 -27.42 21.25 73.72
CA GLU H 3 -26.80 19.89 73.69
C GLU H 3 -27.34 19.09 72.49
N TRP H 4 -28.55 19.39 72.02
CA TRP H 4 -29.20 18.74 70.86
C TRP H 4 -28.86 19.47 69.55
N GLU H 5 -27.87 20.36 69.55
CA GLU H 5 -27.30 20.97 68.32
C GLU H 5 -25.77 20.85 68.32
N ASN H 6 -25.18 19.97 69.14
CA ASN H 6 -23.71 19.90 69.33
C ASN H 6 -23.21 18.50 68.97
N PRO H 7 -22.67 18.26 67.74
CA PRO H 7 -22.23 16.93 67.34
C PRO H 7 -21.08 16.33 68.18
N GLN H 8 -20.34 17.14 68.94
CA GLN H 8 -19.17 16.70 69.74
C GLN H 8 -19.59 16.13 71.10
N LEU H 9 -20.84 16.34 71.52
CA LEU H 9 -21.42 15.76 72.76
C LEU H 9 -22.38 14.61 72.36
N VAL H 10 -21.94 13.37 72.55
CA VAL H 10 -22.65 12.14 72.09
C VAL H 10 -23.60 11.65 73.19
N SER H 11 -23.28 11.89 74.46
CA SER H 11 -24.12 11.55 75.64
C SER H 11 -23.55 12.19 76.91
N GLU H 12 -24.25 12.02 78.04
CA GLU H 12 -23.79 12.46 79.39
C GLU H 12 -24.50 11.64 80.46
N GLY H 13 -23.75 11.15 81.45
CA GLY H 13 -24.28 10.43 82.61
C GLY H 13 -24.57 8.96 82.34
N THR H 14 -24.19 8.41 81.18
CA THR H 14 -24.49 7.00 80.79
C THR H 14 -23.33 6.08 81.17
N GLU H 15 -23.62 4.81 81.42
CA GLU H 15 -22.63 3.73 81.64
C GLU H 15 -21.93 3.37 80.32
N LYS H 16 -20.80 2.67 80.38
CA LYS H 16 -20.08 2.13 79.20
C LYS H 16 -20.87 0.97 78.59
N SER H 17 -20.82 0.83 77.27
CA SER H 17 -21.43 -0.28 76.48
C SER H 17 -20.97 -1.63 77.04
N HIS H 18 -21.85 -2.63 77.02
CA HIS H 18 -21.50 -4.05 77.29
C HIS H 18 -22.43 -4.96 76.49
N ALA H 19 -22.15 -6.26 76.51
CA ALA H 19 -22.94 -7.30 75.82
C ALA H 19 -24.32 -7.44 76.47
N SER H 20 -25.34 -7.78 75.69
CA SER H 20 -26.73 -8.03 76.17
C SER H 20 -26.74 -9.24 77.10
N PHE H 21 -27.36 -9.13 78.28
CA PHE H 21 -27.68 -10.28 79.17
C PHE H 21 -29.19 -10.37 79.46
N ILE H 22 -29.97 -9.32 79.21
CA ILE H 22 -31.43 -9.23 79.52
C ILE H 22 -32.16 -8.76 78.27
N PRO H 23 -33.21 -9.45 77.79
CA PRO H 23 -33.62 -10.76 78.28
C PRO H 23 -32.68 -11.87 77.76
N TYR H 24 -32.80 -13.07 78.31
CA TYR H 24 -32.01 -14.27 77.93
C TYR H 24 -32.94 -15.31 77.29
N LEU H 25 -32.60 -15.83 76.11
CA LEU H 25 -33.35 -16.94 75.44
C LEU H 25 -32.71 -18.27 75.84
N ASP H 26 -33.48 -19.14 76.48
CA ASP H 26 -33.06 -20.51 76.84
C ASP H 26 -33.18 -21.39 75.61
N PRO H 27 -32.08 -21.94 75.05
CA PRO H 27 -32.15 -22.74 73.83
C PRO H 27 -32.74 -24.15 73.99
N PHE H 28 -32.97 -24.63 75.22
CA PHE H 28 -33.53 -25.97 75.51
C PHE H 28 -35.07 -25.90 75.52
N SER H 29 -35.65 -24.82 76.05
CA SER H 29 -37.11 -24.61 76.20
C SER H 29 -37.65 -23.61 75.16
N GLY H 30 -36.82 -22.66 74.70
CA GLY H 30 -37.24 -21.56 73.80
C GLY H 30 -37.99 -20.46 74.54
N GLU H 31 -37.80 -20.35 75.85
CA GLU H 31 -38.52 -19.38 76.74
C GLU H 31 -37.58 -18.24 77.14
N TRP H 32 -38.11 -17.01 77.21
CA TRP H 32 -37.40 -15.80 77.67
C TRP H 32 -37.30 -15.81 79.19
N GLU H 33 -36.17 -15.37 79.74
CA GLU H 33 -35.85 -15.39 81.20
C GLU H 33 -35.31 -14.02 81.63
N TYR H 34 -35.73 -13.57 82.82
CA TYR H 34 -35.38 -12.24 83.40
C TYR H 34 -34.68 -12.45 84.74
N PRO H 35 -33.91 -11.47 85.23
CA PRO H 35 -33.30 -11.56 86.57
C PRO H 35 -34.36 -11.52 87.67
N GLU H 36 -33.98 -11.95 88.89
CA GLU H 36 -34.85 -11.94 90.10
C GLU H 36 -35.18 -10.50 90.50
N GLU H 37 -34.17 -9.64 90.57
CA GLU H 37 -34.30 -8.19 90.92
C GLU H 37 -34.54 -7.40 89.62
N PHE H 38 -35.79 -7.38 89.13
CA PHE H 38 -36.19 -6.78 87.83
C PHE H 38 -37.57 -6.13 87.98
N ILE H 39 -37.70 -4.86 87.56
CA ILE H 39 -38.99 -4.10 87.48
C ILE H 39 -39.18 -3.57 86.06
N SER H 40 -40.18 -4.06 85.34
CA SER H 40 -40.63 -3.55 84.03
C SER H 40 -41.29 -2.17 84.21
N LEU H 41 -40.91 -1.21 83.35
CA LEU H 41 -41.52 0.13 83.27
C LEU H 41 -42.36 0.23 81.98
N ASN H 42 -42.68 -0.89 81.32
CA ASN H 42 -43.65 -0.93 80.20
C ASN H 42 -45.05 -0.72 80.78
N GLY H 43 -45.95 -0.10 80.00
CA GLY H 43 -47.34 0.18 80.41
C GLY H 43 -47.69 1.65 80.19
N ASN H 44 -48.57 2.20 81.04
CA ASN H 44 -49.10 3.59 80.90
C ASN H 44 -48.16 4.58 81.62
N TRP H 45 -47.83 5.66 80.92
CA TRP H 45 -47.15 6.88 81.44
C TRP H 45 -48.06 8.07 81.14
N ARG H 46 -48.05 9.09 82.00
CA ARG H 46 -48.66 10.41 81.71
C ARG H 46 -47.83 11.09 80.62
N PHE H 47 -48.49 11.66 79.61
CA PHE H 47 -47.85 12.17 78.37
C PHE H 47 -48.39 13.56 78.03
N LEU H 48 -47.51 14.42 77.50
CA LEU H 48 -47.80 15.80 77.05
C LEU H 48 -47.08 16.04 75.71
N PHE H 49 -47.83 16.40 74.66
CA PHE H 49 -47.31 16.69 73.30
C PHE H 49 -47.25 18.20 73.08
N ALA H 50 -46.11 18.69 72.58
CA ALA H 50 -45.84 20.11 72.26
C ALA H 50 -45.23 20.22 70.86
N LYS H 51 -45.44 21.34 70.19
CA LYS H 51 -45.03 21.61 68.77
C LYS H 51 -43.52 21.85 68.69
N ASN H 52 -42.90 22.27 69.80
CA ASN H 52 -41.43 22.48 69.88
C ASN H 52 -41.03 22.46 71.36
N PRO H 53 -39.72 22.46 71.70
CA PRO H 53 -39.29 22.35 73.10
C PRO H 53 -39.64 23.57 73.97
N PHE H 54 -39.90 24.74 73.35
CA PHE H 54 -40.11 26.04 74.05
C PHE H 54 -41.60 26.25 74.41
N GLU H 55 -42.50 25.41 73.90
CA GLU H 55 -43.95 25.45 74.20
C GLU H 55 -44.30 24.41 75.27
N VAL H 56 -43.31 23.96 76.05
CA VAL H 56 -43.49 23.01 77.19
C VAL H 56 -43.77 23.85 78.44
N PRO H 57 -44.69 23.43 79.34
CA PRO H 57 -44.92 24.15 80.60
C PRO H 57 -43.68 24.10 81.51
N GLU H 58 -43.36 25.22 82.17
CA GLU H 58 -42.13 25.38 82.99
C GLU H 58 -42.26 24.54 84.27
N ASP H 59 -41.15 23.93 84.71
CA ASP H 59 -41.05 23.12 85.95
C ASP H 59 -41.77 21.77 85.79
N PHE H 60 -41.87 21.25 84.55
CA PHE H 60 -42.59 19.99 84.21
C PHE H 60 -41.94 18.77 84.89
N PHE H 61 -40.67 18.88 85.30
CA PHE H 61 -39.81 17.76 85.79
C PHE H 61 -39.80 17.66 87.32
N SER H 62 -40.43 18.61 88.04
CA SER H 62 -40.46 18.66 89.52
C SER H 62 -41.53 17.72 90.09
N GLU H 63 -41.35 17.28 91.34
CA GLU H 63 -42.28 16.35 92.03
C GLU H 63 -43.60 17.06 92.35
N LYS H 64 -43.54 18.35 92.69
CA LYS H 64 -44.69 19.20 93.08
C LYS H 64 -45.64 19.43 91.90
N PHE H 65 -45.12 19.49 90.66
CA PHE H 65 -45.89 19.76 89.41
C PHE H 65 -47.10 18.82 89.33
N ASP H 66 -48.24 19.35 88.85
CA ASP H 66 -49.54 18.62 88.72
C ASP H 66 -49.75 18.21 87.26
N ASP H 67 -49.88 16.90 87.02
CA ASP H 67 -50.01 16.29 85.66
C ASP H 67 -51.32 15.49 85.57
N SER H 68 -52.27 15.73 86.48
CA SER H 68 -53.53 14.93 86.62
C SER H 68 -54.48 15.18 85.45
N ASN H 69 -54.24 16.22 84.63
CA ASN H 69 -55.03 16.55 83.41
C ASN H 69 -54.29 16.10 82.13
N TRP H 70 -53.10 15.49 82.24
CA TRP H 70 -52.32 14.96 81.09
C TRP H 70 -53.01 13.71 80.51
N ASP H 71 -52.85 13.48 79.20
CA ASP H 71 -53.25 12.22 78.52
C ASP H 71 -52.32 11.09 78.96
N GLU H 72 -52.77 9.83 78.83
CA GLU H 72 -51.99 8.59 79.11
C GLU H 72 -51.58 7.93 77.79
N ILE H 73 -50.28 7.63 77.61
CA ILE H 73 -49.72 6.89 76.44
C ILE H 73 -49.12 5.57 76.92
N GLU H 74 -49.24 4.51 76.11
CA GLU H 74 -48.65 3.18 76.37
C GLU H 74 -47.20 3.15 75.86
N VAL H 75 -46.28 2.64 76.68
CA VAL H 75 -44.85 2.42 76.33
C VAL H 75 -44.65 0.92 76.20
N PRO H 76 -43.96 0.40 75.15
CA PRO H 76 -43.35 1.21 74.09
C PRO H 76 -44.26 1.56 72.92
N SER H 77 -44.01 2.69 72.25
CA SER H 77 -44.75 3.10 71.03
C SER H 77 -44.05 4.24 70.30
N ASN H 78 -44.42 4.46 69.04
CA ASN H 78 -44.17 5.70 68.28
C ASN H 78 -45.46 6.52 68.40
N TRP H 79 -45.38 7.82 68.71
CA TRP H 79 -46.58 8.64 69.05
C TRP H 79 -47.33 9.07 67.78
N GLU H 80 -46.67 9.04 66.61
CA GLU H 80 -47.35 9.25 65.30
C GLU H 80 -48.38 8.15 65.05
N MET H 81 -48.17 6.94 65.61
CA MET H 81 -49.10 5.79 65.48
C MET H 81 -50.14 5.78 66.62
N LYS H 82 -50.11 6.76 67.53
CA LYS H 82 -51.09 6.91 68.66
C LYS H 82 -51.96 8.16 68.49
N GLY H 83 -51.72 9.02 67.50
CA GLY H 83 -52.59 10.16 67.15
C GLY H 83 -51.89 11.51 67.12
N TYR H 84 -50.68 11.64 67.69
CA TYR H 84 -49.98 12.93 67.86
C TYR H 84 -49.06 13.18 66.67
N GLY H 85 -49.04 14.40 66.15
CA GLY H 85 -48.24 14.78 64.97
C GLY H 85 -48.60 13.93 63.77
N LYS H 86 -47.76 13.94 62.73
CA LYS H 86 -47.98 13.20 61.46
C LYS H 86 -46.71 12.48 61.03
N PRO H 87 -46.82 11.27 60.45
CA PRO H 87 -45.65 10.57 59.91
C PRO H 87 -45.20 11.26 58.60
N ILE H 88 -43.89 11.39 58.41
CA ILE H 88 -43.28 12.02 57.21
C ILE H 88 -42.41 10.97 56.51
N TYR H 89 -42.57 10.81 55.19
CA TYR H 89 -41.68 9.94 54.37
C TYR H 89 -40.90 10.81 53.39
N THR H 90 -39.57 10.76 53.47
CA THR H 90 -38.62 11.37 52.50
C THR H 90 -37.54 10.32 52.18
N ASN H 91 -37.09 10.28 50.94
CA ASN H 91 -36.05 9.33 50.47
C ASN H 91 -34.69 9.85 50.92
N VAL H 92 -34.19 10.91 50.28
CA VAL H 92 -32.83 11.48 50.48
C VAL H 92 -32.91 12.84 51.18
N VAL H 93 -33.86 13.70 50.79
CA VAL H 93 -34.00 15.09 51.33
C VAL H 93 -34.37 15.00 52.81
N TYR H 94 -33.79 15.88 53.63
CA TYR H 94 -34.15 16.05 55.07
C TYR H 94 -35.52 16.71 55.15
N PRO H 95 -36.35 16.39 56.15
CA PRO H 95 -37.67 17.01 56.30
C PRO H 95 -37.66 18.42 56.91
N PHE H 96 -36.47 18.95 57.19
CA PHE H 96 -36.19 20.36 57.57
C PHE H 96 -35.10 20.90 56.64
N GLU H 97 -34.71 22.16 56.77
CA GLU H 97 -33.71 22.82 55.89
C GLU H 97 -32.32 22.33 56.25
N PRO H 98 -31.53 21.76 55.31
CA PRO H 98 -30.22 21.18 55.62
C PRO H 98 -29.15 22.24 55.88
N ASN H 99 -28.62 22.26 57.11
CA ASN H 99 -27.60 23.23 57.58
C ASN H 99 -26.97 22.67 58.85
N PRO H 100 -26.10 21.65 58.75
CA PRO H 100 -25.61 20.96 59.94
C PRO H 100 -24.75 21.88 60.81
N PRO H 101 -24.79 21.79 62.16
CA PRO H 101 -25.65 20.85 62.90
C PRO H 101 -27.01 21.36 63.39
N PHE H 102 -27.63 22.33 62.70
CA PHE H 102 -28.78 23.13 63.20
C PHE H 102 -30.11 22.47 62.82
N VAL H 103 -31.03 22.38 63.79
CA VAL H 103 -32.41 21.86 63.61
C VAL H 103 -33.39 22.99 63.92
N PRO H 104 -34.61 22.98 63.33
CA PRO H 104 -35.59 24.04 63.56
C PRO H 104 -36.04 24.17 65.03
N LYS H 105 -36.32 25.42 65.45
CA LYS H 105 -36.83 25.77 66.80
C LYS H 105 -38.35 25.96 66.77
N ASP H 106 -38.92 26.27 65.60
CA ASP H 106 -40.38 26.52 65.42
C ASP H 106 -41.15 25.20 65.35
N ASP H 107 -40.76 24.29 64.44
CA ASP H 107 -41.41 22.96 64.23
C ASP H 107 -40.41 21.86 64.59
N ASN H 108 -40.49 21.35 65.82
CA ASN H 108 -39.66 20.24 66.32
C ASN H 108 -40.50 19.47 67.35
N PRO H 109 -41.36 18.53 66.87
CA PRO H 109 -42.24 17.77 67.75
C PRO H 109 -41.55 17.25 69.01
N THR H 110 -42.18 17.44 70.16
CA THR H 110 -41.60 17.20 71.51
C THR H 110 -42.63 16.42 72.33
N GLY H 111 -42.14 15.50 73.15
CA GLY H 111 -42.96 14.66 74.04
C GLY H 111 -42.36 14.64 75.43
N VAL H 112 -43.20 14.74 76.46
CA VAL H 112 -42.78 14.65 77.89
C VAL H 112 -43.56 13.50 78.51
N TYR H 113 -42.85 12.52 79.10
CA TYR H 113 -43.41 11.33 79.77
C TYR H 113 -43.13 11.45 81.28
N ARG H 114 -44.10 11.12 82.14
CA ARG H 114 -43.95 11.12 83.63
C ARG H 114 -44.52 9.81 84.19
N ARG H 115 -43.85 9.23 85.19
CA ARG H 115 -44.31 7.99 85.86
C ARG H 115 -43.71 7.90 87.27
N TRP H 116 -44.49 7.36 88.21
CA TRP H 116 -44.10 7.09 89.62
C TRP H 116 -43.87 5.58 89.79
N ILE H 117 -42.78 5.19 90.46
CA ILE H 117 -42.35 3.76 90.63
C ILE H 117 -41.95 3.51 92.09
N GLU H 118 -42.18 2.26 92.56
CA GLU H 118 -41.99 1.80 93.96
C GLU H 118 -40.76 0.89 94.05
N ILE H 119 -39.63 1.39 94.56
CA ILE H 119 -38.38 0.61 94.77
C ILE H 119 -38.46 -0.06 96.14
N PRO H 120 -38.37 -1.41 96.25
CA PRO H 120 -38.24 -2.09 97.53
C PRO H 120 -36.98 -1.68 98.34
N GLU H 121 -37.01 -1.91 99.64
CA GLU H 121 -35.96 -1.45 100.61
C GLU H 121 -34.68 -2.28 100.42
N ASP H 122 -34.80 -3.59 100.19
CA ASP H 122 -33.65 -4.54 100.11
C ASP H 122 -32.79 -4.28 98.86
N TRP H 123 -33.24 -3.47 97.91
CA TRP H 123 -32.47 -3.08 96.69
C TRP H 123 -31.30 -2.15 97.03
N PHE H 124 -31.30 -1.48 98.18
CA PHE H 124 -30.35 -0.37 98.49
C PHE H 124 -29.06 -0.91 99.13
N LYS H 125 -28.95 -2.23 99.36
CA LYS H 125 -27.66 -2.91 99.67
C LYS H 125 -27.01 -3.42 98.37
N LYS H 126 -27.39 -2.87 97.21
CA LYS H 126 -26.96 -3.29 95.85
C LYS H 126 -26.78 -2.04 94.98
N GLU H 127 -26.44 -2.21 93.71
CA GLU H 127 -26.33 -1.10 92.73
C GLU H 127 -27.52 -1.18 91.76
N ILE H 128 -28.17 -0.03 91.47
CA ILE H 128 -29.47 0.06 90.73
C ILE H 128 -29.23 0.80 89.40
N PHE H 129 -29.71 0.22 88.28
CA PHE H 129 -29.56 0.79 86.91
C PHE H 129 -30.93 0.95 86.24
N LEU H 130 -31.12 2.03 85.49
CA LEU H 130 -32.27 2.29 84.60
C LEU H 130 -31.84 2.09 83.13
N HIS H 131 -32.47 1.17 82.40
CA HIS H 131 -32.10 0.75 81.01
C HIS H 131 -33.17 1.15 79.99
N PHE H 132 -32.83 2.01 79.01
CA PHE H 132 -33.65 2.33 77.82
C PHE H 132 -33.11 1.56 76.60
N GLU H 133 -33.88 0.62 76.07
CA GLU H 133 -33.49 -0.20 74.89
C GLU H 133 -33.43 0.65 73.61
N GLY H 134 -34.24 1.73 73.50
CA GLY H 134 -34.19 2.64 72.34
C GLY H 134 -35.19 3.80 72.40
N VAL H 135 -34.75 4.99 72.00
CA VAL H 135 -35.52 6.28 72.01
C VAL H 135 -35.12 7.09 70.79
N ARG H 136 -36.07 7.64 70.04
CA ARG H 136 -35.78 8.40 68.80
C ARG H 136 -36.26 9.85 68.99
N SER H 137 -35.43 10.88 68.71
CA SER H 137 -34.03 10.79 68.36
C SER H 137 -33.10 11.24 69.49
N PHE H 138 -33.60 11.96 70.49
CA PHE H 138 -32.80 12.59 71.59
C PHE H 138 -33.67 12.70 72.84
N PHE H 139 -33.12 12.51 74.03
CA PHE H 139 -33.89 12.68 75.28
C PHE H 139 -33.02 13.18 76.45
N TYR H 140 -33.66 13.92 77.36
CA TYR H 140 -33.20 14.32 78.73
C TYR H 140 -33.87 13.46 79.78
N LEU H 141 -33.15 13.06 80.83
CA LEU H 141 -33.70 12.27 81.96
C LEU H 141 -33.63 13.12 83.25
N TRP H 142 -34.73 13.12 84.04
CA TRP H 142 -34.82 13.67 85.42
C TRP H 142 -35.30 12.55 86.35
N VAL H 143 -34.65 12.38 87.50
CA VAL H 143 -35.08 11.45 88.59
C VAL H 143 -35.28 12.26 89.87
N ASN H 144 -36.47 12.15 90.49
CA ASN H 144 -36.88 12.87 91.72
C ASN H 144 -36.46 14.35 91.63
N GLY H 145 -36.77 15.01 90.50
CA GLY H 145 -36.54 16.45 90.28
C GLY H 145 -35.15 16.79 89.75
N LYS H 146 -34.16 15.90 89.87
CA LYS H 146 -32.74 16.17 89.54
C LYS H 146 -32.42 15.68 88.12
N LYS H 147 -31.60 16.44 87.38
CA LYS H 147 -31.05 16.10 86.02
C LYS H 147 -29.93 15.06 86.16
N ILE H 148 -30.03 13.94 85.45
CA ILE H 148 -29.00 12.85 85.41
C ILE H 148 -28.14 12.99 84.15
N GLY H 149 -28.76 13.19 82.98
CA GLY H 149 -28.05 13.42 81.71
C GLY H 149 -28.93 13.17 80.50
N PHE H 150 -28.31 12.87 79.35
CA PHE H 150 -28.97 12.76 78.01
C PHE H 150 -28.29 11.70 77.13
N SER H 151 -28.89 11.37 75.96
CA SER H 151 -28.38 10.37 74.98
C SER H 151 -28.90 10.65 73.57
N LYS H 152 -28.22 10.16 72.52
CA LYS H 152 -28.40 10.65 71.12
C LYS H 152 -28.60 9.58 70.01
N ASP H 153 -28.18 8.32 70.14
CA ASP H 153 -28.31 7.30 69.02
C ASP H 153 -29.58 6.48 69.20
N SER H 154 -30.47 6.50 68.21
CA SER H 154 -31.87 6.01 68.33
C SER H 154 -31.95 4.49 68.51
N CYS H 155 -30.95 3.71 68.10
CA CYS H 155 -31.11 2.26 67.85
C CYS H 155 -30.25 1.41 68.80
N THR H 156 -29.48 2.03 69.72
CA THR H 156 -28.64 1.32 70.72
C THR H 156 -29.02 1.80 72.12
N PRO H 157 -28.81 1.00 73.18
CA PRO H 157 -29.36 1.30 74.50
C PRO H 157 -28.65 2.44 75.24
N ALA H 158 -29.29 2.92 76.31
CA ALA H 158 -28.78 3.97 77.25
C ALA H 158 -29.09 3.51 78.67
N GLU H 159 -28.05 3.36 79.48
CA GLU H 159 -28.12 2.83 80.87
C GLU H 159 -27.55 3.89 81.81
N PHE H 160 -28.17 4.07 82.99
CA PHE H 160 -27.82 5.12 83.99
C PHE H 160 -27.79 4.48 85.39
N ARG H 161 -26.68 4.65 86.11
CA ARG H 161 -26.57 4.20 87.54
C ARG H 161 -27.28 5.24 88.42
N LEU H 162 -28.26 4.81 89.23
CA LEU H 162 -29.19 5.71 89.97
C LEU H 162 -29.16 5.45 91.48
N THR H 163 -28.23 4.63 91.99
CA THR H 163 -28.23 4.13 93.40
C THR H 163 -28.25 5.30 94.40
N ASP H 164 -27.61 6.44 94.08
CA ASP H 164 -27.50 7.63 94.97
C ASP H 164 -28.80 8.44 94.99
N VAL H 165 -29.32 8.83 93.81
CA VAL H 165 -30.43 9.83 93.67
C VAL H 165 -31.80 9.20 93.92
N LEU H 166 -31.87 7.89 94.14
CA LEU H 166 -33.14 7.13 94.34
C LEU H 166 -33.32 6.89 95.85
N ARG H 167 -34.55 6.67 96.30
CA ARG H 167 -34.90 6.46 97.74
C ARG H 167 -35.89 5.30 97.85
N PRO H 168 -35.97 4.60 99.01
CA PRO H 168 -37.00 3.57 99.21
C PRO H 168 -38.41 4.14 99.10
N GLY H 169 -39.37 3.32 98.68
CA GLY H 169 -40.76 3.72 98.43
C GLY H 169 -40.94 4.33 97.05
N LYS H 170 -41.64 5.46 96.96
CA LYS H 170 -42.16 6.04 95.70
C LYS H 170 -41.15 7.04 95.13
N ASN H 171 -40.78 6.89 93.84
CA ASN H 171 -39.84 7.78 93.12
C ASN H 171 -40.49 8.24 91.80
N LEU H 172 -40.08 9.40 91.29
CA LEU H 172 -40.55 9.97 89.99
C LEU H 172 -39.46 9.80 88.93
N ILE H 173 -39.84 9.33 87.73
CA ILE H 173 -39.01 9.34 86.49
C ILE H 173 -39.69 10.31 85.50
N THR H 174 -38.93 11.22 84.89
CA THR H 174 -39.40 12.16 83.85
C THR H 174 -38.40 12.17 82.68
N VAL H 175 -38.93 12.06 81.45
CA VAL H 175 -38.16 11.99 80.18
C VAL H 175 -38.75 13.04 79.22
N GLU H 176 -37.91 13.87 78.61
CA GLU H 176 -38.29 14.77 77.50
C GLU H 176 -37.64 14.30 76.19
N VAL H 177 -38.45 13.93 75.18
CA VAL H 177 -37.97 13.36 73.88
C VAL H 177 -38.15 14.41 72.78
N LEU H 178 -37.10 14.68 72.00
CA LEU H 178 -37.13 15.56 70.80
C LEU H 178 -37.07 14.70 69.52
N LYS H 179 -37.85 15.04 68.49
CA LYS H 179 -37.91 14.27 67.22
C LYS H 179 -36.61 14.49 66.45
N TRP H 180 -36.23 15.75 66.23
CA TRP H 180 -35.03 16.14 65.45
C TRP H 180 -33.93 16.69 66.38
N SER H 181 -32.68 16.33 66.07
CA SER H 181 -31.44 16.73 66.75
C SER H 181 -30.31 16.75 65.71
N ASP H 182 -29.09 17.06 66.13
CA ASP H 182 -27.88 16.93 65.28
C ASP H 182 -27.68 15.45 64.89
N GLY H 183 -28.03 14.52 65.78
CA GLY H 183 -28.10 13.06 65.51
C GLY H 183 -28.85 12.72 64.24
N SER H 184 -29.93 13.47 63.91
CA SER H 184 -30.81 13.26 62.73
C SER H 184 -30.04 13.35 61.42
N TYR H 185 -28.92 14.06 61.37
CA TYR H 185 -28.07 14.20 60.15
C TYR H 185 -27.41 12.85 59.77
N LEU H 186 -27.25 11.92 60.71
CA LEU H 186 -26.73 10.53 60.47
C LEU H 186 -27.87 9.48 60.50
N GLU H 187 -29.13 9.88 60.40
CA GLU H 187 -30.30 8.95 60.44
C GLU H 187 -31.23 9.27 59.26
N ASP H 188 -30.64 9.55 58.09
CA ASP H 188 -31.35 9.90 56.84
C ASP H 188 -31.58 8.63 55.99
N GLN H 189 -32.11 7.55 56.59
CA GLN H 189 -32.44 6.30 55.85
C GLN H 189 -33.70 6.55 55.03
N ASP H 190 -33.84 5.87 53.89
CA ASP H 190 -35.05 5.90 53.03
C ASP H 190 -36.17 5.17 53.77
N MET H 191 -36.87 5.88 54.67
CA MET H 191 -37.91 5.29 55.56
C MET H 191 -38.74 6.41 56.20
N TRP H 192 -39.79 6.04 56.93
CA TRP H 192 -40.70 6.95 57.67
C TRP H 192 -39.95 7.58 58.85
N TRP H 193 -40.03 8.92 59.02
CA TRP H 193 -39.55 9.65 60.23
C TRP H 193 -40.59 9.53 61.35
N PHE H 194 -40.32 8.76 62.40
CA PHE H 194 -41.15 8.58 63.62
C PHE H 194 -40.40 9.15 64.84
N ALA H 195 -40.96 9.03 66.05
CA ALA H 195 -40.37 9.52 67.32
C ALA H 195 -41.03 8.84 68.53
N GLY H 196 -40.32 8.78 69.66
CA GLY H 196 -40.85 8.35 70.97
C GLY H 196 -40.03 7.26 71.64
N ILE H 197 -40.47 6.80 72.81
CA ILE H 197 -39.87 5.64 73.53
C ILE H 197 -40.46 4.35 72.93
N TYR H 198 -39.82 3.80 71.89
CA TYR H 198 -40.39 2.77 70.97
C TYR H 198 -39.88 1.36 71.30
N ARG H 199 -39.00 1.21 72.30
CA ARG H 199 -38.51 -0.10 72.81
C ARG H 199 -38.57 -0.07 74.35
N ASP H 200 -38.50 -1.25 74.97
CA ASP H 200 -38.74 -1.50 76.42
C ASP H 200 -37.89 -0.62 77.33
N VAL H 201 -38.38 -0.40 78.56
CA VAL H 201 -37.69 0.32 79.68
C VAL H 201 -37.80 -0.56 80.92
N TYR H 202 -36.74 -0.67 81.72
CA TYR H 202 -36.75 -1.49 82.96
C TYR H 202 -35.68 -1.02 83.95
N LEU H 203 -35.86 -1.43 85.22
CA LEU H 203 -34.91 -1.27 86.35
C LEU H 203 -34.42 -2.65 86.78
N TYR H 204 -33.13 -2.80 87.07
CA TYR H 204 -32.57 -4.05 87.66
C TYR H 204 -31.50 -3.66 88.68
N ALA H 205 -31.06 -4.62 89.49
CA ALA H 205 -30.10 -4.42 90.60
C ALA H 205 -29.01 -5.51 90.57
N LEU H 206 -27.75 -5.12 90.70
CA LEU H 206 -26.58 -6.05 90.77
C LEU H 206 -25.87 -5.88 92.10
N PRO H 207 -25.18 -6.92 92.62
CA PRO H 207 -24.29 -6.77 93.77
C PRO H 207 -23.23 -5.68 93.58
N LYS H 208 -22.64 -5.22 94.68
CA LYS H 208 -21.61 -4.14 94.70
C LYS H 208 -20.40 -4.57 93.86
N PHE H 209 -20.03 -5.85 93.94
CA PHE H 209 -18.96 -6.51 93.13
C PHE H 209 -19.63 -7.46 92.14
N HIS H 210 -19.56 -7.14 90.85
CA HIS H 210 -20.33 -7.83 89.77
C HIS H 210 -19.49 -7.98 88.49
N ILE H 211 -19.92 -8.89 87.61
CA ILE H 211 -19.42 -9.05 86.21
C ILE H 211 -20.06 -7.94 85.37
N ARG H 212 -19.26 -7.00 84.85
CA ARG H 212 -19.74 -5.91 83.97
C ARG H 212 -19.91 -6.44 82.53
N ASP H 213 -18.98 -7.26 82.01
CA ASP H 213 -18.94 -7.65 80.56
C ASP H 213 -18.30 -9.04 80.38
N VAL H 214 -18.69 -9.73 79.29
CA VAL H 214 -18.17 -11.07 78.86
C VAL H 214 -17.93 -11.03 77.35
N PHE H 215 -16.75 -11.46 76.88
CA PHE H 215 -16.45 -11.71 75.45
C PHE H 215 -16.03 -13.18 75.29
N VAL H 216 -16.90 -13.99 74.64
CA VAL H 216 -16.61 -15.42 74.33
C VAL H 216 -16.37 -15.53 72.81
N ARG H 217 -15.19 -16.04 72.44
CA ARG H 217 -14.76 -16.31 71.03
C ARG H 217 -14.35 -17.79 70.92
N THR H 218 -14.50 -18.39 69.73
CA THR H 218 -14.05 -19.78 69.46
C THR H 218 -13.04 -19.79 68.33
N ASP H 219 -12.15 -20.79 68.33
CA ASP H 219 -11.29 -21.17 67.18
C ASP H 219 -11.51 -22.67 66.89
N LEU H 220 -11.27 -23.09 65.65
CA LEU H 220 -11.29 -24.51 65.20
C LEU H 220 -9.93 -24.82 64.54
N ASP H 221 -9.47 -26.06 64.64
CA ASP H 221 -8.17 -26.54 64.06
C ASP H 221 -8.26 -26.58 62.53
N GLU H 222 -7.17 -26.96 61.86
CA GLU H 222 -7.04 -26.96 60.37
C GLU H 222 -7.92 -28.06 59.73
N ASN H 223 -8.43 -29.03 60.50
CA ASN H 223 -9.37 -30.06 60.02
C ASN H 223 -10.82 -29.70 60.40
N TYR H 224 -11.05 -28.52 61.02
CA TYR H 224 -12.38 -28.09 61.53
C TYR H 224 -12.96 -29.18 62.42
N ARG H 225 -12.11 -29.81 63.26
CA ARG H 225 -12.47 -30.96 64.13
C ARG H 225 -12.52 -30.52 65.60
N ASN H 226 -11.38 -30.23 66.21
CA ASN H 226 -11.29 -29.82 67.64
C ASN H 226 -11.38 -28.30 67.75
N GLY H 227 -11.82 -27.81 68.91
CA GLY H 227 -12.11 -26.40 69.17
C GLY H 227 -11.31 -25.85 70.34
N LYS H 228 -11.25 -24.53 70.44
CA LYS H 228 -10.72 -23.77 71.60
C LYS H 228 -11.75 -22.71 71.97
N ILE H 229 -11.88 -22.43 73.27
CA ILE H 229 -12.72 -21.31 73.78
C ILE H 229 -11.75 -20.28 74.34
N PHE H 230 -11.91 -19.01 73.95
CA PHE H 230 -11.16 -17.85 74.51
C PHE H 230 -12.16 -16.92 75.22
N LEU H 231 -12.05 -16.82 76.55
CA LEU H 231 -13.04 -16.14 77.43
C LEU H 231 -12.36 -14.96 78.12
N ASP H 232 -12.87 -13.73 77.93
CA ASP H 232 -12.53 -12.50 78.69
C ASP H 232 -13.69 -12.14 79.64
N VAL H 233 -13.43 -12.04 80.94
CA VAL H 233 -14.43 -11.67 81.99
C VAL H 233 -13.98 -10.38 82.67
N GLU H 234 -14.73 -9.29 82.47
CA GLU H 234 -14.46 -7.97 83.11
C GLU H 234 -15.30 -7.84 84.41
N MET H 235 -14.63 -7.57 85.53
CA MET H 235 -15.25 -7.41 86.88
C MET H 235 -15.16 -5.95 87.30
N ARG H 236 -16.13 -5.49 88.08
CA ARG H 236 -16.27 -4.09 88.55
C ARG H 236 -16.63 -4.09 90.04
N ASN H 237 -15.92 -3.29 90.84
CA ASN H 237 -16.10 -3.17 92.31
C ASN H 237 -16.62 -1.77 92.63
N LEU H 238 -17.74 -1.69 93.35
CA LEU H 238 -18.35 -0.43 93.86
C LEU H 238 -18.55 -0.53 95.37
N GLY H 239 -17.46 -0.69 96.13
CA GLY H 239 -17.40 -0.55 97.59
C GLY H 239 -17.45 -1.88 98.35
N GLU H 240 -17.27 -3.02 97.68
CA GLU H 240 -17.15 -4.35 98.34
C GLU H 240 -15.73 -4.50 98.89
N GLU H 241 -15.57 -5.30 99.96
CA GLU H 241 -14.29 -5.51 100.68
C GLU H 241 -13.95 -7.01 100.81
N GLU H 242 -14.95 -7.85 101.10
CA GLU H 242 -14.82 -9.33 101.25
C GLU H 242 -14.55 -9.98 99.89
N GLU H 243 -13.91 -11.16 99.88
CA GLU H 243 -13.59 -11.97 98.67
C GLU H 243 -14.77 -12.87 98.31
N LYS H 244 -15.08 -13.00 97.01
CA LYS H 244 -16.21 -13.80 96.47
C LYS H 244 -15.66 -14.95 95.63
N ASP H 245 -16.50 -15.96 95.37
CA ASP H 245 -16.18 -17.17 94.57
C ASP H 245 -16.70 -17.00 93.13
N LEU H 246 -15.85 -17.24 92.14
CA LEU H 246 -16.16 -17.21 90.68
C LEU H 246 -16.26 -18.66 90.18
N GLU H 247 -17.41 -19.04 89.59
CA GLU H 247 -17.62 -20.36 88.94
C GLU H 247 -18.06 -20.12 87.48
N VAL H 248 -17.48 -20.87 86.54
CA VAL H 248 -17.86 -20.88 85.09
C VAL H 248 -18.14 -22.33 84.70
N THR H 249 -19.36 -22.59 84.20
CA THR H 249 -19.88 -23.92 83.79
C THR H 249 -20.22 -23.90 82.30
N LEU H 250 -19.84 -24.95 81.55
CA LEU H 250 -20.18 -25.15 80.13
C LEU H 250 -21.28 -26.20 80.03
N ILE H 251 -22.42 -25.88 79.40
CA ILE H 251 -23.54 -26.83 79.13
C ILE H 251 -23.56 -27.13 77.63
N THR H 252 -23.55 -28.41 77.26
CA THR H 252 -23.49 -28.89 75.85
C THR H 252 -24.89 -28.86 75.24
N PRO H 253 -25.02 -28.91 73.90
CA PRO H 253 -26.32 -29.03 73.25
C PRO H 253 -27.14 -30.24 73.70
N ASP H 254 -26.48 -31.35 74.06
CA ASP H 254 -27.09 -32.57 74.63
C ASP H 254 -27.67 -32.27 76.02
N GLY H 255 -26.94 -31.51 76.85
CA GLY H 255 -27.38 -31.10 78.21
C GLY H 255 -26.38 -31.45 79.30
N ASP H 256 -25.26 -32.10 78.97
CA ASP H 256 -24.16 -32.43 79.91
C ASP H 256 -23.48 -31.14 80.39
N GLU H 257 -23.00 -31.12 81.64
CA GLU H 257 -22.34 -29.96 82.30
C GLU H 257 -20.89 -30.29 82.63
N LYS H 258 -20.03 -29.26 82.64
CA LYS H 258 -18.60 -29.34 83.02
C LYS H 258 -18.17 -28.00 83.65
N THR H 259 -17.49 -28.05 84.78
CA THR H 259 -16.87 -26.87 85.44
C THR H 259 -15.55 -26.56 84.73
N LEU H 260 -15.41 -25.35 84.19
CA LEU H 260 -14.19 -24.87 83.48
C LEU H 260 -13.31 -24.11 84.48
N VAL H 261 -13.93 -23.29 85.32
CA VAL H 261 -13.26 -22.40 86.32
C VAL H 261 -14.01 -22.50 87.65
N LYS H 262 -13.26 -22.59 88.75
CA LYS H 262 -13.78 -22.42 90.15
C LYS H 262 -12.64 -21.90 91.02
N GLU H 263 -12.67 -20.60 91.35
CA GLU H 263 -11.58 -19.90 92.09
C GLU H 263 -12.18 -18.78 92.96
N THR H 264 -11.39 -18.26 93.89
CA THR H 264 -11.72 -17.12 94.78
C THR H 264 -10.98 -15.88 94.26
N VAL H 265 -11.67 -14.74 94.21
CA VAL H 265 -11.18 -13.46 93.60
C VAL H 265 -11.39 -12.35 94.62
N LYS H 266 -10.35 -11.56 94.89
CA LYS H 266 -10.42 -10.35 95.76
C LYS H 266 -11.12 -9.25 94.99
N PRO H 267 -11.97 -8.42 95.67
CA PRO H 267 -12.77 -7.41 94.97
C PRO H 267 -11.89 -6.27 94.41
N GLU H 268 -11.91 -6.11 93.08
CA GLU H 268 -11.10 -5.10 92.33
C GLU H 268 -11.63 -5.04 90.89
N ASP H 269 -11.28 -3.94 90.19
CA ASP H 269 -11.58 -3.74 88.74
C ASP H 269 -10.47 -4.40 87.92
N ARG H 270 -10.76 -5.53 87.26
CA ARG H 270 -9.78 -6.35 86.50
C ARG H 270 -10.48 -7.13 85.37
N VAL H 271 -9.75 -7.42 84.29
CA VAL H 271 -10.17 -8.35 83.20
C VAL H 271 -9.40 -9.67 83.37
N LEU H 272 -10.11 -10.76 83.65
CA LEU H 272 -9.57 -12.15 83.70
C LEU H 272 -9.74 -12.79 82.33
N SER H 273 -8.70 -13.48 81.84
CA SER H 273 -8.68 -14.17 80.53
C SER H 273 -8.36 -15.65 80.71
N PHE H 274 -9.08 -16.52 80.02
CA PHE H 274 -8.95 -18.00 80.06
C PHE H 274 -8.94 -18.55 78.63
N ALA H 275 -8.29 -19.69 78.43
CA ALA H 275 -8.31 -20.48 77.17
C ALA H 275 -8.51 -21.96 77.52
N PHE H 276 -9.51 -22.61 76.93
CA PHE H 276 -9.87 -24.04 77.15
C PHE H 276 -9.89 -24.76 75.80
N ASP H 277 -9.63 -26.07 75.82
CA ASP H 277 -9.73 -26.99 74.67
C ASP H 277 -11.03 -27.80 74.80
N VAL H 278 -11.70 -28.07 73.68
CA VAL H 278 -12.91 -28.93 73.58
C VAL H 278 -12.72 -29.90 72.40
N LYS H 279 -13.01 -31.19 72.60
CA LYS H 279 -12.85 -32.25 71.58
C LYS H 279 -14.16 -32.42 70.79
N ASP H 280 -14.06 -32.44 69.45
CA ASP H 280 -15.17 -32.71 68.50
C ASP H 280 -16.45 -32.01 68.95
N PRO H 281 -16.46 -30.67 69.08
CA PRO H 281 -17.70 -29.95 69.39
C PRO H 281 -18.66 -29.98 68.18
N LYS H 282 -19.96 -29.90 68.46
CA LYS H 282 -21.02 -29.70 67.44
C LYS H 282 -20.94 -28.25 66.94
N LYS H 283 -20.79 -28.08 65.62
CA LYS H 283 -20.54 -26.77 64.98
C LYS H 283 -21.88 -26.07 64.67
N TRP H 284 -21.94 -24.75 64.81
CA TRP H 284 -23.15 -23.95 64.52
C TRP H 284 -23.13 -23.64 63.01
N SER H 285 -24.26 -23.83 62.31
CA SER H 285 -24.52 -23.26 60.96
C SER H 285 -26.01 -22.87 60.86
N ALA H 286 -26.38 -22.16 59.79
CA ALA H 286 -27.80 -21.84 59.47
C ALA H 286 -28.59 -23.14 59.25
N GLU H 287 -28.00 -24.16 58.66
CA GLU H 287 -28.62 -25.51 58.44
C GLU H 287 -28.75 -26.28 59.77
N THR H 288 -27.83 -26.10 60.74
CA THR H 288 -27.72 -26.91 61.98
C THR H 288 -27.31 -26.01 63.15
N PRO H 289 -28.23 -25.21 63.73
CA PRO H 289 -27.86 -24.23 64.76
C PRO H 289 -27.65 -24.76 66.20
N HIS H 290 -26.63 -25.58 66.42
CA HIS H 290 -26.23 -26.12 67.75
C HIS H 290 -25.61 -25.02 68.64
N LEU H 291 -26.20 -24.73 69.80
CA LEU H 291 -25.75 -23.68 70.75
C LEU H 291 -25.25 -24.33 72.03
N TYR H 292 -24.06 -23.92 72.51
CA TYR H 292 -23.52 -24.20 73.86
C TYR H 292 -23.93 -23.05 74.80
N VAL H 293 -23.96 -23.27 76.11
CA VAL H 293 -24.27 -22.23 77.14
C VAL H 293 -23.08 -22.10 78.10
N LEU H 294 -22.58 -20.86 78.32
CA LEU H 294 -21.70 -20.51 79.48
C LEU H 294 -22.56 -19.92 80.59
N LYS H 295 -22.52 -20.53 81.78
CA LYS H 295 -23.12 -20.06 83.05
C LYS H 295 -22.02 -19.43 83.91
N LEU H 296 -22.09 -18.13 84.23
CA LEU H 296 -21.09 -17.38 85.03
C LEU H 296 -21.74 -16.90 86.34
N LYS H 297 -21.08 -17.15 87.49
CA LYS H 297 -21.60 -16.79 88.84
C LYS H 297 -20.47 -16.22 89.71
N LEU H 298 -20.58 -14.95 90.13
CA LEU H 298 -19.64 -14.24 91.05
C LEU H 298 -20.42 -13.80 92.29
N GLY H 299 -20.25 -14.50 93.41
CA GLY H 299 -21.09 -14.30 94.61
C GLY H 299 -22.53 -14.68 94.34
N GLU H 300 -23.44 -13.69 94.36
CA GLU H 300 -24.90 -13.87 94.07
C GLU H 300 -25.25 -13.33 92.68
N ASP H 301 -24.28 -12.80 91.93
CA ASP H 301 -24.46 -12.31 90.54
C ASP H 301 -24.40 -13.51 89.58
N GLU H 302 -25.46 -13.74 88.79
CA GLU H 302 -25.56 -14.86 87.82
C GLU H 302 -25.92 -14.31 86.44
N LYS H 303 -25.21 -14.77 85.40
CA LYS H 303 -25.43 -14.43 83.96
C LYS H 303 -25.26 -15.69 83.10
N LYS H 304 -25.85 -15.69 81.91
CA LYS H 304 -25.71 -16.78 80.91
C LYS H 304 -25.49 -16.20 79.51
N VAL H 305 -24.65 -16.85 78.71
CA VAL H 305 -24.39 -16.47 77.29
C VAL H 305 -24.45 -17.73 76.42
N ASN H 306 -25.23 -17.66 75.33
CA ASN H 306 -25.26 -18.68 74.25
C ASN H 306 -24.14 -18.37 73.25
N PHE H 307 -23.44 -19.39 72.78
CA PHE H 307 -22.37 -19.25 71.76
C PHE H 307 -22.32 -20.54 70.93
N GLY H 308 -21.70 -20.46 69.76
CA GLY H 308 -21.49 -21.60 68.86
C GLY H 308 -20.08 -21.67 68.36
N PHE H 309 -19.62 -22.86 67.99
CA PHE H 309 -18.31 -23.08 67.31
C PHE H 309 -18.55 -22.88 65.81
N ARG H 310 -17.97 -21.82 65.24
CA ARG H 310 -18.02 -21.55 63.79
C ARG H 310 -16.88 -20.59 63.42
N LYS H 311 -16.39 -20.69 62.18
CA LYS H 311 -15.23 -19.91 61.68
C LYS H 311 -15.53 -19.38 60.28
N ILE H 312 -15.42 -18.06 60.09
CA ILE H 312 -15.56 -17.35 58.77
C ILE H 312 -14.14 -16.96 58.35
N GLU H 313 -13.77 -17.18 57.08
CA GLU H 313 -12.41 -16.84 56.58
C GLU H 313 -12.43 -16.63 55.05
N ILE H 314 -11.43 -15.92 54.54
CA ILE H 314 -11.15 -15.73 53.09
C ILE H 314 -9.89 -16.54 52.72
N LYS H 315 -10.00 -17.51 51.81
CA LYS H 315 -8.84 -18.26 51.27
C LYS H 315 -8.77 -18.05 49.74
N ASP H 316 -7.77 -17.31 49.26
CA ASP H 316 -7.54 -17.02 47.81
C ASP H 316 -8.78 -16.38 47.18
N GLY H 317 -9.38 -15.39 47.84
CA GLY H 317 -10.57 -14.65 47.35
C GLY H 317 -11.89 -15.39 47.52
N THR H 318 -11.89 -16.60 48.06
CA THR H 318 -13.12 -17.42 48.29
C THR H 318 -13.56 -17.29 49.76
N LEU H 319 -14.85 -17.11 50.00
CA LEU H 319 -15.48 -16.99 51.35
C LEU H 319 -15.76 -18.41 51.87
N LEU H 320 -15.25 -18.77 53.06
CA LEU H 320 -15.41 -20.14 53.65
C LEU H 320 -16.10 -20.06 55.00
N PHE H 321 -17.01 -21.00 55.27
CA PHE H 321 -17.76 -21.12 56.54
C PHE H 321 -17.59 -22.56 57.03
N ASN H 322 -16.96 -22.73 58.18
CA ASN H 322 -16.50 -24.04 58.73
C ASN H 322 -15.75 -24.86 57.67
N GLY H 323 -14.92 -24.22 56.84
CA GLY H 323 -14.15 -24.88 55.76
C GLY H 323 -14.86 -25.08 54.40
N LYS H 324 -16.13 -24.66 54.20
CA LYS H 324 -16.91 -24.87 52.93
C LYS H 324 -17.22 -23.55 52.24
N PRO H 325 -17.24 -23.48 50.89
CA PRO H 325 -17.63 -22.26 50.18
C PRO H 325 -19.08 -21.86 50.50
N LEU H 326 -19.27 -20.61 50.89
CA LEU H 326 -20.57 -20.09 51.39
C LEU H 326 -21.17 -19.20 50.30
N TYR H 327 -22.42 -19.46 49.90
CA TYR H 327 -23.23 -18.55 49.05
C TYR H 327 -24.27 -17.84 49.92
N ILE H 328 -24.24 -16.50 49.90
CA ILE H 328 -25.20 -15.62 50.61
C ILE H 328 -26.49 -15.55 49.77
N LYS H 329 -27.56 -16.18 50.24
CA LYS H 329 -28.92 -16.12 49.59
C LYS H 329 -29.80 -15.26 50.49
N GLY H 330 -29.67 -13.92 50.36
CA GLY H 330 -30.11 -12.97 51.40
C GLY H 330 -31.30 -12.09 51.02
N VAL H 331 -31.78 -11.36 52.01
CA VAL H 331 -32.73 -10.22 51.84
C VAL H 331 -32.39 -9.07 52.84
N ASN H 332 -32.64 -7.83 52.44
CA ASN H 332 -32.64 -6.64 53.34
C ASN H 332 -33.99 -6.58 54.06
N ARG H 333 -34.02 -6.42 55.38
CA ARG H 333 -35.27 -6.28 56.17
C ARG H 333 -35.27 -5.01 57.05
N HIS H 334 -36.27 -4.14 56.90
CA HIS H 334 -36.60 -3.03 57.85
C HIS H 334 -37.45 -3.55 59.01
N GLU H 335 -37.16 -3.13 60.24
CA GLU H 335 -37.92 -3.48 61.47
C GLU H 335 -39.22 -2.65 61.50
N PHE H 336 -40.27 -3.07 60.78
CA PHE H 336 -41.48 -2.25 60.48
C PHE H 336 -42.76 -3.05 60.64
N ASP H 337 -43.80 -2.41 61.17
CA ASP H 337 -45.16 -3.00 61.35
C ASP H 337 -46.21 -1.98 60.93
N PRO H 338 -47.25 -2.37 60.15
CA PRO H 338 -48.22 -1.40 59.60
C PRO H 338 -49.12 -0.73 60.64
N ASP H 339 -49.23 -1.30 61.85
CA ASP H 339 -50.05 -0.75 62.98
C ASP H 339 -49.17 -0.06 64.03
N ARG H 340 -47.96 -0.55 64.31
CA ARG H 340 -47.12 -0.11 65.46
C ARG H 340 -45.85 0.64 65.02
N GLY H 341 -45.58 0.79 63.73
CA GLY H 341 -44.34 1.42 63.21
C GLY H 341 -43.12 0.62 63.63
N HIS H 342 -42.10 1.27 64.20
CA HIS H 342 -40.81 0.62 64.61
C HIS H 342 -40.97 -0.23 65.86
N ALA H 343 -42.09 -0.17 66.56
CA ALA H 343 -42.29 -0.89 67.85
C ALA H 343 -42.80 -2.32 67.58
N VAL H 344 -41.96 -3.17 66.99
CA VAL H 344 -42.32 -4.54 66.51
C VAL H 344 -42.23 -5.51 67.68
N THR H 345 -43.16 -6.49 67.72
CA THR H 345 -43.29 -7.51 68.78
C THR H 345 -42.54 -8.80 68.40
N VAL H 346 -42.32 -9.66 69.37
CA VAL H 346 -41.64 -10.98 69.21
C VAL H 346 -42.47 -11.89 68.29
N GLU H 347 -43.81 -11.83 68.36
CA GLU H 347 -44.72 -12.72 67.60
C GLU H 347 -44.53 -12.44 66.10
N ARG H 348 -44.44 -11.17 65.73
CA ARG H 348 -44.17 -10.70 64.36
C ARG H 348 -42.74 -11.09 63.93
N MET H 349 -41.77 -11.02 64.81
CA MET H 349 -40.35 -11.37 64.51
C MET H 349 -40.30 -12.86 64.15
N ILE H 350 -41.03 -13.70 64.86
CA ILE H 350 -41.03 -15.18 64.64
C ILE H 350 -41.69 -15.51 63.30
N GLN H 351 -42.77 -14.80 62.95
CA GLN H 351 -43.50 -14.92 61.67
C GLN H 351 -42.54 -14.60 60.51
N ASP H 352 -41.74 -13.54 60.61
CA ASP H 352 -40.78 -13.10 59.57
C ASP H 352 -39.77 -14.23 59.32
N ILE H 353 -39.17 -14.78 60.38
CA ILE H 353 -38.07 -15.78 60.29
C ILE H 353 -38.58 -17.08 59.65
N LYS H 354 -39.71 -17.61 60.10
CA LYS H 354 -40.28 -18.88 59.55
C LYS H 354 -40.62 -18.72 58.07
N LEU H 355 -41.21 -17.59 57.68
CA LEU H 355 -41.50 -17.25 56.26
C LEU H 355 -40.20 -17.19 55.46
N MET H 356 -39.14 -16.58 56.01
CA MET H 356 -37.83 -16.47 55.30
C MET H 356 -37.27 -17.87 55.03
N LYS H 357 -37.24 -18.74 56.04
CA LYS H 357 -36.68 -20.11 55.92
C LYS H 357 -37.53 -20.99 55.00
N GLN H 358 -38.85 -20.81 55.00
CA GLN H 358 -39.77 -21.56 54.09
C GLN H 358 -39.59 -21.12 52.62
N HIS H 359 -38.87 -20.03 52.34
CA HIS H 359 -38.60 -19.56 50.96
C HIS H 359 -37.11 -19.62 50.64
N ASN H 360 -36.36 -20.49 51.33
CA ASN H 360 -34.94 -20.82 51.05
C ASN H 360 -34.01 -19.60 51.26
N ILE H 361 -34.39 -18.58 52.04
CA ILE H 361 -33.47 -17.47 52.43
C ILE H 361 -32.56 -17.94 53.60
N ASN H 362 -31.24 -17.72 53.51
CA ASN H 362 -30.27 -18.13 54.58
C ASN H 362 -29.65 -16.92 55.33
N THR H 363 -29.86 -15.67 54.88
CA THR H 363 -29.15 -14.47 55.42
C THR H 363 -30.06 -13.25 55.45
N VAL H 364 -29.92 -12.41 56.48
CA VAL H 364 -30.65 -11.11 56.57
CA VAL H 364 -30.64 -11.11 56.57
C VAL H 364 -29.63 -9.99 56.87
N ARG H 365 -29.75 -8.87 56.15
CA ARG H 365 -29.05 -7.59 56.44
C ARG H 365 -30.01 -6.68 57.22
N THR H 366 -29.59 -6.17 58.40
CA THR H 366 -30.40 -5.26 59.25
C THR H 366 -30.30 -3.83 58.71
N SER H 367 -30.99 -3.53 57.62
CA SER H 367 -30.94 -2.24 56.87
C SER H 367 -31.77 -1.18 57.59
N HIS H 368 -31.18 -0.04 58.01
CA HIS H 368 -29.76 0.22 58.10
C HIS H 368 -29.40 0.67 59.52
N TYR H 369 -29.71 -0.15 60.53
CA TYR H 369 -29.45 0.19 61.96
C TYR H 369 -29.56 -1.09 62.77
N PRO H 370 -28.99 -1.16 63.99
CA PRO H 370 -29.17 -2.32 64.86
C PRO H 370 -30.65 -2.52 65.24
N ASN H 371 -31.10 -3.76 65.24
CA ASN H 371 -32.48 -4.19 65.60
C ASN H 371 -32.54 -4.44 67.12
N GLN H 372 -33.71 -4.80 67.67
CA GLN H 372 -33.84 -5.22 69.09
C GLN H 372 -32.95 -6.43 69.34
N THR H 373 -32.53 -6.66 70.59
CA THR H 373 -31.55 -7.73 70.95
C THR H 373 -32.17 -9.11 70.69
N LYS H 374 -33.49 -9.22 70.83
CA LYS H 374 -34.23 -10.50 70.67
C LYS H 374 -34.20 -11.00 69.21
N TRP H 375 -34.04 -10.11 68.23
CA TRP H 375 -33.89 -10.49 66.80
C TRP H 375 -32.65 -11.38 66.62
N TYR H 376 -31.53 -11.04 67.23
CA TYR H 376 -30.23 -11.74 67.03
C TYR H 376 -30.27 -13.08 67.77
N ASP H 377 -30.93 -13.12 68.94
CA ASP H 377 -31.17 -14.37 69.71
C ASP H 377 -31.99 -15.37 68.86
N LEU H 378 -33.03 -14.92 68.17
CA LEU H 378 -33.90 -15.81 67.34
C LEU H 378 -33.13 -16.31 66.09
N CYS H 379 -32.27 -15.47 65.48
CA CYS H 379 -31.37 -15.88 64.36
C CYS H 379 -30.35 -16.93 64.82
N ASP H 380 -29.89 -16.88 66.08
CA ASP H 380 -29.01 -17.91 66.69
C ASP H 380 -29.78 -19.24 66.86
N TYR H 381 -31.04 -19.17 67.26
CA TYR H 381 -31.87 -20.35 67.64
C TYR H 381 -32.46 -21.03 66.39
N PHE H 382 -33.03 -20.28 65.45
CA PHE H 382 -33.68 -20.85 64.22
C PHE H 382 -32.63 -21.16 63.13
N GLY H 383 -31.57 -20.35 63.01
CA GLY H 383 -30.48 -20.53 62.04
C GLY H 383 -30.62 -19.63 60.82
N LEU H 384 -30.23 -18.36 60.95
CA LEU H 384 -29.97 -17.42 59.83
C LEU H 384 -28.61 -16.77 60.06
N TYR H 385 -27.83 -16.55 58.99
CA TYR H 385 -26.65 -15.64 58.95
C TYR H 385 -27.11 -14.18 59.00
N VAL H 386 -26.36 -13.32 59.73
CA VAL H 386 -26.72 -11.87 59.90
C VAL H 386 -25.56 -10.97 59.49
N ILE H 387 -25.87 -9.91 58.74
CA ILE H 387 -25.00 -8.70 58.51
C ILE H 387 -25.57 -7.57 59.38
N ASP H 388 -24.91 -7.29 60.53
CA ASP H 388 -25.29 -6.24 61.53
C ASP H 388 -24.68 -4.89 61.12
N GLU H 389 -25.51 -3.85 60.96
CA GLU H 389 -25.13 -2.55 60.36
C GLU H 389 -25.33 -1.42 61.39
N ALA H 390 -24.36 -0.50 61.50
CA ALA H 390 -24.38 0.66 62.44
C ALA H 390 -25.36 1.72 61.93
N ASN H 391 -25.96 2.50 62.84
CA ASN H 391 -26.97 3.54 62.50
C ASN H 391 -26.25 4.80 62.00
N ILE H 392 -25.75 4.80 60.77
CA ILE H 392 -25.00 5.94 60.14
C ILE H 392 -25.40 6.00 58.66
N GLU H 393 -26.17 7.02 58.28
CA GLU H 393 -26.52 7.35 56.88
C GLU H 393 -26.74 8.86 56.76
N SER H 394 -25.98 9.53 55.88
CA SER H 394 -26.06 10.99 55.64
C SER H 394 -26.13 11.25 54.12
N HIS H 395 -27.08 10.60 53.46
CA HIS H 395 -27.34 10.67 51.99
C HIS H 395 -27.60 12.13 51.57
N GLY H 396 -28.44 12.84 52.32
CA GLY H 396 -28.83 14.25 52.06
C GLY H 396 -27.67 15.23 52.06
N ILE H 397 -26.54 14.90 52.67
CA ILE H 397 -25.29 15.74 52.62
C ILE H 397 -24.42 15.20 51.49
N ASP H 398 -23.88 16.09 50.64
CA ASP H 398 -23.10 15.74 49.42
C ASP H 398 -21.85 14.93 49.81
N TRP H 399 -21.50 13.91 49.01
CA TRP H 399 -20.38 12.97 49.28
C TRP H 399 -19.04 13.50 48.74
N ASP H 400 -18.97 14.75 48.29
CA ASP H 400 -17.70 15.45 47.93
C ASP H 400 -16.79 15.44 49.17
N PRO H 401 -15.47 15.20 49.01
CA PRO H 401 -14.57 15.02 50.16
C PRO H 401 -14.52 16.17 51.18
N GLU H 402 -14.81 17.40 50.75
CA GLU H 402 -14.79 18.63 51.59
C GLU H 402 -16.12 18.79 52.34
N VAL H 403 -17.22 18.34 51.72
CA VAL H 403 -18.62 18.54 52.23
C VAL H 403 -18.97 17.39 53.20
N THR H 404 -18.71 16.13 52.81
CA THR H 404 -19.24 14.92 53.49
C THR H 404 -18.89 14.95 54.98
N LEU H 405 -19.85 14.57 55.84
CA LEU H 405 -19.65 14.48 57.31
C LEU H 405 -18.63 13.38 57.66
N ALA H 406 -18.31 12.48 56.71
CA ALA H 406 -17.33 11.39 56.90
C ALA H 406 -15.88 11.93 56.94
N ASN H 407 -15.63 13.19 56.52
CA ASN H 407 -14.28 13.83 56.54
C ASN H 407 -14.20 15.06 57.46
N ARG H 408 -15.22 15.37 58.25
CA ARG H 408 -15.28 16.60 59.11
C ARG H 408 -14.90 16.25 60.54
N TRP H 409 -13.92 16.97 61.12
CA TRP H 409 -13.32 16.66 62.45
C TRP H 409 -14.36 16.75 63.58
N GLU H 410 -15.38 17.60 63.44
CA GLU H 410 -16.39 17.80 64.52
C GLU H 410 -17.41 16.65 64.54
N TRP H 411 -17.47 15.81 63.50
CA TRP H 411 -18.38 14.63 63.45
C TRP H 411 -17.67 13.31 63.77
N GLU H 412 -16.38 13.36 64.13
CA GLU H 412 -15.50 12.17 64.31
C GLU H 412 -16.02 11.30 65.45
N LYS H 413 -16.32 11.87 66.61
CA LYS H 413 -16.72 11.08 67.80
C LYS H 413 -18.16 10.55 67.65
N ALA H 414 -19.02 11.19 66.85
CA ALA H 414 -20.40 10.70 66.60
C ALA H 414 -20.34 9.39 65.78
N HIS H 415 -19.49 9.33 64.75
CA HIS H 415 -19.27 8.13 63.91
C HIS H 415 -18.70 6.99 64.76
N PHE H 416 -17.75 7.29 65.64
CA PHE H 416 -17.06 6.28 66.47
C PHE H 416 -18.02 5.67 67.48
N ASP H 417 -18.83 6.47 68.15
CA ASP H 417 -19.78 6.03 69.22
C ASP H 417 -20.84 5.06 68.65
N ARG H 418 -21.42 5.40 67.50
CA ARG H 418 -22.47 4.59 66.82
C ARG H 418 -21.92 3.20 66.45
N ILE H 419 -20.70 3.14 65.91
CA ILE H 419 -20.06 1.85 65.52
C ILE H 419 -19.71 1.06 66.78
N LYS H 420 -19.10 1.68 67.79
CA LYS H 420 -18.65 1.00 69.03
C LYS H 420 -19.82 0.47 69.86
N ARG H 421 -20.92 1.22 69.98
CA ARG H 421 -22.10 0.77 70.76
C ARG H 421 -22.74 -0.49 70.14
N MET H 422 -22.78 -0.60 68.80
CA MET H 422 -23.27 -1.82 68.11
C MET H 422 -22.38 -3.02 68.43
N VAL H 423 -21.06 -2.88 68.22
CA VAL H 423 -20.08 -4.01 68.35
C VAL H 423 -20.10 -4.50 69.78
N GLU H 424 -20.05 -3.61 70.79
CA GLU H 424 -19.98 -4.06 72.21
C GLU H 424 -21.27 -4.78 72.63
N ARG H 425 -22.44 -4.33 72.15
CA ARG H 425 -23.75 -4.98 72.46
C ARG H 425 -23.81 -6.40 71.86
N ASP H 426 -23.38 -6.58 70.60
CA ASP H 426 -23.77 -7.76 69.76
C ASP H 426 -22.62 -8.77 69.54
N LYS H 427 -21.45 -8.58 70.16
CA LYS H 427 -20.20 -9.35 69.84
C LYS H 427 -20.28 -10.84 70.17
N ASN H 428 -21.21 -11.33 70.98
CA ASN H 428 -21.24 -12.78 71.36
C ASN H 428 -22.16 -13.66 70.46
N HIS H 429 -22.93 -13.10 69.51
CA HIS H 429 -23.94 -13.91 68.74
C HIS H 429 -23.27 -14.69 67.62
N PRO H 430 -23.34 -16.05 67.57
CA PRO H 430 -22.75 -16.77 66.44
C PRO H 430 -23.38 -16.49 65.05
N SER H 431 -24.64 -16.01 64.99
CA SER H 431 -25.36 -15.69 63.74
C SER H 431 -24.68 -14.54 62.97
N ILE H 432 -24.02 -13.61 63.67
CA ILE H 432 -23.39 -12.42 63.05
C ILE H 432 -22.06 -12.83 62.41
N ILE H 433 -21.97 -12.71 61.07
CA ILE H 433 -20.77 -13.08 60.26
C ILE H 433 -20.06 -11.83 59.72
N PHE H 434 -20.75 -10.71 59.51
CA PHE H 434 -20.14 -9.45 59.01
C PHE H 434 -20.58 -8.28 59.90
N TRP H 435 -19.66 -7.33 60.14
CA TRP H 435 -19.95 -5.97 60.67
C TRP H 435 -20.05 -5.02 59.49
N SER H 436 -21.14 -4.27 59.31
CA SER H 436 -21.27 -3.19 58.29
C SER H 436 -21.16 -1.81 58.97
N LEU H 437 -20.38 -0.88 58.43
CA LEU H 437 -20.06 0.45 59.05
C LEU H 437 -21.25 1.42 58.91
N GLY H 438 -22.15 1.19 57.95
CA GLY H 438 -23.25 2.11 57.65
C GLY H 438 -23.71 1.97 56.21
N ASN H 439 -24.36 3.01 55.67
CA ASN H 439 -24.96 2.98 54.31
C ASN H 439 -25.02 4.38 53.73
N GLU H 440 -24.44 4.58 52.54
CA GLU H 440 -24.59 5.80 51.68
C GLU H 440 -24.25 7.07 52.48
N ALA H 441 -23.11 7.08 53.17
CA ALA H 441 -22.69 8.13 54.12
C ALA H 441 -21.34 8.73 53.72
N GLY H 442 -20.91 8.57 52.47
CA GLY H 442 -19.63 9.09 51.96
C GLY H 442 -18.44 8.29 52.48
N ASP H 443 -17.24 8.72 52.15
CA ASP H 443 -15.96 8.05 52.54
C ASP H 443 -15.02 9.08 53.15
N GLY H 444 -14.26 8.67 54.15
CA GLY H 444 -13.28 9.56 54.80
C GLY H 444 -12.69 8.94 56.05
N VAL H 445 -11.95 9.76 56.78
CA VAL H 445 -11.10 9.33 57.93
C VAL H 445 -12.00 8.89 59.08
N ASN H 446 -13.21 9.44 59.22
CA ASN H 446 -14.14 9.08 60.32
C ASN H 446 -14.51 7.59 60.21
N PHE H 447 -14.63 7.02 59.01
CA PHE H 447 -14.92 5.56 58.84
C PHE H 447 -13.63 4.75 58.96
N GLU H 448 -12.56 5.19 58.28
CA GLU H 448 -11.24 4.49 58.29
C GLU H 448 -10.80 4.19 59.72
N LYS H 449 -10.88 5.16 60.64
CA LYS H 449 -10.42 5.00 62.04
C LYS H 449 -11.32 4.04 62.82
N ALA H 450 -12.64 4.11 62.66
CA ALA H 450 -13.59 3.20 63.36
C ALA H 450 -13.37 1.75 62.88
N ALA H 451 -13.07 1.55 61.58
CA ALA H 451 -12.89 0.21 60.98
C ALA H 451 -11.60 -0.43 61.49
N LEU H 452 -10.51 0.33 61.68
CA LEU H 452 -9.25 -0.20 62.29
C LEU H 452 -9.44 -0.54 63.77
N TRP H 453 -10.29 0.17 64.51
CA TRP H 453 -10.64 -0.16 65.92
C TRP H 453 -11.38 -1.52 65.98
N ILE H 454 -12.34 -1.78 65.09
CA ILE H 454 -13.13 -3.07 65.14
C ILE H 454 -12.16 -4.23 64.99
N LYS H 455 -11.25 -4.17 64.01
CA LYS H 455 -10.39 -5.32 63.63
C LYS H 455 -9.44 -5.67 64.77
N LYS H 456 -8.94 -4.68 65.53
CA LYS H 456 -8.06 -4.92 66.70
C LYS H 456 -8.86 -5.42 67.91
N ARG H 457 -10.17 -5.19 67.95
CA ARG H 457 -11.07 -5.63 69.06
C ARG H 457 -11.56 -7.06 68.80
N ASP H 458 -12.01 -7.35 67.56
CA ASP H 458 -12.65 -8.63 67.14
C ASP H 458 -12.01 -9.08 65.83
N ASN H 459 -11.22 -10.16 65.84
CA ASN H 459 -10.60 -10.74 64.62
C ASN H 459 -11.43 -11.91 64.06
N THR H 460 -12.68 -12.15 64.50
CA THR H 460 -13.50 -13.33 64.12
C THR H 460 -14.58 -13.00 63.07
N ARG H 461 -14.75 -11.75 62.64
CA ARG H 461 -15.79 -11.37 61.63
C ARG H 461 -15.18 -10.49 60.54
N LEU H 462 -15.83 -10.41 59.38
CA LEU H 462 -15.37 -9.59 58.23
C LEU H 462 -16.05 -8.21 58.27
N ILE H 463 -15.39 -7.20 57.73
CA ILE H 463 -15.92 -5.81 57.68
C ILE H 463 -16.40 -5.50 56.24
N HIS H 464 -17.55 -4.86 56.15
CA HIS H 464 -18.25 -4.48 54.90
C HIS H 464 -18.57 -2.99 54.96
N TYR H 465 -18.37 -2.23 53.89
CA TYR H 465 -18.91 -0.86 53.72
C TYR H 465 -18.95 -0.52 52.22
N GLU H 466 -20.14 -0.45 51.64
CA GLU H 466 -20.31 -0.14 50.18
C GLU H 466 -19.94 1.32 49.88
N GLY H 467 -20.05 2.24 50.85
CA GLY H 467 -19.65 3.64 50.62
C GLY H 467 -18.19 3.82 50.20
N THR H 468 -17.28 2.91 50.58
CA THR H 468 -15.84 2.98 50.17
C THR H 468 -15.60 2.15 48.89
N THR H 469 -16.16 0.94 48.74
CA THR H 469 -15.85 0.07 47.56
C THR H 469 -16.51 0.59 46.26
N ARG H 470 -17.53 1.45 46.33
CA ARG H 470 -18.10 2.09 45.12
C ARG H 470 -17.08 3.02 44.45
N ARG H 471 -16.04 3.46 45.16
CA ARG H 471 -14.99 4.36 44.61
C ARG H 471 -13.76 3.55 44.17
N GLY H 472 -13.78 2.22 44.35
CA GLY H 472 -12.66 1.30 44.06
C GLY H 472 -12.22 0.51 45.29
N GLU H 473 -11.08 -0.17 45.19
CA GLU H 473 -10.44 -0.96 46.29
C GLU H 473 -10.24 -0.06 47.52
N SER H 474 -10.43 -0.62 48.72
CA SER H 474 -10.22 0.08 50.01
C SER H 474 -9.52 -0.86 50.99
N TYR H 475 -8.49 -0.38 51.68
CA TYR H 475 -7.63 -1.24 52.54
C TYR H 475 -8.35 -1.65 53.83
N TYR H 476 -9.40 -0.93 54.27
CA TYR H 476 -9.99 -1.14 55.62
C TYR H 476 -11.24 -2.03 55.60
N VAL H 477 -11.64 -2.61 54.46
CA VAL H 477 -12.75 -3.62 54.41
C VAL H 477 -12.18 -4.95 53.91
N ASP H 478 -12.86 -6.06 54.24
CA ASP H 478 -12.49 -7.45 53.85
C ASP H 478 -13.28 -7.94 52.62
N VAL H 479 -14.41 -7.31 52.28
CA VAL H 479 -15.38 -7.77 51.23
C VAL H 479 -15.55 -6.63 50.22
N PHE H 480 -15.56 -6.94 48.93
CA PHE H 480 -15.89 -5.99 47.85
C PHE H 480 -17.40 -6.01 47.64
N SER H 481 -18.08 -4.88 47.87
CA SER H 481 -19.55 -4.77 47.85
C SER H 481 -19.99 -3.63 46.93
N LEU H 482 -21.01 -3.89 46.09
CA LEU H 482 -21.66 -2.89 45.19
C LEU H 482 -23.17 -3.03 45.29
N MET H 483 -23.90 -1.99 44.93
CA MET H 483 -25.37 -1.89 44.96
C MET H 483 -25.88 -1.91 43.51
N TYR H 484 -26.84 -2.78 43.20
CA TYR H 484 -27.49 -2.88 41.87
C TYR H 484 -26.50 -2.94 40.71
N PRO H 485 -25.38 -3.72 40.75
CA PRO H 485 -24.49 -3.81 39.59
C PRO H 485 -25.10 -4.58 38.41
N LYS H 486 -24.82 -4.17 37.18
CA LYS H 486 -25.21 -4.93 35.95
C LYS H 486 -24.28 -6.15 35.75
N MET H 487 -24.71 -7.08 34.91
CA MET H 487 -24.05 -8.39 34.68
C MET H 487 -22.60 -8.21 34.22
N ASP H 488 -22.31 -7.24 33.36
CA ASP H 488 -20.95 -7.02 32.83
C ASP H 488 -19.97 -6.70 33.98
N ILE H 489 -20.42 -6.04 35.06
CA ILE H 489 -19.57 -5.70 36.26
C ILE H 489 -19.15 -6.99 36.95
N LEU H 490 -20.07 -7.94 37.17
CA LEU H 490 -19.76 -9.25 37.80
C LEU H 490 -18.77 -10.04 36.93
N LEU H 491 -18.97 -10.06 35.59
CA LEU H 491 -18.12 -10.86 34.67
C LEU H 491 -16.72 -10.23 34.61
N GLU H 492 -16.62 -8.90 34.69
CA GLU H 492 -15.30 -8.21 34.75
C GLU H 492 -14.56 -8.56 36.06
N TYR H 493 -15.19 -8.50 37.25
CA TYR H 493 -14.53 -8.82 38.56
C TYR H 493 -13.97 -10.24 38.53
N ALA H 494 -14.73 -11.20 37.98
CA ALA H 494 -14.36 -12.64 37.90
C ALA H 494 -13.26 -12.91 36.86
N SER H 495 -12.90 -11.97 35.98
CA SER H 495 -11.97 -12.17 34.84
C SER H 495 -10.48 -12.04 35.21
N LYS H 496 -10.14 -11.68 36.45
CA LYS H 496 -8.72 -11.58 36.94
C LYS H 496 -8.62 -12.16 38.36
N LYS H 497 -7.39 -12.38 38.85
CA LYS H 497 -7.17 -12.86 40.23
C LYS H 497 -7.57 -11.76 41.21
N ARG H 498 -8.25 -12.13 42.29
CA ARG H 498 -8.75 -11.18 43.33
C ARG H 498 -8.39 -11.74 44.69
N GLU H 499 -8.14 -10.88 45.67
CA GLU H 499 -7.90 -11.29 47.08
C GLU H 499 -9.20 -11.28 47.89
N LYS H 500 -10.26 -10.60 47.41
CA LYS H 500 -11.50 -10.40 48.21
C LYS H 500 -12.70 -10.93 47.44
N PRO H 501 -13.68 -11.56 48.13
CA PRO H 501 -14.95 -11.96 47.50
C PRO H 501 -15.89 -10.79 47.20
N PHE H 502 -16.69 -10.94 46.14
CA PHE H 502 -17.67 -9.94 45.65
C PHE H 502 -19.04 -10.27 46.23
N ILE H 503 -19.70 -9.33 46.92
CA ILE H 503 -21.06 -9.50 47.51
C ILE H 503 -21.95 -8.33 47.04
N MET H 504 -23.20 -8.58 46.67
CA MET H 504 -24.15 -7.49 46.31
C MET H 504 -24.98 -7.17 47.56
N CYS H 505 -24.67 -6.09 48.27
CA CYS H 505 -25.41 -5.70 49.51
C CYS H 505 -26.87 -5.33 49.17
N GLU H 506 -27.16 -4.86 47.96
CA GLU H 506 -28.56 -4.70 47.46
C GLU H 506 -28.61 -5.07 45.97
N TYR H 507 -29.58 -5.89 45.54
CA TYR H 507 -29.78 -6.17 44.09
C TYR H 507 -31.25 -6.51 43.87
N ALA H 508 -31.69 -6.64 42.60
CA ALA H 508 -33.07 -7.05 42.22
C ALA H 508 -34.13 -6.24 42.98
N HIS H 509 -34.19 -4.94 42.75
CA HIS H 509 -35.10 -3.97 43.43
C HIS H 509 -36.55 -4.47 43.25
N ALA H 510 -37.27 -4.81 44.33
CA ALA H 510 -38.60 -5.46 44.26
C ALA H 510 -39.77 -4.46 44.38
N MET H 511 -39.60 -3.19 43.98
CA MET H 511 -40.66 -2.15 43.96
C MET H 511 -41.79 -2.52 42.96
N GLY H 512 -43.03 -2.69 43.44
CA GLY H 512 -44.18 -3.05 42.58
C GLY H 512 -44.10 -4.48 42.06
N ASN H 513 -44.48 -4.69 40.79
CA ASN H 513 -44.44 -5.99 40.07
C ASN H 513 -43.05 -6.12 39.43
N SER H 514 -42.13 -6.92 39.99
CA SER H 514 -40.67 -6.79 39.72
C SER H 514 -39.92 -8.12 39.93
N VAL H 515 -38.59 -8.08 40.10
CA VAL H 515 -37.69 -9.25 40.34
C VAL H 515 -37.64 -10.09 39.04
N GLY H 516 -37.40 -9.41 37.92
CA GLY H 516 -37.05 -10.03 36.62
C GLY H 516 -35.59 -10.47 36.57
N ASN H 517 -35.29 -11.43 35.68
CA ASN H 517 -33.94 -11.97 35.41
C ASN H 517 -33.19 -12.39 36.70
N LEU H 518 -33.87 -12.92 37.73
CA LEU H 518 -33.19 -13.41 38.99
C LEU H 518 -32.31 -14.64 38.66
N LYS H 519 -32.82 -15.57 37.86
CA LYS H 519 -32.06 -16.80 37.49
C LYS H 519 -30.81 -16.45 36.69
N ASP H 520 -30.79 -15.38 35.90
CA ASP H 520 -29.61 -14.98 35.08
C ASP H 520 -28.45 -14.54 36.01
N TYR H 521 -28.70 -13.81 37.11
CA TYR H 521 -27.67 -13.44 38.13
C TYR H 521 -27.08 -14.73 38.73
N TRP H 522 -27.93 -15.67 39.13
CA TRP H 522 -27.48 -16.90 39.83
C TRP H 522 -26.83 -17.91 38.87
N ASP H 523 -27.12 -17.89 37.56
CA ASP H 523 -26.34 -18.70 36.58
C ASP H 523 -24.90 -18.15 36.49
N VAL H 524 -24.68 -16.84 36.60
CA VAL H 524 -23.29 -16.27 36.62
C VAL H 524 -22.59 -16.53 37.98
N ILE H 525 -23.25 -16.32 39.11
CA ILE H 525 -22.65 -16.47 40.48
C ILE H 525 -22.12 -17.90 40.71
N GLU H 526 -22.84 -18.91 40.24
CA GLU H 526 -22.53 -20.35 40.47
C GLU H 526 -21.50 -20.90 39.46
N LYS H 527 -21.15 -20.16 38.41
CA LYS H 527 -20.22 -20.60 37.32
C LYS H 527 -18.82 -19.96 37.45
N TYR H 528 -18.69 -18.73 37.95
CA TYR H 528 -17.45 -17.91 37.91
C TYR H 528 -16.86 -17.75 39.32
N PRO H 529 -15.52 -17.65 39.46
CA PRO H 529 -14.87 -17.52 40.77
C PRO H 529 -15.04 -16.13 41.42
N TYR H 530 -14.93 -16.06 42.76
CA TYR H 530 -14.92 -14.83 43.60
C TYR H 530 -16.34 -14.23 43.80
N LEU H 531 -17.41 -14.81 43.23
CA LEU H 531 -18.79 -14.26 43.33
C LEU H 531 -19.51 -15.08 44.39
N HIS H 532 -19.96 -14.46 45.49
CA HIS H 532 -20.49 -15.21 46.66
C HIS H 532 -21.93 -14.80 47.04
N GLY H 533 -22.68 -14.10 46.18
CA GLY H 533 -24.13 -13.92 46.37
C GLY H 533 -24.51 -12.49 46.74
N GLY H 534 -25.56 -12.31 47.53
CA GLY H 534 -26.13 -10.95 47.76
C GLY H 534 -27.47 -10.94 48.49
N CYS H 535 -27.96 -9.74 48.77
CA CYS H 535 -29.23 -9.50 49.52
C CYS H 535 -30.23 -8.72 48.63
N ILE H 536 -31.40 -9.28 48.39
CA ILE H 536 -32.52 -8.66 47.62
C ILE H 536 -33.04 -7.44 48.41
N TRP H 537 -33.31 -6.33 47.72
CA TRP H 537 -33.94 -5.10 48.30
C TRP H 537 -35.42 -5.10 47.92
N ASP H 538 -36.38 -5.38 48.82
CA ASP H 538 -36.20 -5.74 50.23
C ASP H 538 -37.37 -6.63 50.68
N TRP H 539 -37.50 -6.90 51.98
CA TRP H 539 -38.44 -7.90 52.53
C TRP H 539 -39.89 -7.39 52.53
N VAL H 540 -40.19 -6.31 53.27
CA VAL H 540 -41.60 -5.90 53.57
C VAL H 540 -41.87 -4.46 53.07
N ASP H 541 -42.98 -4.27 52.33
CA ASP H 541 -43.55 -2.95 51.95
C ASP H 541 -43.84 -2.12 53.23
N GLN H 542 -43.28 -0.90 53.36
CA GLN H 542 -43.56 0.04 54.48
C GLN H 542 -44.86 0.83 54.18
N GLY H 543 -46.00 0.15 54.16
CA GLY H 543 -47.34 0.74 54.02
C GLY H 543 -48.03 0.79 55.37
N ILE H 544 -48.64 1.93 55.69
CA ILE H 544 -49.34 2.16 56.99
C ILE H 544 -50.82 1.89 56.78
N ARG H 545 -51.43 1.05 57.62
CA ARG H 545 -52.87 0.74 57.57
C ARG H 545 -53.66 2.00 57.89
N LYS H 546 -54.58 2.41 56.99
CA LYS H 546 -55.43 3.62 57.11
C LYS H 546 -56.83 3.30 56.59
N LYS H 547 -57.83 4.12 56.96
CA LYS H 547 -59.24 4.03 56.48
C LYS H 547 -59.58 5.27 55.66
N ASP H 548 -60.31 5.08 54.55
CA ASP H 548 -60.79 6.16 53.65
C ASP H 548 -62.13 6.71 54.17
N GLU H 549 -62.82 7.52 53.36
CA GLU H 549 -64.07 8.25 53.74
C GLU H 549 -65.21 7.24 53.99
N ASN H 550 -65.32 6.23 53.11
CA ASN H 550 -66.37 5.18 53.16
C ASN H 550 -66.04 4.15 54.24
N GLY H 551 -64.78 4.11 54.70
CA GLY H 551 -64.31 3.26 55.81
C GLY H 551 -63.82 1.91 55.33
N ARG H 552 -63.29 1.84 54.11
CA ARG H 552 -62.63 0.62 53.55
C ARG H 552 -61.11 0.81 53.68
N GLU H 553 -60.42 -0.23 54.19
CA GLU H 553 -58.97 -0.20 54.52
C GLU H 553 -58.15 -0.09 53.23
N PHE H 554 -57.07 0.69 53.28
CA PHE H 554 -56.00 0.68 52.27
C PHE H 554 -54.63 0.84 52.94
N TRP H 555 -53.58 0.55 52.19
CA TRP H 555 -52.16 0.74 52.58
C TRP H 555 -51.72 2.12 52.11
N ALA H 556 -51.32 2.99 53.05
CA ALA H 556 -50.97 4.41 52.81
C ALA H 556 -49.48 4.54 52.56
N TYR H 557 -49.08 5.49 51.73
CA TYR H 557 -47.66 5.81 51.43
C TYR H 557 -47.49 7.34 51.37
N GLY H 558 -46.29 7.81 51.05
CA GLY H 558 -45.93 9.25 51.02
C GLY H 558 -47.03 10.09 50.40
N GLY H 559 -47.45 11.15 51.09
CA GLY H 559 -48.45 12.14 50.60
C GLY H 559 -49.88 11.75 50.96
N ASP H 560 -50.08 10.74 51.80
CA ASP H 560 -51.42 10.31 52.30
C ASP H 560 -51.63 10.78 53.75
N PHE H 561 -50.82 11.72 54.23
CA PHE H 561 -50.93 12.34 55.58
C PHE H 561 -50.72 13.87 55.48
N GLY H 562 -50.99 14.46 54.31
CA GLY H 562 -50.71 15.87 53.99
C GLY H 562 -49.25 16.25 54.18
N ASP H 563 -48.34 15.27 54.16
CA ASP H 563 -46.89 15.46 54.44
C ASP H 563 -46.22 15.94 53.15
N THR H 564 -45.52 17.08 53.21
CA THR H 564 -44.88 17.76 52.04
C THR H 564 -43.57 18.40 52.51
N PRO H 565 -42.42 18.18 51.82
CA PRO H 565 -42.32 17.33 50.63
C PRO H 565 -42.35 15.82 50.98
N ASN H 566 -42.70 14.98 50.00
CA ASN H 566 -42.76 13.50 50.13
C ASN H 566 -42.21 12.84 48.86
N ASP H 567 -41.88 11.56 48.94
CA ASP H 567 -41.36 10.75 47.80
C ASP H 567 -42.34 9.62 47.45
N GLY H 568 -43.65 9.82 47.68
CA GLY H 568 -44.74 8.99 47.13
C GLY H 568 -44.62 7.52 47.53
N ASN H 569 -44.56 6.60 46.56
CA ASN H 569 -44.57 5.13 46.84
C ASN H 569 -43.15 4.53 46.77
N PHE H 570 -42.09 5.34 46.90
CA PHE H 570 -40.69 4.84 46.86
CA PHE H 570 -40.69 4.84 46.86
C PHE H 570 -40.32 4.13 48.17
N CYS H 571 -41.22 4.08 49.15
CA CYS H 571 -41.04 3.28 50.40
C CYS H 571 -41.69 1.89 50.25
N ILE H 572 -42.34 1.59 49.11
CA ILE H 572 -43.06 0.31 48.84
C ILE H 572 -42.18 -0.55 47.91
N ASN H 573 -41.26 -1.33 48.49
CA ASN H 573 -40.16 -2.05 47.74
C ASN H 573 -40.10 -3.55 48.09
N GLY H 574 -41.15 -4.13 48.67
CA GLY H 574 -41.14 -5.48 49.26
C GLY H 574 -41.46 -6.63 48.30
N VAL H 575 -41.10 -7.83 48.77
CA VAL H 575 -41.49 -9.17 48.25
C VAL H 575 -42.65 -9.73 49.08
N VAL H 576 -43.00 -9.13 50.22
CA VAL H 576 -44.28 -9.40 50.95
C VAL H 576 -45.00 -8.07 51.23
N LEU H 577 -46.34 -8.10 51.27
CA LEU H 577 -47.21 -6.92 51.60
C LEU H 577 -47.08 -6.60 53.09
N PRO H 578 -47.51 -5.41 53.57
CA PRO H 578 -47.24 -4.99 54.94
C PRO H 578 -47.68 -5.98 56.04
N ASP H 579 -48.73 -6.77 55.81
CA ASP H 579 -49.25 -7.78 56.78
C ASP H 579 -48.59 -9.16 56.57
N ARG H 580 -47.55 -9.27 55.75
CA ARG H 580 -46.71 -10.49 55.53
C ARG H 580 -47.40 -11.50 54.59
N THR H 581 -48.38 -11.06 53.80
CA THR H 581 -48.95 -11.81 52.63
C THR H 581 -47.92 -11.81 51.49
N PRO H 582 -47.49 -12.98 50.97
CA PRO H 582 -46.50 -13.02 49.88
C PRO H 582 -46.96 -12.40 48.55
N GLU H 583 -46.07 -11.65 47.89
CA GLU H 583 -46.27 -11.22 46.49
C GLU H 583 -45.85 -12.42 45.61
N PRO H 584 -46.39 -12.57 44.37
CA PRO H 584 -45.99 -13.66 43.46
C PRO H 584 -44.47 -13.81 43.22
N GLU H 585 -43.72 -12.72 43.25
CA GLU H 585 -42.24 -12.72 43.07
C GLU H 585 -41.52 -13.48 44.21
N LEU H 586 -42.12 -13.70 45.38
CA LEU H 586 -41.51 -14.53 46.46
C LEU H 586 -41.43 -16.02 46.04
N TYR H 587 -42.32 -16.50 45.16
CA TYR H 587 -42.27 -17.89 44.62
C TYR H 587 -41.08 -18.03 43.65
N GLU H 588 -40.71 -16.99 42.89
CA GLU H 588 -39.48 -17.03 42.06
C GLU H 588 -38.22 -17.09 42.96
N VAL H 589 -38.15 -16.30 44.03
CA VAL H 589 -37.00 -16.31 45.00
C VAL H 589 -36.82 -17.73 45.56
N LYS H 590 -37.91 -18.36 46.02
CA LYS H 590 -37.82 -19.73 46.57
C LYS H 590 -37.22 -20.72 45.55
N LYS H 591 -37.62 -20.66 44.27
CA LYS H 591 -37.14 -21.55 43.19
C LYS H 591 -35.65 -21.28 42.93
N VAL H 592 -35.25 -20.03 42.75
CA VAL H 592 -33.83 -19.69 42.44
C VAL H 592 -32.90 -20.00 43.64
N TYR H 593 -33.36 -19.87 44.89
CA TYR H 593 -32.51 -20.08 46.09
C TYR H 593 -32.43 -21.56 46.55
N GLN H 594 -33.18 -22.51 45.96
CA GLN H 594 -33.20 -23.95 46.37
C GLN H 594 -31.78 -24.57 46.32
N ASN H 595 -31.50 -25.56 47.18
CA ASN H 595 -30.14 -26.14 47.38
C ASN H 595 -30.02 -27.55 46.79
N VAL H 596 -30.96 -27.96 45.93
CA VAL H 596 -30.84 -29.20 45.11
C VAL H 596 -30.93 -28.79 43.63
N LYS H 597 -30.00 -29.26 42.80
CA LYS H 597 -30.03 -29.11 41.32
C LYS H 597 -30.28 -30.47 40.69
N ILE H 598 -31.18 -30.53 39.69
CA ILE H 598 -31.58 -31.79 38.97
C ILE H 598 -31.42 -31.57 37.48
N ARG H 599 -30.64 -32.43 36.81
CA ARG H 599 -30.33 -32.39 35.36
C ARG H 599 -30.92 -33.64 34.65
N GLN H 600 -31.43 -33.49 33.43
CA GLN H 600 -31.91 -34.62 32.57
C GLN H 600 -30.72 -35.16 31.78
N VAL H 601 -30.35 -36.43 32.01
CA VAL H 601 -29.31 -37.14 31.23
C VAL H 601 -29.99 -37.78 30.02
N SER H 602 -31.00 -38.61 30.28
CA SER H 602 -31.95 -39.19 29.29
C SER H 602 -33.37 -39.07 29.84
N LYS H 603 -34.38 -39.51 29.10
CA LYS H 603 -35.82 -39.36 29.48
C LYS H 603 -36.12 -40.13 30.77
N ASP H 604 -35.39 -41.22 31.05
CA ASP H 604 -35.61 -42.05 32.27
C ASP H 604 -34.47 -41.88 33.30
N THR H 605 -33.43 -41.07 33.04
CA THR H 605 -32.23 -40.96 33.93
C THR H 605 -31.94 -39.50 34.30
N TYR H 606 -31.89 -39.20 35.59
CA TYR H 606 -31.76 -37.82 36.17
C TYR H 606 -30.58 -37.80 37.16
N GLU H 607 -29.70 -36.81 37.02
CA GLU H 607 -28.57 -36.55 37.96
C GLU H 607 -29.01 -35.52 39.02
N VAL H 608 -28.94 -35.88 40.30
CA VAL H 608 -29.28 -35.04 41.48
C VAL H 608 -27.97 -34.53 42.13
N GLU H 609 -27.78 -33.21 42.22
CA GLU H 609 -26.62 -32.54 42.88
C GLU H 609 -27.04 -31.88 44.20
N ASN H 610 -26.43 -32.29 45.32
CA ASN H 610 -26.61 -31.72 46.68
C ASN H 610 -25.73 -30.47 46.81
N ARG H 611 -26.34 -29.29 47.01
CA ARG H 611 -25.62 -28.00 47.18
C ARG H 611 -25.77 -27.48 48.62
N TYR H 612 -26.33 -28.23 49.56
CA TYR H 612 -26.22 -27.93 51.01
C TYR H 612 -24.75 -28.08 51.42
N LEU H 613 -24.31 -27.33 52.45
CA LEU H 613 -22.92 -27.36 52.97
C LEU H 613 -22.74 -28.52 53.98
N PHE H 614 -23.72 -28.78 54.84
CA PHE H 614 -23.62 -29.67 56.03
C PHE H 614 -24.82 -30.64 56.18
N THR H 615 -25.62 -30.87 55.13
CA THR H 615 -26.85 -31.73 55.19
C THR H 615 -26.75 -32.85 54.15
N ASN H 616 -27.08 -34.09 54.53
CA ASN H 616 -27.20 -35.26 53.60
C ASN H 616 -28.62 -35.27 53.02
N LEU H 617 -28.80 -35.54 51.72
CA LEU H 617 -30.15 -35.58 51.06
C LEU H 617 -31.01 -36.72 51.65
N GLU H 618 -30.42 -37.68 52.37
CA GLU H 618 -31.17 -38.77 53.07
C GLU H 618 -32.14 -38.21 54.12
N MET H 619 -32.01 -36.95 54.54
CA MET H 619 -32.96 -36.27 55.48
C MET H 619 -34.31 -35.96 54.82
N PHE H 620 -34.41 -35.97 53.49
CA PHE H 620 -35.62 -35.52 52.75
C PHE H 620 -36.35 -36.73 52.18
N ASP H 621 -37.67 -36.61 52.06
CA ASP H 621 -38.55 -37.52 51.28
C ASP H 621 -38.57 -37.09 49.81
N GLY H 622 -38.09 -37.94 48.90
CA GLY H 622 -38.21 -37.78 47.45
C GLY H 622 -39.58 -38.21 46.94
N ALA H 623 -40.12 -37.52 45.93
CA ALA H 623 -41.30 -38.00 45.17
C ALA H 623 -41.14 -37.63 43.70
N TRP H 624 -41.67 -38.45 42.79
CA TRP H 624 -41.82 -38.07 41.35
C TRP H 624 -43.27 -38.27 40.94
N LYS H 625 -43.74 -37.48 39.96
CA LYS H 625 -45.14 -37.50 39.43
C LYS H 625 -45.10 -37.34 37.90
N ILE H 626 -45.93 -38.07 37.18
CA ILE H 626 -46.13 -37.89 35.72
C ILE H 626 -47.54 -37.33 35.48
N ARG H 627 -47.63 -36.24 34.71
CA ARG H 627 -48.91 -35.58 34.33
C ARG H 627 -49.15 -35.79 32.83
N LYS H 628 -50.39 -36.11 32.47
CA LYS H 628 -50.90 -36.35 31.09
C LYS H 628 -51.95 -35.28 30.80
N ASP H 629 -51.69 -34.39 29.83
CA ASP H 629 -52.49 -33.17 29.57
C ASP H 629 -52.84 -32.46 30.90
N GLY H 630 -51.87 -32.36 31.81
CA GLY H 630 -51.97 -31.58 33.05
C GLY H 630 -52.57 -32.32 34.25
N GLU H 631 -52.91 -33.62 34.16
CA GLU H 631 -53.51 -34.40 35.30
C GLU H 631 -52.58 -35.55 35.74
N VAL H 632 -52.48 -35.79 37.06
CA VAL H 632 -51.56 -36.83 37.64
C VAL H 632 -52.08 -38.22 37.27
N ILE H 633 -51.23 -39.06 36.66
CA ILE H 633 -51.54 -40.48 36.29
C ILE H 633 -50.64 -41.47 37.05
N GLU H 634 -49.51 -41.04 37.61
CA GLU H 634 -48.56 -41.92 38.34
C GLU H 634 -47.77 -41.08 39.35
N GLU H 635 -47.65 -41.56 40.59
CA GLU H 635 -46.87 -40.97 41.70
C GLU H 635 -46.02 -42.07 42.36
N LYS H 636 -44.81 -41.76 42.81
CA LYS H 636 -43.90 -42.72 43.50
C LYS H 636 -42.95 -41.98 44.45
N THR H 637 -42.77 -42.50 45.66
CA THR H 637 -41.80 -42.03 46.68
C THR H 637 -40.46 -42.74 46.49
N PHE H 638 -39.36 -42.10 46.89
CA PHE H 638 -37.99 -42.65 46.88
C PHE H 638 -37.15 -41.93 47.94
N LYS H 639 -35.95 -42.48 48.21
CA LYS H 639 -34.92 -41.87 49.08
C LYS H 639 -33.58 -42.02 48.37
N ILE H 640 -32.75 -40.99 48.43
CA ILE H 640 -31.42 -40.92 47.75
C ILE H 640 -30.39 -40.46 48.79
N PHE H 641 -29.24 -41.12 48.84
CA PHE H 641 -28.10 -40.83 49.74
C PHE H 641 -27.07 -40.02 48.95
N ALA H 642 -26.86 -38.76 49.33
CA ALA H 642 -25.87 -37.86 48.71
C ALA H 642 -25.31 -36.92 49.78
N GLU H 643 -24.00 -36.89 49.93
CA GLU H 643 -23.27 -36.00 50.88
C GLU H 643 -23.14 -34.62 50.23
N PRO H 644 -22.87 -33.56 51.01
CA PRO H 644 -22.62 -32.23 50.44
C PRO H 644 -21.64 -32.29 49.26
N GLY H 645 -22.07 -31.77 48.10
CA GLY H 645 -21.29 -31.70 46.86
C GLY H 645 -21.46 -32.89 45.93
N GLU H 646 -22.04 -34.01 46.39
CA GLU H 646 -22.12 -35.25 45.57
C GLU H 646 -23.24 -35.15 44.52
N LYS H 647 -22.99 -35.76 43.35
CA LYS H 647 -23.97 -36.03 42.25
C LYS H 647 -24.34 -37.52 42.29
N ARG H 648 -25.65 -37.84 42.28
CA ARG H 648 -26.18 -39.22 42.28
C ARG H 648 -27.23 -39.39 41.15
N LEU H 649 -27.27 -40.56 40.51
CA LEU H 649 -28.20 -40.88 39.39
C LEU H 649 -29.51 -41.45 39.95
N LEU H 650 -30.62 -41.05 39.33
CA LEU H 650 -31.99 -41.49 39.67
C LEU H 650 -32.65 -42.03 38.39
N LYS H 651 -33.11 -43.28 38.44
CA LYS H 651 -33.67 -44.03 37.30
C LYS H 651 -35.18 -44.10 37.51
N ILE H 652 -35.97 -43.62 36.53
CA ILE H 652 -37.45 -43.56 36.61
C ILE H 652 -38.01 -44.43 35.47
N PRO H 653 -38.67 -45.57 35.76
CA PRO H 653 -39.32 -46.37 34.72
C PRO H 653 -40.57 -45.68 34.14
N LEU H 654 -40.58 -45.42 32.82
CA LEU H 654 -41.65 -44.68 32.12
C LEU H 654 -42.72 -45.63 31.61
N PRO H 655 -44.01 -45.23 31.60
CA PRO H 655 -45.06 -46.01 30.95
C PRO H 655 -45.04 -45.87 29.43
N GLU H 656 -45.77 -46.74 28.71
CA GLU H 656 -46.12 -46.53 27.28
C GLU H 656 -47.03 -45.30 27.19
N MET H 657 -46.81 -44.47 26.17
CA MET H 657 -47.44 -43.13 26.06
C MET H 657 -48.30 -43.09 24.80
N ASP H 658 -49.43 -42.39 24.85
CA ASP H 658 -50.35 -42.12 23.72
C ASP H 658 -50.02 -40.74 23.14
N ASP H 659 -50.93 -40.09 22.40
CA ASP H 659 -50.70 -38.82 21.66
C ASP H 659 -50.80 -37.56 22.55
N SER H 660 -51.10 -37.68 23.85
CA SER H 660 -51.08 -36.59 24.86
C SER H 660 -49.66 -36.02 25.09
N GLU H 661 -49.60 -34.86 25.74
CA GLU H 661 -48.35 -34.23 26.27
C GLU H 661 -48.03 -34.77 27.67
N TYR H 662 -46.79 -35.21 27.92
CA TYR H 662 -46.37 -35.79 29.24
C TYR H 662 -45.27 -34.92 29.88
N PHE H 663 -45.46 -34.51 31.15
CA PHE H 663 -44.48 -33.77 31.98
C PHE H 663 -44.10 -34.60 33.23
N LEU H 664 -42.81 -34.65 33.58
CA LEU H 664 -42.29 -35.24 34.86
C LEU H 664 -41.96 -34.13 35.87
N GLU H 665 -42.40 -34.26 37.13
CA GLU H 665 -41.97 -33.38 38.26
C GLU H 665 -41.20 -34.24 39.30
N ILE H 666 -40.01 -33.82 39.73
CA ILE H 666 -39.22 -34.43 40.85
C ILE H 666 -39.12 -33.41 41.99
N SER H 667 -39.54 -33.78 43.21
CA SER H 667 -39.53 -32.90 44.41
C SER H 667 -38.86 -33.57 45.62
N PHE H 668 -38.42 -32.74 46.57
CA PHE H 668 -37.86 -33.12 47.89
C PHE H 668 -38.58 -32.34 48.97
N SER H 669 -39.04 -33.02 50.01
CA SER H 669 -39.82 -32.45 51.14
C SER H 669 -39.26 -32.86 52.52
N LEU H 670 -39.64 -32.16 53.58
CA LEU H 670 -39.24 -32.47 54.98
C LEU H 670 -39.86 -33.81 55.41
N SER H 671 -39.02 -34.78 55.81
CA SER H 671 -39.41 -36.13 56.33
C SER H 671 -40.22 -35.99 57.62
N GLU H 672 -39.85 -35.04 58.50
CA GLU H 672 -40.55 -34.79 59.79
C GLU H 672 -40.47 -33.30 60.15
N ASP H 673 -41.31 -32.88 61.10
CA ASP H 673 -41.45 -31.47 61.58
C ASP H 673 -40.09 -30.91 61.96
N THR H 674 -39.90 -29.61 61.72
CA THR H 674 -38.76 -28.78 62.18
C THR H 674 -39.32 -27.64 63.02
N PRO H 675 -38.48 -26.84 63.72
CA PRO H 675 -38.94 -25.64 64.40
C PRO H 675 -39.55 -24.58 63.48
N TRP H 676 -39.19 -24.58 62.19
CA TRP H 676 -39.61 -23.52 61.24
C TRP H 676 -40.69 -24.02 60.26
N ALA H 677 -40.98 -25.31 60.16
CA ALA H 677 -41.99 -25.83 59.19
C ALA H 677 -42.41 -27.27 59.52
N GLU H 678 -43.52 -27.70 58.92
CA GLU H 678 -44.20 -29.00 59.16
C GLU H 678 -43.73 -30.05 58.14
N LYS H 679 -43.88 -31.33 58.50
CA LYS H 679 -43.66 -32.50 57.63
C LYS H 679 -44.39 -32.29 56.29
N GLY H 680 -43.72 -32.56 55.16
CA GLY H 680 -44.31 -32.41 53.82
C GLY H 680 -44.03 -31.07 53.12
N HIS H 681 -43.46 -30.08 53.82
CA HIS H 681 -43.00 -28.80 53.21
C HIS H 681 -42.02 -29.12 52.09
N VAL H 682 -42.23 -28.60 50.88
CA VAL H 682 -41.30 -28.81 49.74
C VAL H 682 -40.12 -27.82 49.85
N VAL H 683 -38.88 -28.29 49.74
CA VAL H 683 -37.65 -27.46 49.80
C VAL H 683 -37.08 -27.30 48.39
N ALA H 684 -37.39 -28.21 47.45
CA ALA H 684 -36.81 -28.17 46.09
C ALA H 684 -37.66 -29.00 45.13
N TRP H 685 -37.80 -28.56 43.88
CA TRP H 685 -38.50 -29.29 42.78
C TRP H 685 -37.91 -28.89 41.44
N GLU H 686 -38.03 -29.74 40.43
CA GLU H 686 -37.74 -29.44 39.00
C GLU H 686 -38.71 -30.23 38.09
N GLN H 687 -39.02 -29.70 36.89
CA GLN H 687 -39.97 -30.31 35.92
C GLN H 687 -39.28 -30.47 34.57
N PHE H 688 -39.67 -31.47 33.79
CA PHE H 688 -39.08 -31.82 32.47
C PHE H 688 -40.20 -32.33 31.54
N LEU H 689 -40.16 -31.91 30.28
CA LEU H 689 -41.02 -32.48 29.19
C LEU H 689 -40.54 -33.91 28.87
N LEU H 690 -41.43 -34.91 28.96
CA LEU H 690 -41.11 -36.31 28.54
C LEU H 690 -41.47 -36.48 27.05
N LYS H 691 -42.66 -36.06 26.62
CA LYS H 691 -43.11 -36.25 25.22
C LYS H 691 -44.06 -35.12 24.81
N ALA H 692 -43.77 -34.51 23.67
CA ALA H 692 -44.63 -33.52 22.97
C ALA H 692 -45.88 -34.23 22.45
N PRO H 693 -47.02 -33.53 22.33
CA PRO H 693 -48.23 -34.17 21.83
C PRO H 693 -48.21 -34.36 20.30
N ALA H 694 -49.10 -35.19 19.77
CA ALA H 694 -49.37 -35.34 18.31
C ALA H 694 -50.66 -34.57 18.01
N PHE H 695 -50.57 -33.47 17.28
CA PHE H 695 -51.75 -32.64 16.92
C PHE H 695 -52.58 -33.32 15.83
N GLU H 696 -53.90 -33.23 15.93
CA GLU H 696 -54.87 -33.78 14.95
C GLU H 696 -55.45 -32.62 14.13
N LYS H 697 -55.57 -32.82 12.81
CA LYS H 697 -56.18 -31.87 11.84
C LYS H 697 -57.38 -32.57 11.19
N LYS H 698 -58.59 -32.08 11.43
CA LYS H 698 -59.84 -32.71 10.94
C LYS H 698 -60.43 -31.90 9.79
N SER H 699 -60.85 -32.57 8.71
CA SER H 699 -61.57 -31.99 7.56
C SER H 699 -63.02 -31.70 7.95
N ILE H 700 -63.43 -30.43 7.91
CA ILE H 700 -64.83 -30.00 8.18
C ILE H 700 -65.59 -30.04 6.84
N SER H 701 -66.76 -30.68 6.82
CA SER H 701 -67.63 -30.84 5.62
C SER H 701 -68.88 -29.95 5.70
N ASP H 702 -69.31 -29.52 6.89
CA ASP H 702 -70.54 -28.71 7.10
C ASP H 702 -70.35 -27.29 6.55
N GLY H 703 -71.45 -26.60 6.27
CA GLY H 703 -71.47 -25.32 5.53
C GLY H 703 -71.61 -24.11 6.44
N VAL H 704 -71.35 -22.93 5.88
CA VAL H 704 -71.38 -21.60 6.56
C VAL H 704 -72.18 -20.65 5.65
N SER H 705 -73.04 -19.80 6.21
CA SER H 705 -73.85 -18.82 5.45
C SER H 705 -73.33 -17.41 5.71
N LEU H 706 -73.61 -16.49 4.79
CA LEU H 706 -73.09 -15.10 4.77
C LEU H 706 -74.20 -14.19 4.25
N ARG H 707 -74.54 -13.13 5.00
CA ARG H 707 -75.52 -12.07 4.62
C ARG H 707 -74.86 -10.69 4.76
N GLU H 708 -74.86 -9.89 3.70
CA GLU H 708 -74.33 -8.51 3.69
C GLU H 708 -75.51 -7.52 3.70
N ASP H 709 -75.34 -6.40 4.38
CA ASP H 709 -76.22 -5.20 4.27
C ASP H 709 -75.30 -3.98 4.19
N GLY H 710 -75.79 -2.78 4.50
CA GLY H 710 -75.07 -1.51 4.33
C GLY H 710 -73.99 -1.28 5.38
N LYS H 711 -74.13 -1.86 6.58
CA LYS H 711 -73.21 -1.61 7.73
C LYS H 711 -72.60 -2.91 8.27
N HIS H 712 -73.24 -4.06 8.09
CA HIS H 712 -72.85 -5.34 8.73
C HIS H 712 -72.64 -6.46 7.71
N LEU H 713 -71.65 -7.30 7.99
CA LEU H 713 -71.52 -8.68 7.45
C LEU H 713 -71.87 -9.66 8.58
N THR H 714 -72.77 -10.62 8.34
CA THR H 714 -73.24 -11.62 9.34
C THR H 714 -72.90 -13.03 8.85
N VAL H 715 -72.21 -13.84 9.67
CA VAL H 715 -71.75 -15.22 9.29
C VAL H 715 -72.37 -16.20 10.29
N GLU H 716 -73.11 -17.19 9.79
CA GLU H 716 -73.81 -18.20 10.64
C GLU H 716 -73.16 -19.56 10.43
N ALA H 717 -72.93 -20.29 11.53
CA ALA H 717 -72.39 -21.67 11.57
C ALA H 717 -72.93 -22.38 12.80
N LYS H 718 -73.51 -23.57 12.63
CA LYS H 718 -74.21 -24.32 13.71
C LYS H 718 -75.20 -23.36 14.38
N ASP H 719 -75.00 -23.01 15.65
CA ASP H 719 -75.93 -22.15 16.43
C ASP H 719 -75.19 -20.92 16.95
N THR H 720 -74.14 -20.46 16.24
CA THR H 720 -73.38 -19.23 16.57
C THR H 720 -73.48 -18.28 15.36
N VAL H 721 -73.67 -16.99 15.63
CA VAL H 721 -73.71 -15.91 14.60
C VAL H 721 -72.62 -14.90 14.94
N TYR H 722 -71.73 -14.62 13.99
CA TYR H 722 -70.61 -13.66 14.12
C TYR H 722 -70.97 -12.40 13.35
N VAL H 723 -70.94 -11.21 13.99
CA VAL H 723 -71.32 -9.93 13.34
C VAL H 723 -70.07 -9.04 13.19
N PHE H 724 -69.74 -8.69 11.95
CA PHE H 724 -68.61 -7.83 11.56
C PHE H 724 -69.13 -6.48 11.07
N SER H 725 -68.47 -5.40 11.42
CA SER H 725 -68.82 -4.02 10.98
C SER H 725 -67.99 -3.62 9.76
N LYS H 726 -68.64 -3.13 8.69
CA LYS H 726 -67.96 -2.65 7.45
C LYS H 726 -67.38 -1.24 7.65
N LEU H 727 -67.78 -0.51 8.69
CA LEU H 727 -67.29 0.86 8.98
C LEU H 727 -66.08 0.79 9.93
N THR H 728 -66.07 -0.09 10.93
CA THR H 728 -64.93 -0.24 11.89
C THR H 728 -63.96 -1.35 11.45
N GLY H 729 -64.40 -2.31 10.66
CA GLY H 729 -63.61 -3.50 10.31
C GLY H 729 -63.41 -4.49 11.47
N LEU H 730 -64.14 -4.37 12.58
CA LEU H 730 -63.95 -5.22 13.81
C LEU H 730 -65.03 -6.31 13.88
N LEU H 731 -64.74 -7.41 14.58
CA LEU H 731 -65.77 -8.37 15.12
C LEU H 731 -66.46 -7.71 16.32
N GLU H 732 -67.76 -7.41 16.19
CA GLU H 732 -68.52 -6.54 17.13
C GLU H 732 -69.41 -7.38 18.04
N GLN H 733 -69.96 -8.50 17.58
CA GLN H 733 -70.88 -9.31 18.43
C GLN H 733 -70.77 -10.78 18.03
N ILE H 734 -70.99 -11.64 19.02
CA ILE H 734 -71.12 -13.12 18.88
C ILE H 734 -72.43 -13.50 19.57
N LEU H 735 -73.38 -14.06 18.83
CA LEU H 735 -74.68 -14.55 19.38
C LEU H 735 -74.63 -16.07 19.37
N HIS H 736 -74.73 -16.69 20.54
CA HIS H 736 -74.79 -18.17 20.71
C HIS H 736 -76.18 -18.48 21.28
N ARG H 737 -76.99 -19.25 20.55
CA ARG H 737 -78.42 -19.51 20.86
C ARG H 737 -79.11 -18.21 21.29
N ARG H 738 -78.98 -17.15 20.47
CA ARG H 738 -79.62 -15.82 20.64
C ARG H 738 -79.15 -15.10 21.92
N LYS H 739 -77.99 -15.45 22.48
CA LYS H 739 -77.42 -14.83 23.71
C LYS H 739 -76.13 -14.07 23.36
N LYS H 740 -76.03 -12.80 23.73
CA LYS H 740 -74.85 -11.94 23.49
C LYS H 740 -73.68 -12.39 24.39
N ILE H 741 -72.52 -12.63 23.78
CA ILE H 741 -71.26 -13.06 24.46
C ILE H 741 -70.32 -11.84 24.65
N LEU H 742 -70.31 -10.87 23.72
CA LEU H 742 -69.40 -9.70 23.77
C LEU H 742 -70.15 -8.50 24.35
N LYS H 743 -69.49 -7.73 25.23
CA LYS H 743 -69.94 -6.39 25.72
C LYS H 743 -69.18 -5.27 25.02
N SER H 744 -68.08 -5.57 24.33
CA SER H 744 -67.36 -4.62 23.45
C SER H 744 -66.62 -5.38 22.36
N PRO H 745 -66.26 -4.74 21.23
CA PRO H 745 -65.60 -5.43 20.11
C PRO H 745 -64.20 -6.01 20.40
N VAL H 746 -63.79 -6.99 19.62
CA VAL H 746 -62.41 -7.54 19.64
C VAL H 746 -61.48 -6.54 18.93
N VAL H 747 -60.51 -5.95 19.65
CA VAL H 747 -59.56 -4.94 19.09
C VAL H 747 -58.12 -5.41 19.27
N PRO H 748 -57.23 -5.15 18.29
CA PRO H 748 -55.78 -5.29 18.49
C PRO H 748 -55.26 -4.41 19.64
N ASN H 749 -54.33 -4.89 20.46
CA ASN H 749 -53.85 -4.15 21.68
C ASN H 749 -52.33 -4.26 21.82
N PHE H 750 -51.65 -3.14 22.06
CA PHE H 750 -50.17 -3.01 22.10
C PHE H 750 -49.71 -2.44 23.44
N TRP H 751 -50.59 -2.27 24.43
CA TRP H 751 -50.27 -1.52 25.67
C TRP H 751 -50.34 -2.41 26.92
N ARG H 752 -49.51 -2.12 27.92
CA ARG H 752 -49.69 -2.65 29.29
C ARG H 752 -49.65 -1.48 30.27
N VAL H 753 -50.35 -1.59 31.39
CA VAL H 753 -50.44 -0.53 32.45
C VAL H 753 -49.07 -0.41 33.11
N PRO H 754 -48.39 0.77 33.06
CA PRO H 754 -47.00 0.85 33.51
C PRO H 754 -46.75 0.40 34.97
N THR H 755 -45.72 -0.44 35.15
CA THR H 755 -45.16 -0.85 36.46
C THR H 755 -44.29 0.27 37.04
N ASP H 756 -43.87 0.15 38.30
CA ASP H 756 -42.91 1.11 38.94
C ASP H 756 -41.58 1.10 38.16
N ASN H 757 -41.10 -0.04 37.66
CA ASN H 757 -39.87 -0.09 36.81
C ASN H 757 -40.12 0.66 35.50
N ASP H 758 -41.27 0.48 34.86
CA ASP H 758 -41.61 1.20 33.58
C ASP H 758 -41.58 2.71 33.82
N ILE H 759 -42.18 3.21 34.90
CA ILE H 759 -42.18 4.67 35.24
C ILE H 759 -40.74 5.16 35.41
N GLY H 760 -39.90 4.40 36.14
CA GLY H 760 -38.51 4.78 36.38
C GLY H 760 -37.66 4.87 35.12
N ASN H 761 -37.96 4.11 34.06
CA ASN H 761 -37.17 4.22 32.80
C ASN H 761 -37.94 5.04 31.74
N ARG H 762 -38.99 5.76 32.11
CA ARG H 762 -39.76 6.69 31.22
C ARG H 762 -40.44 5.95 30.06
N MET H 763 -40.87 4.71 30.27
CA MET H 763 -41.60 3.92 29.25
C MET H 763 -42.87 4.66 28.82
N PRO H 764 -43.67 5.29 29.70
CA PRO H 764 -44.89 5.98 29.26
C PRO H 764 -44.67 7.14 28.28
N GLN H 765 -43.50 7.80 28.32
CA GLN H 765 -43.13 8.89 27.37
C GLN H 765 -42.54 8.27 26.09
N ARG H 766 -41.45 7.49 26.22
CA ARG H 766 -40.76 6.81 25.08
C ARG H 766 -41.74 6.03 24.19
N LEU H 767 -42.67 5.27 24.77
CA LEU H 767 -43.50 4.26 24.04
C LEU H 767 -44.94 4.77 23.92
N ALA H 768 -45.19 6.08 24.10
CA ALA H 768 -46.55 6.69 24.08
C ALA H 768 -47.29 6.41 22.76
N ILE H 769 -46.60 6.27 21.62
CA ILE H 769 -47.26 6.00 20.31
C ILE H 769 -48.03 4.65 20.34
N TRP H 770 -47.55 3.65 21.09
CA TRP H 770 -48.19 2.31 21.17
C TRP H 770 -49.47 2.38 22.04
N LYS H 771 -49.54 3.30 22.98
CA LYS H 771 -50.81 3.53 23.73
C LYS H 771 -51.88 4.13 22.79
N ARG H 772 -51.51 5.08 21.93
CA ARG H 772 -52.40 5.69 20.92
C ARG H 772 -52.86 4.64 19.89
N ALA H 773 -51.93 3.82 19.39
CA ALA H 773 -52.21 2.76 18.41
C ALA H 773 -53.16 1.71 19.01
N SER H 774 -53.29 1.61 20.34
CA SER H 774 -54.24 0.67 21.00
C SER H 774 -55.67 1.21 21.01
N LYS H 775 -55.87 2.52 20.85
CA LYS H 775 -57.22 3.17 20.93
C LYS H 775 -57.69 3.74 19.57
N GLU H 776 -56.79 4.13 18.66
CA GLU H 776 -57.16 4.73 17.34
C GLU H 776 -56.55 3.91 16.21
N ARG H 777 -57.28 3.79 15.11
CA ARG H 777 -56.85 3.06 13.89
C ARG H 777 -57.69 3.54 12.70
N LYS H 778 -57.16 3.40 11.50
CA LYS H 778 -57.81 3.77 10.22
C LYS H 778 -58.01 2.50 9.39
N LEU H 779 -59.25 2.13 9.09
CA LEU H 779 -59.55 1.00 8.20
C LEU H 779 -59.22 1.41 6.76
N PHE H 780 -58.18 0.81 6.16
CA PHE H 780 -57.71 1.08 4.78
C PHE H 780 -58.51 0.23 3.79
N LYS H 781 -58.82 -1.03 4.13
CA LYS H 781 -59.42 -2.00 3.17
C LYS H 781 -60.08 -3.16 3.95
N MET H 782 -61.18 -3.70 3.41
CA MET H 782 -61.87 -4.86 4.02
C MET H 782 -62.50 -5.72 2.93
N HIS H 783 -62.26 -7.02 2.94
CA HIS H 783 -62.89 -7.97 1.98
C HIS H 783 -63.14 -9.35 2.62
N TRP H 784 -64.02 -10.13 1.99
CA TRP H 784 -64.39 -11.51 2.42
C TRP H 784 -64.38 -12.47 1.23
N LYS H 785 -64.22 -13.75 1.51
CA LYS H 785 -64.10 -14.87 0.54
C LYS H 785 -64.77 -16.13 1.12
N LYS H 786 -65.77 -16.67 0.43
CA LYS H 786 -66.52 -17.88 0.84
C LYS H 786 -66.01 -19.10 0.07
N GLU H 787 -65.79 -20.23 0.77
CA GLU H 787 -65.59 -21.58 0.20
C GLU H 787 -66.76 -22.45 0.69
N GLU H 788 -66.78 -23.73 0.33
CA GLU H 788 -67.84 -24.70 0.69
C GLU H 788 -67.93 -24.85 2.21
N ASN H 789 -66.81 -24.89 2.93
CA ASN H 789 -66.77 -25.24 4.38
C ASN H 789 -66.31 -24.07 5.27
N ARG H 790 -66.07 -22.86 4.74
CA ARG H 790 -65.54 -21.75 5.56
C ARG H 790 -65.70 -20.41 4.85
N VAL H 791 -65.72 -19.32 5.63
CA VAL H 791 -65.66 -17.89 5.20
C VAL H 791 -64.49 -17.23 5.92
N SER H 792 -63.68 -16.44 5.20
CA SER H 792 -62.61 -15.56 5.75
C SER H 792 -63.02 -14.10 5.62
N VAL H 793 -62.84 -13.29 6.69
CA VAL H 793 -63.03 -11.81 6.73
C VAL H 793 -61.67 -11.17 7.04
N HIS H 794 -61.14 -10.38 6.12
CA HIS H 794 -59.80 -9.75 6.15
C HIS H 794 -59.94 -8.23 6.31
N SER H 795 -59.33 -7.64 7.34
CA SER H 795 -59.24 -6.17 7.56
C SER H 795 -57.78 -5.70 7.57
N VAL H 796 -57.49 -4.57 6.93
CA VAL H 796 -56.15 -3.91 6.85
C VAL H 796 -56.26 -2.56 7.53
N PHE H 797 -55.45 -2.29 8.55
CA PHE H 797 -55.46 -0.99 9.28
C PHE H 797 -54.09 -0.32 9.18
N GLN H 798 -54.08 0.99 9.18
CA GLN H 798 -52.84 1.75 9.46
C GLN H 798 -53.03 2.39 10.83
N LEU H 799 -51.95 2.53 11.58
CA LEU H 799 -51.96 2.95 13.00
C LEU H 799 -51.18 4.25 13.18
N PRO H 800 -51.42 4.99 14.30
CA PRO H 800 -50.48 6.01 14.78
C PRO H 800 -49.03 5.49 14.83
N GLY H 801 -48.07 6.31 14.39
CA GLY H 801 -46.70 5.86 14.09
C GLY H 801 -46.52 5.31 12.68
N ASN H 802 -47.59 5.07 11.92
CA ASN H 802 -47.56 4.64 10.48
C ASN H 802 -47.26 3.15 10.31
N SER H 803 -47.40 2.31 11.34
CA SER H 803 -47.33 0.83 11.25
C SER H 803 -48.59 0.26 10.61
N TRP H 804 -48.51 -0.95 10.06
CA TRP H 804 -49.65 -1.68 9.43
C TRP H 804 -50.03 -2.89 10.30
N VAL H 805 -51.32 -3.18 10.44
CA VAL H 805 -51.81 -4.42 11.11
C VAL H 805 -52.91 -5.05 10.24
N TYR H 806 -52.76 -6.35 9.98
CA TYR H 806 -53.68 -7.22 9.19
C TYR H 806 -54.41 -8.18 10.15
N THR H 807 -55.74 -8.18 10.19
CA THR H 807 -56.55 -9.17 10.95
C THR H 807 -57.31 -10.06 9.97
N THR H 808 -57.36 -11.34 10.25
CA THR H 808 -58.12 -12.35 9.46
C THR H 808 -58.88 -13.27 10.42
N TYR H 809 -60.19 -13.36 10.26
CA TYR H 809 -61.11 -14.29 10.96
C TYR H 809 -61.60 -15.35 9.97
N THR H 810 -61.38 -16.64 10.23
CA THR H 810 -61.93 -17.72 9.38
C THR H 810 -62.93 -18.53 10.21
N VAL H 811 -64.20 -18.49 9.83
CA VAL H 811 -65.31 -19.24 10.50
C VAL H 811 -65.51 -20.54 9.73
N PHE H 812 -65.45 -21.67 10.43
CA PHE H 812 -65.71 -23.03 9.90
C PHE H 812 -67.11 -23.51 10.24
N GLY H 813 -67.59 -24.50 9.49
CA GLY H 813 -68.95 -25.09 9.57
C GLY H 813 -69.24 -25.78 10.90
N ASN H 814 -68.22 -26.16 11.67
CA ASN H 814 -68.32 -26.74 13.04
C ASN H 814 -68.42 -25.65 14.13
N GLY H 815 -68.39 -24.36 13.78
CA GLY H 815 -68.47 -23.24 14.74
C GLY H 815 -67.11 -22.73 15.26
N ASP H 816 -65.99 -23.43 15.06
CA ASP H 816 -64.63 -22.89 15.33
C ASP H 816 -64.39 -21.58 14.55
N VAL H 817 -63.67 -20.61 15.14
CA VAL H 817 -63.12 -19.40 14.45
C VAL H 817 -61.60 -19.39 14.65
N LEU H 818 -60.82 -19.31 13.57
CA LEU H 818 -59.37 -19.01 13.61
C LEU H 818 -59.18 -17.50 13.54
N VAL H 819 -58.35 -16.96 14.45
CA VAL H 819 -58.08 -15.50 14.57
C VAL H 819 -56.59 -15.29 14.30
N ASP H 820 -56.21 -14.47 13.30
CA ASP H 820 -54.80 -14.25 12.90
C ASP H 820 -54.51 -12.75 12.90
N LEU H 821 -53.30 -12.38 13.31
CA LEU H 821 -52.76 -11.00 13.34
C LEU H 821 -51.36 -11.01 12.72
N SER H 822 -51.04 -10.06 11.85
CA SER H 822 -49.66 -9.72 11.42
C SER H 822 -49.45 -8.24 11.71
N LEU H 823 -48.32 -7.89 12.31
CA LEU H 823 -47.96 -6.50 12.60
C LEU H 823 -46.69 -6.20 11.80
N ILE H 824 -46.69 -5.15 10.98
CA ILE H 824 -45.52 -4.67 10.19
C ILE H 824 -45.14 -3.28 10.68
N PRO H 825 -44.22 -3.12 11.66
CA PRO H 825 -43.86 -1.81 12.19
C PRO H 825 -43.20 -0.88 11.15
N ALA H 826 -43.45 0.42 11.24
CA ALA H 826 -42.79 1.48 10.43
C ALA H 826 -41.32 1.60 10.86
N GLU H 827 -40.51 2.26 10.02
CA GLU H 827 -39.02 2.24 10.12
C GLU H 827 -38.49 3.01 11.34
N ASP H 828 -39.25 3.92 11.94
CA ASP H 828 -38.73 4.82 13.02
C ASP H 828 -39.57 4.71 14.31
N VAL H 829 -40.31 3.61 14.53
CA VAL H 829 -41.09 3.40 15.78
C VAL H 829 -40.23 2.71 16.82
N PRO H 830 -40.46 2.95 18.14
CA PRO H 830 -39.72 2.25 19.19
C PRO H 830 -40.27 0.84 19.52
N GLU H 831 -39.63 0.13 20.45
CA GLU H 831 -40.01 -1.25 20.87
C GLU H 831 -41.48 -1.29 21.32
N ILE H 832 -42.07 -2.47 21.35
CA ILE H 832 -43.53 -2.67 21.55
C ILE H 832 -43.77 -3.25 22.95
N PRO H 833 -44.67 -2.69 23.78
CA PRO H 833 -44.95 -3.26 25.10
C PRO H 833 -45.62 -4.65 25.10
N ARG H 834 -46.53 -4.91 24.15
CA ARG H 834 -47.35 -6.15 24.10
C ARG H 834 -47.84 -6.36 22.66
N ILE H 835 -48.11 -7.59 22.25
CA ILE H 835 -48.83 -7.87 20.97
C ILE H 835 -49.99 -8.82 21.24
N GLY H 836 -51.25 -8.39 21.05
CA GLY H 836 -52.41 -9.27 21.28
C GLY H 836 -53.74 -8.64 20.93
N PHE H 837 -54.81 -9.22 21.44
CA PHE H 837 -56.22 -8.81 21.27
C PHE H 837 -56.85 -8.63 22.65
N GLN H 838 -57.77 -7.68 22.77
CA GLN H 838 -58.53 -7.38 24.01
C GLN H 838 -60.02 -7.33 23.68
N PHE H 839 -60.87 -7.93 24.52
CA PHE H 839 -62.35 -7.79 24.45
C PHE H 839 -62.97 -7.85 25.86
N THR H 840 -64.30 -7.66 25.95
CA THR H 840 -65.08 -7.74 27.22
C THR H 840 -66.30 -8.65 27.07
N VAL H 841 -66.57 -9.45 28.11
CA VAL H 841 -67.74 -10.37 28.22
C VAL H 841 -68.51 -9.99 29.49
N PRO H 842 -69.79 -10.40 29.64
CA PRO H 842 -70.58 -10.12 30.86
C PRO H 842 -70.04 -10.82 32.12
N GLU H 843 -70.25 -10.21 33.30
CA GLU H 843 -69.67 -10.66 34.60
C GLU H 843 -70.23 -12.02 35.04
N GLU H 844 -71.25 -12.55 34.36
CA GLU H 844 -71.76 -13.94 34.55
C GLU H 844 -70.68 -14.97 34.22
N PHE H 845 -69.68 -14.64 33.38
CA PHE H 845 -68.47 -15.48 33.14
C PHE H 845 -67.52 -15.28 34.33
N GLY H 846 -67.71 -16.07 35.40
CA GLY H 846 -67.08 -15.86 36.71
C GLY H 846 -66.05 -16.90 37.11
N THR H 847 -65.85 -17.96 36.33
CA THR H 847 -64.91 -19.06 36.61
C THR H 847 -63.96 -19.25 35.43
N VAL H 848 -62.69 -19.57 35.69
CA VAL H 848 -61.65 -19.79 34.63
C VAL H 848 -60.94 -21.11 34.91
N GLU H 849 -60.65 -21.87 33.86
CA GLU H 849 -59.84 -23.11 33.88
C GLU H 849 -58.74 -22.95 32.83
N TRP H 850 -57.53 -23.46 33.07
CA TRP H 850 -56.42 -23.41 32.08
C TRP H 850 -55.48 -24.58 32.25
N TYR H 851 -54.77 -24.91 31.16
CA TYR H 851 -53.62 -25.88 31.13
C TYR H 851 -52.40 -25.06 30.72
N GLY H 852 -51.44 -24.89 31.65
CA GLY H 852 -50.29 -23.99 31.46
C GLY H 852 -49.48 -23.80 32.75
N ARG H 853 -48.62 -22.79 32.82
CA ARG H 853 -47.84 -22.47 34.04
C ARG H 853 -48.77 -21.89 35.10
N GLY H 854 -48.60 -22.27 36.36
CA GLY H 854 -49.41 -21.76 37.47
C GLY H 854 -48.90 -22.24 38.83
N PRO H 855 -49.68 -22.07 39.92
CA PRO H 855 -51.00 -21.43 39.88
C PRO H 855 -51.02 -19.89 39.86
N HIS H 856 -49.87 -19.26 40.14
CA HIS H 856 -49.69 -17.80 40.32
C HIS H 856 -49.37 -17.15 38.96
N GLU H 857 -49.36 -15.82 38.90
CA GLU H 857 -48.97 -15.05 37.68
C GLU H 857 -47.49 -15.29 37.35
N THR H 858 -47.15 -15.34 36.06
CA THR H 858 -45.76 -15.45 35.52
C THR H 858 -45.57 -14.52 34.32
N TYR H 859 -44.34 -14.05 34.08
CA TYR H 859 -43.94 -13.12 32.98
C TYR H 859 -42.71 -13.70 32.29
N TRP H 860 -42.33 -13.13 31.14
CA TRP H 860 -41.28 -13.65 30.23
C TRP H 860 -39.95 -13.83 30.97
N ASP H 861 -39.56 -12.88 31.85
CA ASP H 861 -38.31 -12.93 32.66
C ASP H 861 -38.59 -13.32 34.13
N ARG H 862 -39.73 -13.91 34.43
CA ARG H 862 -40.04 -14.40 35.81
C ARG H 862 -41.08 -15.51 35.72
N LYS H 863 -40.67 -16.70 35.31
CA LYS H 863 -41.59 -17.84 35.15
C LYS H 863 -41.03 -19.22 35.55
N GLU H 864 -39.79 -19.36 36.05
CA GLU H 864 -39.24 -20.69 36.45
C GLU H 864 -40.10 -21.34 37.55
N SER H 865 -40.68 -20.55 38.44
CA SER H 865 -41.54 -21.05 39.55
C SER H 865 -42.91 -21.55 39.04
N GLY H 866 -43.27 -21.37 37.77
CA GLY H 866 -44.58 -21.84 37.26
C GLY H 866 -44.55 -23.30 36.82
N LEU H 867 -45.23 -24.17 37.57
CA LEU H 867 -45.40 -25.62 37.30
C LEU H 867 -46.49 -25.84 36.22
N PHE H 868 -46.22 -26.64 35.18
CA PHE H 868 -47.20 -26.98 34.11
C PHE H 868 -48.25 -27.94 34.66
N ALA H 869 -49.53 -27.55 34.70
CA ALA H 869 -50.62 -28.45 35.17
C ALA H 869 -52.00 -27.87 34.79
N ARG H 870 -53.06 -28.55 35.20
CA ARG H 870 -54.45 -28.03 35.02
C ARG H 870 -54.93 -27.32 36.28
N TYR H 871 -55.40 -26.07 36.17
CA TYR H 871 -55.80 -25.18 37.29
C TYR H 871 -57.22 -24.62 37.10
N ARG H 872 -57.84 -24.18 38.19
CA ARG H 872 -59.23 -23.64 38.24
C ARG H 872 -59.33 -22.54 39.31
N LYS H 873 -59.84 -21.35 38.96
CA LYS H 873 -60.02 -20.22 39.90
C LYS H 873 -61.24 -19.37 39.52
N ALA H 874 -61.76 -18.62 40.49
CA ALA H 874 -62.74 -17.53 40.30
C ALA H 874 -62.00 -16.32 39.73
N VAL H 875 -62.66 -15.51 38.90
CA VAL H 875 -62.04 -14.36 38.19
C VAL H 875 -61.43 -13.35 39.19
N GLY H 876 -62.11 -13.10 40.31
CA GLY H 876 -61.64 -12.16 41.35
C GLY H 876 -60.31 -12.52 41.98
N GLU H 877 -59.88 -13.79 41.92
CA GLU H 877 -58.59 -14.24 42.50
C GLU H 877 -57.53 -14.45 41.42
N MET H 878 -57.76 -13.96 40.19
CA MET H 878 -56.82 -14.05 39.04
C MET H 878 -56.02 -12.75 38.92
N MET H 879 -55.96 -11.92 39.96
CA MET H 879 -55.12 -10.70 39.99
C MET H 879 -54.52 -10.55 41.41
N HIS H 880 -53.38 -9.88 41.51
CA HIS H 880 -52.74 -9.55 42.82
C HIS H 880 -52.98 -8.08 43.12
N ARG H 881 -53.29 -7.75 44.38
CA ARG H 881 -53.54 -6.36 44.85
C ARG H 881 -52.22 -5.71 45.29
N TYR H 882 -51.42 -5.24 44.33
CA TYR H 882 -50.23 -4.38 44.57
C TYR H 882 -50.69 -3.10 45.29
N VAL H 883 -49.90 -2.59 46.26
CA VAL H 883 -50.20 -1.35 47.05
C VAL H 883 -50.50 -0.19 46.09
N ARG H 884 -49.69 0.03 45.04
CA ARG H 884 -50.05 0.89 43.89
C ARG H 884 -50.47 0.02 42.70
N PRO H 885 -51.76 0.01 42.28
CA PRO H 885 -52.22 -0.84 41.18
C PRO H 885 -51.42 -0.65 39.88
N GLN H 886 -51.22 -1.77 39.18
CA GLN H 886 -50.22 -1.96 38.10
C GLN H 886 -50.63 -3.16 37.24
N GLU H 887 -49.95 -3.38 36.12
CA GLU H 887 -50.02 -4.65 35.33
C GLU H 887 -49.92 -5.85 36.29
N THR H 888 -50.84 -6.81 36.15
CA THR H 888 -50.95 -8.00 37.03
C THR H 888 -51.75 -9.08 36.30
N GLY H 889 -51.59 -10.34 36.72
CA GLY H 889 -52.54 -11.43 36.39
C GLY H 889 -52.15 -12.27 35.15
N ASN H 890 -51.04 -11.98 34.47
CA ASN H 890 -50.57 -12.74 33.28
C ASN H 890 -50.35 -14.23 33.64
N ARG H 891 -50.83 -15.15 32.78
CA ARG H 891 -50.47 -16.60 32.79
C ARG H 891 -49.69 -16.90 31.51
N SER H 892 -48.50 -17.51 31.63
CA SER H 892 -47.56 -17.80 30.50
C SER H 892 -47.64 -19.27 30.03
N ASP H 893 -47.25 -19.48 28.76
CA ASP H 893 -47.05 -20.80 28.08
C ASP H 893 -48.34 -21.64 28.18
N VAL H 894 -49.50 -21.01 27.95
CA VAL H 894 -50.83 -21.64 28.07
C VAL H 894 -51.21 -22.39 26.77
N ARG H 895 -51.62 -23.66 26.90
CA ARG H 895 -52.11 -24.50 25.78
C ARG H 895 -53.58 -24.14 25.50
N TRP H 896 -54.41 -23.99 26.54
CA TRP H 896 -55.84 -23.64 26.41
C TRP H 896 -56.34 -23.02 27.72
N PHE H 897 -57.37 -22.18 27.63
CA PHE H 897 -58.17 -21.66 28.77
C PHE H 897 -59.65 -21.65 28.39
N ALA H 898 -60.53 -21.67 29.38
CA ALA H 898 -62.01 -21.61 29.23
C ALA H 898 -62.64 -20.77 30.34
N LEU H 899 -63.49 -19.83 29.96
CA LEU H 899 -64.37 -19.03 30.86
C LEU H 899 -65.75 -19.67 30.84
N SER H 900 -66.38 -19.84 32.01
CA SER H 900 -67.69 -20.53 32.16
C SER H 900 -68.69 -19.61 32.88
N ASP H 901 -69.95 -19.60 32.43
CA ASP H 901 -71.09 -18.94 33.12
C ASP H 901 -72.04 -20.00 33.71
N GLY H 902 -71.57 -21.23 33.90
CA GLY H 902 -72.36 -22.37 34.39
C GLY H 902 -72.82 -23.26 33.25
N GLU H 903 -73.39 -22.68 32.19
CA GLU H 903 -73.96 -23.39 31.02
C GLU H 903 -73.00 -23.28 29.81
N THR H 904 -72.68 -22.06 29.39
CA THR H 904 -71.89 -21.72 28.18
C THR H 904 -70.41 -21.57 28.54
N LYS H 905 -69.50 -22.13 27.73
CA LYS H 905 -68.02 -22.02 27.86
C LYS H 905 -67.47 -21.25 26.67
N LEU H 906 -66.67 -20.20 26.92
CA LEU H 906 -65.80 -19.57 25.91
C LEU H 906 -64.41 -20.23 26.00
N PHE H 907 -64.05 -21.02 24.99
CA PHE H 907 -62.78 -21.82 24.89
C PHE H 907 -61.81 -21.13 23.93
N VAL H 908 -60.54 -20.98 24.33
CA VAL H 908 -59.42 -20.47 23.49
C VAL H 908 -58.28 -21.48 23.55
N SER H 909 -57.70 -21.86 22.41
CA SER H 909 -56.51 -22.75 22.32
C SER H 909 -55.42 -22.12 21.46
N GLY H 910 -54.17 -22.36 21.84
CA GLY H 910 -52.98 -21.76 21.20
C GLY H 910 -52.55 -22.57 19.99
N MET H 911 -51.71 -21.99 19.15
CA MET H 911 -51.19 -22.64 17.93
C MET H 911 -49.67 -22.44 17.89
N PRO H 912 -48.88 -23.08 18.79
CA PRO H 912 -49.38 -23.93 19.87
C PRO H 912 -49.60 -23.32 21.27
N GLN H 913 -49.20 -22.08 21.54
CA GLN H 913 -49.41 -21.47 22.88
C GLN H 913 -49.76 -19.99 22.82
N ILE H 914 -50.38 -19.51 23.89
CA ILE H 914 -50.73 -18.09 24.14
C ILE H 914 -50.33 -17.71 25.57
N ASP H 915 -50.31 -16.42 25.86
CA ASP H 915 -50.44 -15.85 27.23
C ASP H 915 -51.85 -15.23 27.35
N PHE H 916 -52.40 -15.17 28.56
CA PHE H 916 -53.74 -14.57 28.82
C PHE H 916 -53.81 -13.93 30.21
N SER H 917 -54.82 -13.09 30.39
CA SER H 917 -55.25 -12.56 31.71
C SER H 917 -56.74 -12.19 31.68
N VAL H 918 -57.39 -12.18 32.85
CA VAL H 918 -58.84 -11.82 33.02
C VAL H 918 -58.96 -10.85 34.20
N TRP H 919 -59.56 -9.67 34.01
CA TRP H 919 -59.72 -8.59 35.04
C TRP H 919 -61.19 -8.20 35.20
N PRO H 920 -61.66 -7.93 36.43
CA PRO H 920 -63.03 -7.41 36.65
C PRO H 920 -63.20 -5.89 36.53
N PHE H 921 -62.46 -5.25 35.62
CA PHE H 921 -62.47 -3.79 35.36
C PHE H 921 -61.78 -3.53 34.00
N SER H 922 -61.69 -2.28 33.53
CA SER H 922 -61.04 -1.89 32.25
C SER H 922 -59.55 -1.57 32.45
N MET H 923 -58.77 -1.62 31.36
CA MET H 923 -57.35 -1.18 31.34
C MET H 923 -57.26 0.29 31.80
N GLU H 924 -58.24 1.12 31.40
CA GLU H 924 -58.35 2.56 31.77
C GLU H 924 -58.55 2.72 33.28
N ASP H 925 -59.43 1.93 33.90
CA ASP H 925 -59.62 1.90 35.38
C ASP H 925 -58.29 1.58 36.07
N LEU H 926 -57.58 0.52 35.64
CA LEU H 926 -56.34 0.05 36.31
C LEU H 926 -55.26 1.14 36.24
N GLU H 927 -55.17 1.87 35.13
CA GLU H 927 -54.14 2.93 34.92
C GLU H 927 -54.45 4.19 35.73
N ARG H 928 -55.72 4.43 36.07
CA ARG H 928 -56.20 5.67 36.74
C ARG H 928 -55.98 5.62 38.26
N VAL H 929 -56.40 4.54 38.92
CA VAL H 929 -56.49 4.46 40.42
C VAL H 929 -55.09 4.26 41.02
N GLN H 930 -54.80 4.91 42.14
CA GLN H 930 -53.46 4.89 42.80
C GLN H 930 -53.53 4.18 44.17
N HIS H 931 -54.69 3.65 44.57
CA HIS H 931 -54.89 2.86 45.81
C HIS H 931 -55.83 1.68 45.54
N ILE H 932 -55.65 0.60 46.31
CA ILE H 932 -56.39 -0.69 46.19
C ILE H 932 -57.89 -0.46 46.43
N SER H 933 -58.23 0.45 47.36
CA SER H 933 -59.62 0.76 47.80
C SER H 933 -60.45 1.40 46.68
N GLU H 934 -59.81 2.11 45.74
CA GLU H 934 -60.49 2.92 44.69
C GLU H 934 -60.88 2.05 43.47
N LEU H 935 -60.45 0.77 43.40
CA LEU H 935 -60.76 -0.14 42.25
C LEU H 935 -62.27 -0.33 42.15
N PRO H 936 -62.93 0.18 41.08
CA PRO H 936 -64.39 0.23 41.04
C PRO H 936 -65.06 -1.11 40.72
N GLU H 937 -66.39 -1.17 40.94
CA GLU H 937 -67.27 -2.33 40.61
C GLU H 937 -67.72 -2.21 39.15
N ARG H 938 -67.64 -3.29 38.38
CA ARG H 938 -68.01 -3.33 36.94
C ARG H 938 -68.87 -4.55 36.63
N ASP H 939 -69.71 -4.47 35.59
CA ASP H 939 -70.64 -5.54 35.15
C ASP H 939 -70.05 -6.30 33.95
N PHE H 940 -68.72 -6.30 33.77
CA PHE H 940 -68.03 -7.01 32.66
C PHE H 940 -66.66 -7.52 33.15
N VAL H 941 -66.08 -8.43 32.36
CA VAL H 941 -64.72 -9.00 32.53
C VAL H 941 -63.91 -8.62 31.29
N THR H 942 -62.72 -8.02 31.46
CA THR H 942 -61.75 -7.76 30.36
C THR H 942 -60.93 -9.04 30.12
N VAL H 943 -60.81 -9.49 28.87
CA VAL H 943 -60.02 -10.70 28.48
C VAL H 943 -58.88 -10.22 27.57
N ASN H 944 -57.63 -10.55 27.90
CA ASN H 944 -56.42 -10.35 27.07
C ASN H 944 -55.90 -11.70 26.56
N VAL H 945 -55.69 -11.83 25.24
CA VAL H 945 -55.09 -13.03 24.57
C VAL H 945 -53.87 -12.51 23.80
N ASP H 946 -52.67 -12.94 24.18
CA ASP H 946 -51.39 -12.31 23.76
C ASP H 946 -50.44 -13.33 23.14
N PHE H 947 -49.67 -12.86 22.17
CA PHE H 947 -48.41 -13.49 21.68
C PHE H 947 -47.37 -13.36 22.80
N ARG H 948 -47.07 -12.15 23.21
CA ARG H 948 -46.07 -11.90 24.29
C ARG H 948 -46.22 -10.48 24.82
N GLN H 949 -45.63 -10.26 25.99
CA GLN H 949 -45.48 -8.95 26.65
C GLN H 949 -44.00 -8.80 27.00
N MET H 950 -43.45 -7.60 27.01
CA MET H 950 -42.03 -7.41 27.38
C MET H 950 -41.82 -7.75 28.88
N GLY H 951 -40.57 -8.09 29.24
CA GLY H 951 -40.22 -8.43 30.63
C GLY H 951 -40.48 -7.29 31.62
N LEU H 952 -40.44 -7.62 32.91
CA LEU H 952 -40.63 -6.67 34.04
C LEU H 952 -39.33 -5.92 34.35
N GLY H 953 -38.17 -6.53 34.14
CA GLY H 953 -36.86 -5.97 34.52
C GLY H 953 -36.70 -5.85 36.03
N GLY H 954 -36.02 -4.81 36.49
CA GLY H 954 -35.84 -4.49 37.92
C GLY H 954 -34.41 -4.63 38.43
N ASP H 955 -33.39 -4.56 37.55
CA ASP H 955 -31.96 -4.41 37.99
C ASP H 955 -31.87 -3.18 38.92
N ASP H 956 -32.57 -2.10 38.58
CA ASP H 956 -33.02 -1.04 39.52
C ASP H 956 -34.35 -0.48 39.00
N SER H 957 -34.90 0.54 39.66
CA SER H 957 -36.21 1.17 39.33
C SER H 957 -36.07 2.68 39.07
N TRP H 958 -34.90 3.15 38.62
CA TRP H 958 -34.63 4.57 38.27
C TRP H 958 -33.79 4.66 37.00
N GLY H 959 -34.06 3.81 35.98
CA GLY H 959 -33.39 3.90 34.68
C GLY H 959 -33.18 2.56 33.99
N ALA H 960 -32.94 1.48 34.74
CA ALA H 960 -32.64 0.15 34.14
C ALA H 960 -33.82 -0.33 33.30
N MET H 961 -33.53 -1.04 32.21
CA MET H 961 -34.49 -1.66 31.27
C MET H 961 -34.49 -3.16 31.51
N PRO H 962 -35.49 -3.89 30.96
CA PRO H 962 -35.40 -5.34 30.87
C PRO H 962 -34.21 -5.71 29.97
N HIS H 963 -33.63 -6.88 30.14
CA HIS H 963 -32.49 -7.37 29.29
C HIS H 963 -32.93 -7.50 27.83
N LEU H 964 -31.98 -7.42 26.91
CA LEU H 964 -32.22 -7.45 25.43
C LEU H 964 -33.08 -8.65 25.03
N GLU H 965 -32.86 -9.80 25.64
CA GLU H 965 -33.57 -11.04 25.23
C GLU H 965 -35.02 -11.06 25.73
N TYR H 966 -35.51 -10.04 26.48
CA TYR H 966 -36.94 -10.01 26.91
C TYR H 966 -37.63 -8.74 26.39
N ARG H 967 -37.22 -8.23 25.22
CA ARG H 967 -37.85 -7.06 24.57
C ARG H 967 -38.39 -7.44 23.19
N LEU H 968 -39.48 -6.77 22.76
CA LEU H 968 -40.09 -6.93 21.41
C LEU H 968 -39.56 -5.79 20.54
N LEU H 969 -38.41 -5.99 19.91
CA LEU H 969 -37.78 -4.97 19.02
C LEU H 969 -38.62 -4.86 17.75
N PRO H 970 -38.72 -3.67 17.12
CA PRO H 970 -39.64 -3.46 16.00
C PRO H 970 -39.18 -4.15 14.71
N LYS H 971 -39.72 -5.35 14.48
CA LYS H 971 -39.61 -6.17 13.24
C LYS H 971 -40.99 -6.75 12.98
N PRO H 972 -41.26 -7.36 11.81
CA PRO H 972 -42.54 -8.02 11.58
C PRO H 972 -42.83 -9.21 12.54
N TYR H 973 -44.07 -9.32 13.03
CA TYR H 973 -44.56 -10.40 13.93
C TYR H 973 -45.90 -10.95 13.43
N ARG H 974 -46.17 -12.23 13.68
CA ARG H 974 -47.48 -12.86 13.44
C ARG H 974 -47.87 -13.72 14.65
N PHE H 975 -49.13 -14.11 14.73
CA PHE H 975 -49.74 -14.73 15.92
C PHE H 975 -51.14 -15.23 15.53
N SER H 976 -51.54 -16.44 15.93
CA SER H 976 -52.93 -16.95 15.72
C SER H 976 -53.41 -17.78 16.92
N PHE H 977 -54.73 -17.89 17.08
CA PHE H 977 -55.40 -18.77 18.08
C PHE H 977 -56.77 -19.21 17.55
N ARG H 978 -57.33 -20.26 18.14
CA ARG H 978 -58.68 -20.81 17.83
C ARG H 978 -59.63 -20.48 18.98
N MET H 979 -60.85 -20.08 18.67
CA MET H 979 -61.91 -19.79 19.69
C MET H 979 -63.15 -20.60 19.32
N ARG H 980 -63.83 -21.16 20.31
CA ARG H 980 -65.11 -21.89 20.17
C ARG H 980 -66.04 -21.52 21.32
N ILE H 981 -67.32 -21.29 21.02
CA ILE H 981 -68.39 -21.06 22.04
C ILE H 981 -69.35 -22.23 21.98
N SER H 982 -69.40 -23.03 23.05
CA SER H 982 -70.20 -24.28 23.14
C SER H 982 -70.61 -24.55 24.59
N GLU H 983 -71.19 -25.73 24.85
CA GLU H 983 -71.66 -26.19 26.19
C GLU H 983 -70.62 -27.08 26.88
N GLU H 984 -69.65 -27.63 26.13
CA GLU H 984 -68.57 -28.51 26.68
C GLU H 984 -67.19 -28.05 26.17
N ILE H 985 -66.14 -28.34 26.93
CA ILE H 985 -64.70 -28.07 26.59
C ILE H 985 -64.28 -29.08 25.52
N PRO H 986 -63.98 -28.66 24.26
CA PRO H 986 -63.46 -29.60 23.26
C PRO H 986 -61.99 -29.95 23.52
N SER H 987 -61.41 -30.81 22.67
CA SER H 987 -59.99 -31.24 22.74
C SER H 987 -59.10 -30.13 22.17
N TRP H 988 -58.17 -29.62 22.97
CA TRP H 988 -57.20 -28.59 22.53
C TRP H 988 -56.31 -29.12 21.40
N ARG H 989 -56.15 -30.43 21.29
CA ARG H 989 -55.21 -31.09 20.34
C ARG H 989 -55.82 -31.29 18.94
N VAL H 990 -57.12 -31.02 18.76
CA VAL H 990 -57.86 -31.22 17.47
C VAL H 990 -58.19 -29.86 16.86
N LEU H 991 -57.71 -29.58 15.64
CA LEU H 991 -58.00 -28.34 14.88
C LEU H 991 -58.61 -28.68 13.51
N ALA H 992 -59.23 -27.69 12.86
CA ALA H 992 -59.73 -27.76 11.47
C ALA H 992 -58.53 -27.76 10.51
N ALA H 993 -58.52 -28.62 9.49
CA ALA H 993 -57.48 -28.68 8.43
C ALA H 993 -57.60 -27.46 7.47
N ILE H 994 -56.46 -26.91 7.04
CA ILE H 994 -56.35 -25.81 6.03
C ILE H 994 -55.16 -26.09 5.10
N PRO H 995 -55.13 -25.56 3.86
CA PRO H 995 -53.92 -25.62 3.02
C PRO H 995 -52.77 -24.82 3.66
N GLU H 996 -51.52 -25.27 3.51
CA GLU H 996 -50.36 -24.73 4.28
C GLU H 996 -49.19 -24.28 3.37
N THR H 997 -49.36 -24.18 2.05
CA THR H 997 -48.26 -23.99 1.07
C THR H 997 -48.31 -22.61 0.39
N LEU H 998 -47.14 -21.98 0.21
CA LEU H 998 -46.98 -20.72 -0.57
C LEU H 998 -46.78 -21.06 -2.05
N HIS H 999 -47.15 -20.15 -2.95
CA HIS H 999 -46.84 -20.18 -4.41
C HIS H 999 -45.62 -19.29 -4.66
N VAL H 1000 -44.56 -19.86 -5.25
CA VAL H 1000 -43.24 -19.17 -5.43
C VAL H 1000 -42.87 -19.12 -6.92
N GLU H 1001 -42.22 -18.03 -7.34
CA GLU H 1001 -41.56 -17.88 -8.67
C GLU H 1001 -40.20 -17.22 -8.48
N MET H 1002 -39.13 -17.81 -9.03
CA MET H 1002 -37.75 -17.29 -9.07
C MET H 1002 -37.47 -16.81 -10.51
N SER H 1003 -36.71 -15.72 -10.68
CA SER H 1003 -36.30 -15.17 -11.99
C SER H 1003 -34.98 -14.41 -11.87
N SER H 1004 -34.20 -14.39 -12.96
CA SER H 1004 -32.93 -13.63 -13.05
C SER H 1004 -32.49 -13.48 -14.52
N GLU H 1005 -31.33 -12.87 -14.73
CA GLU H 1005 -30.60 -12.83 -16.02
C GLU H 1005 -30.10 -14.25 -16.34
N ASP H 1006 -30.17 -14.68 -17.60
CA ASP H 1006 -29.61 -15.96 -18.09
C ASP H 1006 -28.09 -15.90 -18.23
N VAL H 1007 -27.54 -14.74 -18.60
CA VAL H 1007 -26.08 -14.58 -18.87
C VAL H 1007 -25.62 -13.23 -18.34
N ILE H 1008 -24.45 -13.19 -17.67
CA ILE H 1008 -23.78 -11.96 -17.17
C ILE H 1008 -22.29 -12.00 -17.54
N ARG H 1009 -21.59 -10.87 -17.35
CA ARG H 1009 -20.14 -10.72 -17.59
C ARG H 1009 -19.40 -10.88 -16.27
N GLU H 1010 -18.17 -11.42 -16.32
CA GLU H 1010 -17.29 -11.55 -15.12
C GLU H 1010 -17.07 -10.14 -14.55
N GLY H 1011 -17.24 -9.98 -13.24
CA GLY H 1011 -17.18 -8.68 -12.54
C GLY H 1011 -18.55 -8.08 -12.28
N ASP H 1012 -19.59 -8.45 -13.06
CA ASP H 1012 -20.98 -7.94 -12.88
C ASP H 1012 -21.68 -8.67 -11.73
N THR H 1013 -22.85 -8.17 -11.33
CA THR H 1013 -23.70 -8.66 -10.20
C THR H 1013 -24.94 -9.36 -10.76
N LEU H 1014 -25.27 -10.53 -10.24
CA LEU H 1014 -26.53 -11.24 -10.59
C LEU H 1014 -27.62 -10.77 -9.62
N ARG H 1015 -28.77 -10.34 -10.15
CA ARG H 1015 -29.98 -10.01 -9.36
C ARG H 1015 -31.00 -11.15 -9.45
N VAL H 1016 -31.26 -11.83 -8.34
CA VAL H 1016 -32.26 -12.94 -8.30
C VAL H 1016 -33.53 -12.40 -7.62
N LYS H 1017 -34.65 -12.39 -8.34
CA LYS H 1017 -35.96 -11.91 -7.83
C LYS H 1017 -36.82 -13.12 -7.43
N PHE H 1018 -37.51 -13.02 -6.29
CA PHE H 1018 -38.48 -14.02 -5.77
C PHE H 1018 -39.81 -13.36 -5.43
N SER H 1019 -40.90 -13.92 -5.94
CA SER H 1019 -42.29 -13.59 -5.53
C SER H 1019 -42.83 -14.73 -4.67
N LEU H 1020 -43.48 -14.40 -3.56
CA LEU H 1020 -44.16 -15.38 -2.67
C LEU H 1020 -45.61 -14.92 -2.51
N LEU H 1021 -46.58 -15.77 -2.85
CA LEU H 1021 -48.02 -15.46 -2.73
C LEU H 1021 -48.65 -16.36 -1.65
N ASN H 1022 -49.29 -15.77 -0.65
CA ASN H 1022 -50.04 -16.49 0.42
C ASN H 1022 -51.54 -16.41 0.11
N ASP H 1023 -52.15 -17.52 -0.27
CA ASP H 1023 -53.61 -17.62 -0.54
C ASP H 1023 -54.31 -18.44 0.55
N THR H 1024 -53.65 -18.68 1.68
CA THR H 1024 -54.18 -19.43 2.84
C THR H 1024 -54.81 -18.44 3.81
N PRO H 1025 -55.61 -18.90 4.80
CA PRO H 1025 -56.11 -18.00 5.84
C PRO H 1025 -55.19 -17.66 7.04
N LEU H 1026 -53.96 -18.18 7.12
CA LEU H 1026 -52.99 -17.81 8.20
C LEU H 1026 -51.77 -17.07 7.64
N SER H 1027 -51.23 -16.11 8.40
CA SER H 1027 -49.92 -15.46 8.15
C SER H 1027 -48.84 -16.55 8.17
N LYS H 1028 -47.83 -16.44 7.31
CA LYS H 1028 -46.68 -17.37 7.24
C LYS H 1028 -45.39 -16.61 7.55
N GLU H 1029 -44.57 -17.17 8.44
CA GLU H 1029 -43.16 -16.78 8.66
C GLU H 1029 -42.27 -17.79 7.93
N LYS H 1030 -41.34 -17.33 7.10
CA LYS H 1030 -40.49 -18.20 6.24
C LYS H 1030 -39.04 -17.69 6.25
N GLN H 1031 -38.05 -18.59 6.35
CA GLN H 1031 -36.62 -18.31 6.07
C GLN H 1031 -36.37 -18.65 4.59
N VAL H 1032 -36.12 -17.66 3.72
CA VAL H 1032 -35.79 -17.89 2.28
C VAL H 1032 -34.26 -17.97 2.15
N VAL H 1033 -33.71 -19.15 1.87
CA VAL H 1033 -32.25 -19.40 1.74
C VAL H 1033 -31.85 -19.51 0.26
N LEU H 1034 -30.82 -18.76 -0.18
CA LEU H 1034 -30.27 -18.86 -1.55
C LEU H 1034 -28.96 -19.68 -1.53
N PHE H 1035 -28.89 -20.75 -2.34
CA PHE H 1035 -27.68 -21.59 -2.52
C PHE H 1035 -27.06 -21.28 -3.90
N VAL H 1036 -25.73 -21.22 -3.94
CA VAL H 1036 -24.89 -21.04 -5.16
C VAL H 1036 -23.90 -22.21 -5.17
N ASP H 1037 -24.04 -23.10 -6.16
CA ASP H 1037 -23.17 -24.29 -6.35
C ASP H 1037 -23.20 -25.17 -5.09
N GLY H 1038 -24.37 -25.33 -4.48
CA GLY H 1038 -24.58 -26.24 -3.33
C GLY H 1038 -24.27 -25.61 -1.98
N ASN H 1039 -23.62 -24.44 -1.92
CA ASN H 1039 -23.19 -23.78 -0.66
C ASN H 1039 -24.17 -22.65 -0.29
N GLU H 1040 -24.54 -22.54 0.99
CA GLU H 1040 -25.43 -21.46 1.52
C GLU H 1040 -24.77 -20.12 1.19
N TYR H 1041 -25.48 -19.19 0.57
CA TYR H 1041 -24.94 -17.88 0.16
C TYR H 1041 -25.60 -16.72 0.95
N SER H 1042 -26.92 -16.74 1.12
CA SER H 1042 -27.68 -15.64 1.78
C SER H 1042 -29.01 -16.17 2.32
N VAL H 1043 -29.61 -15.43 3.26
CA VAL H 1043 -30.93 -15.80 3.88
C VAL H 1043 -31.70 -14.52 4.22
N ARG H 1044 -33.02 -14.54 3.99
CA ARG H 1044 -33.97 -13.45 4.37
C ARG H 1044 -35.13 -14.05 5.17
N ARG H 1045 -35.48 -13.45 6.32
CA ARG H 1045 -36.71 -13.75 7.08
C ARG H 1045 -37.89 -12.95 6.48
N VAL H 1046 -39.02 -13.58 6.18
CA VAL H 1046 -40.23 -12.86 5.64
C VAL H 1046 -41.46 -13.26 6.45
N VAL H 1047 -42.35 -12.30 6.72
CA VAL H 1047 -43.73 -12.51 7.25
C VAL H 1047 -44.72 -12.11 6.15
N ILE H 1048 -45.55 -13.03 5.67
CA ILE H 1048 -46.50 -12.82 4.54
C ILE H 1048 -47.91 -12.94 5.08
N PRO H 1049 -48.63 -11.80 5.24
CA PRO H 1049 -50.03 -11.83 5.66
C PRO H 1049 -50.91 -12.57 4.65
N PRO H 1050 -52.09 -13.06 5.05
CA PRO H 1050 -53.03 -13.71 4.12
C PRO H 1050 -53.40 -12.79 2.95
N PHE H 1051 -53.63 -13.39 1.78
CA PHE H 1051 -54.09 -12.70 0.55
C PHE H 1051 -53.09 -11.61 0.15
N LYS H 1052 -51.78 -11.87 0.30
CA LYS H 1052 -50.73 -10.87 -0.02
C LYS H 1052 -49.58 -11.53 -0.79
N LYS H 1053 -48.89 -10.74 -1.62
CA LYS H 1053 -47.67 -11.13 -2.38
C LYS H 1053 -46.50 -10.27 -1.87
N GLU H 1054 -45.37 -10.92 -1.53
CA GLU H 1054 -44.11 -10.25 -1.17
C GLU H 1054 -43.08 -10.50 -2.28
N GLU H 1055 -42.24 -9.50 -2.56
CA GLU H 1055 -41.14 -9.57 -3.56
C GLU H 1055 -39.81 -9.34 -2.84
N LEU H 1056 -38.82 -10.21 -3.11
CA LEU H 1056 -37.42 -10.10 -2.59
C LEU H 1056 -36.48 -9.98 -3.79
N VAL H 1057 -35.34 -9.32 -3.59
CA VAL H 1057 -34.19 -9.34 -4.52
C VAL H 1057 -32.95 -9.73 -3.71
N PHE H 1058 -32.20 -10.73 -4.18
CA PHE H 1058 -30.85 -11.07 -3.70
C PHE H 1058 -29.82 -10.59 -4.75
N LYS H 1059 -28.72 -10.00 -4.30
CA LYS H 1059 -27.55 -9.61 -5.13
C LYS H 1059 -26.46 -10.65 -4.91
N VAL H 1060 -26.01 -11.31 -5.99
CA VAL H 1060 -24.93 -12.33 -5.93
C VAL H 1060 -23.69 -11.76 -6.61
N GLU H 1061 -22.56 -11.71 -5.87
CA GLU H 1061 -21.25 -11.14 -6.29
C GLU H 1061 -20.21 -12.26 -6.41
N GLY H 1062 -19.19 -12.05 -7.24
CA GLY H 1062 -17.95 -12.86 -7.25
C GLY H 1062 -18.03 -14.12 -8.09
N LEU H 1063 -19.01 -14.24 -9.00
CA LEU H 1063 -19.16 -15.43 -9.88
C LEU H 1063 -18.11 -15.35 -11.00
N LYS H 1064 -17.25 -16.36 -11.10
CA LYS H 1064 -16.18 -16.48 -12.13
C LYS H 1064 -16.74 -17.15 -13.38
N LYS H 1065 -15.99 -17.12 -14.49
CA LYS H 1065 -16.39 -17.66 -15.82
C LYS H 1065 -16.88 -19.11 -15.69
N GLY H 1066 -17.92 -19.47 -16.44
CA GLY H 1066 -18.49 -20.82 -16.49
C GLY H 1066 -19.99 -20.83 -16.24
N GLU H 1067 -20.52 -21.99 -15.83
CA GLU H 1067 -21.96 -22.19 -15.53
C GLU H 1067 -22.10 -22.49 -14.04
N HIS H 1068 -23.18 -22.00 -13.42
CA HIS H 1068 -23.42 -22.05 -11.95
C HIS H 1068 -24.88 -22.42 -11.69
N LEU H 1069 -25.12 -23.30 -10.72
CA LEU H 1069 -26.48 -23.65 -10.23
C LEU H 1069 -26.87 -22.64 -9.13
N ILE H 1070 -28.03 -22.02 -9.28
CA ILE H 1070 -28.73 -21.17 -8.25
C ILE H 1070 -29.96 -21.94 -7.80
N HIS H 1071 -30.14 -22.21 -6.51
CA HIS H 1071 -31.36 -22.88 -6.01
C HIS H 1071 -31.75 -22.37 -4.62
N THR H 1072 -32.97 -22.66 -4.19
CA THR H 1072 -33.51 -22.29 -2.85
C THR H 1072 -34.05 -23.52 -2.10
N ASN H 1073 -34.37 -23.31 -0.83
CA ASN H 1073 -35.11 -24.26 0.05
C ASN H 1073 -36.61 -24.32 -0.31
N LEU H 1074 -37.10 -23.58 -1.30
CA LEU H 1074 -38.54 -23.58 -1.74
C LEU H 1074 -38.71 -24.23 -3.13
N ASN H 1075 -37.82 -25.12 -3.54
CA ASN H 1075 -37.98 -25.97 -4.77
C ASN H 1075 -37.94 -25.12 -6.06
N THR H 1076 -37.04 -24.13 -6.16
CA THR H 1076 -36.75 -23.38 -7.41
C THR H 1076 -35.27 -23.57 -7.75
N ARG H 1077 -34.95 -23.76 -9.02
CA ARG H 1077 -33.58 -24.12 -9.50
C ARG H 1077 -33.35 -23.52 -10.89
N LYS H 1078 -32.15 -23.00 -11.17
CA LYS H 1078 -31.81 -22.37 -12.47
C LYS H 1078 -30.30 -22.51 -12.72
N THR H 1079 -29.89 -22.75 -13.97
CA THR H 1079 -28.48 -22.60 -14.43
C THR H 1079 -28.27 -21.15 -14.92
N ILE H 1080 -27.15 -20.54 -14.55
CA ILE H 1080 -26.71 -19.16 -14.97
C ILE H 1080 -25.34 -19.28 -15.67
N TYR H 1081 -25.11 -18.53 -16.74
CA TYR H 1081 -23.84 -18.58 -17.54
C TYR H 1081 -23.08 -17.28 -17.33
N VAL H 1082 -21.82 -17.37 -16.93
CA VAL H 1082 -20.93 -16.18 -16.75
C VAL H 1082 -19.99 -16.12 -17.96
N ARG H 1083 -20.27 -15.21 -18.91
CA ARG H 1083 -19.40 -14.92 -20.09
C ARG H 1083 -18.05 -14.38 -19.59
#